data_5K3I
#
_entry.id   5K3I
#
_cell.length_a   152.339
_cell.length_b   141.501
_cell.length_c   154.968
_cell.angle_alpha   90.00
_cell.angle_beta   116.76
_cell.angle_gamma   90.00
#
_symmetry.space_group_name_H-M   'P 1 21 1'
#
loop_
_entity.id
_entity.type
_entity.pdbx_description
1 polymer 'Acyl-coenzyme A oxidase'
2 non-polymer 'FLAVIN-ADENINE DINUCLEOTIDE'
3 non-polymer "ADENOSINE-5'-TRIPHOSPHATE"
4 non-polymer 'MAGNESIUM ION'
5 water water
#
_entity_poly.entity_id   1
_entity_poly.type   'polypeptide(L)'
_entity_poly.pdbx_seq_one_letter_code
;MVHLNKTIQEGDNPDLTAERLTATFDTHAMAAQIYGGEMRARRRREITAKLAEIPELHDSMPLPYMTREEKIMESARKLT
VLTQRMSEIIDPTDAGELYHLNNEVLGIEGNPMALHGVMFIPALNAQASDEQQAKWLIRALRREIIGTYAQTEMGHGTNL
QNLETTATYDIGTQEFVLHTPKITALKWWPGNLGKSSNYAVVVAHMYIKGKNFGPHTFMVPLRDEKTHKPLPGITIGDIG
PKMAYNIVDNGFLGFNNYRIPRTNLLMRHTKVEADGTYIKPPHAKINYSAMVHVRSYMLTGQAIMLSYALNIATRYSAVR
RQGQIDKNEPEVKVLEYQTQQHRLFPFIARAYAFQFAGAETVKLYERVLKEMKSGNVSLMADLHALTSGLKSVVTHQTGE
GIEQARMACGGHGYSMASYISEIYGVAIGGCTYAGENMVMLLQLARYLVKSAALVKSGKASQLGPLVAYLGARSEPTSLI
DRVPNGGITEYIKTFQHIAKRQTLKAANKFFGLMENGEKREIAWNKSSVELNRASRLHTRLFIVEAFARRVNEIGDITIK
EALSDLLHLHVNYELLDVATYALEDGFMSSTQLDYVRDQLYFYLQKIRPNAVSLLDSWEFSDRELRSVLGRRDGHVYENL
FKWAKESPLNKTDVLPSVDTYLKPMMEKARQSKLHHHHHHHHHH
;
_entity_poly.pdbx_strand_id   A,B,C,D,E,F,G,H
#
loop_
_chem_comp.id
_chem_comp.type
_chem_comp.name
_chem_comp.formula
ATP non-polymer ADENOSINE-5'-TRIPHOSPHATE 'C10 H16 N5 O13 P3'
FAD non-polymer 'FLAVIN-ADENINE DINUCLEOTIDE' 'C27 H33 N9 O15 P2'
MG non-polymer 'MAGNESIUM ION' 'Mg 2'
#
# COMPACT_ATOMS: atom_id res chain seq x y z
N VAL A 2 -4.29 -23.83 -45.19
CA VAL A 2 -5.70 -24.22 -45.17
C VAL A 2 -6.58 -22.98 -45.27
N HIS A 3 -7.87 -23.24 -45.41
CA HIS A 3 -8.90 -22.21 -45.44
C HIS A 3 -9.55 -22.14 -44.07
N LEU A 4 -10.01 -20.94 -43.69
CA LEU A 4 -10.78 -20.82 -42.45
C LEU A 4 -11.97 -21.76 -42.44
N ASN A 5 -12.67 -21.89 -43.57
CA ASN A 5 -13.75 -22.86 -43.70
C ASN A 5 -13.13 -24.23 -44.02
N LYS A 6 -13.33 -25.19 -43.13
CA LYS A 6 -12.68 -26.49 -43.24
C LYS A 6 -13.43 -27.47 -44.11
N THR A 7 -14.54 -27.06 -44.73
CA THR A 7 -15.36 -27.96 -45.52
C THR A 7 -15.05 -27.90 -47.02
N ILE A 8 -14.42 -26.82 -47.47
CA ILE A 8 -13.96 -26.73 -48.86
C ILE A 8 -13.08 -27.93 -49.20
N GLN A 9 -13.39 -28.57 -50.34
CA GLN A 9 -12.50 -29.53 -50.98
C GLN A 9 -12.30 -29.12 -52.44
N GLU A 10 -11.14 -29.46 -53.00
CA GLU A 10 -10.89 -29.23 -54.41
C GLU A 10 -11.92 -29.94 -55.28
N GLY A 11 -12.29 -29.30 -56.39
CA GLY A 11 -13.31 -29.81 -57.28
C GLY A 11 -14.72 -29.43 -56.94
N ASP A 12 -14.96 -28.84 -55.77
CA ASP A 12 -16.32 -28.48 -55.38
C ASP A 12 -16.87 -27.44 -56.36
N ASN A 13 -18.20 -27.35 -56.42
CA ASN A 13 -18.85 -26.33 -57.22
C ASN A 13 -18.34 -24.95 -56.80
N PRO A 14 -17.78 -24.16 -57.72
CA PRO A 14 -17.20 -22.87 -57.30
C PRO A 14 -18.23 -21.87 -56.82
N ASP A 15 -19.48 -21.96 -57.29
CA ASP A 15 -20.50 -21.06 -56.78
C ASP A 15 -20.66 -21.24 -55.28
N LEU A 16 -20.47 -22.46 -54.79
CA LEU A 16 -20.58 -22.71 -53.35
C LEU A 16 -19.28 -22.40 -52.63
N THR A 17 -18.15 -22.82 -53.19
CA THR A 17 -16.84 -22.48 -52.61
C THR A 17 -16.69 -20.98 -52.37
N ALA A 18 -17.08 -20.16 -53.35
CA ALA A 18 -17.06 -18.70 -53.19
C ALA A 18 -17.69 -18.24 -51.88
N GLU A 19 -18.78 -18.91 -51.46
CA GLU A 19 -19.47 -18.53 -50.24
C GLU A 19 -18.76 -19.01 -48.99
N ARG A 20 -17.98 -20.09 -49.11
CA ARG A 20 -17.16 -20.56 -48.00
C ARG A 20 -15.88 -19.76 -47.83
N LEU A 21 -15.27 -19.35 -48.95
CA LEU A 21 -14.05 -18.55 -48.93
C LEU A 21 -14.19 -17.25 -48.12
N THR A 22 -15.40 -16.71 -48.00
CA THR A 22 -15.61 -15.45 -47.29
C THR A 22 -15.71 -15.59 -45.77
N ALA A 23 -15.54 -16.80 -45.23
CA ALA A 23 -15.64 -17.01 -43.79
C ALA A 23 -14.62 -16.17 -43.04
N THR A 24 -15.04 -15.64 -41.89
CA THR A 24 -14.17 -14.89 -40.99
C THR A 24 -13.72 -15.70 -39.78
N PHE A 25 -14.15 -16.95 -39.66
CA PHE A 25 -13.80 -17.77 -38.52
C PHE A 25 -13.52 -19.21 -38.95
N ASP A 26 -12.83 -19.92 -38.07
CA ASP A 26 -12.48 -21.33 -38.28
C ASP A 26 -13.71 -22.17 -37.96
N THR A 27 -14.18 -22.98 -38.93
CA THR A 27 -15.39 -23.77 -38.70
C THR A 27 -15.20 -24.91 -37.70
N HIS A 28 -13.97 -25.38 -37.47
CA HIS A 28 -13.75 -26.33 -36.39
C HIS A 28 -14.00 -25.68 -35.03
N ALA A 29 -13.55 -24.43 -34.87
CA ALA A 29 -13.76 -23.69 -33.63
C ALA A 29 -15.24 -23.38 -33.37
N MET A 30 -16.03 -23.14 -34.42
CA MET A 30 -17.46 -22.92 -34.23
C MET A 30 -18.17 -24.22 -33.86
N ALA A 31 -17.76 -25.35 -34.48
CA ALA A 31 -18.27 -26.65 -34.07
C ALA A 31 -18.09 -26.89 -32.57
N ALA A 32 -16.89 -26.58 -32.06
CA ALA A 32 -16.63 -26.71 -30.63
C ALA A 32 -17.64 -25.92 -29.81
N GLN A 33 -17.96 -24.71 -30.25
CA GLN A 33 -19.01 -23.91 -29.60
C GLN A 33 -20.37 -24.59 -29.69
N ILE A 34 -20.73 -25.08 -30.87
CA ILE A 34 -22.03 -25.73 -31.08
C ILE A 34 -22.19 -26.97 -30.21
N TYR A 35 -21.16 -27.81 -30.14
CA TYR A 35 -21.30 -29.11 -29.50
C TYR A 35 -20.69 -29.17 -28.11
N GLY A 36 -20.34 -28.01 -27.54
CA GLY A 36 -19.92 -27.95 -26.14
C GLY A 36 -18.52 -28.41 -25.83
N GLY A 37 -17.58 -28.22 -26.75
CA GLY A 37 -16.18 -28.51 -26.48
C GLY A 37 -15.45 -28.96 -27.73
N GLU A 38 -14.16 -28.64 -27.80
CA GLU A 38 -13.34 -29.05 -28.94
C GLU A 38 -13.23 -30.57 -29.07
N MET A 39 -13.01 -31.27 -27.95
CA MET A 39 -12.94 -32.74 -27.99
C MET A 39 -14.21 -33.36 -28.59
N ARG A 40 -15.38 -33.00 -28.04
CA ARG A 40 -16.63 -33.55 -28.55
C ARG A 40 -16.79 -33.34 -30.05
N ALA A 41 -16.57 -32.11 -30.51
CA ALA A 41 -16.64 -31.80 -31.94
C ALA A 41 -15.67 -32.66 -32.75
N ARG A 42 -14.42 -32.78 -32.28
CA ARG A 42 -13.46 -33.63 -32.98
C ARG A 42 -13.90 -35.09 -33.02
N ARG A 43 -14.49 -35.60 -31.93
CA ARG A 43 -14.98 -36.96 -31.94
C ARG A 43 -16.06 -37.15 -33.00
N ARG A 44 -16.97 -36.17 -33.15
CA ARG A 44 -17.97 -36.23 -34.23
C ARG A 44 -17.31 -36.48 -35.58
N ARG A 45 -16.28 -35.69 -35.90
CA ARG A 45 -15.60 -35.83 -37.18
C ARG A 45 -14.85 -37.16 -37.27
N GLU A 46 -14.28 -37.63 -36.15
CA GLU A 46 -13.55 -38.90 -36.17
C GLU A 46 -14.50 -40.07 -36.36
N ILE A 47 -15.67 -40.01 -35.73
CA ILE A 47 -16.72 -41.00 -35.96
C ILE A 47 -17.14 -41.00 -37.43
N THR A 48 -17.30 -39.82 -38.01
CA THR A 48 -17.70 -39.72 -39.41
C THR A 48 -16.64 -40.31 -40.33
N ALA A 49 -15.37 -40.07 -40.04
CA ALA A 49 -14.31 -40.62 -40.87
C ALA A 49 -14.21 -42.13 -40.73
N LYS A 50 -14.51 -42.65 -39.53
CA LYS A 50 -14.48 -44.09 -39.29
C LYS A 50 -15.60 -44.80 -40.03
N LEU A 51 -16.80 -44.21 -39.98
CA LEU A 51 -17.95 -44.79 -40.66
C LEU A 51 -17.79 -44.78 -42.18
N ALA A 52 -16.94 -43.91 -42.71
CA ALA A 52 -16.64 -43.94 -44.14
C ALA A 52 -15.94 -45.22 -44.56
N GLU A 53 -15.25 -45.88 -43.64
CA GLU A 53 -14.53 -47.10 -43.94
C GLU A 53 -15.37 -48.36 -43.71
N ILE A 54 -16.63 -48.20 -43.29
CA ILE A 54 -17.52 -49.32 -43.02
C ILE A 54 -18.77 -49.16 -43.87
N PRO A 55 -18.76 -49.60 -45.14
CA PRO A 55 -19.94 -49.39 -46.00
C PRO A 55 -21.15 -50.21 -45.58
N GLU A 56 -20.98 -51.28 -44.81
CA GLU A 56 -22.14 -52.01 -44.28
C GLU A 56 -23.13 -51.09 -43.54
N LEU A 57 -22.64 -50.02 -42.92
CA LEU A 57 -23.47 -49.09 -42.17
C LEU A 57 -23.99 -47.91 -43.01
N HIS A 58 -23.96 -48.01 -44.33
CA HIS A 58 -24.43 -46.93 -45.19
C HIS A 58 -25.84 -47.26 -45.68
N ASP A 59 -26.58 -46.21 -46.05
CA ASP A 59 -27.90 -46.41 -46.64
C ASP A 59 -27.72 -47.33 -47.83
N SER A 60 -28.27 -48.55 -47.77
CA SER A 60 -28.11 -49.50 -48.87
C SER A 60 -28.65 -48.93 -50.18
N MET A 61 -29.75 -48.21 -50.14
CA MET A 61 -30.15 -47.33 -51.24
C MET A 61 -30.77 -46.08 -50.66
N PRO A 62 -30.91 -45.02 -51.45
CA PRO A 62 -31.55 -43.80 -50.96
C PRO A 62 -32.89 -44.09 -50.30
N LEU A 63 -33.06 -43.56 -49.08
CA LEU A 63 -34.23 -43.90 -48.28
C LEU A 63 -35.57 -43.48 -48.91
N PRO A 64 -35.70 -42.36 -49.63
CA PRO A 64 -37.01 -42.06 -50.23
C PRO A 64 -37.46 -43.05 -51.29
N TYR A 65 -36.55 -43.87 -51.83
CA TYR A 65 -36.95 -44.93 -52.76
C TYR A 65 -37.74 -46.05 -52.09
N MET A 66 -37.76 -46.14 -50.77
CA MET A 66 -38.20 -47.36 -50.12
C MET A 66 -39.65 -47.30 -49.65
N THR A 67 -40.32 -48.46 -49.71
CA THR A 67 -41.59 -48.64 -49.02
C THR A 67 -41.33 -48.66 -47.52
N ARG A 68 -42.42 -48.54 -46.74
CA ARG A 68 -42.28 -48.59 -45.29
C ARG A 68 -41.60 -49.89 -44.89
N GLU A 69 -42.07 -51.01 -45.46
CA GLU A 69 -41.47 -52.31 -45.16
C GLU A 69 -39.98 -52.35 -45.46
N GLU A 70 -39.56 -51.82 -46.63
CA GLU A 70 -38.14 -51.81 -46.97
C GLU A 70 -37.33 -50.98 -45.97
N LYS A 71 -37.86 -49.83 -45.55
CA LYS A 71 -37.14 -48.98 -44.61
C LYS A 71 -36.94 -49.65 -43.26
N ILE A 72 -37.99 -50.31 -42.76
CA ILE A 72 -37.90 -51.01 -41.48
C ILE A 72 -36.85 -52.11 -41.54
N MET A 73 -36.88 -52.92 -42.59
CA MET A 73 -35.81 -53.90 -42.82
C MET A 73 -34.42 -53.24 -42.85
N GLU A 74 -34.26 -52.20 -43.67
CA GLU A 74 -32.98 -51.50 -43.72
C GLU A 74 -32.53 -51.03 -42.35
N SER A 75 -33.46 -50.52 -41.54
CA SER A 75 -33.10 -49.97 -40.25
C SER A 75 -32.59 -51.05 -39.31
N ALA A 76 -33.28 -52.20 -39.26
CA ALA A 76 -32.83 -53.29 -38.41
C ALA A 76 -31.53 -53.89 -38.91
N ARG A 77 -31.35 -53.97 -40.23
CA ARG A 77 -30.07 -54.38 -40.79
C ARG A 77 -28.94 -53.53 -40.23
N LYS A 78 -29.06 -52.22 -40.34
CA LYS A 78 -28.01 -51.34 -39.85
C LYS A 78 -27.88 -51.43 -38.33
N LEU A 79 -29.01 -51.56 -37.63
CA LEU A 79 -28.98 -51.63 -36.17
C LEU A 79 -28.19 -52.84 -35.66
N THR A 80 -28.41 -54.04 -36.23
CA THR A 80 -27.67 -55.21 -35.77
C THR A 80 -26.17 -55.02 -35.97
N VAL A 81 -25.78 -54.57 -37.16
CA VAL A 81 -24.38 -54.28 -37.41
C VAL A 81 -23.89 -53.23 -36.44
N LEU A 82 -24.73 -52.22 -36.19
CA LEU A 82 -24.35 -51.13 -35.31
C LEU A 82 -24.04 -51.64 -33.90
N THR A 83 -24.95 -52.42 -33.31
CA THR A 83 -24.73 -52.93 -31.97
C THR A 83 -23.52 -53.87 -31.90
N GLN A 84 -23.23 -54.66 -32.94
CA GLN A 84 -22.05 -55.51 -32.88
C GLN A 84 -20.75 -54.70 -32.93
N ARG A 85 -20.66 -53.69 -33.81
CA ARG A 85 -19.40 -53.00 -34.03
C ARG A 85 -19.27 -51.68 -33.27
N MET A 86 -20.21 -51.38 -32.36
CA MET A 86 -20.27 -50.06 -31.71
C MET A 86 -18.96 -49.65 -31.04
N SER A 87 -18.33 -50.57 -30.30
CA SER A 87 -17.13 -50.24 -29.55
C SER A 87 -15.96 -49.86 -30.44
N GLU A 88 -15.94 -50.34 -31.70
CA GLU A 88 -14.86 -49.95 -32.61
C GLU A 88 -14.91 -48.49 -33.00
N ILE A 89 -16.09 -47.87 -32.90
CA ILE A 89 -16.31 -46.52 -33.37
C ILE A 89 -16.43 -45.53 -32.21
N ILE A 90 -16.99 -45.99 -31.09
CA ILE A 90 -17.64 -45.13 -30.11
C ILE A 90 -17.19 -45.55 -28.72
N ASP A 91 -17.31 -44.62 -27.76
CA ASP A 91 -17.34 -45.00 -26.35
C ASP A 91 -18.81 -45.18 -25.98
N PRO A 92 -19.28 -46.43 -25.86
CA PRO A 92 -20.72 -46.67 -25.63
C PRO A 92 -21.34 -45.90 -24.47
N THR A 93 -20.55 -45.59 -23.43
CA THR A 93 -21.08 -44.93 -22.23
C THR A 93 -21.16 -43.41 -22.37
N ASP A 94 -20.40 -42.82 -23.28
CA ASP A 94 -20.34 -41.39 -23.52
C ASP A 94 -21.13 -41.16 -24.79
N ALA A 95 -22.31 -40.58 -24.67
CA ALA A 95 -23.33 -40.85 -25.64
C ALA A 95 -24.57 -39.96 -25.61
N GLY A 96 -24.59 -38.91 -26.43
CA GLY A 96 -23.41 -38.21 -26.94
C GLY A 96 -22.77 -38.58 -28.27
N GLU A 97 -21.77 -39.45 -28.19
CA GLU A 97 -21.22 -40.09 -29.38
C GLU A 97 -22.21 -41.10 -29.97
N LEU A 98 -23.02 -41.73 -29.12
CA LEU A 98 -24.08 -42.60 -29.60
C LEU A 98 -25.14 -41.82 -30.36
N TYR A 99 -25.49 -40.63 -29.86
CA TYR A 99 -26.48 -39.80 -30.53
C TYR A 99 -26.03 -39.47 -31.96
N HIS A 100 -24.78 -39.03 -32.11
CA HIS A 100 -24.25 -38.74 -33.44
C HIS A 100 -24.13 -39.99 -34.30
N LEU A 101 -23.64 -41.09 -33.71
CA LEU A 101 -23.54 -42.34 -34.45
C LEU A 101 -24.90 -42.73 -35.04
N ASN A 102 -25.95 -42.68 -34.22
CA ASN A 102 -27.30 -42.99 -34.69
C ASN A 102 -27.76 -42.03 -35.79
N ASN A 103 -27.47 -40.74 -35.65
CA ASN A 103 -27.84 -39.77 -36.70
C ASN A 103 -27.23 -40.11 -38.05
N GLU A 104 -25.94 -40.47 -38.09
CA GLU A 104 -25.33 -40.87 -39.35
C GLU A 104 -25.91 -42.19 -39.86
N VAL A 105 -25.94 -43.20 -38.99
CA VAL A 105 -26.26 -44.54 -39.46
C VAL A 105 -27.77 -44.73 -39.61
N LEU A 106 -28.53 -44.34 -38.61
CA LEU A 106 -29.97 -44.62 -38.57
C LEU A 106 -30.85 -43.47 -39.07
N GLY A 107 -30.46 -42.22 -38.87
CA GLY A 107 -31.21 -41.10 -39.41
C GLY A 107 -32.43 -40.76 -38.56
N ILE A 108 -33.27 -39.88 -39.10
CA ILE A 108 -34.36 -39.28 -38.34
C ILE A 108 -35.69 -40.02 -38.49
N GLU A 109 -35.84 -40.88 -39.49
CA GLU A 109 -37.13 -41.50 -39.74
C GLU A 109 -37.51 -42.56 -38.71
N GLY A 110 -36.57 -42.96 -37.86
CA GLY A 110 -36.84 -43.93 -36.79
C GLY A 110 -35.93 -45.13 -36.87
N ASN A 111 -36.02 -45.94 -35.82
CA ASN A 111 -35.40 -47.26 -35.80
C ASN A 111 -36.12 -48.10 -34.75
N PRO A 112 -35.93 -49.43 -34.77
CA PRO A 112 -36.63 -50.28 -33.81
C PRO A 112 -36.32 -50.00 -32.35
N MET A 113 -35.17 -49.41 -32.03
CA MET A 113 -34.80 -49.10 -30.65
C MET A 113 -34.72 -47.60 -30.36
N ALA A 114 -35.53 -46.80 -31.06
CA ALA A 114 -35.49 -45.36 -30.83
C ALA A 114 -35.94 -45.01 -29.42
N LEU A 115 -37.08 -45.55 -28.99
CA LEU A 115 -37.59 -45.27 -27.66
C LEU A 115 -36.93 -46.09 -26.57
N HIS A 116 -36.20 -47.13 -26.95
CA HIS A 116 -35.34 -47.84 -26.00
C HIS A 116 -34.41 -46.85 -25.29
N GLY A 117 -33.77 -45.98 -26.05
CA GLY A 117 -32.91 -44.94 -25.53
C GLY A 117 -33.60 -43.70 -25.01
N VAL A 118 -34.58 -43.20 -25.76
CA VAL A 118 -35.18 -41.91 -25.42
C VAL A 118 -35.97 -41.97 -24.11
N MET A 119 -36.65 -43.10 -23.85
CA MET A 119 -37.52 -43.12 -22.67
C MET A 119 -37.43 -44.38 -21.80
N PHE A 120 -37.30 -45.55 -22.41
CA PHE A 120 -37.29 -46.80 -21.65
C PHE A 120 -36.18 -46.81 -20.61
N ILE A 121 -34.93 -46.63 -21.05
CA ILE A 121 -33.79 -46.60 -20.14
C ILE A 121 -33.93 -45.44 -19.16
N PRO A 122 -34.12 -44.17 -19.60
CA PRO A 122 -34.36 -43.09 -18.62
C PRO A 122 -35.44 -43.39 -17.58
N ALA A 123 -36.54 -44.06 -17.97
CA ALA A 123 -37.56 -44.40 -16.98
C ALA A 123 -37.00 -45.36 -15.93
N LEU A 124 -36.19 -46.33 -16.37
CA LEU A 124 -35.54 -47.24 -15.43
C LEU A 124 -34.54 -46.53 -14.54
N ASN A 125 -33.77 -45.59 -15.10
CA ASN A 125 -32.85 -44.80 -14.28
C ASN A 125 -33.60 -44.03 -13.20
N ALA A 126 -34.71 -43.38 -13.58
CA ALA A 126 -35.41 -42.46 -12.69
C ALA A 126 -36.38 -43.12 -11.73
N GLN A 127 -36.90 -44.31 -12.04
CA GLN A 127 -37.99 -44.87 -11.23
C GLN A 127 -37.80 -46.29 -10.73
N ALA A 128 -36.76 -47.00 -11.16
CA ALA A 128 -36.52 -48.35 -10.67
C ALA A 128 -35.56 -48.35 -9.49
N SER A 129 -35.78 -49.25 -8.54
CA SER A 129 -34.90 -49.34 -7.39
C SER A 129 -33.55 -49.91 -7.83
N ASP A 130 -32.57 -49.85 -6.92
CA ASP A 130 -31.27 -50.45 -7.19
C ASP A 130 -31.37 -51.92 -7.57
N GLU A 131 -32.14 -52.72 -6.82
CA GLU A 131 -32.29 -54.13 -7.17
C GLU A 131 -32.90 -54.30 -8.56
N GLN A 132 -33.93 -53.51 -8.89
CA GLN A 132 -34.61 -53.68 -10.17
C GLN A 132 -33.74 -53.24 -11.35
N GLN A 133 -32.99 -52.14 -11.19
CA GLN A 133 -32.01 -51.76 -12.20
C GLN A 133 -31.06 -52.90 -12.51
N ALA A 134 -30.61 -53.63 -11.48
CA ALA A 134 -29.74 -54.79 -11.70
C ALA A 134 -30.41 -55.85 -12.56
N LYS A 135 -31.71 -56.10 -12.33
CA LYS A 135 -32.42 -57.09 -13.13
C LYS A 135 -32.67 -56.60 -14.56
N TRP A 136 -33.16 -55.37 -14.72
CA TRP A 136 -33.67 -54.91 -16.01
C TRP A 136 -32.79 -53.90 -16.72
N LEU A 137 -32.21 -52.92 -16.00
CA LEU A 137 -31.43 -51.88 -16.68
C LEU A 137 -30.19 -52.46 -17.36
N ILE A 138 -29.56 -53.47 -16.75
CA ILE A 138 -28.37 -54.05 -17.36
C ILE A 138 -28.72 -54.76 -18.66
N ARG A 139 -29.78 -55.57 -18.63
CA ARG A 139 -30.23 -56.25 -19.83
C ARG A 139 -30.60 -55.25 -20.92
N ALA A 140 -31.17 -54.10 -20.54
CA ALA A 140 -31.51 -53.07 -21.51
C ALA A 140 -30.26 -52.46 -22.13
N LEU A 141 -29.29 -52.06 -21.30
CA LEU A 141 -28.05 -51.47 -21.82
C LEU A 141 -27.30 -52.45 -22.75
N ARG A 142 -27.28 -53.74 -22.40
CA ARG A 142 -26.65 -54.74 -23.25
C ARG A 142 -27.49 -55.09 -24.48
N ARG A 143 -28.70 -54.55 -24.58
CA ARG A 143 -29.60 -54.78 -25.73
C ARG A 143 -30.03 -56.24 -25.82
N GLU A 144 -30.14 -56.88 -24.64
CA GLU A 144 -30.72 -58.22 -24.54
C GLU A 144 -32.22 -58.18 -24.75
N ILE A 145 -32.84 -57.03 -24.47
CA ILE A 145 -34.27 -56.82 -24.65
C ILE A 145 -34.46 -55.50 -25.39
N ILE A 146 -35.66 -55.33 -25.94
CA ILE A 146 -36.06 -54.09 -26.58
C ILE A 146 -37.28 -53.56 -25.84
N GLY A 147 -37.25 -52.27 -25.50
CA GLY A 147 -38.20 -51.70 -24.57
C GLY A 147 -38.77 -50.38 -25.07
N THR A 148 -39.86 -49.97 -24.43
CA THR A 148 -40.45 -48.66 -24.71
C THR A 148 -41.21 -48.20 -23.47
N TYR A 149 -41.78 -47.01 -23.57
CA TYR A 149 -42.47 -46.33 -22.47
C TYR A 149 -43.92 -46.14 -22.92
N ALA A 150 -44.84 -46.82 -22.24
CA ALA A 150 -46.25 -46.85 -22.65
C ALA A 150 -47.11 -46.05 -21.68
N GLN A 151 -47.32 -44.78 -21.99
CA GLN A 151 -48.17 -43.89 -21.20
C GLN A 151 -49.50 -43.60 -21.87
N THR A 152 -49.47 -43.00 -23.07
CA THR A 152 -50.67 -42.59 -23.77
C THR A 152 -51.59 -43.76 -24.10
N GLU A 153 -52.90 -43.48 -24.06
CA GLU A 153 -53.93 -44.40 -24.46
C GLU A 153 -54.75 -43.76 -25.58
N MET A 154 -55.59 -44.57 -26.22
CA MET A 154 -56.37 -44.07 -27.36
C MET A 154 -57.22 -42.88 -26.94
N GLY A 155 -57.77 -42.90 -25.73
CA GLY A 155 -58.63 -41.87 -25.25
C GLY A 155 -58.03 -40.83 -24.32
N HIS A 156 -56.75 -40.96 -23.94
CA HIS A 156 -56.13 -39.97 -23.07
C HIS A 156 -54.63 -39.94 -23.33
N GLY A 157 -54.12 -38.73 -23.52
CA GLY A 157 -52.70 -38.46 -23.59
C GLY A 157 -52.30 -37.34 -22.66
N THR A 158 -53.04 -36.23 -22.75
CA THR A 158 -52.84 -35.10 -21.85
C THR A 158 -53.29 -35.39 -20.42
N ASN A 159 -54.52 -35.88 -20.24
CA ASN A 159 -55.11 -35.96 -18.89
C ASN A 159 -54.89 -37.27 -18.16
N LEU A 160 -53.63 -37.62 -17.91
CA LEU A 160 -53.21 -38.76 -17.11
C LEU A 160 -54.07 -39.11 -15.89
N GLN A 161 -54.67 -38.11 -15.24
CA GLN A 161 -55.59 -38.38 -14.15
C GLN A 161 -56.82 -39.18 -14.56
N ASN A 162 -57.12 -39.28 -15.85
CA ASN A 162 -58.27 -40.05 -16.32
C ASN A 162 -57.86 -41.14 -17.30
N LEU A 163 -56.66 -41.68 -17.12
CA LEU A 163 -56.31 -42.91 -17.81
C LEU A 163 -57.23 -44.04 -17.39
N GLU A 164 -57.37 -45.03 -18.26
CA GLU A 164 -58.35 -46.09 -18.06
C GLU A 164 -57.73 -47.45 -17.79
N THR A 165 -56.48 -47.67 -18.18
CA THR A 165 -55.80 -48.92 -17.86
C THR A 165 -55.62 -49.04 -16.36
N THR A 166 -55.94 -50.20 -15.80
CA THR A 166 -55.87 -50.44 -14.36
C THR A 166 -54.84 -51.50 -14.02
N ALA A 167 -54.20 -51.31 -12.86
CA ALA A 167 -53.34 -52.31 -12.25
C ALA A 167 -53.86 -52.56 -10.84
N THR A 168 -54.61 -53.65 -10.66
CA THR A 168 -55.24 -53.98 -9.40
C THR A 168 -54.38 -54.99 -8.64
N TYR A 169 -54.07 -54.70 -7.38
CA TYR A 169 -53.19 -55.55 -6.60
C TYR A 169 -53.97 -56.71 -5.98
N ASP A 170 -53.60 -57.94 -6.35
CA ASP A 170 -54.11 -59.15 -5.73
C ASP A 170 -53.25 -59.42 -4.50
N ILE A 171 -53.85 -59.45 -3.31
CA ILE A 171 -53.03 -59.54 -2.10
C ILE A 171 -52.53 -60.95 -1.91
N GLY A 172 -53.41 -61.93 -2.06
CA GLY A 172 -52.96 -63.27 -2.33
C GLY A 172 -52.36 -63.32 -3.72
N THR A 173 -51.51 -64.31 -3.96
CA THR A 173 -50.73 -64.40 -5.20
C THR A 173 -49.64 -63.32 -5.30
N GLN A 174 -49.91 -62.10 -4.79
CA GLN A 174 -48.90 -61.02 -4.73
C GLN A 174 -48.55 -60.52 -6.13
N GLU A 175 -49.56 -60.35 -6.97
CA GLU A 175 -49.38 -59.91 -8.34
C GLU A 175 -50.15 -58.60 -8.55
N PHE A 176 -49.79 -57.87 -9.59
CA PHE A 176 -50.63 -56.79 -10.12
C PHE A 176 -51.36 -57.31 -11.35
N VAL A 177 -52.68 -57.07 -11.40
CA VAL A 177 -53.52 -57.49 -12.52
C VAL A 177 -53.78 -56.29 -13.41
N LEU A 178 -53.15 -56.29 -14.58
CA LEU A 178 -53.36 -55.26 -15.60
C LEU A 178 -54.58 -55.58 -16.45
N HIS A 179 -55.42 -54.58 -16.71
CA HIS A 179 -56.63 -54.80 -17.50
C HIS A 179 -56.96 -53.55 -18.30
N THR A 180 -57.46 -53.77 -19.53
CA THR A 180 -57.84 -52.74 -20.49
C THR A 180 -59.35 -52.79 -20.68
N PRO A 181 -60.13 -52.02 -19.91
CA PRO A 181 -61.59 -52.28 -19.82
C PRO A 181 -62.36 -51.97 -21.09
N LYS A 182 -61.86 -51.09 -21.97
CA LYS A 182 -62.56 -50.71 -23.20
C LYS A 182 -61.50 -50.42 -24.26
N ILE A 183 -61.95 -50.21 -25.51
CA ILE A 183 -60.99 -49.91 -26.58
C ILE A 183 -60.26 -48.60 -26.28
N THR A 184 -60.98 -47.60 -25.76
CA THR A 184 -60.35 -46.31 -25.49
C THR A 184 -59.27 -46.38 -24.42
N ALA A 185 -59.21 -47.48 -23.65
CA ALA A 185 -58.17 -47.68 -22.66
C ALA A 185 -56.90 -48.32 -23.21
N LEU A 186 -56.94 -48.82 -24.44
CA LEU A 186 -55.74 -49.31 -25.12
C LEU A 186 -54.61 -48.29 -25.08
N LYS A 187 -53.44 -48.75 -24.63
CA LYS A 187 -52.23 -47.97 -24.84
C LYS A 187 -52.06 -47.75 -26.33
N TRP A 188 -51.61 -46.55 -26.70
CA TRP A 188 -51.71 -46.10 -28.07
C TRP A 188 -50.75 -44.93 -28.22
N TRP A 189 -49.82 -45.06 -29.21
CA TRP A 189 -48.72 -44.16 -29.59
C TRP A 189 -47.33 -44.49 -29.04
N PRO A 190 -47.15 -45.26 -27.95
CA PRO A 190 -45.78 -45.59 -27.54
C PRO A 190 -44.97 -46.13 -28.72
N GLY A 191 -43.84 -45.49 -28.96
CA GLY A 191 -43.03 -45.85 -30.11
C GLY A 191 -42.37 -47.21 -29.91
N ASN A 192 -42.27 -47.96 -31.01
CA ASN A 192 -41.64 -49.27 -31.05
C ASN A 192 -42.43 -50.30 -30.24
N LEU A 193 -43.69 -50.01 -29.93
CA LEU A 193 -44.54 -50.89 -29.14
C LEU A 193 -45.24 -51.91 -30.01
N GLY A 194 -45.51 -51.58 -31.28
CA GLY A 194 -46.36 -52.44 -32.08
C GLY A 194 -45.70 -53.76 -32.45
N LYS A 195 -44.42 -53.71 -32.83
CA LYS A 195 -43.79 -54.90 -33.39
C LYS A 195 -42.43 -55.22 -32.78
N SER A 196 -41.71 -54.22 -32.28
CA SER A 196 -40.30 -54.40 -31.96
C SER A 196 -40.03 -54.73 -30.49
N SER A 197 -40.64 -54.00 -29.57
CA SER A 197 -40.41 -54.19 -28.15
C SER A 197 -40.98 -55.51 -27.64
N ASN A 198 -40.23 -56.18 -26.75
CA ASN A 198 -40.75 -57.30 -25.98
C ASN A 198 -40.96 -56.99 -24.51
N TYR A 199 -40.51 -55.82 -24.05
CA TYR A 199 -40.85 -55.30 -22.73
C TYR A 199 -41.32 -53.86 -22.84
N ALA A 200 -42.08 -53.40 -21.84
CA ALA A 200 -42.41 -51.98 -21.77
C ALA A 200 -42.60 -51.55 -20.33
N VAL A 201 -42.24 -50.29 -20.05
CA VAL A 201 -42.73 -49.58 -18.87
C VAL A 201 -44.12 -49.04 -19.20
N VAL A 202 -45.08 -49.25 -18.28
CA VAL A 202 -46.49 -49.00 -18.58
C VAL A 202 -47.13 -48.20 -17.46
N VAL A 203 -47.68 -47.04 -17.80
CA VAL A 203 -48.36 -46.18 -16.83
C VAL A 203 -49.79 -46.65 -16.68
N ALA A 204 -50.22 -46.90 -15.45
CA ALA A 204 -51.55 -47.40 -15.17
C ALA A 204 -51.99 -46.92 -13.81
N HIS A 205 -53.31 -46.78 -13.63
CA HIS A 205 -53.88 -46.40 -12.35
C HIS A 205 -53.82 -47.61 -11.43
N MET A 206 -53.19 -47.46 -10.27
CA MET A 206 -52.96 -48.56 -9.34
C MET A 206 -54.09 -48.63 -8.32
N TYR A 207 -54.73 -49.80 -8.23
CA TYR A 207 -55.82 -50.04 -7.31
C TYR A 207 -55.41 -51.04 -6.22
N ILE A 208 -55.66 -50.70 -4.96
CA ILE A 208 -55.47 -51.63 -3.84
C ILE A 208 -56.65 -51.47 -2.88
N LYS A 209 -57.32 -52.59 -2.59
CA LYS A 209 -58.53 -52.63 -1.77
C LYS A 209 -59.58 -51.63 -2.26
N GLY A 210 -59.70 -51.50 -3.58
CA GLY A 210 -60.66 -50.60 -4.18
C GLY A 210 -60.23 -49.14 -4.30
N LYS A 211 -59.19 -48.72 -3.58
CA LYS A 211 -58.77 -47.33 -3.62
C LYS A 211 -57.85 -47.09 -4.81
N ASN A 212 -58.03 -45.94 -5.48
CA ASN A 212 -57.24 -45.60 -6.67
C ASN A 212 -56.11 -44.67 -6.26
N PHE A 213 -54.87 -45.15 -6.39
CA PHE A 213 -53.68 -44.39 -6.01
C PHE A 213 -53.11 -43.58 -7.16
N GLY A 214 -53.73 -43.62 -8.33
CA GLY A 214 -53.30 -42.80 -9.44
C GLY A 214 -52.25 -43.45 -10.30
N PRO A 215 -51.75 -42.72 -11.29
CA PRO A 215 -50.83 -43.31 -12.28
C PRO A 215 -49.52 -43.76 -11.63
N HIS A 216 -49.09 -44.97 -12.00
CA HIS A 216 -47.87 -45.59 -11.52
C HIS A 216 -47.30 -46.41 -12.67
N THR A 217 -45.99 -46.64 -12.65
CA THR A 217 -45.29 -47.30 -13.76
C THR A 217 -44.87 -48.71 -13.40
N PHE A 218 -44.91 -49.61 -14.38
CA PHE A 218 -44.72 -51.04 -14.18
C PHE A 218 -43.82 -51.60 -15.28
N MET A 219 -42.94 -52.53 -14.93
CA MET A 219 -42.23 -53.30 -15.94
C MET A 219 -43.15 -54.43 -16.39
N VAL A 220 -43.35 -54.53 -17.71
CA VAL A 220 -44.32 -55.48 -18.25
C VAL A 220 -43.73 -56.26 -19.41
N PRO A 221 -43.55 -57.58 -19.27
CA PRO A 221 -43.13 -58.38 -20.42
C PRO A 221 -44.30 -58.50 -21.40
N LEU A 222 -44.00 -58.28 -22.67
CA LEU A 222 -45.02 -58.22 -23.71
C LEU A 222 -44.97 -59.40 -24.68
N ARG A 223 -43.78 -59.80 -25.08
CA ARG A 223 -43.61 -60.88 -26.04
C ARG A 223 -42.61 -61.90 -25.50
N ASP A 224 -42.83 -63.16 -25.86
CA ASP A 224 -41.92 -64.25 -25.50
C ASP A 224 -40.51 -63.92 -25.96
N GLU A 225 -39.53 -64.12 -25.07
CA GLU A 225 -38.16 -63.76 -25.40
C GLU A 225 -37.56 -64.64 -26.50
N LYS A 226 -38.16 -65.79 -26.80
CA LYS A 226 -37.59 -66.69 -27.80
C LYS A 226 -38.39 -66.70 -29.10
N THR A 227 -39.72 -66.80 -29.03
CA THR A 227 -40.52 -66.81 -30.25
C THR A 227 -40.99 -65.42 -30.69
N HIS A 228 -40.99 -64.43 -29.79
CA HIS A 228 -41.50 -63.08 -30.01
C HIS A 228 -43.02 -63.03 -30.19
N LYS A 229 -43.73 -64.13 -29.89
CA LYS A 229 -45.19 -64.09 -29.89
C LYS A 229 -45.69 -63.29 -28.71
N PRO A 230 -46.87 -62.67 -28.82
CA PRO A 230 -47.49 -62.02 -27.66
C PRO A 230 -47.78 -63.03 -26.56
N LEU A 231 -47.34 -62.70 -25.33
CA LEU A 231 -47.63 -63.54 -24.18
C LEU A 231 -49.15 -63.59 -23.96
N PRO A 232 -49.64 -64.61 -23.27
CA PRO A 232 -51.10 -64.74 -23.09
C PRO A 232 -51.72 -63.57 -22.36
N GLY A 233 -52.85 -63.08 -22.89
CA GLY A 233 -53.52 -61.88 -22.39
C GLY A 233 -53.14 -60.57 -23.04
N ILE A 234 -52.20 -60.58 -24.00
CA ILE A 234 -51.66 -59.36 -24.60
C ILE A 234 -52.26 -59.17 -25.99
N THR A 235 -52.82 -57.99 -26.25
CA THR A 235 -53.22 -57.57 -27.58
C THR A 235 -52.26 -56.45 -28.00
N ILE A 236 -51.64 -56.59 -29.17
CA ILE A 236 -50.51 -55.72 -29.53
C ILE A 236 -50.36 -55.62 -31.05
N GLY A 237 -50.13 -54.41 -31.55
CA GLY A 237 -49.88 -54.24 -32.98
C GLY A 237 -49.50 -52.81 -33.30
N ASP A 238 -49.24 -52.57 -34.59
CA ASP A 238 -48.90 -51.25 -35.11
C ASP A 238 -50.17 -50.40 -35.19
N ILE A 239 -50.00 -49.08 -35.07
CA ILE A 239 -51.16 -48.18 -35.23
C ILE A 239 -51.31 -47.63 -36.66
N GLY A 240 -50.49 -48.07 -37.61
CA GLY A 240 -50.65 -47.72 -39.00
C GLY A 240 -49.66 -46.65 -39.45
N PRO A 241 -49.68 -46.31 -40.73
CA PRO A 241 -48.73 -45.31 -41.24
C PRO A 241 -49.09 -43.91 -40.72
N LYS A 242 -48.14 -43.00 -40.91
CA LYS A 242 -48.20 -41.71 -40.23
C LYS A 242 -47.70 -40.63 -41.17
N MET A 243 -47.83 -39.40 -40.69
CA MET A 243 -47.33 -38.22 -41.40
C MET A 243 -45.87 -38.38 -41.77
N ALA A 244 -45.07 -38.88 -40.84
CA ALA A 244 -43.65 -39.13 -41.06
C ALA A 244 -43.20 -40.06 -39.94
N TYR A 245 -41.88 -40.25 -39.81
CA TYR A 245 -41.32 -41.05 -38.71
C TYR A 245 -41.80 -42.50 -38.78
N ASN A 246 -41.91 -43.02 -40.00
CA ASN A 246 -42.58 -44.29 -40.26
C ASN A 246 -41.72 -45.52 -39.99
N ILE A 247 -40.44 -45.36 -39.67
CA ILE A 247 -39.63 -46.53 -39.36
C ILE A 247 -39.93 -47.02 -37.94
N VAL A 248 -40.31 -46.10 -37.04
CA VAL A 248 -40.79 -46.47 -35.71
C VAL A 248 -42.18 -47.11 -35.80
N ASP A 249 -42.32 -48.29 -35.20
CA ASP A 249 -43.60 -49.00 -35.15
C ASP A 249 -44.41 -48.60 -33.93
N ASN A 250 -45.00 -47.40 -33.99
CA ASN A 250 -45.86 -46.95 -32.90
C ASN A 250 -47.00 -47.94 -32.74
N GLY A 251 -47.35 -48.27 -31.50
CA GLY A 251 -48.16 -49.44 -31.24
C GLY A 251 -49.36 -49.18 -30.35
N PHE A 252 -50.27 -50.15 -30.38
CA PHE A 252 -51.34 -50.27 -29.40
C PHE A 252 -51.09 -51.48 -28.51
N LEU A 253 -51.63 -51.43 -27.29
CA LEU A 253 -51.41 -52.51 -26.33
C LEU A 253 -52.63 -52.63 -25.42
N GLY A 254 -53.13 -53.86 -25.29
CA GLY A 254 -54.28 -54.16 -24.46
C GLY A 254 -54.08 -55.38 -23.59
N PHE A 255 -54.66 -55.38 -22.39
CA PHE A 255 -54.48 -56.44 -21.39
C PHE A 255 -55.82 -57.09 -21.08
N ASN A 256 -55.85 -58.42 -21.07
CA ASN A 256 -56.99 -59.17 -20.52
C ASN A 256 -56.55 -59.82 -19.22
N ASN A 257 -56.62 -59.06 -18.12
CA ASN A 257 -56.31 -59.55 -16.77
C ASN A 257 -54.92 -60.18 -16.77
N TYR A 258 -53.95 -59.39 -17.20
CA TYR A 258 -52.58 -59.85 -17.39
C TYR A 258 -51.82 -59.61 -16.09
N ARG A 259 -51.30 -60.69 -15.50
CA ARG A 259 -50.73 -60.66 -14.15
C ARG A 259 -49.21 -60.50 -14.22
N ILE A 260 -48.69 -59.59 -13.40
CA ILE A 260 -47.24 -59.40 -13.25
C ILE A 260 -46.92 -59.46 -11.76
N PRO A 261 -45.67 -59.79 -11.41
CA PRO A 261 -45.28 -59.77 -10.00
C PRO A 261 -45.43 -58.40 -9.35
N ARG A 262 -45.62 -58.42 -8.02
CA ARG A 262 -45.60 -57.19 -7.24
C ARG A 262 -44.34 -56.37 -7.51
N THR A 263 -43.19 -57.05 -7.62
CA THR A 263 -41.90 -56.38 -7.77
C THR A 263 -41.71 -55.76 -9.14
N ASN A 264 -42.68 -55.88 -10.04
CA ASN A 264 -42.64 -55.20 -11.32
C ASN A 264 -43.08 -53.73 -11.21
N LEU A 265 -43.80 -53.37 -10.17
CA LEU A 265 -43.99 -51.95 -9.85
C LEU A 265 -42.62 -51.33 -9.60
N LEU A 266 -42.40 -50.14 -10.19
CA LEU A 266 -41.10 -49.49 -10.12
C LEU A 266 -40.99 -48.76 -8.78
N MET A 267 -40.03 -49.15 -7.94
CA MET A 267 -40.11 -48.84 -6.50
C MET A 267 -38.94 -48.02 -5.97
N ARG A 268 -38.33 -47.15 -6.79
CA ARG A 268 -37.30 -46.27 -6.27
C ARG A 268 -37.88 -45.21 -5.35
N HIS A 269 -39.14 -44.83 -5.56
CA HIS A 269 -39.77 -43.77 -4.78
C HIS A 269 -41.07 -44.19 -4.11
N THR A 270 -41.85 -45.05 -4.74
CA THR A 270 -43.08 -45.57 -4.16
C THR A 270 -42.85 -47.02 -3.79
N LYS A 271 -43.54 -47.47 -2.76
CA LYS A 271 -43.43 -48.86 -2.33
C LYS A 271 -44.83 -49.43 -2.16
N VAL A 272 -44.99 -50.70 -2.51
CA VAL A 272 -46.15 -51.49 -2.12
C VAL A 272 -45.63 -52.77 -1.48
N GLU A 273 -45.86 -52.91 -0.18
CA GLU A 273 -45.44 -54.12 0.54
C GLU A 273 -46.38 -55.27 0.21
N ALA A 274 -45.96 -56.48 0.59
CA ALA A 274 -46.68 -57.68 0.16
C ALA A 274 -48.10 -57.75 0.70
N ASP A 275 -48.33 -57.19 1.89
CA ASP A 275 -49.69 -57.22 2.42
C ASP A 275 -50.63 -56.23 1.73
N GLY A 276 -50.08 -55.19 1.09
CA GLY A 276 -50.92 -54.18 0.45
C GLY A 276 -50.62 -52.76 0.86
N THR A 277 -49.75 -52.60 1.86
CA THR A 277 -49.42 -51.30 2.42
C THR A 277 -48.79 -50.41 1.36
N TYR A 278 -49.13 -49.12 1.39
CA TYR A 278 -48.64 -48.25 0.35
C TYR A 278 -47.29 -47.63 0.68
N ILE A 279 -47.28 -46.37 1.14
CA ILE A 279 -46.10 -45.55 1.49
C ILE A 279 -45.76 -44.65 0.30
N LYS A 280 -46.01 -43.33 0.48
CA LYS A 280 -45.91 -42.21 -0.45
C LYS A 280 -44.46 -41.73 -0.55
N PRO A 281 -44.07 -41.15 -1.70
CA PRO A 281 -42.72 -40.56 -1.78
C PRO A 281 -42.72 -39.12 -1.29
N PRO A 282 -41.52 -38.51 -1.14
CA PRO A 282 -41.40 -37.08 -0.81
C PRO A 282 -41.11 -36.21 -2.04
N ALA A 290 -42.06 -37.84 -15.67
CA ALA A 290 -40.85 -37.33 -16.32
C ALA A 290 -40.41 -38.27 -17.43
N MET A 291 -40.38 -37.87 -18.72
CA MET A 291 -41.10 -36.76 -19.39
C MET A 291 -40.46 -35.36 -19.28
N VAL A 292 -39.90 -34.99 -18.12
CA VAL A 292 -39.10 -33.77 -18.07
C VAL A 292 -37.75 -34.03 -18.72
N HIS A 293 -37.29 -35.28 -18.70
CA HIS A 293 -36.07 -35.65 -19.40
C HIS A 293 -36.22 -35.42 -20.90
N VAL A 294 -37.32 -35.92 -21.48
CA VAL A 294 -37.56 -35.81 -22.92
C VAL A 294 -37.58 -34.36 -23.35
N ARG A 295 -38.33 -33.52 -22.63
CA ARG A 295 -38.43 -32.10 -22.99
C ARG A 295 -37.06 -31.41 -22.93
N SER A 296 -36.24 -31.75 -21.92
CA SER A 296 -34.95 -31.09 -21.78
C SER A 296 -34.02 -31.44 -22.93
N TYR A 297 -33.99 -32.71 -23.33
CA TYR A 297 -33.05 -33.19 -24.31
C TYR A 297 -33.54 -33.11 -25.74
N MET A 298 -34.85 -32.92 -25.98
CA MET A 298 -35.36 -32.84 -27.34
C MET A 298 -35.05 -31.50 -28.00
N LEU A 299 -34.61 -30.49 -27.24
CA LEU A 299 -34.36 -29.18 -27.84
C LEU A 299 -33.19 -29.22 -28.83
N THR A 300 -32.10 -29.95 -28.51
CA THR A 300 -31.02 -30.13 -29.48
C THR A 300 -31.55 -30.82 -30.73
N GLY A 301 -32.40 -31.83 -30.56
CA GLY A 301 -32.95 -32.54 -31.70
C GLY A 301 -33.61 -31.59 -32.68
N GLN A 302 -34.29 -30.56 -32.17
CA GLN A 302 -35.00 -29.63 -33.04
C GLN A 302 -34.03 -28.65 -33.69
N ALA A 303 -33.15 -28.05 -32.88
CA ALA A 303 -32.04 -27.25 -33.40
C ALA A 303 -31.31 -27.97 -34.53
N ILE A 304 -30.93 -29.22 -34.30
CA ILE A 304 -30.20 -29.99 -35.31
C ILE A 304 -31.04 -30.17 -36.57
N MET A 305 -32.30 -30.59 -36.41
CA MET A 305 -33.18 -30.77 -37.57
C MET A 305 -33.42 -29.45 -38.31
N LEU A 306 -33.55 -28.34 -37.57
CA LEU A 306 -33.59 -27.04 -38.21
C LEU A 306 -32.32 -26.78 -38.99
N SER A 307 -31.16 -27.10 -38.40
CA SER A 307 -29.89 -26.90 -39.09
C SER A 307 -29.72 -27.81 -40.30
N TYR A 308 -30.26 -29.04 -40.25
CA TYR A 308 -30.27 -29.87 -41.45
C TYR A 308 -30.93 -29.11 -42.60
N ALA A 309 -32.17 -28.68 -42.38
CA ALA A 309 -32.96 -27.98 -43.39
C ALA A 309 -32.28 -26.71 -43.89
N LEU A 310 -31.62 -25.96 -43.00
CA LEU A 310 -30.96 -24.73 -43.44
C LEU A 310 -29.65 -25.02 -44.18
N ASN A 311 -28.90 -26.04 -43.76
CA ASN A 311 -27.71 -26.43 -44.52
C ASN A 311 -28.11 -26.66 -45.98
N ILE A 312 -29.22 -27.36 -46.18
CA ILE A 312 -29.69 -27.68 -47.53
C ILE A 312 -30.15 -26.40 -48.24
N ALA A 313 -31.07 -25.67 -47.62
CA ALA A 313 -31.62 -24.46 -48.25
C ALA A 313 -30.56 -23.41 -48.57
N THR A 314 -29.54 -23.28 -47.74
CA THR A 314 -28.54 -22.24 -47.98
C THR A 314 -27.49 -22.69 -48.98
N ARG A 315 -26.97 -23.92 -48.84
CA ARG A 315 -26.14 -24.51 -49.88
C ARG A 315 -26.78 -24.45 -51.26
N TYR A 316 -28.02 -24.96 -51.39
CA TYR A 316 -28.73 -24.86 -52.67
C TYR A 316 -28.88 -23.42 -53.14
N SER A 317 -29.02 -22.48 -52.20
CA SER A 317 -29.21 -21.09 -52.61
C SER A 317 -27.93 -20.53 -53.23
N ALA A 318 -26.78 -21.08 -52.88
CA ALA A 318 -25.53 -20.61 -53.47
C ALA A 318 -25.34 -21.16 -54.88
N VAL A 319 -25.81 -22.37 -55.15
CA VAL A 319 -25.66 -22.95 -56.48
C VAL A 319 -26.84 -22.60 -57.40
N ARG A 320 -28.06 -22.43 -56.86
CA ARG A 320 -29.21 -22.06 -57.69
C ARG A 320 -29.10 -20.61 -58.16
N ARG A 321 -28.95 -20.42 -59.47
CA ARG A 321 -29.04 -19.11 -60.09
C ARG A 321 -30.42 -18.96 -60.72
N GLN A 322 -30.98 -17.75 -60.65
CA GLN A 322 -32.33 -17.52 -61.14
C GLN A 322 -32.69 -16.04 -61.18
N GLY A 323 -32.78 -15.47 -62.38
CA GLY A 323 -33.15 -14.08 -62.53
C GLY A 323 -31.96 -13.15 -62.49
N GLN A 324 -32.21 -11.92 -62.94
CA GLN A 324 -31.22 -10.87 -62.96
C GLN A 324 -31.57 -9.77 -61.98
N ILE A 325 -30.55 -9.19 -61.36
CA ILE A 325 -30.71 -7.94 -60.64
C ILE A 325 -30.36 -6.86 -61.66
N ASP A 326 -29.06 -6.63 -61.87
CA ASP A 326 -28.63 -5.76 -62.95
C ASP A 326 -28.92 -6.46 -64.27
N LYS A 327 -29.56 -5.75 -65.21
CA LYS A 327 -29.97 -6.32 -66.48
C LYS A 327 -28.80 -6.68 -67.40
N ASN A 328 -27.64 -6.08 -67.19
CA ASN A 328 -26.45 -6.39 -67.99
C ASN A 328 -25.53 -7.42 -67.34
N GLU A 329 -25.83 -7.88 -66.14
CA GLU A 329 -25.04 -8.92 -65.51
C GLU A 329 -25.76 -10.25 -65.58
N PRO A 330 -25.06 -11.37 -65.48
CA PRO A 330 -25.72 -12.68 -65.60
C PRO A 330 -26.68 -12.93 -64.45
N GLU A 331 -27.45 -14.02 -64.58
CA GLU A 331 -28.33 -14.47 -63.50
C GLU A 331 -27.60 -14.60 -62.18
N VAL A 332 -28.22 -14.08 -61.11
CA VAL A 332 -27.64 -14.08 -59.77
C VAL A 332 -27.98 -15.35 -59.02
N LYS A 333 -27.10 -15.72 -58.09
CA LYS A 333 -27.44 -16.67 -57.04
C LYS A 333 -28.72 -16.20 -56.37
N VAL A 334 -29.67 -17.11 -56.15
CA VAL A 334 -30.85 -16.68 -55.40
C VAL A 334 -30.49 -16.22 -54.00
N LEU A 335 -29.33 -16.67 -53.50
CA LEU A 335 -28.88 -16.29 -52.17
C LEU A 335 -28.47 -14.81 -52.13
N GLU A 336 -28.84 -14.07 -53.18
CA GLU A 336 -28.51 -12.66 -53.26
C GLU A 336 -29.71 -11.76 -52.96
N TYR A 337 -30.91 -12.26 -53.27
CA TYR A 337 -32.13 -11.50 -53.04
C TYR A 337 -32.40 -11.33 -51.56
N GLN A 338 -32.80 -10.13 -51.16
CA GLN A 338 -33.11 -9.85 -49.76
C GLN A 338 -34.24 -10.74 -49.25
N THR A 339 -35.22 -11.08 -50.10
CA THR A 339 -36.28 -11.99 -49.66
C THR A 339 -35.73 -13.36 -49.31
N GLN A 340 -34.69 -13.79 -50.01
CA GLN A 340 -34.12 -15.11 -49.75
C GLN A 340 -33.29 -15.12 -48.49
N GLN A 341 -32.42 -14.11 -48.34
CA GLN A 341 -31.67 -13.99 -47.10
C GLN A 341 -32.61 -13.83 -45.90
N HIS A 342 -33.68 -13.05 -46.08
CA HIS A 342 -34.66 -12.82 -45.02
C HIS A 342 -35.42 -14.08 -44.64
N ARG A 343 -35.64 -14.99 -45.58
CA ARG A 343 -36.36 -16.22 -45.28
C ARG A 343 -35.47 -17.36 -44.77
N LEU A 344 -34.15 -17.19 -44.76
CA LEU A 344 -33.22 -18.20 -44.24
C LEU A 344 -32.48 -17.73 -42.99
N PHE A 345 -31.78 -16.60 -43.07
CA PHE A 345 -30.80 -16.25 -42.03
C PHE A 345 -31.40 -16.10 -40.64
N PRO A 346 -32.61 -15.56 -40.46
CA PRO A 346 -33.15 -15.50 -39.09
C PRO A 346 -33.31 -16.86 -38.47
N PHE A 347 -33.52 -17.89 -39.29
CA PHE A 347 -33.63 -19.24 -38.76
C PHE A 347 -32.26 -19.83 -38.43
N ILE A 348 -31.20 -19.39 -39.11
CA ILE A 348 -29.88 -19.81 -38.68
C ILE A 348 -29.62 -19.27 -37.28
N ALA A 349 -29.98 -18.01 -37.06
CA ALA A 349 -29.91 -17.43 -35.73
C ALA A 349 -30.73 -18.26 -34.75
N ARG A 350 -31.94 -18.66 -35.15
CA ARG A 350 -32.78 -19.46 -34.25
C ARG A 350 -32.15 -20.81 -33.93
N ALA A 351 -31.47 -21.44 -34.90
CA ALA A 351 -30.92 -22.77 -34.65
C ALA A 351 -29.79 -22.72 -33.64
N TYR A 352 -28.94 -21.70 -33.74
CA TYR A 352 -27.91 -21.48 -32.71
C TYR A 352 -28.54 -21.18 -31.37
N ALA A 353 -29.53 -20.28 -31.36
CA ALA A 353 -30.20 -19.90 -30.13
C ALA A 353 -30.83 -21.10 -29.43
N PHE A 354 -31.48 -21.98 -30.20
CA PHE A 354 -32.11 -23.15 -29.58
C PHE A 354 -31.06 -24.08 -28.99
N GLN A 355 -29.95 -24.29 -29.70
CA GLN A 355 -28.84 -25.09 -29.19
C GLN A 355 -28.32 -24.55 -27.87
N PHE A 356 -28.00 -23.25 -27.83
CA PHE A 356 -27.49 -22.65 -26.61
C PHE A 356 -28.52 -22.67 -25.49
N ALA A 357 -29.79 -22.44 -25.84
CA ALA A 357 -30.85 -22.55 -24.83
C ALA A 357 -30.97 -23.98 -24.34
N GLY A 358 -30.81 -24.95 -25.24
CA GLY A 358 -30.88 -26.35 -24.82
C GLY A 358 -29.74 -26.76 -23.91
N ALA A 359 -28.54 -26.23 -24.13
CA ALA A 359 -27.42 -26.52 -23.23
C ALA A 359 -27.69 -26.02 -21.82
N GLU A 360 -28.21 -24.79 -21.68
CA GLU A 360 -28.54 -24.28 -20.36
C GLU A 360 -29.67 -25.05 -19.71
N THR A 361 -30.62 -25.55 -20.51
CA THR A 361 -31.71 -26.34 -19.95
C THR A 361 -31.20 -27.68 -19.43
N VAL A 362 -30.34 -28.34 -20.19
CA VAL A 362 -29.73 -29.60 -19.75
C VAL A 362 -28.88 -29.39 -18.51
N LYS A 363 -28.18 -28.26 -18.40
CA LYS A 363 -27.46 -27.96 -17.17
C LYS A 363 -28.41 -27.87 -15.99
N LEU A 364 -29.54 -27.18 -16.16
CA LEU A 364 -30.53 -27.08 -15.09
C LEU A 364 -31.16 -28.43 -14.77
N TYR A 365 -31.34 -29.29 -15.78
CA TYR A 365 -31.86 -30.63 -15.52
C TYR A 365 -30.89 -31.42 -14.65
N GLU A 366 -29.60 -31.32 -14.96
CA GLU A 366 -28.57 -31.97 -14.15
C GLU A 366 -28.45 -31.32 -12.78
N ARG A 367 -28.68 -30.00 -12.67
CA ARG A 367 -28.54 -29.29 -11.38
C ARG A 367 -29.65 -29.67 -10.39
N VAL A 368 -30.91 -29.63 -10.82
CA VAL A 368 -31.91 -30.43 -10.11
C VAL A 368 -31.53 -31.86 -10.46
N LEU A 369 -32.17 -32.86 -9.87
CA LEU A 369 -31.68 -34.24 -9.99
C LEU A 369 -30.43 -34.39 -9.13
N LYS A 370 -29.42 -33.55 -9.38
CA LYS A 370 -28.27 -33.48 -8.48
C LYS A 370 -28.70 -33.04 -7.10
N GLU A 371 -29.50 -31.97 -7.03
CA GLU A 371 -30.06 -31.48 -5.78
C GLU A 371 -31.24 -32.33 -5.28
N MET A 372 -31.69 -33.31 -6.04
CA MET A 372 -32.85 -34.12 -5.62
C MET A 372 -32.44 -35.32 -4.78
N LYS A 373 -31.14 -35.48 -4.50
CA LYS A 373 -30.70 -36.46 -3.51
C LYS A 373 -30.77 -35.87 -2.11
N SER A 374 -30.52 -34.56 -2.00
CA SER A 374 -30.64 -33.87 -0.72
C SER A 374 -32.12 -33.57 -0.50
N GLY A 375 -32.47 -32.33 -0.17
CA GLY A 375 -33.87 -31.95 0.03
C GLY A 375 -34.79 -32.47 -1.06
N ASN A 376 -34.88 -31.81 -2.22
CA ASN A 376 -34.58 -30.40 -2.43
C ASN A 376 -35.21 -30.11 -3.78
N VAL A 377 -36.51 -30.34 -3.86
CA VAL A 377 -37.24 -30.30 -5.11
C VAL A 377 -37.77 -28.87 -5.29
N SER A 378 -37.10 -27.91 -4.66
CA SER A 378 -37.54 -26.52 -4.75
C SER A 378 -36.95 -25.81 -5.95
N LEU A 379 -36.95 -26.48 -7.11
CA LEU A 379 -36.29 -26.02 -8.33
C LEU A 379 -36.77 -26.92 -9.47
N MET A 380 -37.47 -28.01 -9.12
CA MET A 380 -38.21 -28.77 -10.13
C MET A 380 -39.31 -27.92 -10.74
N ALA A 381 -39.91 -27.03 -9.93
CA ALA A 381 -40.96 -26.15 -10.42
C ALA A 381 -40.43 -25.18 -11.47
N ASP A 382 -39.26 -24.58 -11.21
CA ASP A 382 -38.65 -23.68 -12.18
C ASP A 382 -38.29 -24.43 -13.46
N LEU A 383 -37.79 -25.66 -13.32
CA LEU A 383 -37.38 -26.44 -14.48
C LEU A 383 -38.58 -26.86 -15.30
N HIS A 384 -39.63 -27.36 -14.64
CA HIS A 384 -40.83 -27.78 -15.35
C HIS A 384 -41.44 -26.63 -16.16
N ALA A 385 -41.45 -25.42 -15.61
CA ALA A 385 -42.06 -24.29 -16.30
C ALA A 385 -41.22 -23.82 -17.48
N LEU A 386 -39.90 -23.75 -17.31
CA LEU A 386 -39.00 -23.36 -18.40
C LEU A 386 -39.13 -24.35 -19.55
N THR A 387 -39.00 -25.62 -19.22
CA THR A 387 -39.11 -26.72 -20.16
C THR A 387 -40.47 -26.79 -20.84
N SER A 388 -41.55 -26.44 -20.12
CA SER A 388 -42.88 -26.45 -20.73
C SER A 388 -42.96 -25.43 -21.85
N GLY A 389 -42.55 -24.19 -21.56
CA GLY A 389 -42.58 -23.15 -22.57
C GLY A 389 -41.60 -23.39 -23.69
N LEU A 390 -40.35 -23.76 -23.34
CA LEU A 390 -39.32 -23.89 -24.35
C LEU A 390 -39.64 -24.99 -25.33
N LYS A 391 -40.15 -26.13 -24.85
CA LYS A 391 -40.49 -27.19 -25.77
C LYS A 391 -41.57 -26.74 -26.72
N SER A 392 -42.45 -25.84 -26.29
CA SER A 392 -43.54 -25.40 -27.15
C SER A 392 -43.10 -24.33 -28.16
N VAL A 393 -42.29 -23.36 -27.74
CA VAL A 393 -41.85 -22.31 -28.67
C VAL A 393 -40.85 -22.87 -29.66
N VAL A 394 -39.86 -23.65 -29.18
CA VAL A 394 -38.81 -24.15 -30.04
C VAL A 394 -39.40 -25.01 -31.16
N THR A 395 -40.32 -25.89 -30.80
CA THR A 395 -40.89 -26.82 -31.75
C THR A 395 -41.72 -26.10 -32.81
N HIS A 396 -42.43 -25.03 -32.42
CA HIS A 396 -43.31 -24.30 -33.32
C HIS A 396 -42.51 -23.42 -34.27
N GLN A 397 -41.46 -22.78 -33.76
CA GLN A 397 -40.63 -21.91 -34.59
C GLN A 397 -39.70 -22.71 -35.48
N THR A 398 -39.25 -23.88 -35.02
CA THR A 398 -38.53 -24.81 -35.89
C THR A 398 -39.37 -25.19 -37.11
N GLY A 399 -40.63 -25.56 -36.91
CA GLY A 399 -41.49 -25.93 -38.03
C GLY A 399 -41.62 -24.80 -39.04
N GLU A 400 -41.85 -23.58 -38.56
CA GLU A 400 -41.90 -22.41 -39.41
C GLU A 400 -40.64 -22.30 -40.26
N GLY A 401 -39.48 -22.51 -39.61
CA GLY A 401 -38.21 -22.34 -40.30
C GLY A 401 -37.90 -23.46 -41.28
N ILE A 402 -38.13 -24.71 -40.88
CA ILE A 402 -37.94 -25.84 -41.80
C ILE A 402 -38.74 -25.62 -43.07
N GLU A 403 -39.99 -25.18 -42.95
CA GLU A 403 -40.83 -25.02 -44.15
C GLU A 403 -40.39 -23.83 -45.01
N GLN A 404 -39.78 -22.82 -44.38
CA GLN A 404 -39.27 -21.69 -45.12
C GLN A 404 -38.04 -22.15 -45.91
N ALA A 405 -37.26 -23.06 -45.32
CA ALA A 405 -36.07 -23.62 -45.94
C ALA A 405 -36.44 -24.46 -47.15
N ARG A 406 -37.46 -25.31 -47.01
CA ARG A 406 -37.94 -26.09 -48.15
C ARG A 406 -38.36 -25.18 -49.31
N MET A 407 -39.20 -24.19 -49.02
CA MET A 407 -39.76 -23.39 -50.13
C MET A 407 -38.70 -22.50 -50.74
N ALA A 408 -37.61 -22.24 -50.02
CA ALA A 408 -36.48 -21.50 -50.57
C ALA A 408 -35.71 -22.27 -51.62
N CYS A 409 -35.98 -23.57 -51.77
CA CYS A 409 -35.41 -24.37 -52.85
C CYS A 409 -36.29 -24.42 -54.09
N GLY A 410 -37.40 -23.68 -54.11
CA GLY A 410 -38.20 -23.67 -55.31
C GLY A 410 -38.81 -25.06 -55.51
N GLY A 411 -39.21 -25.30 -56.76
CA GLY A 411 -39.86 -26.56 -57.10
C GLY A 411 -39.16 -27.77 -56.50
N HIS A 412 -37.83 -27.84 -56.66
CA HIS A 412 -37.07 -29.02 -56.25
C HIS A 412 -37.17 -29.31 -54.76
N GLY A 413 -37.46 -28.30 -53.94
CA GLY A 413 -37.64 -28.55 -52.51
C GLY A 413 -38.77 -29.53 -52.20
N TYR A 414 -39.81 -29.52 -53.04
CA TYR A 414 -40.95 -30.41 -52.86
C TYR A 414 -40.60 -31.85 -53.18
N SER A 415 -39.52 -32.05 -53.92
CA SER A 415 -39.03 -33.40 -54.17
C SER A 415 -38.33 -33.95 -52.94
N MET A 416 -38.34 -35.28 -52.82
CA MET A 416 -37.59 -35.89 -51.72
C MET A 416 -36.09 -35.81 -51.96
N ALA A 417 -35.67 -35.39 -53.16
CA ALA A 417 -34.27 -35.07 -53.38
C ALA A 417 -33.78 -33.95 -52.45
N SER A 418 -34.68 -33.09 -51.99
CA SER A 418 -34.31 -32.11 -50.97
C SER A 418 -34.23 -32.78 -49.60
N TYR A 419 -35.16 -33.69 -49.31
CA TYR A 419 -35.37 -34.35 -48.02
C TYR A 419 -35.93 -33.43 -46.94
N ILE A 420 -36.15 -32.15 -47.23
CA ILE A 420 -36.61 -31.26 -46.17
C ILE A 420 -38.04 -31.59 -45.73
N SER A 421 -38.86 -32.12 -46.64
CA SER A 421 -40.24 -32.43 -46.27
C SER A 421 -40.29 -33.52 -45.20
N GLU A 422 -39.34 -34.47 -45.25
CA GLU A 422 -39.28 -35.48 -44.20
C GLU A 422 -38.73 -34.88 -42.91
N ILE A 423 -37.68 -34.06 -43.01
CA ILE A 423 -37.18 -33.32 -41.86
C ILE A 423 -38.33 -32.59 -41.17
N TYR A 424 -39.23 -32.04 -41.98
CA TYR A 424 -40.37 -31.29 -41.45
C TYR A 424 -41.40 -32.15 -40.70
N GLY A 425 -41.77 -33.27 -41.29
CA GLY A 425 -42.75 -34.16 -40.70
C GLY A 425 -42.27 -34.75 -39.38
N VAL A 426 -40.98 -35.05 -39.29
CA VAL A 426 -40.44 -35.65 -38.08
C VAL A 426 -40.30 -34.61 -36.98
N ALA A 427 -39.76 -33.44 -37.31
CA ALA A 427 -39.53 -32.40 -36.30
C ALA A 427 -40.84 -31.87 -35.74
N ILE A 428 -41.87 -31.72 -36.59
CA ILE A 428 -43.10 -31.08 -36.16
C ILE A 428 -43.85 -31.96 -35.17
N GLY A 429 -43.64 -33.28 -35.23
CA GLY A 429 -44.29 -34.17 -34.28
C GLY A 429 -44.08 -33.76 -32.83
N GLY A 430 -42.94 -33.11 -32.55
CA GLY A 430 -42.65 -32.57 -31.23
C GLY A 430 -43.51 -31.40 -30.80
N CYS A 431 -44.33 -30.84 -31.69
CA CYS A 431 -45.40 -29.95 -31.24
C CYS A 431 -46.47 -30.69 -30.46
N THR A 432 -46.64 -31.99 -30.68
CA THR A 432 -47.65 -32.75 -29.95
C THR A 432 -47.07 -33.73 -28.94
N TYR A 433 -46.01 -34.48 -29.26
CA TYR A 433 -45.49 -35.39 -28.24
C TYR A 433 -44.78 -34.62 -27.14
N ALA A 434 -44.60 -35.31 -26.02
CA ALA A 434 -44.02 -34.77 -24.79
C ALA A 434 -44.82 -33.60 -24.24
N GLY A 435 -46.13 -33.58 -24.50
CA GLY A 435 -46.99 -32.51 -24.02
C GLY A 435 -47.53 -31.66 -25.15
N GLU A 436 -48.83 -31.68 -25.40
CA GLU A 436 -49.43 -30.78 -26.39
C GLU A 436 -48.97 -29.34 -26.15
N ASN A 437 -48.58 -28.66 -27.23
CA ASN A 437 -47.99 -27.32 -27.12
C ASN A 437 -48.92 -26.34 -26.40
N MET A 438 -50.21 -26.37 -26.72
CA MET A 438 -51.15 -25.50 -26.03
C MET A 438 -51.17 -25.81 -24.55
N VAL A 439 -51.08 -27.10 -24.19
CA VAL A 439 -51.16 -27.49 -22.79
C VAL A 439 -49.89 -27.12 -22.06
N MET A 440 -48.74 -27.28 -22.71
CA MET A 440 -47.48 -26.97 -22.05
C MET A 440 -47.28 -25.46 -21.89
N LEU A 441 -47.80 -24.66 -22.83
CA LEU A 441 -47.79 -23.21 -22.64
C LEU A 441 -48.66 -22.78 -21.46
N LEU A 442 -49.80 -23.42 -21.26
CA LEU A 442 -50.63 -23.11 -20.09
C LEU A 442 -50.02 -23.65 -18.80
N GLN A 443 -49.27 -24.76 -18.87
CA GLN A 443 -48.52 -25.23 -17.71
C GLN A 443 -47.53 -24.18 -17.23
N LEU A 444 -46.80 -23.57 -18.16
CA LEU A 444 -45.93 -22.45 -17.81
C LEU A 444 -46.73 -21.27 -17.28
N ALA A 445 -47.89 -20.97 -17.90
CA ALA A 445 -48.71 -19.85 -17.47
C ALA A 445 -49.15 -19.96 -16.02
N ARG A 446 -49.38 -21.18 -15.50
CA ARG A 446 -49.70 -21.32 -14.08
C ARG A 446 -48.56 -20.79 -13.22
N TYR A 447 -47.32 -21.14 -13.58
CA TYR A 447 -46.14 -20.66 -12.87
C TYR A 447 -46.01 -19.15 -12.97
N LEU A 448 -46.31 -18.58 -14.14
CA LEU A 448 -46.23 -17.13 -14.30
C LEU A 448 -47.31 -16.42 -13.50
N VAL A 449 -48.52 -17.01 -13.42
CA VAL A 449 -49.58 -16.41 -12.61
C VAL A 449 -49.24 -16.47 -11.12
N LYS A 450 -48.78 -17.63 -10.62
CA LYS A 450 -48.22 -17.66 -9.26
C LYS A 450 -47.20 -16.56 -9.03
N SER A 451 -46.28 -16.39 -9.99
CA SER A 451 -45.25 -15.36 -9.84
C SER A 451 -45.86 -13.96 -9.85
N ALA A 452 -46.90 -13.75 -10.66
CA ALA A 452 -47.58 -12.46 -10.66
C ALA A 452 -48.31 -12.19 -9.35
N ALA A 453 -48.81 -13.22 -8.69
CA ALA A 453 -49.42 -13.05 -7.37
C ALA A 453 -48.37 -12.67 -6.32
N LEU A 454 -47.13 -13.15 -6.46
CA LEU A 454 -46.07 -12.69 -5.56
C LEU A 454 -45.86 -11.19 -5.73
N VAL A 455 -45.76 -10.73 -6.99
CA VAL A 455 -45.53 -9.32 -7.25
C VAL A 455 -46.69 -8.48 -6.72
N LYS A 456 -47.93 -8.85 -7.08
CA LYS A 456 -49.10 -8.06 -6.69
C LYS A 456 -49.22 -7.95 -5.17
N SER A 457 -48.82 -8.97 -4.44
CA SER A 457 -48.96 -9.02 -2.99
C SER A 457 -47.74 -8.49 -2.24
N GLY A 458 -46.70 -8.00 -2.93
CA GLY A 458 -45.54 -7.44 -2.26
C GLY A 458 -44.42 -8.40 -1.96
N LYS A 459 -44.54 -9.68 -2.35
CA LYS A 459 -43.50 -10.68 -2.14
C LYS A 459 -42.54 -10.78 -3.33
N ALA A 460 -42.35 -9.69 -4.09
CA ALA A 460 -41.45 -9.70 -5.24
C ALA A 460 -40.08 -10.31 -4.94
N SER A 461 -39.55 -10.07 -3.74
CA SER A 461 -38.22 -10.59 -3.41
C SER A 461 -38.16 -12.11 -3.36
N GLN A 462 -39.29 -12.79 -3.23
CA GLN A 462 -39.34 -14.25 -3.27
C GLN A 462 -39.32 -14.84 -4.67
N LEU A 463 -39.24 -14.02 -5.72
CA LEU A 463 -39.17 -14.54 -7.07
C LEU A 463 -37.83 -15.23 -7.35
N GLY A 464 -37.90 -16.39 -8.01
CA GLY A 464 -36.72 -17.11 -8.43
C GLY A 464 -35.96 -16.34 -9.50
N PRO A 465 -34.69 -16.70 -9.73
CA PRO A 465 -33.91 -16.02 -10.77
C PRO A 465 -34.55 -15.97 -12.15
N LEU A 466 -35.23 -17.03 -12.58
CA LEU A 466 -35.77 -17.07 -13.94
C LEU A 466 -36.96 -16.14 -14.14
N VAL A 467 -37.49 -15.54 -13.08
CA VAL A 467 -38.75 -14.83 -13.20
C VAL A 467 -38.71 -13.56 -12.37
N ALA A 468 -37.48 -13.13 -12.03
CA ALA A 468 -37.29 -11.96 -11.18
C ALA A 468 -37.62 -10.67 -11.91
N TYR A 469 -37.42 -10.63 -13.23
CA TYR A 469 -37.77 -9.46 -14.01
C TYR A 469 -39.23 -9.04 -13.83
N LEU A 470 -40.13 -9.97 -13.54
CA LEU A 470 -41.51 -9.59 -13.27
C LEU A 470 -41.61 -8.63 -12.09
N GLY A 471 -40.68 -8.71 -11.14
CA GLY A 471 -40.60 -7.77 -10.04
C GLY A 471 -39.87 -6.47 -10.33
N ALA A 472 -39.02 -6.45 -11.35
CA ALA A 472 -38.23 -5.27 -11.63
C ALA A 472 -39.11 -4.12 -12.15
N ARG A 473 -38.59 -2.91 -12.02
CA ARG A 473 -39.29 -1.71 -12.45
C ARG A 473 -38.81 -1.31 -13.84
N SER A 474 -39.75 -0.95 -14.71
CA SER A 474 -39.41 -0.56 -16.07
C SER A 474 -39.10 0.92 -16.14
N GLU A 475 -38.13 1.28 -16.97
CA GLU A 475 -37.88 2.66 -17.33
C GLU A 475 -39.04 3.15 -18.16
N PRO A 476 -39.17 4.46 -18.34
CA PRO A 476 -40.32 4.94 -19.12
C PRO A 476 -40.35 4.45 -20.57
N THR A 477 -39.21 4.11 -21.18
CA THR A 477 -39.31 4.16 -22.63
C THR A 477 -38.53 3.19 -23.51
N SER A 478 -37.57 2.39 -23.04
CA SER A 478 -36.75 1.59 -23.98
C SER A 478 -35.70 2.44 -24.66
N LEU A 479 -34.43 2.05 -24.54
CA LEU A 479 -33.32 2.89 -24.99
C LEU A 479 -32.63 2.31 -26.22
N ILE A 480 -33.39 1.63 -27.07
CA ILE A 480 -32.88 1.20 -28.36
C ILE A 480 -32.71 2.42 -29.24
N ASP A 481 -31.52 2.57 -29.84
CA ASP A 481 -31.18 3.73 -30.68
C ASP A 481 -31.14 5.02 -29.86
N ARG A 482 -30.80 4.92 -28.57
CA ARG A 482 -30.78 6.10 -27.71
C ARG A 482 -29.47 6.25 -26.93
N VAL A 483 -28.86 5.11 -26.63
CA VAL A 483 -27.87 5.04 -25.59
C VAL A 483 -26.87 3.94 -25.96
N PRO A 484 -25.59 4.24 -26.15
CA PRO A 484 -24.65 3.20 -26.60
C PRO A 484 -24.20 2.30 -25.44
N ASN A 485 -23.96 1.00 -25.70
CA ASN A 485 -23.63 0.19 -24.54
C ASN A 485 -22.78 -1.06 -24.72
N GLY A 486 -22.25 -1.38 -25.89
CA GLY A 486 -21.61 -2.67 -26.04
C GLY A 486 -22.55 -3.75 -26.52
N GLY A 487 -23.79 -3.37 -26.86
CA GLY A 487 -24.66 -4.21 -27.64
C GLY A 487 -25.56 -5.12 -26.83
N ILE A 488 -26.88 -4.97 -27.06
CA ILE A 488 -27.91 -5.98 -26.82
C ILE A 488 -28.72 -5.71 -25.54
N THR A 489 -28.12 -5.07 -24.53
CA THR A 489 -28.81 -4.99 -23.24
C THR A 489 -30.13 -4.21 -23.32
N GLU A 490 -30.19 -3.18 -24.17
CA GLU A 490 -31.47 -2.48 -24.34
C GLU A 490 -32.50 -3.33 -25.06
N TYR A 491 -32.07 -4.27 -25.92
CA TYR A 491 -33.03 -5.21 -26.50
C TYR A 491 -33.53 -6.20 -25.45
N ILE A 492 -32.62 -6.75 -24.63
CA ILE A 492 -33.03 -7.59 -23.51
C ILE A 492 -34.02 -6.87 -22.61
N LYS A 493 -33.70 -5.63 -22.21
CA LYS A 493 -34.62 -4.86 -21.38
C LYS A 493 -35.96 -4.61 -22.06
N THR A 494 -35.98 -4.47 -23.38
CA THR A 494 -37.27 -4.30 -24.05
C THR A 494 -38.07 -5.61 -24.04
N PHE A 495 -37.41 -6.73 -24.33
CA PHE A 495 -38.08 -8.02 -24.22
C PHE A 495 -38.60 -8.26 -22.81
N GLN A 496 -37.82 -7.91 -21.79
CA GLN A 496 -38.29 -8.05 -20.40
C GLN A 496 -39.54 -7.22 -20.14
N HIS A 497 -39.60 -6.01 -20.67
CA HIS A 497 -40.73 -5.14 -20.37
C HIS A 497 -42.02 -5.70 -20.97
N ILE A 498 -41.98 -6.10 -22.24
CA ILE A 498 -43.21 -6.58 -22.89
C ILE A 498 -43.66 -7.91 -22.30
N ALA A 499 -42.71 -8.75 -21.88
CA ALA A 499 -43.08 -10.03 -21.30
C ALA A 499 -43.66 -9.85 -19.90
N LYS A 500 -43.08 -8.96 -19.09
CA LYS A 500 -43.66 -8.65 -17.79
C LYS A 500 -45.05 -8.03 -17.94
N ARG A 501 -45.17 -7.06 -18.86
CA ARG A 501 -46.44 -6.32 -19.00
C ARG A 501 -47.57 -7.24 -19.44
N GLN A 502 -47.30 -8.17 -20.36
CA GLN A 502 -48.32 -9.12 -20.78
C GLN A 502 -48.62 -10.14 -19.69
N THR A 503 -47.59 -10.60 -18.97
CA THR A 503 -47.80 -11.50 -17.85
C THR A 503 -48.69 -10.89 -16.77
N LEU A 504 -48.35 -9.69 -16.29
CA LEU A 504 -49.19 -9.04 -15.29
C LEU A 504 -50.56 -8.70 -15.86
N LYS A 505 -50.62 -8.31 -17.13
CA LYS A 505 -51.91 -7.96 -17.72
C LYS A 505 -52.82 -9.19 -17.80
N ALA A 506 -52.29 -10.31 -18.29
CA ALA A 506 -53.10 -11.52 -18.44
C ALA A 506 -53.50 -12.07 -17.07
N ALA A 507 -52.54 -12.08 -16.12
CA ALA A 507 -52.84 -12.51 -14.76
C ALA A 507 -53.98 -11.69 -14.15
N ASN A 508 -53.89 -10.36 -14.23
CA ASN A 508 -54.92 -9.52 -13.63
C ASN A 508 -56.29 -9.73 -14.27
N LYS A 509 -56.35 -9.94 -15.59
CA LYS A 509 -57.63 -10.30 -16.19
C LYS A 509 -58.21 -11.54 -15.54
N PHE A 510 -57.36 -12.55 -15.33
CA PHE A 510 -57.77 -13.78 -14.64
C PHE A 510 -58.24 -13.47 -13.22
N PHE A 511 -57.42 -12.76 -12.44
CA PHE A 511 -57.80 -12.40 -11.08
C PHE A 511 -59.08 -11.57 -11.06
N GLY A 512 -59.23 -10.67 -12.04
CA GLY A 512 -60.39 -9.80 -12.12
C GLY A 512 -61.70 -10.53 -12.36
N LEU A 513 -61.67 -11.64 -13.10
CA LEU A 513 -62.90 -12.38 -13.35
C LEU A 513 -63.33 -13.17 -12.10
N MET A 514 -62.36 -13.67 -11.33
CA MET A 514 -62.68 -14.31 -10.06
C MET A 514 -63.22 -13.30 -9.05
N GLU A 515 -62.54 -12.18 -8.88
CA GLU A 515 -63.03 -11.11 -8.01
C GLU A 515 -64.49 -10.76 -8.33
N ASN A 516 -64.84 -10.73 -9.62
CA ASN A 516 -66.21 -10.46 -10.07
C ASN A 516 -67.15 -11.68 -10.02
N GLY A 517 -66.75 -12.82 -9.46
CA GLY A 517 -67.68 -13.93 -9.24
C GLY A 517 -67.49 -15.20 -10.06
N GLU A 518 -66.67 -15.20 -11.11
CA GLU A 518 -66.49 -16.41 -11.92
C GLU A 518 -65.67 -17.45 -11.16
N LYS A 519 -65.99 -18.72 -11.40
CA LYS A 519 -65.21 -19.82 -10.83
C LYS A 519 -63.78 -19.80 -11.36
N ARG A 520 -62.84 -20.26 -10.53
CA ARG A 520 -61.42 -20.24 -10.89
C ARG A 520 -61.19 -20.83 -12.29
N GLU A 521 -61.80 -21.97 -12.56
CA GLU A 521 -61.47 -22.72 -13.77
C GLU A 521 -62.15 -22.15 -15.00
N ILE A 522 -63.33 -21.56 -14.84
CA ILE A 522 -63.97 -20.90 -15.98
C ILE A 522 -63.27 -19.57 -16.29
N ALA A 523 -62.86 -18.84 -15.26
CA ALA A 523 -62.03 -17.65 -15.47
C ALA A 523 -60.72 -18.03 -16.14
N TRP A 524 -60.13 -19.16 -15.74
CA TRP A 524 -58.92 -19.63 -16.39
C TRP A 524 -59.13 -19.87 -17.88
N ASN A 525 -60.16 -20.65 -18.22
CA ASN A 525 -60.46 -20.94 -19.62
C ASN A 525 -60.66 -19.65 -20.42
N LYS A 526 -61.45 -18.72 -19.86
CA LYS A 526 -61.71 -17.45 -20.52
C LYS A 526 -60.45 -16.60 -20.71
N SER A 527 -59.38 -16.84 -19.95
CA SER A 527 -58.17 -16.05 -20.07
C SER A 527 -57.02 -16.82 -20.71
N SER A 528 -57.28 -18.06 -21.15
CA SER A 528 -56.21 -18.97 -21.53
C SER A 528 -55.41 -18.50 -22.74
N VAL A 529 -56.07 -17.93 -23.76
CA VAL A 529 -55.32 -17.51 -24.94
C VAL A 529 -54.38 -16.37 -24.58
N GLU A 530 -54.91 -15.37 -23.88
CA GLU A 530 -54.09 -14.29 -23.34
C GLU A 530 -52.92 -14.83 -22.52
N LEU A 531 -53.20 -15.79 -21.63
CA LEU A 531 -52.14 -16.36 -20.79
C LEU A 531 -51.05 -17.03 -21.61
N ASN A 532 -51.41 -17.73 -22.70
CA ASN A 532 -50.37 -18.29 -23.54
C ASN A 532 -49.56 -17.23 -24.27
N ARG A 533 -50.12 -16.04 -24.47
CA ARG A 533 -49.33 -14.93 -25.00
C ARG A 533 -48.20 -14.57 -24.05
N ALA A 534 -48.48 -14.63 -22.74
CA ALA A 534 -47.45 -14.34 -21.73
C ALA A 534 -46.36 -15.42 -21.72
N SER A 535 -46.75 -16.68 -21.58
CA SER A 535 -45.83 -17.82 -21.70
C SER A 535 -44.89 -17.67 -22.87
N ARG A 536 -45.43 -17.35 -24.04
CA ARG A 536 -44.64 -17.29 -25.27
C ARG A 536 -43.59 -16.20 -25.19
N LEU A 537 -43.99 -14.99 -24.78
CA LEU A 537 -43.05 -13.89 -24.61
C LEU A 537 -41.99 -14.17 -23.55
N HIS A 538 -42.39 -14.77 -22.42
CA HIS A 538 -41.41 -15.10 -21.39
C HIS A 538 -40.37 -16.08 -21.93
N THR A 539 -40.81 -17.09 -22.68
CA THR A 539 -39.91 -18.06 -23.27
C THR A 539 -39.02 -17.46 -24.34
N ARG A 540 -39.58 -16.62 -25.22
CA ARG A 540 -38.78 -16.02 -26.27
C ARG A 540 -37.74 -15.07 -25.70
N LEU A 541 -38.07 -14.42 -24.57
CA LEU A 541 -37.07 -13.70 -23.80
C LEU A 541 -35.94 -14.63 -23.32
N PHE A 542 -36.29 -15.81 -22.78
CA PHE A 542 -35.23 -16.70 -22.30
C PHE A 542 -34.24 -17.03 -23.41
N ILE A 543 -34.75 -17.32 -24.62
CA ILE A 543 -33.88 -17.71 -25.72
C ILE A 543 -32.89 -16.60 -26.03
N VAL A 544 -33.38 -15.36 -26.10
CA VAL A 544 -32.50 -14.21 -26.30
C VAL A 544 -31.40 -14.19 -25.25
N GLU A 545 -31.79 -14.24 -23.96
CA GLU A 545 -30.83 -14.12 -22.88
C GLU A 545 -29.81 -15.27 -22.91
N ALA A 546 -30.25 -16.49 -23.20
CA ALA A 546 -29.31 -17.60 -23.31
C ALA A 546 -28.29 -17.37 -24.43
N PHE A 547 -28.78 -16.91 -25.59
CA PHE A 547 -27.92 -16.57 -26.72
C PHE A 547 -26.89 -15.51 -26.35
N ALA A 548 -27.35 -14.42 -25.72
CA ALA A 548 -26.46 -13.35 -25.29
C ALA A 548 -25.45 -13.81 -24.24
N ARG A 549 -25.87 -14.66 -23.31
CA ARG A 549 -24.95 -15.22 -22.32
C ARG A 549 -23.81 -15.99 -22.97
N ARG A 550 -24.11 -16.78 -24.01
CA ARG A 550 -23.04 -17.53 -24.67
C ARG A 550 -22.09 -16.61 -25.41
N VAL A 551 -22.63 -15.62 -26.13
CA VAL A 551 -21.80 -14.63 -26.82
C VAL A 551 -20.80 -13.99 -25.88
N ASN A 552 -21.20 -13.71 -24.64
CA ASN A 552 -20.27 -13.06 -23.72
C ASN A 552 -19.27 -14.04 -23.09
N GLU A 553 -19.61 -15.33 -22.98
CA GLU A 553 -18.66 -16.31 -22.47
C GLU A 553 -17.46 -16.54 -23.40
N ILE A 554 -17.56 -16.19 -24.68
CA ILE A 554 -16.56 -16.55 -25.69
C ILE A 554 -15.40 -15.56 -25.75
N GLY A 555 -14.17 -16.08 -25.69
CA GLY A 555 -12.98 -15.27 -25.80
C GLY A 555 -12.41 -15.10 -27.20
N ASP A 556 -12.43 -16.18 -28.01
CA ASP A 556 -11.96 -16.18 -29.39
C ASP A 556 -12.70 -15.10 -30.19
N ILE A 557 -11.99 -14.03 -30.56
CA ILE A 557 -12.65 -12.81 -31.03
C ILE A 557 -13.40 -13.05 -32.34
N THR A 558 -12.84 -13.85 -33.25
CA THR A 558 -13.50 -14.09 -34.52
C THR A 558 -14.82 -14.83 -34.34
N ILE A 559 -14.81 -15.84 -33.47
CA ILE A 559 -16.04 -16.57 -33.16
C ILE A 559 -17.05 -15.65 -32.51
N LYS A 560 -16.61 -14.90 -31.50
CA LYS A 560 -17.49 -13.97 -30.80
C LYS A 560 -18.15 -12.97 -31.75
N GLU A 561 -17.36 -12.39 -32.67
CA GLU A 561 -17.94 -11.46 -33.64
C GLU A 561 -18.95 -12.16 -34.55
N ALA A 562 -18.67 -13.39 -34.97
CA ALA A 562 -19.60 -14.08 -35.87
C ALA A 562 -20.92 -14.34 -35.16
N LEU A 563 -20.87 -14.90 -33.96
CA LEU A 563 -22.09 -15.13 -33.19
C LEU A 563 -22.74 -13.83 -32.75
N SER A 564 -21.94 -12.77 -32.52
CA SER A 564 -22.52 -11.48 -32.16
C SER A 564 -23.36 -10.92 -33.30
N ASP A 565 -22.86 -11.01 -34.54
CA ASP A 565 -23.66 -10.60 -35.70
C ASP A 565 -24.98 -11.36 -35.75
N LEU A 566 -24.93 -12.68 -35.53
CA LEU A 566 -26.14 -13.49 -35.49
C LEU A 566 -27.10 -13.04 -34.40
N LEU A 567 -26.57 -12.79 -33.21
CA LEU A 567 -27.41 -12.33 -32.09
C LEU A 567 -28.11 -11.02 -32.44
N HIS A 568 -27.41 -10.09 -33.09
CA HIS A 568 -28.04 -8.84 -33.48
C HIS A 568 -29.15 -9.07 -34.50
N LEU A 569 -28.95 -10.00 -35.43
CA LEU A 569 -30.01 -10.34 -36.35
C LEU A 569 -31.20 -10.93 -35.60
N HIS A 570 -30.91 -11.85 -34.67
CA HIS A 570 -31.93 -12.45 -33.84
C HIS A 570 -32.79 -11.42 -33.11
N VAL A 571 -32.18 -10.53 -32.33
CA VAL A 571 -32.97 -9.62 -31.50
C VAL A 571 -33.79 -8.65 -32.36
N ASN A 572 -33.31 -8.28 -33.55
CA ASN A 572 -34.11 -7.38 -34.37
C ASN A 572 -35.25 -8.10 -35.09
N TYR A 573 -35.02 -9.32 -35.57
CA TYR A 573 -36.09 -10.09 -36.20
C TYR A 573 -37.19 -10.40 -35.19
N GLU A 574 -36.81 -10.90 -34.01
CA GLU A 574 -37.79 -11.31 -33.02
C GLU A 574 -38.56 -10.11 -32.49
N LEU A 575 -37.85 -9.06 -32.07
CA LEU A 575 -38.51 -7.84 -31.59
C LEU A 575 -39.49 -7.28 -32.61
N LEU A 576 -39.12 -7.28 -33.89
CA LEU A 576 -40.06 -6.83 -34.90
C LEU A 576 -41.29 -7.72 -34.93
N ASP A 577 -41.08 -9.03 -34.84
CA ASP A 577 -42.20 -9.97 -34.81
C ASP A 577 -43.14 -9.77 -33.62
N VAL A 578 -42.68 -9.18 -32.53
CA VAL A 578 -43.51 -8.93 -31.35
C VAL A 578 -43.71 -7.43 -31.12
N ALA A 579 -43.45 -6.61 -32.14
CA ALA A 579 -43.50 -5.15 -31.99
C ALA A 579 -44.84 -4.67 -31.44
N THR A 580 -45.94 -5.37 -31.77
CA THR A 580 -47.25 -4.98 -31.23
C THR A 580 -47.20 -4.73 -29.73
N TYR A 581 -46.51 -5.60 -28.99
CA TYR A 581 -46.48 -5.46 -27.54
C TYR A 581 -45.61 -4.30 -27.09
N ALA A 582 -44.60 -3.94 -27.89
CA ALA A 582 -43.74 -2.82 -27.54
C ALA A 582 -44.38 -1.47 -27.85
N LEU A 583 -45.30 -1.42 -28.81
CA LEU A 583 -45.91 -0.17 -29.22
C LEU A 583 -47.14 0.21 -28.41
N GLU A 584 -47.88 -0.80 -27.93
CA GLU A 584 -49.15 -0.57 -27.24
C GLU A 584 -49.12 0.51 -26.16
N ASP A 585 -48.11 0.47 -25.29
CA ASP A 585 -48.02 1.43 -24.19
C ASP A 585 -47.08 2.58 -24.50
N GLY A 586 -46.74 2.77 -25.77
CA GLY A 586 -45.71 3.70 -26.17
C GLY A 586 -44.30 3.41 -25.70
N PHE A 587 -44.06 2.22 -25.17
CA PHE A 587 -42.69 1.86 -24.79
C PHE A 587 -41.74 2.04 -25.97
N MET A 588 -42.14 1.60 -27.16
CA MET A 588 -41.38 1.88 -28.37
C MET A 588 -42.10 2.89 -29.25
N SER A 589 -41.31 3.70 -29.96
CA SER A 589 -41.81 4.64 -30.94
C SER A 589 -41.66 4.11 -32.35
N SER A 590 -42.48 4.67 -33.26
CA SER A 590 -42.33 4.48 -34.70
C SER A 590 -40.87 4.47 -35.12
N THR A 591 -40.12 5.47 -34.62
CA THR A 591 -38.77 5.70 -35.13
C THR A 591 -37.84 4.58 -34.69
N GLN A 592 -37.98 4.13 -33.44
CA GLN A 592 -37.19 3.00 -32.96
C GLN A 592 -37.55 1.72 -33.70
N LEU A 593 -38.82 1.57 -34.11
CA LEU A 593 -39.22 0.40 -34.89
C LEU A 593 -38.61 0.44 -36.29
N ASP A 594 -38.55 1.61 -36.92
CA ASP A 594 -37.84 1.71 -38.19
C ASP A 594 -36.35 1.44 -38.02
N TYR A 595 -35.79 1.74 -36.85
CA TYR A 595 -34.40 1.37 -36.60
C TYR A 595 -34.24 -0.13 -36.57
N VAL A 596 -35.17 -0.83 -35.90
CA VAL A 596 -35.14 -2.29 -35.85
C VAL A 596 -35.27 -2.89 -37.25
N ARG A 597 -36.15 -2.32 -38.08
CA ARG A 597 -36.25 -2.75 -39.48
C ARG A 597 -34.94 -2.56 -40.24
N ASP A 598 -34.39 -1.35 -40.24
CA ASP A 598 -33.12 -1.11 -40.93
C ASP A 598 -32.01 -1.99 -40.38
N GLN A 599 -32.03 -2.24 -39.08
CA GLN A 599 -31.05 -3.13 -38.49
C GLN A 599 -31.20 -4.56 -38.99
N LEU A 600 -32.43 -5.03 -39.12
CA LEU A 600 -32.68 -6.38 -39.64
C LEU A 600 -32.09 -6.53 -41.04
N TYR A 601 -32.36 -5.59 -41.92
CA TYR A 601 -31.88 -5.70 -43.29
C TYR A 601 -30.38 -5.52 -43.36
N PHE A 602 -29.81 -4.74 -42.42
CA PHE A 602 -28.36 -4.60 -42.37
C PHE A 602 -27.70 -5.91 -41.98
N TYR A 603 -28.16 -6.52 -40.89
CA TYR A 603 -27.54 -7.75 -40.42
C TYR A 603 -27.80 -8.94 -41.34
N LEU A 604 -28.86 -8.92 -42.14
CA LEU A 604 -28.97 -9.92 -43.21
C LEU A 604 -27.74 -9.87 -44.09
N GLN A 605 -27.38 -8.67 -44.55
CA GLN A 605 -26.30 -8.50 -45.50
C GLN A 605 -24.95 -8.69 -44.81
N LYS A 606 -24.84 -8.29 -43.56
CA LYS A 606 -23.65 -8.60 -42.75
C LYS A 606 -23.42 -10.10 -42.61
N ILE A 607 -24.48 -10.86 -42.33
CA ILE A 607 -24.32 -12.30 -42.06
C ILE A 607 -23.98 -13.09 -43.32
N ARG A 608 -24.49 -12.69 -44.48
CA ARG A 608 -24.38 -13.43 -45.74
C ARG A 608 -23.03 -14.10 -46.00
N PRO A 609 -21.89 -13.39 -45.96
CA PRO A 609 -20.63 -14.07 -46.31
C PRO A 609 -20.27 -15.18 -45.33
N ASN A 610 -20.88 -15.21 -44.15
CA ASN A 610 -20.71 -16.28 -43.17
C ASN A 610 -21.83 -17.32 -43.19
N ALA A 611 -22.96 -17.06 -43.89
CA ALA A 611 -24.11 -17.95 -43.80
C ALA A 611 -23.73 -19.41 -44.00
N VAL A 612 -22.99 -19.71 -45.07
CA VAL A 612 -22.70 -21.11 -45.40
C VAL A 612 -21.71 -21.71 -44.40
N SER A 613 -20.73 -20.93 -43.93
CA SER A 613 -19.83 -21.42 -42.91
C SER A 613 -20.52 -21.66 -41.57
N LEU A 614 -21.41 -20.75 -41.16
CA LEU A 614 -22.17 -20.98 -39.92
C LEU A 614 -22.94 -22.28 -39.96
N LEU A 615 -23.34 -22.74 -41.13
CA LEU A 615 -24.07 -24.00 -41.25
C LEU A 615 -23.12 -25.19 -41.41
N ASP A 616 -22.02 -24.98 -42.15
CA ASP A 616 -20.98 -26.00 -42.25
C ASP A 616 -20.41 -26.32 -40.88
N SER A 617 -20.53 -25.38 -39.94
CA SER A 617 -19.95 -25.54 -38.62
C SER A 617 -20.66 -26.61 -37.81
N TRP A 618 -21.89 -26.98 -38.21
CA TRP A 618 -22.56 -28.12 -37.60
C TRP A 618 -21.96 -29.44 -38.06
N GLU A 619 -21.30 -29.44 -39.21
CA GLU A 619 -20.46 -30.55 -39.68
C GLU A 619 -21.28 -31.83 -39.83
N PHE A 620 -22.31 -31.74 -40.69
CA PHE A 620 -23.14 -32.87 -41.08
C PHE A 620 -22.61 -33.43 -42.39
N SER A 621 -22.16 -34.69 -42.37
CA SER A 621 -21.80 -35.37 -43.61
C SER A 621 -23.02 -35.65 -44.48
N ASP A 622 -22.76 -35.93 -45.76
CA ASP A 622 -23.84 -36.26 -46.68
C ASP A 622 -24.59 -37.51 -46.23
N ARG A 623 -23.87 -38.49 -45.68
CA ARG A 623 -24.53 -39.69 -45.21
C ARG A 623 -25.48 -39.39 -44.07
N GLU A 624 -25.16 -38.38 -43.25
CA GLU A 624 -26.11 -37.92 -42.24
C GLU A 624 -27.25 -37.12 -42.88
N LEU A 625 -26.91 -36.18 -43.76
CA LEU A 625 -27.86 -35.17 -44.20
C LEU A 625 -28.87 -35.71 -45.20
N ARG A 626 -28.47 -36.63 -46.07
CA ARG A 626 -29.36 -37.39 -46.95
C ARG A 626 -30.06 -36.53 -47.99
N SER A 627 -29.47 -35.39 -48.35
CA SER A 627 -30.07 -34.46 -49.30
C SER A 627 -29.25 -34.35 -50.59
N VAL A 628 -29.92 -34.45 -51.73
CA VAL A 628 -29.23 -34.24 -53.00
C VAL A 628 -29.01 -32.75 -53.24
N LEU A 629 -30.02 -31.92 -52.95
CA LEU A 629 -29.86 -30.48 -53.10
C LEU A 629 -28.83 -29.93 -52.12
N GLY A 630 -28.62 -30.62 -51.00
CA GLY A 630 -27.75 -30.12 -49.96
C GLY A 630 -26.35 -30.72 -49.92
N ARG A 631 -25.93 -31.31 -51.05
CA ARG A 631 -24.65 -32.02 -51.11
C ARG A 631 -23.52 -31.11 -50.67
N ARG A 632 -22.65 -31.63 -49.79
CA ARG A 632 -21.47 -30.91 -49.34
C ARG A 632 -20.73 -30.25 -50.50
N ASP A 633 -20.58 -30.96 -51.62
CA ASP A 633 -19.77 -30.47 -52.73
C ASP A 633 -20.50 -29.53 -53.69
N GLY A 634 -21.83 -29.41 -53.61
CA GLY A 634 -22.53 -28.44 -54.43
C GLY A 634 -22.87 -28.90 -55.84
N HIS A 635 -22.61 -30.16 -56.18
CA HIS A 635 -22.85 -30.67 -57.53
C HIS A 635 -24.27 -31.22 -57.58
N VAL A 636 -25.22 -30.29 -57.64
CA VAL A 636 -26.64 -30.62 -57.50
C VAL A 636 -27.18 -31.26 -58.77
N TYR A 637 -27.17 -30.49 -59.87
CA TYR A 637 -27.92 -30.86 -61.07
C TYR A 637 -27.56 -32.26 -61.59
N GLU A 638 -26.27 -32.55 -61.74
CA GLU A 638 -25.90 -33.86 -62.27
C GLU A 638 -26.40 -34.98 -61.37
N ASN A 639 -26.23 -34.83 -60.05
CA ASN A 639 -26.67 -35.86 -59.11
C ASN A 639 -28.18 -35.86 -58.91
N LEU A 640 -28.86 -34.77 -59.24
CA LEU A 640 -30.32 -34.76 -59.24
C LEU A 640 -30.88 -35.54 -60.43
N PHE A 641 -30.22 -35.44 -61.58
CA PHE A 641 -30.67 -36.19 -62.76
C PHE A 641 -30.52 -37.68 -62.53
N LYS A 642 -29.36 -38.10 -62.02
CA LYS A 642 -29.16 -39.49 -61.60
C LYS A 642 -30.21 -39.96 -60.59
N TRP A 643 -30.48 -39.14 -59.56
CA TRP A 643 -31.39 -39.57 -58.51
C TRP A 643 -32.78 -39.84 -59.07
N ALA A 644 -33.24 -38.98 -59.99
CA ALA A 644 -34.51 -39.23 -60.67
C ALA A 644 -34.43 -40.49 -61.54
N LYS A 645 -33.37 -40.61 -62.35
CA LYS A 645 -33.25 -41.74 -63.27
C LYS A 645 -33.23 -43.07 -62.53
N GLU A 646 -32.63 -43.11 -61.35
CA GLU A 646 -32.51 -44.36 -60.59
C GLU A 646 -33.68 -44.63 -59.64
N SER A 647 -34.71 -43.79 -59.63
CA SER A 647 -35.82 -43.95 -58.69
C SER A 647 -36.78 -45.04 -59.16
N PRO A 648 -37.62 -45.58 -58.25
CA PRO A 648 -38.30 -46.85 -58.56
C PRO A 648 -39.26 -46.80 -59.72
N LEU A 649 -39.85 -45.64 -60.00
CA LEU A 649 -40.86 -45.59 -61.06
C LEU A 649 -40.26 -45.66 -62.45
N ASN A 650 -38.96 -45.41 -62.59
CA ASN A 650 -38.26 -45.50 -63.86
C ASN A 650 -37.61 -46.87 -64.11
N LYS A 651 -37.92 -47.90 -63.32
CA LYS A 651 -37.45 -49.25 -63.64
C LYS A 651 -37.92 -49.67 -65.02
N THR A 652 -39.19 -49.41 -65.33
CA THR A 652 -39.76 -49.73 -66.63
C THR A 652 -40.18 -48.43 -67.31
N ASP A 653 -40.27 -48.49 -68.63
CA ASP A 653 -40.60 -47.35 -69.46
C ASP A 653 -42.11 -47.15 -69.53
N VAL A 654 -42.85 -48.22 -69.73
CA VAL A 654 -44.30 -48.20 -69.80
C VAL A 654 -44.84 -48.83 -68.53
N LEU A 655 -45.58 -48.05 -67.74
CA LEU A 655 -46.02 -48.50 -66.44
C LEU A 655 -47.14 -49.52 -66.56
N PRO A 656 -47.26 -50.43 -65.59
CA PRO A 656 -48.43 -51.33 -65.55
C PRO A 656 -49.75 -50.57 -65.61
N SER A 657 -49.86 -49.45 -64.91
CA SER A 657 -51.03 -48.59 -65.01
C SER A 657 -51.36 -48.23 -66.46
N VAL A 658 -50.35 -48.15 -67.33
CA VAL A 658 -50.60 -47.79 -68.72
C VAL A 658 -51.04 -49.02 -69.53
N ASP A 659 -50.43 -50.18 -69.30
CA ASP A 659 -50.85 -51.37 -70.02
C ASP A 659 -52.22 -51.86 -69.58
N THR A 660 -52.42 -52.04 -68.27
CA THR A 660 -53.70 -52.56 -67.77
C THR A 660 -54.85 -51.62 -68.07
N TYR A 661 -54.74 -50.39 -67.58
CA TYR A 661 -55.72 -49.34 -67.75
C TYR A 661 -55.14 -48.38 -68.77
N LEU A 662 -55.89 -47.32 -69.11
CA LEU A 662 -55.29 -46.13 -69.69
C LEU A 662 -54.98 -46.27 -71.17
N LYS A 663 -54.11 -47.21 -71.57
CA LYS A 663 -54.02 -47.51 -73.00
C LYS A 663 -55.32 -48.09 -73.54
N PRO A 664 -55.90 -49.14 -72.95
CA PRO A 664 -57.27 -49.52 -73.34
C PRO A 664 -58.24 -48.36 -73.34
N MET A 665 -58.17 -47.49 -72.33
CA MET A 665 -59.06 -46.33 -72.25
C MET A 665 -58.91 -45.43 -73.47
N MET A 666 -57.68 -45.17 -73.90
CA MET A 666 -57.47 -44.32 -75.07
C MET A 666 -57.99 -44.99 -76.34
N GLU A 667 -57.62 -46.26 -76.57
CA GLU A 667 -58.13 -47.02 -77.70
C GLU A 667 -59.64 -46.87 -77.86
N LYS A 668 -60.40 -47.07 -76.78
CA LYS A 668 -61.85 -46.84 -76.77
C LYS A 668 -62.14 -45.34 -76.86
N ALA A 669 -62.01 -44.82 -78.10
CA ALA A 669 -62.36 -43.43 -78.47
C ALA A 669 -61.86 -43.11 -79.88
N VAL B 2 -87.75 -32.00 -39.25
CA VAL B 2 -86.39 -32.02 -39.77
C VAL B 2 -85.55 -30.98 -38.99
N HIS B 3 -84.22 -31.15 -39.05
CA HIS B 3 -83.27 -30.31 -38.34
C HIS B 3 -82.75 -29.25 -39.30
N LEU B 4 -82.44 -28.07 -38.76
CA LEU B 4 -81.78 -27.06 -39.58
C LEU B 4 -80.49 -27.59 -40.18
N ASN B 5 -79.72 -28.37 -39.41
CA ASN B 5 -78.52 -29.02 -39.92
C ASN B 5 -78.92 -30.29 -40.66
N LYS B 6 -78.61 -30.36 -41.95
CA LYS B 6 -79.09 -31.46 -42.78
C LYS B 6 -78.17 -32.66 -42.76
N THR B 7 -77.11 -32.64 -41.94
CA THR B 7 -76.16 -33.76 -41.90
C THR B 7 -76.43 -34.74 -40.77
N ILE B 8 -77.17 -34.33 -39.73
CA ILE B 8 -77.58 -35.26 -38.68
C ILE B 8 -78.28 -36.48 -39.26
N GLN B 9 -77.85 -37.66 -38.83
CA GLN B 9 -78.58 -38.90 -39.07
C GLN B 9 -78.78 -39.63 -37.75
N GLU B 10 -79.85 -40.41 -37.67
CA GLU B 10 -80.07 -41.28 -36.51
C GLU B 10 -78.91 -42.23 -36.31
N GLY B 11 -78.58 -42.50 -35.05
CA GLY B 11 -77.45 -43.33 -34.68
C GLY B 11 -76.12 -42.62 -34.57
N ASP B 12 -76.03 -41.37 -34.99
CA ASP B 12 -74.76 -40.65 -34.93
C ASP B 12 -74.32 -40.48 -33.48
N ASN B 13 -73.03 -40.28 -33.29
CA ASN B 13 -72.48 -40.01 -31.97
C ASN B 13 -73.19 -38.80 -31.37
N PRO B 14 -73.80 -38.92 -30.18
CA PRO B 14 -74.55 -37.78 -29.63
C PRO B 14 -73.68 -36.59 -29.25
N ASP B 15 -72.42 -36.80 -28.92
CA ASP B 15 -71.53 -35.67 -28.63
C ASP B 15 -71.43 -34.74 -29.83
N LEU B 16 -71.46 -35.31 -31.03
CA LEU B 16 -71.39 -34.54 -32.26
C LEU B 16 -72.74 -34.00 -32.69
N THR B 17 -73.79 -34.82 -32.61
CA THR B 17 -75.15 -34.37 -32.88
C THR B 17 -75.51 -33.12 -32.07
N ALA B 18 -75.18 -33.13 -30.77
CA ALA B 18 -75.39 -31.96 -29.91
C ALA B 18 -74.86 -30.67 -30.53
N GLU B 19 -73.73 -30.76 -31.23
CA GLU B 19 -73.14 -29.57 -31.84
C GLU B 19 -73.84 -29.17 -33.12
N ARG B 20 -74.48 -30.13 -33.80
CA ARG B 20 -75.29 -29.83 -34.98
C ARG B 20 -76.67 -29.29 -34.60
N LEU B 21 -77.25 -29.85 -33.54
CA LEU B 21 -78.58 -29.40 -33.08
C LEU B 21 -78.62 -27.90 -32.79
N THR B 22 -77.48 -27.27 -32.47
CA THR B 22 -77.49 -25.85 -32.11
C THR B 22 -77.45 -24.90 -33.32
N ALA B 23 -77.47 -25.43 -34.55
CA ALA B 23 -77.42 -24.59 -35.74
C ALA B 23 -78.58 -23.61 -35.81
N THR B 24 -78.29 -22.39 -36.27
CA THR B 24 -79.30 -21.35 -36.46
C THR B 24 -79.69 -21.17 -37.92
N PHE B 25 -79.11 -21.95 -38.83
CA PHE B 25 -79.40 -21.80 -40.25
C PHE B 25 -79.48 -23.18 -40.91
N ASP B 26 -80.09 -23.18 -42.08
CA ASP B 26 -80.25 -24.38 -42.89
C ASP B 26 -78.92 -24.63 -43.61
N THR B 27 -78.32 -25.81 -43.42
CA THR B 27 -77.03 -26.10 -44.06
C THR B 27 -77.12 -26.26 -45.57
N HIS B 28 -78.30 -26.61 -46.11
CA HIS B 28 -78.44 -26.60 -47.56
C HIS B 28 -78.35 -25.19 -48.10
N ALA B 29 -78.97 -24.23 -47.41
CA ALA B 29 -78.92 -22.84 -47.83
C ALA B 29 -77.51 -22.25 -47.74
N MET B 30 -76.72 -22.67 -46.76
CA MET B 30 -75.33 -22.22 -46.68
C MET B 30 -74.47 -22.84 -47.78
N ALA B 31 -74.72 -24.11 -48.10
CA ALA B 31 -74.06 -24.74 -49.24
C ALA B 31 -74.25 -23.92 -50.51
N ALA B 32 -75.50 -23.50 -50.77
CA ALA B 32 -75.78 -22.69 -51.95
C ALA B 32 -74.92 -21.44 -51.98
N GLN B 33 -74.75 -20.80 -50.81
CA GLN B 33 -73.85 -19.66 -50.70
C GLN B 33 -72.41 -20.04 -51.01
N ILE B 34 -71.94 -21.17 -50.45
CA ILE B 34 -70.56 -21.60 -50.65
C ILE B 34 -70.28 -21.90 -52.13
N TYR B 35 -71.20 -22.59 -52.80
CA TYR B 35 -70.93 -23.10 -54.14
C TYR B 35 -71.60 -22.29 -55.25
N GLY B 36 -72.10 -21.10 -54.94
CA GLY B 36 -72.58 -20.18 -55.97
C GLY B 36 -73.91 -20.49 -56.59
N GLY B 37 -74.83 -21.08 -55.85
CA GLY B 37 -76.19 -21.27 -56.31
C GLY B 37 -76.80 -22.52 -55.70
N GLU B 38 -78.10 -22.47 -55.48
CA GLU B 38 -78.82 -23.61 -54.92
C GLU B 38 -78.73 -24.82 -55.84
N MET B 39 -78.90 -24.60 -57.15
CA MET B 39 -78.70 -25.66 -58.15
C MET B 39 -77.33 -26.32 -58.05
N ARG B 40 -76.26 -25.51 -58.05
CA ARG B 40 -74.92 -26.07 -57.99
C ARG B 40 -74.75 -26.97 -56.78
N ALA B 41 -75.14 -26.47 -55.61
CA ALA B 41 -75.06 -27.24 -54.38
C ALA B 41 -75.86 -28.54 -54.45
N ARG B 42 -77.09 -28.49 -54.98
CA ARG B 42 -77.90 -29.69 -55.11
C ARG B 42 -77.26 -30.72 -56.03
N ARG B 43 -76.64 -30.27 -57.12
CA ARG B 43 -75.98 -31.23 -58.02
C ARG B 43 -74.85 -31.95 -57.30
N ARG B 44 -74.08 -31.23 -56.48
CA ARG B 44 -73.05 -31.88 -55.67
C ARG B 44 -73.61 -33.05 -54.89
N ARG B 45 -74.72 -32.81 -54.18
CA ARG B 45 -75.35 -33.86 -53.39
C ARG B 45 -75.92 -34.98 -54.26
N GLU B 46 -76.45 -34.65 -55.45
CA GLU B 46 -76.99 -35.69 -56.32
C GLU B 46 -75.89 -36.56 -56.89
N ILE B 47 -74.76 -35.95 -57.24
CA ILE B 47 -73.56 -36.68 -57.66
C ILE B 47 -73.10 -37.61 -56.55
N THR B 48 -73.07 -37.10 -55.31
CA THR B 48 -72.62 -37.91 -54.19
C THR B 48 -73.55 -39.10 -53.94
N ALA B 49 -74.86 -38.88 -54.08
CA ALA B 49 -75.81 -39.97 -53.88
C ALA B 49 -75.72 -40.99 -55.00
N LYS B 50 -75.42 -40.54 -56.23
CA LYS B 50 -75.28 -41.46 -57.35
C LYS B 50 -74.03 -42.31 -57.22
N LEU B 51 -72.90 -41.70 -56.83
CA LEU B 51 -71.67 -42.44 -56.64
C LEU B 51 -71.76 -43.46 -55.52
N ALA B 52 -72.71 -43.30 -54.59
CA ALA B 52 -72.92 -44.30 -53.56
C ALA B 52 -73.40 -45.62 -54.13
N GLU B 53 -74.05 -45.60 -55.30
CA GLU B 53 -74.57 -46.81 -55.92
C GLU B 53 -73.60 -47.45 -56.90
N ILE B 54 -72.39 -46.89 -57.05
CA ILE B 54 -71.38 -47.40 -57.97
C ILE B 54 -70.13 -47.72 -57.15
N PRO B 55 -70.04 -48.90 -56.53
CA PRO B 55 -68.88 -49.21 -55.69
C PRO B 55 -67.58 -49.37 -56.47
N GLU B 56 -67.63 -49.64 -57.77
CA GLU B 56 -66.42 -49.68 -58.60
C GLU B 56 -65.59 -48.41 -58.46
N LEU B 57 -66.25 -47.27 -58.25
CA LEU B 57 -65.58 -45.98 -58.14
C LEU B 57 -65.18 -45.62 -56.71
N HIS B 58 -65.16 -46.58 -55.79
CA HIS B 58 -64.79 -46.29 -54.41
C HIS B 58 -63.32 -46.68 -54.21
N ASP B 59 -62.69 -46.07 -53.19
CA ASP B 59 -61.34 -46.46 -52.83
C ASP B 59 -61.36 -47.97 -52.56
N SER B 60 -60.68 -48.74 -53.39
CA SER B 60 -60.66 -50.19 -53.20
C SER B 60 -60.14 -50.59 -51.82
N MET B 61 -59.12 -49.89 -51.31
CA MET B 61 -58.79 -49.94 -49.89
C MET B 61 -58.37 -48.55 -49.46
N PRO B 62 -58.33 -48.29 -48.16
CA PRO B 62 -57.87 -46.98 -47.67
C PRO B 62 -56.54 -46.58 -48.29
N LEU B 63 -56.50 -45.37 -48.84
CA LEU B 63 -55.34 -44.93 -49.61
C LEU B 63 -54.03 -44.87 -48.80
N PRO B 64 -54.02 -44.52 -47.50
CA PRO B 64 -52.73 -44.52 -46.77
C PRO B 64 -52.09 -45.89 -46.64
N TYR B 65 -52.85 -46.97 -46.84
CA TYR B 65 -52.28 -48.31 -46.84
C TYR B 65 -51.37 -48.58 -48.03
N MET B 66 -51.41 -47.76 -49.07
CA MET B 66 -50.85 -48.18 -50.35
C MET B 66 -49.45 -47.64 -50.59
N THR B 67 -48.65 -48.45 -51.28
CA THR B 67 -47.40 -47.96 -51.84
C THR B 67 -47.71 -47.01 -53.01
N ARG B 68 -46.68 -46.27 -53.43
CA ARG B 68 -46.88 -45.37 -54.56
C ARG B 68 -47.40 -46.13 -55.77
N GLU B 69 -46.79 -47.28 -56.06
CA GLU B 69 -47.23 -48.11 -57.19
C GLU B 69 -48.70 -48.52 -57.06
N GLU B 70 -49.10 -48.97 -55.87
CA GLU B 70 -50.50 -49.36 -55.67
C GLU B 70 -51.45 -48.20 -55.89
N LYS B 71 -51.08 -47.01 -55.40
CA LYS B 71 -51.97 -45.84 -55.56
C LYS B 71 -52.14 -45.47 -57.03
N ILE B 72 -51.05 -45.49 -57.80
CA ILE B 72 -51.09 -45.15 -59.22
C ILE B 72 -52.00 -46.12 -59.98
N MET B 73 -51.84 -47.43 -59.74
CA MET B 73 -52.76 -48.42 -60.27
C MET B 73 -54.21 -48.12 -59.88
N GLU B 74 -54.46 -47.92 -58.59
CA GLU B 74 -55.82 -47.60 -58.14
C GLU B 74 -56.39 -46.40 -58.85
N SER B 75 -55.57 -45.35 -59.04
CA SER B 75 -56.07 -44.13 -59.65
C SER B 75 -56.45 -44.36 -61.11
N ALA B 76 -55.62 -45.11 -61.83
CA ALA B 76 -55.94 -45.41 -63.23
C ALA B 76 -57.15 -46.32 -63.33
N ARG B 77 -57.28 -47.28 -62.41
CA ARG B 77 -58.47 -48.12 -62.35
C ARG B 77 -59.72 -47.26 -62.28
N LYS B 78 -59.77 -46.35 -61.31
CA LYS B 78 -60.94 -45.50 -61.15
C LYS B 78 -61.12 -44.56 -62.34
N LEU B 79 -60.01 -44.06 -62.89
CA LEU B 79 -60.10 -43.15 -64.02
C LEU B 79 -60.74 -43.80 -65.26
N THR B 80 -60.35 -45.03 -65.61
CA THR B 80 -60.95 -45.68 -66.78
C THR B 80 -62.45 -45.85 -66.58
N VAL B 81 -62.85 -46.36 -65.41
CA VAL B 81 -64.27 -46.48 -65.11
C VAL B 81 -64.93 -45.12 -65.13
N LEU B 82 -64.23 -44.10 -64.60
CA LEU B 82 -64.79 -42.76 -64.55
C LEU B 82 -65.10 -42.23 -65.95
N THR B 83 -64.11 -42.27 -66.85
CA THR B 83 -64.32 -41.77 -68.21
C THR B 83 -65.43 -42.52 -68.96
N GLN B 84 -65.59 -43.82 -68.71
CA GLN B 84 -66.66 -44.58 -69.37
C GLN B 84 -68.05 -44.18 -68.87
N ARG B 85 -68.23 -44.04 -67.56
CA ARG B 85 -69.55 -43.85 -66.98
C ARG B 85 -69.87 -42.38 -66.67
N MET B 86 -69.00 -41.45 -67.10
CA MET B 86 -69.12 -40.05 -66.69
C MET B 86 -70.49 -39.45 -66.97
N SER B 87 -71.03 -39.70 -68.17
CA SER B 87 -72.30 -39.09 -68.57
C SER B 87 -73.48 -39.55 -67.71
N GLU B 88 -73.39 -40.75 -67.10
CA GLU B 88 -74.47 -41.23 -66.24
C GLU B 88 -74.58 -40.42 -64.96
N ILE B 89 -73.49 -39.77 -64.56
CA ILE B 89 -73.42 -39.04 -63.32
C ILE B 89 -73.45 -37.54 -63.55
N ILE B 90 -72.89 -37.09 -64.68
CA ILE B 90 -72.37 -35.74 -64.79
C ILE B 90 -72.84 -35.15 -66.12
N ASP B 91 -72.90 -33.81 -66.17
CA ASP B 91 -72.90 -33.11 -67.44
C ASP B 91 -71.43 -32.81 -67.73
N PRO B 92 -70.80 -33.57 -68.62
CA PRO B 92 -69.36 -33.42 -68.85
C PRO B 92 -68.92 -31.99 -69.13
N THR B 93 -69.81 -31.18 -69.71
CA THR B 93 -69.48 -29.79 -70.03
C THR B 93 -69.55 -28.87 -68.82
N ASP B 94 -70.16 -29.34 -67.74
CA ASP B 94 -70.26 -28.54 -66.52
C ASP B 94 -68.97 -28.65 -65.72
N ALA B 95 -68.00 -27.81 -66.05
CA ALA B 95 -66.70 -27.82 -65.37
C ALA B 95 -66.85 -27.94 -63.86
N GLY B 96 -68.00 -27.52 -63.34
CA GLY B 96 -68.25 -27.58 -61.91
C GLY B 96 -68.55 -28.97 -61.41
N GLU B 97 -69.28 -29.75 -62.21
CA GLU B 97 -69.65 -31.11 -61.83
C GLU B 97 -68.45 -32.06 -61.92
N LEU B 98 -67.58 -31.84 -62.90
CA LEU B 98 -66.39 -32.67 -63.08
C LEU B 98 -65.42 -32.49 -61.92
N TYR B 99 -65.25 -31.25 -61.47
CA TYR B 99 -64.35 -30.98 -60.34
C TYR B 99 -64.78 -31.75 -59.10
N HIS B 100 -66.06 -31.69 -58.76
CA HIS B 100 -66.57 -32.41 -57.60
C HIS B 100 -66.49 -33.92 -57.81
N LEU B 101 -66.85 -34.40 -58.99
CA LEU B 101 -66.74 -35.82 -59.29
C LEU B 101 -65.32 -36.33 -59.05
N ASN B 102 -64.33 -35.60 -59.58
CA ASN B 102 -62.93 -35.97 -59.37
C ASN B 102 -62.55 -35.96 -57.88
N ASN B 103 -63.02 -34.96 -57.13
CA ASN B 103 -62.71 -34.91 -55.70
C ASN B 103 -63.21 -36.15 -54.97
N GLU B 104 -64.43 -36.60 -55.25
CA GLU B 104 -64.92 -37.82 -54.61
C GLU B 104 -64.15 -39.05 -55.09
N VAL B 105 -64.04 -39.22 -56.41
CA VAL B 105 -63.55 -40.48 -56.96
C VAL B 105 -62.02 -40.55 -56.91
N LEU B 106 -61.35 -39.49 -57.36
CA LEU B 106 -59.90 -39.48 -57.48
C LEU B 106 -59.17 -38.85 -56.29
N GLY B 107 -59.75 -37.86 -55.64
CA GLY B 107 -59.13 -37.29 -54.47
C GLY B 107 -58.02 -36.32 -54.81
N ILE B 108 -57.28 -35.95 -53.77
CA ILE B 108 -56.31 -34.86 -53.87
C ILE B 108 -54.89 -35.32 -54.20
N GLU B 109 -54.58 -36.61 -54.03
CA GLU B 109 -53.21 -37.08 -54.20
C GLU B 109 -52.71 -37.13 -55.64
N GLY B 110 -53.59 -36.98 -56.63
CA GLY B 110 -53.21 -36.97 -58.02
C GLY B 110 -53.94 -38.02 -58.84
N ASN B 111 -53.74 -37.90 -60.15
CA ASN B 111 -54.24 -38.91 -61.09
C ASN B 111 -53.47 -38.76 -62.40
N PRO B 112 -53.53 -39.76 -63.28
CA PRO B 112 -52.78 -39.69 -64.54
C PRO B 112 -53.18 -38.56 -65.47
N MET B 113 -54.40 -38.04 -65.38
CA MET B 113 -54.86 -36.95 -66.24
C MET B 113 -55.15 -35.67 -65.48
N ALA B 114 -54.40 -35.44 -64.40
CA ALA B 114 -54.58 -34.24 -63.59
C ALA B 114 -54.18 -33.00 -64.36
N LEU B 115 -53.05 -33.07 -65.07
CA LEU B 115 -52.57 -31.94 -65.85
C LEU B 115 -53.38 -31.78 -67.13
N HIS B 116 -53.89 -32.90 -67.64
CA HIS B 116 -54.69 -32.87 -68.86
C HIS B 116 -55.76 -31.79 -68.77
N GLY B 117 -56.47 -31.74 -67.64
CA GLY B 117 -57.48 -30.74 -67.40
C GLY B 117 -57.00 -29.38 -66.92
N VAL B 118 -56.07 -29.38 -65.96
CA VAL B 118 -55.66 -28.13 -65.33
C VAL B 118 -54.91 -27.22 -66.28
N MET B 119 -54.11 -27.77 -67.21
CA MET B 119 -53.30 -26.91 -68.06
C MET B 119 -53.27 -27.28 -69.54
N PHE B 120 -53.22 -28.57 -69.87
CA PHE B 120 -53.11 -29.00 -71.27
C PHE B 120 -54.24 -28.45 -72.12
N ILE B 121 -55.48 -28.73 -71.74
CA ILE B 121 -56.66 -28.24 -72.47
C ILE B 121 -56.70 -26.72 -72.44
N PRO B 122 -56.67 -26.05 -71.25
CA PRO B 122 -56.64 -24.57 -71.25
C PRO B 122 -55.56 -23.98 -72.15
N ALA B 123 -54.38 -24.60 -72.23
CA ALA B 123 -53.37 -24.06 -73.15
C ALA B 123 -53.85 -24.16 -74.59
N LEU B 124 -54.51 -25.28 -74.95
CA LEU B 124 -55.06 -25.42 -76.30
C LEU B 124 -56.17 -24.43 -76.56
N ASN B 125 -57.03 -24.18 -75.57
CA ASN B 125 -58.06 -23.16 -75.72
C ASN B 125 -57.44 -21.79 -75.98
N ALA B 126 -56.41 -21.43 -75.21
CA ALA B 126 -55.89 -20.07 -75.22
C ALA B 126 -54.88 -19.80 -76.33
N GLN B 127 -54.20 -20.83 -76.86
CA GLN B 127 -53.08 -20.58 -77.76
C GLN B 127 -53.12 -21.32 -79.09
N ALA B 128 -54.03 -22.26 -79.30
CA ALA B 128 -54.10 -22.98 -80.58
C ALA B 128 -55.11 -22.32 -81.51
N SER B 129 -54.80 -22.34 -82.81
CA SER B 129 -55.69 -21.76 -83.79
C SER B 129 -56.95 -22.63 -83.92
N ASP B 130 -57.95 -22.10 -84.64
CA ASP B 130 -59.15 -22.88 -84.91
C ASP B 130 -58.85 -24.22 -85.59
N GLU B 131 -57.99 -24.22 -86.63
CA GLU B 131 -57.64 -25.49 -87.27
C GLU B 131 -56.97 -26.45 -86.29
N GLN B 132 -56.05 -25.94 -85.46
CA GLN B 132 -55.31 -26.83 -84.56
C GLN B 132 -56.20 -27.39 -83.45
N GLN B 133 -57.10 -26.56 -82.90
CA GLN B 133 -58.10 -27.05 -81.95
C GLN B 133 -58.88 -28.22 -82.54
N ALA B 134 -59.24 -28.13 -83.82
CA ALA B 134 -59.95 -29.22 -84.49
C ALA B 134 -59.11 -30.51 -84.52
N LYS B 135 -57.80 -30.39 -84.75
CA LYS B 135 -56.94 -31.57 -84.76
C LYS B 135 -56.71 -32.13 -83.36
N TRP B 136 -56.37 -31.26 -82.40
CA TRP B 136 -55.88 -31.72 -81.09
C TRP B 136 -56.86 -31.53 -79.93
N LEU B 137 -57.59 -30.42 -79.86
CA LEU B 137 -58.46 -30.18 -78.72
C LEU B 137 -59.58 -31.21 -78.62
N ILE B 138 -60.14 -31.64 -79.77
CA ILE B 138 -61.21 -32.63 -79.73
C ILE B 138 -60.68 -33.96 -79.22
N ARG B 139 -59.53 -34.40 -79.75
CA ARG B 139 -58.92 -35.64 -79.27
C ARG B 139 -58.63 -35.57 -77.78
N ALA B 140 -58.24 -34.40 -77.28
CA ALA B 140 -57.99 -34.24 -75.85
C ALA B 140 -59.27 -34.35 -75.03
N LEU B 141 -60.33 -33.63 -75.44
CA LEU B 141 -61.59 -33.70 -74.72
C LEU B 141 -62.17 -35.11 -74.72
N ARG B 142 -62.06 -35.84 -75.83
CA ARG B 142 -62.53 -37.21 -75.88
C ARG B 142 -61.62 -38.19 -75.14
N ARG B 143 -60.48 -37.73 -74.62
CA ARG B 143 -59.53 -38.53 -73.87
C ARG B 143 -58.92 -39.62 -74.74
N GLU B 144 -58.77 -39.30 -76.03
CA GLU B 144 -58.05 -40.14 -76.98
C GLU B 144 -56.55 -40.08 -76.74
N ILE B 145 -56.07 -38.97 -76.17
CA ILE B 145 -54.68 -38.76 -75.84
C ILE B 145 -54.60 -38.26 -74.40
N ILE B 146 -53.41 -38.34 -73.83
CA ILE B 146 -53.15 -37.80 -72.50
C ILE B 146 -52.03 -36.76 -72.64
N GLY B 147 -52.24 -35.58 -72.05
CA GLY B 147 -51.42 -34.44 -72.33
C GLY B 147 -51.01 -33.72 -71.05
N THR B 148 -50.00 -32.86 -71.19
CA THR B 148 -49.58 -31.99 -70.10
C THR B 148 -48.93 -30.74 -70.68
N TYR B 149 -48.53 -29.84 -69.77
CA TYR B 149 -47.98 -28.53 -70.11
C TYR B 149 -46.55 -28.49 -69.57
N ALA B 150 -45.57 -28.43 -70.47
CA ALA B 150 -44.16 -28.55 -70.13
C ALA B 150 -43.45 -27.20 -70.28
N GLN B 151 -43.40 -26.45 -69.19
CA GLN B 151 -42.72 -25.16 -69.14
C GLN B 151 -41.42 -25.22 -68.37
N THR B 152 -41.49 -25.58 -67.08
CA THR B 152 -40.31 -25.59 -66.20
C THR B 152 -39.24 -26.55 -66.71
N GLU B 153 -37.99 -26.16 -66.48
CA GLU B 153 -36.83 -26.98 -66.74
C GLU B 153 -36.05 -27.16 -65.44
N MET B 154 -35.08 -28.08 -65.46
CA MET B 154 -34.33 -28.38 -64.24
C MET B 154 -33.67 -27.12 -63.71
N GLY B 155 -33.18 -26.27 -64.59
CA GLY B 155 -32.46 -25.07 -64.22
C GLY B 155 -33.24 -23.78 -64.26
N HIS B 156 -34.51 -23.79 -64.70
CA HIS B 156 -35.31 -22.57 -64.69
C HIS B 156 -36.78 -22.91 -64.53
N GLY B 157 -37.44 -22.22 -63.61
CA GLY B 157 -38.87 -22.26 -63.46
C GLY B 157 -39.48 -20.87 -63.36
N THR B 158 -38.90 -20.06 -62.47
CA THR B 158 -39.31 -18.67 -62.33
C THR B 158 -38.95 -17.82 -63.55
N ASN B 159 -37.71 -17.90 -64.05
CA ASN B 159 -37.28 -16.85 -64.98
C ASN B 159 -37.91 -16.88 -66.36
N LEU B 160 -37.65 -17.93 -67.15
CA LEU B 160 -38.25 -18.16 -68.47
C LEU B 160 -37.55 -17.39 -69.60
N GLN B 161 -37.18 -16.13 -69.40
CA GLN B 161 -36.31 -15.48 -70.38
C GLN B 161 -34.97 -16.18 -70.53
N ASN B 162 -34.63 -17.08 -69.60
CA ASN B 162 -33.39 -17.84 -69.67
C ASN B 162 -33.66 -19.35 -69.70
N LEU B 163 -34.78 -19.75 -70.29
CA LEU B 163 -34.94 -21.16 -70.62
C LEU B 163 -33.89 -21.60 -71.63
N GLU B 164 -33.59 -22.90 -71.62
CA GLU B 164 -32.49 -23.42 -72.41
C GLU B 164 -32.92 -24.33 -73.56
N THR B 165 -34.11 -24.94 -73.50
CA THR B 165 -34.60 -25.75 -74.61
C THR B 165 -34.85 -24.87 -75.83
N THR B 166 -34.38 -25.32 -76.99
CA THR B 166 -34.47 -24.56 -78.23
C THR B 166 -35.35 -25.23 -79.26
N ALA B 167 -36.08 -24.43 -80.04
CA ALA B 167 -36.84 -24.88 -81.21
C ALA B 167 -36.35 -24.06 -82.40
N THR B 168 -35.47 -24.66 -83.21
CA THR B 168 -34.84 -24.01 -84.35
C THR B 168 -35.59 -24.37 -85.63
N TYR B 169 -35.99 -23.35 -86.39
CA TYR B 169 -36.81 -23.56 -87.58
C TYR B 169 -35.93 -23.92 -88.78
N ASP B 170 -36.14 -25.11 -89.34
CA ASP B 170 -35.53 -25.53 -90.59
C ASP B 170 -36.43 -25.02 -91.71
N ILE B 171 -35.89 -24.18 -92.60
CA ILE B 171 -36.76 -23.55 -93.60
C ILE B 171 -37.09 -24.53 -94.70
N GLY B 172 -36.09 -25.24 -95.20
CA GLY B 172 -36.37 -26.46 -95.91
C GLY B 172 -36.87 -27.50 -94.94
N THR B 173 -37.58 -28.50 -95.47
CA THR B 173 -38.29 -29.50 -94.66
C THR B 173 -39.48 -28.90 -93.89
N GLN B 174 -39.38 -27.64 -93.45
CA GLN B 174 -40.50 -26.92 -92.83
C GLN B 174 -40.86 -27.50 -91.46
N GLU B 175 -39.85 -27.82 -90.66
CA GLU B 175 -40.00 -28.40 -89.35
C GLU B 175 -39.38 -27.49 -88.29
N PHE B 176 -39.78 -27.69 -87.03
CA PHE B 176 -39.05 -27.14 -85.89
C PHE B 176 -38.21 -28.25 -85.28
N VAL B 177 -36.93 -27.95 -85.02
CA VAL B 177 -35.99 -28.88 -84.41
C VAL B 177 -35.84 -28.55 -82.93
N LEU B 178 -36.40 -29.41 -82.08
CA LEU B 178 -36.27 -29.27 -80.63
C LEU B 178 -34.97 -29.92 -80.16
N HIS B 179 -34.25 -29.23 -79.28
CA HIS B 179 -33.00 -29.76 -78.75
C HIS B 179 -32.81 -29.31 -77.31
N THR B 180 -32.24 -30.21 -76.51
CA THR B 180 -31.98 -30.03 -75.09
C THR B 180 -30.47 -29.98 -74.87
N PRO B 181 -29.85 -28.80 -74.87
CA PRO B 181 -28.37 -28.74 -75.01
C PRO B 181 -27.60 -29.24 -73.78
N LYS B 182 -28.18 -29.24 -72.59
CA LYS B 182 -27.49 -29.67 -71.36
C LYS B 182 -28.52 -30.30 -70.45
N ILE B 183 -28.05 -30.92 -69.35
CA ILE B 183 -28.98 -31.55 -68.40
C ILE B 183 -29.90 -30.50 -67.79
N THR B 184 -29.37 -29.32 -67.47
CA THR B 184 -30.18 -28.27 -66.86
C THR B 184 -31.28 -27.75 -67.79
N ALA B 185 -31.22 -28.07 -69.08
CA ALA B 185 -32.27 -27.68 -70.01
C ALA B 185 -33.42 -28.68 -70.09
N LEU B 186 -33.26 -29.86 -69.50
CA LEU B 186 -34.35 -30.83 -69.39
C LEU B 186 -35.62 -30.19 -68.83
N LYS B 187 -36.73 -30.38 -69.53
CA LYS B 187 -38.02 -30.09 -68.92
C LYS B 187 -38.15 -30.92 -67.65
N TRP B 188 -38.73 -30.32 -66.63
CA TRP B 188 -38.63 -30.89 -65.29
C TRP B 188 -39.71 -30.26 -64.44
N TRP B 189 -40.56 -31.12 -63.86
CA TRP B 189 -41.76 -30.89 -63.04
C TRP B 189 -43.10 -30.93 -63.76
N PRO B 190 -43.23 -30.87 -65.09
CA PRO B 190 -44.58 -30.97 -65.69
C PRO B 190 -45.29 -32.20 -65.18
N GLY B 191 -46.50 -32.02 -64.65
CA GLY B 191 -47.21 -33.14 -64.08
C GLY B 191 -47.67 -34.10 -65.15
N ASN B 192 -47.64 -35.40 -64.82
CA ASN B 192 -48.09 -36.48 -65.71
C ASN B 192 -47.21 -36.61 -66.95
N LEU B 193 -46.01 -36.03 -66.91
CA LEU B 193 -45.09 -36.05 -68.03
C LEU B 193 -44.22 -37.31 -68.03
N GLY B 194 -43.95 -37.85 -66.84
CA GLY B 194 -42.97 -38.91 -66.75
C GLY B 194 -43.43 -40.22 -67.38
N LYS B 195 -44.68 -40.60 -67.11
CA LYS B 195 -45.13 -41.93 -67.52
C LYS B 195 -46.46 -41.93 -68.25
N SER B 196 -47.33 -40.94 -68.01
CA SER B 196 -48.72 -41.05 -68.44
C SER B 196 -48.99 -40.37 -69.78
N SER B 197 -48.53 -39.13 -69.96
CA SER B 197 -48.79 -38.37 -71.18
C SER B 197 -48.06 -38.97 -72.38
N ASN B 198 -48.75 -38.96 -73.54
CA ASN B 198 -48.09 -39.22 -74.81
C ASN B 198 -47.96 -37.98 -75.69
N TYR B 199 -48.57 -36.85 -75.29
CA TYR B 199 -48.35 -35.56 -75.93
C TYR B 199 -48.07 -34.50 -74.87
N ALA B 200 -47.44 -33.40 -75.29
CA ALA B 200 -47.30 -32.25 -74.40
C ALA B 200 -47.25 -30.95 -75.20
N VAL B 201 -47.80 -29.89 -74.61
CA VAL B 201 -47.45 -28.52 -74.98
C VAL B 201 -46.13 -28.16 -74.32
N VAL B 202 -45.21 -27.58 -75.09
CA VAL B 202 -43.84 -27.42 -74.63
C VAL B 202 -43.33 -26.02 -74.90
N VAL B 203 -42.92 -25.32 -73.85
CA VAL B 203 -42.38 -23.97 -73.96
C VAL B 203 -40.90 -24.06 -74.32
N ALA B 204 -40.49 -23.36 -75.37
CA ALA B 204 -39.11 -23.39 -75.81
C ALA B 204 -38.78 -22.06 -76.50
N HIS B 205 -37.50 -21.70 -76.44
CA HIS B 205 -37.04 -20.50 -77.16
C HIS B 205 -36.96 -20.81 -78.65
N MET B 206 -37.65 -19.98 -79.46
CA MET B 206 -37.77 -20.22 -80.89
C MET B 206 -36.69 -19.47 -81.65
N TYR B 207 -35.92 -20.21 -82.46
CA TYR B 207 -34.84 -19.66 -83.27
C TYR B 207 -35.17 -19.72 -84.75
N ILE B 208 -35.03 -18.58 -85.44
CA ILE B 208 -35.15 -18.52 -86.89
C ILE B 208 -34.09 -17.56 -87.42
N LYS B 209 -33.32 -18.01 -88.41
CA LYS B 209 -32.22 -17.22 -89.00
C LYS B 209 -31.24 -16.74 -87.94
N GLY B 210 -30.99 -17.57 -86.93
CA GLY B 210 -30.09 -17.24 -85.85
C GLY B 210 -30.69 -16.37 -84.77
N LYS B 211 -31.84 -15.74 -85.04
CA LYS B 211 -32.45 -14.82 -84.10
C LYS B 211 -33.34 -15.57 -83.10
N ASN B 212 -33.27 -15.14 -81.83
CA ASN B 212 -34.04 -15.74 -80.75
C ASN B 212 -35.31 -14.92 -80.52
N PHE B 213 -36.47 -15.53 -80.79
CA PHE B 213 -37.75 -14.87 -80.61
C PHE B 213 -38.36 -15.08 -79.22
N GLY B 214 -37.68 -15.81 -78.34
CA GLY B 214 -38.16 -15.99 -76.99
C GLY B 214 -39.09 -17.17 -76.83
N PRO B 215 -39.65 -17.32 -75.63
CA PRO B 215 -40.47 -18.52 -75.33
C PRO B 215 -41.72 -18.60 -76.18
N HIS B 216 -41.97 -19.79 -76.73
CA HIS B 216 -43.13 -20.09 -77.56
C HIS B 216 -43.55 -21.54 -77.28
N THR B 217 -44.84 -21.84 -77.52
CA THR B 217 -45.40 -23.13 -77.17
C THR B 217 -45.67 -23.98 -78.40
N PHE B 218 -45.46 -25.29 -78.24
CA PHE B 218 -45.49 -26.25 -79.34
C PHE B 218 -46.25 -27.49 -78.90
N MET B 219 -47.02 -28.08 -79.80
CA MET B 219 -47.56 -29.42 -79.60
C MET B 219 -46.48 -30.43 -79.98
N VAL B 220 -46.18 -31.35 -79.07
CA VAL B 220 -45.07 -32.29 -79.24
C VAL B 220 -45.53 -33.70 -78.93
N PRO B 221 -45.55 -34.61 -79.90
CA PRO B 221 -45.81 -36.02 -79.59
C PRO B 221 -44.60 -36.62 -78.88
N LEU B 222 -44.87 -37.33 -77.79
CA LEU B 222 -43.82 -37.85 -76.91
C LEU B 222 -43.69 -39.36 -76.96
N ARG B 223 -44.81 -40.08 -76.99
CA ARG B 223 -44.78 -41.53 -77.00
C ARG B 223 -45.66 -42.06 -78.12
N ASP B 224 -45.26 -43.22 -78.66
CA ASP B 224 -46.03 -43.90 -79.69
C ASP B 224 -47.46 -44.15 -79.21
N GLU B 225 -48.43 -43.83 -80.07
CA GLU B 225 -49.83 -43.97 -79.65
C GLU B 225 -50.25 -45.42 -79.45
N LYS B 226 -49.47 -46.38 -79.93
CA LYS B 226 -49.87 -47.79 -79.86
C LYS B 226 -49.06 -48.59 -78.85
N THR B 227 -47.73 -48.47 -78.85
CA THR B 227 -46.92 -49.18 -77.87
C THR B 227 -46.60 -48.35 -76.63
N HIS B 228 -46.74 -47.03 -76.69
CA HIS B 228 -46.41 -46.06 -75.63
C HIS B 228 -44.91 -45.95 -75.36
N LYS B 229 -44.06 -46.45 -76.26
CA LYS B 229 -42.64 -46.25 -76.10
C LYS B 229 -42.27 -44.81 -76.45
N PRO B 230 -41.18 -44.28 -75.89
CA PRO B 230 -40.71 -42.95 -76.30
C PRO B 230 -40.32 -42.93 -77.77
N LEU B 231 -40.86 -41.96 -78.49
CA LEU B 231 -40.51 -41.78 -79.88
C LEU B 231 -39.02 -41.48 -80.00
N PRO B 232 -38.43 -41.72 -81.18
CA PRO B 232 -36.98 -41.52 -81.33
C PRO B 232 -36.55 -40.09 -81.08
N GLY B 233 -35.47 -39.93 -80.31
CA GLY B 233 -34.99 -38.63 -79.88
C GLY B 233 -35.51 -38.15 -78.54
N ILE B 234 -36.37 -38.92 -77.87
CA ILE B 234 -37.01 -38.50 -76.63
C ILE B 234 -36.37 -39.21 -75.44
N THR B 235 -35.98 -38.43 -74.42
CA THR B 235 -35.60 -38.95 -73.11
C THR B 235 -36.68 -38.51 -72.12
N ILE B 236 -37.24 -39.45 -71.36
CA ILE B 236 -38.44 -39.16 -70.58
C ILE B 236 -38.55 -40.10 -69.38
N GLY B 237 -38.91 -39.54 -68.22
CA GLY B 237 -39.16 -40.38 -67.06
C GLY B 237 -39.72 -39.58 -65.90
N ASP B 238 -39.99 -40.31 -64.81
CA ASP B 238 -40.47 -39.70 -63.57
C ASP B 238 -39.32 -38.98 -62.87
N ILE B 239 -39.66 -37.96 -62.07
CA ILE B 239 -38.64 -37.26 -61.30
C ILE B 239 -38.48 -37.79 -59.87
N GLY B 240 -39.20 -38.85 -59.51
CA GLY B 240 -39.02 -39.49 -58.22
C GLY B 240 -40.10 -39.12 -57.24
N PRO B 241 -40.08 -39.72 -56.05
CA PRO B 241 -41.12 -39.40 -55.05
C PRO B 241 -40.94 -38.00 -54.49
N LYS B 242 -41.99 -37.57 -53.81
CA LYS B 242 -42.15 -36.17 -53.44
C LYS B 242 -42.74 -36.08 -52.04
N MET B 243 -42.79 -34.84 -51.54
CA MET B 243 -43.40 -34.55 -50.25
C MET B 243 -44.81 -35.11 -50.18
N ALA B 244 -45.58 -34.92 -51.23
CA ALA B 244 -46.94 -35.42 -51.33
C ALA B 244 -47.32 -35.39 -52.80
N TYR B 245 -48.59 -35.64 -53.09
CA TYR B 245 -49.10 -35.57 -54.45
C TYR B 245 -48.42 -36.60 -55.35
N ASN B 246 -48.20 -37.79 -54.79
CA ASN B 246 -47.35 -38.80 -55.41
C ASN B 246 -48.07 -39.64 -56.48
N ILE B 247 -49.37 -39.45 -56.68
CA ILE B 247 -50.04 -40.20 -57.74
C ILE B 247 -49.73 -39.57 -59.10
N VAL B 248 -49.50 -38.25 -59.13
CA VAL B 248 -49.04 -37.58 -60.35
C VAL B 248 -47.59 -37.95 -60.64
N ASP B 249 -47.33 -38.39 -61.87
CA ASP B 249 -45.98 -38.74 -62.31
C ASP B 249 -45.29 -37.53 -62.92
N ASN B 250 -44.84 -36.63 -62.06
CA ASN B 250 -44.11 -35.46 -62.53
C ASN B 250 -42.84 -35.95 -63.23
N GLY B 251 -42.49 -35.33 -64.35
CA GLY B 251 -41.54 -35.90 -65.27
C GLY B 251 -40.43 -34.97 -65.70
N PHE B 252 -39.39 -35.59 -66.27
CA PHE B 252 -38.36 -34.90 -67.04
C PHE B 252 -38.51 -35.26 -68.52
N LEU B 253 -38.02 -34.36 -69.38
CA LEU B 253 -38.14 -34.54 -70.84
C LEU B 253 -36.96 -33.89 -71.56
N GLY B 254 -36.31 -34.65 -72.42
CA GLY B 254 -35.17 -34.16 -73.19
C GLY B 254 -35.26 -34.54 -74.64
N PHE B 255 -34.73 -33.66 -75.50
CA PHE B 255 -34.79 -33.80 -76.94
C PHE B 255 -33.38 -33.88 -77.54
N ASN B 256 -33.17 -34.86 -78.42
CA ASN B 256 -31.98 -34.91 -79.28
C ASN B 256 -32.39 -34.60 -80.72
N ASN B 257 -32.46 -33.32 -81.04
CA ASN B 257 -32.78 -32.85 -82.41
C ASN B 257 -34.07 -33.49 -82.91
N TYR B 258 -35.12 -33.31 -82.10
CA TYR B 258 -36.40 -33.95 -82.34
C TYR B 258 -37.25 -33.02 -83.21
N ARG B 259 -37.66 -33.50 -84.38
CA ARG B 259 -38.31 -32.68 -85.39
C ARG B 259 -39.82 -32.78 -85.31
N ILE B 260 -40.49 -31.63 -85.38
CA ILE B 260 -41.94 -31.56 -85.44
C ILE B 260 -42.32 -30.66 -86.61
N PRO B 261 -43.52 -30.85 -87.17
CA PRO B 261 -44.00 -29.92 -88.21
C PRO B 261 -44.07 -28.47 -87.75
N ARG B 262 -43.95 -27.57 -88.75
CA ARG B 262 -44.14 -26.14 -88.54
C ARG B 262 -45.48 -25.87 -87.86
N THR B 263 -46.53 -26.59 -88.28
CA THR B 263 -47.87 -26.39 -87.76
C THR B 263 -48.04 -26.89 -86.33
N ASN B 264 -47.00 -27.45 -85.73
CA ASN B 264 -47.07 -27.78 -84.31
C ASN B 264 -46.87 -26.57 -83.42
N LEU B 265 -46.27 -25.49 -83.92
CA LEU B 265 -46.31 -24.22 -83.22
C LEU B 265 -47.75 -23.76 -83.07
N LEU B 266 -48.10 -23.29 -81.88
CA LEU B 266 -49.47 -22.89 -81.59
C LEU B 266 -49.70 -21.44 -82.03
N MET B 267 -50.62 -21.25 -82.98
CA MET B 267 -50.66 -20.05 -83.81
C MET B 267 -51.97 -19.26 -83.72
N ARG B 268 -52.68 -19.30 -82.60
CA ARG B 268 -53.82 -18.40 -82.47
C ARG B 268 -53.34 -16.96 -82.32
N HIS B 269 -52.20 -16.79 -81.64
CA HIS B 269 -51.51 -15.52 -81.44
C HIS B 269 -50.06 -15.84 -81.78
N THR B 270 -49.55 -15.26 -82.87
CA THR B 270 -48.21 -15.48 -83.45
C THR B 270 -48.31 -16.45 -84.62
N LYS B 271 -47.59 -16.14 -85.69
CA LYS B 271 -47.56 -16.99 -86.87
C LYS B 271 -46.11 -17.12 -87.33
N VAL B 272 -45.76 -18.29 -87.85
CA VAL B 272 -44.52 -18.45 -88.60
C VAL B 272 -44.90 -19.05 -89.94
N GLU B 273 -44.74 -18.27 -91.00
CA GLU B 273 -45.05 -18.74 -92.35
C GLU B 273 -43.95 -19.68 -92.84
N ALA B 274 -44.23 -20.37 -93.95
CA ALA B 274 -43.36 -21.44 -94.40
C ALA B 274 -41.97 -20.95 -94.77
N ASP B 275 -41.84 -19.72 -95.27
CA ASP B 275 -40.52 -19.21 -95.62
C ASP B 275 -39.69 -18.83 -94.40
N GLY B 276 -40.32 -18.57 -93.25
CA GLY B 276 -39.59 -18.15 -92.07
C GLY B 276 -40.12 -16.88 -91.43
N THR B 277 -41.06 -16.24 -92.11
CA THR B 277 -41.57 -14.93 -91.68
C THR B 277 -42.28 -15.01 -90.33
N TYR B 278 -42.05 -14.00 -89.50
CA TYR B 278 -42.61 -13.91 -88.15
C TYR B 278 -43.63 -12.78 -88.07
N ILE B 279 -44.81 -13.07 -87.52
CA ILE B 279 -45.82 -12.05 -87.25
C ILE B 279 -46.13 -12.05 -85.76
N LYS B 280 -45.92 -10.89 -85.11
CA LYS B 280 -46.08 -10.59 -83.70
C LYS B 280 -47.57 -10.36 -83.37
N PRO B 281 -48.00 -10.71 -82.16
CA PRO B 281 -49.41 -10.49 -81.76
C PRO B 281 -49.65 -9.14 -81.12
N PRO B 282 -50.93 -8.78 -80.85
CA PRO B 282 -51.26 -7.61 -80.04
C PRO B 282 -51.59 -7.98 -78.58
N ALA B 290 -49.91 -17.79 -69.25
CA ALA B 290 -51.14 -18.02 -68.52
C ALA B 290 -51.36 -19.52 -68.33
N MET B 291 -51.35 -20.08 -67.10
CA MET B 291 -50.75 -19.60 -65.82
C MET B 291 -51.59 -18.60 -64.99
N VAL B 292 -52.25 -17.65 -65.64
CA VAL B 292 -53.22 -16.83 -64.90
C VAL B 292 -54.49 -17.62 -64.64
N HIS B 293 -54.79 -18.59 -65.52
CA HIS B 293 -55.92 -19.47 -65.31
C HIS B 293 -55.72 -20.27 -64.02
N VAL B 294 -54.52 -20.85 -63.86
CA VAL B 294 -54.23 -21.69 -62.70
C VAL B 294 -54.39 -20.91 -61.40
N ARG B 295 -53.81 -19.72 -61.35
CA ARG B 295 -53.89 -18.92 -60.12
C ARG B 295 -55.32 -18.54 -59.79
N SER B 296 -56.14 -18.23 -60.80
CA SER B 296 -57.50 -17.81 -60.52
C SER B 296 -58.34 -18.95 -59.96
N TYR B 297 -58.18 -20.15 -60.52
CA TYR B 297 -59.03 -21.27 -60.16
C TYR B 297 -58.48 -22.10 -58.99
N MET B 298 -57.20 -21.96 -58.65
CA MET B 298 -56.64 -22.73 -57.55
C MET B 298 -57.08 -22.23 -56.18
N LEU B 299 -57.68 -21.04 -56.09
CA LEU B 299 -58.07 -20.50 -54.80
C LEU B 299 -59.17 -21.32 -54.14
N THR B 300 -60.18 -21.78 -54.92
CA THR B 300 -61.17 -22.69 -54.36
C THR B 300 -60.52 -23.97 -53.86
N GLY B 301 -59.56 -24.50 -54.62
CA GLY B 301 -58.88 -25.70 -54.20
C GLY B 301 -58.31 -25.58 -52.81
N GLN B 302 -57.79 -24.40 -52.47
CA GLN B 302 -57.16 -24.21 -51.17
C GLN B 302 -58.21 -24.03 -50.08
N ALA B 303 -59.20 -23.15 -50.32
CA ALA B 303 -60.36 -23.05 -49.46
C ALA B 303 -60.94 -24.43 -49.14
N ILE B 304 -61.17 -25.23 -50.17
CA ILE B 304 -61.75 -26.57 -49.99
C ILE B 304 -60.82 -27.45 -49.13
N MET B 305 -59.53 -27.50 -49.48
CA MET B 305 -58.59 -28.30 -48.68
C MET B 305 -58.48 -27.80 -47.25
N LEU B 306 -58.51 -26.48 -47.05
CA LEU B 306 -58.60 -25.96 -45.68
C LEU B 306 -59.87 -26.44 -45.00
N SER B 307 -61.00 -26.42 -45.72
CA SER B 307 -62.26 -26.88 -45.14
C SER B 307 -62.25 -28.39 -44.86
N TYR B 308 -61.57 -29.18 -45.71
CA TYR B 308 -61.39 -30.59 -45.38
C TYR B 308 -60.79 -30.72 -43.99
N ALA B 309 -59.63 -30.10 -43.79
CA ALA B 309 -58.90 -30.18 -42.52
C ALA B 309 -59.72 -29.66 -41.35
N LEU B 310 -60.50 -28.59 -41.54
CA LEU B 310 -61.29 -28.06 -40.42
C LEU B 310 -62.50 -28.93 -40.12
N ASN B 311 -63.14 -29.49 -41.16
CA ASN B 311 -64.21 -30.44 -40.93
C ASN B 311 -63.74 -31.54 -39.98
N ILE B 312 -62.54 -32.06 -40.24
CA ILE B 312 -61.98 -33.15 -39.44
C ILE B 312 -61.67 -32.67 -38.03
N ALA B 313 -60.85 -31.63 -37.91
CA ALA B 313 -60.41 -31.15 -36.60
C ALA B 313 -61.56 -30.70 -35.73
N THR B 314 -62.62 -30.12 -36.33
CA THR B 314 -63.72 -29.63 -35.51
C THR B 314 -64.67 -30.75 -35.12
N ARG B 315 -65.04 -31.61 -36.08
CA ARG B 315 -65.75 -32.83 -35.74
C ARG B 315 -65.06 -33.62 -34.63
N TYR B 316 -63.78 -33.95 -34.82
CA TYR B 316 -63.02 -34.64 -33.77
C TYR B 316 -63.02 -33.86 -32.45
N SER B 317 -63.06 -32.54 -32.50
CA SER B 317 -63.03 -31.78 -31.26
C SER B 317 -64.34 -31.96 -30.48
N ALA B 318 -65.42 -32.27 -31.19
CA ALA B 318 -66.70 -32.49 -30.53
C ALA B 318 -66.77 -33.86 -29.86
N VAL B 319 -66.13 -34.87 -30.44
CA VAL B 319 -66.16 -36.21 -29.84
C VAL B 319 -64.99 -36.41 -28.86
N ARG B 320 -63.83 -35.77 -29.06
CA ARG B 320 -62.70 -35.90 -28.14
C ARG B 320 -62.97 -35.16 -26.83
N ARG B 321 -63.06 -35.90 -25.73
CA ARG B 321 -63.10 -35.34 -24.38
C ARG B 321 -61.72 -35.48 -23.75
N GLN B 322 -61.32 -34.47 -22.97
CA GLN B 322 -59.99 -34.45 -22.37
C GLN B 322 -59.85 -33.36 -21.32
N GLY B 323 -59.79 -33.74 -20.04
CA GLY B 323 -59.61 -32.81 -18.95
C GLY B 323 -60.92 -32.25 -18.41
N GLN B 324 -60.82 -31.67 -17.23
CA GLN B 324 -61.95 -31.04 -16.56
C GLN B 324 -61.76 -29.52 -16.51
N ILE B 325 -62.87 -28.81 -16.66
CA ILE B 325 -62.92 -27.39 -16.34
C ILE B 325 -63.44 -27.31 -14.90
N ASP B 326 -64.75 -27.45 -14.71
CA ASP B 326 -65.28 -27.58 -13.36
C ASP B 326 -64.91 -28.95 -12.81
N LYS B 327 -64.36 -29.00 -11.58
CA LYS B 327 -63.88 -30.26 -11.01
C LYS B 327 -64.99 -31.25 -10.68
N ASN B 328 -66.23 -30.79 -10.53
CA ASN B 328 -67.37 -31.68 -10.28
C ASN B 328 -68.12 -32.06 -11.56
N GLU B 329 -67.72 -31.56 -12.71
CA GLU B 329 -68.34 -31.99 -13.95
C GLU B 329 -67.40 -32.94 -14.68
N PRO B 330 -67.92 -33.78 -15.58
CA PRO B 330 -67.08 -34.75 -16.26
C PRO B 330 -66.10 -34.05 -17.20
N GLU B 331 -65.18 -34.84 -17.76
CA GLU B 331 -64.27 -34.34 -18.78
C GLU B 331 -65.03 -33.64 -19.90
N VAL B 332 -64.52 -32.48 -20.31
CA VAL B 332 -65.17 -31.67 -21.33
C VAL B 332 -64.69 -32.06 -22.72
N LYS B 333 -65.56 -31.83 -23.70
CA LYS B 333 -65.15 -31.76 -25.10
C LYS B 333 -63.98 -30.79 -25.23
N VAL B 334 -62.92 -31.20 -25.93
CA VAL B 334 -61.83 -30.24 -26.13
C VAL B 334 -62.32 -29.01 -26.90
N LEU B 335 -63.42 -29.12 -27.65
CA LEU B 335 -64.03 -27.96 -28.28
C LEU B 335 -64.40 -26.87 -27.28
N GLU B 336 -64.32 -27.18 -25.98
CA GLU B 336 -64.74 -26.28 -24.92
C GLU B 336 -63.68 -25.26 -24.59
N TYR B 337 -62.42 -25.56 -24.86
CA TYR B 337 -61.33 -24.71 -24.40
C TYR B 337 -61.18 -23.54 -25.36
N GLN B 338 -61.05 -22.33 -24.81
CA GLN B 338 -60.90 -21.14 -25.64
C GLN B 338 -59.71 -21.30 -26.57
N THR B 339 -58.68 -21.98 -26.07
CA THR B 339 -57.46 -22.25 -26.83
C THR B 339 -57.75 -23.10 -28.05
N GLN B 340 -58.72 -24.02 -27.97
CA GLN B 340 -59.08 -24.88 -29.10
C GLN B 340 -59.96 -24.13 -30.09
N GLN B 341 -60.98 -23.44 -29.60
CA GLN B 341 -61.82 -22.61 -30.46
C GLN B 341 -60.98 -21.58 -31.20
N HIS B 342 -60.00 -20.99 -30.50
CA HIS B 342 -59.12 -19.99 -31.08
C HIS B 342 -58.20 -20.57 -32.15
N ARG B 343 -57.81 -21.83 -32.04
CA ARG B 343 -56.95 -22.45 -33.05
C ARG B 343 -57.70 -23.06 -34.24
N LEU B 344 -59.03 -23.07 -34.21
CA LEU B 344 -59.84 -23.56 -35.33
C LEU B 344 -60.67 -22.46 -35.99
N PHE B 345 -61.51 -21.77 -35.21
CA PHE B 345 -62.56 -20.94 -35.78
C PHE B 345 -62.04 -19.83 -36.69
N PRO B 346 -60.92 -19.15 -36.40
CA PRO B 346 -60.45 -18.10 -37.32
C PRO B 346 -60.18 -18.65 -38.70
N PHE B 347 -59.81 -19.93 -38.79
CA PHE B 347 -59.57 -20.57 -40.07
C PHE B 347 -60.87 -20.95 -40.77
N ILE B 348 -61.94 -21.22 -40.02
CA ILE B 348 -63.24 -21.40 -40.68
C ILE B 348 -63.62 -20.11 -41.38
N ALA B 349 -63.44 -18.99 -40.68
CA ALA B 349 -63.64 -17.68 -41.28
C ALA B 349 -62.79 -17.53 -42.53
N ARG B 350 -61.51 -17.93 -42.46
CA ARG B 350 -60.62 -17.79 -43.61
C ARG B 350 -61.08 -18.64 -44.78
N ALA B 351 -61.62 -19.84 -44.51
CA ALA B 351 -62.01 -20.74 -45.59
C ALA B 351 -63.21 -20.17 -46.36
N TYR B 352 -64.17 -19.59 -45.65
CA TYR B 352 -65.26 -18.88 -46.32
C TYR B 352 -64.73 -17.68 -47.08
N ALA B 353 -63.87 -16.89 -46.43
CA ALA B 353 -63.31 -15.71 -47.06
C ALA B 353 -62.55 -16.05 -48.34
N PHE B 354 -61.76 -17.13 -48.32
CA PHE B 354 -61.01 -17.53 -49.52
C PHE B 354 -61.95 -17.93 -50.65
N GLN B 355 -63.01 -18.68 -50.32
CA GLN B 355 -64.03 -19.06 -51.29
C GLN B 355 -64.68 -17.83 -51.94
N PHE B 356 -65.15 -16.89 -51.11
CA PHE B 356 -65.80 -15.70 -51.65
C PHE B 356 -64.82 -14.86 -52.46
N ALA B 357 -63.57 -14.77 -51.99
CA ALA B 357 -62.56 -14.05 -52.76
C ALA B 357 -62.29 -14.75 -54.08
N GLY B 358 -62.29 -16.08 -54.07
CA GLY B 358 -62.08 -16.82 -55.30
C GLY B 358 -63.20 -16.65 -56.31
N ALA B 359 -64.45 -16.57 -55.84
CA ALA B 359 -65.57 -16.31 -56.74
C ALA B 359 -65.41 -14.98 -57.46
N GLU B 360 -65.03 -13.93 -56.73
CA GLU B 360 -64.84 -12.63 -57.37
C GLU B 360 -63.65 -12.65 -58.32
N THR B 361 -62.62 -13.42 -58.01
CA THR B 361 -61.47 -13.50 -58.89
C THR B 361 -61.83 -14.20 -60.20
N VAL B 362 -62.55 -15.33 -60.10
CA VAL B 362 -62.99 -16.03 -61.30
C VAL B 362 -63.91 -15.16 -62.15
N LYS B 363 -64.77 -14.36 -61.52
CA LYS B 363 -65.57 -13.42 -62.29
C LYS B 363 -64.68 -12.44 -63.05
N LEU B 364 -63.65 -11.91 -62.38
CA LEU B 364 -62.72 -11.00 -63.06
C LEU B 364 -61.93 -11.70 -64.16
N TYR B 365 -61.61 -12.99 -63.98
CA TYR B 365 -60.93 -13.72 -65.05
C TYR B 365 -61.83 -13.86 -66.27
N GLU B 366 -63.11 -14.16 -66.06
CA GLU B 366 -64.08 -14.20 -67.14
C GLU B 366 -64.35 -12.82 -67.74
N ARG B 367 -64.29 -11.76 -66.93
CA ARG B 367 -64.58 -10.41 -67.42
C ARG B 367 -63.48 -9.89 -68.36
N VAL B 368 -62.22 -9.98 -67.96
CA VAL B 368 -61.16 -9.97 -68.97
C VAL B 368 -61.34 -11.31 -69.68
N LEU B 369 -60.58 -11.58 -70.75
CA LEU B 369 -60.85 -12.72 -71.62
C LEU B 369 -62.05 -12.43 -72.50
N LYS B 370 -63.21 -12.16 -71.88
CA LYS B 370 -64.34 -11.63 -72.62
C LYS B 370 -63.99 -10.30 -73.29
N GLU B 371 -63.44 -9.38 -72.51
CA GLU B 371 -63.02 -8.09 -73.03
C GLU B 371 -61.76 -8.17 -73.87
N MET B 372 -61.09 -9.32 -73.93
CA MET B 372 -59.85 -9.44 -74.67
C MET B 372 -60.08 -9.82 -76.13
N LYS B 373 -61.34 -9.95 -76.56
CA LYS B 373 -61.68 -10.04 -77.97
C LYS B 373 -62.50 -8.82 -78.39
N SER B 378 -56.96 -3.87 -71.01
CA SER B 378 -56.62 -2.79 -70.10
C SER B 378 -57.13 -3.12 -68.70
N LEU B 379 -56.92 -4.38 -68.30
CA LEU B 379 -57.51 -4.92 -67.08
C LEU B 379 -56.85 -6.26 -66.78
N MET B 380 -56.03 -6.73 -67.71
CA MET B 380 -55.16 -7.87 -67.44
C MET B 380 -54.14 -7.54 -66.37
N ALA B 381 -53.66 -6.27 -66.36
CA ALA B 381 -52.69 -5.87 -65.35
C ALA B 381 -53.29 -5.93 -63.95
N ASP B 382 -54.51 -5.45 -63.78
CA ASP B 382 -55.20 -5.54 -62.48
C ASP B 382 -55.44 -6.99 -62.09
N LEU B 383 -55.79 -7.84 -63.05
CA LEU B 383 -56.06 -9.23 -62.73
C LEU B 383 -54.77 -9.95 -62.36
N HIS B 384 -53.71 -9.73 -63.13
CA HIS B 384 -52.42 -10.36 -62.83
C HIS B 384 -51.95 -9.99 -61.43
N ALA B 385 -52.11 -8.72 -61.02
CA ALA B 385 -51.63 -8.27 -59.71
C ALA B 385 -52.46 -8.81 -58.56
N LEU B 386 -53.79 -8.81 -58.71
CA LEU B 386 -54.65 -9.36 -57.67
C LEU B 386 -54.35 -10.83 -57.46
N THR B 387 -54.34 -11.57 -58.55
CA THR B 387 -54.06 -13.00 -58.56
C THR B 387 -52.67 -13.32 -58.03
N SER B 388 -51.69 -12.44 -58.28
CA SER B 388 -50.34 -12.68 -57.78
C SER B 388 -50.33 -12.69 -56.25
N GLY B 389 -50.90 -11.64 -55.65
CA GLY B 389 -50.96 -11.56 -54.21
C GLY B 389 -51.86 -12.61 -53.61
N LEU B 390 -53.06 -12.81 -54.20
CA LEU B 390 -54.03 -13.71 -53.60
C LEU B 390 -53.53 -15.14 -53.59
N LYS B 391 -52.87 -15.57 -54.66
CA LYS B 391 -52.37 -16.93 -54.66
C LYS B 391 -51.32 -17.12 -53.57
N SER B 392 -50.57 -16.07 -53.24
CA SER B 392 -49.51 -16.18 -52.24
C SER B 392 -50.04 -16.13 -50.81
N VAL B 393 -50.97 -15.20 -50.52
CA VAL B 393 -51.51 -15.12 -49.17
C VAL B 393 -52.41 -16.32 -48.85
N VAL B 394 -53.29 -16.66 -49.79
CA VAL B 394 -54.23 -17.76 -49.55
C VAL B 394 -53.48 -19.05 -49.28
N THR B 395 -52.46 -19.32 -50.09
CA THR B 395 -51.72 -20.57 -49.98
C THR B 395 -50.95 -20.64 -48.67
N HIS B 396 -50.41 -19.50 -48.20
CA HIS B 396 -49.59 -19.45 -46.99
C HIS B 396 -50.45 -19.53 -45.74
N GLN B 397 -51.60 -18.86 -45.74
CA GLN B 397 -52.49 -18.90 -44.58
C GLN B 397 -53.25 -20.21 -44.50
N THR B 398 -53.57 -20.81 -45.65
CA THR B 398 -54.11 -22.17 -45.69
C THR B 398 -53.18 -23.16 -45.01
N GLY B 399 -51.89 -23.12 -45.35
CA GLY B 399 -50.94 -24.03 -44.71
C GLY B 399 -50.92 -23.87 -43.20
N GLU B 400 -50.88 -22.62 -42.73
CA GLU B 400 -50.93 -22.33 -41.31
C GLU B 400 -52.16 -22.97 -40.67
N GLY B 401 -53.32 -22.83 -41.32
CA GLY B 401 -54.55 -23.34 -40.75
C GLY B 401 -54.68 -24.86 -40.78
N ILE B 402 -54.32 -25.47 -41.92
CA ILE B 402 -54.31 -26.93 -42.00
C ILE B 402 -53.48 -27.54 -40.87
N GLU B 403 -52.29 -26.97 -40.62
CA GLU B 403 -51.43 -27.55 -39.59
C GLU B 403 -51.95 -27.31 -38.17
N GLN B 404 -52.70 -26.22 -37.98
CA GLN B 404 -53.32 -25.96 -36.68
C GLN B 404 -54.44 -26.98 -36.49
N ALA B 405 -55.14 -27.32 -37.56
CA ALA B 405 -56.23 -28.29 -37.55
C ALA B 405 -55.71 -29.69 -37.23
N ARG B 406 -54.58 -30.08 -37.84
CA ARG B 406 -53.96 -31.36 -37.49
C ARG B 406 -53.61 -31.43 -36.02
N MET B 407 -52.91 -30.42 -35.51
CA MET B 407 -52.39 -30.51 -34.15
C MET B 407 -53.50 -30.40 -33.12
N ALA B 408 -54.66 -29.85 -33.52
CA ALA B 408 -55.84 -29.81 -32.67
C ALA B 408 -56.47 -31.17 -32.46
N CYS B 409 -56.07 -32.19 -33.22
CA CYS B 409 -56.47 -33.56 -32.97
C CYS B 409 -55.52 -34.31 -32.05
N GLY B 410 -54.50 -33.64 -31.48
CA GLY B 410 -53.66 -34.35 -30.56
C GLY B 410 -52.86 -35.39 -31.33
N GLY B 411 -52.37 -36.39 -30.59
CA GLY B 411 -51.56 -37.45 -31.15
C GLY B 411 -52.13 -38.00 -32.45
N HIS B 412 -53.43 -38.31 -32.46
CA HIS B 412 -54.05 -38.97 -33.59
C HIS B 412 -53.99 -38.14 -34.88
N GLY B 413 -53.87 -36.82 -34.78
CA GLY B 413 -53.70 -36.02 -35.98
C GLY B 413 -52.47 -36.42 -36.77
N TYR B 414 -51.42 -36.88 -36.09
CA TYR B 414 -50.20 -37.28 -36.75
C TYR B 414 -50.37 -38.58 -37.51
N SER B 415 -51.38 -39.37 -37.16
CA SER B 415 -51.68 -40.59 -37.89
C SER B 415 -52.35 -40.25 -39.22
N MET B 416 -52.19 -41.15 -40.19
CA MET B 416 -52.89 -40.96 -41.45
C MET B 416 -54.38 -41.25 -41.33
N ALA B 417 -54.81 -41.79 -40.18
CA ALA B 417 -56.23 -41.88 -39.87
C ALA B 417 -56.90 -40.51 -39.82
N SER B 418 -56.14 -39.45 -39.54
CA SER B 418 -56.69 -38.10 -39.66
C SER B 418 -56.76 -37.66 -41.11
N TYR B 419 -55.74 -38.01 -41.90
CA TYR B 419 -55.50 -37.60 -43.29
C TYR B 419 -55.09 -36.14 -43.45
N ILE B 420 -55.03 -35.36 -42.37
CA ILE B 420 -54.73 -33.94 -42.51
C ILE B 420 -53.30 -33.73 -43.00
N SER B 421 -52.37 -34.61 -42.66
CA SER B 421 -50.99 -34.43 -43.09
C SER B 421 -50.85 -34.50 -44.60
N GLU B 422 -51.66 -35.34 -45.26
CA GLU B 422 -51.64 -35.40 -46.72
C GLU B 422 -52.31 -34.16 -47.30
N ILE B 423 -53.47 -33.78 -46.75
CA ILE B 423 -54.10 -32.52 -47.14
C ILE B 423 -53.07 -31.38 -47.08
N TYR B 424 -52.19 -31.42 -46.08
CA TYR B 424 -51.21 -30.35 -45.93
C TYR B 424 -50.17 -30.41 -47.04
N GLY B 425 -49.57 -31.58 -47.25
CA GLY B 425 -48.51 -31.71 -48.25
C GLY B 425 -48.95 -31.30 -49.64
N VAL B 426 -50.21 -31.59 -49.98
CA VAL B 426 -50.72 -31.28 -51.30
C VAL B 426 -51.03 -29.79 -51.42
N ALA B 427 -51.72 -29.25 -50.41
CA ALA B 427 -52.12 -27.84 -50.44
C ALA B 427 -50.91 -26.93 -50.43
N ILE B 428 -49.89 -27.26 -49.62
CA ILE B 428 -48.77 -26.35 -49.41
C ILE B 428 -47.94 -26.23 -50.68
N GLY B 429 -47.96 -27.26 -51.55
CA GLY B 429 -47.24 -27.18 -52.80
C GLY B 429 -47.59 -25.94 -53.61
N GLY B 430 -48.81 -25.45 -53.44
CA GLY B 430 -49.24 -24.23 -54.08
C GLY B 430 -48.55 -22.97 -53.60
N CYS B 431 -47.76 -23.04 -52.51
CA CYS B 431 -46.84 -21.96 -52.22
C CYS B 431 -45.74 -21.84 -53.26
N THR B 432 -45.42 -22.93 -53.95
CA THR B 432 -44.37 -22.88 -54.96
C THR B 432 -44.86 -23.00 -56.40
N TYR B 433 -45.79 -23.89 -56.71
CA TYR B 433 -46.23 -23.95 -58.10
C TYR B 433 -47.08 -22.72 -58.45
N ALA B 434 -47.21 -22.50 -59.76
CA ALA B 434 -47.91 -21.35 -60.32
C ALA B 434 -47.28 -20.02 -59.89
N GLY B 435 -45.98 -20.03 -59.60
CA GLY B 435 -45.29 -18.84 -59.19
C GLY B 435 -44.82 -18.88 -57.75
N GLU B 436 -43.51 -18.91 -57.51
CA GLU B 436 -43.00 -18.83 -56.15
C GLU B 436 -43.66 -17.69 -55.39
N ASN B 437 -44.05 -17.96 -54.15
CA ASN B 437 -44.80 -16.98 -53.36
C ASN B 437 -44.04 -15.67 -53.20
N MET B 438 -42.74 -15.73 -52.90
CA MET B 438 -41.95 -14.51 -52.79
C MET B 438 -41.96 -13.75 -54.10
N VAL B 439 -41.92 -14.46 -55.22
CA VAL B 439 -41.86 -13.81 -56.52
C VAL B 439 -43.22 -13.19 -56.86
N MET B 440 -44.30 -13.90 -56.55
CA MET B 440 -45.63 -13.40 -56.90
C MET B 440 -46.00 -12.21 -56.02
N LEU B 441 -45.54 -12.20 -54.76
CA LEU B 441 -45.76 -11.02 -53.93
C LEU B 441 -45.00 -9.80 -54.46
N LEU B 442 -43.79 -9.99 -54.98
CA LEU B 442 -43.06 -8.89 -55.60
C LEU B 442 -43.65 -8.49 -56.93
N GLN B 443 -44.26 -9.44 -57.66
CA GLN B 443 -44.99 -9.10 -58.87
C GLN B 443 -46.12 -8.13 -58.57
N LEU B 444 -46.90 -8.41 -57.52
CA LEU B 444 -47.92 -7.46 -57.08
C LEU B 444 -47.30 -6.14 -56.62
N ALA B 445 -46.17 -6.22 -55.89
CA ALA B 445 -45.51 -5.03 -55.40
C ALA B 445 -45.10 -4.08 -56.53
N ARG B 446 -44.77 -4.59 -57.71
CA ARG B 446 -44.50 -3.71 -58.86
C ARG B 446 -45.74 -2.90 -59.21
N TYR B 447 -46.90 -3.55 -59.26
CA TYR B 447 -48.16 -2.86 -59.53
C TYR B 447 -48.49 -1.83 -58.46
N LEU B 448 -48.22 -2.16 -57.19
CA LEU B 448 -48.46 -1.21 -56.10
C LEU B 448 -47.50 -0.02 -56.17
N VAL B 449 -46.25 -0.25 -56.57
CA VAL B 449 -45.30 0.86 -56.72
C VAL B 449 -45.69 1.77 -57.89
N LYS B 450 -46.03 1.19 -59.06
CA LYS B 450 -46.63 2.00 -60.12
C LYS B 450 -47.78 2.84 -59.59
N SER B 451 -48.68 2.22 -58.82
CA SER B 451 -49.82 2.94 -58.28
C SER B 451 -49.39 4.04 -57.33
N ALA B 452 -48.36 3.78 -56.52
CA ALA B 452 -47.84 4.80 -55.61
C ALA B 452 -47.19 5.96 -56.36
N ALA B 453 -46.57 5.70 -57.51
CA ALA B 453 -46.05 6.79 -58.34
C ALA B 453 -47.17 7.62 -58.94
N LEU B 454 -48.32 7.02 -59.24
CA LEU B 454 -49.47 7.82 -59.67
C LEU B 454 -49.88 8.79 -58.58
N VAL B 455 -50.00 8.30 -57.34
CA VAL B 455 -50.40 9.15 -56.23
C VAL B 455 -49.37 10.26 -56.01
N LYS B 456 -48.09 9.87 -55.91
CA LYS B 456 -47.06 10.85 -55.60
C LYS B 456 -46.97 11.94 -56.65
N SER B 457 -47.27 11.61 -57.92
CA SER B 457 -47.14 12.55 -59.03
C SER B 457 -48.41 13.32 -59.35
N GLY B 458 -49.50 13.13 -58.58
CA GLY B 458 -50.74 13.85 -58.81
C GLY B 458 -51.74 13.19 -59.73
N LYS B 459 -51.45 12.00 -60.25
CA LYS B 459 -52.35 11.26 -61.12
C LYS B 459 -53.25 10.29 -60.36
N ALA B 460 -53.56 10.58 -59.09
CA ALA B 460 -54.42 9.72 -58.27
C ALA B 460 -55.70 9.31 -58.98
N SER B 461 -56.29 10.22 -59.76
CA SER B 461 -57.55 9.92 -60.43
C SER B 461 -57.42 8.82 -61.47
N GLN B 462 -56.21 8.52 -61.95
CA GLN B 462 -55.99 7.42 -62.88
C GLN B 462 -55.89 6.05 -62.21
N LEU B 463 -56.04 5.97 -60.89
CA LEU B 463 -56.01 4.68 -60.23
C LEU B 463 -57.24 3.85 -60.57
N GLY B 464 -57.00 2.56 -60.85
CA GLY B 464 -58.06 1.61 -61.09
C GLY B 464 -58.87 1.37 -59.83
N PRO B 465 -60.08 0.81 -59.98
CA PRO B 465 -60.92 0.52 -58.80
C PRO B 465 -60.24 -0.27 -57.69
N LEU B 466 -59.42 -1.27 -58.03
CA LEU B 466 -58.85 -2.12 -56.99
C LEU B 466 -57.79 -1.44 -56.15
N VAL B 467 -57.37 -0.23 -56.50
CA VAL B 467 -56.21 0.35 -55.85
C VAL B 467 -56.45 1.84 -55.63
N ALA B 468 -57.71 2.24 -55.69
CA ALA B 468 -58.07 3.65 -55.54
C ALA B 468 -57.90 4.14 -54.11
N TYR B 469 -58.07 3.25 -53.12
CA TYR B 469 -57.84 3.62 -51.73
C TYR B 469 -56.46 4.22 -51.49
N LEU B 470 -55.47 3.86 -52.30
CA LEU B 470 -54.15 4.48 -52.15
C LEU B 470 -54.21 5.99 -52.37
N GLY B 471 -55.15 6.47 -53.18
CA GLY B 471 -55.35 7.90 -53.36
C GLY B 471 -56.24 8.56 -52.31
N ALA B 472 -57.07 7.81 -51.60
CA ALA B 472 -57.99 8.39 -50.65
C ALA B 472 -57.25 8.98 -49.44
N ARG B 473 -57.92 9.91 -48.77
CA ARG B 473 -57.40 10.58 -47.58
C ARG B 473 -57.89 9.83 -46.35
N SER B 474 -56.99 9.61 -45.40
CA SER B 474 -57.37 8.93 -44.17
C SER B 474 -57.89 9.93 -43.13
N GLU B 475 -58.89 9.49 -42.36
CA GLU B 475 -59.29 10.25 -41.19
C GLU B 475 -58.16 10.19 -40.17
N PRO B 476 -58.18 11.06 -39.17
CA PRO B 476 -57.06 11.04 -38.23
C PRO B 476 -56.88 9.72 -37.46
N THR B 477 -57.92 8.91 -37.27
CA THR B 477 -57.76 8.02 -36.13
C THR B 477 -58.36 6.60 -36.16
N SER B 478 -59.23 6.21 -37.11
CA SER B 478 -59.90 4.89 -36.98
C SER B 478 -61.03 4.93 -35.95
N LEU B 479 -62.23 4.55 -36.35
CA LEU B 479 -63.42 4.72 -35.53
C LEU B 479 -63.97 3.39 -35.02
N ILE B 480 -63.07 2.44 -34.77
CA ILE B 480 -63.46 1.20 -34.12
C ILE B 480 -63.77 1.51 -32.66
N ASP B 481 -64.94 1.05 -32.18
CA ASP B 481 -65.40 1.30 -30.80
C ASP B 481 -65.68 2.78 -30.54
N ARG B 482 -66.06 3.50 -31.58
CA ARG B 482 -66.36 4.92 -31.47
C ARG B 482 -67.72 5.25 -32.07
N VAL B 483 -67.78 5.33 -33.39
CA VAL B 483 -69.02 5.63 -34.09
C VAL B 483 -70.15 4.70 -33.62
N PRO B 484 -71.33 5.34 -33.23
CA PRO B 484 -72.38 4.42 -32.79
C PRO B 484 -72.72 3.39 -33.86
N ASN B 485 -73.14 2.21 -33.44
CA ASN B 485 -73.49 1.14 -34.36
C ASN B 485 -72.25 0.45 -34.94
N GLY B 486 -71.58 -0.33 -34.09
CA GLY B 486 -70.39 -1.05 -34.51
C GLY B 486 -70.54 -1.69 -35.87
N GLY B 487 -69.90 -1.10 -36.88
CA GLY B 487 -69.97 -1.61 -38.22
C GLY B 487 -68.64 -2.14 -38.73
N ILE B 488 -68.71 -3.00 -39.75
CA ILE B 488 -67.51 -3.58 -40.34
C ILE B 488 -66.79 -2.60 -41.25
N THR B 489 -67.45 -1.46 -41.50
CA THR B 489 -66.87 -0.43 -42.37
C THR B 489 -65.70 0.28 -41.68
N GLU B 490 -65.76 0.46 -40.36
CA GLU B 490 -64.61 1.03 -39.67
C GLU B 490 -63.43 0.07 -39.64
N TYR B 491 -63.67 -1.24 -39.67
CA TYR B 491 -62.57 -2.20 -39.81
C TYR B 491 -61.99 -2.17 -41.22
N ILE B 492 -62.86 -2.17 -42.23
CA ILE B 492 -62.41 -1.98 -43.61
C ILE B 492 -61.56 -0.73 -43.75
N LYS B 493 -62.06 0.42 -43.24
CA LYS B 493 -61.29 1.66 -43.31
C LYS B 493 -59.96 1.55 -42.55
N THR B 494 -59.90 0.77 -41.47
CA THR B 494 -58.61 0.61 -40.78
C THR B 494 -57.65 -0.23 -41.61
N PHE B 495 -58.14 -1.34 -42.19
CA PHE B 495 -57.31 -2.12 -43.09
C PHE B 495 -56.82 -1.29 -44.28
N GLN B 496 -57.70 -0.46 -44.85
CA GLN B 496 -57.27 0.41 -45.94
C GLN B 496 -56.15 1.34 -45.51
N HIS B 497 -56.22 1.89 -44.30
CA HIS B 497 -55.23 2.86 -43.89
C HIS B 497 -53.86 2.23 -43.75
N ILE B 498 -53.78 1.07 -43.08
CA ILE B 498 -52.47 0.45 -42.85
C ILE B 498 -51.89 -0.08 -44.16
N ALA B 499 -52.74 -0.56 -45.07
CA ALA B 499 -52.22 -1.06 -46.34
C ALA B 499 -51.72 0.09 -47.22
N LYS B 500 -52.47 1.20 -47.26
CA LYS B 500 -51.98 2.37 -47.98
C LYS B 500 -50.69 2.89 -47.37
N ARG B 501 -50.62 2.97 -46.04
CA ARG B 501 -49.49 3.60 -45.39
C ARG B 501 -48.22 2.80 -45.64
N GLN B 502 -48.31 1.47 -45.58
CA GLN B 502 -47.16 0.62 -45.85
C GLN B 502 -46.79 0.64 -47.33
N THR B 503 -47.79 0.64 -48.21
CA THR B 503 -47.52 0.75 -49.64
C THR B 503 -46.77 2.06 -49.97
N LEU B 504 -47.30 3.20 -49.53
CA LEU B 504 -46.59 4.46 -49.80
C LEU B 504 -45.25 4.51 -49.07
N LYS B 505 -45.18 3.98 -47.85
CA LYS B 505 -43.92 3.99 -47.11
C LYS B 505 -42.87 3.15 -47.82
N ALA B 506 -43.23 1.93 -48.22
CA ALA B 506 -42.28 1.04 -48.88
C ALA B 506 -41.87 1.59 -50.24
N ALA B 507 -42.85 2.09 -51.00
CA ALA B 507 -42.55 2.73 -52.28
C ALA B 507 -41.57 3.88 -52.13
N ASN B 508 -41.84 4.79 -51.18
CA ASN B 508 -40.96 5.95 -51.00
C ASN B 508 -39.55 5.55 -50.59
N LYS B 509 -39.39 4.51 -49.76
CA LYS B 509 -38.05 4.01 -49.47
C LYS B 509 -37.35 3.64 -50.78
N PHE B 510 -38.06 2.93 -51.65
CA PHE B 510 -37.52 2.56 -52.95
C PHE B 510 -37.17 3.79 -53.78
N PHE B 511 -38.12 4.73 -53.92
CA PHE B 511 -37.83 5.94 -54.68
C PHE B 511 -36.68 6.72 -54.07
N GLY B 512 -36.62 6.75 -52.73
CA GLY B 512 -35.56 7.49 -52.05
C GLY B 512 -34.16 6.96 -52.28
N LEU B 513 -34.02 5.65 -52.46
CA LEU B 513 -32.69 5.10 -52.72
C LEU B 513 -32.22 5.40 -54.14
N MET B 514 -33.13 5.44 -55.11
CA MET B 514 -32.79 5.87 -56.46
C MET B 514 -32.42 7.34 -56.50
N GLU B 515 -33.27 8.20 -55.92
CA GLU B 515 -32.97 9.62 -55.80
C GLU B 515 -31.57 9.83 -55.21
N ASN B 516 -31.17 9.00 -54.23
CA ASN B 516 -29.85 9.03 -53.61
C ASN B 516 -28.74 8.39 -54.45
N GLY B 517 -29.04 7.93 -55.67
CA GLY B 517 -28.01 7.42 -56.57
C GLY B 517 -27.97 5.93 -56.82
N GLU B 518 -28.71 5.10 -56.08
CA GLU B 518 -28.62 3.65 -56.29
C GLU B 518 -29.37 3.22 -57.56
N LYS B 519 -28.85 2.17 -58.22
CA LYS B 519 -29.49 1.62 -59.40
C LYS B 519 -30.88 1.09 -59.06
N ARG B 520 -31.78 1.19 -60.05
CA ARG B 520 -33.18 0.77 -59.87
C ARG B 520 -33.28 -0.61 -59.23
N GLU B 521 -32.51 -1.56 -59.74
CA GLU B 521 -32.68 -2.95 -59.37
C GLU B 521 -32.04 -3.28 -58.02
N ILE B 522 -30.96 -2.59 -57.67
CA ILE B 522 -30.37 -2.76 -56.35
C ILE B 522 -31.23 -2.10 -55.27
N ALA B 523 -31.78 -0.92 -55.58
CA ALA B 523 -32.76 -0.30 -54.67
C ALA B 523 -33.98 -1.19 -54.51
N TRP B 524 -34.43 -1.82 -55.59
CA TRP B 524 -35.54 -2.76 -55.49
C TRP B 524 -35.21 -3.91 -54.55
N ASN B 525 -34.08 -4.58 -54.77
CA ASN B 525 -33.67 -5.69 -53.91
C ASN B 525 -33.59 -5.27 -52.45
N LYS B 526 -32.96 -4.12 -52.19
CA LYS B 526 -32.85 -3.61 -50.82
C LYS B 526 -34.19 -3.29 -50.18
N SER B 527 -35.25 -3.09 -50.97
CA SER B 527 -36.56 -2.76 -50.40
C SER B 527 -37.56 -3.88 -50.54
N SER B 528 -37.15 -5.04 -51.06
CA SER B 528 -38.07 -6.09 -51.46
C SER B 528 -38.87 -6.67 -50.29
N VAL B 529 -38.24 -6.85 -49.11
CA VAL B 529 -38.99 -7.43 -48.00
C VAL B 529 -40.08 -6.47 -47.57
N GLU B 530 -39.71 -5.22 -47.36
CA GLU B 530 -40.69 -4.16 -47.08
C GLU B 530 -41.80 -4.14 -48.11
N LEU B 531 -41.44 -4.23 -49.40
CA LEU B 531 -42.45 -4.22 -50.45
C LEU B 531 -43.40 -5.40 -50.35
N ASN B 532 -42.90 -6.59 -50.00
CA ASN B 532 -43.81 -7.71 -49.81
C ASN B 532 -44.73 -7.53 -48.61
N ARG B 533 -44.34 -6.72 -47.64
CA ARG B 533 -45.25 -6.37 -46.56
C ARG B 533 -46.46 -5.62 -47.10
N ALA B 534 -46.24 -4.75 -48.08
CA ALA B 534 -47.33 -4.00 -48.70
C ALA B 534 -48.27 -4.92 -49.49
N SER B 535 -47.72 -5.69 -50.44
CA SER B 535 -48.50 -6.71 -51.15
C SER B 535 -49.41 -7.49 -50.21
N ARG B 536 -48.85 -7.96 -49.10
CA ARG B 536 -49.58 -8.83 -48.19
C ARG B 536 -50.77 -8.10 -47.57
N LEU B 537 -50.53 -6.89 -47.05
CA LEU B 537 -51.62 -6.08 -46.50
C LEU B 537 -52.66 -5.69 -47.54
N HIS B 538 -52.23 -5.31 -48.75
CA HIS B 538 -53.20 -5.00 -49.80
C HIS B 538 -54.08 -6.19 -50.11
N THR B 539 -53.49 -7.38 -50.21
CA THR B 539 -54.25 -8.59 -50.48
C THR B 539 -55.17 -8.97 -49.31
N ARG B 540 -54.67 -8.88 -48.07
CA ARG B 540 -55.50 -9.26 -46.93
C ARG B 540 -56.67 -8.30 -46.77
N LEU B 541 -56.47 -7.03 -47.14
CA LEU B 541 -57.60 -6.11 -47.31
C LEU B 541 -58.60 -6.61 -48.34
N PHE B 542 -58.12 -7.08 -49.51
CA PHE B 542 -59.07 -7.55 -50.52
C PHE B 542 -59.96 -8.67 -49.98
N ILE B 543 -59.36 -9.60 -49.23
CA ILE B 543 -60.13 -10.74 -48.73
C ILE B 543 -61.24 -10.25 -47.79
N VAL B 544 -60.90 -9.34 -46.88
CA VAL B 544 -61.91 -8.73 -46.02
C VAL B 544 -63.06 -8.14 -46.83
N GLU B 545 -62.73 -7.27 -47.79
CA GLU B 545 -63.78 -6.59 -48.56
C GLU B 545 -64.65 -7.57 -49.34
N ALA B 546 -64.05 -8.59 -49.94
CA ALA B 546 -64.85 -9.59 -50.64
C ALA B 546 -65.80 -10.30 -49.69
N PHE B 547 -65.31 -10.68 -48.51
CA PHE B 547 -66.14 -11.30 -47.47
C PHE B 547 -67.30 -10.39 -47.09
N ALA B 548 -67.02 -9.12 -46.79
CA ALA B 548 -68.07 -8.16 -46.43
C ALA B 548 -69.06 -7.92 -47.57
N ARG B 549 -68.56 -7.86 -48.82
CA ARG B 549 -69.45 -7.71 -49.96
C ARG B 549 -70.47 -8.85 -50.05
N ARG B 550 -70.04 -10.08 -49.80
CA ARG B 550 -70.98 -11.21 -49.86
C ARG B 550 -71.99 -11.15 -48.73
N VAL B 551 -71.53 -10.83 -47.51
CA VAL B 551 -72.43 -10.69 -46.38
C VAL B 551 -73.56 -9.71 -46.68
N ASN B 552 -73.25 -8.63 -47.39
CA ASN B 552 -74.29 -7.64 -47.69
C ASN B 552 -75.18 -8.05 -48.86
N GLU B 553 -74.69 -8.86 -49.80
CA GLU B 553 -75.54 -9.36 -50.88
C GLU B 553 -76.65 -10.29 -50.41
N ILE B 554 -76.55 -10.89 -49.22
CA ILE B 554 -77.45 -11.97 -48.78
C ILE B 554 -78.73 -11.42 -48.13
N GLY B 555 -79.88 -11.94 -48.58
CA GLY B 555 -81.18 -11.58 -48.02
C GLY B 555 -81.70 -12.48 -46.91
N ASP B 556 -81.48 -13.80 -47.04
CA ASP B 556 -81.87 -14.78 -46.04
C ASP B 556 -81.24 -14.45 -44.68
N ILE B 557 -82.05 -14.00 -43.73
CA ILE B 557 -81.53 -13.35 -42.53
C ILE B 557 -80.70 -14.31 -41.68
N THR B 558 -81.12 -15.59 -41.59
CA THR B 558 -80.37 -16.55 -40.77
C THR B 558 -78.97 -16.79 -41.32
N ILE B 559 -78.87 -16.92 -42.64
CA ILE B 559 -77.56 -17.10 -43.29
C ILE B 559 -76.72 -15.85 -43.11
N LYS B 560 -77.30 -14.68 -43.37
CA LYS B 560 -76.59 -13.41 -43.22
C LYS B 560 -76.04 -13.22 -41.81
N GLU B 561 -76.84 -13.51 -40.77
CA GLU B 561 -76.33 -13.40 -39.41
C GLU B 561 -75.19 -14.39 -39.14
N ALA B 562 -75.31 -15.62 -39.66
CA ALA B 562 -74.26 -16.60 -39.39
C ALA B 562 -72.94 -16.17 -40.01
N LEU B 563 -72.97 -15.79 -41.30
CA LEU B 563 -71.76 -15.29 -41.95
C LEU B 563 -71.32 -13.95 -41.37
N SER B 564 -72.26 -13.13 -40.89
CA SER B 564 -71.87 -11.87 -40.26
C SER B 564 -71.07 -12.11 -38.98
N ASP B 565 -71.48 -13.07 -38.16
CA ASP B 565 -70.69 -13.44 -36.99
C ASP B 565 -69.29 -13.86 -37.41
N LEU B 566 -69.19 -14.70 -38.44
CA LEU B 566 -67.89 -15.13 -38.96
C LEU B 566 -67.05 -13.95 -39.42
N LEU B 567 -67.67 -13.02 -40.15
CA LEU B 567 -66.93 -11.84 -40.63
C LEU B 567 -66.37 -11.05 -39.46
N HIS B 568 -67.16 -10.87 -38.41
CA HIS B 568 -66.72 -10.17 -37.21
C HIS B 568 -65.53 -10.87 -36.57
N LEU B 569 -65.54 -12.20 -36.54
CA LEU B 569 -64.39 -12.94 -36.05
C LEU B 569 -63.18 -12.69 -36.95
N HIS B 570 -63.38 -12.80 -38.26
CA HIS B 570 -62.34 -12.54 -39.25
C HIS B 570 -61.66 -11.18 -39.03
N VAL B 571 -62.43 -10.10 -39.05
CA VAL B 571 -61.81 -8.77 -39.00
C VAL B 571 -61.08 -8.53 -37.68
N ASN B 572 -61.54 -9.12 -36.58
CA ASN B 572 -60.82 -8.94 -35.31
C ASN B 572 -59.58 -9.82 -35.20
N TYR B 573 -59.65 -11.07 -35.68
CA TYR B 573 -58.45 -11.90 -35.67
C TYR B 573 -57.37 -11.32 -36.56
N GLU B 574 -57.74 -10.93 -37.78
CA GLU B 574 -56.76 -10.45 -38.74
C GLU B 574 -56.17 -9.11 -38.29
N LEU B 575 -57.04 -8.15 -37.93
CA LEU B 575 -56.56 -6.86 -37.45
C LEU B 575 -55.62 -7.02 -36.27
N LEU B 576 -55.94 -7.92 -35.34
CA LEU B 576 -55.01 -8.15 -34.24
C LEU B 576 -53.68 -8.67 -34.75
N ASP B 577 -53.71 -9.57 -35.72
CA ASP B 577 -52.49 -10.09 -36.31
C ASP B 577 -51.63 -9.03 -37.01
N VAL B 578 -52.22 -7.92 -37.44
CA VAL B 578 -51.48 -6.84 -38.09
C VAL B 578 -51.50 -5.57 -37.24
N ALA B 579 -51.82 -5.69 -35.95
CA ALA B 579 -51.99 -4.52 -35.10
C ALA B 579 -50.76 -3.61 -35.09
N THR B 580 -49.55 -4.18 -35.24
CA THR B 580 -48.32 -3.40 -35.31
C THR B 580 -48.46 -2.22 -36.27
N TYR B 581 -49.05 -2.46 -37.44
CA TYR B 581 -49.16 -1.41 -38.46
C TYR B 581 -50.19 -0.37 -38.08
N ALA B 582 -51.22 -0.75 -37.31
CA ALA B 582 -52.24 0.20 -36.90
C ALA B 582 -51.77 1.09 -35.75
N LEU B 583 -50.83 0.60 -34.94
CA LEU B 583 -50.35 1.33 -33.76
C LEU B 583 -49.22 2.29 -34.08
N GLU B 584 -48.39 1.97 -35.07
CA GLU B 584 -47.18 2.74 -35.37
C GLU B 584 -47.41 4.24 -35.46
N ASP B 585 -48.45 4.68 -36.17
CA ASP B 585 -48.70 6.10 -36.35
C ASP B 585 -49.76 6.62 -35.39
N GLY B 586 -50.06 5.86 -34.33
CA GLY B 586 -51.17 6.16 -33.46
C GLY B 586 -52.55 6.08 -34.07
N PHE B 587 -52.67 5.52 -35.28
CA PHE B 587 -54.00 5.35 -35.86
C PHE B 587 -54.90 4.59 -34.91
N MET B 588 -54.41 3.52 -34.30
CA MET B 588 -55.15 2.83 -33.24
C MET B 588 -54.54 3.10 -31.88
N SER B 589 -55.39 3.10 -30.85
CA SER B 589 -54.98 3.20 -29.47
C SER B 589 -54.97 1.84 -28.77
N SER B 590 -54.19 1.77 -27.69
CA SER B 590 -54.23 0.67 -26.74
C SER B 590 -55.66 0.19 -26.48
N THR B 591 -56.57 1.13 -26.26
CA THR B 591 -57.91 0.81 -25.81
C THR B 591 -58.72 0.15 -26.92
N GLN B 592 -58.57 0.65 -28.14
CA GLN B 592 -59.21 0.04 -29.29
C GLN B 592 -58.67 -1.35 -29.55
N LEU B 593 -57.38 -1.56 -29.28
CA LEU B 593 -56.79 -2.89 -29.44
C LEU B 593 -57.34 -3.87 -28.41
N ASP B 594 -57.53 -3.43 -27.16
CA ASP B 594 -58.21 -4.29 -26.19
C ASP B 594 -59.66 -4.55 -26.58
N TYR B 595 -60.30 -3.61 -27.29
CA TYR B 595 -61.64 -3.87 -27.79
C TYR B 595 -61.61 -4.99 -28.83
N VAL B 596 -60.62 -4.96 -29.71
CA VAL B 596 -60.46 -6.01 -30.72
C VAL B 596 -60.20 -7.36 -30.08
N ARG B 597 -59.36 -7.40 -29.03
CA ARG B 597 -59.13 -8.64 -28.30
C ARG B 597 -60.43 -9.18 -27.68
N ASP B 598 -61.13 -8.36 -26.91
CA ASP B 598 -62.39 -8.82 -26.31
C ASP B 598 -63.40 -9.22 -27.38
N GLN B 599 -63.43 -8.52 -28.52
CA GLN B 599 -64.31 -8.93 -29.61
C GLN B 599 -63.92 -10.29 -30.18
N LEU B 600 -62.60 -10.54 -30.30
CA LEU B 600 -62.16 -11.83 -30.81
C LEU B 600 -62.66 -12.97 -29.94
N TYR B 601 -62.48 -12.83 -28.62
CA TYR B 601 -62.88 -13.89 -27.71
C TYR B 601 -64.39 -13.98 -27.60
N PHE B 602 -65.09 -12.87 -27.80
CA PHE B 602 -66.54 -12.91 -27.82
C PHE B 602 -67.05 -13.71 -29.01
N TYR B 603 -66.56 -13.38 -30.21
CA TYR B 603 -67.04 -14.05 -31.41
C TYR B 603 -66.60 -15.51 -31.52
N LEU B 604 -65.50 -15.90 -30.85
CA LEU B 604 -65.21 -17.33 -30.73
C LEU B 604 -66.38 -18.05 -30.09
N GLN B 605 -66.86 -17.52 -28.98
CA GLN B 605 -67.91 -18.15 -28.19
C GLN B 605 -69.26 -18.04 -28.88
N LYS B 606 -69.50 -16.91 -29.56
CA LYS B 606 -70.68 -16.75 -30.41
C LYS B 606 -70.75 -17.81 -31.52
N ILE B 607 -69.62 -18.05 -32.19
CA ILE B 607 -69.62 -18.91 -33.38
C ILE B 607 -69.78 -20.39 -32.99
N ARG B 608 -69.24 -20.80 -31.86
CA ARG B 608 -69.17 -22.21 -31.44
C ARG B 608 -70.42 -23.04 -31.76
N PRO B 609 -71.64 -22.64 -31.38
CA PRO B 609 -72.79 -23.51 -31.66
C PRO B 609 -73.03 -23.71 -33.15
N ASN B 610 -72.47 -22.84 -34.01
CA ASN B 610 -72.54 -23.00 -35.45
C ASN B 610 -71.29 -23.61 -36.08
N ALA B 611 -70.19 -23.74 -35.34
CA ALA B 611 -68.92 -24.18 -35.92
C ALA B 611 -69.09 -25.44 -36.78
N VAL B 612 -69.74 -26.48 -36.22
CA VAL B 612 -69.82 -27.75 -36.94
C VAL B 612 -70.76 -27.64 -38.14
N SER B 613 -71.85 -26.88 -38.01
CA SER B 613 -72.74 -26.66 -39.15
C SER B 613 -72.09 -25.84 -40.25
N LEU B 614 -71.33 -24.79 -39.90
CA LEU B 614 -70.61 -24.04 -40.94
C LEU B 614 -69.68 -24.91 -41.75
N LEU B 615 -69.18 -25.99 -41.16
CA LEU B 615 -68.30 -26.90 -41.89
C LEU B 615 -69.09 -27.99 -42.60
N ASP B 616 -70.16 -28.48 -41.97
CA ASP B 616 -71.06 -29.41 -42.63
C ASP B 616 -71.66 -28.79 -43.88
N SER B 617 -71.72 -27.46 -43.95
CA SER B 617 -72.32 -26.78 -45.09
C SER B 617 -71.49 -26.94 -46.36
N TRP B 618 -70.22 -27.34 -46.23
CA TRP B 618 -69.43 -27.66 -47.41
C TRP B 618 -69.84 -29.00 -48.01
N GLU B 619 -70.45 -29.87 -47.20
CA GLU B 619 -71.10 -31.10 -47.66
C GLU B 619 -70.11 -32.03 -48.36
N PHE B 620 -69.07 -32.42 -47.61
CA PHE B 620 -68.08 -33.40 -48.04
C PHE B 620 -68.49 -34.76 -47.48
N SER B 621 -68.76 -35.71 -48.37
CA SER B 621 -68.99 -37.09 -47.93
C SER B 621 -67.71 -37.73 -47.40
N ASP B 622 -67.88 -38.83 -46.65
CA ASP B 622 -66.72 -39.55 -46.13
C ASP B 622 -65.83 -40.08 -47.26
N ARG B 623 -66.42 -40.50 -48.37
CA ARG B 623 -65.63 -40.97 -49.50
C ARG B 623 -64.79 -39.86 -50.10
N GLU B 624 -65.28 -38.62 -50.05
CA GLU B 624 -64.43 -37.49 -50.44
C GLU B 624 -63.39 -37.21 -49.37
N LEU B 625 -63.80 -37.15 -48.10
CA LEU B 625 -62.96 -36.60 -47.05
C LEU B 625 -61.86 -37.55 -46.60
N ARG B 626 -62.13 -38.85 -46.62
CA ARG B 626 -61.11 -39.88 -46.44
C ARG B 626 -60.47 -39.85 -45.06
N SER B 627 -61.17 -39.33 -44.06
CA SER B 627 -60.64 -39.20 -42.71
C SER B 627 -61.42 -40.08 -41.73
N VAL B 628 -60.69 -40.84 -40.90
CA VAL B 628 -61.34 -41.62 -39.86
C VAL B 628 -61.75 -40.71 -38.71
N LEU B 629 -60.86 -39.79 -38.30
CA LEU B 629 -61.20 -38.87 -37.23
C LEU B 629 -62.34 -37.94 -37.64
N GLY B 630 -62.54 -37.73 -38.93
CA GLY B 630 -63.51 -36.78 -39.43
C GLY B 630 -64.81 -37.38 -39.91
N ARG B 631 -65.11 -38.62 -39.52
CA ARG B 631 -66.27 -39.33 -40.02
C ARG B 631 -67.54 -38.53 -39.80
N ARG B 632 -68.36 -38.42 -40.86
CA ARG B 632 -69.64 -37.74 -40.77
C ARG B 632 -70.43 -38.14 -39.51
N ASP B 633 -70.42 -39.44 -39.16
CA ASP B 633 -71.23 -39.92 -38.05
C ASP B 633 -70.58 -39.76 -36.68
N GLY B 634 -69.30 -39.46 -36.60
CA GLY B 634 -68.68 -39.22 -35.32
C GLY B 634 -68.22 -40.46 -34.56
N HIS B 635 -68.31 -41.65 -35.15
CA HIS B 635 -67.93 -42.88 -34.44
C HIS B 635 -66.44 -43.15 -34.68
N VAL B 636 -65.62 -42.37 -33.99
CA VAL B 636 -64.18 -42.33 -34.25
C VAL B 636 -63.50 -43.59 -33.71
N TYR B 637 -63.54 -43.77 -32.39
CA TYR B 637 -62.69 -44.74 -31.72
C TYR B 637 -62.82 -46.16 -32.29
N GLU B 638 -64.05 -46.66 -32.42
CA GLU B 638 -64.21 -48.03 -32.94
C GLU B 638 -63.61 -48.17 -34.33
N ASN B 639 -63.86 -47.19 -35.20
CA ASN B 639 -63.33 -47.24 -36.56
C ASN B 639 -61.84 -46.90 -36.63
N LEU B 640 -61.31 -46.23 -35.61
CA LEU B 640 -59.86 -46.04 -35.52
C LEU B 640 -59.15 -47.32 -35.15
N PHE B 641 -59.74 -48.13 -34.26
CA PHE B 641 -59.14 -49.39 -33.87
C PHE B 641 -59.11 -50.36 -35.06
N LYS B 642 -60.23 -50.49 -35.77
CA LYS B 642 -60.28 -51.26 -37.01
C LYS B 642 -59.23 -50.79 -38.02
N TRP B 643 -59.12 -49.48 -38.23
CA TRP B 643 -58.20 -48.96 -39.25
C TRP B 643 -56.76 -49.35 -38.93
N ALA B 644 -56.38 -49.26 -37.66
CA ALA B 644 -55.06 -49.73 -37.24
C ALA B 644 -54.93 -51.24 -37.45
N LYS B 645 -55.91 -52.01 -36.98
CA LYS B 645 -55.82 -53.47 -37.05
C LYS B 645 -55.70 -53.95 -38.49
N GLU B 646 -56.36 -53.26 -39.43
CA GLU B 646 -56.35 -53.68 -40.83
C GLU B 646 -55.21 -53.09 -41.65
N SER B 647 -54.30 -52.33 -41.06
CA SER B 647 -53.22 -51.68 -41.82
C SER B 647 -52.12 -52.69 -42.15
N PRO B 648 -51.29 -52.38 -43.16
CA PRO B 648 -50.44 -53.45 -43.73
C PRO B 648 -49.40 -54.05 -42.79
N LEU B 649 -48.93 -53.29 -41.79
CA LEU B 649 -47.88 -53.82 -40.92
C LEU B 649 -48.39 -54.86 -39.94
N ASN B 650 -49.70 -54.92 -39.73
CA ASN B 650 -50.31 -55.91 -38.86
C ASN B 650 -50.77 -57.18 -39.58
N LYS B 651 -50.39 -57.38 -40.85
CA LYS B 651 -50.66 -58.66 -41.52
C LYS B 651 -50.06 -59.83 -40.74
N THR B 652 -48.82 -59.67 -40.29
CA THR B 652 -48.14 -60.70 -39.54
C THR B 652 -47.84 -60.18 -38.16
N ASP B 653 -47.67 -61.11 -37.22
CA ASP B 653 -47.46 -60.75 -35.82
C ASP B 653 -46.00 -60.41 -35.58
N VAL B 654 -45.08 -61.26 -36.06
CA VAL B 654 -43.66 -61.01 -35.88
C VAL B 654 -43.07 -60.66 -37.25
N LEU B 655 -42.50 -59.46 -37.34
CA LEU B 655 -42.06 -58.90 -38.60
C LEU B 655 -40.81 -59.62 -39.13
N PRO B 656 -40.63 -59.64 -40.46
CA PRO B 656 -39.36 -60.13 -41.02
C PRO B 656 -38.14 -59.45 -40.41
N SER B 657 -38.21 -58.13 -40.23
CA SER B 657 -37.14 -57.42 -39.54
C SER B 657 -36.81 -58.04 -38.18
N VAL B 658 -37.79 -58.66 -37.51
CA VAL B 658 -37.51 -59.27 -36.22
C VAL B 658 -36.89 -60.65 -36.38
N ASP B 659 -37.38 -61.45 -37.33
CA ASP B 659 -36.79 -62.77 -37.54
C ASP B 659 -35.39 -62.67 -38.12
N THR B 660 -35.23 -61.94 -39.23
CA THR B 660 -33.92 -61.86 -39.88
C THR B 660 -32.89 -61.19 -38.99
N TYR B 661 -33.17 -59.97 -38.56
CA TYR B 661 -32.32 -59.16 -37.71
C TYR B 661 -32.95 -59.18 -36.33
N LEU B 662 -32.33 -58.53 -35.35
CA LEU B 662 -33.05 -58.08 -34.16
C LEU B 662 -33.27 -59.20 -33.15
N LYS B 663 -33.98 -60.27 -33.50
CA LYS B 663 -33.98 -61.44 -32.62
C LYS B 663 -32.59 -62.07 -32.53
N PRO B 664 -31.90 -62.38 -33.64
CA PRO B 664 -30.49 -62.76 -33.53
C PRO B 664 -29.66 -61.77 -32.72
N MET B 665 -29.89 -60.47 -32.93
CA MET B 665 -29.14 -59.45 -32.18
C MET B 665 -29.37 -59.57 -30.67
N MET B 666 -30.62 -59.82 -30.25
CA MET B 666 -30.89 -59.97 -28.83
C MET B 666 -30.25 -61.24 -28.25
N GLU B 667 -30.44 -62.38 -28.93
CA GLU B 667 -29.79 -63.63 -28.54
C GLU B 667 -28.30 -63.42 -28.23
N LYS B 668 -27.57 -62.79 -29.17
CA LYS B 668 -26.17 -62.43 -28.97
C LYS B 668 -26.04 -61.32 -27.91
N ALA B 669 -26.15 -61.74 -26.64
CA ALA B 669 -25.96 -60.89 -25.46
C ALA B 669 -26.40 -61.63 -24.19
N VAL C 2 58.50 39.93 5.05
CA VAL C 2 59.76 39.20 5.15
C VAL C 2 59.64 37.90 6.01
N HIS C 3 59.11 37.97 7.24
CA HIS C 3 59.23 36.86 8.18
C HIS C 3 57.99 35.97 8.25
N LEU C 4 58.24 34.66 8.47
CA LEU C 4 57.19 33.69 8.74
C LEU C 4 56.37 34.05 9.99
N ASN C 5 57.04 34.50 11.04
CA ASN C 5 56.35 34.99 12.23
C ASN C 5 55.92 36.43 11.97
N LYS C 6 54.61 36.66 11.99
CA LYS C 6 54.05 37.95 11.60
C LYS C 6 54.00 38.95 12.74
N THR C 7 54.51 38.60 13.93
CA THR C 7 54.42 39.48 15.08
C THR C 7 55.68 40.32 15.28
N ILE C 8 56.82 39.90 14.71
CA ILE C 8 58.04 40.69 14.74
C ILE C 8 57.78 42.10 14.22
N GLN C 9 58.25 43.10 14.96
CA GLN C 9 58.35 44.47 14.47
C GLN C 9 59.77 44.99 14.71
N GLU C 10 60.20 45.93 13.86
CA GLU C 10 61.50 46.59 14.08
C GLU C 10 61.51 47.29 15.43
N GLY C 11 62.66 47.26 16.08
CA GLY C 11 62.81 47.80 17.42
C GLY C 11 62.51 46.87 18.57
N ASP C 12 61.93 45.70 18.31
CA ASP C 12 61.59 44.77 19.38
C ASP C 12 62.88 44.30 20.05
N ASN C 13 62.74 43.83 21.29
CA ASN C 13 63.85 43.24 22.03
C ASN C 13 64.44 42.08 21.23
N PRO C 14 65.73 42.11 20.90
CA PRO C 14 66.30 41.03 20.06
C PRO C 14 66.34 39.68 20.73
N ASP C 15 66.39 39.61 22.06
CA ASP C 15 66.32 38.31 22.73
C ASP C 15 65.03 37.58 22.40
N LEU C 16 63.95 38.33 22.21
CA LEU C 16 62.64 37.77 21.86
C LEU C 16 62.50 37.56 20.36
N THR C 17 62.92 38.54 19.54
CA THR C 17 62.93 38.37 18.09
C THR C 17 63.66 37.10 17.68
N ALA C 18 64.84 36.85 18.26
CA ALA C 18 65.58 35.62 18.02
C ALA C 18 64.68 34.39 18.11
N GLU C 19 63.74 34.38 19.05
CA GLU C 19 62.86 33.23 19.21
C GLU C 19 61.75 33.19 18.16
N ARG C 20 61.38 34.34 17.62
CA ARG C 20 60.39 34.39 16.53
C ARG C 20 61.02 34.05 15.19
N LEU C 21 62.25 34.50 14.96
CA LEU C 21 62.95 34.21 13.70
C LEU C 21 63.05 32.72 13.39
N THR C 22 63.02 31.86 14.40
CA THR C 22 63.18 30.43 14.18
C THR C 22 61.90 29.71 13.77
N ALA C 23 60.78 30.41 13.60
CA ALA C 23 59.51 29.79 13.24
C ALA C 23 59.61 29.03 11.91
N THR C 24 58.93 27.88 11.84
CA THR C 24 58.84 27.09 10.62
C THR C 24 57.51 27.24 9.91
N PHE C 25 56.60 28.07 10.43
CA PHE C 25 55.29 28.25 9.82
C PHE C 25 54.85 29.70 9.88
N ASP C 26 53.87 30.01 9.04
CA ASP C 26 53.27 31.33 8.97
C ASP C 26 52.28 31.45 10.14
N THR C 27 52.47 32.44 11.02
CA THR C 27 51.61 32.56 12.19
C THR C 27 50.18 32.97 11.83
N HIS C 28 49.96 33.62 10.69
CA HIS C 28 48.60 33.87 10.26
C HIS C 28 47.88 32.58 9.87
N ALA C 29 48.61 31.66 9.23
CA ALA C 29 48.01 30.37 8.88
C ALA C 29 47.67 29.55 10.12
N MET C 30 48.46 29.66 11.18
CA MET C 30 48.16 28.96 12.42
C MET C 30 46.95 29.59 13.13
N ALA C 31 46.86 30.93 13.11
CA ALA C 31 45.69 31.62 13.64
C ALA C 31 44.41 31.09 12.99
N ALA C 32 44.41 30.94 11.67
CA ALA C 32 43.24 30.39 10.97
C ALA C 32 42.87 29.03 11.53
N GLN C 33 43.87 28.19 11.80
CA GLN C 33 43.63 26.89 12.43
C GLN C 33 43.02 27.05 13.82
N ILE C 34 43.60 27.94 14.64
CA ILE C 34 43.13 28.15 16.01
C ILE C 34 41.69 28.63 16.04
N TYR C 35 41.33 29.58 15.18
CA TYR C 35 40.03 30.25 15.27
C TYR C 35 39.04 29.76 14.23
N GLY C 36 39.33 28.65 13.56
CA GLY C 36 38.34 28.02 12.70
C GLY C 36 38.10 28.66 11.35
N GLY C 37 39.10 29.28 10.76
CA GLY C 37 38.98 29.79 9.40
C GLY C 37 39.86 31.01 9.22
N GLU C 38 40.37 31.17 8.01
CA GLU C 38 41.23 32.31 7.68
C GLU C 38 40.46 33.62 7.84
N MET C 39 39.21 33.68 7.36
CA MET C 39 38.38 34.87 7.56
C MET C 39 38.20 35.20 9.04
N ARG C 40 37.81 34.22 9.86
CA ARG C 40 37.60 34.50 11.29
C ARG C 40 38.83 35.13 11.91
N ALA C 41 40.00 34.52 11.66
CA ALA C 41 41.26 35.06 12.16
C ALA C 41 41.53 36.48 11.65
N ARG C 42 41.29 36.69 10.36
CA ARG C 42 41.49 37.99 9.74
C ARG C 42 40.67 39.08 10.43
N ARG C 43 39.41 38.76 10.72
CA ARG C 43 38.52 39.71 11.37
C ARG C 43 39.03 40.07 12.75
N ARG C 44 39.56 39.09 13.50
CA ARG C 44 40.18 39.39 14.79
C ARG C 44 41.21 40.50 14.67
N ARG C 45 42.12 40.38 13.69
CA ARG C 45 43.15 41.38 13.49
C ARG C 45 42.57 42.72 13.02
N GLU C 46 41.52 42.69 12.20
CA GLU C 46 40.92 43.93 11.71
C GLU C 46 40.20 44.67 12.83
N ILE C 47 39.51 43.91 13.68
CA ILE C 47 38.94 44.46 14.91
C ILE C 47 40.03 45.07 15.77
N THR C 48 41.15 44.35 15.90
CA THR C 48 42.23 44.86 16.74
C THR C 48 42.82 46.15 16.17
N ALA C 49 42.97 46.23 14.84
CA ALA C 49 43.51 47.45 14.25
C ALA C 49 42.50 48.60 14.36
N LYS C 50 41.20 48.31 14.31
CA LYS C 50 40.18 49.36 14.40
C LYS C 50 40.11 49.96 15.81
N LEU C 51 40.12 49.12 16.84
CA LEU C 51 40.08 49.62 18.22
C LEU C 51 41.34 50.40 18.58
N ALA C 52 42.43 50.22 17.84
CA ALA C 52 43.63 51.04 18.06
C ALA C 52 43.36 52.50 17.75
N GLU C 53 42.41 52.78 16.86
CA GLU C 53 42.06 54.14 16.47
C GLU C 53 40.97 54.76 17.34
N ILE C 54 40.48 54.01 18.34
CA ILE C 54 39.42 54.49 19.23
C ILE C 54 39.92 54.44 20.67
N PRO C 55 40.64 55.47 21.14
CA PRO C 55 41.16 55.42 22.52
C PRO C 55 40.07 55.48 23.60
N GLU C 56 38.85 55.95 23.29
CA GLU C 56 37.76 55.90 24.25
C GLU C 56 37.58 54.50 24.83
N LEU C 57 37.86 53.46 24.03
CA LEU C 57 37.68 52.07 24.42
C LEU C 57 38.92 51.41 25.03
N HIS C 58 39.92 52.17 25.48
CA HIS C 58 41.12 51.58 26.05
C HIS C 58 41.01 51.64 27.58
N ASP C 59 41.78 50.78 28.25
CA ASP C 59 41.85 50.86 29.70
C ASP C 59 42.29 52.26 30.09
N SER C 60 41.40 53.02 30.74
CA SER C 60 41.73 54.40 31.11
C SER C 60 42.99 54.47 31.98
N MET C 61 43.16 53.51 32.88
CA MET C 61 44.45 53.27 33.50
C MET C 61 44.62 51.77 33.69
N PRO C 62 45.84 51.30 33.94
CA PRO C 62 46.05 49.87 34.19
C PRO C 62 45.12 49.36 35.27
N LEU C 63 44.44 48.25 34.96
CA LEU C 63 43.37 47.72 35.81
C LEU C 63 43.82 47.30 37.20
N PRO C 64 45.02 46.75 37.40
CA PRO C 64 45.42 46.39 38.77
C PRO C 64 45.55 47.58 39.70
N TYR C 65 45.67 48.80 39.18
CA TYR C 65 45.69 50.00 40.00
C TYR C 65 44.36 50.30 40.67
N MET C 66 43.26 49.67 40.27
CA MET C 66 41.95 50.18 40.62
C MET C 66 41.31 49.44 41.80
N THR C 67 40.55 50.20 42.59
CA THR C 67 39.65 49.61 43.56
C THR C 67 38.51 48.93 42.81
N ARG C 68 37.75 48.09 43.53
CA ARG C 68 36.62 47.42 42.90
C ARG C 68 35.67 48.47 42.31
N GLU C 69 35.37 49.52 43.07
CA GLU C 69 34.49 50.57 42.60
C GLU C 69 35.01 51.22 41.31
N GLU C 70 36.31 51.54 41.27
CA GLU C 70 36.89 52.14 40.07
C GLU C 70 36.77 51.21 38.88
N LYS C 71 37.00 49.91 39.07
CA LYS C 71 36.92 48.97 37.95
C LYS C 71 35.50 48.89 37.39
N ILE C 72 34.51 48.82 38.28
CA ILE C 72 33.11 48.74 37.86
C ILE C 72 32.70 49.97 37.06
N MET C 73 33.04 51.17 37.56
CA MET C 73 32.86 52.39 36.79
C MET C 73 33.54 52.30 35.42
N GLU C 74 34.84 51.95 35.40
CA GLU C 74 35.56 51.81 34.13
C GLU C 74 34.86 50.84 33.17
N SER C 75 34.36 49.72 33.69
CA SER C 75 33.75 48.74 32.81
C SER C 75 32.47 49.28 32.18
N ALA C 76 31.64 49.96 32.98
CA ALA C 76 30.41 50.53 32.45
C ALA C 76 30.70 51.68 31.48
N ARG C 77 31.73 52.48 31.78
CA ARG C 77 32.17 53.50 30.83
C ARG C 77 32.43 52.90 29.46
N LYS C 78 33.27 51.88 29.41
CA LYS C 78 33.61 51.24 28.14
C LYS C 78 32.39 50.57 27.52
N LEU C 79 31.54 49.96 28.36
CA LEU C 79 30.36 49.26 27.84
C LEU C 79 29.41 50.19 27.09
N THR C 80 29.12 51.37 27.65
CA THR C 80 28.21 52.29 26.97
C THR C 80 28.78 52.72 25.63
N VAL C 81 30.06 53.11 25.62
CA VAL C 81 30.71 53.44 24.37
C VAL C 81 30.67 52.25 23.43
N LEU C 82 30.88 51.06 23.99
CA LEU C 82 30.92 49.86 23.17
C LEU C 82 29.58 49.62 22.47
N THR C 83 28.48 49.63 23.23
CA THR C 83 27.16 49.41 22.63
C THR C 83 26.80 50.47 21.59
N GLN C 84 27.24 51.72 21.79
CA GLN C 84 26.95 52.77 20.81
C GLN C 84 27.72 52.53 19.50
N ARG C 85 29.00 52.21 19.57
CA ARG C 85 29.86 52.18 18.39
C ARG C 85 30.06 50.76 17.84
N MET C 86 29.33 49.78 18.36
CA MET C 86 29.56 48.37 18.04
C MET C 86 29.52 48.10 16.53
N SER C 87 28.52 48.65 15.83
CA SER C 87 28.37 48.36 14.40
C SER C 87 29.52 48.90 13.56
N GLU C 88 30.23 49.93 14.04
CA GLU C 88 31.38 50.44 13.30
C GLU C 88 32.55 49.46 13.26
N ILE C 89 32.60 48.54 14.23
CA ILE C 89 33.71 47.64 14.40
C ILE C 89 33.36 46.21 13.98
N ILE C 90 32.11 45.80 14.18
CA ILE C 90 31.72 44.41 14.34
C ILE C 90 30.47 44.16 13.52
N ASP C 91 30.25 42.88 13.17
CA ASP C 91 28.91 42.45 12.78
C ASP C 91 28.23 41.95 14.05
N PRO C 92 27.33 42.75 14.63
CA PRO C 92 26.75 42.38 15.93
C PRO C 92 26.19 40.97 16.02
N THR C 93 25.71 40.39 14.91
CA THR C 93 25.02 39.10 14.93
C THR C 93 25.93 37.88 14.84
N GLY C 96 31.14 35.47 18.60
CA GLY C 96 32.24 35.48 17.65
C GLY C 96 33.18 36.66 17.56
N GLU C 97 32.80 37.61 16.72
CA GLU C 97 33.42 38.93 16.71
C GLU C 97 33.08 39.73 17.96
N LEU C 98 31.88 39.53 18.50
CA LEU C 98 31.52 40.14 19.77
C LEU C 98 32.35 39.58 20.91
N TYR C 99 32.61 38.27 20.89
CA TYR C 99 33.44 37.65 21.92
C TYR C 99 34.82 38.28 21.97
N HIS C 100 35.47 38.40 20.80
CA HIS C 100 36.80 39.00 20.74
C HIS C 100 36.77 40.48 21.10
N LEU C 101 35.77 41.21 20.60
CA LEU C 101 35.64 42.63 20.93
C LEU C 101 35.59 42.83 22.45
N ASN C 102 34.76 42.03 23.13
CA ASN C 102 34.68 42.08 24.59
C ASN C 102 36.02 41.78 25.24
N ASN C 103 36.74 40.76 24.75
CA ASN C 103 38.04 40.42 25.31
C ASN C 103 39.02 41.60 25.26
N GLU C 104 39.09 42.31 24.13
CA GLU C 104 39.96 43.48 24.06
C GLU C 104 39.46 44.62 24.95
N VAL C 105 38.17 44.97 24.81
CA VAL C 105 37.67 46.18 25.44
C VAL C 105 37.37 45.95 26.92
N LEU C 106 36.66 44.86 27.23
CA LEU C 106 36.20 44.62 28.60
C LEU C 106 37.10 43.68 29.41
N GLY C 107 37.75 42.72 28.78
CA GLY C 107 38.67 41.86 29.49
C GLY C 107 37.97 40.77 30.28
N ILE C 108 38.76 40.10 31.13
CA ILE C 108 38.29 38.88 31.79
C ILE C 108 37.67 39.13 33.17
N GLU C 109 37.92 40.28 33.78
CA GLU C 109 37.48 40.51 35.16
C GLU C 109 35.97 40.69 35.31
N GLY C 110 35.23 40.87 34.22
CA GLY C 110 33.79 41.00 34.27
C GLY C 110 33.30 42.28 33.62
N ASN C 111 31.98 42.36 33.48
CA ASN C 111 31.31 43.58 33.08
C ASN C 111 29.84 43.50 33.50
N PRO C 112 29.12 44.62 33.51
CA PRO C 112 27.72 44.60 33.97
C PRO C 112 26.80 43.72 33.14
N MET C 113 27.12 43.43 31.87
CA MET C 113 26.27 42.61 31.04
C MET C 113 26.91 41.28 30.65
N ALA C 114 27.78 40.73 31.51
CA ALA C 114 28.45 39.48 31.18
C ALA C 114 27.45 38.34 31.08
N LEU C 115 26.59 38.20 32.09
CA LEU C 115 25.60 37.14 32.08
C LEU C 115 24.39 37.46 31.22
N HIS C 116 24.22 38.71 30.81
CA HIS C 116 23.22 39.04 29.79
C HIS C 116 23.40 38.16 28.56
N GLY C 117 24.65 38.05 28.10
CA GLY C 117 24.99 37.22 26.96
C GLY C 117 25.17 35.74 27.24
N VAL C 118 25.88 35.41 28.33
CA VAL C 118 26.25 34.03 28.59
C VAL C 118 25.04 33.16 28.93
N MET C 119 24.03 33.70 29.61
CA MET C 119 22.93 32.85 30.04
C MET C 119 21.54 33.45 29.84
N PHE C 120 21.38 34.75 30.09
CA PHE C 120 20.06 35.37 29.99
C PHE C 120 19.44 35.18 28.62
N ILE C 121 20.14 35.61 27.57
CA ILE C 121 19.66 35.46 26.19
C ILE C 121 19.52 33.98 25.83
N PRO C 122 20.57 33.14 25.97
CA PRO C 122 20.37 31.70 25.71
C PRO C 122 19.18 31.07 26.43
N ALA C 123 18.88 31.49 27.67
CA ALA C 123 17.70 30.94 28.34
C ALA C 123 16.42 31.35 27.61
N LEU C 124 16.36 32.60 27.15
CA LEU C 124 15.21 33.05 26.36
C LEU C 124 15.12 32.31 25.04
N ASN C 125 16.25 32.07 24.37
CA ASN C 125 16.24 31.28 23.14
C ASN C 125 15.68 29.89 23.38
N ALA C 126 16.15 29.24 24.44
CA ALA C 126 15.84 27.83 24.67
C ALA C 126 14.50 27.57 25.35
N GLN C 127 13.95 28.53 26.09
CA GLN C 127 12.78 28.24 26.93
C GLN C 127 11.60 29.18 26.76
N ALA C 128 11.73 30.29 26.05
CA ALA C 128 10.60 31.20 25.85
C ALA C 128 9.87 30.88 24.56
N SER C 129 8.55 31.05 24.58
CA SER C 129 7.75 30.80 23.39
C SER C 129 8.03 31.87 22.35
N ASP C 130 7.52 31.64 21.14
CA ASP C 130 7.66 32.64 20.08
C ASP C 130 7.09 34.01 20.49
N GLU C 131 5.88 34.03 21.08
CA GLU C 131 5.32 35.31 21.52
C GLU C 131 6.21 35.99 22.58
N GLN C 132 6.73 35.21 23.53
CA GLN C 132 7.51 35.80 24.62
C GLN C 132 8.87 36.32 24.13
N GLN C 133 9.51 35.57 23.23
CA GLN C 133 10.72 36.07 22.59
C GLN C 133 10.48 37.44 21.95
N ALA C 134 9.31 37.63 21.33
CA ALA C 134 8.99 38.92 20.72
C ALA C 134 8.93 40.05 21.74
N LYS C 135 8.33 39.82 22.91
CA LYS C 135 8.31 40.89 23.90
C LYS C 135 9.67 41.06 24.58
N TRP C 136 10.35 39.97 24.95
CA TRP C 136 11.54 40.08 25.80
C TRP C 136 12.87 39.89 25.07
N LEU C 137 12.99 38.91 24.17
CA LEU C 137 14.28 38.65 23.53
C LEU C 137 14.76 39.84 22.70
N ILE C 138 13.84 40.54 22.04
CA ILE C 138 14.24 41.69 21.22
C ILE C 138 14.78 42.81 22.11
N ARG C 139 14.06 43.12 23.19
CA ARG C 139 14.52 44.14 24.13
C ARG C 139 15.89 43.79 24.70
N ALA C 140 16.13 42.49 24.93
CA ALA C 140 17.42 42.06 25.44
C ALA C 140 18.54 42.27 24.42
N LEU C 141 18.31 41.83 23.17
CA LEU C 141 19.32 42.01 22.13
C LEU C 141 19.62 43.47 21.87
N ARG C 142 18.61 44.33 21.92
CA ARG C 142 18.82 45.78 21.74
C ARG C 142 19.43 46.44 22.98
N ARG C 143 19.62 45.70 24.07
CA ARG C 143 20.23 46.20 25.30
C ARG C 143 19.37 47.30 25.92
N GLU C 144 18.07 47.18 25.72
CA GLU C 144 17.08 48.02 26.38
C GLU C 144 16.91 47.63 27.85
N ILE C 145 17.22 46.38 28.20
CA ILE C 145 17.17 45.87 29.57
C ILE C 145 18.48 45.14 29.85
N ILE C 146 18.75 44.92 31.13
CA ILE C 146 19.90 44.13 31.55
C ILE C 146 19.39 42.95 32.36
N GLY C 147 19.89 41.75 32.04
CA GLY C 147 19.28 40.52 32.52
C GLY C 147 20.33 39.55 33.05
N THR C 148 19.86 38.55 33.79
CA THR C 148 20.72 37.46 34.23
C THR C 148 19.86 36.23 34.46
N TYR C 149 20.52 35.14 34.85
CA TYR C 149 19.89 33.83 35.03
C TYR C 149 20.07 33.44 36.49
N ALA C 150 18.96 33.36 37.22
CA ALA C 150 18.98 33.18 38.67
C ALA C 150 18.50 31.77 39.04
N GLN C 151 19.45 30.84 39.16
CA GLN C 151 19.18 29.47 39.56
C GLN C 151 19.62 29.17 40.99
N THR C 152 20.92 29.29 41.26
CA THR C 152 21.48 28.96 42.57
C THR C 152 20.88 29.79 43.69
N GLU C 153 20.76 29.16 44.86
CA GLU C 153 20.33 29.79 46.08
C GLU C 153 21.42 29.62 47.12
N MET C 154 21.30 30.34 48.24
CA MET C 154 22.32 30.29 49.28
C MET C 154 22.51 28.86 49.76
N GLY C 155 21.42 28.10 49.86
CA GLY C 155 21.48 26.75 50.37
C GLY C 155 21.48 25.64 49.35
N HIS C 156 21.36 25.94 48.05
CA HIS C 156 21.39 24.90 47.03
C HIS C 156 21.93 25.46 45.72
N GLY C 157 22.88 24.75 45.15
CA GLY C 157 23.36 25.02 43.80
C GLY C 157 23.41 23.75 42.96
N THR C 158 24.03 22.71 43.51
CA THR C 158 24.09 21.41 42.83
C THR C 158 22.72 20.74 42.77
N ASN C 159 21.97 20.68 43.88
CA ASN C 159 20.85 19.75 43.86
C ASN C 159 19.65 20.13 42.99
N LEU C 160 19.00 21.25 43.28
CA LEU C 160 17.89 21.80 42.48
C LEU C 160 16.55 21.14 42.77
N GLN C 161 16.52 19.81 42.90
CA GLN C 161 15.28 19.19 43.38
C GLN C 161 14.91 19.66 44.78
N ASN C 162 15.83 20.31 45.48
CA ASN C 162 15.57 20.81 46.82
C ASN C 162 15.77 22.32 46.90
N LEU C 163 15.53 23.02 45.79
CA LEU C 163 15.43 24.47 45.86
C LEU C 163 14.27 24.88 46.74
N GLU C 164 14.37 26.09 47.32
CA GLU C 164 13.41 26.53 48.31
C GLU C 164 12.53 27.70 47.86
N THR C 165 12.95 28.45 46.85
CA THR C 165 12.09 29.51 46.31
C THR C 165 10.86 28.89 45.63
N THR C 166 9.69 29.44 45.92
CA THR C 166 8.42 28.92 45.42
C THR C 166 7.72 29.91 44.49
N ALA C 167 7.03 29.37 43.48
CA ALA C 167 6.12 30.14 42.63
C ALA C 167 4.76 29.46 42.67
N THR C 168 3.85 30.03 43.47
CA THR C 168 2.51 29.47 43.69
C THR C 168 1.49 30.16 42.78
N TYR C 169 0.73 29.36 42.03
CA TYR C 169 -0.21 29.91 41.05
C TYR C 169 -1.54 30.29 41.69
N ASP C 170 -1.87 31.57 41.63
CA ASP C 170 -3.17 32.09 42.05
C ASP C 170 -4.11 31.94 40.86
N ILE C 171 -5.20 31.17 41.02
CA ILE C 171 -6.03 30.88 39.86
C ILE C 171 -6.90 32.08 39.50
N GLY C 172 -7.53 32.67 40.51
CA GLY C 172 -7.99 34.03 40.35
C GLY C 172 -6.80 34.95 40.28
N THR C 173 -7.01 36.14 39.70
CA THR C 173 -5.95 37.10 39.40
C THR C 173 -5.01 36.61 38.29
N GLN C 174 -4.76 35.29 38.22
CA GLN C 174 -3.99 34.68 37.14
C GLN C 174 -2.52 35.09 37.19
N GLU C 175 -1.94 35.07 38.39
CA GLU C 175 -0.56 35.46 38.64
C GLU C 175 0.20 34.29 39.27
N PHE C 176 1.52 34.34 39.18
CA PHE C 176 2.40 33.49 39.99
C PHE C 176 2.91 34.29 41.16
N VAL C 177 2.84 33.71 42.36
CA VAL C 177 3.30 34.33 43.59
C VAL C 177 4.68 33.76 43.92
N LEU C 178 5.71 34.59 43.78
CA LEU C 178 7.07 34.20 44.16
C LEU C 178 7.32 34.53 45.62
N HIS C 179 7.94 33.58 46.33
CA HIS C 179 8.20 33.79 47.76
C HIS C 179 9.48 33.09 48.18
N THR C 180 10.23 33.74 49.08
CA THR C 180 11.52 33.29 49.59
C THR C 180 11.36 32.96 51.07
N PRO C 181 11.08 31.70 51.42
CA PRO C 181 10.60 31.41 52.81
C PRO C 181 11.66 31.58 53.89
N LYS C 182 12.96 31.47 53.59
CA LYS C 182 14.01 31.56 54.59
C LYS C 182 15.23 32.19 53.93
N ILE C 183 16.24 32.50 54.74
CA ILE C 183 17.46 33.10 54.18
C ILE C 183 18.13 32.14 53.21
N THR C 184 18.15 30.84 53.54
CA THR C 184 18.79 29.86 52.65
C THR C 184 18.10 29.72 51.31
N ALA C 185 16.88 30.24 51.16
CA ALA C 185 16.18 30.21 49.89
C ALA C 185 16.50 31.40 48.99
N LEU C 186 17.19 32.42 49.51
CA LEU C 186 17.67 33.54 48.69
C LEU C 186 18.41 33.05 47.47
N LYS C 187 18.01 33.54 46.30
CA LYS C 187 18.86 33.39 45.13
C LYS C 187 20.21 34.03 45.43
N TRP C 188 21.29 33.39 44.98
CA TRP C 188 22.62 33.69 45.46
C TRP C 188 23.62 33.13 44.45
N TRP C 189 24.51 34.02 43.95
CA TRP C 189 25.56 33.84 42.93
C TRP C 189 25.21 34.23 41.49
N PRO C 190 23.95 34.34 41.06
CA PRO C 190 23.72 34.80 39.68
C PRO C 190 24.49 36.08 39.40
N GLY C 191 25.27 36.06 38.33
CA GLY C 191 26.12 37.21 38.02
C GLY C 191 25.29 38.38 37.54
N ASN C 192 25.75 39.58 37.92
CA ASN C 192 25.14 40.84 37.54
C ASN C 192 23.75 41.02 38.13
N LEU C 193 23.43 40.23 39.16
CA LEU C 193 22.13 40.27 39.80
C LEU C 193 22.08 41.33 40.89
N GLY C 194 23.23 41.61 41.52
CA GLY C 194 23.21 42.45 42.70
C GLY C 194 22.87 43.90 42.40
N LYS C 195 23.45 44.46 41.35
CA LYS C 195 23.31 45.90 41.11
C LYS C 195 22.91 46.26 39.69
N SER C 196 23.24 45.42 38.71
CA SER C 196 23.15 45.84 37.31
C SER C 196 21.85 45.43 36.62
N SER C 197 21.42 44.19 36.78
CA SER C 197 20.22 43.69 36.11
C SER C 197 18.94 44.31 36.66
N ASN C 198 18.00 44.61 35.77
CA ASN C 198 16.63 44.95 36.15
C ASN C 198 15.61 43.87 35.81
N TYR C 199 16.00 42.83 35.08
CA TYR C 199 15.19 41.63 34.89
C TYR C 199 16.04 40.40 35.13
N ALA C 200 15.38 39.27 35.43
CA ALA C 200 16.09 38.00 35.46
C ALA C 200 15.13 36.86 35.14
N VAL C 201 15.69 35.82 34.52
CA VAL C 201 15.07 34.50 34.50
C VAL C 201 15.36 33.81 35.82
N VAL C 202 14.34 33.22 36.43
CA VAL C 202 14.43 32.76 37.83
C VAL C 202 13.87 31.35 37.96
N VAL C 203 14.71 30.43 38.43
CA VAL C 203 14.31 29.05 38.64
C VAL C 203 13.63 28.94 39.99
N ALA C 204 12.43 28.37 40.02
CA ALA C 204 11.67 28.22 41.26
C ALA C 204 10.78 26.99 41.15
N HIS C 205 10.48 26.39 42.31
CA HIS C 205 9.54 25.27 42.35
C HIS C 205 8.12 25.78 42.16
N MET C 206 7.42 25.25 41.17
CA MET C 206 6.09 25.73 40.79
C MET C 206 5.00 24.95 41.52
N TYR C 207 4.13 25.66 42.24
CA TYR C 207 3.02 25.06 42.98
C TYR C 207 1.67 25.43 42.36
N ILE C 208 0.84 24.42 42.12
CA ILE C 208 -0.55 24.61 41.69
C ILE C 208 -1.41 23.60 42.43
N LYS C 209 -2.49 24.08 43.06
CA LYS C 209 -3.40 23.24 43.84
C LYS C 209 -2.67 22.42 44.90
N GLY C 210 -1.65 23.02 45.50
CA GLY C 210 -0.85 22.36 46.50
C GLY C 210 0.23 21.44 45.95
N LYS C 211 0.13 21.05 44.69
CA LYS C 211 1.08 20.10 44.12
C LYS C 211 2.34 20.82 43.65
N ASN C 212 3.49 20.19 43.87
CA ASN C 212 4.79 20.73 43.49
C ASN C 212 5.21 20.12 42.16
N PHE C 213 5.30 20.95 41.13
CA PHE C 213 5.70 20.51 39.80
C PHE C 213 7.20 20.61 39.54
N GLY C 214 7.98 21.07 40.53
CA GLY C 214 9.42 21.10 40.39
C GLY C 214 9.93 22.38 39.78
N PRO C 215 11.24 22.42 39.51
CA PRO C 215 11.85 23.66 39.04
C PRO C 215 11.34 24.10 37.67
N HIS C 216 11.01 25.38 37.55
CA HIS C 216 10.53 26.00 36.33
C HIS C 216 11.07 27.43 36.29
N THR C 217 11.18 27.98 35.09
CA THR C 217 11.82 29.28 34.90
C THR C 217 10.80 30.36 34.56
N PHE C 218 11.05 31.57 35.06
CA PHE C 218 10.12 32.68 35.01
C PHE C 218 10.87 33.95 34.63
N MET C 219 10.24 34.79 33.82
CA MET C 219 10.73 36.15 33.63
C MET C 219 10.24 37.00 34.79
N VAL C 220 11.15 37.69 35.46
CA VAL C 220 10.82 38.44 36.67
C VAL C 220 11.42 39.83 36.60
N PRO C 221 10.60 40.87 36.54
CA PRO C 221 11.15 42.24 36.66
C PRO C 221 11.62 42.49 38.08
N LEU C 222 12.81 43.04 38.20
CA LEU C 222 13.47 43.22 39.49
C LEU C 222 13.56 44.68 39.92
N ARG C 223 13.89 45.58 39.00
CA ARG C 223 14.03 46.99 39.32
C ARG C 223 13.23 47.84 38.35
N ASP C 224 12.75 48.97 38.87
CA ASP C 224 12.03 49.96 38.06
C ASP C 224 12.87 50.37 36.85
N GLU C 225 12.24 50.38 35.68
CA GLU C 225 12.97 50.70 34.46
C GLU C 225 13.44 52.14 34.40
N LYS C 226 12.89 53.03 35.23
CA LYS C 226 13.23 54.44 35.17
C LYS C 226 14.12 54.88 36.33
N THR C 227 13.79 54.50 37.57
CA THR C 227 14.63 54.89 38.70
C THR C 227 15.66 53.83 39.09
N HIS C 228 15.48 52.57 38.67
CA HIS C 228 16.32 51.43 39.03
C HIS C 228 16.19 51.02 40.49
N LYS C 229 15.20 51.55 41.21
CA LYS C 229 14.94 51.06 42.57
C LYS C 229 14.38 49.64 42.50
N PRO C 230 14.59 48.85 43.55
CA PRO C 230 13.92 47.54 43.63
C PRO C 230 12.41 47.70 43.67
N LEU C 231 11.72 46.97 42.81
CA LEU C 231 10.27 46.96 42.81
C LEU C 231 9.76 46.41 44.14
N PRO C 232 8.52 46.75 44.52
CA PRO C 232 8.03 46.32 45.84
C PRO C 232 8.00 44.81 46.01
N GLY C 233 8.47 44.35 47.17
CA GLY C 233 8.63 42.94 47.47
C GLY C 233 9.98 42.35 47.16
N ILE C 234 10.93 43.12 46.63
CA ILE C 234 12.21 42.62 46.18
C ILE C 234 13.31 42.99 47.17
N THR C 235 14.08 42.00 47.60
CA THR C 235 15.32 42.22 48.34
C THR C 235 16.48 41.83 47.43
N ILE C 236 17.46 42.70 47.27
CA ILE C 236 18.46 42.52 46.22
C ILE C 236 19.75 43.25 46.59
N GLY C 237 20.89 42.60 46.37
CA GLY C 237 22.16 43.26 46.59
C GLY C 237 23.32 42.41 46.13
N ASP C 238 24.52 42.96 46.28
CA ASP C 238 25.76 42.27 45.94
C ASP C 238 26.07 41.24 47.02
N ILE C 239 26.79 40.17 46.64
CA ILE C 239 27.21 39.18 47.63
C ILE C 239 28.61 39.42 48.18
N GLY C 240 29.26 40.52 47.82
CA GLY C 240 30.54 40.91 48.39
C GLY C 240 31.69 40.60 47.46
N PRO C 241 32.91 40.98 47.86
CA PRO C 241 34.09 40.71 47.02
C PRO C 241 34.43 39.23 47.00
N LYS C 242 35.29 38.89 46.05
CA LYS C 242 35.51 37.50 45.67
C LYS C 242 36.98 37.28 45.37
N MET C 243 37.33 36.00 45.15
CA MET C 243 38.68 35.63 44.77
C MET C 243 39.16 36.41 43.56
N ALA C 244 38.30 36.55 42.56
CA ALA C 244 38.59 37.29 41.34
C ALA C 244 37.25 37.58 40.68
N TYR C 245 37.29 38.07 39.45
CA TYR C 245 36.07 38.30 38.67
C TYR C 245 35.19 39.34 39.35
N ASN C 246 35.83 40.36 39.93
CA ASN C 246 35.16 41.30 40.82
C ASN C 246 34.40 42.42 40.10
N ILE C 247 34.48 42.50 38.78
CA ILE C 247 33.72 43.53 38.09
C ILE C 247 32.26 43.09 37.98
N VAL C 248 32.01 41.77 37.90
CA VAL C 248 30.66 41.24 37.95
C VAL C 248 30.07 41.37 39.36
N ASP C 249 28.88 41.96 39.44
CA ASP C 249 28.17 42.13 40.72
C ASP C 249 27.28 40.92 40.98
N ASN C 250 27.90 39.82 41.39
CA ASN C 250 27.13 38.63 41.74
C ASN C 250 26.21 38.97 42.90
N GLY C 251 24.96 38.50 42.86
CA GLY C 251 23.92 39.04 43.70
C GLY C 251 23.15 38.01 44.48
N PHE C 252 22.43 38.51 45.49
CA PHE C 252 21.37 37.79 46.18
C PHE C 252 20.02 38.40 45.82
N LEU C 253 18.96 37.58 45.90
CA LEU C 253 17.62 38.01 45.53
C LEU C 253 16.57 37.28 46.37
N GLY C 254 15.66 38.06 46.98
CA GLY C 254 14.59 37.49 47.79
C GLY C 254 13.25 38.14 47.49
N PHE C 255 12.19 37.33 47.61
CA PHE C 255 10.83 37.73 47.28
C PHE C 255 9.93 37.67 48.51
N ASN C 256 9.15 38.72 48.74
CA ASN C 256 8.05 38.71 49.72
C ASN C 256 6.72 38.71 48.97
N ASN C 257 6.28 37.53 48.56
CA ASN C 257 4.99 37.34 47.88
C ASN C 257 4.91 38.26 46.67
N TYR C 258 5.90 38.12 45.79
CA TYR C 258 6.05 38.99 44.65
C TYR C 258 5.31 38.39 43.46
N ARG C 259 4.32 39.13 42.94
CA ARG C 259 3.38 38.61 41.94
C ARG C 259 3.82 38.98 40.53
N ILE C 260 3.80 37.99 39.63
CA ILE C 260 4.08 38.20 38.22
C ILE C 260 2.93 37.59 37.42
N PRO C 261 2.70 38.06 36.20
CA PRO C 261 1.67 37.44 35.35
C PRO C 261 1.95 35.96 35.08
N ARG C 262 0.85 35.22 34.82
CA ARG C 262 0.96 33.84 34.37
C ARG C 262 1.88 33.70 33.16
N THR C 263 1.80 34.66 32.22
CA THR C 263 2.54 34.58 30.97
C THR C 263 4.02 34.82 31.16
N ASN C 264 4.47 35.11 32.38
CA ASN C 264 5.88 35.21 32.68
C ASN C 264 6.55 33.85 32.87
N LEU C 265 5.78 32.80 33.13
CA LEU C 265 6.32 31.45 33.00
C LEU C 265 6.77 31.23 31.56
N LEU C 266 7.96 30.68 31.38
CA LEU C 266 8.51 30.47 30.04
C LEU C 266 7.94 29.19 29.43
N MET C 267 7.22 29.33 28.31
CA MET C 267 6.27 28.34 27.86
C MET C 267 6.58 27.76 26.47
N ARG C 268 7.85 27.70 26.07
CA ARG C 268 8.15 27.03 24.81
C ARG C 268 7.93 25.52 24.92
N HIS C 269 8.06 24.96 26.11
CA HIS C 269 7.94 23.52 26.31
C HIS C 269 6.90 23.14 27.35
N THR C 270 6.74 23.93 28.41
CA THR C 270 5.72 23.68 29.42
C THR C 270 4.63 24.72 29.28
N LYS C 271 3.41 24.35 29.64
CA LYS C 271 2.29 25.29 29.59
C LYS C 271 1.50 25.22 30.88
N VAL C 272 1.04 26.38 31.34
CA VAL C 272 0.03 26.47 32.39
C VAL C 272 -1.10 27.33 31.86
N GLU C 273 -2.26 26.73 31.64
CA GLU C 273 -3.43 27.45 31.17
C GLU C 273 -4.04 28.25 32.32
N ALA C 274 -4.97 29.15 31.97
CA ALA C 274 -5.47 30.13 32.93
C ALA C 274 -6.22 29.48 34.08
N ASP C 275 -6.88 28.35 33.85
CA ASP C 275 -7.60 27.68 34.94
C ASP C 275 -6.67 26.98 35.92
N GLY C 276 -5.44 26.65 35.50
CA GLY C 276 -4.51 25.92 36.33
C GLY C 276 -3.95 24.67 35.69
N THR C 277 -4.46 24.28 34.52
CA THR C 277 -4.09 23.03 33.89
C THR C 277 -2.61 22.99 33.52
N TYR C 278 -1.98 21.85 33.77
CA TYR C 278 -0.56 21.62 33.51
C TYR C 278 -0.38 20.67 32.34
N ILE C 279 0.46 21.06 31.38
CA ILE C 279 0.79 20.23 30.22
C ILE C 279 2.29 20.01 30.18
N LYS C 280 2.73 18.71 30.29
CA LYS C 280 4.13 18.33 30.38
C LYS C 280 4.79 18.29 29.00
N PRO C 281 6.10 18.53 28.93
CA PRO C 281 6.80 18.52 27.63
C PRO C 281 7.28 17.13 27.24
N PRO C 282 7.78 16.96 26.01
CA PRO C 282 8.47 15.74 25.57
C PRO C 282 10.00 15.88 25.57
N ALA C 290 19.73 23.57 31.20
CA ALA C 290 20.76 23.86 30.20
C ALA C 290 21.18 25.32 30.29
N MET C 291 22.42 25.67 30.64
CA MET C 291 23.51 24.95 31.36
C MET C 291 24.40 24.03 30.49
N VAL C 292 23.83 23.35 29.48
CA VAL C 292 24.69 22.64 28.54
C VAL C 292 25.35 23.60 27.55
N HIS C 293 24.71 24.72 27.28
CA HIS C 293 25.30 25.75 26.42
C HIS C 293 26.57 26.28 27.07
N VAL C 294 26.50 26.61 28.37
CA VAL C 294 27.64 27.19 29.08
C VAL C 294 28.83 26.23 29.03
N ARG C 295 28.59 24.96 29.36
CA ARG C 295 29.67 23.98 29.35
C ARG C 295 30.31 23.84 27.98
N SER C 296 29.50 23.87 26.92
CA SER C 296 30.04 23.67 25.58
C SER C 296 30.92 24.83 25.17
N TYR C 297 30.50 26.06 25.48
CA TYR C 297 31.19 27.25 24.99
C TYR C 297 32.27 27.75 25.94
N MET C 298 32.29 27.32 27.20
CA MET C 298 33.30 27.80 28.12
C MET C 298 34.67 27.18 27.89
N LEU C 299 34.77 26.10 27.09
CA LEU C 299 36.05 25.44 26.88
C LEU C 299 37.03 26.32 26.10
N THR C 300 36.56 27.07 25.09
CA THR C 300 37.45 28.05 24.44
C THR C 300 37.94 29.07 25.44
N GLY C 301 37.04 29.54 26.32
CA GLY C 301 37.43 30.51 27.31
C GLY C 301 38.63 30.06 28.12
N GLN C 302 38.69 28.76 28.43
CA GLN C 302 39.76 28.24 29.27
C GLN C 302 41.05 28.09 28.46
N ALA C 303 40.95 27.48 27.29
CA ALA C 303 42.06 27.46 26.33
C ALA C 303 42.65 28.86 26.11
N ILE C 304 41.79 29.85 25.84
CA ILE C 304 42.27 31.22 25.61
C ILE C 304 42.98 31.78 26.84
N MET C 305 42.35 31.66 28.02
CA MET C 305 42.99 32.13 29.24
C MET C 305 44.29 31.40 29.53
N LEU C 306 44.33 30.13 29.17
CA LEU C 306 45.54 29.33 29.32
C LEU C 306 46.60 29.90 28.38
N SER C 307 46.20 30.25 27.15
CA SER C 307 47.12 30.82 26.18
C SER C 307 47.55 32.23 26.58
N TYR C 308 46.68 33.01 27.25
CA TYR C 308 47.12 34.28 27.82
C TYR C 308 48.34 34.04 28.71
N ALA C 309 48.18 33.18 29.71
CA ALA C 309 49.24 32.91 30.68
C ALA C 309 50.51 32.37 30.03
N LEU C 310 50.39 31.52 29.02
CA LEU C 310 51.59 30.97 28.39
C LEU C 310 52.29 31.98 27.49
N ASN C 311 51.52 32.82 26.78
CA ASN C 311 52.12 33.89 26.01
C ASN C 311 53.03 34.72 26.91
N ILE C 312 52.56 35.05 28.10
CA ILE C 312 53.32 35.86 29.03
C ILE C 312 54.54 35.10 29.53
N ALA C 313 54.33 33.92 30.09
CA ALA C 313 55.43 33.17 30.68
C ALA C 313 56.50 32.81 29.66
N THR C 314 56.11 32.56 28.42
CA THR C 314 57.11 32.15 27.43
C THR C 314 57.83 33.34 26.84
N ARG C 315 57.09 34.40 26.48
CA ARG C 315 57.72 35.67 26.10
C ARG C 315 58.72 36.13 27.15
N TYR C 316 58.30 36.25 28.41
CA TYR C 316 59.22 36.61 29.49
C TYR C 316 60.39 35.65 29.60
N SER C 317 60.18 34.37 29.29
CA SER C 317 61.29 33.41 29.40
C SER C 317 62.36 33.68 28.36
N ALA C 318 61.99 34.31 27.24
CA ALA C 318 62.97 34.64 26.22
C ALA C 318 63.79 35.87 26.60
N VAL C 319 63.18 36.83 27.28
CA VAL C 319 63.92 38.03 27.68
C VAL C 319 64.60 37.86 29.05
N ARG C 320 64.05 37.05 29.95
CA ARG C 320 64.67 36.84 31.27
C ARG C 320 65.91 35.96 31.14
N ARG C 321 67.07 36.54 31.46
CA ARG C 321 68.32 35.78 31.58
C ARG C 321 68.64 35.55 33.06
N GLN C 322 69.19 34.37 33.38
CA GLN C 322 69.50 34.01 34.76
C GLN C 322 70.35 32.76 34.88
N GLY C 323 71.59 32.93 35.28
CA GLY C 323 72.49 31.82 35.51
C GLY C 323 73.23 31.42 34.24
N GLN C 324 74.26 30.62 34.47
CA GLN C 324 75.09 30.10 33.40
C GLN C 324 74.89 28.59 33.28
N ILE C 325 74.91 28.11 32.04
CA ILE C 325 75.05 26.68 31.78
C ILE C 325 76.54 26.44 31.62
N ASP C 326 77.08 26.76 30.44
CA ASP C 326 78.52 26.75 30.25
C ASP C 326 79.11 27.94 31.02
N LYS C 327 80.17 27.67 31.81
CA LYS C 327 80.75 28.69 32.67
C LYS C 327 81.44 29.83 31.91
N ASN C 328 81.86 29.61 30.67
CA ASN C 328 82.48 30.65 29.85
C ASN C 328 81.51 31.38 28.94
N GLU C 329 80.24 31.01 28.93
CA GLU C 329 79.28 31.74 28.14
C GLU C 329 78.45 32.64 29.05
N PRO C 330 77.81 33.67 28.51
CA PRO C 330 77.05 34.58 29.37
C PRO C 330 75.82 33.88 29.95
N GLU C 331 75.15 34.59 30.87
CA GLU C 331 73.89 34.11 31.42
C GLU C 331 72.92 33.74 30.30
N VAL C 332 72.27 32.58 30.44
CA VAL C 332 71.34 32.04 29.44
C VAL C 332 69.92 32.54 29.69
N LYS C 333 69.15 32.63 28.61
CA LYS C 333 67.71 32.75 28.70
C LYS C 333 67.18 31.61 29.58
N VAL C 334 66.28 31.91 30.52
CA VAL C 334 65.70 30.84 31.30
C VAL C 334 64.95 29.86 30.41
N LEU C 335 64.51 30.29 29.23
CA LEU C 335 63.93 29.36 28.25
C LEU C 335 64.87 28.23 27.89
N GLU C 336 66.15 28.32 28.29
CA GLU C 336 67.16 27.34 27.92
C GLU C 336 67.10 26.09 28.79
N TYR C 337 66.56 26.21 30.00
CA TYR C 337 66.63 25.14 30.98
C TYR C 337 65.53 24.13 30.71
N GLN C 338 65.88 22.84 30.78
CA GLN C 338 64.89 21.79 30.54
C GLN C 338 63.74 21.88 31.53
N THR C 339 64.01 22.29 32.78
CA THR C 339 62.91 22.44 33.75
C THR C 339 61.93 23.51 33.30
N GLN C 340 62.42 24.55 32.63
CA GLN C 340 61.56 25.65 32.19
C GLN C 340 60.74 25.27 30.97
N GLN C 341 61.38 24.66 29.96
CA GLN C 341 60.65 24.14 28.81
C GLN C 341 59.62 23.11 29.25
N HIS C 342 59.99 22.25 30.20
CA HIS C 342 59.09 21.23 30.72
C HIS C 342 57.90 21.81 31.47
N ARG C 343 58.06 22.95 32.13
CA ARG C 343 56.95 23.55 32.86
C ARG C 343 56.07 24.47 32.01
N LEU C 344 56.41 24.71 30.75
CA LEU C 344 55.60 25.52 29.84
C LEU C 344 55.04 24.72 28.67
N PHE C 345 55.91 24.07 27.89
CA PHE C 345 55.50 23.56 26.58
C PHE C 345 54.38 22.53 26.65
N PRO C 346 54.32 21.62 27.63
CA PRO C 346 53.20 20.67 27.65
C PRO C 346 51.87 21.39 27.76
N PHE C 347 51.85 22.57 28.39
CA PHE C 347 50.65 23.36 28.48
C PHE C 347 50.36 24.10 27.19
N ILE C 348 51.37 24.41 26.37
CA ILE C 348 51.04 24.94 25.05
C ILE C 348 50.29 23.89 24.26
N ALA C 349 50.77 22.65 24.32
CA ALA C 349 50.08 21.52 23.73
C ALA C 349 48.64 21.41 24.23
N ARG C 350 48.45 21.55 25.55
CA ARG C 350 47.11 21.42 26.11
C ARG C 350 46.17 22.52 25.61
N ALA C 351 46.69 23.74 25.43
CA ALA C 351 45.83 24.86 25.02
C ALA C 351 45.32 24.68 23.59
N TYR C 352 46.19 24.21 22.70
CA TYR C 352 45.73 23.82 21.37
C TYR C 352 44.73 22.68 21.48
N ALA C 353 45.06 21.68 22.29
CA ALA C 353 44.20 20.52 22.49
C ALA C 353 42.81 20.92 22.99
N PHE C 354 42.74 21.82 23.96
CA PHE C 354 41.45 22.25 24.51
C PHE C 354 40.64 23.00 23.45
N GLN C 355 41.31 23.86 22.68
CA GLN C 355 40.66 24.57 21.59
C GLN C 355 40.04 23.62 20.57
N PHE C 356 40.84 22.67 20.09
CA PHE C 356 40.33 21.71 19.11
C PHE C 356 39.23 20.84 19.71
N ALA C 357 39.37 20.45 20.97
CA ALA C 357 38.31 19.70 21.62
C ALA C 357 37.05 20.55 21.77
N GLY C 358 37.21 21.84 22.07
CA GLY C 358 36.07 22.72 22.16
C GLY C 358 35.36 22.96 20.84
N ALA C 359 36.11 22.98 19.73
CA ALA C 359 35.48 23.10 18.41
C ALA C 359 34.57 21.90 18.12
N GLU C 360 35.06 20.70 18.39
CA GLU C 360 34.23 19.51 18.17
C GLU C 360 33.04 19.46 19.10
N THR C 361 33.18 19.97 20.32
CA THR C 361 32.07 19.96 21.26
C THR C 361 30.97 20.92 20.80
N VAL C 362 31.36 22.12 20.37
CA VAL C 362 30.39 23.09 19.85
C VAL C 362 29.69 22.56 18.60
N LYS C 363 30.41 21.85 17.74
CA LYS C 363 29.76 21.21 16.60
C LYS C 363 28.69 20.23 17.06
N LEU C 364 29.01 19.40 18.06
CA LEU C 364 28.03 18.46 18.59
C LEU C 364 26.86 19.17 19.26
N TYR C 365 27.11 20.32 19.89
CA TYR C 365 26.01 21.09 20.48
C TYR C 365 25.07 21.59 19.40
N GLU C 366 25.63 22.08 18.30
CA GLU C 366 24.81 22.49 17.16
C GLU C 366 24.14 21.31 16.47
N ARG C 367 24.78 20.12 16.48
CA ARG C 367 24.22 18.97 15.78
C ARG C 367 22.98 18.43 16.49
N VAL C 368 23.06 18.20 17.81
CA VAL C 368 21.85 18.16 18.59
C VAL C 368 21.37 19.61 18.58
N LEU C 369 20.19 19.90 19.11
CA LEU C 369 19.55 21.21 18.93
C LEU C 369 18.97 21.31 17.52
N LYS C 370 19.80 21.18 16.48
CA LYS C 370 19.24 21.05 15.13
C LYS C 370 18.39 19.80 15.05
N GLU C 371 18.91 18.67 15.55
CA GLU C 371 18.14 17.43 15.61
C GLU C 371 17.06 17.47 16.69
N MET C 372 17.02 18.51 17.52
CA MET C 372 16.03 18.63 18.59
C MET C 372 14.79 19.41 18.18
N SER C 378 18.16 11.86 21.03
CA SER C 378 18.82 10.58 21.24
C SER C 378 20.33 10.77 21.07
N LEU C 379 20.83 11.86 21.63
CA LEU C 379 22.21 12.31 21.40
C LEU C 379 22.49 13.45 22.37
N MET C 380 21.45 13.88 23.07
CA MET C 380 21.62 14.77 24.20
C MET C 380 22.36 14.06 25.33
N ALA C 381 22.13 12.76 25.51
CA ALA C 381 22.82 12.01 26.53
C ALA C 381 24.32 11.95 26.26
N ASP C 382 24.69 11.69 25.00
CA ASP C 382 26.10 11.68 24.64
C ASP C 382 26.73 13.05 24.83
N LEU C 383 26.00 14.12 24.52
CA LEU C 383 26.54 15.48 24.65
C LEU C 383 26.69 15.86 26.12
N HIS C 384 25.66 15.59 26.93
CA HIS C 384 25.71 15.90 28.35
C HIS C 384 26.89 15.22 29.03
N ALA C 385 27.15 13.96 28.67
CA ALA C 385 28.25 13.23 29.29
C ALA C 385 29.61 13.77 28.84
N LEU C 386 29.74 14.10 27.56
CA LEU C 386 31.00 14.63 27.05
C LEU C 386 31.33 15.98 27.71
N THR C 387 30.38 16.91 27.67
CA THR C 387 30.60 18.21 28.30
C THR C 387 30.80 18.09 29.80
N SER C 388 30.17 17.10 30.45
CA SER C 388 30.34 16.95 31.89
C SER C 388 31.80 16.67 32.23
N GLY C 389 32.38 15.65 31.58
CA GLY C 389 33.79 15.33 31.80
C GLY C 389 34.72 16.42 31.31
N LEU C 390 34.46 16.94 30.09
CA LEU C 390 35.39 17.90 29.49
C LEU C 390 35.46 19.17 30.30
N LYS C 391 34.32 19.66 30.78
CA LYS C 391 34.35 20.88 31.55
C LYS C 391 35.17 20.69 32.83
N SER C 392 35.19 19.49 33.38
CA SER C 392 35.92 19.24 34.62
C SER C 392 37.42 19.04 34.39
N VAL C 393 37.81 18.29 33.36
CA VAL C 393 39.24 18.08 33.10
C VAL C 393 39.89 19.35 32.58
N VAL C 394 39.24 20.03 31.62
CA VAL C 394 39.84 21.22 31.00
C VAL C 394 40.08 22.27 32.06
N THR C 395 39.10 22.49 32.92
CA THR C 395 39.18 23.56 33.92
C THR C 395 40.27 23.27 34.95
N HIS C 396 40.46 22.00 35.30
CA HIS C 396 41.43 21.57 36.33
C HIS C 396 42.85 21.61 35.79
N GLN C 397 43.03 21.18 34.53
CA GLN C 397 44.35 21.18 33.93
C GLN C 397 44.77 22.57 33.49
N THR C 398 43.82 23.40 33.07
CA THR C 398 44.10 24.81 32.84
C THR C 398 44.66 25.48 34.08
N GLY C 399 44.01 25.28 35.23
CA GLY C 399 44.50 25.88 36.47
C GLY C 399 45.93 25.47 36.79
N GLU C 400 46.22 24.17 36.64
CA GLU C 400 47.57 23.66 36.83
C GLU C 400 48.56 24.41 35.95
N GLY C 401 48.21 24.60 34.68
CA GLY C 401 49.09 25.24 33.73
C GLY C 401 49.26 26.74 33.91
N ILE C 402 48.16 27.46 34.16
CA ILE C 402 48.27 28.89 34.46
C ILE C 402 49.23 29.13 35.62
N GLU C 403 49.12 28.34 36.68
CA GLU C 403 49.99 28.56 37.83
C GLU C 403 51.44 28.18 37.57
N GLN C 404 51.71 27.16 36.73
CA GLN C 404 53.09 26.94 36.32
C GLN C 404 53.61 28.12 35.51
N ALA C 405 52.77 28.70 34.66
CA ALA C 405 53.18 29.84 33.85
C ALA C 405 53.54 31.03 34.73
N ARG C 406 52.73 31.32 35.75
CA ARG C 406 53.07 32.38 36.70
C ARG C 406 54.42 32.14 37.36
N MET C 407 54.62 30.94 37.90
CA MET C 407 55.83 30.69 38.67
C MET C 407 57.06 30.65 37.78
N ALA C 408 56.87 30.40 36.49
CA ALA C 408 57.96 30.43 35.54
C ALA C 408 58.48 31.84 35.28
N CYS C 409 57.79 32.86 35.75
CA CYS C 409 58.28 34.23 35.69
C CYS C 409 59.07 34.65 36.92
N GLY C 410 59.31 33.73 37.87
CA GLY C 410 60.10 34.11 39.02
C GLY C 410 59.33 35.11 39.86
N GLY C 411 60.07 35.86 40.69
CA GLY C 411 59.45 36.82 41.59
C GLY C 411 58.39 37.67 40.91
N HIS C 412 58.72 38.21 39.73
CA HIS C 412 57.87 39.16 39.04
C HIS C 412 56.50 38.58 38.67
N GLY C 413 56.39 37.26 38.52
CA GLY C 413 55.10 36.66 38.25
C GLY C 413 54.08 36.94 39.33
N TYR C 414 54.53 37.06 40.58
CA TYR C 414 53.65 37.34 41.71
C TYR C 414 53.11 38.76 41.66
N SER C 415 53.79 39.64 40.94
CA SER C 415 53.30 41.00 40.74
C SER C 415 52.14 41.00 39.76
N MET C 416 51.25 41.97 39.91
CA MET C 416 50.18 42.11 38.95
C MET C 416 50.68 42.65 37.62
N ALA C 417 51.95 43.08 37.58
CA ALA C 417 52.60 43.36 36.31
C ALA C 417 52.64 42.14 35.40
N SER C 418 52.60 40.93 35.95
CA SER C 418 52.45 39.75 35.10
C SER C 418 51.02 39.58 34.62
N TYR C 419 50.04 39.87 35.48
CA TYR C 419 48.60 39.65 35.33
C TYR C 419 48.19 38.18 35.39
N ILE C 420 49.13 37.24 35.53
CA ILE C 420 48.75 35.83 35.49
C ILE C 420 47.92 35.45 36.72
N SER C 421 48.13 36.10 37.86
CA SER C 421 47.36 35.74 39.05
C SER C 421 45.88 36.01 38.85
N GLU C 422 45.54 37.09 38.14
CA GLU C 422 44.14 37.37 37.87
C GLU C 422 43.59 36.40 36.83
N ILE C 423 44.35 36.15 35.77
CA ILE C 423 43.98 35.10 34.82
C ILE C 423 43.65 33.81 35.56
N TYR C 424 44.40 33.51 36.62
CA TYR C 424 44.18 32.27 37.35
C TYR C 424 42.86 32.31 38.12
N GLY C 425 42.66 33.38 38.90
CA GLY C 425 41.47 33.48 39.73
C GLY C 425 40.19 33.41 38.92
N VAL C 426 40.20 33.99 37.71
CA VAL C 426 39.00 33.99 36.87
C VAL C 426 38.78 32.62 36.24
N ALA C 427 39.85 32.03 35.69
CA ALA C 427 39.72 30.75 35.00
C ALA C 427 39.33 29.64 35.96
N ILE C 428 39.92 29.63 37.16
CA ILE C 428 39.72 28.52 38.09
C ILE C 428 38.28 28.47 38.59
N GLY C 429 37.58 29.61 38.60
CA GLY C 429 36.19 29.61 39.02
C GLY C 429 35.34 28.61 38.24
N GLY C 430 35.72 28.33 37.00
CA GLY C 430 35.05 27.32 36.20
C GLY C 430 35.21 25.89 36.68
N CYS C 431 36.10 25.64 37.67
CA CYS C 431 36.02 24.36 38.37
C CYS C 431 34.75 24.24 39.19
N THR C 432 34.14 25.35 39.60
CA THR C 432 32.91 25.26 40.39
C THR C 432 31.66 25.70 39.64
N TYR C 433 31.69 26.79 38.86
CA TYR C 433 30.46 27.15 38.17
C TYR C 433 30.18 26.17 37.03
N ALA C 434 28.91 26.19 36.59
CA ALA C 434 28.39 25.30 35.56
C ALA C 434 28.50 23.83 35.96
N GLY C 435 28.47 23.56 37.26
CA GLY C 435 28.54 22.20 37.77
C GLY C 435 29.82 21.92 38.52
N GLU C 436 29.73 21.69 39.83
CA GLU C 436 30.91 21.27 40.57
C GLU C 436 31.65 20.14 39.86
N ASN C 437 32.99 20.27 39.77
CA ASN C 437 33.79 19.33 39.00
C ASN C 437 33.61 17.89 39.47
N MET C 438 33.60 17.68 40.78
CA MET C 438 33.38 16.33 41.30
C MET C 438 32.02 15.80 40.86
N VAL C 439 31.02 16.67 40.83
CA VAL C 439 29.67 16.24 40.49
C VAL C 439 29.59 15.98 38.99
N MET C 440 30.25 16.80 38.18
CA MET C 440 30.17 16.61 36.73
C MET C 440 30.95 15.39 36.28
N LEU C 441 32.05 15.07 36.97
CA LEU C 441 32.75 13.83 36.66
C LEU C 441 31.91 12.62 36.99
N LEU C 442 31.15 12.66 38.08
CA LEU C 442 30.24 11.56 38.39
C LEU C 442 29.05 11.52 37.44
N GLN C 443 28.63 12.68 36.92
CA GLN C 443 27.58 12.69 35.91
C GLN C 443 28.00 11.88 34.70
N LEU C 444 29.22 12.10 34.22
CA LEU C 444 29.80 11.29 33.14
C LEU C 444 29.93 9.83 33.56
N ALA C 445 30.35 9.58 34.79
CA ALA C 445 30.52 8.20 35.28
C ALA C 445 29.23 7.39 35.18
N ARG C 446 28.07 8.02 35.37
CA ARG C 446 26.81 7.31 35.18
C ARG C 446 26.67 6.82 33.74
N TYR C 447 27.00 7.69 32.78
CA TYR C 447 26.96 7.31 31.37
C TYR C 447 27.94 6.19 31.06
N LEU C 448 29.13 6.23 31.68
CA LEU C 448 30.12 5.18 31.46
C LEU C 448 29.68 3.86 32.08
N VAL C 449 29.01 3.92 33.24
CA VAL C 449 28.51 2.69 33.87
C VAL C 449 27.39 2.06 33.04
N LYS C 450 26.41 2.86 32.58
CA LYS C 450 25.46 2.34 31.61
C LYS C 450 26.17 1.65 30.44
N SER C 451 27.20 2.31 29.90
CA SER C 451 27.91 1.73 28.76
C SER C 451 28.62 0.44 29.15
N ALA C 452 29.14 0.38 30.37
CA ALA C 452 29.78 -0.84 30.85
C ALA C 452 28.79 -1.99 31.02
N ALA C 453 27.54 -1.68 31.39
CA ALA C 453 26.51 -2.72 31.47
C ALA C 453 26.16 -3.28 30.09
N LEU C 454 26.23 -2.45 29.04
CA LEU C 454 26.05 -2.97 27.69
C LEU C 454 27.13 -3.99 27.36
N VAL C 455 28.38 -3.66 27.65
CA VAL C 455 29.49 -4.55 27.35
C VAL C 455 29.36 -5.85 28.13
N LYS C 456 29.15 -5.76 29.45
CA LYS C 456 29.09 -6.95 30.30
C LYS C 456 27.97 -7.88 29.88
N SER C 457 26.85 -7.34 29.38
CA SER C 457 25.68 -8.13 29.02
C SER C 457 25.69 -8.56 27.55
N GLY C 458 26.72 -8.25 26.78
CA GLY C 458 26.80 -8.69 25.40
C GLY C 458 26.23 -7.74 24.35
N LYS C 459 25.75 -6.58 24.76
CA LYS C 459 25.21 -5.57 23.84
C LYS C 459 26.25 -4.57 23.39
N ALA C 460 27.52 -4.96 23.37
CA ALA C 460 28.59 -4.05 22.94
C ALA C 460 28.29 -3.33 21.63
N SER C 461 27.64 -4.02 20.69
CA SER C 461 27.36 -3.40 19.38
C SER C 461 26.41 -2.22 19.48
N GLN C 462 25.64 -2.08 20.57
CA GLN C 462 24.76 -0.94 20.79
C GLN C 462 25.48 0.30 21.32
N LEU C 463 26.80 0.25 21.51
CA LEU C 463 27.52 1.42 22.00
C LEU C 463 27.57 2.53 20.96
N GLY C 464 27.33 3.76 21.40
CA GLY C 464 27.44 4.93 20.55
C GLY C 464 28.88 5.15 20.14
N PRO C 465 29.10 5.95 19.09
CA PRO C 465 30.46 6.24 18.63
C PRO C 465 31.43 6.73 19.70
N LEU C 466 30.99 7.59 20.63
CA LEU C 466 31.92 8.15 21.60
C LEU C 466 32.41 7.15 22.64
N VAL C 467 31.84 5.94 22.69
CA VAL C 467 32.12 5.07 23.81
C VAL C 467 32.26 3.63 23.30
N ALA C 468 32.48 3.51 21.99
CA ALA C 468 32.57 2.20 21.36
C ALA C 468 33.84 1.46 21.73
N TYR C 469 34.92 2.19 22.00
CA TYR C 469 36.17 1.57 22.44
C TYR C 469 36.00 0.67 23.67
N LEU C 470 35.04 0.97 24.55
CA LEU C 470 34.81 0.11 25.70
C LEU C 470 34.44 -1.31 25.27
N GLY C 471 33.82 -1.47 24.10
CA GLY C 471 33.53 -2.78 23.54
C GLY C 471 34.65 -3.42 22.75
N ALA C 472 35.63 -2.64 22.28
CA ALA C 472 36.70 -3.21 21.47
C ALA C 472 37.58 -4.10 22.33
N ARG C 473 38.24 -5.05 21.69
CA ARG C 473 39.18 -5.95 22.36
C ARG C 473 40.60 -5.41 22.22
N SER C 474 41.33 -5.45 23.33
CA SER C 474 42.69 -4.93 23.36
C SER C 474 43.67 -5.99 22.87
N GLU C 475 44.71 -5.52 22.18
CA GLU C 475 45.84 -6.36 21.87
C GLU C 475 46.56 -6.70 23.18
N PRO C 476 47.43 -7.70 23.18
CA PRO C 476 48.07 -8.04 24.46
C PRO C 476 48.90 -6.93 25.06
N THR C 477 49.44 -5.98 24.27
CA THR C 477 50.59 -5.31 24.86
C THR C 477 50.86 -3.83 24.60
N SER C 478 50.22 -3.13 23.65
CA SER C 478 50.66 -1.76 23.33
C SER C 478 51.92 -1.77 22.47
N LEU C 479 51.87 -1.13 21.30
CA LEU C 479 52.95 -1.21 20.32
C LEU C 479 53.70 0.12 20.19
N ILE C 480 53.81 0.85 21.31
CA ILE C 480 54.68 2.02 21.35
C ILE C 480 56.12 1.53 21.32
N ASP C 481 56.93 2.12 20.43
CA ASP C 481 58.32 1.73 20.24
C ASP C 481 58.45 0.30 19.69
N ARG C 482 57.48 -0.13 18.91
CA ARG C 482 57.45 -1.48 18.35
C ARG C 482 57.28 -1.50 16.84
N VAL C 483 56.75 -0.45 16.25
CA VAL C 483 56.38 -0.43 14.85
C VAL C 483 56.88 0.87 14.27
N ILE C 488 51.21 8.13 16.26
CA ILE C 488 50.22 8.56 17.26
C ILE C 488 49.23 7.44 17.52
N THR C 489 48.98 6.65 16.48
CA THR C 489 47.88 5.69 16.52
C THR C 489 48.09 4.65 17.63
N GLU C 490 49.35 4.28 17.92
CA GLU C 490 49.62 3.38 19.05
C GLU C 490 49.47 4.09 20.40
N TYR C 491 49.68 5.40 20.46
CA TYR C 491 49.40 6.13 21.71
C TYR C 491 47.90 6.23 21.96
N ILE C 492 47.13 6.54 20.93
CA ILE C 492 45.67 6.50 21.03
C ILE C 492 45.19 5.15 21.54
N LYS C 493 45.68 4.06 20.93
CA LYS C 493 45.29 2.73 21.38
C LYS C 493 45.68 2.46 22.83
N THR C 494 46.79 3.03 23.31
CA THR C 494 47.15 2.82 24.71
C THR C 494 46.22 3.59 25.63
N PHE C 495 45.92 4.84 25.30
CA PHE C 495 44.93 5.61 26.06
C PHE C 495 43.57 4.91 26.08
N GLN C 496 43.15 4.35 24.95
CA GLN C 496 41.89 3.61 24.92
C GLN C 496 41.91 2.43 25.88
N HIS C 497 43.04 1.71 25.95
CA HIS C 497 43.07 0.50 26.77
C HIS C 497 42.95 0.84 28.25
N ILE C 498 43.72 1.83 28.72
CA ILE C 498 43.70 2.15 30.14
C ILE C 498 42.37 2.76 30.54
N ALA C 499 41.74 3.54 29.65
CA ALA C 499 40.44 4.14 29.97
C ALA C 499 39.35 3.08 29.99
N LYS C 500 39.36 2.15 29.04
CA LYS C 500 38.41 1.04 29.08
C LYS C 500 38.61 0.20 30.32
N ARG C 501 39.86 -0.13 30.64
CA ARG C 501 40.14 -1.06 31.73
C ARG C 501 39.68 -0.47 33.07
N GLN C 502 39.92 0.82 33.28
CA GLN C 502 39.49 1.48 34.51
C GLN C 502 37.97 1.65 34.54
N THR C 503 37.37 1.96 33.39
CA THR C 503 35.91 2.03 33.31
C THR C 503 35.25 0.70 33.68
N LEU C 504 35.68 -0.39 33.05
CA LEU C 504 35.11 -1.70 33.40
C LEU C 504 35.47 -2.11 34.82
N LYS C 505 36.69 -1.80 35.27
CA LYS C 505 37.08 -2.17 36.63
C LYS C 505 36.24 -1.42 37.67
N ALA C 506 36.07 -0.12 37.50
CA ALA C 506 35.31 0.67 38.46
C ALA C 506 33.84 0.29 38.42
N ALA C 507 33.28 0.11 37.21
CA ALA C 507 31.90 -0.35 37.08
C ALA C 507 31.68 -1.67 37.81
N ASN C 508 32.57 -2.66 37.58
CA ASN C 508 32.40 -3.96 38.20
C ASN C 508 32.50 -3.91 39.73
N LYS C 509 33.38 -3.07 40.29
CA LYS C 509 33.39 -2.89 41.73
C LYS C 509 32.01 -2.43 42.21
N PHE C 510 31.42 -1.47 41.50
CA PHE C 510 30.08 -0.98 41.82
C PHE C 510 29.04 -2.10 41.70
N PHE C 511 29.02 -2.81 40.56
CA PHE C 511 28.08 -3.92 40.40
C PHE C 511 28.30 -4.99 41.47
N GLY C 512 29.56 -5.25 41.80
CA GLY C 512 29.88 -6.28 42.78
C GLY C 512 29.39 -6.00 44.19
N LEU C 513 29.34 -4.72 44.57
CA LEU C 513 28.83 -4.39 45.91
C LEU C 513 27.32 -4.54 45.97
N MET C 514 26.63 -4.24 44.88
CA MET C 514 25.19 -4.47 44.83
C MET C 514 24.88 -5.96 44.86
N GLU C 515 25.53 -6.74 44.00
CA GLU C 515 25.36 -8.19 44.00
C GLU C 515 25.52 -8.77 45.42
N ASN C 516 26.47 -8.25 46.20
CA ASN C 516 26.70 -8.65 47.59
C ASN C 516 25.76 -7.99 48.63
N GLY C 517 24.72 -7.25 48.22
CA GLY C 517 23.72 -6.77 49.17
C GLY C 517 23.66 -5.28 49.47
N GLU C 518 24.66 -4.48 49.08
CA GLU C 518 24.62 -3.05 49.38
C GLU C 518 23.59 -2.33 48.51
N LYS C 519 22.97 -1.30 49.08
CA LYS C 519 21.99 -0.52 48.33
C LYS C 519 22.63 -0.01 47.05
N ARG C 520 21.84 0.69 46.23
CA ARG C 520 22.34 1.22 44.97
C ARG C 520 23.06 2.56 45.14
N GLU C 521 22.64 3.32 46.14
CA GLU C 521 23.25 4.63 46.40
C GLU C 521 24.51 4.54 47.26
N ILE C 522 24.54 3.56 48.17
CA ILE C 522 25.69 3.39 49.05
C ILE C 522 26.84 2.71 48.31
N ALA C 523 26.53 1.73 47.46
CA ALA C 523 27.56 1.16 46.60
C ALA C 523 28.13 2.21 45.66
N TRP C 524 27.27 3.09 45.12
CA TRP C 524 27.75 4.19 44.29
C TRP C 524 28.72 5.08 45.05
N ASN C 525 28.31 5.56 46.22
CA ASN C 525 29.17 6.43 47.01
C ASN C 525 30.53 5.75 47.30
N LYS C 526 30.49 4.49 47.71
CA LYS C 526 31.71 3.75 47.99
C LYS C 526 32.61 3.57 46.77
N SER C 527 32.08 3.72 45.56
CA SER C 527 32.91 3.54 44.36
C SER C 527 33.17 4.87 43.64
N SER C 528 32.72 5.98 44.20
CA SER C 528 32.70 7.25 43.48
C SER C 528 34.09 7.74 43.10
N VAL C 529 35.08 7.59 43.98
CA VAL C 529 36.42 8.08 43.65
C VAL C 529 36.99 7.29 42.49
N GLU C 530 36.92 5.96 42.59
CA GLU C 530 37.29 5.09 41.48
C GLU C 530 36.56 5.46 40.19
N LEU C 531 35.24 5.67 40.29
CA LEU C 531 34.47 6.04 39.10
C LEU C 531 34.96 7.35 38.48
N ASN C 532 35.31 8.34 39.29
CA ASN C 532 35.85 9.57 38.72
C ASN C 532 37.21 9.36 38.05
N ARG C 533 37.95 8.32 38.46
CA ARG C 533 39.17 7.98 37.74
C ARG C 533 38.86 7.58 36.31
N ALA C 534 37.75 6.86 36.12
CA ALA C 534 37.35 6.43 34.78
C ALA C 534 36.93 7.63 33.92
N SER C 535 35.98 8.43 34.41
CA SER C 535 35.58 9.66 33.75
C SER C 535 36.78 10.45 33.24
N ARG C 536 37.78 10.62 34.11
CA ARG C 536 38.94 11.45 33.78
C ARG C 536 39.73 10.86 32.62
N LEU C 537 40.04 9.56 32.69
CA LEU C 537 40.75 8.89 31.60
C LEU C 537 39.95 8.89 30.30
N HIS C 538 38.65 8.66 30.36
CA HIS C 538 37.83 8.72 29.15
C HIS C 538 37.88 10.10 28.51
N THR C 539 37.79 11.15 29.33
CA THR C 539 37.86 12.52 28.81
C THR C 539 39.25 12.87 28.26
N ARG C 540 40.30 12.48 28.98
CA ARG C 540 41.65 12.81 28.51
C ARG C 540 41.96 12.07 27.22
N LEU C 541 41.41 10.86 27.05
CA LEU C 541 41.43 10.20 25.75
C LEU C 541 40.74 11.03 24.67
N PHE C 542 39.55 11.58 24.96
CA PHE C 542 38.85 12.36 23.95
C PHE C 542 39.72 13.53 23.46
N ILE C 543 40.39 14.22 24.40
CA ILE C 543 41.19 15.37 24.00
C ILE C 543 42.31 14.94 23.05
N VAL C 544 43.01 13.85 23.37
CA VAL C 544 44.02 13.31 22.46
C VAL C 544 43.43 13.09 21.07
N GLU C 545 42.34 12.34 21.00
CA GLU C 545 41.75 11.99 19.70
C GLU C 545 41.33 13.24 18.93
N ALA C 546 40.73 14.21 19.61
CA ALA C 546 40.36 15.46 18.93
C ALA C 546 41.59 16.16 18.37
N PHE C 547 42.67 16.22 19.16
CA PHE C 547 43.93 16.81 18.70
C PHE C 547 44.46 16.10 17.45
N ALA C 548 44.51 14.77 17.51
CA ALA C 548 44.97 13.97 16.37
C ALA C 548 44.06 14.12 15.16
N ARG C 549 42.75 14.17 15.36
CA ARG C 549 41.83 14.39 14.25
C ARG C 549 42.14 15.69 13.51
N ARG C 550 42.44 16.77 14.24
CA ARG C 550 42.74 18.04 13.59
C ARG C 550 44.06 17.98 12.83
N VAL C 551 45.09 17.39 13.45
CA VAL C 551 46.37 17.23 12.77
C VAL C 551 46.22 16.53 11.43
N ASN C 552 45.34 15.53 11.35
CA ASN C 552 45.17 14.83 10.08
C ASN C 552 44.31 15.59 9.08
N GLU C 553 43.39 16.46 9.53
CA GLU C 553 42.60 17.27 8.60
C GLU C 553 43.44 18.32 7.84
N ILE C 554 44.65 18.66 8.31
CA ILE C 554 45.43 19.78 7.78
C ILE C 554 46.30 19.36 6.59
N GLY C 555 46.20 20.13 5.50
CA GLY C 555 47.01 19.92 4.31
C GLY C 555 48.31 20.71 4.23
N ASP C 556 48.29 21.97 4.68
CA ASP C 556 49.49 22.82 4.72
C ASP C 556 50.58 22.14 5.55
N ILE C 557 51.64 21.68 4.87
CA ILE C 557 52.59 20.75 5.48
C ILE C 557 53.32 21.39 6.66
N THR C 558 53.70 22.67 6.56
CA THR C 558 54.42 23.31 7.65
C THR C 558 53.55 23.41 8.92
N ILE C 559 52.29 23.76 8.75
CA ILE C 559 51.36 23.81 9.88
C ILE C 559 51.20 22.43 10.48
N LYS C 560 50.93 21.44 9.62
CA LYS C 560 50.76 20.05 10.05
C LYS C 560 51.97 19.55 10.85
N GLU C 561 53.19 19.80 10.36
CA GLU C 561 54.37 19.38 11.11
C GLU C 561 54.48 20.09 12.46
N ALA C 562 54.14 21.38 12.52
CA ALA C 562 54.27 22.11 13.78
C ALA C 562 53.30 21.55 14.81
N LEU C 563 52.02 21.39 14.44
CA LEU C 563 51.03 20.81 15.33
C LEU C 563 51.32 19.34 15.60
N SER C 564 51.92 18.63 14.63
CA SER C 564 52.27 17.23 14.85
C SER C 564 53.34 17.09 15.93
N ASP C 565 54.37 17.97 15.90
CA ASP C 565 55.34 17.98 16.99
C ASP C 565 54.66 18.20 18.34
N LEU C 566 53.76 19.19 18.40
CA LEU C 566 53.00 19.45 19.62
C LEU C 566 52.21 18.23 20.08
N LEU C 567 51.53 17.57 19.14
CA LEU C 567 50.76 16.38 19.48
C LEU C 567 51.66 15.31 20.08
N HIS C 568 52.84 15.12 19.50
CA HIS C 568 53.79 14.14 20.04
C HIS C 568 54.20 14.48 21.45
N LEU C 569 54.41 15.78 21.73
CA LEU C 569 54.70 16.19 23.10
C LEU C 569 53.52 15.89 24.01
N HIS C 570 52.32 16.25 23.56
CA HIS C 570 51.09 15.97 24.30
C HIS C 570 50.98 14.50 24.69
N VAL C 571 51.01 13.59 23.71
CA VAL C 571 50.74 12.18 24.02
C VAL C 571 51.79 11.59 24.94
N ASN C 572 53.05 12.06 24.87
CA ASN C 572 54.06 11.54 25.78
C ASN C 572 53.98 12.14 27.18
N TYR C 573 53.71 13.45 27.30
CA TYR C 573 53.52 14.04 28.62
C TYR C 573 52.32 13.44 29.33
N GLU C 574 51.19 13.34 28.64
CA GLU C 574 49.96 12.85 29.27
C GLU C 574 50.09 11.38 29.65
N LEU C 575 50.53 10.55 28.70
CA LEU C 575 50.73 9.13 28.99
C LEU C 575 51.66 8.91 30.18
N LEU C 576 52.74 9.69 30.27
CA LEU C 576 53.61 9.56 31.43
C LEU C 576 52.86 9.90 32.72
N ASP C 577 52.03 10.95 32.67
CA ASP C 577 51.23 11.35 33.83
C ASP C 577 50.22 10.28 34.25
N VAL C 578 49.82 9.37 33.37
CA VAL C 578 48.89 8.30 33.71
C VAL C 578 49.55 6.93 33.59
N ALA C 579 50.89 6.87 33.58
CA ALA C 579 51.60 5.62 33.35
C ALA C 579 51.20 4.52 34.32
N THR C 580 50.84 4.88 35.55
CA THR C 580 50.37 3.89 36.54
C THR C 580 49.33 2.95 35.94
N TYR C 581 48.39 3.49 35.18
CA TYR C 581 47.31 2.67 34.63
C TYR C 581 47.80 1.78 33.50
N ALA C 582 48.83 2.20 32.77
CA ALA C 582 49.38 1.40 31.69
C ALA C 582 50.28 0.28 32.19
N LEU C 583 50.88 0.43 33.36
CA LEU C 583 51.82 -0.55 33.90
C LEU C 583 51.15 -1.66 34.68
N GLU C 584 50.03 -1.33 35.35
CA GLU C 584 49.36 -2.25 36.28
C GLU C 584 49.18 -3.66 35.70
N ASP C 585 48.68 -3.76 34.46
CA ASP C 585 48.41 -5.05 33.87
C ASP C 585 49.52 -5.51 32.94
N GLY C 586 50.71 -4.90 33.07
CA GLY C 586 51.79 -5.13 32.13
C GLY C 586 51.53 -4.69 30.70
N PHE C 587 50.45 -3.95 30.45
CA PHE C 587 50.22 -3.43 29.11
C PHE C 587 51.44 -2.66 28.61
N MET C 588 52.04 -1.83 29.45
CA MET C 588 53.31 -1.20 29.11
C MET C 588 54.45 -1.79 29.93
N SER C 589 55.64 -1.80 29.32
CA SER C 589 56.86 -2.21 30.00
C SER C 589 57.69 -1.01 30.44
N SER C 590 58.55 -1.25 31.45
CA SER C 590 59.61 -0.32 31.85
C SER C 590 60.25 0.35 30.64
N THR C 591 60.58 -0.46 29.64
CA THR C 591 61.39 0.03 28.54
C THR C 591 60.60 0.98 27.67
N GLN C 592 59.32 0.67 27.43
CA GLN C 592 58.44 1.58 26.70
C GLN C 592 58.22 2.88 27.48
N LEU C 593 58.20 2.80 28.81
CA LEU C 593 58.05 4.01 29.63
C LEU C 593 59.29 4.89 29.53
N ASP C 594 60.49 4.30 29.51
CA ASP C 594 61.68 5.10 29.27
C ASP C 594 61.68 5.69 27.86
N TYR C 595 61.07 4.99 26.89
CA TYR C 595 60.93 5.58 25.57
C TYR C 595 60.04 6.81 25.61
N VAL C 596 58.94 6.73 26.36
CA VAL C 596 58.05 7.87 26.51
C VAL C 596 58.77 9.03 27.19
N ARG C 597 59.58 8.74 28.22
CA ARG C 597 60.38 9.78 28.86
C ARG C 597 61.36 10.45 27.88
N ASP C 598 62.19 9.65 27.20
CA ASP C 598 63.12 10.21 26.22
C ASP C 598 62.38 10.96 25.10
N GLN C 599 61.20 10.49 24.70
CA GLN C 599 60.43 11.23 23.71
C GLN C 599 59.96 12.58 24.25
N LEU C 600 59.53 12.61 25.53
CA LEU C 600 59.08 13.87 26.12
C LEU C 600 60.20 14.91 26.06
N TYR C 601 61.40 14.52 26.50
CA TYR C 601 62.50 15.47 26.54
C TYR C 601 62.99 15.81 25.15
N PHE C 602 62.83 14.88 24.19
CA PHE C 602 63.17 15.19 22.81
C PHE C 602 62.23 16.25 22.23
N TYR C 603 60.92 16.04 22.37
CA TYR C 603 59.96 16.97 21.80
C TYR C 603 59.91 18.31 22.51
N LEU C 604 60.34 18.40 23.77
CA LEU C 604 60.57 19.71 24.37
C LEU C 604 61.55 20.51 23.54
N GLN C 605 62.67 19.88 23.20
CA GLN C 605 63.76 20.55 22.51
C GLN C 605 63.41 20.80 21.05
N LYS C 606 62.66 19.87 20.44
CA LYS C 606 62.10 20.08 19.10
C LYS C 606 61.17 21.28 19.03
N ILE C 607 60.28 21.42 20.02
CA ILE C 607 59.24 22.46 19.98
C ILE C 607 59.83 23.85 20.22
N ARG C 608 60.86 23.96 21.05
CA ARG C 608 61.43 25.26 21.48
C ARG C 608 61.50 26.34 20.40
N PRO C 609 62.11 26.11 19.22
CA PRO C 609 62.21 27.22 18.26
C PRO C 609 60.86 27.70 17.77
N ASN C 610 59.79 26.91 17.93
CA ASN C 610 58.44 27.32 17.60
C ASN C 610 57.61 27.80 18.79
N ALA C 611 58.08 27.60 20.03
CA ALA C 611 57.26 27.89 21.21
C ALA C 611 56.63 29.28 21.15
N VAL C 612 57.45 30.30 20.87
CA VAL C 612 56.94 31.67 20.92
C VAL C 612 55.99 31.93 19.74
N SER C 613 56.29 31.36 18.57
CA SER C 613 55.40 31.50 17.43
C SER C 613 54.08 30.78 17.62
N LEU C 614 54.10 29.58 18.22
CA LEU C 614 52.84 28.89 18.51
C LEU C 614 51.92 29.71 19.41
N LEU C 615 52.49 30.57 20.25
CA LEU C 615 51.69 31.41 21.14
C LEU C 615 51.31 32.73 20.48
N ASP C 616 52.23 33.30 19.70
CA ASP C 616 51.92 34.49 18.90
C ASP C 616 50.78 34.21 17.93
N SER C 617 50.56 32.94 17.57
CA SER C 617 49.54 32.58 16.60
C SER C 617 48.14 32.79 17.17
N TRP C 618 48.01 32.90 18.48
CA TRP C 618 46.74 33.26 19.08
C TRP C 618 46.42 34.74 18.87
N GLU C 619 47.44 35.56 18.63
CA GLU C 619 47.30 36.94 18.17
C GLU C 619 46.50 37.78 19.17
N PHE C 620 47.02 37.82 20.40
CA PHE C 620 46.50 38.67 21.48
C PHE C 620 47.28 39.97 21.50
N SER C 621 46.61 41.09 21.26
CA SER C 621 47.25 42.39 21.43
C SER C 621 47.55 42.69 22.89
N ASP C 622 48.43 43.67 23.11
CA ASP C 622 48.75 44.08 24.48
C ASP C 622 47.51 44.60 25.20
N ARG C 623 46.63 45.31 24.48
CA ARG C 623 45.41 45.81 25.12
C ARG C 623 44.51 44.67 25.57
N GLU C 624 44.53 43.55 24.86
CA GLU C 624 43.82 42.37 25.33
C GLU C 624 44.57 41.72 26.50
N LEU C 625 45.87 41.54 26.35
CA LEU C 625 46.63 40.67 27.24
C LEU C 625 46.91 41.30 28.60
N ARG C 626 47.12 42.62 28.63
CA ARG C 626 47.18 43.39 29.86
C ARG C 626 48.35 43.03 30.76
N SER C 627 49.42 42.49 30.18
CA SER C 627 50.59 42.04 30.93
C SER C 627 51.82 42.88 30.59
N VAL C 628 52.54 43.35 31.62
CA VAL C 628 53.79 44.05 31.38
C VAL C 628 54.89 43.05 31.04
N LEU C 629 54.96 41.93 31.77
CA LEU C 629 55.95 40.92 31.46
C LEU C 629 55.72 40.30 30.07
N GLY C 630 54.49 40.34 29.57
CA GLY C 630 54.15 39.67 28.34
C GLY C 630 54.04 40.57 27.12
N ARG C 631 54.62 41.77 27.20
CA ARG C 631 54.49 42.76 26.14
C ARG C 631 54.92 42.18 24.80
N ARG C 632 54.10 42.40 23.78
CA ARG C 632 54.41 41.96 22.41
C ARG C 632 55.85 42.27 22.03
N ASP C 633 56.34 43.46 22.38
CA ASP C 633 57.65 43.92 21.95
C ASP C 633 58.81 43.42 22.81
N GLY C 634 58.55 42.85 23.99
CA GLY C 634 59.63 42.29 24.78
C GLY C 634 60.40 43.28 25.64
N HIS C 635 59.98 44.55 25.69
CA HIS C 635 60.68 45.59 26.44
C HIS C 635 60.12 45.62 27.86
N VAL C 636 60.51 44.61 28.64
CA VAL C 636 59.92 44.35 29.96
C VAL C 636 60.43 45.36 30.97
N TYR C 637 61.73 45.32 31.25
CA TYR C 637 62.30 46.00 32.40
C TYR C 637 61.94 47.49 32.44
N GLU C 638 62.16 48.22 31.35
CA GLU C 638 61.86 49.65 31.38
C GLU C 638 60.40 49.90 31.70
N ASN C 639 59.49 49.15 31.09
CA ASN C 639 58.07 49.34 31.34
C ASN C 639 57.62 48.76 32.67
N LEU C 640 58.40 47.83 33.25
CA LEU C 640 58.11 47.36 34.59
C LEU C 640 58.47 48.42 35.63
N PHE C 641 59.56 49.16 35.41
CA PHE C 641 59.94 50.22 36.33
C PHE C 641 58.91 51.34 36.32
N LYS C 642 58.50 51.78 35.12
CA LYS C 642 57.39 52.73 34.97
C LYS C 642 56.11 52.25 35.67
N TRP C 643 55.73 50.99 35.46
CA TRP C 643 54.47 50.49 36.02
C TRP C 643 54.49 50.56 37.54
N ALA C 644 55.63 50.20 38.14
CA ALA C 644 55.79 50.36 39.58
C ALA C 644 55.73 51.83 39.99
N LYS C 645 56.50 52.68 39.30
CA LYS C 645 56.56 54.09 39.67
C LYS C 645 55.20 54.76 39.61
N GLU C 646 54.36 54.36 38.66
CA GLU C 646 53.06 54.99 38.48
C GLU C 646 51.93 54.34 39.29
N SER C 647 52.21 53.33 40.11
CA SER C 647 51.16 52.64 40.84
C SER C 647 50.70 53.46 42.06
N PRO C 648 49.51 53.17 42.61
CA PRO C 648 48.88 54.12 43.53
C PRO C 648 49.63 54.38 44.83
N LEU C 649 50.43 53.42 45.31
CA LEU C 649 51.09 53.61 46.59
C LEU C 649 52.26 54.58 46.51
N ASN C 650 52.75 54.87 45.30
CA ASN C 650 53.84 55.80 45.11
C ASN C 650 53.37 57.23 44.80
N LYS C 651 52.08 57.54 44.96
CA LYS C 651 51.64 58.94 44.83
C LYS C 651 52.38 59.84 45.81
N THR C 652 52.53 59.40 47.05
CA THR C 652 53.22 60.16 48.08
C THR C 652 54.44 59.38 48.53
N ASP C 653 55.41 60.11 49.07
CA ASP C 653 56.67 59.50 49.49
C ASP C 653 56.55 58.86 50.87
N VAL C 654 55.99 59.59 51.84
CA VAL C 654 55.79 59.09 53.18
C VAL C 654 54.29 58.87 53.38
N LEU C 655 53.93 57.62 53.66
CA LEU C 655 52.55 57.20 53.68
C LEU C 655 51.81 57.75 54.90
N PRO C 656 50.49 57.94 54.80
CA PRO C 656 49.71 58.27 56.00
C PRO C 656 49.94 57.30 57.14
N SER C 657 50.01 55.99 56.84
CA SER C 657 50.36 55.00 57.85
C SER C 657 51.65 55.36 58.59
N VAL C 658 52.58 56.04 57.93
CA VAL C 658 53.84 56.39 58.59
C VAL C 658 53.67 57.65 59.45
N ASP C 659 52.95 58.65 58.96
CA ASP C 659 52.74 59.84 59.76
C ASP C 659 51.82 59.58 60.95
N THR C 660 50.64 58.99 60.70
CA THR C 660 49.69 58.77 61.78
C THR C 660 50.24 57.80 62.82
N TYR C 661 50.61 56.61 62.38
CA TYR C 661 51.13 55.53 63.19
C TYR C 661 52.62 55.47 62.89
N LEU C 662 53.34 54.57 63.55
CA LEU C 662 54.62 54.09 63.03
C LEU C 662 55.76 55.07 63.28
N LYS C 663 55.71 56.29 62.75
CA LYS C 663 56.67 57.30 63.19
C LYS C 663 56.50 57.64 64.67
N PRO C 664 55.29 57.98 65.15
CA PRO C 664 55.10 58.07 66.60
C PRO C 664 55.57 56.83 67.35
N MET C 665 55.30 55.64 66.80
CA MET C 665 55.73 54.41 67.46
C MET C 665 57.25 54.36 67.61
N MET C 666 57.99 54.75 66.57
CA MET C 666 59.44 54.75 66.67
C MET C 666 59.94 55.78 67.66
N GLU C 667 59.44 57.02 67.58
CA GLU C 667 59.79 58.05 68.56
C GLU C 667 59.69 57.53 70.00
N LYS C 668 58.57 56.91 70.34
CA LYS C 668 58.38 56.27 71.65
C LYS C 668 59.29 55.03 71.76
N ALA C 669 60.57 55.29 72.03
CA ALA C 669 61.61 54.29 72.30
C ALA C 669 62.99 54.94 72.33
N VAL D 2 33.11 17.17 80.92
CA VAL D 2 33.48 17.84 79.68
C VAL D 2 33.43 16.86 78.52
N HIS D 3 33.56 17.40 77.31
CA HIS D 3 33.68 16.59 76.10
C HIS D 3 35.15 16.43 75.74
N LEU D 4 35.47 15.32 75.06
CA LEU D 4 36.83 15.12 74.58
C LEU D 4 37.25 16.24 73.63
N ASN D 5 36.33 16.69 72.78
CA ASN D 5 36.57 17.87 71.94
C ASN D 5 36.28 19.12 72.77
N LYS D 6 37.31 19.94 72.98
CA LYS D 6 37.21 21.11 73.83
C LYS D 6 36.69 22.35 73.11
N THR D 7 36.30 22.23 71.84
CA THR D 7 35.83 23.39 71.11
C THR D 7 34.32 23.50 71.08
N ILE D 8 33.60 22.41 71.41
CA ILE D 8 32.15 22.47 71.51
C ILE D 8 31.75 23.52 72.54
N GLN D 9 30.77 24.34 72.17
CA GLN D 9 30.13 25.26 73.09
C GLN D 9 28.62 25.14 72.94
N GLU D 10 27.89 25.45 74.00
CA GLU D 10 26.44 25.45 73.90
C GLU D 10 25.99 26.46 72.85
N GLY D 11 24.91 26.13 72.15
CA GLY D 11 24.40 26.97 71.10
C GLY D 11 24.96 26.71 69.71
N ASP D 12 26.09 26.01 69.61
CA ASP D 12 26.69 25.74 68.32
C ASP D 12 25.71 24.98 67.41
N ASN D 13 25.96 25.09 66.10
CA ASN D 13 25.20 24.35 65.11
C ASN D 13 25.32 22.86 65.40
N PRO D 14 24.20 22.15 65.58
CA PRO D 14 24.30 20.72 65.92
C PRO D 14 24.87 19.86 64.81
N ASP D 15 24.68 20.22 63.53
CA ASP D 15 25.31 19.47 62.46
C ASP D 15 26.83 19.42 62.64
N LEU D 16 27.41 20.49 63.18
CA LEU D 16 28.85 20.52 63.42
C LEU D 16 29.21 19.87 64.75
N THR D 17 28.42 20.12 65.80
CA THR D 17 28.66 19.50 67.09
C THR D 17 28.68 17.99 66.98
N ALA D 18 27.78 17.43 66.16
CA ALA D 18 27.72 15.99 65.93
C ALA D 18 29.06 15.44 65.48
N GLU D 19 29.79 16.20 64.66
CA GLU D 19 31.09 15.77 64.18
C GLU D 19 32.18 15.92 65.24
N ARG D 20 31.97 16.79 66.23
CA ARG D 20 32.93 16.94 67.32
C ARG D 20 32.70 15.89 68.40
N LEU D 21 31.44 15.53 68.62
CA LEU D 21 31.09 14.55 69.64
C LEU D 21 31.71 13.19 69.39
N THR D 22 32.12 12.90 68.15
CA THR D 22 32.66 11.59 67.84
C THR D 22 34.16 11.48 68.09
N ALA D 23 34.78 12.50 68.67
CA ALA D 23 36.23 12.49 68.87
C ALA D 23 36.63 11.39 69.84
N THR D 24 37.77 10.77 69.56
CA THR D 24 38.34 9.73 70.41
C THR D 24 39.49 10.22 71.27
N PHE D 25 39.81 11.52 71.21
CA PHE D 25 40.96 12.05 71.91
C PHE D 25 40.67 13.46 72.39
N ASP D 26 41.41 13.86 73.42
CA ASP D 26 41.33 15.20 73.98
C ASP D 26 42.02 16.18 73.04
N THR D 27 41.31 17.23 72.62
CA THR D 27 41.90 18.16 71.65
C THR D 27 42.95 19.06 72.26
N HIS D 28 42.93 19.27 73.58
CA HIS D 28 44.03 19.99 74.22
C HIS D 28 45.32 19.19 74.11
N ALA D 29 45.21 17.86 74.23
CA ALA D 29 46.39 17.01 74.18
C ALA D 29 46.96 16.93 72.77
N MET D 30 46.10 17.03 71.75
CA MET D 30 46.59 17.04 70.38
C MET D 30 47.26 18.36 70.06
N ALA D 31 46.72 19.47 70.58
CA ALA D 31 47.37 20.76 70.43
C ALA D 31 48.80 20.71 70.95
N ALA D 32 49.00 20.11 72.12
CA ALA D 32 50.33 19.97 72.70
C ALA D 32 51.27 19.25 71.73
N GLN D 33 50.76 18.21 71.07
CA GLN D 33 51.54 17.52 70.05
C GLN D 33 51.86 18.45 68.88
N ILE D 34 50.87 19.22 68.44
CA ILE D 34 51.04 20.06 67.26
C ILE D 34 52.07 21.15 67.53
N TYR D 35 52.01 21.76 68.71
CA TYR D 35 52.79 22.97 69.00
C TYR D 35 53.99 22.70 69.91
N GLY D 36 54.34 21.44 70.13
CA GLY D 36 55.60 21.12 70.78
C GLY D 36 55.62 21.22 72.29
N GLY D 37 54.51 20.98 72.94
CA GLY D 37 54.47 20.96 74.39
C GLY D 37 53.14 21.44 74.92
N GLU D 38 52.77 20.91 76.08
CA GLU D 38 51.51 21.29 76.72
C GLU D 38 51.51 22.77 77.10
N MET D 39 52.66 23.28 77.56
CA MET D 39 52.74 24.67 78.00
C MET D 39 52.66 25.61 76.80
N ARG D 40 53.35 25.28 75.71
CA ARG D 40 53.27 26.11 74.50
C ARG D 40 51.83 26.22 74.02
N ALA D 41 51.11 25.10 74.02
CA ALA D 41 49.73 25.11 73.53
C ALA D 41 48.85 25.91 74.47
N ARG D 42 49.03 25.75 75.78
CA ARG D 42 48.19 26.49 76.73
C ARG D 42 48.41 27.98 76.62
N ARG D 43 49.66 28.41 76.36
CA ARG D 43 49.91 29.84 76.20
C ARG D 43 49.18 30.39 74.98
N ARG D 44 49.10 29.61 73.90
CA ARG D 44 48.32 30.01 72.74
C ARG D 44 46.90 30.35 73.13
N ARG D 45 46.26 29.49 73.94
CA ARG D 45 44.87 29.74 74.32
C ARG D 45 44.76 30.90 75.30
N GLU D 46 45.75 31.05 76.19
CA GLU D 46 45.71 32.18 77.14
C GLU D 46 45.89 33.50 76.41
N ILE D 47 46.75 33.54 75.40
CA ILE D 47 46.91 34.73 74.56
C ILE D 47 45.60 35.05 73.87
N THR D 48 44.94 34.03 73.34
CA THR D 48 43.69 34.23 72.62
C THR D 48 42.59 34.74 73.54
N ALA D 49 42.56 34.22 74.78
CA ALA D 49 41.57 34.69 75.76
C ALA D 49 41.87 36.11 76.20
N LYS D 50 43.15 36.47 76.30
CA LYS D 50 43.52 37.82 76.68
C LYS D 50 43.18 38.82 75.58
N LEU D 51 43.42 38.44 74.32
CA LEU D 51 43.12 39.34 73.20
C LEU D 51 41.63 39.55 73.02
N ALA D 52 40.79 38.66 73.56
CA ALA D 52 39.35 38.86 73.49
C ALA D 52 38.91 40.03 74.34
N GLU D 53 39.70 40.40 75.34
CA GLU D 53 39.39 41.52 76.23
C GLU D 53 39.95 42.85 75.73
N ILE D 54 40.65 42.85 74.60
CA ILE D 54 41.25 44.07 74.06
C ILE D 54 40.71 44.30 72.66
N PRO D 55 39.55 44.95 72.51
CA PRO D 55 38.97 45.12 71.17
C PRO D 55 39.78 46.03 70.26
N GLU D 56 40.67 46.88 70.80
CA GLU D 56 41.48 47.74 69.95
C GLU D 56 42.31 46.92 68.98
N LEU D 57 42.60 45.68 69.33
CA LEU D 57 43.45 44.81 68.53
C LEU D 57 42.66 43.89 67.61
N HIS D 58 41.36 44.13 67.45
CA HIS D 58 40.54 43.34 66.54
C HIS D 58 40.48 44.03 65.18
N ASP D 59 40.24 43.23 64.14
CA ASP D 59 39.96 43.78 62.82
C ASP D 59 38.86 44.83 62.93
N SER D 60 39.17 46.09 62.65
CA SER D 60 38.18 47.15 62.80
C SER D 60 36.98 46.91 61.90
N MET D 61 37.21 46.36 60.71
CA MET D 61 36.15 45.81 59.89
C MET D 61 36.71 44.64 59.10
N PRO D 62 35.86 43.74 58.61
CA PRO D 62 36.35 42.57 57.86
C PRO D 62 37.34 42.98 56.78
N LEU D 63 38.49 42.32 56.76
CA LEU D 63 39.57 42.72 55.86
C LEU D 63 39.24 42.65 54.37
N PRO D 64 38.47 41.68 53.86
CA PRO D 64 38.13 41.71 52.43
C PRO D 64 37.37 42.96 52.00
N TYR D 65 36.77 43.72 52.93
CA TYR D 65 36.06 44.93 52.57
C TYR D 65 36.99 46.06 52.13
N MET D 66 38.28 45.96 52.42
CA MET D 66 39.17 47.11 52.39
C MET D 66 39.97 47.21 51.10
N THR D 67 40.13 48.45 50.64
CA THR D 67 41.15 48.77 49.65
C THR D 67 42.54 48.49 50.24
N ARG D 68 43.55 48.54 49.37
CA ARG D 68 44.92 48.33 49.81
C ARG D 68 45.32 49.37 50.86
N GLU D 69 45.05 50.65 50.62
CA GLU D 69 45.44 51.68 51.58
C GLU D 69 44.71 51.50 52.91
N GLU D 70 43.44 51.09 52.87
CA GLU D 70 42.71 50.87 54.11
C GLU D 70 43.34 49.75 54.93
N LYS D 71 43.71 48.65 54.26
CA LYS D 71 44.39 47.55 54.95
C LYS D 71 45.69 48.00 55.58
N ILE D 72 46.52 48.74 54.83
CA ILE D 72 47.82 49.16 55.34
C ILE D 72 47.64 50.06 56.56
N MET D 73 46.67 50.98 56.50
CA MET D 73 46.37 51.80 57.67
C MET D 73 45.93 50.94 58.85
N GLU D 74 45.01 50.00 58.60
CA GLU D 74 44.53 49.12 59.67
C GLU D 74 45.68 48.34 60.29
N SER D 75 46.62 47.88 59.46
CA SER D 75 47.73 47.09 59.97
C SER D 75 48.63 47.91 60.88
N ALA D 76 48.99 49.11 60.46
CA ALA D 76 49.83 49.97 61.29
C ALA D 76 49.10 50.37 62.57
N ARG D 77 47.79 50.61 62.47
CA ARG D 77 47.00 50.90 63.66
C ARG D 77 47.16 49.81 64.70
N LYS D 78 46.93 48.55 64.29
CA LYS D 78 47.05 47.45 65.23
C LYS D 78 48.50 47.26 65.67
N LEU D 79 49.45 47.54 64.78
CA LEU D 79 50.86 47.32 65.12
C LEU D 79 51.33 48.27 66.22
N THR D 80 50.97 49.56 66.14
CA THR D 80 51.35 50.50 67.20
C THR D 80 50.77 50.08 68.53
N VAL D 81 49.47 49.77 68.56
CA VAL D 81 48.87 49.26 69.79
C VAL D 81 49.57 47.98 70.23
N LEU D 82 49.92 47.13 69.27
CA LEU D 82 50.56 45.86 69.60
C LEU D 82 51.89 46.08 70.31
N THR D 83 52.75 46.92 69.74
CA THR D 83 54.08 47.12 70.32
C THR D 83 53.99 47.75 71.70
N GLN D 84 52.96 48.56 71.95
CA GLN D 84 52.82 49.21 73.25
C GLN D 84 52.39 48.22 74.32
N ARG D 85 51.39 47.38 74.02
CA ARG D 85 50.78 46.51 75.02
C ARG D 85 51.33 45.08 74.98
N MET D 86 52.43 44.85 74.26
CA MET D 86 52.90 43.48 74.02
C MET D 86 53.19 42.75 75.32
N SER D 87 53.81 43.43 76.29
CA SER D 87 54.25 42.75 77.51
C SER D 87 53.07 42.31 78.37
N GLU D 88 51.91 42.95 78.23
CA GLU D 88 50.74 42.52 78.99
C GLU D 88 50.21 41.17 78.53
N ILE D 89 50.52 40.78 77.29
CA ILE D 89 49.97 39.58 76.70
C ILE D 89 51.00 38.46 76.60
N ILE D 90 52.28 38.80 76.44
CA ILE D 90 53.26 37.95 75.80
C ILE D 90 54.57 38.05 76.58
N ASP D 91 55.40 37.00 76.48
CA ASP D 91 56.80 37.16 76.83
C ASP D 91 57.54 37.54 75.57
N PRO D 92 57.92 38.81 75.42
CA PRO D 92 58.46 39.29 74.13
C PRO D 92 59.62 38.46 73.59
N THR D 93 60.39 37.84 74.48
CA THR D 93 61.53 37.02 74.07
C THR D 93 61.08 35.80 73.29
N ASP D 94 59.94 35.24 73.67
CA ASP D 94 59.40 34.06 73.00
C ASP D 94 58.80 34.44 71.66
N ALA D 95 59.12 33.66 70.62
CA ALA D 95 58.60 33.92 69.29
C ALA D 95 58.43 32.63 68.48
N GLY D 96 57.80 31.62 69.06
CA GLY D 96 57.28 31.66 70.41
C GLY D 96 55.85 32.17 70.48
N GLU D 97 55.60 33.09 71.41
CA GLU D 97 54.27 33.66 71.58
C GLU D 97 54.03 34.83 70.63
N LEU D 98 55.11 35.43 70.15
CA LEU D 98 55.01 36.56 69.25
C LEU D 98 54.45 36.13 67.89
N TYR D 99 54.84 34.94 67.42
CA TYR D 99 54.31 34.42 66.15
C TYR D 99 52.80 34.29 66.21
N HIS D 100 52.30 33.66 67.27
CA HIS D 100 50.86 33.48 67.44
C HIS D 100 50.15 34.81 67.63
N LEU D 101 50.71 35.69 68.47
CA LEU D 101 50.13 37.02 68.65
C LEU D 101 49.94 37.72 67.31
N ASN D 102 50.99 37.71 66.48
CA ASN D 102 50.90 38.34 65.16
C ASN D 102 49.81 37.68 64.31
N ASN D 103 49.70 36.36 64.37
CA ASN D 103 48.71 35.65 63.56
C ASN D 103 47.28 36.08 63.90
N GLU D 104 46.99 36.23 65.19
CA GLU D 104 45.66 36.72 65.60
C GLU D 104 45.48 38.18 65.22
N VAL D 105 46.44 39.04 65.61
CA VAL D 105 46.23 40.48 65.52
C VAL D 105 46.46 40.96 64.10
N LEU D 106 47.55 40.53 63.46
CA LEU D 106 47.97 41.05 62.18
C LEU D 106 47.58 40.17 61.00
N GLY D 107 47.53 38.85 61.17
CA GLY D 107 47.10 37.98 60.11
C GLY D 107 48.16 37.75 59.04
N ILE D 108 47.71 37.14 57.95
CA ILE D 108 48.62 36.64 56.94
C ILE D 108 48.89 37.62 55.79
N GLU D 109 48.05 38.65 55.64
CA GLU D 109 48.18 39.51 54.47
C GLU D 109 49.36 40.47 54.56
N GLY D 110 50.01 40.59 55.71
CA GLY D 110 51.21 41.39 55.84
C GLY D 110 51.09 42.45 56.92
N ASN D 111 52.21 43.10 57.17
CA ASN D 111 52.26 44.23 58.09
C ASN D 111 53.56 44.99 57.84
N PRO D 112 53.65 46.23 58.31
CA PRO D 112 54.85 47.04 58.02
C PRO D 112 56.14 46.46 58.56
N MET D 113 56.09 45.56 59.55
CA MET D 113 57.31 45.02 60.16
C MET D 113 57.39 43.51 60.01
N ALA D 114 56.78 42.99 58.95
CA ALA D 114 56.80 41.56 58.68
C ALA D 114 58.21 41.06 58.37
N LEU D 115 58.93 41.82 57.56
CA LEU D 115 60.29 41.46 57.18
C LEU D 115 61.28 41.85 58.26
N HIS D 116 60.90 42.82 59.09
CA HIS D 116 61.74 43.29 60.17
C HIS D 116 62.03 42.18 61.18
N GLY D 117 61.26 41.10 61.09
CA GLY D 117 61.43 39.98 61.99
C GLY D 117 61.82 38.69 61.29
N VAL D 118 61.28 38.48 60.10
CA VAL D 118 61.58 37.28 59.32
C VAL D 118 63.02 37.27 58.84
N MET D 119 63.59 38.44 58.50
CA MET D 119 64.94 38.43 57.92
C MET D 119 65.88 39.49 58.49
N PHE D 120 65.38 40.70 58.75
CA PHE D 120 66.24 41.79 59.18
C PHE D 120 66.99 41.43 60.47
N ILE D 121 66.24 41.09 61.52
CA ILE D 121 66.88 40.68 62.78
C ILE D 121 67.72 39.43 62.61
N PRO D 122 67.23 38.33 62.00
CA PRO D 122 68.11 37.16 61.80
C PRO D 122 69.39 37.47 61.03
N ALA D 123 69.36 38.38 60.05
CA ALA D 123 70.59 38.75 59.35
C ALA D 123 71.57 39.42 60.31
N LEU D 124 71.06 40.26 61.21
CA LEU D 124 71.92 40.91 62.19
C LEU D 124 72.47 39.89 63.19
N ASN D 125 71.64 38.93 63.60
CA ASN D 125 72.12 37.86 64.47
C ASN D 125 73.26 37.09 63.81
N ALA D 126 73.11 36.77 62.53
CA ALA D 126 74.01 35.83 61.89
C ALA D 126 75.24 36.49 61.27
N GLN D 127 75.23 37.80 61.02
CA GLN D 127 76.30 38.40 60.25
C GLN D 127 76.90 39.65 60.87
N ALA D 128 76.31 40.23 61.90
CA ALA D 128 76.86 41.43 62.52
C ALA D 128 77.77 41.04 63.69
N SER D 129 78.83 41.83 63.89
CA SER D 129 79.75 41.57 64.97
C SER D 129 79.10 41.93 66.29
N ASP D 130 79.81 41.63 67.39
CA ASP D 130 79.27 41.93 68.72
C ASP D 130 79.07 43.42 68.89
N GLU D 131 80.03 44.23 68.44
CA GLU D 131 79.89 45.68 68.57
C GLU D 131 78.72 46.19 67.73
N GLN D 132 78.56 45.64 66.51
CA GLN D 132 77.50 46.13 65.62
C GLN D 132 76.13 45.73 66.13
N GLN D 133 76.00 44.51 66.69
CA GLN D 133 74.73 44.11 67.28
C GLN D 133 74.34 45.08 68.39
N ALA D 134 75.32 45.58 69.14
CA ALA D 134 75.02 46.54 70.19
C ALA D 134 74.46 47.84 69.61
N LYS D 135 74.95 48.23 68.44
CA LYS D 135 74.51 49.49 67.85
C LYS D 135 73.14 49.31 67.18
N TRP D 136 72.96 48.23 66.42
CA TRP D 136 71.79 48.10 65.57
C TRP D 136 70.79 47.06 66.05
N LEU D 137 71.23 45.92 66.59
CA LEU D 137 70.29 44.86 66.91
C LEU D 137 69.39 45.27 68.07
N ILE D 138 69.93 46.03 69.02
CA ILE D 138 69.11 46.49 70.14
C ILE D 138 68.04 47.47 69.66
N ARG D 139 68.43 48.44 68.83
CA ARG D 139 67.45 49.38 68.28
C ARG D 139 66.37 48.65 67.48
N ALA D 140 66.74 47.57 66.80
CA ALA D 140 65.76 46.82 66.02
C ALA D 140 64.79 46.09 66.94
N LEU D 141 65.31 45.42 67.98
CA LEU D 141 64.44 44.69 68.89
C LEU D 141 63.48 45.62 69.61
N ARG D 142 63.96 46.80 69.99
CA ARG D 142 63.12 47.80 70.65
C ARG D 142 62.19 48.52 69.69
N ARG D 143 62.27 48.23 68.40
CA ARG D 143 61.42 48.81 67.37
C ARG D 143 61.59 50.34 67.30
N GLU D 144 62.82 50.80 67.59
CA GLU D 144 63.23 52.18 67.30
C GLU D 144 63.36 52.42 65.79
N ILE D 145 63.66 51.37 65.03
CA ILE D 145 63.84 51.45 63.58
C ILE D 145 63.03 50.33 62.93
N ILE D 146 62.77 50.49 61.64
CA ILE D 146 62.09 49.47 60.85
C ILE D 146 63.02 49.08 59.73
N GLY D 147 63.25 47.77 59.57
CA GLY D 147 64.26 47.29 58.65
C GLY D 147 63.76 46.15 57.77
N THR D 148 64.59 45.82 56.78
CA THR D 148 64.32 44.69 55.91
C THR D 148 65.64 44.18 55.36
N TYR D 149 65.55 43.13 54.54
CA TYR D 149 66.70 42.46 53.96
C TYR D 149 66.61 42.58 52.43
N ALA D 150 67.58 43.28 51.84
CA ALA D 150 67.52 43.65 50.44
C ALA D 150 68.58 42.86 49.65
N GLN D 151 68.16 41.73 49.09
CA GLN D 151 69.03 40.88 48.28
C GLN D 151 68.64 40.95 46.80
N THR D 152 67.39 40.64 46.48
CA THR D 152 66.95 40.50 45.10
C THR D 152 66.98 41.84 44.37
N GLU D 153 67.37 41.80 43.10
CA GLU D 153 67.33 42.94 42.21
C GLU D 153 66.35 42.66 41.09
N MET D 154 65.99 43.71 40.34
CA MET D 154 65.05 43.55 39.23
C MET D 154 65.53 42.48 38.26
N GLY D 155 66.82 42.43 37.99
CA GLY D 155 67.38 41.51 37.03
C GLY D 155 67.98 40.22 37.58
N HIS D 156 68.03 40.04 38.89
CA HIS D 156 68.63 38.84 39.46
C HIS D 156 68.03 38.58 40.83
N GLY D 157 67.59 37.34 41.04
CA GLY D 157 67.17 36.88 42.34
C GLY D 157 67.77 35.51 42.62
N THR D 158 67.68 34.62 41.64
CA THR D 158 68.25 33.28 41.80
C THR D 158 69.78 33.34 41.80
N ASN D 159 70.38 34.05 40.84
CA ASN D 159 71.80 33.79 40.61
C ASN D 159 72.70 34.31 41.72
N LEU D 160 72.75 35.63 41.93
CA LEU D 160 73.52 36.31 42.99
C LEU D 160 74.98 36.53 42.63
N GLN D 161 75.62 35.55 41.96
CA GLN D 161 76.97 35.78 41.46
C GLN D 161 77.01 36.83 40.35
N ASN D 162 75.86 37.27 39.86
CA ASN D 162 75.75 38.29 38.81
C ASN D 162 74.84 39.43 39.27
N LEU D 163 74.78 39.67 40.57
CA LEU D 163 74.15 40.89 41.06
C LEU D 163 74.90 42.09 40.50
N GLU D 164 74.20 43.22 40.40
CA GLU D 164 74.77 44.38 39.74
C GLU D 164 75.00 45.58 40.66
N THR D 165 74.38 45.62 41.85
CA THR D 165 74.65 46.68 42.80
C THR D 165 76.06 46.53 43.35
N THR D 166 76.80 47.64 43.42
CA THR D 166 78.20 47.62 43.79
C THR D 166 78.44 48.42 45.08
N ALA D 167 79.38 47.95 45.88
CA ALA D 167 79.87 48.66 47.06
C ALA D 167 81.38 48.78 46.93
N THR D 168 81.85 49.94 46.49
CA THR D 168 83.25 50.20 46.20
C THR D 168 83.88 50.94 47.38
N TYR D 169 85.00 50.41 47.88
CA TYR D 169 85.61 50.96 49.08
C TYR D 169 86.53 52.12 48.72
N ASP D 170 86.20 53.29 49.26
CA ASP D 170 87.07 54.47 49.22
C ASP D 170 88.06 54.36 50.37
N ILE D 171 89.36 54.30 50.07
CA ILE D 171 90.35 54.07 51.11
C ILE D 171 90.58 55.32 51.94
N GLY D 172 90.82 56.45 51.28
CA GLY D 172 90.54 57.71 51.91
C GLY D 172 89.06 57.81 52.23
N THR D 173 88.74 58.62 53.24
CA THR D 173 87.38 58.83 53.76
C THR D 173 86.87 57.60 54.50
N GLN D 174 87.32 56.41 54.10
CA GLN D 174 87.00 55.16 54.78
C GLN D 174 85.51 54.82 54.71
N GLU D 175 84.92 54.98 53.52
CA GLU D 175 83.51 54.71 53.29
C GLU D 175 83.34 53.62 52.22
N PHE D 176 82.16 53.03 52.18
CA PHE D 176 81.74 52.20 51.05
C PHE D 176 80.78 53.00 50.19
N VAL D 177 81.03 53.02 48.89
CA VAL D 177 80.20 53.76 47.94
C VAL D 177 79.27 52.78 47.26
N LEU D 178 77.99 52.88 47.55
CA LEU D 178 76.98 52.04 46.92
C LEU D 178 76.49 52.70 45.64
N HIS D 179 76.33 51.92 44.58
CA HIS D 179 75.89 52.46 43.31
C HIS D 179 75.06 51.44 42.57
N THR D 180 74.03 51.94 41.86
CA THR D 180 73.07 51.16 41.08
C THR D 180 73.25 51.52 39.61
N PRO D 181 74.13 50.82 38.89
CA PRO D 181 74.56 51.30 37.55
C PRO D 181 73.47 51.29 36.50
N LYS D 182 72.48 50.41 36.60
CA LYS D 182 71.40 50.41 35.62
C LYS D 182 70.08 50.13 36.32
N ILE D 183 69.02 50.19 35.52
CA ILE D 183 67.67 49.95 36.01
C ILE D 183 67.52 48.52 36.52
N THR D 184 68.16 47.56 35.86
CA THR D 184 68.05 46.17 36.27
C THR D 184 68.80 45.88 37.56
N ALA D 185 69.63 46.82 38.04
CA ALA D 185 70.40 46.63 39.26
C ALA D 185 69.64 47.09 40.50
N LEU D 186 68.52 47.77 40.31
CA LEU D 186 67.66 48.15 41.42
C LEU D 186 67.35 46.94 42.29
N LYS D 187 67.54 47.10 43.59
CA LYS D 187 66.94 46.15 44.53
C LYS D 187 65.44 46.13 44.29
N TRP D 188 64.85 44.94 44.39
CA TRP D 188 63.49 44.74 43.91
C TRP D 188 62.96 43.46 44.54
N TRP D 189 61.85 43.60 45.30
CA TRP D 189 61.07 42.61 46.04
C TRP D 189 61.32 42.58 47.56
N PRO D 190 62.43 43.13 48.13
CA PRO D 190 62.54 43.14 49.59
C PRO D 190 61.28 43.69 50.24
N GLY D 191 60.69 42.92 51.14
CA GLY D 191 59.43 43.33 51.74
C GLY D 191 59.61 44.48 52.69
N ASN D 192 58.58 45.33 52.74
CA ASN D 192 58.56 46.51 53.60
C ASN D 192 59.65 47.51 53.24
N LEU D 193 60.23 47.38 52.05
CA LEU D 193 61.27 48.29 51.58
C LEU D 193 60.70 49.54 50.92
N GLY D 194 59.50 49.47 50.34
CA GLY D 194 59.02 50.57 49.54
C GLY D 194 58.67 51.79 50.38
N LYS D 195 57.98 51.59 51.49
CA LYS D 195 57.42 52.72 52.24
C LYS D 195 57.68 52.68 53.74
N SER D 196 57.91 51.51 54.34
CA SER D 196 57.93 51.40 55.80
C SER D 196 59.33 51.45 56.39
N SER D 197 60.29 50.75 55.80
CA SER D 197 61.61 50.63 56.41
C SER D 197 62.40 51.92 56.23
N ASN D 198 63.20 52.25 57.26
CA ASN D 198 64.17 53.32 57.16
C ASN D 198 65.61 52.81 57.22
N TYR D 199 65.81 51.52 57.44
CA TYR D 199 67.12 50.89 57.32
C TYR D 199 66.95 49.59 56.53
N ALA D 200 68.06 49.11 55.98
CA ALA D 200 68.03 47.80 55.35
C ALA D 200 69.42 47.19 55.35
N VAL D 201 69.48 45.88 55.54
CA VAL D 201 70.65 45.09 55.17
C VAL D 201 70.60 44.86 53.66
N VAL D 202 71.72 45.09 52.98
CA VAL D 202 71.72 45.18 51.52
C VAL D 202 72.86 44.33 50.97
N VAL D 203 72.52 43.35 50.14
CA VAL D 203 73.52 42.51 49.49
C VAL D 203 74.06 43.23 48.26
N ALA D 204 75.39 43.35 48.19
CA ALA D 204 76.04 44.02 47.06
C ALA D 204 77.41 43.40 46.83
N HIS D 205 77.86 43.43 45.58
CA HIS D 205 79.21 42.99 45.26
C HIS D 205 80.20 44.03 45.75
N MET D 206 81.21 43.58 46.51
CA MET D 206 82.14 44.48 47.18
C MET D 206 83.43 44.61 46.37
N TYR D 207 83.83 45.84 46.10
CA TYR D 207 84.99 46.14 45.28
C TYR D 207 86.03 46.89 46.10
N ILE D 208 87.27 46.40 46.07
CA ILE D 208 88.40 47.10 46.66
C ILE D 208 89.58 47.01 45.69
N LYS D 209 90.11 48.19 45.31
CA LYS D 209 91.26 48.30 44.40
C LYS D 209 90.98 47.61 43.06
N GLY D 210 89.73 47.64 42.63
CA GLY D 210 89.33 47.05 41.38
C GLY D 210 88.89 45.60 41.45
N LYS D 211 89.26 44.89 42.51
CA LYS D 211 88.94 43.48 42.63
C LYS D 211 87.54 43.28 43.20
N ASN D 212 86.83 42.29 42.67
CA ASN D 212 85.45 42.00 43.08
C ASN D 212 85.48 40.82 44.06
N PHE D 213 85.08 41.08 45.31
CA PHE D 213 85.08 40.06 46.34
C PHE D 213 83.75 39.33 46.47
N GLY D 214 82.76 39.67 45.65
CA GLY D 214 81.51 38.96 45.64
C GLY D 214 80.48 39.55 46.59
N PRO D 215 79.33 38.89 46.70
CA PRO D 215 78.23 39.45 47.50
C PRO D 215 78.59 39.55 48.98
N HIS D 216 78.32 40.73 49.55
CA HIS D 216 78.52 41.02 50.96
C HIS D 216 77.37 41.90 51.43
N THR D 217 77.11 41.88 52.74
CA THR D 217 75.95 42.54 53.32
C THR D 217 76.36 43.76 54.13
N PHE D 218 75.50 44.79 54.07
CA PHE D 218 75.78 46.11 54.60
C PHE D 218 74.56 46.65 55.31
N MET D 219 74.76 47.30 56.45
CA MET D 219 73.69 48.11 57.04
C MET D 219 73.64 49.45 56.33
N VAL D 220 72.45 49.83 55.87
CA VAL D 220 72.28 51.00 55.01
C VAL D 220 71.11 51.83 55.52
N PRO D 221 71.34 53.05 55.99
CA PRO D 221 70.21 53.94 56.29
C PRO D 221 69.56 54.41 55.00
N LEU D 222 68.23 54.32 54.96
CA LEU D 222 67.46 54.62 53.76
C LEU D 222 66.68 55.93 53.86
N ARG D 223 66.09 56.21 55.02
CA ARG D 223 65.21 57.35 55.21
C ARG D 223 65.57 58.07 56.49
N ASP D 224 65.41 59.39 56.47
CA ASP D 224 65.65 60.23 57.64
C ASP D 224 64.83 59.73 58.82
N GLU D 225 65.48 59.64 59.99
CA GLU D 225 64.80 59.06 61.15
C GLU D 225 63.70 59.97 61.69
N LYS D 226 63.66 61.24 61.29
CA LYS D 226 62.65 62.15 61.82
C LYS D 226 61.61 62.54 60.78
N THR D 227 62.02 62.86 59.54
CA THR D 227 61.05 63.22 58.51
C THR D 227 60.59 62.04 57.68
N HIS D 228 61.37 60.96 57.63
CA HIS D 228 61.14 59.76 56.82
C HIS D 228 61.31 60.00 55.32
N LYS D 229 61.85 61.16 54.93
CA LYS D 229 62.19 61.37 53.52
C LYS D 229 63.36 60.48 53.14
N PRO D 230 63.46 60.10 51.86
CA PRO D 230 64.65 59.38 51.39
C PRO D 230 65.90 60.25 51.55
N LEU D 231 66.94 59.67 52.15
CA LEU D 231 68.20 60.37 52.30
C LEU D 231 68.78 60.67 50.91
N PRO D 232 69.67 61.65 50.80
CA PRO D 232 70.21 62.01 49.49
C PRO D 232 70.94 60.86 48.83
N GLY D 233 70.57 60.61 47.57
CA GLY D 233 71.14 59.53 46.79
C GLY D 233 70.28 58.29 46.70
N ILE D 234 69.10 58.31 47.32
CA ILE D 234 68.25 57.13 47.45
C ILE D 234 67.04 57.28 46.54
N THR D 235 66.79 56.26 45.72
CA THR D 235 65.54 56.11 44.98
C THR D 235 64.80 54.91 45.57
N ILE D 236 63.53 55.10 45.91
CA ILE D 236 62.84 54.11 46.74
C ILE D 236 61.34 54.23 46.52
N GLY D 237 60.67 53.08 46.45
CA GLY D 237 59.22 53.08 46.28
C GLY D 237 58.67 51.68 46.32
N ASP D 238 57.34 51.61 46.29
CA ASP D 238 56.62 50.33 46.24
C ASP D 238 56.74 49.76 44.83
N ILE D 239 56.60 48.43 44.71
CA ILE D 239 56.66 47.79 43.40
C ILE D 239 55.28 47.50 42.82
N GLY D 240 54.21 47.94 43.46
CA GLY D 240 52.87 47.78 42.92
C GLY D 240 52.08 46.68 43.59
N PRO D 241 50.80 46.57 43.24
CA PRO D 241 49.96 45.53 43.83
C PRO D 241 50.38 44.16 43.32
N LYS D 242 49.91 43.14 44.03
CA LYS D 242 50.38 41.78 43.83
C LYS D 242 49.21 40.82 43.86
N MET D 243 49.53 39.56 43.55
CA MET D 243 48.59 38.45 43.65
C MET D 243 47.91 38.43 45.01
N ALA D 244 48.69 38.57 46.07
CA ALA D 244 48.19 38.61 47.44
C ALA D 244 49.27 39.28 48.29
N TYR D 245 49.12 39.20 49.61
CA TYR D 245 50.13 39.69 50.54
C TYR D 245 50.33 41.19 50.38
N ASN D 246 49.24 41.91 50.19
CA ASN D 246 49.33 43.29 49.72
C ASN D 246 49.49 44.29 50.84
N ILE D 247 49.49 43.85 52.10
CA ILE D 247 49.76 44.79 53.18
C ILE D 247 51.27 45.06 53.28
N VAL D 248 52.10 44.12 52.82
CA VAL D 248 53.54 44.36 52.79
C VAL D 248 53.88 45.24 51.59
N ASP D 249 54.66 46.29 51.84
CA ASP D 249 55.06 47.22 50.79
C ASP D 249 56.41 46.80 50.21
N ASN D 250 56.38 45.73 49.42
CA ASN D 250 57.56 45.29 48.69
C ASN D 250 58.07 46.43 47.82
N GLY D 251 59.39 46.63 47.81
CA GLY D 251 59.97 47.87 47.36
C GLY D 251 61.08 47.68 46.35
N PHE D 252 61.38 48.80 45.65
CA PHE D 252 62.60 48.93 44.86
C PHE D 252 63.51 49.95 45.54
N LEU D 253 64.81 49.83 45.27
CA LEU D 253 65.81 50.65 45.94
C LEU D 253 67.00 50.86 45.02
N GLY D 254 67.42 52.11 44.86
CA GLY D 254 68.55 52.43 44.01
C GLY D 254 69.43 53.49 44.64
N PHE D 255 70.73 53.40 44.32
CA PHE D 255 71.76 54.26 44.90
C PHE D 255 72.47 55.06 43.81
N ASN D 256 72.70 56.35 44.08
CA ASN D 256 73.52 57.20 43.24
C ASN D 256 74.74 57.59 44.05
N ASN D 257 75.77 56.74 44.00
CA ASN D 257 77.01 56.93 44.76
C ASN D 257 76.72 57.31 46.22
N TYR D 258 75.99 56.41 46.89
CA TYR D 258 75.53 56.63 48.26
C TYR D 258 76.56 56.06 49.24
N ARG D 259 77.09 56.93 50.12
CA ARG D 259 78.24 56.59 50.94
C ARG D 259 77.79 56.16 52.33
N ILE D 260 78.39 55.08 52.82
CA ILE D 260 78.17 54.58 54.18
C ILE D 260 79.53 54.33 54.82
N PRO D 261 79.60 54.36 56.15
CA PRO D 261 80.87 54.06 56.83
C PRO D 261 81.37 52.66 56.53
N ARG D 262 82.69 52.49 56.65
CA ARG D 262 83.30 51.16 56.53
C ARG D 262 82.69 50.19 57.52
N THR D 263 82.39 50.64 58.74
CA THR D 263 81.85 49.78 59.78
C THR D 263 80.41 49.34 59.51
N ASN D 264 79.82 49.76 58.39
CA ASN D 264 78.48 49.29 58.06
C ASN D 264 78.50 47.95 57.32
N LEU D 265 79.65 47.56 56.80
CA LEU D 265 79.85 46.18 56.40
C LEU D 265 79.70 45.27 57.62
N LEU D 266 78.91 44.21 57.47
CA LEU D 266 78.65 43.32 58.59
C LEU D 266 79.82 42.36 58.76
N MET D 267 80.46 42.39 59.93
CA MET D 267 81.82 41.88 60.08
C MET D 267 81.96 40.78 61.12
N ARG D 268 80.93 39.95 61.33
CA ARG D 268 81.10 38.83 62.24
C ARG D 268 82.00 37.76 61.65
N HIS D 269 82.11 37.71 60.32
CA HIS D 269 82.87 36.66 59.65
C HIS D 269 83.87 37.20 58.64
N THR D 270 83.55 38.30 57.95
CA THR D 270 84.46 38.96 57.04
C THR D 270 84.90 40.27 57.67
N LYS D 271 86.13 40.69 57.34
CA LYS D 271 86.65 41.94 57.84
C LYS D 271 87.21 42.74 56.67
N VAL D 272 87.12 44.06 56.77
CA VAL D 272 87.84 44.98 55.88
C VAL D 272 88.45 46.04 56.77
N GLU D 273 89.78 46.01 56.89
CA GLU D 273 90.49 46.98 57.71
C GLU D 273 90.54 48.33 56.98
N ALA D 274 90.94 49.37 57.73
CA ALA D 274 90.81 50.73 57.23
C ALA D 274 91.67 50.97 56.01
N ASP D 275 92.81 50.28 55.88
CA ASP D 275 93.66 50.52 54.73
C ASP D 275 93.14 49.82 53.48
N GLY D 276 92.29 48.81 53.64
CA GLY D 276 91.71 48.12 52.50
C GLY D 276 91.87 46.61 52.56
N THR D 277 92.65 46.14 53.54
CA THR D 277 92.94 44.72 53.67
C THR D 277 91.67 43.91 53.88
N TYR D 278 91.62 42.72 53.26
CA TYR D 278 90.39 41.93 53.30
C TYR D 278 90.36 41.06 54.55
N ILE D 279 90.67 39.77 54.43
CA ILE D 279 90.63 38.71 55.45
C ILE D 279 89.34 37.90 55.29
N LYS D 280 89.46 36.67 54.65
CA LYS D 280 88.33 35.77 54.35
C LYS D 280 87.94 34.94 55.57
N PRO D 281 86.69 34.46 55.62
CA PRO D 281 86.23 33.66 56.78
C PRO D 281 86.51 32.18 56.61
N PRO D 282 86.33 31.38 57.68
CA PRO D 282 86.45 29.92 57.60
C PRO D 282 85.09 29.22 57.52
N ALA D 290 72.21 33.14 54.00
CA ALA D 290 71.21 32.41 54.79
C ALA D 290 70.09 33.34 55.25
N MET D 291 68.80 33.17 54.89
CA MET D 291 68.16 32.34 53.84
C MET D 291 67.91 30.86 54.17
N VAL D 292 68.83 30.20 54.87
CA VAL D 292 68.51 28.88 55.40
C VAL D 292 67.60 28.99 56.61
N HIS D 293 67.69 30.09 57.34
CA HIS D 293 66.75 30.38 58.43
C HIS D 293 65.33 30.42 57.91
N VAL D 294 65.10 31.18 56.83
CA VAL D 294 63.75 31.35 56.27
C VAL D 294 63.17 30.00 55.85
N ARG D 295 63.97 29.20 55.12
CA ARG D 295 63.50 27.91 54.64
C ARG D 295 63.13 26.99 55.78
N SER D 296 63.94 26.98 56.85
CA SER D 296 63.68 26.10 57.99
C SER D 296 62.39 26.47 58.70
N TYR D 297 62.16 27.78 58.88
CA TYR D 297 61.04 28.22 59.71
C TYR D 297 59.76 28.47 58.93
N MET D 298 59.82 28.57 57.60
CA MET D 298 58.61 28.79 56.81
C MET D 298 57.74 27.54 56.69
N LEU D 299 58.24 26.36 57.09
CA LEU D 299 57.48 25.14 56.89
C LEU D 299 56.27 25.08 57.81
N THR D 300 56.39 25.54 59.07
CA THR D 300 55.22 25.69 59.94
C THR D 300 54.21 26.64 59.32
N GLY D 301 54.68 27.78 58.79
CA GLY D 301 53.78 28.74 58.19
C GLY D 301 52.88 28.12 57.15
N GLN D 302 53.43 27.22 56.33
CA GLN D 302 52.64 26.53 55.30
C GLN D 302 51.68 25.51 55.91
N ALA D 303 52.19 24.66 56.81
CA ALA D 303 51.32 23.73 57.54
C ALA D 303 50.15 24.46 58.17
N ILE D 304 50.43 25.59 58.83
CA ILE D 304 49.37 26.34 59.51
C ILE D 304 48.37 26.89 58.49
N MET D 305 48.87 27.45 57.39
CA MET D 305 47.97 28.02 56.39
C MET D 305 47.16 26.91 55.70
N LEU D 306 47.79 25.76 55.44
CA LEU D 306 47.03 24.61 55.00
C LEU D 306 45.95 24.25 56.02
N SER D 307 46.29 24.31 57.31
CA SER D 307 45.31 23.96 58.33
C SER D 307 44.21 25.00 58.46
N TYR D 308 44.52 26.29 58.26
CA TYR D 308 43.47 27.29 58.13
C TYR D 308 42.45 26.82 57.11
N ALA D 309 42.94 26.50 55.90
CA ALA D 309 42.05 26.20 54.77
C ALA D 309 41.23 24.95 55.04
N LEU D 310 41.81 23.95 55.71
CA LEU D 310 41.08 22.71 55.95
C LEU D 310 40.08 22.85 57.08
N ASN D 311 40.45 23.56 58.16
CA ASN D 311 39.48 23.93 59.18
C ASN D 311 38.21 24.50 58.54
N ILE D 312 38.36 25.44 57.61
CA ILE D 312 37.21 26.03 56.95
C ILE D 312 36.46 24.99 56.13
N ALA D 313 37.15 24.35 55.19
CA ALA D 313 36.47 23.44 54.26
C ALA D 313 35.80 22.28 54.97
N THR D 314 36.40 21.79 56.06
CA THR D 314 35.81 20.64 56.74
C THR D 314 34.66 21.06 57.65
N ARG D 315 34.83 22.14 58.41
CA ARG D 315 33.72 22.68 59.17
C ARG D 315 32.53 22.95 58.25
N TYR D 316 32.76 23.67 57.16
CA TYR D 316 31.68 23.97 56.22
C TYR D 316 31.08 22.69 55.66
N SER D 317 31.89 21.65 55.44
CA SER D 317 31.37 20.40 54.92
C SER D 317 30.42 19.73 55.92
N ALA D 318 30.59 20.00 57.21
CA ALA D 318 29.66 19.44 58.19
C ALA D 318 28.33 20.18 58.18
N VAL D 319 28.33 21.50 57.90
CA VAL D 319 27.08 22.22 57.95
C VAL D 319 26.41 22.30 56.57
N ARG D 320 27.17 22.16 55.48
CA ARG D 320 26.58 22.19 54.15
C ARG D 320 25.94 20.84 53.83
N ARG D 321 24.62 20.85 53.65
CA ARG D 321 23.89 19.69 53.17
C ARG D 321 23.55 19.89 51.70
N GLN D 322 23.63 18.81 50.92
CA GLN D 322 23.38 18.91 49.48
C GLN D 322 23.21 17.54 48.85
N GLY D 323 21.99 17.19 48.45
CA GLY D 323 21.72 15.96 47.74
C GLY D 323 21.42 14.80 48.67
N GLN D 324 20.88 13.73 48.09
CA GLN D 324 20.52 12.55 48.85
C GLN D 324 21.41 11.38 48.45
N ILE D 325 21.73 10.53 49.43
CA ILE D 325 22.31 9.23 49.17
C ILE D 325 21.15 8.24 49.12
N ASP D 326 20.64 7.85 50.30
CA ASP D 326 19.40 7.08 50.35
C ASP D 326 18.23 7.99 49.99
N LYS D 327 17.37 7.52 49.08
CA LYS D 327 16.28 8.34 48.58
C LYS D 327 15.21 8.64 49.62
N ASN D 328 15.14 7.86 50.70
CA ASN D 328 14.15 8.06 51.73
C ASN D 328 14.69 8.83 52.93
N GLU D 329 15.95 9.16 52.93
CA GLU D 329 16.53 9.96 53.99
C GLU D 329 16.74 11.39 53.49
N PRO D 330 16.81 12.36 54.40
CA PRO D 330 16.98 13.75 53.96
C PRO D 330 18.35 13.97 53.32
N GLU D 331 18.51 15.18 52.76
CA GLU D 331 19.79 15.59 52.19
C GLU D 331 20.93 15.40 53.17
N VAL D 332 22.06 14.87 52.69
CA VAL D 332 23.20 14.52 53.52
C VAL D 332 24.17 15.70 53.60
N LYS D 333 24.90 15.75 54.71
CA LYS D 333 26.11 16.57 54.77
C LYS D 333 26.99 16.22 53.59
N VAL D 334 27.59 17.23 52.96
CA VAL D 334 28.49 16.91 51.86
C VAL D 334 29.72 16.16 52.39
N LEU D 335 30.02 16.30 53.69
CA LEU D 335 31.07 15.50 54.30
C LEU D 335 30.82 14.00 54.16
N GLU D 336 29.61 13.60 53.73
CA GLU D 336 29.24 12.20 53.59
C GLU D 336 29.83 11.55 52.36
N TYR D 337 30.10 12.32 51.31
CA TYR D 337 30.51 11.77 50.03
C TYR D 337 31.99 11.39 50.07
N GLN D 338 32.29 10.16 49.65
CA GLN D 338 33.67 9.68 49.59
C GLN D 338 34.55 10.64 48.81
N THR D 339 33.98 11.22 47.75
CA THR D 339 34.65 12.22 46.92
C THR D 339 35.02 13.47 47.71
N GLN D 340 34.20 13.85 48.70
CA GLN D 340 34.49 15.01 49.54
C GLN D 340 35.52 14.67 50.62
N GLN D 341 35.34 13.56 51.31
CA GLN D 341 36.37 13.09 52.25
C GLN D 341 37.72 12.92 51.56
N HIS D 342 37.69 12.44 50.32
CA HIS D 342 38.92 12.18 49.57
C HIS D 342 39.64 13.48 49.19
N ARG D 343 38.92 14.58 48.99
CA ARG D 343 39.56 15.84 48.61
C ARG D 343 39.96 16.71 49.80
N LEU D 344 39.70 16.25 51.02
CA LEU D 344 40.08 16.96 52.23
C LEU D 344 41.06 16.16 53.09
N PHE D 345 40.64 14.97 53.54
CA PHE D 345 41.39 14.26 54.58
C PHE D 345 42.85 13.99 54.25
N PRO D 346 43.24 13.64 53.02
CA PRO D 346 44.69 13.47 52.77
C PRO D 346 45.48 14.72 53.07
N PHE D 347 44.85 15.89 52.98
CA PHE D 347 45.56 17.13 53.22
C PHE D 347 45.62 17.46 54.70
N ILE D 348 44.64 17.02 55.50
CA ILE D 348 44.81 17.04 56.95
C ILE D 348 46.04 16.25 57.33
N ALA D 349 46.17 15.04 56.79
CA ALA D 349 47.35 14.22 57.02
C ALA D 349 48.61 14.98 56.63
N ARG D 350 48.57 15.68 55.49
CA ARG D 350 49.73 16.44 55.01
C ARG D 350 50.08 17.57 55.98
N ALA D 351 49.07 18.27 56.51
CA ALA D 351 49.32 19.39 57.40
C ALA D 351 50.05 18.95 58.67
N TYR D 352 49.60 17.85 59.28
CA TYR D 352 50.31 17.28 60.41
C TYR D 352 51.72 16.88 60.00
N ALA D 353 51.85 16.24 58.85
CA ALA D 353 53.15 15.77 58.40
C ALA D 353 54.12 16.93 58.18
N PHE D 354 53.65 18.02 57.57
CA PHE D 354 54.51 19.18 57.36
C PHE D 354 54.96 19.79 58.69
N GLN D 355 54.03 19.87 59.65
CA GLN D 355 54.37 20.36 60.97
C GLN D 355 55.46 19.52 61.61
N PHE D 356 55.27 18.20 61.66
CA PHE D 356 56.26 17.32 62.29
C PHE D 356 57.57 17.37 61.53
N ALA D 357 57.52 17.40 60.20
CA ALA D 357 58.74 17.55 59.42
C ALA D 357 59.42 18.87 59.73
N GLY D 358 58.64 19.94 59.95
CA GLY D 358 59.21 21.24 60.24
C GLY D 358 59.85 21.32 61.60
N ALA D 359 59.31 20.57 62.56
CA ALA D 359 59.92 20.50 63.89
C ALA D 359 61.31 19.86 63.83
N GLU D 360 61.44 18.79 63.04
CA GLU D 360 62.73 18.13 62.93
C GLU D 360 63.72 18.96 62.12
N THR D 361 63.22 19.74 61.17
CA THR D 361 64.11 20.61 60.41
C THR D 361 64.65 21.73 61.30
N VAL D 362 63.79 22.30 62.14
CA VAL D 362 64.23 23.38 63.02
C VAL D 362 65.22 22.86 64.06
N LYS D 363 65.01 21.64 64.54
CA LYS D 363 65.98 21.02 65.45
C LYS D 363 67.33 20.88 64.76
N LEU D 364 67.33 20.47 63.49
CA LEU D 364 68.59 20.35 62.76
C LEU D 364 69.21 21.72 62.48
N TYR D 365 68.39 22.75 62.28
CA TYR D 365 68.94 24.10 62.16
C TYR D 365 69.59 24.54 63.45
N GLU D 366 68.97 24.22 64.58
CA GLU D 366 69.54 24.55 65.87
C GLU D 366 70.77 23.69 66.17
N ARG D 367 70.85 22.48 65.59
CA ARG D 367 71.94 21.55 65.90
C ARG D 367 73.22 21.93 65.14
N VAL D 368 73.12 22.20 63.85
CA VAL D 368 74.14 23.04 63.24
C VAL D 368 73.88 24.42 63.84
N LEU D 369 74.71 25.41 63.54
CA LEU D 369 74.67 26.70 64.23
C LEU D 369 75.25 26.53 65.63
N LYS D 370 74.68 25.62 66.43
CA LYS D 370 75.33 25.25 67.69
C LYS D 370 76.68 24.61 67.43
N GLU D 371 76.74 23.69 66.47
CA GLU D 371 78.01 23.08 66.10
C GLU D 371 78.87 24.01 65.26
N MET D 372 78.37 25.20 64.92
CA MET D 372 79.08 26.15 64.08
C MET D 372 79.84 27.20 64.89
N LYS D 373 79.54 27.34 66.19
CA LYS D 373 80.44 28.07 67.09
C LYS D 373 81.83 27.46 67.04
N SER D 374 81.88 26.14 67.01
CA SER D 374 83.08 25.34 67.23
C SER D 374 83.71 24.95 65.91
N LEU D 379 77.74 19.61 58.30
CA LEU D 379 76.35 19.20 58.47
C LEU D 379 75.46 20.31 57.94
N MET D 380 76.11 21.41 57.55
CA MET D 380 75.42 22.47 56.83
C MET D 380 74.99 21.97 55.44
N ALA D 381 75.81 21.10 54.84
CA ALA D 381 75.46 20.54 53.54
C ALA D 381 74.21 19.69 53.64
N ASP D 382 74.11 18.86 54.68
CA ASP D 382 72.91 18.05 54.87
C ASP D 382 71.69 18.93 55.12
N LEU D 383 71.86 20.01 55.87
CA LEU D 383 70.73 20.87 56.19
C LEU D 383 70.29 21.66 54.96
N HIS D 384 71.24 22.21 54.21
CA HIS D 384 70.89 22.96 53.01
C HIS D 384 70.13 22.09 52.02
N ALA D 385 70.52 20.82 51.90
CA ALA D 385 69.87 19.94 50.93
C ALA D 385 68.48 19.54 51.39
N LEU D 386 68.31 19.28 52.68
CA LEU D 386 66.99 18.96 53.21
C LEU D 386 66.02 20.13 53.04
N THR D 387 66.43 21.33 53.47
CA THR D 387 65.54 22.48 53.38
C THR D 387 65.31 22.90 51.94
N SER D 388 66.26 22.64 51.04
CA SER D 388 66.01 22.91 49.61
C SER D 388 64.81 22.10 49.11
N GLY D 389 64.84 20.78 49.30
CA GLY D 389 63.76 19.93 48.82
C GLY D 389 62.47 20.14 49.58
N LEU D 390 62.56 20.20 50.91
CA LEU D 390 61.37 20.35 51.76
C LEU D 390 60.63 21.64 51.44
N LYS D 391 61.35 22.75 51.32
CA LYS D 391 60.68 24.00 51.01
C LYS D 391 59.93 23.90 49.69
N SER D 392 60.41 23.09 48.74
CA SER D 392 59.79 23.01 47.43
C SER D 392 58.59 22.07 47.42
N VAL D 393 58.68 20.92 48.10
CA VAL D 393 57.57 19.96 48.11
C VAL D 393 56.44 20.47 48.98
N VAL D 394 56.78 20.94 50.19
CA VAL D 394 55.75 21.43 51.12
C VAL D 394 54.94 22.54 50.50
N THR D 395 55.61 23.47 49.83
CA THR D 395 54.95 24.66 49.32
C THR D 395 54.04 24.33 48.14
N HIS D 396 54.44 23.36 47.32
CA HIS D 396 53.69 22.92 46.14
C HIS D 396 52.49 22.06 46.53
N GLN D 397 52.67 21.16 47.52
CA GLN D 397 51.55 20.32 47.97
C GLN D 397 50.59 21.08 48.85
N THR D 398 51.07 22.07 49.60
CA THR D 398 50.16 22.96 50.32
C THR D 398 49.22 23.68 49.36
N GLY D 399 49.75 24.18 48.25
CA GLY D 399 48.92 24.89 47.29
C GLY D 399 47.85 24.00 46.69
N GLU D 400 48.23 22.79 46.29
CA GLU D 400 47.27 21.78 45.84
C GLU D 400 46.15 21.60 46.86
N GLY D 401 46.51 21.50 48.15
CA GLY D 401 45.53 21.20 49.17
C GLY D 401 44.65 22.40 49.50
N ILE D 402 45.26 23.58 49.62
CA ILE D 402 44.47 24.78 49.90
C ILE D 402 43.39 24.97 48.83
N GLU D 403 43.73 24.69 47.57
CA GLU D 403 42.77 24.94 46.51
C GLU D 403 41.70 23.86 46.45
N GLN D 404 42.01 22.61 46.82
CA GLN D 404 40.95 21.61 47.00
C GLN D 404 40.01 22.02 48.11
N ALA D 405 40.55 22.54 49.22
CA ALA D 405 39.73 22.97 50.34
C ALA D 405 38.77 24.08 49.91
N ARG D 406 39.25 25.03 49.11
CA ARG D 406 38.35 26.09 48.64
C ARG D 406 37.23 25.52 47.78
N MET D 407 37.59 24.72 46.77
CA MET D 407 36.59 24.16 45.85
C MET D 407 35.62 23.20 46.55
N ALA D 408 36.01 22.63 47.70
CA ALA D 408 35.12 21.80 48.49
C ALA D 408 34.00 22.59 49.15
N CYS D 409 34.04 23.92 49.09
CA CYS D 409 32.99 24.74 49.64
C CYS D 409 31.96 25.15 48.59
N GLY D 410 32.05 24.60 47.38
CA GLY D 410 31.12 25.01 46.34
C GLY D 410 31.29 26.50 46.03
N GLY D 411 30.23 27.06 45.45
CA GLY D 411 30.19 28.46 45.09
C GLY D 411 30.76 29.38 46.13
N HIS D 412 30.33 29.21 47.38
CA HIS D 412 30.71 30.12 48.46
C HIS D 412 32.22 30.17 48.71
N GLY D 413 32.96 29.11 48.35
CA GLY D 413 34.39 29.12 48.54
C GLY D 413 35.09 30.16 47.69
N TYR D 414 34.48 30.52 46.55
CA TYR D 414 35.02 31.57 45.70
C TYR D 414 34.81 32.96 46.30
N SER D 415 33.87 33.09 47.23
CA SER D 415 33.68 34.34 47.94
C SER D 415 34.81 34.53 48.95
N MET D 416 35.11 35.80 49.25
CA MET D 416 36.05 36.09 50.32
C MET D 416 35.46 35.79 51.69
N ALA D 417 34.17 35.48 51.76
CA ALA D 417 33.58 35.00 53.01
C ALA D 417 34.20 33.67 53.42
N SER D 418 34.76 32.92 52.47
CA SER D 418 35.51 31.73 52.81
C SER D 418 36.91 32.11 53.31
N TYR D 419 37.56 33.08 52.66
CA TYR D 419 38.90 33.57 52.90
C TYR D 419 39.97 32.60 52.39
N ILE D 420 39.59 31.46 51.81
CA ILE D 420 40.60 30.50 51.40
C ILE D 420 41.39 31.01 50.19
N SER D 421 40.79 31.86 49.34
CA SER D 421 41.53 32.35 48.18
C SER D 421 42.70 33.22 48.62
N GLU D 422 42.53 34.00 49.69
CA GLU D 422 43.65 34.80 50.20
C GLU D 422 44.70 33.91 50.85
N ILE D 423 44.26 32.92 51.64
CA ILE D 423 45.17 31.93 52.20
C ILE D 423 45.99 31.29 51.09
N TYR D 424 45.38 31.08 49.92
CA TYR D 424 46.11 30.46 48.82
C TYR D 424 47.16 31.40 48.24
N GLY D 425 46.77 32.65 47.95
CA GLY D 425 47.70 33.57 47.30
C GLY D 425 48.92 33.85 48.14
N VAL D 426 48.74 33.93 49.46
CA VAL D 426 49.86 34.19 50.36
C VAL D 426 50.76 32.97 50.47
N ALA D 427 50.16 31.79 50.66
CA ALA D 427 50.95 30.59 50.87
C ALA D 427 51.74 30.22 49.62
N ILE D 428 51.10 30.32 48.45
CA ILE D 428 51.73 29.88 47.21
C ILE D 428 52.95 30.72 46.87
N GLY D 429 53.03 31.97 47.35
CA GLY D 429 54.21 32.78 47.07
C GLY D 429 55.49 32.12 47.55
N GLY D 430 55.39 31.22 48.51
CA GLY D 430 56.53 30.43 48.97
C GLY D 430 57.04 29.43 47.97
N CYS D 431 56.33 29.22 46.86
CA CYS D 431 56.91 28.44 45.76
C CYS D 431 58.01 29.23 45.06
N THR D 432 57.98 30.56 45.18
CA THR D 432 58.95 31.43 44.53
C THR D 432 59.91 32.09 45.50
N TYR D 433 59.45 32.63 46.61
CA TYR D 433 60.43 33.25 47.50
C TYR D 433 61.25 32.19 48.23
N ALA D 434 62.39 32.63 48.77
CA ALA D 434 63.37 31.78 49.46
C ALA D 434 63.95 30.72 48.55
N GLY D 435 63.98 30.97 47.23
CA GLY D 435 64.51 30.03 46.27
C GLY D 435 63.45 29.46 45.35
N GLU D 436 63.56 29.73 44.06
CA GLU D 436 62.62 29.16 43.11
C GLU D 436 62.56 27.64 43.28
N ASN D 437 61.33 27.09 43.24
CA ASN D 437 61.14 25.68 43.57
C ASN D 437 61.95 24.77 42.65
N MET D 438 61.92 25.03 41.34
CA MET D 438 62.72 24.25 40.41
C MET D 438 64.20 24.31 40.79
N VAL D 439 64.67 25.49 41.18
CA VAL D 439 66.08 25.67 41.49
C VAL D 439 66.45 24.96 42.79
N MET D 440 65.57 25.05 43.80
CA MET D 440 65.86 24.41 45.07
C MET D 440 65.78 22.89 44.96
N LEU D 441 64.92 22.37 44.09
CA LEU D 441 64.90 20.92 43.86
C LEU D 441 66.20 20.46 43.21
N LEU D 442 66.74 21.26 42.29
CA LEU D 442 68.02 20.93 41.67
C LEU D 442 69.17 21.12 42.65
N GLN D 443 69.04 22.05 43.60
CA GLN D 443 70.04 22.19 44.64
C GLN D 443 70.17 20.91 45.44
N LEU D 444 69.03 20.34 45.84
CA LEU D 444 69.05 19.05 46.51
C LEU D 444 69.59 17.96 45.59
N ALA D 445 69.28 18.06 44.29
CA ALA D 445 69.69 17.02 43.35
C ALA D 445 71.21 16.93 43.25
N ARG D 446 71.90 18.06 43.41
CA ARG D 446 73.37 18.02 43.43
C ARG D 446 73.86 17.17 44.60
N TYR D 447 73.24 17.33 45.76
CA TYR D 447 73.59 16.53 46.92
C TYR D 447 73.27 15.05 46.70
N LEU D 448 72.15 14.77 46.02
CA LEU D 448 71.78 13.38 45.77
C LEU D 448 72.71 12.74 44.74
N VAL D 449 73.21 13.54 43.79
CA VAL D 449 74.13 12.98 42.79
C VAL D 449 75.49 12.71 43.42
N LYS D 450 75.98 13.64 44.25
CA LYS D 450 77.20 13.40 45.00
C LYS D 450 77.08 12.15 45.85
N SER D 451 75.91 11.96 46.48
CA SER D 451 75.67 10.75 47.26
C SER D 451 75.65 9.52 46.38
N ALA D 452 75.13 9.65 45.15
CA ALA D 452 75.10 8.52 44.25
C ALA D 452 76.50 8.14 43.78
N ALA D 453 77.40 9.12 43.71
CA ALA D 453 78.77 8.82 43.33
C ALA D 453 79.50 8.09 44.44
N LEU D 454 79.11 8.33 45.70
CA LEU D 454 79.67 7.55 46.80
C LEU D 454 79.25 6.09 46.67
N VAL D 455 77.98 5.83 46.37
CA VAL D 455 77.50 4.46 46.23
C VAL D 455 78.18 3.78 45.05
N LYS D 456 78.22 4.45 43.89
CA LYS D 456 78.76 3.81 42.69
C LYS D 456 80.24 3.49 42.84
N SER D 457 80.95 4.23 43.69
CA SER D 457 82.39 4.06 43.87
C SER D 457 82.76 3.13 45.04
N GLY D 458 81.77 2.60 45.76
CA GLY D 458 82.03 1.74 46.90
C GLY D 458 82.17 2.45 48.21
N LYS D 459 82.00 3.77 48.25
CA LYS D 459 82.10 4.53 49.50
C LYS D 459 80.77 4.64 50.22
N ALA D 460 79.88 3.65 50.08
CA ALA D 460 78.54 3.75 50.63
C ALA D 460 78.57 4.03 52.13
N SER D 461 79.59 3.54 52.83
CA SER D 461 79.64 3.71 54.27
C SER D 461 79.86 5.17 54.67
N GLN D 462 80.26 6.03 53.73
CA GLN D 462 80.47 7.43 54.02
C GLN D 462 79.20 8.26 53.89
N LEU D 463 78.06 7.63 53.58
CA LEU D 463 76.81 8.36 53.46
C LEU D 463 76.34 8.83 54.83
N GLY D 464 75.89 10.08 54.88
CA GLY D 464 75.32 10.63 56.08
C GLY D 464 74.00 9.95 56.43
N PRO D 465 73.51 10.16 57.66
CA PRO D 465 72.25 9.52 58.07
C PRO D 465 71.07 9.79 57.14
N LEU D 466 70.95 11.02 56.61
CA LEU D 466 69.76 11.37 55.84
C LEU D 466 69.70 10.70 54.47
N VAL D 467 70.73 9.97 54.06
CA VAL D 467 70.84 9.56 52.67
C VAL D 467 71.47 8.18 52.61
N ALA D 468 71.49 7.50 53.77
CA ALA D 468 72.11 6.17 53.86
C ALA D 468 71.30 5.12 53.10
N TYR D 469 69.99 5.34 52.94
CA TYR D 469 69.17 4.35 52.26
C TYR D 469 69.61 4.15 50.82
N LEU D 470 70.24 5.17 50.22
CA LEU D 470 70.77 5.03 48.88
C LEU D 470 71.79 3.90 48.81
N GLY D 471 72.45 3.59 49.93
CA GLY D 471 73.42 2.50 49.95
C GLY D 471 72.85 1.16 50.37
N ALA D 472 71.70 1.16 51.01
CA ALA D 472 71.08 -0.08 51.43
C ALA D 472 70.63 -0.88 50.20
N ARG D 473 70.47 -2.18 50.41
CA ARG D 473 70.04 -3.05 49.33
C ARG D 473 68.56 -3.38 49.51
N SER D 474 67.85 -3.41 48.38
CA SER D 474 66.42 -3.63 48.39
C SER D 474 66.11 -5.11 48.37
N GLU D 475 65.06 -5.49 49.10
CA GLU D 475 64.49 -6.81 48.96
C GLU D 475 63.89 -6.95 47.58
N PRO D 476 63.60 -8.17 47.14
CA PRO D 476 63.06 -8.30 45.78
C PRO D 476 61.74 -7.57 45.54
N THR D 477 60.90 -7.27 46.55
CA THR D 477 59.51 -7.12 46.13
C THR D 477 58.56 -6.23 46.94
N SER D 478 58.96 -5.58 48.05
CA SER D 478 57.98 -4.86 48.88
C SER D 478 56.98 -5.79 49.56
N LEU D 479 56.81 -5.65 50.88
CA LEU D 479 56.01 -6.58 51.66
C LEU D 479 54.72 -5.94 52.19
N ILE D 480 54.15 -5.01 51.42
CA ILE D 480 52.83 -4.49 51.71
C ILE D 480 51.80 -5.57 51.41
N ASP D 481 50.89 -5.81 52.37
CA ASP D 481 49.90 -6.86 52.30
C ASP D 481 50.53 -8.25 52.30
N ARG D 482 51.68 -8.39 52.97
CA ARG D 482 52.27 -9.72 53.12
C ARG D 482 52.44 -10.06 54.60
N VAL D 483 53.50 -9.56 55.26
CA VAL D 483 53.83 -9.85 56.67
C VAL D 483 53.09 -11.07 57.27
N ILE D 488 53.50 0.13 58.98
CA ILE D 488 54.10 1.27 58.30
C ILE D 488 55.51 0.97 57.78
N THR D 489 56.27 0.09 58.45
CA THR D 489 57.65 -0.11 58.03
C THR D 489 57.74 -0.56 56.58
N GLU D 490 56.79 -1.37 56.12
CA GLU D 490 56.86 -1.83 54.74
C GLU D 490 56.49 -0.71 53.77
N TYR D 491 55.72 0.29 54.22
CA TYR D 491 55.50 1.45 53.38
C TYR D 491 56.74 2.31 53.31
N ILE D 492 57.40 2.52 54.45
CA ILE D 492 58.66 3.25 54.48
C ILE D 492 59.67 2.58 53.56
N LYS D 493 59.77 1.26 53.64
CA LYS D 493 60.76 0.56 52.81
C LYS D 493 60.40 0.65 51.33
N THR D 494 59.11 0.74 51.00
CA THR D 494 58.74 0.93 49.59
C THR D 494 59.09 2.34 49.13
N PHE D 495 58.83 3.35 49.95
CA PHE D 495 59.22 4.71 49.59
C PHE D 495 60.72 4.81 49.41
N GLN D 496 61.48 4.13 50.27
CA GLN D 496 62.94 4.16 50.18
C GLN D 496 63.40 3.53 48.87
N HIS D 497 62.76 2.45 48.44
CA HIS D 497 63.18 1.76 47.22
C HIS D 497 62.97 2.64 45.99
N ILE D 498 61.80 3.27 45.86
CA ILE D 498 61.52 4.03 44.66
C ILE D 498 62.34 5.32 44.65
N ALA D 499 62.64 5.88 45.82
CA ALA D 499 63.45 7.09 45.86
C ALA D 499 64.92 6.78 45.55
N LYS D 500 65.42 5.66 46.06
CA LYS D 500 66.78 5.25 45.72
C LYS D 500 66.89 4.90 44.24
N ARG D 501 65.92 4.15 43.72
CA ARG D 501 66.00 3.71 42.33
C ARG D 501 66.00 4.89 41.38
N GLN D 502 65.14 5.89 41.64
CA GLN D 502 65.08 7.06 40.76
C GLN D 502 66.33 7.92 40.93
N THR D 503 66.87 7.99 42.15
CA THR D 503 68.09 8.76 42.38
C THR D 503 69.25 8.16 41.61
N LEU D 504 69.49 6.85 41.79
CA LEU D 504 70.57 6.19 41.08
C LEU D 504 70.33 6.18 39.58
N LYS D 505 69.06 6.01 39.15
CA LYS D 505 68.76 6.02 37.72
C LYS D 505 69.04 7.38 37.11
N ALA D 506 68.58 8.44 37.77
CA ALA D 506 68.77 9.79 37.23
C ALA D 506 70.24 10.17 37.27
N ALA D 507 70.94 9.84 38.36
CA ALA D 507 72.36 10.13 38.44
C ALA D 507 73.12 9.44 37.31
N ASN D 508 72.80 8.17 37.06
CA ASN D 508 73.54 7.39 36.07
C ASN D 508 73.31 7.93 34.67
N LYS D 509 72.09 8.39 34.36
CA LYS D 509 71.84 9.09 33.10
C LYS D 509 72.78 10.27 32.94
N PHE D 510 72.98 11.02 34.03
CA PHE D 510 73.86 12.18 34.01
C PHE D 510 75.31 11.77 33.84
N PHE D 511 75.78 10.81 34.64
CA PHE D 511 77.13 10.30 34.47
C PHE D 511 77.34 9.73 33.07
N GLY D 512 76.30 9.10 32.52
CA GLY D 512 76.45 8.42 31.23
C GLY D 512 76.57 9.37 30.06
N LEU D 513 76.01 10.58 30.19
CA LEU D 513 76.16 11.56 29.12
C LEU D 513 77.54 12.20 29.13
N MET D 514 78.15 12.34 30.33
CA MET D 514 79.51 12.84 30.40
C MET D 514 80.50 11.81 29.89
N GLU D 515 80.33 10.54 30.30
CA GLU D 515 81.19 9.47 29.81
C GLU D 515 81.18 9.43 28.28
N ASN D 516 80.05 9.79 27.67
CA ASN D 516 79.88 9.79 26.22
C ASN D 516 80.27 11.10 25.56
N GLY D 517 80.82 12.06 26.30
CA GLY D 517 81.45 13.22 25.69
C GLY D 517 80.82 14.56 25.97
N GLU D 518 79.67 14.61 26.62
CA GLU D 518 78.98 15.89 26.79
C GLU D 518 79.54 16.64 28.00
N LYS D 519 79.54 17.97 27.90
CA LYS D 519 80.02 18.82 29.00
C LYS D 519 79.15 18.61 30.23
N ARG D 520 79.77 18.76 31.41
CA ARG D 520 79.08 18.54 32.67
C ARG D 520 77.76 19.30 32.75
N GLU D 521 77.78 20.57 32.37
CA GLU D 521 76.62 21.43 32.58
C GLU D 521 75.52 21.19 31.55
N ILE D 522 75.87 20.77 30.34
CA ILE D 522 74.86 20.42 29.35
C ILE D 522 74.24 19.07 29.67
N ALA D 523 75.07 18.12 30.15
CA ALA D 523 74.53 16.85 30.62
C ALA D 523 73.61 17.07 31.81
N TRP D 524 73.97 18.00 32.70
CA TRP D 524 73.13 18.36 33.82
C TRP D 524 71.78 18.89 33.35
N ASN D 525 71.80 19.87 32.44
CA ASN D 525 70.55 20.44 31.94
C ASN D 525 69.69 19.37 31.28
N LYS D 526 70.31 18.47 30.52
CA LYS D 526 69.54 17.45 29.83
C LYS D 526 68.96 16.42 30.78
N SER D 527 69.46 16.35 32.00
CA SER D 527 68.95 15.40 32.99
C SER D 527 68.11 16.05 34.08
N SER D 528 67.87 17.37 33.99
CA SER D 528 67.44 18.11 35.18
C SER D 528 66.02 17.74 35.60
N VAL D 529 65.11 17.56 34.65
CA VAL D 529 63.76 17.14 35.02
C VAL D 529 63.80 15.80 35.75
N GLU D 530 64.50 14.82 35.18
CA GLU D 530 64.64 13.53 35.83
C GLU D 530 65.23 13.68 37.23
N LEU D 531 66.24 14.54 37.36
CA LEU D 531 66.89 14.74 38.65
C LEU D 531 65.91 15.31 39.68
N ASN D 532 65.04 16.23 39.28
CA ASN D 532 64.04 16.74 40.22
C ASN D 532 63.01 15.69 40.61
N ARG D 533 62.80 14.68 39.77
CA ARG D 533 61.97 13.55 40.18
C ARG D 533 62.58 12.85 41.38
N ALA D 534 63.92 12.75 41.41
CA ALA D 534 64.60 12.12 42.54
C ALA D 534 64.46 12.97 43.79
N SER D 535 64.84 14.25 43.70
CA SER D 535 64.69 15.19 44.81
C SER D 535 63.30 15.10 45.43
N ARG D 536 62.27 15.13 44.60
CA ARG D 536 60.90 15.10 45.08
C ARG D 536 60.63 13.82 45.88
N LEU D 537 61.02 12.67 45.33
CA LEU D 537 60.76 11.40 46.01
C LEU D 537 61.56 11.29 47.30
N HIS D 538 62.83 11.71 47.28
CA HIS D 538 63.62 11.70 48.50
C HIS D 538 62.97 12.55 49.58
N THR D 539 62.39 13.69 49.20
CA THR D 539 61.81 14.59 50.18
C THR D 539 60.48 14.07 50.72
N ARG D 540 59.62 13.57 49.83
CA ARG D 540 58.37 12.96 50.28
C ARG D 540 58.63 11.76 51.19
N LEU D 541 59.75 11.05 50.96
CA LEU D 541 60.13 9.99 51.88
C LEU D 541 60.47 10.56 53.25
N PHE D 542 61.17 11.69 53.29
CA PHE D 542 61.52 12.28 54.58
C PHE D 542 60.26 12.61 55.36
N ILE D 543 59.25 13.16 54.68
CA ILE D 543 58.03 13.57 55.36
C ILE D 543 57.35 12.38 56.00
N VAL D 544 57.23 11.28 55.23
CA VAL D 544 56.68 10.04 55.78
C VAL D 544 57.44 9.65 57.05
N GLU D 545 58.76 9.61 56.96
CA GLU D 545 59.58 9.10 58.06
C GLU D 545 59.47 10.00 59.29
N ALA D 546 59.44 11.32 59.08
CA ALA D 546 59.27 12.23 60.23
C ALA D 546 57.90 12.01 60.88
N PHE D 547 56.86 11.86 60.06
CA PHE D 547 55.52 11.54 60.57
C PHE D 547 55.52 10.27 61.39
N ALA D 548 56.16 9.21 60.88
CA ALA D 548 56.16 7.93 61.57
C ALA D 548 57.00 8.01 62.85
N ARG D 549 58.08 8.80 62.82
CA ARG D 549 58.91 8.98 64.01
C ARG D 549 58.10 9.64 65.13
N ARG D 550 57.29 10.64 64.80
CA ARG D 550 56.48 11.28 65.83
C ARG D 550 55.44 10.32 66.39
N VAL D 551 54.81 9.53 65.51
CA VAL D 551 53.78 8.59 65.96
C VAL D 551 54.34 7.62 66.97
N ASN D 552 55.61 7.27 66.81
CA ASN D 552 56.22 6.30 67.72
C ASN D 552 56.70 6.94 69.01
N GLU D 553 56.95 8.26 69.00
CA GLU D 553 57.40 8.94 70.20
C GLU D 553 56.27 9.14 71.21
N ILE D 554 55.01 8.92 70.82
CA ILE D 554 53.88 9.31 71.63
C ILE D 554 53.45 8.17 72.55
N GLY D 555 53.23 8.48 73.83
CA GLY D 555 52.79 7.49 74.80
C GLY D 555 51.29 7.46 75.05
N ASP D 556 50.65 8.63 75.04
CA ASP D 556 49.21 8.75 75.19
C ASP D 556 48.50 7.97 74.09
N ILE D 557 47.79 6.91 74.46
CA ILE D 557 47.40 5.90 73.47
C ILE D 557 46.32 6.44 72.54
N THR D 558 45.40 7.27 73.05
CA THR D 558 44.35 7.81 72.19
C THR D 558 44.92 8.73 71.13
N ILE D 559 45.88 9.56 71.52
CA ILE D 559 46.53 10.45 70.56
C ILE D 559 47.29 9.64 69.52
N LYS D 560 48.07 8.67 70.00
CA LYS D 560 48.86 7.82 69.12
C LYS D 560 47.97 7.12 68.10
N GLU D 561 46.82 6.61 68.54
CA GLU D 561 45.90 5.96 67.63
C GLU D 561 45.34 6.93 66.59
N ALA D 562 44.96 8.15 67.02
CA ALA D 562 44.42 9.13 66.08
C ALA D 562 45.44 9.49 65.02
N LEU D 563 46.67 9.81 65.44
CA LEU D 563 47.72 10.13 64.47
C LEU D 563 48.15 8.91 63.68
N SER D 564 48.04 7.71 64.25
CA SER D 564 48.38 6.50 63.51
C SER D 564 47.41 6.26 62.37
N ASP D 565 46.11 6.47 62.61
CA ASP D 565 45.12 6.43 61.52
C ASP D 565 45.49 7.40 60.41
N LEU D 566 45.84 8.64 60.80
CA LEU D 566 46.23 9.66 59.83
C LEU D 566 47.45 9.24 59.03
N LEU D 567 48.47 8.73 59.71
CA LEU D 567 49.68 8.26 59.04
C LEU D 567 49.35 7.18 58.01
N HIS D 568 48.42 6.28 58.34
CA HIS D 568 48.04 5.22 57.41
C HIS D 568 47.36 5.79 56.19
N LEU D 569 46.51 6.81 56.38
CA LEU D 569 45.94 7.51 55.24
C LEU D 569 47.03 8.17 54.41
N HIS D 570 47.97 8.82 55.08
CA HIS D 570 49.09 9.48 54.40
C HIS D 570 49.86 8.50 53.51
N VAL D 571 50.32 7.38 54.09
CA VAL D 571 51.20 6.49 53.31
C VAL D 571 50.46 5.85 52.14
N ASN D 572 49.14 5.63 52.26
CA ASN D 572 48.42 5.03 51.14
C ASN D 572 48.08 6.04 50.06
N TYR D 573 47.72 7.26 50.45
CA TYR D 573 47.46 8.30 49.46
C TYR D 573 48.73 8.64 48.68
N GLU D 574 49.84 8.88 49.40
CA GLU D 574 51.07 9.29 48.74
C GLU D 574 51.61 8.16 47.85
N LEU D 575 51.66 6.93 48.39
CA LEU D 575 52.17 5.82 47.61
C LEU D 575 51.35 5.63 46.34
N LEU D 576 50.02 5.75 46.43
CA LEU D 576 49.21 5.65 45.23
C LEU D 576 49.57 6.77 44.25
N ASP D 577 49.86 7.96 44.76
CA ASP D 577 50.20 9.08 43.89
C ASP D 577 51.51 8.84 43.15
N VAL D 578 52.38 8.00 43.68
CA VAL D 578 53.67 7.72 43.08
C VAL D 578 53.77 6.27 42.61
N ALA D 579 52.63 5.57 42.48
CA ALA D 579 52.64 4.14 42.18
C ALA D 579 53.42 3.81 40.91
N THR D 580 53.43 4.72 39.94
CA THR D 580 54.21 4.52 38.70
C THR D 580 55.62 4.03 39.01
N TYR D 581 56.27 4.65 39.99
CA TYR D 581 57.65 4.28 40.31
C TYR D 581 57.74 2.92 40.99
N ALA D 582 56.69 2.50 41.71
CA ALA D 582 56.73 1.20 42.38
C ALA D 582 56.42 0.05 41.43
N LEU D 583 55.68 0.31 40.35
CA LEU D 583 55.28 -0.73 39.41
C LEU D 583 56.33 -0.98 38.34
N GLU D 584 57.14 0.03 38.01
CA GLU D 584 58.01 -0.02 36.85
C GLU D 584 58.89 -1.26 36.84
N ASP D 585 59.55 -1.54 37.96
CA ASP D 585 60.46 -2.67 38.07
C ASP D 585 59.78 -3.89 38.69
N GLY D 586 58.47 -3.88 38.80
CA GLY D 586 57.74 -4.99 39.38
C GLY D 586 57.84 -5.02 40.89
N PHE D 587 58.44 -3.99 41.50
CA PHE D 587 58.54 -3.97 42.96
C PHE D 587 57.17 -4.11 43.58
N MET D 588 56.16 -3.43 43.04
CA MET D 588 54.79 -3.65 43.46
C MET D 588 53.99 -4.36 42.38
N SER D 589 52.97 -5.10 42.82
CA SER D 589 52.06 -5.81 41.94
C SER D 589 50.72 -5.10 41.92
N SER D 590 49.94 -5.39 40.85
CA SER D 590 48.56 -4.96 40.69
C SER D 590 47.78 -5.16 41.98
N THR D 591 47.92 -6.35 42.57
CA THR D 591 47.15 -6.73 43.75
C THR D 591 47.53 -5.88 44.96
N GLN D 592 48.82 -5.64 45.16
CA GLN D 592 49.26 -4.75 46.23
C GLN D 592 48.76 -3.34 46.02
N LEU D 593 48.64 -2.90 44.76
CA LEU D 593 48.17 -1.55 44.49
C LEU D 593 46.67 -1.43 44.78
N ASP D 594 45.92 -2.49 44.49
CA ASP D 594 44.51 -2.52 44.88
C ASP D 594 44.36 -2.56 46.40
N TYR D 595 45.31 -3.19 47.11
CA TYR D 595 45.29 -3.11 48.57
C TYR D 595 45.47 -1.68 49.04
N VAL D 596 46.40 -0.95 48.42
CA VAL D 596 46.62 0.45 48.77
C VAL D 596 45.37 1.28 48.49
N ARG D 597 44.67 0.99 47.39
CA ARG D 597 43.45 1.73 47.10
C ARG D 597 42.38 1.43 48.15
N ASP D 598 42.14 0.15 48.44
CA ASP D 598 41.15 -0.21 49.44
C ASP D 598 41.50 0.36 50.81
N GLN D 599 42.80 0.38 51.14
CA GLN D 599 43.25 0.99 52.37
C GLN D 599 42.95 2.49 52.39
N LEU D 600 43.21 3.17 51.28
CA LEU D 600 42.93 4.61 51.19
C LEU D 600 41.47 4.89 51.53
N TYR D 601 40.56 4.21 50.85
CA TYR D 601 39.14 4.42 51.09
C TYR D 601 38.71 3.95 52.48
N PHE D 602 39.39 2.94 53.05
CA PHE D 602 39.08 2.56 54.43
C PHE D 602 39.48 3.69 55.40
N TYR D 603 40.67 4.31 55.23
CA TYR D 603 41.14 5.31 56.19
C TYR D 603 40.47 6.66 56.04
N LEU D 604 39.94 6.99 54.86
CA LEU D 604 38.99 8.08 54.74
C LEU D 604 37.86 7.91 55.75
N GLN D 605 37.22 6.75 55.73
CA GLN D 605 36.04 6.49 56.54
C GLN D 605 36.41 6.33 58.02
N LYS D 606 37.59 5.78 58.30
CA LYS D 606 38.06 5.67 59.68
C LYS D 606 38.33 7.05 60.28
N ILE D 607 38.90 7.95 59.48
CA ILE D 607 39.34 9.24 60.00
C ILE D 607 38.14 10.16 60.23
N ARG D 608 37.08 10.01 59.43
CA ARG D 608 35.96 10.96 59.38
C ARG D 608 35.44 11.39 60.74
N PRO D 609 35.12 10.50 61.69
CA PRO D 609 34.61 11.00 62.99
C PRO D 609 35.62 11.83 63.75
N ASN D 610 36.90 11.83 63.36
CA ASN D 610 37.91 12.65 64.00
C ASN D 610 38.33 13.85 63.17
N ALA D 611 37.87 13.94 61.91
CA ALA D 611 38.36 14.96 60.99
C ALA D 611 38.23 16.36 61.59
N VAL D 612 37.04 16.70 62.10
CA VAL D 612 36.82 18.04 62.63
C VAL D 612 37.63 18.25 63.91
N SER D 613 37.81 17.21 64.72
CA SER D 613 38.58 17.36 65.94
C SER D 613 40.07 17.51 65.64
N LEU D 614 40.57 16.79 64.63
CA LEU D 614 41.97 16.92 64.24
C LEU D 614 42.29 18.34 63.80
N LEU D 615 41.31 19.04 63.22
CA LEU D 615 41.51 20.42 62.81
C LEU D 615 41.24 21.41 63.94
N ASP D 616 40.27 21.11 64.80
CA ASP D 616 40.06 21.92 66.00
C ASP D 616 41.27 21.89 66.92
N SER D 617 42.10 20.83 66.83
CA SER D 617 43.28 20.72 67.68
C SER D 617 44.32 21.78 67.35
N TRP D 618 44.24 22.42 66.19
CA TRP D 618 45.12 23.54 65.89
C TRP D 618 44.69 24.79 66.63
N GLU D 619 43.44 24.83 67.09
CA GLU D 619 42.95 25.86 68.02
C GLU D 619 43.17 27.28 67.47
N PHE D 620 42.60 27.53 66.29
CA PHE D 620 42.55 28.84 65.67
C PHE D 620 41.21 29.50 66.03
N SER D 621 41.28 30.67 66.66
CA SER D 621 40.08 31.43 66.95
C SER D 621 39.56 32.08 65.66
N ASP D 622 38.30 32.53 65.73
CA ASP D 622 37.69 33.17 64.56
C ASP D 622 38.46 34.45 64.19
N ARG D 623 38.90 35.21 65.20
CA ARG D 623 39.69 36.41 64.92
C ARG D 623 40.98 36.07 64.21
N GLU D 624 41.54 34.89 64.46
CA GLU D 624 42.71 34.47 63.70
C GLU D 624 42.32 33.96 62.32
N LEU D 625 41.27 33.15 62.25
CA LEU D 625 40.95 32.40 61.03
C LEU D 625 40.30 33.27 59.95
N ARG D 626 39.48 34.24 60.37
CA ARG D 626 38.91 35.26 59.49
C ARG D 626 38.00 34.70 58.41
N SER D 627 37.36 33.58 58.69
CA SER D 627 36.48 32.93 57.72
C SER D 627 35.04 32.89 58.24
N VAL D 628 34.10 33.32 57.39
CA VAL D 628 32.70 33.20 57.71
C VAL D 628 32.26 31.75 57.58
N LEU D 629 32.63 31.09 56.47
CA LEU D 629 32.29 29.69 56.28
C LEU D 629 32.94 28.80 57.35
N GLY D 630 34.03 29.24 57.97
CA GLY D 630 34.73 28.42 58.93
C GLY D 630 34.55 28.81 60.38
N ARG D 631 33.48 29.55 60.68
CA ARG D 631 33.20 29.97 62.04
C ARG D 631 33.23 28.79 63.00
N ARG D 632 33.91 28.98 64.13
CA ARG D 632 33.98 27.99 65.19
C ARG D 632 32.61 27.40 65.51
N ASP D 633 31.57 28.24 65.52
CA ASP D 633 30.26 27.80 65.99
C ASP D 633 29.39 27.19 64.91
N GLY D 634 29.78 27.28 63.64
CA GLY D 634 29.05 26.65 62.56
C GLY D 634 27.83 27.40 62.06
N HIS D 635 27.57 28.61 62.55
CA HIS D 635 26.39 29.36 62.12
C HIS D 635 26.75 30.15 60.86
N VAL D 636 26.79 29.43 59.75
CA VAL D 636 27.30 29.98 58.50
C VAL D 636 26.29 30.93 57.86
N TYR D 637 25.10 30.40 57.52
CA TYR D 637 24.20 31.07 56.60
C TYR D 637 23.80 32.46 57.10
N GLU D 638 23.39 32.57 58.37
CA GLU D 638 22.96 33.85 58.90
C GLU D 638 24.09 34.87 58.86
N ASN D 639 25.30 34.45 59.21
CA ASN D 639 26.42 35.38 59.22
C ASN D 639 26.97 35.62 57.82
N LEU D 640 26.65 34.74 56.86
CA LEU D 640 27.01 34.99 55.47
C LEU D 640 26.09 36.03 54.85
N PHE D 641 24.80 35.98 55.16
CA PHE D 641 23.87 37.02 54.71
C PHE D 641 24.29 38.39 55.23
N LYS D 642 24.67 38.48 56.51
CA LYS D 642 25.09 39.74 57.09
C LYS D 642 26.35 40.27 56.42
N TRP D 643 27.34 39.37 56.23
CA TRP D 643 28.61 39.76 55.61
C TRP D 643 28.38 40.34 54.22
N ALA D 644 27.50 39.72 53.44
CA ALA D 644 27.15 40.27 52.14
C ALA D 644 26.45 41.62 52.29
N LYS D 645 25.43 41.68 53.16
CA LYS D 645 24.65 42.91 53.31
C LYS D 645 25.53 44.09 53.72
N GLU D 646 26.58 43.83 54.50
CA GLU D 646 27.40 44.89 55.05
C GLU D 646 28.63 45.21 54.20
N SER D 647 28.78 44.59 53.03
CA SER D 647 29.95 44.77 52.19
C SER D 647 29.84 46.08 51.40
N PRO D 648 30.97 46.60 50.89
CA PRO D 648 30.99 48.01 50.43
C PRO D 648 30.10 48.30 49.23
N LEU D 649 29.82 47.31 48.38
CA LEU D 649 29.05 47.61 47.18
C LEU D 649 27.57 47.80 47.46
N ASN D 650 27.11 47.41 48.65
CA ASN D 650 25.71 47.55 49.03
C ASN D 650 25.44 48.82 49.83
N LYS D 651 26.40 49.73 49.90
CA LYS D 651 26.16 51.01 50.57
C LYS D 651 25.01 51.75 49.92
N THR D 652 24.99 51.81 48.59
CA THR D 652 23.92 52.41 47.83
C THR D 652 23.19 51.34 47.03
N ASP D 653 21.94 51.62 46.70
CA ASP D 653 21.08 50.67 46.00
C ASP D 653 21.33 50.69 44.50
N VAL D 654 21.42 51.87 43.90
CA VAL D 654 21.69 52.03 42.48
C VAL D 654 23.09 52.63 42.34
N LEU D 655 23.98 51.90 41.66
CA LEU D 655 25.39 52.25 41.66
C LEU D 655 25.65 53.47 40.78
N PRO D 656 26.71 54.22 41.05
CA PRO D 656 27.12 55.29 40.13
C PRO D 656 27.29 54.79 38.70
N SER D 657 27.79 53.55 38.55
CA SER D 657 27.94 53.00 37.21
C SER D 657 26.59 52.87 36.52
N VAL D 658 25.50 52.76 37.28
CA VAL D 658 24.18 52.67 36.67
C VAL D 658 23.62 54.05 36.36
N ASP D 659 23.90 55.05 37.19
CA ASP D 659 23.37 56.37 36.93
C ASP D 659 24.15 57.05 35.80
N THR D 660 25.48 57.07 35.92
CA THR D 660 26.32 57.73 34.90
C THR D 660 26.18 57.04 33.56
N TYR D 661 26.58 55.78 33.51
CA TYR D 661 26.48 54.92 32.34
C TYR D 661 25.26 54.03 32.50
N LEU D 662 25.04 53.15 31.54
CA LEU D 662 24.15 52.00 31.71
C LEU D 662 22.67 52.34 31.70
N LYS D 663 22.19 53.20 32.60
CA LYS D 663 20.81 53.64 32.47
C LYS D 663 20.63 54.54 31.26
N PRO D 664 21.47 55.56 31.02
CA PRO D 664 21.47 56.22 29.71
C PRO D 664 21.58 55.25 28.56
N MET D 665 22.44 54.23 28.67
CA MET D 665 22.61 53.28 27.58
C MET D 665 21.30 52.55 27.27
N MET D 666 20.54 52.19 28.31
CA MET D 666 19.29 51.47 28.10
C MET D 666 18.23 52.39 27.49
N GLU D 667 18.10 53.62 28.02
CA GLU D 667 17.20 54.61 27.45
C GLU D 667 17.40 54.73 25.94
N LYS D 668 18.66 54.82 25.50
CA LYS D 668 19.00 54.92 24.09
C LYS D 668 18.80 53.55 23.44
N ALA D 669 17.54 53.19 23.25
CA ALA D 669 17.11 52.01 22.50
C ALA D 669 15.59 51.85 22.56
N VAL E 2 43.16 -27.66 19.12
CA VAL E 2 43.15 -27.20 17.75
C VAL E 2 42.12 -26.07 17.61
N HIS E 3 40.84 -26.42 17.52
CA HIS E 3 39.75 -25.47 17.48
C HIS E 3 39.08 -25.38 18.85
N LEU E 4 38.50 -24.21 19.13
CA LEU E 4 37.75 -24.07 20.37
C LEU E 4 36.61 -25.09 20.46
N ASN E 5 35.93 -25.34 19.34
CA ASN E 5 34.95 -26.40 19.27
C ASN E 5 35.67 -27.72 19.02
N LYS E 6 35.53 -28.65 19.96
CA LYS E 6 36.26 -29.91 19.90
C LYS E 6 35.56 -30.98 19.08
N THR E 7 34.41 -30.67 18.47
CA THR E 7 33.67 -31.69 17.72
C THR E 7 34.01 -31.68 16.23
N ILE E 8 34.63 -30.61 15.73
CA ILE E 8 35.05 -30.56 14.33
C ILE E 8 36.01 -31.71 14.05
N GLN E 9 35.78 -32.39 12.93
CA GLN E 9 36.71 -33.38 12.41
C GLN E 9 36.92 -33.14 10.92
N GLU E 10 38.06 -33.60 10.40
CA GLU E 10 38.36 -33.44 8.99
C GLU E 10 37.33 -34.20 8.15
N GLY E 11 36.92 -33.60 7.03
CA GLY E 11 35.95 -34.19 6.14
C GLY E 11 34.51 -33.83 6.42
N ASP E 12 34.21 -33.21 7.57
CA ASP E 12 32.85 -32.85 7.90
C ASP E 12 32.28 -31.91 6.85
N ASN E 13 30.95 -31.89 6.79
CA ASN E 13 30.23 -30.95 5.92
C ASN E 13 30.64 -29.53 6.28
N PRO E 14 31.17 -28.75 5.34
CA PRO E 14 31.64 -27.40 5.70
C PRO E 14 30.52 -26.45 6.11
N ASP E 15 29.29 -26.62 5.60
CA ASP E 15 28.20 -25.76 6.06
C ASP E 15 28.02 -25.87 7.58
N LEU E 16 28.29 -27.04 8.14
CA LEU E 16 28.20 -27.23 9.58
C LEU E 16 29.48 -26.80 10.29
N THR E 17 30.64 -27.13 9.72
CA THR E 17 31.91 -26.72 10.31
C THR E 17 31.99 -25.21 10.45
N ALA E 18 31.47 -24.47 9.46
CA ALA E 18 31.42 -23.01 9.52
C ALA E 18 30.73 -22.53 10.80
N GLU E 19 29.71 -23.25 11.25
CA GLU E 19 28.99 -22.86 12.45
C GLU E 19 29.74 -23.23 13.72
N ARG E 20 30.61 -24.25 13.65
CA ARG E 20 31.44 -24.59 14.79
C ARG E 20 32.65 -23.69 14.89
N LEU E 21 33.16 -23.23 13.75
CA LEU E 21 34.35 -22.39 13.72
C LEU E 21 34.11 -21.05 14.40
N THR E 22 32.86 -20.63 14.57
CA THR E 22 32.58 -19.34 15.17
C THR E 22 32.49 -19.40 16.70
N ALA E 23 32.79 -20.54 17.32
CA ALA E 23 32.65 -20.69 18.76
C ALA E 23 33.60 -19.75 19.50
N THR E 24 33.12 -19.20 20.62
CA THR E 24 33.93 -18.34 21.48
C THR E 24 34.44 -19.05 22.73
N PHE E 25 34.15 -20.34 22.89
CA PHE E 25 34.51 -21.04 24.10
C PHE E 25 34.91 -22.48 23.77
N ASP E 26 35.67 -23.07 24.67
CA ASP E 26 36.10 -24.47 24.57
C ASP E 26 34.93 -25.37 24.92
N THR E 27 34.55 -26.28 24.02
CA THR E 27 33.38 -27.12 24.25
C THR E 27 33.62 -28.17 25.32
N HIS E 28 34.88 -28.53 25.58
CA HIS E 28 35.17 -29.42 26.71
C HIS E 28 34.86 -28.72 28.02
N ALA E 29 35.15 -27.42 28.10
CA ALA E 29 34.92 -26.68 29.34
C ALA E 29 33.44 -26.45 29.58
N MET E 30 32.65 -26.36 28.51
CA MET E 30 31.21 -26.21 28.69
C MET E 30 30.58 -27.54 29.11
N ALA E 31 31.09 -28.66 28.57
CA ALA E 31 30.64 -29.97 29.02
C ALA E 31 30.83 -30.12 30.52
N ALA E 32 32.00 -29.71 31.02
CA ALA E 32 32.26 -29.76 32.46
C ALA E 32 31.17 -29.00 33.23
N GLN E 33 30.77 -27.83 32.71
CA GLN E 33 29.69 -27.07 33.33
C GLN E 33 28.38 -27.85 33.28
N ILE E 34 28.12 -28.50 32.14
CA ILE E 34 26.85 -29.18 31.94
C ILE E 34 26.72 -30.38 32.87
N TYR E 35 27.81 -31.15 33.03
CA TYR E 35 27.74 -32.42 33.72
C TYR E 35 28.36 -32.37 35.12
N GLY E 36 28.64 -31.19 35.64
CA GLY E 36 29.01 -31.05 37.03
C GLY E 36 30.45 -31.37 37.37
N GLY E 37 31.38 -31.11 36.47
CA GLY E 37 32.79 -31.28 36.75
C GLY E 37 33.57 -31.73 35.52
N GLU E 38 34.83 -31.30 35.45
CA GLU E 38 35.67 -31.63 34.31
C GLU E 38 35.93 -33.14 34.24
N MET E 39 36.03 -33.80 35.40
CA MET E 39 36.29 -35.24 35.41
C MET E 39 35.04 -36.02 34.97
N ARG E 40 33.86 -35.62 35.47
CA ARG E 40 32.63 -36.28 35.04
C ARG E 40 32.50 -36.21 33.53
N ALA E 41 32.76 -35.03 32.95
CA ALA E 41 32.61 -34.87 31.51
C ALA E 41 33.63 -35.72 30.76
N ARG E 42 34.87 -35.77 31.26
CA ARG E 42 35.90 -36.54 30.56
C ARG E 42 35.58 -38.03 30.57
N ARG E 43 35.00 -38.53 31.66
CA ARG E 43 34.60 -39.93 31.71
C ARG E 43 33.55 -40.23 30.67
N ARG E 44 32.62 -39.29 30.43
CA ARG E 44 31.62 -39.47 29.38
C ARG E 44 32.29 -39.75 28.04
N ARG E 45 33.31 -38.94 27.70
CA ARG E 45 33.99 -39.11 26.43
C ARG E 45 34.84 -40.39 26.41
N GLU E 46 35.44 -40.75 27.55
CA GLU E 46 36.24 -41.98 27.60
C GLU E 46 35.36 -43.20 27.45
N ILE E 47 34.19 -43.19 28.10
CA ILE E 47 33.20 -44.25 27.87
C ILE E 47 32.81 -44.30 26.41
N THR E 48 32.65 -43.12 25.78
CA THR E 48 32.19 -43.08 24.39
C THR E 48 33.28 -43.54 23.44
N ALA E 49 34.55 -43.30 23.76
CA ALA E 49 35.62 -43.88 22.95
C ALA E 49 35.77 -45.39 23.19
N LYS E 50 35.39 -45.89 24.37
CA LYS E 50 35.59 -47.31 24.67
C LYS E 50 34.55 -48.20 23.99
N LEU E 51 33.26 -47.81 24.03
CA LEU E 51 32.23 -48.58 23.32
C LEU E 51 32.40 -48.49 21.81
N ALA E 52 33.20 -47.56 21.31
CA ALA E 52 33.49 -47.56 19.87
C ALA E 52 34.29 -48.79 19.49
N GLU E 53 35.04 -49.35 20.43
CA GLU E 53 35.86 -50.54 20.19
C GLU E 53 35.12 -51.84 20.47
N ILE E 54 33.86 -51.77 20.90
CA ILE E 54 33.05 -52.94 21.22
C ILE E 54 31.80 -52.93 20.37
N PRO E 55 31.85 -53.45 19.12
CA PRO E 55 30.67 -53.39 18.25
C PRO E 55 29.50 -54.25 18.71
N GLU E 56 29.71 -55.23 19.58
CA GLU E 56 28.61 -56.04 20.09
C GLU E 56 27.56 -55.18 20.77
N LEU E 57 27.97 -54.05 21.33
CA LEU E 57 27.10 -53.14 22.06
C LEU E 57 26.50 -52.06 21.18
N HIS E 58 26.59 -52.19 19.86
CA HIS E 58 25.99 -51.22 18.96
C HIS E 58 24.62 -51.70 18.52
N ASP E 59 23.78 -50.74 18.13
CA ASP E 59 22.50 -51.09 17.53
C ASP E 59 22.74 -52.03 16.37
N SER E 60 22.24 -53.26 16.46
CA SER E 60 22.52 -54.24 15.41
C SER E 60 21.95 -53.78 14.08
N MET E 61 20.82 -53.08 14.10
CA MET E 61 20.34 -52.33 12.95
C MET E 61 19.61 -51.11 13.47
N PRO E 62 19.43 -50.08 12.64
CA PRO E 62 18.71 -48.88 13.08
C PRO E 62 17.38 -49.23 13.73
N LEU E 63 17.16 -48.70 14.93
CA LEU E 63 16.00 -49.10 15.73
C LEU E 63 14.64 -48.80 15.09
N PRO E 64 14.43 -47.70 14.34
CA PRO E 64 13.12 -47.51 13.70
C PRO E 64 12.73 -48.63 12.75
N TYR E 65 13.69 -49.45 12.29
CA TYR E 65 13.38 -50.55 11.38
C TYR E 65 12.63 -51.69 12.06
N MET E 66 12.60 -51.74 13.38
CA MET E 66 12.26 -52.95 14.10
C MET E 66 10.82 -52.95 14.59
N THR E 67 10.19 -54.12 14.50
CA THR E 67 8.96 -54.40 15.23
C THR E 67 9.24 -54.33 16.73
N ARG E 68 8.17 -54.26 17.51
CA ARG E 68 8.32 -54.26 18.97
C ARG E 68 9.13 -55.47 19.44
N GLU E 69 8.82 -56.65 18.91
CA GLU E 69 9.53 -57.84 19.40
C GLU E 69 11.00 -57.79 19.02
N GLU E 70 11.32 -57.29 17.82
CA GLU E 70 12.72 -57.18 17.43
C GLU E 70 13.47 -56.23 18.35
N LYS E 71 12.85 -55.09 18.71
CA LYS E 71 13.47 -54.15 19.63
C LYS E 71 13.74 -54.79 20.99
N ILE E 72 12.74 -55.51 21.53
CA ILE E 72 12.88 -56.10 22.86
C ILE E 72 14.00 -57.14 22.86
N MET E 73 14.08 -57.95 21.80
CA MET E 73 15.19 -58.89 21.66
C MET E 73 16.52 -58.15 21.61
N GLU E 74 16.60 -57.10 20.78
CA GLU E 74 17.84 -56.34 20.66
C GLU E 74 18.25 -55.74 22.01
N SER E 75 17.28 -55.25 22.78
CA SER E 75 17.60 -54.63 24.06
C SER E 75 18.17 -55.64 25.04
N ALA E 76 17.56 -56.83 25.15
CA ALA E 76 18.08 -57.86 26.05
C ALA E 76 19.44 -58.36 25.57
N ARG E 77 19.64 -58.49 24.25
CA ARG E 77 20.95 -58.85 23.72
C ARG E 77 22.01 -57.90 24.23
N LYS E 78 21.80 -56.59 24.07
CA LYS E 78 22.78 -55.62 24.52
C LYS E 78 22.90 -55.64 26.04
N LEU E 79 21.79 -55.88 26.75
CA LEU E 79 21.82 -55.83 28.21
C LEU E 79 22.68 -56.95 28.80
N THR E 80 22.54 -58.18 28.29
CA THR E 80 23.37 -59.27 28.79
C THR E 80 24.85 -58.98 28.56
N VAL E 81 25.21 -58.60 27.34
CA VAL E 81 26.58 -58.19 27.07
C VAL E 81 26.98 -57.04 27.99
N LEU E 82 26.06 -56.11 28.22
CA LEU E 82 26.36 -54.95 29.06
C LEU E 82 26.72 -55.38 30.48
N THR E 83 25.88 -56.21 31.09
CA THR E 83 26.11 -56.61 32.48
C THR E 83 27.40 -57.39 32.63
N GLN E 84 27.79 -58.13 31.60
CA GLN E 84 29.01 -58.92 31.67
C GLN E 84 30.25 -58.04 31.61
N ARG E 85 30.28 -57.09 30.66
CA ARG E 85 31.47 -56.31 30.39
C ARG E 85 31.45 -54.94 31.06
N MET E 86 30.52 -54.71 31.99
CA MET E 86 30.33 -53.37 32.56
C MET E 86 31.60 -52.83 33.20
N SER E 87 32.33 -53.69 33.93
CA SER E 87 33.46 -53.20 34.71
C SER E 87 34.62 -52.78 33.81
N GLU E 88 34.67 -53.29 32.59
CA GLU E 88 35.73 -52.88 31.66
C GLU E 88 35.56 -51.43 31.19
N ILE E 89 34.35 -50.90 31.31
CA ILE E 89 34.04 -49.59 30.78
C ILE E 89 33.83 -48.56 31.87
N ILE E 90 33.33 -48.98 33.04
CA ILE E 90 32.56 -48.16 33.96
C ILE E 90 33.01 -48.47 35.37
N ASP E 91 32.84 -47.51 36.27
CA ASP E 91 32.82 -47.83 37.69
C ASP E 91 31.39 -48.12 38.08
N PRO E 92 31.02 -49.39 38.27
CA PRO E 92 29.60 -49.75 38.43
C PRO E 92 28.88 -48.99 39.53
N THR E 93 29.59 -48.57 40.57
CA THR E 93 28.97 -47.86 41.67
C THR E 93 28.75 -46.38 41.38
N ASP E 94 29.36 -45.86 40.32
CA ASP E 94 29.24 -44.44 39.97
C ASP E 94 28.78 -44.27 38.53
N ALA E 95 27.55 -43.83 38.23
CA ALA E 95 26.45 -43.44 39.15
C ALA E 95 25.13 -43.24 38.37
N GLY E 96 25.14 -42.53 37.22
CA GLY E 96 26.23 -41.65 36.80
C GLY E 96 26.93 -42.00 35.50
N GLU E 97 28.01 -42.77 35.60
CA GLU E 97 28.59 -43.35 34.40
C GLU E 97 27.71 -44.49 33.88
N LEU E 98 26.94 -45.12 34.76
CA LEU E 98 25.96 -46.12 34.35
C LEU E 98 24.83 -45.47 33.54
N TYR E 99 24.41 -44.28 33.95
CA TYR E 99 23.37 -43.55 33.22
C TYR E 99 23.81 -43.26 31.79
N HIS E 100 25.02 -42.74 31.63
CA HIS E 100 25.53 -42.44 30.29
C HIS E 100 25.74 -43.71 29.48
N LEU E 101 26.32 -44.75 30.10
CA LEU E 101 26.47 -46.03 29.42
C LEU E 101 25.14 -46.52 28.87
N ASN E 102 24.10 -46.53 29.71
CA ASN E 102 22.78 -46.95 29.26
C ASN E 102 22.29 -46.10 28.10
N ASN E 103 22.53 -44.79 28.15
CA ASN E 103 22.03 -43.90 27.10
C ASN E 103 22.63 -44.26 25.74
N GLU E 104 23.94 -44.51 25.72
CA GLU E 104 24.59 -44.93 24.48
C GLU E 104 24.12 -46.32 24.04
N VAL E 105 24.21 -47.30 24.94
CA VAL E 105 24.00 -48.69 24.55
C VAL E 105 22.51 -49.01 24.40
N LEU E 106 21.71 -48.60 25.38
CA LEU E 106 20.31 -49.02 25.44
C LEU E 106 19.34 -47.96 24.91
N GLY E 107 19.66 -46.68 25.05
CA GLY E 107 18.81 -45.65 24.49
C GLY E 107 17.59 -45.35 25.33
N ILE E 108 16.69 -44.57 24.73
CA ILE E 108 15.56 -44.00 25.45
C ILE E 108 14.30 -44.85 25.35
N GLU E 109 14.23 -45.78 24.40
CA GLU E 109 12.98 -46.50 24.18
C GLU E 109 12.70 -47.57 25.24
N GLY E 110 13.65 -47.86 26.11
CA GLY E 110 13.44 -48.77 27.22
C GLY E 110 14.39 -49.95 27.20
N ASN E 111 14.31 -50.73 28.28
CA ASN E 111 15.07 -51.97 28.39
C ASN E 111 14.44 -52.80 29.49
N PRO E 112 14.73 -54.11 29.53
CA PRO E 112 14.06 -54.98 30.51
C PRO E 112 14.36 -54.62 31.95
N MET E 113 15.42 -53.87 32.25
CA MET E 113 15.77 -53.54 33.63
C MET E 113 15.76 -52.04 33.87
N ALA E 114 14.94 -51.32 33.12
CA ALA E 114 14.82 -49.87 33.30
C ALA E 114 14.35 -49.54 34.71
N LEU E 115 13.25 -50.16 35.15
CA LEU E 115 12.70 -49.84 36.46
C LEU E 115 13.41 -50.58 37.59
N HIS E 116 14.20 -51.60 37.27
CA HIS E 116 15.11 -52.19 38.24
C HIS E 116 15.95 -51.10 38.90
N GLY E 117 16.48 -50.19 38.10
CA GLY E 117 17.31 -49.11 38.61
C GLY E 117 16.55 -47.87 39.04
N VAL E 118 15.51 -47.51 38.31
CA VAL E 118 14.85 -46.23 38.56
C VAL E 118 14.03 -46.28 39.85
N MET E 119 13.44 -47.43 40.19
CA MET E 119 12.54 -47.46 41.34
C MET E 119 12.74 -48.65 42.26
N PHE E 120 12.98 -49.85 41.69
CA PHE E 120 13.07 -51.06 42.49
C PHE E 120 14.17 -50.97 43.54
N ILE E 121 15.39 -50.70 43.10
CA ILE E 121 16.50 -50.55 44.04
C ILE E 121 16.28 -49.37 44.97
N PRO E 122 15.96 -48.15 44.49
CA PRO E 122 15.69 -47.07 45.45
C PRO E 122 14.62 -47.40 46.47
N ALA E 123 13.60 -48.17 46.10
CA ALA E 123 12.58 -48.55 47.09
C ALA E 123 13.19 -49.45 48.16
N LEU E 124 14.09 -50.35 47.78
CA LEU E 124 14.75 -51.20 48.75
C LEU E 124 15.69 -50.40 49.63
N ASN E 125 16.41 -49.44 49.04
CA ASN E 125 17.26 -48.55 49.84
C ASN E 125 16.43 -47.82 50.89
N ALA E 126 15.26 -47.31 50.50
CA ALA E 126 14.55 -46.36 51.35
C ALA E 126 13.60 -47.04 52.33
N GLN E 127 13.19 -48.29 52.07
CA GLN E 127 12.13 -48.88 52.85
C GLN E 127 12.41 -50.26 53.42
N ALA E 128 13.51 -50.92 53.03
CA ALA E 128 13.81 -52.24 53.56
C ALA E 128 14.77 -52.14 54.74
N SER E 129 14.59 -53.03 55.71
CA SER E 129 15.44 -53.03 56.88
C SER E 129 16.84 -53.53 56.51
N ASP E 130 17.76 -53.45 57.46
CA ASP E 130 19.13 -53.87 57.18
C ASP E 130 19.18 -55.36 56.84
N GLU E 131 18.40 -56.19 57.55
CA GLU E 131 18.40 -57.61 57.24
C GLU E 131 17.81 -57.87 55.86
N GLN E 132 16.74 -57.15 55.50
CA GLN E 132 16.08 -57.40 54.23
C GLN E 132 16.94 -56.95 53.06
N GLN E 133 17.65 -55.82 53.22
CA GLN E 133 18.58 -55.37 52.19
C GLN E 133 19.63 -56.43 51.92
N ALA E 134 20.06 -57.13 52.98
CA ALA E 134 21.05 -58.20 52.81
C ALA E 134 20.48 -59.34 51.98
N LYS E 135 19.19 -59.63 52.14
CA LYS E 135 18.59 -60.75 51.40
C LYS E 135 18.29 -60.34 49.95
N TRP E 136 17.75 -59.14 49.75
CA TRP E 136 17.21 -58.76 48.45
C TRP E 136 18.03 -57.71 47.72
N LEU E 137 18.56 -56.70 48.41
CA LEU E 137 19.23 -55.61 47.71
C LEU E 137 20.52 -56.08 47.05
N ILE E 138 21.22 -57.02 47.69
CA ILE E 138 22.46 -57.55 47.10
C ILE E 138 22.14 -58.34 45.83
N ARG E 139 21.14 -59.22 45.90
CA ARG E 139 20.74 -59.97 44.71
C ARG E 139 20.32 -59.02 43.59
N ALA E 140 19.70 -57.90 43.95
CA ALA E 140 19.25 -56.95 42.92
C ALA E 140 20.44 -56.26 42.28
N LEU E 141 21.40 -55.81 43.10
CA LEU E 141 22.57 -55.12 42.56
C LEU E 141 23.38 -56.04 41.67
N ARG E 142 23.51 -57.31 42.04
CA ARG E 142 24.24 -58.28 41.24
C ARG E 142 23.45 -58.73 40.02
N ARG E 143 22.21 -58.28 39.87
CA ARG E 143 21.36 -58.64 38.74
C ARG E 143 21.07 -60.14 38.70
N GLU E 144 21.00 -60.75 39.88
CA GLU E 144 20.46 -62.11 40.03
C GLU E 144 18.96 -62.17 39.84
N ILE E 145 18.25 -61.07 40.07
CA ILE E 145 16.81 -60.98 39.91
C ILE E 145 16.51 -59.72 39.12
N ILE E 146 15.30 -59.67 38.57
CA ILE E 146 14.81 -58.48 37.87
C ILE E 146 13.55 -58.03 38.57
N GLY E 147 13.47 -56.74 38.90
CA GLY E 147 12.41 -56.24 39.74
C GLY E 147 11.82 -54.94 39.22
N THR E 148 10.73 -54.54 39.86
CA THR E 148 10.06 -53.29 39.53
C THR E 148 9.26 -52.84 40.75
N TYR E 149 8.62 -51.68 40.61
CA TYR E 149 7.86 -51.03 41.67
C TYR E 149 6.41 -50.95 41.22
N ALA E 150 5.53 -51.67 41.90
CA ALA E 150 4.14 -51.84 41.47
C ALA E 150 3.22 -51.07 42.43
N GLN E 151 2.87 -49.85 42.04
CA GLN E 151 1.98 -48.99 42.81
C GLN E 151 0.64 -48.80 42.11
N THR E 152 0.66 -48.31 40.87
CA THR E 152 -0.56 -47.94 40.17
C THR E 152 -1.42 -49.17 39.87
N GLU E 153 -2.74 -48.98 39.94
CA GLU E 153 -3.71 -49.99 39.57
C GLU E 153 -4.54 -49.45 38.42
N MET E 154 -5.28 -50.35 37.76
CA MET E 154 -6.09 -49.94 36.61
C MET E 154 -7.03 -48.79 36.99
N GLY E 155 -7.59 -48.82 38.20
CA GLY E 155 -8.54 -47.82 38.63
C GLY E 155 -8.03 -46.68 39.48
N HIS E 156 -6.75 -46.68 39.86
CA HIS E 156 -6.19 -45.65 40.73
C HIS E 156 -4.70 -45.52 40.49
N GLY E 157 -4.26 -44.29 40.27
CA GLY E 157 -2.84 -43.97 40.20
C GLY E 157 -2.54 -42.74 41.02
N THR E 158 -3.39 -41.73 40.87
CA THR E 158 -3.22 -40.49 41.62
C THR E 158 -3.61 -40.66 43.09
N ASN E 159 -4.77 -41.29 43.36
CA ASN E 159 -5.29 -41.19 44.73
C ASN E 159 -4.47 -41.92 45.78
N LEU E 160 -4.45 -43.25 45.69
CA LEU E 160 -3.69 -44.16 46.57
C LEU E 160 -4.43 -44.46 47.87
N GLN E 161 -5.05 -43.44 48.48
CA GLN E 161 -5.90 -43.75 49.64
C GLN E 161 -7.08 -44.62 49.25
N ASN E 162 -7.33 -44.82 47.96
CA ASN E 162 -8.41 -45.68 47.48
C ASN E 162 -7.89 -46.78 46.56
N LEU E 163 -6.65 -47.23 46.80
CA LEU E 163 -6.19 -48.45 46.15
C LEU E 163 -7.04 -49.62 46.60
N GLU E 164 -7.10 -50.66 45.77
CA GLU E 164 -7.99 -51.77 46.04
C GLU E 164 -7.29 -53.10 46.32
N THR E 165 -6.02 -53.24 45.95
CA THR E 165 -5.28 -54.45 46.31
C THR E 165 -5.07 -54.50 47.81
N THR E 166 -5.32 -55.67 48.40
CA THR E 166 -5.27 -55.84 49.85
C THR E 166 -4.19 -56.83 50.24
N ALA E 167 -3.56 -56.58 51.40
CA ALA E 167 -2.65 -57.52 52.05
C ALA E 167 -3.17 -57.76 53.46
N THR E 168 -3.83 -58.90 53.66
CA THR E 168 -4.48 -59.24 54.93
C THR E 168 -3.59 -60.18 55.72
N TYR E 169 -3.33 -59.83 56.99
CA TYR E 169 -2.37 -60.58 57.79
C TYR E 169 -3.05 -61.78 58.46
N ASP E 170 -2.59 -62.98 58.12
CA ASP E 170 -2.97 -64.21 58.79
C ASP E 170 -2.07 -64.36 60.02
N ILE E 171 -2.67 -64.38 61.21
CA ILE E 171 -1.87 -64.39 62.43
C ILE E 171 -1.27 -65.76 62.68
N GLY E 172 -2.09 -66.81 62.63
CA GLY E 172 -1.56 -68.11 62.34
C GLY E 172 -0.94 -68.12 60.96
N THR E 173 -0.01 -69.07 60.74
CA THR E 173 0.79 -69.19 59.52
C THR E 173 1.79 -68.05 59.38
N GLN E 174 1.43 -66.85 59.87
CA GLN E 174 2.33 -65.68 59.89
C GLN E 174 2.66 -65.21 58.47
N GLU E 175 1.65 -65.13 57.61
CA GLU E 175 1.81 -64.67 56.24
C GLU E 175 0.91 -63.46 55.98
N PHE E 176 1.23 -62.73 54.90
CA PHE E 176 0.32 -61.72 54.35
C PHE E 176 -0.36 -62.31 53.13
N VAL E 177 -1.67 -62.13 53.05
CA VAL E 177 -2.46 -62.67 51.94
C VAL E 177 -2.79 -61.53 51.00
N LEU E 178 -2.18 -61.53 49.82
CA LEU E 178 -2.45 -60.52 48.82
C LEU E 178 -3.64 -60.96 47.97
N HIS E 179 -4.53 -60.01 47.67
CA HIS E 179 -5.71 -60.34 46.88
C HIS E 179 -6.12 -59.15 46.04
N THR E 180 -6.61 -59.45 44.83
CA THR E 180 -7.05 -58.47 43.83
C THR E 180 -8.56 -58.64 43.64
N PRO E 181 -9.38 -57.90 44.38
CA PRO E 181 -10.82 -58.24 44.45
C PRO E 181 -11.60 -57.99 43.16
N LYS E 182 -11.16 -57.07 42.29
CA LYS E 182 -11.86 -56.81 41.03
C LYS E 182 -10.82 -56.51 39.96
N ILE E 183 -11.28 -56.33 38.72
CA ILE E 183 -10.35 -56.01 37.63
C ILE E 183 -9.72 -54.63 37.85
N THR E 184 -10.50 -53.69 38.38
CA THR E 184 -9.95 -52.36 38.59
C THR E 184 -8.86 -52.34 39.67
N ALA E 185 -8.69 -53.42 40.42
CA ALA E 185 -7.68 -53.51 41.46
C ALA E 185 -6.36 -54.07 40.95
N LEU E 186 -6.36 -54.61 39.73
CA LEU E 186 -5.13 -55.06 39.10
C LEU E 186 -4.08 -53.97 39.13
N LYS E 187 -2.88 -54.32 39.59
CA LYS E 187 -1.74 -53.46 39.33
C LYS E 187 -1.61 -53.26 37.83
N TRP E 188 -1.25 -52.04 37.44
CA TRP E 188 -1.36 -51.65 36.04
C TRP E 188 -0.47 -50.44 35.82
N TRP E 189 0.48 -50.57 34.85
CA TRP E 189 1.52 -49.62 34.41
C TRP E 189 2.92 -49.81 35.00
N PRO E 190 3.15 -50.53 36.10
CA PRO E 190 4.53 -50.75 36.53
C PRO E 190 5.41 -51.27 35.39
N GLY E 191 6.48 -50.55 35.11
CA GLY E 191 7.33 -50.91 34.00
C GLY E 191 8.06 -52.21 34.25
N ASN E 192 8.28 -52.97 33.19
CA ASN E 192 8.98 -54.25 33.24
C ASN E 192 8.26 -55.28 34.09
N LEU E 193 6.98 -55.06 34.39
CA LEU E 193 6.19 -56.00 35.17
C LEU E 193 5.57 -57.10 34.32
N GLY E 194 5.25 -56.82 33.05
CA GLY E 194 4.50 -57.77 32.27
C GLY E 194 5.26 -59.05 31.97
N LYS E 195 6.53 -58.92 31.59
CA LYS E 195 7.25 -60.07 31.06
C LYS E 195 8.64 -60.26 31.68
N SER E 196 9.26 -59.19 32.14
CA SER E 196 10.69 -59.27 32.48
C SER E 196 10.94 -59.56 33.96
N SER E 197 10.22 -58.89 34.86
CA SER E 197 10.54 -58.99 36.27
C SER E 197 10.04 -60.31 36.85
N ASN E 198 10.83 -60.88 37.78
CA ASN E 198 10.38 -62.00 38.58
C ASN E 198 10.15 -61.64 40.04
N TYR E 199 10.44 -60.41 40.44
CA TYR E 199 10.08 -59.88 41.75
C TYR E 199 9.51 -58.48 41.58
N ALA E 200 8.77 -58.03 42.59
CA ALA E 200 8.27 -56.67 42.58
C ALA E 200 8.02 -56.20 44.01
N VAL E 201 8.31 -54.92 44.24
CA VAL E 201 7.78 -54.20 45.39
C VAL E 201 6.36 -53.76 45.05
N VAL E 202 5.42 -53.98 45.96
CA VAL E 202 4.00 -53.86 45.64
C VAL E 202 3.29 -53.06 46.72
N VAL E 203 2.69 -51.94 46.33
CA VAL E 203 1.91 -51.13 47.25
C VAL E 203 0.53 -51.74 47.40
N ALA E 204 0.11 -51.96 48.65
CA ALA E 204 -1.20 -52.54 48.94
C ALA E 204 -1.70 -52.04 50.29
N HIS E 205 -3.02 -51.94 50.43
CA HIS E 205 -3.62 -51.60 51.72
C HIS E 205 -3.49 -52.80 52.65
N MET E 206 -2.94 -52.56 53.84
CA MET E 206 -2.63 -53.63 54.79
C MET E 206 -3.74 -53.76 55.81
N TYR E 207 -4.26 -54.99 55.98
CA TYR E 207 -5.36 -55.27 56.89
C TYR E 207 -4.89 -56.21 57.99
N ILE E 208 -5.19 -55.86 59.24
CA ILE E 208 -4.94 -56.72 60.39
C ILE E 208 -6.14 -56.62 61.32
N LYS E 209 -6.76 -57.77 61.62
CA LYS E 209 -7.94 -57.85 62.49
C LYS E 209 -9.06 -56.94 62.01
N GLY E 210 -9.19 -56.82 60.69
CA GLY E 210 -10.23 -56.02 60.08
C GLY E 210 -9.89 -54.56 59.89
N LYS E 211 -8.87 -54.04 60.57
CA LYS E 211 -8.51 -52.63 60.46
C LYS E 211 -7.61 -52.39 59.25
N ASN E 212 -7.85 -51.28 58.56
CA ASN E 212 -7.08 -50.92 57.36
C ASN E 212 -6.02 -49.91 57.75
N PHE E 213 -4.75 -50.30 57.62
CA PHE E 213 -3.63 -49.43 57.98
C PHE E 213 -3.10 -48.61 56.80
N GLY E 214 -3.71 -48.72 55.63
CA GLY E 214 -3.35 -47.90 54.51
C GLY E 214 -2.24 -48.50 53.68
N PRO E 215 -1.78 -47.76 52.67
CA PRO E 215 -0.81 -48.31 51.71
C PRO E 215 0.52 -48.66 52.38
N HIS E 216 1.01 -49.86 52.08
CA HIS E 216 2.30 -50.36 52.55
C HIS E 216 2.93 -51.20 51.45
N THR E 217 4.26 -51.33 51.49
CA THR E 217 5.02 -51.95 50.41
C THR E 217 5.55 -53.31 50.82
N PHE E 218 5.54 -54.24 49.87
CA PHE E 218 5.85 -55.65 50.10
C PHE E 218 6.78 -56.15 49.01
N MET E 219 7.74 -56.99 49.39
CA MET E 219 8.50 -57.76 48.42
C MET E 219 7.66 -58.97 48.03
N VAL E 220 7.44 -59.14 46.73
CA VAL E 220 6.54 -60.17 46.21
C VAL E 220 7.25 -60.94 45.10
N PRO E 221 7.53 -62.22 45.28
CA PRO E 221 8.00 -63.04 44.16
C PRO E 221 6.86 -63.26 43.17
N LEU E 222 7.13 -63.04 41.89
CA LEU E 222 6.12 -63.12 40.84
C LEU E 222 6.27 -64.33 39.95
N ARG E 223 7.50 -64.70 39.61
CA ARG E 223 7.76 -65.79 38.69
C ARG E 223 8.82 -66.71 39.24
N ASP E 224 8.70 -68.00 38.89
CA ASP E 224 9.67 -69.00 39.29
C ASP E 224 11.05 -68.62 38.81
N GLU E 225 12.05 -68.76 39.68
CA GLU E 225 13.39 -68.32 39.34
C GLU E 225 14.05 -69.20 38.28
N LYS E 226 13.57 -70.44 38.09
CA LYS E 226 14.16 -71.33 37.10
C LYS E 226 13.39 -71.35 35.79
N THR E 227 12.07 -71.52 35.81
CA THR E 227 11.31 -71.60 34.56
C THR E 227 10.68 -70.29 34.14
N HIS E 228 10.61 -69.30 35.03
CA HIS E 228 10.02 -67.98 34.79
C HIS E 228 8.51 -68.04 34.59
N LYS E 229 7.87 -69.18 34.87
CA LYS E 229 6.41 -69.24 34.87
C LYS E 229 5.86 -68.41 36.03
N PRO E 230 4.65 -67.88 35.89
CA PRO E 230 4.00 -67.22 37.03
C PRO E 230 3.75 -68.21 38.15
N LEU E 231 4.12 -67.82 39.37
CA LEU E 231 3.89 -68.64 40.54
C LEU E 231 2.39 -68.79 40.77
N PRO E 232 1.97 -69.83 41.49
CA PRO E 232 0.54 -70.07 41.69
C PRO E 232 -0.16 -68.91 42.37
N GLY E 233 -1.26 -68.47 41.78
CA GLY E 233 -2.03 -67.35 42.27
C GLY E 233 -1.77 -66.05 41.57
N ILE E 234 -0.87 -66.03 40.58
CA ILE E 234 -0.42 -64.81 39.93
C ILE E 234 -1.01 -64.73 38.53
N THR E 235 -1.65 -63.60 38.23
CA THR E 235 -2.04 -63.24 36.88
C THR E 235 -1.16 -62.06 36.45
N ILE E 236 -0.53 -62.18 35.28
CA ILE E 236 0.53 -61.23 34.91
C ILE E 236 0.67 -61.19 33.39
N GLY E 237 0.88 -59.98 32.87
CA GLY E 237 1.06 -59.84 31.44
C GLY E 237 1.36 -58.39 31.08
N ASP E 238 1.68 -58.20 29.79
CA ASP E 238 1.92 -56.88 29.21
C ASP E 238 0.59 -56.14 29.08
N ILE E 239 0.65 -54.80 29.08
CA ILE E 239 -0.57 -54.01 28.91
C ILE E 239 -0.77 -53.53 27.48
N GLY E 240 0.06 -53.96 26.53
CA GLY E 240 -0.14 -53.62 25.14
C GLY E 240 0.79 -52.50 24.69
N PRO E 241 0.77 -52.20 23.39
CA PRO E 241 1.65 -51.18 22.85
C PRO E 241 1.18 -49.79 23.26
N LYS E 242 2.07 -48.83 23.07
CA LYS E 242 1.93 -47.51 23.66
C LYS E 242 2.34 -46.45 22.65
N MET E 243 2.09 -45.20 23.04
CA MET E 243 2.55 -44.03 22.30
C MET E 243 4.02 -44.14 21.95
N ALA E 244 4.84 -44.57 22.90
CA ALA E 244 6.27 -44.71 22.73
C ALA E 244 6.78 -45.55 23.88
N TYR E 245 8.10 -45.62 24.05
CA TYR E 245 8.72 -46.33 25.18
C TYR E 245 8.33 -47.80 25.17
N ASN E 246 8.33 -48.40 23.98
CA ASN E 246 7.71 -49.71 23.79
C ASN E 246 8.66 -50.86 24.07
N ILE E 247 9.93 -50.60 24.39
CA ILE E 247 10.80 -51.68 24.79
C ILE E 247 10.51 -52.10 26.23
N VAL E 248 10.01 -51.18 27.04
CA VAL E 248 9.60 -51.54 28.40
C VAL E 248 8.27 -52.28 28.36
N ASP E 249 8.22 -53.44 29.01
CA ASP E 249 7.01 -54.26 29.08
C ASP E 249 6.19 -53.87 30.31
N ASN E 250 5.54 -52.71 30.21
CA ASN E 250 4.61 -52.29 31.26
C ASN E 250 3.53 -53.34 31.42
N GLY E 251 3.20 -53.66 32.68
CA GLY E 251 2.46 -54.86 32.99
C GLY E 251 1.22 -54.64 33.85
N PHE E 252 0.37 -55.66 33.86
CA PHE E 252 -0.69 -55.82 34.85
C PHE E 252 -0.34 -56.99 35.77
N LEU E 253 -0.92 -56.96 36.98
CA LEU E 253 -0.62 -57.96 37.98
C LEU E 253 -1.82 -58.14 38.91
N GLY E 254 -2.25 -59.38 39.09
CA GLY E 254 -3.37 -59.68 39.97
C GLY E 254 -3.09 -60.91 40.83
N PHE E 255 -3.66 -60.91 42.02
CA PHE E 255 -3.42 -61.93 43.04
C PHE E 255 -4.71 -62.65 43.38
N ASN E 256 -4.64 -63.98 43.49
CA ASN E 256 -5.75 -64.77 44.00
C ASN E 256 -5.30 -65.39 45.33
N ASN E 257 -5.48 -64.62 46.40
CA ASN E 257 -5.09 -65.05 47.75
C ASN E 257 -3.66 -65.60 47.76
N TYR E 258 -2.74 -64.73 47.31
CA TYR E 258 -1.34 -65.09 47.15
C TYR E 258 -0.59 -64.79 48.44
N ARG E 259 0.01 -65.81 49.05
CA ARG E 259 0.59 -65.71 50.39
C ARG E 259 2.09 -65.43 50.31
N ILE E 260 2.53 -64.49 51.14
CA ILE E 260 3.95 -64.17 51.29
C ILE E 260 4.26 -64.14 52.78
N PRO E 261 5.52 -64.37 53.16
CA PRO E 261 5.90 -64.29 54.57
C PRO E 261 5.65 -62.91 55.16
N ARG E 262 5.49 -62.88 56.48
CA ARG E 262 5.37 -61.61 57.20
C ARG E 262 6.58 -60.72 56.94
N THR E 263 7.77 -61.32 56.89
CA THR E 263 9.00 -60.57 56.71
C THR E 263 9.15 -59.98 55.31
N ASN E 264 8.17 -60.19 54.42
CA ASN E 264 8.22 -59.55 53.11
C ASN E 264 7.67 -58.12 53.15
N LEU E 265 6.92 -57.75 54.19
CA LEU E 265 6.64 -56.35 54.44
C LEU E 265 7.96 -55.63 54.66
N LEU E 266 8.11 -54.46 54.04
CA LEU E 266 9.35 -53.71 54.13
C LEU E 266 9.35 -52.89 55.41
N MET E 267 10.32 -53.15 56.29
CA MET E 267 10.19 -52.79 57.70
C MET E 267 11.30 -51.89 58.21
N ARG E 268 11.87 -51.03 57.36
CA ARG E 268 12.83 -50.05 57.87
C ARG E 268 12.14 -49.00 58.73
N HIS E 269 10.86 -48.76 58.51
CA HIS E 269 10.14 -47.71 59.22
C HIS E 269 8.87 -48.18 59.90
N THR E 270 8.15 -49.12 59.30
CA THR E 270 6.98 -49.73 59.89
C THR E 270 7.31 -51.15 60.32
N LYS E 271 6.62 -51.63 61.37
CA LYS E 271 6.81 -52.99 61.85
C LYS E 271 5.48 -53.67 62.10
N VAL E 272 5.43 -54.96 61.80
CA VAL E 272 4.33 -55.83 62.19
C VAL E 272 4.95 -57.05 62.86
N GLU E 273 4.74 -57.18 64.17
CA GLU E 273 5.24 -58.32 64.92
C GLU E 273 4.38 -59.55 64.63
N ALA E 274 4.88 -60.71 65.06
CA ALA E 274 4.26 -61.97 64.66
C ALA E 274 2.85 -62.12 65.20
N ASP E 275 2.54 -61.52 66.35
CA ASP E 275 1.19 -61.66 66.89
C ASP E 275 0.19 -60.76 66.17
N GLY E 276 0.65 -59.70 65.51
CA GLY E 276 -0.22 -58.80 64.79
C GLY E 276 -0.01 -57.34 65.13
N THR E 277 0.85 -57.08 66.11
CA THR E 277 1.06 -55.74 66.63
C THR E 277 1.65 -54.81 65.58
N TYR E 278 1.23 -53.54 65.61
CA TYR E 278 1.63 -52.51 64.67
C TYR E 278 2.35 -51.37 65.40
N ILE E 279 3.55 -51.00 64.91
CA ILE E 279 4.22 -49.79 65.33
C ILE E 279 4.28 -48.84 64.15
N LYS E 280 3.88 -47.59 64.39
CA LYS E 280 3.89 -46.48 63.45
C LYS E 280 5.30 -45.90 63.37
N PRO E 281 5.66 -45.32 62.22
CA PRO E 281 6.96 -44.64 62.11
C PRO E 281 6.87 -43.18 62.52
N PRO E 282 8.01 -42.49 62.65
CA PRO E 282 8.06 -41.05 62.93
C PRO E 282 8.32 -40.20 61.68
N ALA E 290 7.53 -42.14 47.95
CA ALA E 290 8.70 -41.52 47.32
C ALA E 290 9.28 -42.45 46.26
N MET E 291 9.26 -42.14 44.94
CA MET E 291 8.52 -41.12 44.17
C MET E 291 9.06 -39.68 44.16
N VAL E 292 9.59 -39.20 45.29
CA VAL E 292 10.31 -37.93 45.26
C VAL E 292 11.68 -38.14 44.62
N HIS E 293 12.24 -39.34 44.73
CA HIS E 293 13.48 -39.67 44.05
C HIS E 293 13.32 -39.51 42.53
N VAL E 294 12.26 -40.11 41.99
CA VAL E 294 12.02 -40.09 40.54
C VAL E 294 11.92 -38.65 40.05
N ARG E 295 11.14 -37.82 40.75
CA ARG E 295 10.91 -36.46 40.31
C ARG E 295 12.20 -35.64 40.34
N SER E 296 13.04 -35.85 41.36
CA SER E 296 14.29 -35.10 41.46
C SER E 296 15.25 -35.44 40.32
N TYR E 297 15.36 -36.73 39.99
CA TYR E 297 16.36 -37.16 39.03
C TYR E 297 15.85 -37.19 37.59
N MET E 298 14.55 -37.10 37.37
CA MET E 298 14.03 -37.14 36.00
C MET E 298 14.24 -35.81 35.28
N LEU E 299 14.66 -34.75 35.98
CA LEU E 299 14.77 -33.44 35.34
C LEU E 299 15.95 -33.40 34.36
N THR E 300 17.08 -34.02 34.72
CA THR E 300 18.18 -34.18 33.75
C THR E 300 17.72 -34.95 32.52
N GLY E 301 16.96 -36.03 32.72
CA GLY E 301 16.48 -36.82 31.60
C GLY E 301 15.74 -35.98 30.58
N GLN E 302 14.96 -35.01 31.04
CA GLN E 302 14.20 -34.14 30.15
C GLN E 302 15.12 -33.13 29.46
N ALA E 303 15.98 -32.46 30.23
CA ALA E 303 16.97 -31.56 29.65
C ALA E 303 17.78 -32.27 28.57
N ILE E 304 18.22 -33.50 28.87
CA ILE E 304 19.02 -34.26 27.92
C ILE E 304 18.21 -34.58 26.66
N MET E 305 16.95 -35.01 26.84
CA MET E 305 16.13 -35.33 25.68
C MET E 305 15.79 -34.09 24.88
N LEU E 306 15.53 -32.97 25.56
CA LEU E 306 15.41 -31.71 24.85
C LEU E 306 16.67 -31.40 24.06
N SER E 307 17.84 -31.66 24.65
CA SER E 307 19.10 -31.34 23.97
C SER E 307 19.36 -32.29 22.81
N TYR E 308 18.96 -33.57 22.94
CA TYR E 308 18.94 -34.47 21.79
C TYR E 308 18.25 -33.79 20.61
N ALA E 309 17.00 -33.33 20.85
CA ALA E 309 16.17 -32.81 19.77
C ALA E 309 16.75 -31.52 19.19
N LEU E 310 17.35 -30.68 20.03
CA LEU E 310 17.90 -29.42 19.55
C LEU E 310 19.22 -29.63 18.79
N ASN E 311 20.09 -30.52 19.29
CA ASN E 311 21.27 -30.91 18.53
C ASN E 311 20.89 -31.30 17.10
N ILE E 312 19.86 -32.12 16.95
CA ILE E 312 19.41 -32.54 15.62
C ILE E 312 18.90 -31.35 14.81
N ALA E 313 17.90 -30.66 15.35
CA ALA E 313 17.24 -29.59 14.60
C ALA E 313 18.21 -28.46 14.27
N THR E 314 19.16 -28.16 15.15
CA THR E 314 20.09 -27.07 14.86
C THR E 314 21.18 -27.51 13.89
N ARG E 315 21.73 -28.71 14.07
CA ARG E 315 22.69 -29.24 13.11
C ARG E 315 22.08 -29.28 11.71
N TYR E 316 20.87 -29.83 11.60
CA TYR E 316 20.21 -29.89 10.31
C TYR E 316 19.94 -28.50 9.75
N SER E 317 19.69 -27.52 10.63
CA SER E 317 19.44 -26.15 10.16
C SER E 317 20.70 -25.55 9.53
N ALA E 318 21.88 -26.01 9.95
CA ALA E 318 23.11 -25.52 9.34
C ALA E 318 23.31 -26.12 7.95
N VAL E 319 22.90 -27.36 7.74
CA VAL E 319 23.14 -27.98 6.45
C VAL E 319 21.95 -27.79 5.50
N ARG E 320 20.72 -27.61 6.02
CA ARG E 320 19.59 -27.42 5.15
C ARG E 320 19.58 -25.99 4.62
N ARG E 321 19.73 -25.84 3.31
CA ARG E 321 19.56 -24.57 2.64
C ARG E 321 18.20 -24.53 1.99
N GLN E 322 17.55 -23.37 2.02
CA GLN E 322 16.22 -23.24 1.45
C GLN E 322 15.82 -21.78 1.31
N GLY E 323 15.77 -21.30 0.07
CA GLY E 323 15.28 -19.96 -0.22
C GLY E 323 16.39 -18.93 -0.15
N GLN E 324 16.09 -17.76 -0.71
CA GLN E 324 17.03 -16.66 -0.77
C GLN E 324 16.57 -15.51 0.12
N ILE E 325 17.53 -14.83 0.72
CA ILE E 325 17.28 -13.56 1.38
C ILE E 325 17.63 -12.49 0.34
N ASP E 326 18.92 -12.25 0.13
CA ASP E 326 19.36 -11.42 -0.98
C ASP E 326 19.18 -12.18 -2.28
N LYS E 327 18.56 -11.53 -3.28
CA LYS E 327 18.22 -12.22 -4.52
C LYS E 327 19.44 -12.58 -5.35
N ASN E 328 20.59 -11.96 -5.11
CA ASN E 328 21.78 -12.22 -5.89
C ASN E 328 22.75 -13.16 -5.17
N GLU E 329 22.40 -13.60 -3.98
CA GLU E 329 23.22 -14.57 -3.26
C GLU E 329 22.53 -15.93 -3.30
N PRO E 330 23.28 -17.01 -3.12
CA PRO E 330 22.67 -18.34 -3.19
C PRO E 330 21.68 -18.56 -2.05
N GLU E 331 21.02 -19.73 -2.10
CA GLU E 331 20.08 -20.12 -1.08
C GLU E 331 20.76 -20.16 0.29
N VAL E 332 20.06 -19.65 1.31
CA VAL E 332 20.64 -19.50 2.65
C VAL E 332 20.36 -20.75 3.46
N LYS E 333 21.26 -21.03 4.41
CA LYS E 333 20.95 -21.92 5.51
C LYS E 333 19.64 -21.47 6.15
N VAL E 334 18.76 -22.43 6.46
CA VAL E 334 17.54 -22.03 7.15
C VAL E 334 17.85 -21.48 8.54
N LEU E 335 19.03 -21.79 9.08
CA LEU E 335 19.47 -21.19 10.33
C LEU E 335 19.54 -19.66 10.24
N GLU E 336 19.46 -19.10 9.03
CA GLU E 336 19.58 -17.68 8.79
C GLU E 336 18.32 -16.91 9.16
N TYR E 337 17.16 -17.55 9.08
CA TYR E 337 15.89 -16.85 9.27
C TYR E 337 15.62 -16.64 10.76
N GLN E 338 15.28 -15.40 11.11
CA GLN E 338 14.93 -15.06 12.48
C GLN E 338 13.86 -16.00 13.02
N THR E 339 12.91 -16.38 12.16
CA THR E 339 11.84 -17.30 12.51
C THR E 339 12.36 -18.69 12.90
N GLN E 340 13.48 -19.12 12.30
CA GLN E 340 14.10 -20.40 12.65
C GLN E 340 14.93 -20.29 13.93
N GLN E 341 15.74 -19.23 14.03
CA GLN E 341 16.47 -18.98 15.27
C GLN E 341 15.52 -18.83 16.45
N HIS E 342 14.39 -18.17 16.22
CA HIS E 342 13.41 -17.96 17.29
C HIS E 342 12.76 -19.25 17.74
N ARG E 343 12.65 -20.25 16.86
CA ARG E 343 11.96 -21.48 17.25
C ARG E 343 12.91 -22.54 17.81
N LEU E 344 14.21 -22.25 17.88
CA LEU E 344 15.20 -23.16 18.40
C LEU E 344 15.92 -22.59 19.63
N PHE E 345 16.59 -21.44 19.47
CA PHE E 345 17.49 -20.94 20.50
C PHE E 345 16.85 -20.77 21.87
N PRO E 346 15.62 -20.28 22.02
CA PRO E 346 15.05 -20.19 23.38
C PRO E 346 15.00 -21.54 24.08
N PHE E 347 14.91 -22.62 23.33
CA PHE E 347 14.86 -23.94 23.93
C PHE E 347 16.24 -24.47 24.27
N ILE E 348 17.28 -24.04 23.54
CA ILE E 348 18.64 -24.27 24.02
C ILE E 348 18.83 -23.63 25.39
N ALA E 349 18.37 -22.38 25.52
CA ALA E 349 18.40 -21.71 26.82
C ALA E 349 17.66 -22.52 27.86
N ARG E 350 16.49 -23.07 27.50
CA ARG E 350 15.71 -23.86 28.44
C ARG E 350 16.45 -25.12 28.87
N ALA E 351 17.10 -25.81 27.92
CA ALA E 351 17.79 -27.06 28.23
C ALA E 351 18.92 -26.86 29.23
N TYR E 352 19.71 -25.80 29.07
CA TYR E 352 20.70 -25.45 30.07
C TYR E 352 20.03 -25.14 31.40
N ALA E 353 18.95 -24.36 31.35
CA ALA E 353 18.26 -23.96 32.57
C ALA E 353 17.70 -25.17 33.32
N PHE E 354 17.08 -26.12 32.59
CA PHE E 354 16.55 -27.32 33.25
C PHE E 354 17.67 -28.12 33.90
N GLN E 355 18.81 -28.25 33.20
CA GLN E 355 19.96 -28.96 33.75
C GLN E 355 20.44 -28.32 35.05
N PHE E 356 20.66 -27.01 35.04
CA PHE E 356 21.13 -26.33 36.24
C PHE E 356 20.10 -26.38 37.35
N ALA E 357 18.82 -26.23 37.01
CA ALA E 357 17.76 -26.38 38.00
C ALA E 357 17.75 -27.79 38.56
N GLY E 358 18.00 -28.79 37.71
CA GLY E 358 18.03 -30.17 38.19
C GLY E 358 19.21 -30.46 39.09
N ALA E 359 20.34 -29.77 38.88
CA ALA E 359 21.48 -29.94 39.77
C ALA E 359 21.17 -29.44 41.17
N GLU E 360 20.51 -28.28 41.27
CA GLU E 360 20.17 -27.76 42.59
C GLU E 360 19.10 -28.60 43.26
N THR E 361 18.21 -29.22 42.46
CA THR E 361 17.17 -30.06 43.05
C THR E 361 17.77 -31.34 43.63
N VAL E 362 18.73 -31.93 42.93
CA VAL E 362 19.35 -33.17 43.42
C VAL E 362 20.18 -32.88 44.66
N LYS E 363 20.82 -31.71 44.71
CA LYS E 363 21.53 -31.29 45.91
C LYS E 363 20.58 -31.20 47.10
N LEU E 364 19.38 -30.62 46.88
CA LEU E 364 18.39 -30.53 47.96
C LEU E 364 17.84 -31.90 48.34
N TYR E 365 17.74 -32.83 47.38
CA TYR E 365 17.32 -34.18 47.71
C TYR E 365 18.34 -34.88 48.59
N GLU E 366 19.63 -34.68 48.30
CA GLU E 366 20.67 -35.25 49.16
C GLU E 366 20.76 -34.54 50.49
N ARG E 367 20.32 -33.27 50.54
CA ARG E 367 20.47 -32.51 51.77
C ARG E 367 19.38 -32.88 52.79
N VAL E 368 18.13 -32.94 52.35
CA VAL E 368 17.21 -33.77 53.11
C VAL E 368 17.70 -35.18 52.82
N LEU E 369 17.09 -36.20 53.44
CA LEU E 369 17.61 -37.57 53.39
C LEU E 369 18.84 -37.65 54.31
N LYS E 370 19.83 -36.78 54.09
CA LYS E 370 20.94 -36.68 55.03
C LYS E 370 20.43 -36.17 56.38
N GLU E 371 19.66 -35.10 56.36
CA GLU E 371 19.01 -34.57 57.56
C GLU E 371 17.91 -35.50 58.08
N MET E 372 17.56 -36.55 57.34
CA MET E 372 16.42 -37.38 57.68
C MET E 372 16.80 -38.65 58.43
N LYS E 373 18.06 -39.07 58.39
CA LYS E 373 18.50 -40.07 59.36
C LYS E 373 18.47 -39.52 60.77
N SER E 374 18.80 -38.24 60.95
CA SER E 374 18.43 -37.45 62.12
C SER E 374 16.97 -37.05 62.03
N GLY E 375 16.51 -36.36 63.05
CA GLY E 375 15.12 -35.98 63.16
C GLY E 375 14.71 -34.68 62.54
N ASN E 376 15.62 -33.99 61.85
CA ASN E 376 15.34 -32.66 61.34
C ASN E 376 14.49 -32.73 60.08
N VAL E 377 13.46 -33.57 60.10
CA VAL E 377 12.50 -33.66 59.00
C VAL E 377 11.70 -32.35 59.05
N SER E 378 12.09 -31.40 58.21
CA SER E 378 11.47 -30.07 58.20
C SER E 378 11.94 -29.32 56.97
N LEU E 379 11.96 -30.01 55.84
CA LEU E 379 12.54 -29.51 54.61
C LEU E 379 12.13 -30.47 53.51
N MET E 380 11.50 -31.57 53.92
CA MET E 380 10.82 -32.44 52.99
C MET E 380 9.65 -31.72 52.34
N ALA E 381 8.97 -30.85 53.09
CA ALA E 381 7.86 -30.09 52.54
C ALA E 381 8.33 -29.14 51.45
N ASP E 382 9.45 -28.47 51.69
CA ASP E 382 10.00 -27.57 50.66
C ASP E 382 10.43 -28.36 49.43
N LEU E 383 11.03 -29.54 49.63
CA LEU E 383 11.49 -30.34 48.50
C LEU E 383 10.32 -30.89 47.71
N HIS E 384 9.30 -31.42 48.41
CA HIS E 384 8.14 -31.97 47.72
C HIS E 384 7.46 -30.92 46.85
N ALA E 385 7.42 -29.66 47.31
CA ALA E 385 6.71 -28.62 46.59
C ALA E 385 7.51 -28.13 45.39
N LEU E 386 8.82 -27.90 45.57
CA LEU E 386 9.68 -27.52 44.45
C LEU E 386 9.63 -28.57 43.36
N THR E 387 9.76 -29.84 43.77
CA THR E 387 9.78 -30.99 42.88
C THR E 387 8.43 -31.22 42.20
N SER E 388 7.32 -30.94 42.89
CA SER E 388 6.00 -31.02 42.26
C SER E 388 5.87 -30.05 41.10
N GLY E 389 6.22 -28.77 41.33
CA GLY E 389 6.10 -27.78 40.27
C GLY E 389 7.11 -27.97 39.16
N LEU E 390 8.37 -28.23 39.53
CA LEU E 390 9.44 -28.36 38.55
C LEU E 390 9.18 -29.52 37.61
N LYS E 391 8.78 -30.67 38.15
CA LYS E 391 8.48 -31.80 37.28
C LYS E 391 7.38 -31.44 36.27
N SER E 392 6.45 -30.57 36.65
CA SER E 392 5.32 -30.26 35.78
C SER E 392 5.70 -29.21 34.73
N VAL E 393 6.45 -28.17 35.10
CA VAL E 393 6.82 -27.14 34.14
C VAL E 393 7.88 -27.67 33.17
N VAL E 394 8.92 -28.33 33.71
CA VAL E 394 10.00 -28.83 32.87
C VAL E 394 9.46 -29.77 31.80
N THR E 395 8.59 -30.69 32.21
CA THR E 395 8.11 -31.73 31.31
C THR E 395 7.22 -31.13 30.20
N HIS E 396 6.45 -30.09 30.54
CA HIS E 396 5.53 -29.45 29.62
C HIS E 396 6.25 -28.53 28.64
N GLN E 397 7.24 -27.77 29.11
CA GLN E 397 8.03 -26.92 28.23
C GLN E 397 9.02 -27.73 27.38
N THR E 398 9.50 -28.85 27.89
CA THR E 398 10.34 -29.74 27.08
C THR E 398 9.58 -30.24 25.86
N GLY E 399 8.32 -30.64 26.07
CA GLY E 399 7.53 -31.14 24.96
C GLY E 399 7.30 -30.09 23.89
N GLU E 400 6.93 -28.89 24.32
CA GLU E 400 6.86 -27.73 23.43
C GLU E 400 8.13 -27.59 22.60
N GLY E 401 9.30 -27.69 23.25
CA GLY E 401 10.55 -27.45 22.56
C GLY E 401 10.96 -28.59 21.64
N ILE E 402 10.78 -29.84 22.10
CA ILE E 402 11.08 -30.98 21.25
C ILE E 402 10.28 -30.91 19.96
N GLU E 403 9.01 -30.50 20.05
CA GLU E 403 8.15 -30.51 18.87
C GLU E 403 8.44 -29.32 17.95
N GLN E 404 8.90 -28.19 18.49
CA GLN E 404 9.41 -27.14 17.61
C GLN E 404 10.67 -27.59 16.89
N ALA E 405 11.55 -28.31 17.60
CA ALA E 405 12.77 -28.83 16.99
C ALA E 405 12.44 -29.75 15.82
N ARG E 406 11.46 -30.64 16.00
CA ARG E 406 11.11 -31.54 14.91
C ARG E 406 10.57 -30.78 13.71
N MET E 407 9.61 -29.88 13.92
CA MET E 407 9.04 -29.12 12.82
C MET E 407 10.04 -28.18 12.17
N ALA E 408 11.12 -27.80 12.87
CA ALA E 408 12.17 -27.01 12.27
C ALA E 408 12.99 -27.78 11.24
N CYS E 409 12.78 -29.09 11.13
CA CYS E 409 13.45 -29.87 10.10
C CYS E 409 12.61 -30.05 8.86
N GLY E 410 11.48 -29.35 8.75
CA GLY E 410 10.62 -29.54 7.62
C GLY E 410 10.12 -30.98 7.52
N GLY E 411 9.80 -31.35 6.27
CA GLY E 411 9.28 -32.66 6.00
C GLY E 411 10.08 -33.76 6.69
N HIS E 412 11.40 -33.74 6.53
CA HIS E 412 12.24 -34.83 7.00
C HIS E 412 12.15 -35.06 8.51
N GLY E 413 11.74 -34.06 9.28
CA GLY E 413 11.60 -34.26 10.71
C GLY E 413 10.50 -35.23 11.08
N TYR E 414 9.47 -35.32 10.24
CA TYR E 414 8.39 -36.28 10.43
C TYR E 414 8.85 -37.71 10.18
N SER E 415 9.96 -37.89 9.47
CA SER E 415 10.54 -39.22 9.30
C SER E 415 11.24 -39.65 10.57
N MET E 416 11.31 -40.97 10.78
CA MET E 416 12.12 -41.50 11.87
C MET E 416 13.61 -41.32 11.63
N ALA E 417 13.99 -40.88 10.43
CA ALA E 417 15.39 -40.53 10.18
C ALA E 417 15.81 -39.35 11.02
N SER E 418 14.85 -38.53 11.45
CA SER E 418 15.15 -37.47 12.41
C SER E 418 15.26 -38.03 13.82
N TYR E 419 14.37 -38.96 14.18
CA TYR E 419 14.22 -39.59 15.49
C TYR E 419 13.58 -38.68 16.51
N ILE E 420 13.28 -37.43 16.17
CA ILE E 420 12.76 -36.49 17.17
C ILE E 420 11.37 -36.91 17.63
N SER E 421 10.60 -37.59 16.78
CA SER E 421 9.26 -37.95 17.18
C SER E 421 9.28 -39.00 18.29
N GLU E 422 10.29 -39.89 18.28
CA GLU E 422 10.42 -40.83 19.38
C GLU E 422 10.92 -40.12 20.64
N ILE E 423 11.91 -39.24 20.51
CA ILE E 423 12.33 -38.41 21.63
C ILE E 423 11.12 -37.72 22.24
N TYR E 424 10.18 -37.28 21.41
CA TYR E 424 8.99 -36.60 21.93
C TYR E 424 8.08 -37.55 22.71
N GLY E 425 7.75 -38.72 22.12
CA GLY E 425 6.83 -39.63 22.78
C GLY E 425 7.34 -40.11 24.11
N VAL E 426 8.65 -40.34 24.22
CA VAL E 426 9.23 -40.83 25.47
C VAL E 426 9.28 -39.72 26.51
N ALA E 427 9.74 -38.53 26.11
CA ALA E 427 9.88 -37.43 27.05
C ALA E 427 8.54 -36.95 27.58
N ILE E 428 7.52 -36.88 26.70
CA ILE E 428 6.24 -36.32 27.09
C ILE E 428 5.53 -37.20 28.11
N GLY E 429 5.86 -38.51 28.15
CA GLY E 429 5.23 -39.38 29.13
C GLY E 429 5.43 -38.89 30.55
N GLY E 430 6.49 -38.10 30.79
CA GLY E 430 6.75 -37.50 32.08
C GLY E 430 5.78 -36.43 32.49
N CYS E 431 4.88 -36.01 31.59
CA CYS E 431 3.78 -35.13 32.01
C CYS E 431 2.75 -35.90 32.81
N THR E 432 2.72 -37.22 32.69
CA THR E 432 1.76 -38.04 33.42
C THR E 432 2.41 -38.94 34.47
N TYR E 433 3.53 -39.60 34.17
CA TYR E 433 4.10 -40.43 35.22
C TYR E 433 4.75 -39.56 36.30
N ALA E 434 4.96 -40.20 37.45
CA ALA E 434 5.50 -39.56 38.64
C ALA E 434 4.61 -38.41 39.14
N GLY E 435 3.31 -38.51 38.86
CA GLY E 435 2.34 -37.52 39.27
C GLY E 435 1.77 -36.70 38.14
N GLU E 436 0.47 -36.80 37.90
CA GLU E 436 -0.17 -36.02 36.85
C GLU E 436 0.15 -34.54 37.02
N ASN E 437 0.48 -33.89 35.89
CA ASN E 437 1.00 -32.53 35.93
C ASN E 437 0.03 -31.57 36.62
N MET E 438 -1.26 -31.68 36.27
CA MET E 438 -2.27 -30.86 36.94
C MET E 438 -2.28 -31.10 38.45
N VAL E 439 -2.13 -32.36 38.85
CA VAL E 439 -2.15 -32.69 40.28
C VAL E 439 -0.90 -32.21 40.97
N MET E 440 0.27 -32.34 40.33
CA MET E 440 1.50 -31.90 40.96
C MET E 440 1.59 -30.39 41.04
N LEU E 441 0.97 -29.68 40.10
CA LEU E 441 0.92 -28.23 40.19
C LEU E 441 0.04 -27.77 41.34
N LEU E 442 -1.08 -28.46 41.57
CA LEU E 442 -1.93 -28.14 42.71
C LEU E 442 -1.29 -28.54 44.02
N GLN E 443 -0.48 -29.61 44.01
CA GLN E 443 0.27 -30.00 45.19
C GLN E 443 1.22 -28.89 45.61
N LEU E 444 1.89 -28.25 44.64
CA LEU E 444 2.69 -27.07 44.95
C LEU E 444 1.82 -25.91 45.42
N ALA E 445 0.61 -25.78 44.82
CA ALA E 445 -0.26 -24.66 45.17
C ALA E 445 -0.69 -24.72 46.62
N ARG E 446 -0.80 -25.93 47.19
CA ARG E 446 -1.12 -26.05 48.61
C ARG E 446 -0.02 -25.42 49.46
N TYR E 447 1.24 -25.67 49.08
CA TYR E 447 2.38 -25.09 49.78
C TYR E 447 2.42 -23.58 49.61
N LEU E 448 2.08 -23.09 48.41
CA LEU E 448 2.06 -21.65 48.19
C LEU E 448 0.92 -21.00 48.96
N VAL E 449 -0.19 -21.70 49.16
CA VAL E 449 -1.30 -21.12 49.92
C VAL E 449 -0.98 -21.06 51.41
N LYS E 450 -0.38 -22.15 51.94
CA LYS E 450 0.14 -22.13 53.31
C LYS E 450 1.07 -20.94 53.49
N SER E 451 2.00 -20.75 52.55
CA SER E 451 2.94 -19.64 52.62
C SER E 451 2.22 -18.30 52.57
N ALA E 452 1.15 -18.20 51.76
CA ALA E 452 0.41 -16.95 51.67
C ALA E 452 -0.34 -16.66 52.96
N ALA E 453 -0.72 -17.70 53.71
CA ALA E 453 -1.37 -17.49 54.99
C ALA E 453 -0.38 -17.00 56.03
N LEU E 454 0.89 -17.40 55.90
CA LEU E 454 1.92 -16.84 56.78
C LEU E 454 2.05 -15.34 56.55
N VAL E 455 2.07 -14.92 55.28
CA VAL E 455 2.21 -13.50 54.96
C VAL E 455 1.00 -12.73 55.45
N LYS E 456 -0.20 -13.21 55.12
CA LYS E 456 -1.41 -12.47 55.48
C LYS E 456 -1.56 -12.33 56.99
N SER E 457 -1.03 -13.28 57.76
CA SER E 457 -1.21 -13.28 59.20
C SER E 457 -0.04 -12.67 59.97
N GLY E 458 0.95 -12.12 59.28
CA GLY E 458 2.05 -11.48 59.95
C GLY E 458 3.26 -12.34 60.22
N LYS E 459 3.23 -13.62 59.84
CA LYS E 459 4.34 -14.53 60.10
C LYS E 459 5.32 -14.62 58.93
N ALA E 460 5.51 -13.52 58.18
CA ALA E 460 6.36 -13.58 56.99
C ALA E 460 7.76 -14.07 57.31
N SER E 461 8.24 -13.78 58.52
CA SER E 461 9.60 -14.15 58.86
C SER E 461 9.78 -15.67 58.96
N GLN E 462 8.68 -16.41 59.04
CA GLN E 462 8.75 -17.87 59.11
C GLN E 462 8.80 -18.53 57.74
N LEU E 463 8.84 -17.75 56.67
CA LEU E 463 8.92 -18.32 55.33
C LEU E 463 10.29 -18.93 55.08
N GLY E 464 10.30 -20.12 54.50
CA GLY E 464 11.54 -20.78 54.13
C GLY E 464 12.23 -20.03 53.00
N PRO E 465 13.51 -20.36 52.76
CA PRO E 465 14.27 -19.65 51.71
C PRO E 465 13.63 -19.68 50.34
N LEU E 466 12.98 -20.78 49.95
CA LEU E 466 12.46 -20.91 48.60
C LEU E 466 11.24 -20.05 48.34
N VAL E 467 10.69 -19.40 49.34
CA VAL E 467 9.36 -18.80 49.20
C VAL E 467 9.32 -17.50 49.99
N ALA E 468 10.51 -17.02 50.36
CA ALA E 468 10.62 -15.78 51.11
C ALA E 468 10.19 -14.56 50.31
N TYR E 469 10.30 -14.62 48.98
CA TYR E 469 9.96 -13.45 48.17
C TYR E 469 8.50 -13.09 48.31
N LEU E 470 7.65 -14.05 48.65
CA LEU E 470 6.25 -13.74 48.93
C LEU E 470 6.14 -12.75 50.08
N GLY E 471 7.15 -12.71 50.96
CA GLY E 471 7.15 -11.81 52.09
C GLY E 471 7.78 -10.48 51.76
N ALA E 472 8.62 -10.44 50.72
CA ALA E 472 9.34 -9.22 50.39
C ALA E 472 8.40 -8.16 49.81
N ARG E 473 8.89 -6.92 49.82
CA ARG E 473 8.11 -5.79 49.37
C ARG E 473 8.54 -5.39 47.97
N SER E 474 7.56 -5.10 47.12
CA SER E 474 7.84 -4.75 45.74
C SER E 474 8.06 -3.25 45.61
N GLU E 475 9.01 -2.88 44.75
CA GLU E 475 9.13 -1.50 44.35
C GLU E 475 7.92 -1.12 43.51
N PRO E 476 7.72 0.17 43.24
CA PRO E 476 6.53 0.52 42.45
C PRO E 476 6.52 -0.04 41.03
N THR E 477 7.65 -0.36 40.38
CA THR E 477 7.52 -0.33 38.93
C THR E 477 8.40 -1.23 38.07
N SER E 478 9.32 -2.05 38.60
CA SER E 478 10.28 -2.75 37.74
C SER E 478 11.22 -1.81 37.02
N LEU E 479 12.53 -2.08 37.10
CA LEU E 479 13.56 -1.20 36.55
C LEU E 479 14.29 -1.83 35.36
N ILE E 480 13.58 -2.62 34.55
CA ILE E 480 14.10 -3.06 33.27
C ILE E 480 14.21 -1.86 32.35
N ASP E 481 15.39 -1.66 31.76
CA ASP E 481 15.69 -0.53 30.88
C ASP E 481 15.71 0.80 31.63
N ARG E 482 16.13 0.78 32.91
CA ARG E 482 16.03 1.96 33.76
C ARG E 482 17.31 2.25 34.51
N VAL E 483 18.04 1.20 34.85
CA VAL E 483 19.02 1.24 35.95
C VAL E 483 20.05 0.15 35.66
N PRO E 484 21.33 0.51 35.48
CA PRO E 484 22.34 -0.47 35.06
C PRO E 484 22.82 -1.28 36.27
N ASN E 485 23.17 -2.56 36.05
CA ASN E 485 23.48 -3.33 37.26
C ASN E 485 24.38 -4.54 37.12
N GLY E 486 24.95 -4.85 35.96
CA GLY E 486 25.65 -6.13 35.85
C GLY E 486 24.78 -7.25 35.36
N GLY E 487 23.53 -6.94 34.98
CA GLY E 487 22.69 -7.84 34.23
C GLY E 487 21.88 -8.80 35.05
N ILE E 488 20.54 -8.74 34.87
CA ILE E 488 19.56 -9.79 35.15
C ILE E 488 18.75 -9.53 36.41
N THR E 489 19.30 -8.80 37.39
CA THR E 489 18.63 -8.71 38.68
C THR E 489 17.26 -8.03 38.57
N GLU E 490 17.12 -7.05 37.65
CA GLU E 490 15.80 -6.44 37.50
C GLU E 490 14.82 -7.38 36.81
N TYR E 491 15.31 -8.32 36.01
CA TYR E 491 14.43 -9.34 35.47
C TYR E 491 13.99 -10.30 36.58
N ILE E 492 14.93 -10.73 37.42
CA ILE E 492 14.60 -11.58 38.56
C ILE E 492 13.55 -10.89 39.43
N LYS E 493 13.74 -9.60 39.71
CA LYS E 493 12.80 -8.90 40.56
C LYS E 493 11.44 -8.74 39.89
N THR E 494 11.40 -8.67 38.55
CA THR E 494 10.11 -8.63 37.86
C THR E 494 9.41 -9.99 37.94
N PHE E 495 10.15 -11.07 37.72
CA PHE E 495 9.57 -12.40 37.87
C PHE E 495 9.05 -12.62 39.29
N GLN E 496 9.79 -12.13 40.28
CA GLN E 496 9.36 -12.28 41.67
C GLN E 496 8.06 -11.54 41.93
N HIS E 497 7.92 -10.33 41.39
CA HIS E 497 6.72 -9.55 41.63
C HIS E 497 5.48 -10.23 41.06
N ILE E 498 5.56 -10.71 39.82
CA ILE E 498 4.39 -11.29 39.18
C ILE E 498 4.04 -12.64 39.81
N ALA E 499 5.06 -13.37 40.29
CA ALA E 499 4.77 -14.65 40.94
C ALA E 499 4.15 -14.43 42.31
N LYS E 500 4.69 -13.49 43.08
CA LYS E 500 4.08 -13.17 44.37
C LYS E 500 2.66 -12.64 44.19
N ARG E 501 2.47 -11.72 43.24
CA ARG E 501 1.18 -11.07 43.06
C ARG E 501 0.10 -12.09 42.68
N GLN E 502 0.43 -13.02 41.78
CA GLN E 502 -0.54 -14.04 41.41
C GLN E 502 -0.75 -15.05 42.53
N THR E 503 0.29 -15.32 43.32
CA THR E 503 0.14 -16.25 44.44
C THR E 503 -0.79 -15.66 45.49
N LEU E 504 -0.54 -14.41 45.91
CA LEU E 504 -1.40 -13.78 46.90
C LEU E 504 -2.79 -13.53 46.33
N LYS E 505 -2.90 -13.20 45.04
CA LYS E 505 -4.22 -12.97 44.44
C LYS E 505 -5.02 -14.26 44.41
N ALA E 506 -4.41 -15.35 43.97
CA ALA E 506 -5.14 -16.62 43.88
C ALA E 506 -5.47 -17.15 45.27
N ALA E 507 -4.53 -17.04 46.22
CA ALA E 507 -4.81 -17.48 47.58
C ALA E 507 -5.98 -16.72 48.17
N ASN E 508 -5.98 -15.40 48.01
CA ASN E 508 -7.03 -14.59 48.60
C ASN E 508 -8.40 -14.91 48.00
N LYS E 509 -8.47 -15.16 46.68
CA LYS E 509 -9.71 -15.64 46.08
C LYS E 509 -10.22 -16.86 46.81
N PHE E 510 -9.29 -17.78 47.13
CA PHE E 510 -9.64 -19.00 47.84
C PHE E 510 -10.12 -18.70 49.25
N PHE E 511 -9.33 -17.93 50.01
CA PHE E 511 -9.74 -17.54 51.35
C PHE E 511 -11.07 -16.79 51.33
N GLY E 512 -11.32 -16.00 50.27
CA GLY E 512 -12.50 -15.16 50.25
C GLY E 512 -13.77 -15.95 50.01
N LEU E 513 -13.66 -17.08 49.32
CA LEU E 513 -14.84 -17.91 49.11
C LEU E 513 -15.18 -18.68 50.37
N MET E 514 -14.19 -19.02 51.18
CA MET E 514 -14.48 -19.68 52.45
C MET E 514 -15.11 -18.71 53.44
N GLU E 515 -14.53 -17.50 53.58
CA GLU E 515 -15.05 -16.52 54.54
C GLU E 515 -16.46 -16.11 54.15
N ASN E 516 -16.83 -16.33 52.89
CA ASN E 516 -18.19 -16.08 52.40
C ASN E 516 -19.09 -17.31 52.43
N GLY E 517 -18.64 -18.44 52.97
CA GLY E 517 -19.54 -19.55 53.26
C GLY E 517 -19.29 -20.86 52.54
N GLU E 518 -18.41 -20.89 51.53
CA GLU E 518 -18.25 -22.11 50.75
C GLU E 518 -17.30 -23.07 51.46
N LYS E 519 -17.55 -24.36 51.26
CA LYS E 519 -16.71 -25.39 51.85
C LYS E 519 -15.29 -25.31 51.31
N ARG E 520 -14.33 -25.71 52.14
CA ARG E 520 -12.91 -25.59 51.79
C ARG E 520 -12.62 -26.22 50.43
N GLU E 521 -13.15 -27.42 50.19
CA GLU E 521 -12.77 -28.19 49.03
C GLU E 521 -13.49 -27.71 47.77
N ILE E 522 -14.70 -27.17 47.90
CA ILE E 522 -15.38 -26.58 46.75
C ILE E 522 -14.77 -25.24 46.38
N ALA E 523 -14.41 -24.45 47.40
CA ALA E 523 -13.67 -23.21 47.13
C ALA E 523 -12.33 -23.51 46.49
N TRP E 524 -11.69 -24.60 46.90
CA TRP E 524 -10.43 -25.01 46.28
C TRP E 524 -10.63 -25.34 44.81
N ASN E 525 -11.61 -26.21 44.50
CA ASN E 525 -11.88 -26.56 43.11
C ASN E 525 -12.16 -25.33 42.27
N LYS E 526 -12.95 -24.40 42.82
CA LYS E 526 -13.33 -23.20 42.07
C LYS E 526 -12.15 -22.27 41.83
N SER E 527 -11.07 -22.42 42.58
CA SER E 527 -9.90 -21.57 42.42
C SER E 527 -8.72 -22.31 41.77
N SER E 528 -8.90 -23.56 41.36
CA SER E 528 -7.74 -24.42 41.11
C SER E 528 -6.97 -23.99 39.86
N VAL E 529 -7.67 -23.58 38.79
CA VAL E 529 -6.96 -23.09 37.61
C VAL E 529 -6.10 -21.88 37.95
N GLU E 530 -6.69 -20.90 38.62
CA GLU E 530 -5.93 -19.73 39.07
C GLU E 530 -4.73 -20.14 39.91
N LEU E 531 -4.95 -21.09 40.84
CA LEU E 531 -3.87 -21.53 41.72
C LEU E 531 -2.73 -22.18 40.93
N ASN E 532 -3.06 -22.91 39.87
CA ASN E 532 -1.99 -23.48 39.05
C ASN E 532 -1.23 -22.43 38.27
N ARG E 533 -1.87 -21.27 38.00
CA ARG E 533 -1.14 -20.14 37.43
C ARG E 533 -0.05 -19.68 38.38
N ALA E 534 -0.32 -19.71 39.69
CA ALA E 534 0.68 -19.29 40.67
C ALA E 534 1.83 -20.28 40.72
N SER E 535 1.52 -21.57 40.90
CA SER E 535 2.52 -22.63 40.87
C SER E 535 3.46 -22.49 39.68
N ARG E 536 2.88 -22.30 38.48
CA ARG E 536 3.66 -22.19 37.25
C ARG E 536 4.64 -21.02 37.32
N LEU E 537 4.15 -19.85 37.74
CA LEU E 537 5.00 -18.67 37.80
C LEU E 537 6.06 -18.80 38.87
N HIS E 538 5.70 -19.37 40.03
CA HIS E 538 6.69 -19.60 41.08
C HIS E 538 7.80 -20.52 40.57
N THR E 539 7.44 -21.53 39.77
CA THR E 539 8.41 -22.51 39.31
C THR E 539 9.27 -21.94 38.19
N ARG E 540 8.66 -21.21 37.25
CA ARG E 540 9.45 -20.58 36.20
C ARG E 540 10.40 -19.55 36.78
N LEU E 541 10.02 -18.92 37.89
CA LEU E 541 10.96 -18.05 38.60
C LEU E 541 12.15 -18.84 39.12
N PHE E 542 11.89 -20.02 39.70
CA PHE E 542 13.00 -20.80 40.23
C PHE E 542 14.02 -21.13 39.14
N ILE E 543 13.55 -21.50 37.96
CA ILE E 543 14.45 -21.88 36.87
C ILE E 543 15.34 -20.72 36.50
N VAL E 544 14.75 -19.53 36.37
CA VAL E 544 15.55 -18.33 36.11
C VAL E 544 16.65 -18.19 37.15
N GLU E 545 16.26 -18.25 38.42
CA GLU E 545 17.19 -17.96 39.50
C GLU E 545 18.31 -18.99 39.56
N ALA E 546 17.98 -20.27 39.32
CA ALA E 546 19.02 -21.29 39.29
C ALA E 546 20.00 -21.04 38.14
N PHE E 547 19.45 -20.68 36.96
CA PHE E 547 20.28 -20.33 35.82
C PHE E 547 21.21 -19.16 36.14
N ALA E 548 20.68 -18.11 36.77
CA ALA E 548 21.48 -16.94 37.07
C ALA E 548 22.52 -17.26 38.14
N ARG E 549 22.16 -18.11 39.12
CA ARG E 549 23.11 -18.52 40.14
C ARG E 549 24.31 -19.22 39.52
N ARG E 550 24.08 -20.09 38.54
CA ARG E 550 25.20 -20.79 37.92
C ARG E 550 26.08 -19.83 37.15
N VAL E 551 25.46 -18.90 36.40
CA VAL E 551 26.22 -17.93 35.61
C VAL E 551 27.16 -17.14 36.51
N ASN E 552 26.73 -16.87 37.74
CA ASN E 552 27.57 -16.07 38.63
C ASN E 552 28.65 -16.91 39.30
N GLU E 553 28.46 -18.23 39.38
CA GLU E 553 29.46 -19.07 40.02
C GLU E 553 30.69 -19.30 39.14
N ILE E 554 30.63 -18.92 37.86
CA ILE E 554 31.62 -19.32 36.87
C ILE E 554 32.72 -18.27 36.75
N GLY E 555 33.98 -18.70 36.80
CA GLY E 555 35.12 -17.81 36.68
C GLY E 555 35.72 -17.69 35.28
N ASP E 556 35.74 -18.80 34.54
CA ASP E 556 36.19 -18.83 33.14
C ASP E 556 35.36 -17.86 32.31
N ILE E 557 35.99 -16.79 31.82
CA ILE E 557 35.22 -15.66 31.32
C ILE E 557 34.49 -16.00 30.02
N THR E 558 35.11 -16.83 29.16
CA THR E 558 34.47 -17.16 27.89
C THR E 558 33.22 -18.00 28.12
N ILE E 559 33.30 -18.96 29.02
CA ILE E 559 32.13 -19.76 29.37
C ILE E 559 31.05 -18.86 29.96
N LYS E 560 31.44 -18.02 30.91
CA LYS E 560 30.50 -17.14 31.59
C LYS E 560 29.76 -16.25 30.59
N GLU E 561 30.50 -15.69 29.62
CA GLU E 561 29.89 -14.81 28.63
C GLU E 561 28.94 -15.58 27.71
N ALA E 562 29.31 -16.83 27.36
CA ALA E 562 28.42 -17.65 26.53
C ALA E 562 27.12 -17.96 27.27
N LEU E 563 27.24 -18.44 28.51
CA LEU E 563 26.04 -18.74 29.28
C LEU E 563 25.29 -17.47 29.66
N SER E 564 25.99 -16.34 29.82
CA SER E 564 25.31 -15.10 30.13
C SER E 564 24.45 -14.62 28.95
N ASP E 565 24.96 -14.77 27.72
CA ASP E 565 24.14 -14.47 26.55
C ASP E 565 22.88 -15.33 26.53
N LEU E 566 23.03 -16.63 26.81
CA LEU E 566 21.88 -17.53 26.86
C LEU E 566 20.87 -17.09 27.93
N LEU E 567 21.38 -16.76 29.12
CA LEU E 567 20.51 -16.33 30.21
C LEU E 567 19.71 -15.09 29.81
N HIS E 568 20.34 -14.16 29.09
CA HIS E 568 19.64 -12.97 28.63
C HIS E 568 18.55 -13.31 27.63
N LEU E 569 18.81 -14.29 26.74
CA LEU E 569 17.76 -14.78 25.85
C LEU E 569 16.63 -15.40 26.65
N HIS E 570 16.98 -16.22 27.63
CA HIS E 570 15.99 -16.87 28.48
C HIS E 570 15.06 -15.85 29.14
N VAL E 571 15.63 -14.88 29.89
CA VAL E 571 14.77 -13.97 30.67
C VAL E 571 13.89 -13.12 29.76
N ASN E 572 14.34 -12.81 28.53
CA ASN E 572 13.51 -11.99 27.66
C ASN E 572 12.42 -12.80 26.99
N TYR E 573 12.74 -14.03 26.58
CA TYR E 573 11.73 -14.89 25.97
C TYR E 573 10.64 -15.25 26.97
N GLU E 574 11.04 -15.68 28.17
CA GLU E 574 10.08 -16.08 29.19
C GLU E 574 9.25 -14.90 29.66
N LEU E 575 9.89 -13.78 30.01
CA LEU E 575 9.14 -12.62 30.47
C LEU E 575 8.13 -12.16 29.44
N LEU E 576 8.49 -12.19 28.15
CA LEU E 576 7.52 -11.87 27.11
C LEU E 576 6.36 -12.85 27.15
N ASP E 577 6.66 -14.14 27.37
CA ASP E 577 5.61 -15.15 27.39
C ASP E 577 4.64 -14.96 28.54
N VAL E 578 5.04 -14.27 29.61
CA VAL E 578 4.21 -14.03 30.78
C VAL E 578 3.90 -12.54 30.96
N ALA E 579 4.13 -11.74 29.90
CA ALA E 579 4.01 -10.29 30.02
C ALA E 579 2.64 -9.85 30.54
N THR E 580 1.59 -10.62 30.25
CA THR E 580 0.25 -10.29 30.73
C THR E 580 0.24 -10.01 32.23
N TYR E 581 0.98 -10.81 33.01
CA TYR E 581 1.01 -10.59 34.45
C TYR E 581 1.80 -9.34 34.84
N ALA E 582 2.80 -8.95 34.05
CA ALA E 582 3.58 -7.77 34.36
C ALA E 582 2.87 -6.47 34.00
N LEU E 583 1.95 -6.51 33.03
CA LEU E 583 1.25 -5.31 32.57
C LEU E 583 0.00 -5.01 33.38
N GLU E 584 -0.64 -6.05 33.94
CA GLU E 584 -1.94 -5.91 34.58
C GLU E 584 -2.00 -4.79 35.60
N ASP E 585 -1.02 -4.72 36.50
CA ASP E 585 -0.99 -3.72 37.55
C ASP E 585 -0.10 -2.54 37.20
N GLY E 586 0.29 -2.41 35.94
CA GLY E 586 1.15 -1.33 35.50
C GLY E 586 2.58 -1.50 35.95
N PHE E 587 2.93 -2.67 36.48
CA PHE E 587 4.32 -2.90 36.89
C PHE E 587 5.25 -2.71 35.71
N MET E 588 4.88 -3.21 34.53
CA MET E 588 5.64 -2.92 33.31
C MET E 588 4.86 -1.98 32.42
N SER E 589 5.61 -1.21 31.61
CA SER E 589 5.03 -0.32 30.62
C SER E 589 5.21 -0.89 29.21
N SER E 590 4.33 -0.43 28.31
CA SER E 590 4.46 -0.67 26.87
C SER E 590 5.91 -0.58 26.41
N THR E 591 6.59 0.49 26.81
CA THR E 591 7.94 0.76 26.35
C THR E 591 8.93 -0.28 26.84
N GLN E 592 8.81 -0.69 28.12
CA GLN E 592 9.65 -1.74 28.65
C GLN E 592 9.40 -3.07 27.95
N LEU E 593 8.16 -3.32 27.53
CA LEU E 593 7.87 -4.56 26.83
C LEU E 593 8.48 -4.57 25.44
N ASP E 594 8.45 -3.42 24.75
CA ASP E 594 9.14 -3.31 23.48
C ASP E 594 10.65 -3.47 23.64
N TYR E 595 11.19 -3.03 24.79
CA TYR E 595 12.60 -3.30 25.08
C TYR E 595 12.84 -4.80 25.17
N VAL E 596 11.94 -5.53 25.84
CA VAL E 596 12.10 -6.97 25.97
C VAL E 596 12.03 -7.65 24.60
N ARG E 597 11.14 -7.16 23.73
CA ARG E 597 11.03 -7.72 22.39
C ARG E 597 12.32 -7.48 21.61
N ASP E 598 12.81 -6.24 21.61
CA ASP E 598 14.03 -5.92 20.88
C ASP E 598 15.22 -6.70 21.44
N GLN E 599 15.22 -6.91 22.75
CA GLN E 599 16.26 -7.71 23.40
C GLN E 599 16.21 -9.17 22.95
N LEU E 600 15.01 -9.74 22.87
CA LEU E 600 14.84 -11.10 22.38
C LEU E 600 15.48 -11.27 21.01
N TYR E 601 15.11 -10.41 20.06
CA TYR E 601 15.63 -10.55 18.71
C TYR E 601 17.11 -10.23 18.64
N PHE E 602 17.62 -9.36 19.53
CA PHE E 602 19.05 -9.12 19.56
C PHE E 602 19.82 -10.36 20.02
N TYR E 603 19.35 -11.00 21.08
CA TYR E 603 20.10 -12.12 21.63
C TYR E 603 19.96 -13.38 20.80
N LEU E 604 18.91 -13.49 19.97
CA LEU E 604 18.87 -14.53 18.96
C LEU E 604 20.09 -14.44 18.06
N GLN E 605 20.33 -13.25 17.51
CA GLN E 605 21.44 -13.01 16.60
C GLN E 605 22.78 -13.08 17.32
N LYS E 606 22.83 -12.69 18.59
CA LYS E 606 24.05 -12.81 19.37
C LYS E 606 24.41 -14.28 19.60
N ILE E 607 23.41 -15.11 19.89
CA ILE E 607 23.68 -16.50 20.27
C ILE E 607 24.10 -17.32 19.07
N ARG E 608 23.60 -16.97 17.87
CA ARG E 608 23.71 -17.82 16.68
C ARG E 608 25.10 -18.39 16.41
N PRO E 609 26.19 -17.61 16.41
CA PRO E 609 27.52 -18.23 16.16
C PRO E 609 27.93 -19.23 17.21
N ASN E 610 27.24 -19.29 18.36
CA ASN E 610 27.54 -20.28 19.38
C ASN E 610 26.51 -21.40 19.45
N ALA E 611 25.41 -21.30 18.70
CA ALA E 611 24.29 -22.23 18.85
C ALA E 611 24.72 -23.68 18.70
N VAL E 612 25.48 -23.98 17.65
CA VAL E 612 25.88 -25.36 17.42
C VAL E 612 26.90 -25.83 18.45
N SER E 613 27.74 -24.90 18.93
CA SER E 613 28.76 -25.27 19.91
C SER E 613 28.15 -25.50 21.28
N LEU E 614 27.16 -24.68 21.65
CA LEU E 614 26.45 -24.88 22.91
C LEU E 614 25.81 -26.25 22.97
N LEU E 615 25.41 -26.78 21.82
CA LEU E 615 24.75 -28.08 21.73
C LEU E 615 25.76 -29.21 21.60
N ASP E 616 26.86 -29.00 20.87
CA ASP E 616 27.94 -29.97 20.83
C ASP E 616 28.54 -30.18 22.21
N SER E 617 28.39 -29.18 23.09
CA SER E 617 28.96 -29.25 24.43
C SER E 617 28.29 -30.32 25.28
N TRP E 618 27.10 -30.79 24.89
CA TRP E 618 26.50 -31.94 25.55
C TRP E 618 27.20 -33.24 25.16
N GLU E 619 27.91 -33.23 24.03
CA GLU E 619 28.78 -34.32 23.61
C GLU E 619 28.03 -35.64 23.56
N PHE E 620 27.06 -35.69 22.64
CA PHE E 620 26.29 -36.90 22.33
C PHE E 620 26.86 -37.51 21.06
N SER E 621 27.33 -38.74 21.14
CA SER E 621 27.78 -39.44 19.94
C SER E 621 26.59 -39.86 19.08
N ASP E 622 26.88 -40.20 17.82
CA ASP E 622 25.82 -40.63 16.92
C ASP E 622 25.17 -41.90 17.43
N ARG E 623 25.96 -42.81 18.02
CA ARG E 623 25.39 -44.02 18.60
C ARG E 623 24.42 -43.69 19.72
N GLU E 624 24.65 -42.60 20.45
CA GLU E 624 23.68 -42.21 21.46
C GLU E 624 22.49 -41.52 20.81
N LEU E 625 22.75 -40.63 19.85
CA LEU E 625 21.73 -39.71 19.35
C LEU E 625 20.76 -40.37 18.38
N ARG E 626 21.24 -41.31 17.56
CA ARG E 626 20.42 -42.17 16.70
C ARG E 626 19.66 -41.40 15.64
N SER E 627 20.18 -40.26 15.19
CA SER E 627 19.51 -39.42 14.21
C SER E 627 20.35 -39.31 12.95
N VAL E 628 19.71 -39.53 11.80
CA VAL E 628 20.39 -39.31 10.54
C VAL E 628 20.50 -37.82 10.26
N LEU E 629 19.41 -37.07 10.47
CA LEU E 629 19.46 -35.63 10.25
C LEU E 629 20.46 -34.96 11.17
N GLY E 630 20.75 -35.56 12.32
CA GLY E 630 21.59 -34.94 13.32
C GLY E 630 23.00 -35.47 13.41
N ARG E 631 23.46 -36.13 12.34
CA ARG E 631 24.79 -36.72 12.31
C ARG E 631 25.86 -35.71 12.72
N ARG E 632 26.78 -36.16 13.58
CA ARG E 632 27.89 -35.32 14.01
C ARG E 632 28.59 -34.65 12.84
N ASP E 633 28.73 -35.38 11.72
CA ASP E 633 29.54 -34.90 10.61
C ASP E 633 28.75 -34.07 9.61
N GLY E 634 27.43 -34.01 9.72
CA GLY E 634 26.62 -33.17 8.86
C GLY E 634 26.35 -33.71 7.47
N HIS E 635 26.72 -34.97 7.18
CA HIS E 635 26.51 -35.56 5.86
C HIS E 635 25.12 -36.21 5.80
N VAL E 636 24.11 -35.35 5.71
CA VAL E 636 22.72 -35.77 5.84
C VAL E 636 22.24 -36.53 4.62
N TYR E 637 22.24 -35.86 3.46
CA TYR E 637 21.49 -36.32 2.30
C TYR E 637 21.92 -37.71 1.84
N GLU E 638 23.24 -37.94 1.71
CA GLU E 638 23.70 -39.24 1.24
C GLU E 638 23.27 -40.34 2.20
N ASN E 639 23.41 -40.11 3.50
CA ASN E 639 23.04 -41.12 4.47
C ASN E 639 21.54 -41.20 4.68
N LEU E 640 20.78 -40.17 4.27
CA LEU E 640 19.33 -40.25 4.31
C LEU E 640 18.79 -41.10 3.17
N PHE E 641 19.42 -41.00 1.99
CA PHE E 641 19.08 -41.89 0.87
C PHE E 641 19.32 -43.35 1.25
N LYS E 642 20.47 -43.63 1.86
CA LYS E 642 20.80 -45.00 2.24
C LYS E 642 19.81 -45.53 3.28
N TRP E 643 19.51 -44.71 4.29
CA TRP E 643 18.59 -45.12 5.35
C TRP E 643 17.22 -45.49 4.78
N ALA E 644 16.72 -44.69 3.83
CA ALA E 644 15.47 -45.04 3.16
C ALA E 644 15.62 -46.32 2.36
N LYS E 645 16.71 -46.42 1.57
CA LYS E 645 16.89 -47.57 0.69
C LYS E 645 16.99 -48.88 1.49
N GLU E 646 17.53 -48.82 2.70
CA GLU E 646 17.75 -50.03 3.49
C GLU E 646 16.60 -50.33 4.46
N SER E 647 15.53 -49.54 4.44
CA SER E 647 14.43 -49.72 5.37
C SER E 647 13.54 -50.90 4.94
N PRO E 648 12.73 -51.45 5.86
CA PRO E 648 12.12 -52.77 5.60
C PRO E 648 11.15 -52.81 4.44
N LEU E 649 10.49 -51.70 4.10
CA LEU E 649 9.48 -51.77 3.05
C LEU E 649 10.08 -51.87 1.66
N ASN E 650 11.39 -51.60 1.53
CA ASN E 650 12.07 -51.66 0.25
C ASN E 650 12.81 -52.98 0.02
N LYS E 651 12.56 -53.99 0.86
CA LYS E 651 13.12 -55.32 0.61
C LYS E 651 12.69 -55.84 -0.74
N THR E 652 11.39 -55.76 -1.04
CA THR E 652 10.85 -56.14 -2.33
C THR E 652 10.35 -54.90 -3.06
N ASP E 653 10.28 -55.03 -4.38
CA ASP E 653 9.85 -53.96 -5.28
C ASP E 653 8.33 -53.87 -5.36
N VAL E 654 7.67 -55.00 -5.55
CA VAL E 654 6.21 -55.08 -5.60
C VAL E 654 5.74 -55.70 -4.28
N LEU E 655 4.95 -54.93 -3.52
CA LEU E 655 4.52 -55.33 -2.18
C LEU E 655 3.49 -56.45 -2.27
N PRO E 656 3.44 -57.32 -1.24
CA PRO E 656 2.34 -58.29 -1.17
C PRO E 656 0.97 -57.65 -1.27
N SER E 657 0.81 -56.46 -0.69
CA SER E 657 -0.45 -55.74 -0.80
C SER E 657 -0.79 -55.44 -2.25
N VAL E 658 0.22 -55.36 -3.13
CA VAL E 658 -0.07 -55.10 -4.54
C VAL E 658 -0.39 -56.40 -5.28
N ASP E 659 0.29 -57.50 -4.95
CA ASP E 659 -0.02 -58.75 -5.63
C ASP E 659 -1.35 -59.31 -5.18
N THR E 660 -1.56 -59.43 -3.86
CA THR E 660 -2.78 -60.02 -3.33
C THR E 660 -3.99 -59.18 -3.67
N TYR E 661 -4.02 -57.95 -3.17
CA TYR E 661 -5.05 -56.96 -3.45
C TYR E 661 -4.51 -56.00 -4.52
N LEU E 662 -5.30 -54.99 -4.85
CA LEU E 662 -4.81 -53.81 -5.56
C LEU E 662 -4.52 -54.04 -7.05
N LYS E 663 -3.62 -54.96 -7.39
CA LYS E 663 -3.46 -55.30 -8.80
C LYS E 663 -4.71 -56.01 -9.33
N PRO E 664 -5.24 -57.05 -8.67
CA PRO E 664 -6.59 -57.53 -9.04
C PRO E 664 -7.64 -56.43 -9.07
N MET E 665 -7.59 -55.50 -8.10
CA MET E 665 -8.58 -54.43 -8.08
C MET E 665 -8.51 -53.58 -9.34
N MET E 666 -7.30 -53.29 -9.82
CA MET E 666 -7.15 -52.48 -11.01
C MET E 666 -7.61 -53.22 -12.25
N GLU E 667 -7.22 -54.50 -12.38
CA GLU E 667 -7.65 -55.33 -13.51
C GLU E 667 -9.17 -55.28 -13.68
N LYS E 668 -9.90 -55.41 -12.58
CA LYS E 668 -11.36 -55.32 -12.58
C LYS E 668 -11.76 -53.86 -12.74
N ALA E 669 -11.65 -53.38 -13.98
CA ALA E 669 -12.12 -52.05 -14.42
C ALA E 669 -11.67 -51.79 -15.85
N VAL F 2 -38.24 -40.38 23.52
CA VAL F 2 -36.81 -40.41 23.31
C VAL F 2 -36.11 -39.42 24.22
N HIS F 3 -34.78 -39.46 24.22
CA HIS F 3 -33.95 -38.49 24.92
C HIS F 3 -33.43 -37.46 23.95
N LEU F 4 -33.17 -36.24 24.46
CA LEU F 4 -32.59 -35.21 23.62
C LEU F 4 -31.25 -35.66 23.06
N ASN F 5 -30.44 -36.34 23.87
CA ASN F 5 -29.20 -36.96 23.39
C ASN F 5 -29.54 -38.29 22.74
N LYS F 6 -29.25 -38.41 21.45
CA LYS F 6 -29.63 -39.58 20.67
C LYS F 6 -28.60 -40.71 20.74
N THR F 7 -27.55 -40.55 21.54
CA THR F 7 -26.52 -41.59 21.62
C THR F 7 -26.71 -42.53 22.80
N ILE F 8 -27.53 -42.15 23.79
CA ILE F 8 -27.85 -43.04 24.89
C ILE F 8 -28.47 -44.33 24.35
N GLN F 9 -27.97 -45.46 24.83
CA GLN F 9 -28.60 -46.76 24.64
C GLN F 9 -28.75 -47.44 25.99
N GLU F 10 -29.76 -48.28 26.12
CA GLU F 10 -29.94 -49.00 27.38
C GLU F 10 -28.76 -49.93 27.61
N GLY F 11 -28.35 -50.04 28.87
CA GLY F 11 -27.20 -50.83 29.23
C GLY F 11 -25.91 -50.06 29.33
N ASP F 12 -25.86 -48.83 28.83
CA ASP F 12 -24.64 -48.05 28.88
C ASP F 12 -24.22 -47.80 30.33
N ASN F 13 -22.93 -47.49 30.51
CA ASN F 13 -22.40 -47.11 31.81
C ASN F 13 -23.18 -45.91 32.34
N PRO F 14 -23.82 -46.01 33.52
CA PRO F 14 -24.64 -44.89 34.01
C PRO F 14 -23.84 -43.63 34.33
N ASP F 15 -22.56 -43.74 34.71
CA ASP F 15 -21.78 -42.54 34.94
C ASP F 15 -21.70 -41.68 33.66
N LEU F 16 -21.70 -42.32 32.50
CA LEU F 16 -21.69 -41.59 31.24
C LEU F 16 -23.09 -41.15 30.83
N THR F 17 -24.07 -42.05 30.98
CA THR F 17 -25.46 -41.71 30.65
C THR F 17 -25.92 -40.47 31.40
N ALA F 18 -25.52 -40.37 32.67
CA ALA F 18 -25.87 -39.20 33.49
C ALA F 18 -25.44 -37.90 32.81
N GLU F 19 -24.31 -37.94 32.10
CA GLU F 19 -23.81 -36.74 31.45
C GLU F 19 -24.54 -36.45 30.14
N ARG F 20 -25.10 -37.49 29.52
CA ARG F 20 -25.91 -37.29 28.32
C ARG F 20 -27.31 -36.83 28.69
N LEU F 21 -27.83 -37.31 29.83
CA LEU F 21 -29.17 -36.96 30.23
C LEU F 21 -29.35 -35.48 30.50
N THR F 22 -28.25 -34.74 30.69
CA THR F 22 -28.38 -33.32 31.00
C THR F 22 -28.40 -32.44 29.76
N ALA F 23 -28.48 -33.03 28.56
CA ALA F 23 -28.41 -32.24 27.34
C ALA F 23 -29.63 -31.35 27.21
N THR F 24 -29.42 -30.15 26.67
CA THR F 24 -30.48 -29.19 26.45
C THR F 24 -30.91 -29.11 24.98
N PHE F 25 -30.31 -29.92 24.11
CA PHE F 25 -30.58 -29.85 22.68
C PHE F 25 -30.57 -31.26 22.08
N ASP F 26 -31.20 -31.37 20.91
CA ASP F 26 -31.25 -32.61 20.15
C ASP F 26 -29.92 -32.80 19.43
N THR F 27 -29.27 -33.95 19.64
CA THR F 27 -27.94 -34.15 19.04
C THR F 27 -28.00 -34.41 17.55
N HIS F 28 -29.15 -34.88 17.03
CA HIS F 28 -29.30 -34.95 15.58
C HIS F 28 -29.30 -33.56 14.98
N ALA F 29 -29.91 -32.60 15.68
CA ALA F 29 -30.01 -31.24 15.17
C ALA F 29 -28.64 -30.55 15.20
N MET F 30 -27.82 -30.88 16.19
CA MET F 30 -26.48 -30.30 16.25
C MET F 30 -25.59 -30.90 15.17
N ALA F 31 -25.76 -32.20 14.90
CA ALA F 31 -25.03 -32.85 13.81
C ALA F 31 -25.30 -32.14 12.49
N ALA F 32 -26.56 -31.80 12.23
CA ALA F 32 -26.91 -31.06 11.02
C ALA F 32 -26.14 -29.75 10.94
N GLN F 33 -25.99 -29.06 12.08
CA GLN F 33 -25.20 -27.84 12.11
C GLN F 33 -23.74 -28.14 11.79
N ILE F 34 -23.19 -29.21 12.37
CA ILE F 34 -21.78 -29.53 12.22
C ILE F 34 -21.46 -29.87 10.77
N TYR F 35 -22.31 -30.67 10.14
CA TYR F 35 -22.00 -31.23 8.84
C TYR F 35 -22.72 -30.53 7.68
N GLY F 36 -23.32 -29.38 7.92
CA GLY F 36 -23.83 -28.57 6.83
C GLY F 36 -25.19 -28.98 6.31
N GLY F 37 -26.03 -29.52 7.16
CA GLY F 37 -27.40 -29.81 6.77
C GLY F 37 -27.90 -31.13 7.33
N GLU F 38 -29.23 -31.20 7.54
CA GLU F 38 -29.86 -32.37 8.14
C GLU F 38 -29.66 -33.61 7.28
N MET F 39 -29.74 -33.43 5.95
CA MET F 39 -29.64 -34.56 5.06
C MET F 39 -28.21 -35.11 5.04
N ARG F 40 -27.21 -34.22 5.04
CA ARG F 40 -25.82 -34.66 5.09
C ARG F 40 -25.58 -35.47 6.36
N ALA F 41 -26.13 -35.00 7.49
CA ALA F 41 -25.87 -35.67 8.76
C ALA F 41 -26.54 -37.03 8.80
N ARG F 42 -27.76 -37.13 8.27
CA ARG F 42 -28.48 -38.40 8.33
C ARG F 42 -27.83 -39.43 7.41
N ARG F 43 -27.24 -38.99 6.29
CA ARG F 43 -26.51 -39.92 5.43
C ARG F 43 -25.31 -40.51 6.17
N ARG F 44 -24.61 -39.69 6.96
CA ARG F 44 -23.53 -40.20 7.79
C ARG F 44 -24.01 -41.38 8.65
N ARG F 45 -25.14 -41.21 9.32
CA ARG F 45 -25.66 -42.26 10.20
C ARG F 45 -26.15 -43.46 9.40
N GLU F 46 -26.72 -43.23 8.22
CA GLU F 46 -27.19 -44.35 7.39
C GLU F 46 -26.02 -45.15 6.85
N ILE F 47 -24.94 -44.47 6.47
CA ILE F 47 -23.73 -45.16 6.06
C ILE F 47 -23.18 -46.00 7.21
N THR F 48 -23.20 -45.43 8.41
CA THR F 48 -22.68 -46.13 9.59
C THR F 48 -23.53 -47.36 9.91
N ALA F 49 -24.85 -47.24 9.77
CA ALA F 49 -25.71 -48.39 10.00
C ALA F 49 -25.55 -49.45 8.93
N LYS F 50 -25.25 -49.03 7.69
CA LYS F 50 -25.06 -49.98 6.61
C LYS F 50 -23.75 -50.74 6.77
N LEU F 51 -22.68 -50.03 7.17
CA LEU F 51 -21.38 -50.67 7.37
C LEU F 51 -21.39 -51.64 8.54
N ALA F 52 -22.37 -51.51 9.44
CA ALA F 52 -22.50 -52.48 10.54
C ALA F 52 -22.89 -53.85 10.03
N GLU F 53 -23.55 -53.91 8.87
CA GLU F 53 -24.01 -55.16 8.29
C GLU F 53 -22.99 -55.79 7.36
N ILE F 54 -21.83 -55.16 7.18
CA ILE F 54 -20.78 -55.67 6.29
C ILE F 54 -19.51 -55.85 7.10
N PRO F 55 -19.32 -56.98 7.78
CA PRO F 55 -18.12 -57.14 8.63
C PRO F 55 -16.81 -57.23 7.85
N GLU F 56 -16.85 -57.53 6.55
CA GLU F 56 -15.62 -57.57 5.76
C GLU F 56 -14.89 -56.24 5.81
N LEU F 57 -15.62 -55.14 6.01
CA LEU F 57 -15.07 -53.80 6.03
C LEU F 57 -14.70 -53.32 7.43
N HIS F 58 -14.65 -54.22 8.42
CA HIS F 58 -14.25 -53.87 9.76
C HIS F 58 -12.75 -54.15 9.96
N ASP F 59 -12.16 -53.44 10.91
CA ASP F 59 -10.79 -53.74 11.31
C ASP F 59 -10.69 -55.21 11.66
N SER F 60 -9.93 -55.97 10.88
CA SER F 60 -9.83 -57.41 11.11
C SER F 60 -9.29 -57.70 12.51
N MET F 61 -8.34 -56.89 12.97
CA MET F 61 -7.98 -56.87 14.39
C MET F 61 -7.64 -55.45 14.77
N PRO F 62 -7.63 -55.11 16.06
CA PRO F 62 -7.28 -53.74 16.47
C PRO F 62 -5.98 -53.27 15.85
N LEU F 63 -6.03 -52.09 15.23
CA LEU F 63 -4.88 -51.61 14.46
C LEU F 63 -3.60 -51.40 15.27
N PRO F 64 -3.62 -50.97 16.53
CA PRO F 64 -2.36 -50.86 17.28
C PRO F 64 -1.63 -52.17 17.44
N TYR F 65 -2.30 -53.32 17.23
CA TYR F 65 -1.63 -54.61 17.36
C TYR F 65 -0.67 -54.89 16.21
N MET F 66 -0.75 -54.13 15.13
CA MET F 66 -0.18 -54.55 13.85
C MET F 66 1.18 -53.91 13.58
N THR F 67 2.07 -54.71 12.98
CA THR F 67 3.26 -54.18 12.34
C THR F 67 2.85 -53.30 11.17
N ARG F 68 3.80 -52.50 10.68
CA ARG F 68 3.55 -51.68 9.50
C ARG F 68 3.06 -52.54 8.33
N GLU F 69 3.76 -53.65 8.09
CA GLU F 69 3.38 -54.55 7.01
C GLU F 69 1.96 -55.05 7.16
N GLU F 70 1.57 -55.45 8.37
CA GLU F 70 0.22 -55.96 8.60
C GLU F 70 -0.82 -54.87 8.34
N LYS F 71 -0.55 -53.64 8.79
CA LYS F 71 -1.48 -52.53 8.55
C LYS F 71 -1.68 -52.29 7.07
N ILE F 72 -0.59 -52.27 6.30
CA ILE F 72 -0.68 -51.98 4.87
C ILE F 72 -1.50 -53.05 4.15
N MET F 73 -1.27 -54.32 4.51
CA MET F 73 -2.09 -55.40 3.97
C MET F 73 -3.56 -55.21 4.34
N GLU F 74 -3.83 -54.91 5.62
CA GLU F 74 -5.20 -54.71 6.06
C GLU F 74 -5.88 -53.57 5.30
N SER F 75 -5.12 -52.49 5.05
CA SER F 75 -5.70 -51.34 4.36
C SER F 75 -6.07 -51.66 2.93
N ALA F 76 -5.19 -52.35 2.21
CA ALA F 76 -5.50 -52.76 0.85
C ALA F 76 -6.64 -53.77 0.82
N ARG F 77 -6.69 -54.68 1.80
CA ARG F 77 -7.80 -55.62 1.90
C ARG F 77 -9.12 -54.88 1.94
N LYS F 78 -9.24 -53.92 2.87
CA LYS F 78 -10.49 -53.17 2.97
C LYS F 78 -10.72 -52.32 1.72
N LEU F 79 -9.64 -51.82 1.12
CA LEU F 79 -9.80 -50.90 -0.01
C LEU F 79 -10.41 -51.63 -1.22
N THR F 80 -9.91 -52.83 -1.54
CA THR F 80 -10.48 -53.59 -2.66
C THR F 80 -11.95 -53.87 -2.43
N VAL F 81 -12.30 -54.39 -1.25
CA VAL F 81 -13.71 -54.58 -0.92
C VAL F 81 -14.45 -53.25 -1.01
N LEU F 82 -13.81 -52.17 -0.55
CA LEU F 82 -14.47 -50.87 -0.56
C LEU F 82 -14.83 -50.44 -1.98
N THR F 83 -13.87 -50.51 -2.90
CA THR F 83 -14.11 -50.04 -4.26
C THR F 83 -15.16 -50.89 -4.97
N GLN F 84 -15.26 -52.17 -4.61
CA GLN F 84 -16.23 -53.04 -5.26
C GLN F 84 -17.65 -52.74 -4.80
N ARG F 85 -17.85 -52.55 -3.50
CA ARG F 85 -19.19 -52.42 -2.94
C ARG F 85 -19.58 -50.97 -2.68
N MET F 86 -18.82 -50.00 -3.21
CA MET F 86 -19.02 -48.60 -2.84
C MET F 86 -20.43 -48.12 -3.15
N SER F 87 -20.99 -48.54 -4.30
CA SER F 87 -22.28 -47.99 -4.74
C SER F 87 -23.42 -48.49 -3.88
N GLU F 88 -23.25 -49.64 -3.21
CA GLU F 88 -24.28 -50.15 -2.30
C GLU F 88 -24.44 -49.26 -1.07
N ILE F 89 -23.41 -48.50 -0.72
CA ILE F 89 -23.40 -47.73 0.51
C ILE F 89 -23.54 -46.23 0.24
N ILE F 90 -23.07 -45.76 -0.91
CA ILE F 90 -22.64 -44.38 -1.08
C ILE F 90 -23.10 -43.89 -2.45
N ASP F 91 -23.27 -42.57 -2.56
CA ASP F 91 -23.28 -41.95 -3.88
C ASP F 91 -21.84 -41.57 -4.21
N PRO F 92 -21.18 -42.31 -5.10
CA PRO F 92 -19.74 -42.08 -5.31
C PRO F 92 -19.37 -40.64 -5.66
N THR F 93 -20.33 -39.82 -6.13
CA THR F 93 -19.99 -38.56 -6.78
C THR F 93 -20.11 -37.32 -5.91
N ASP F 94 -21.09 -37.24 -5.00
CA ASP F 94 -21.22 -36.10 -4.12
C ASP F 94 -20.70 -36.64 -2.79
N ALA F 95 -19.45 -36.31 -2.48
CA ALA F 95 -18.70 -37.08 -1.50
C ALA F 95 -17.46 -36.34 -0.98
N GLY F 96 -17.38 -36.06 0.32
CA GLY F 96 -18.53 -36.01 1.23
C GLY F 96 -18.94 -37.28 1.96
N GLU F 97 -19.77 -38.07 1.27
CA GLU F 97 -20.09 -39.41 1.76
C GLU F 97 -18.91 -40.36 1.60
N LEU F 98 -18.06 -40.13 0.59
CA LEU F 98 -16.83 -40.89 0.46
C LEU F 98 -15.85 -40.54 1.57
N TYR F 99 -15.78 -39.27 1.95
CA TYR F 99 -14.92 -38.86 3.05
C TYR F 99 -15.29 -39.61 4.33
N HIS F 100 -16.59 -39.65 4.66
CA HIS F 100 -17.04 -40.35 5.86
C HIS F 100 -16.84 -41.85 5.74
N LEU F 101 -17.17 -42.43 4.58
CA LEU F 101 -16.95 -43.84 4.35
C LEU F 101 -15.50 -44.22 4.61
N ASN F 102 -14.57 -43.44 4.05
CA ASN F 102 -13.15 -43.69 4.27
C ASN F 102 -12.79 -43.60 5.75
N ASN F 103 -13.38 -42.64 6.47
CA ASN F 103 -13.02 -42.45 7.88
C ASN F 103 -13.40 -43.68 8.71
N GLU F 104 -14.57 -44.26 8.45
CA GLU F 104 -14.97 -45.47 9.15
C GLU F 104 -14.12 -46.66 8.71
N VAL F 105 -14.04 -46.90 7.41
CA VAL F 105 -13.45 -48.13 6.91
C VAL F 105 -11.93 -48.07 6.97
N LEU F 106 -11.34 -46.97 6.52
CA LEU F 106 -9.89 -46.87 6.35
C LEU F 106 -9.20 -46.14 7.49
N GLY F 107 -9.86 -45.15 8.10
CA GLY F 107 -9.29 -44.46 9.22
C GLY F 107 -8.22 -43.45 8.82
N ILE F 108 -7.49 -42.99 9.85
CA ILE F 108 -6.61 -41.85 9.70
C ILE F 108 -5.15 -42.24 9.40
N GLU F 109 -4.76 -43.51 9.61
CA GLU F 109 -3.36 -43.86 9.47
C GLU F 109 -2.90 -43.96 8.02
N GLY F 110 -3.82 -43.91 7.06
CA GLY F 110 -3.46 -43.90 5.65
C GLY F 110 -4.08 -45.05 4.88
N ASN F 111 -3.85 -45.02 3.58
CA ASN F 111 -4.28 -46.09 2.69
C ASN F 111 -3.56 -45.92 1.36
N PRO F 112 -3.55 -46.96 0.53
CA PRO F 112 -2.79 -46.88 -0.73
C PRO F 112 -3.29 -45.81 -1.69
N MET F 113 -4.54 -45.37 -1.58
CA MET F 113 -5.09 -44.38 -2.50
C MET F 113 -5.50 -43.10 -1.79
N ALA F 114 -4.80 -42.76 -0.70
CA ALA F 114 -5.07 -41.53 0.03
C ALA F 114 -4.81 -40.31 -0.85
N LEU F 115 -3.64 -40.24 -1.47
CA LEU F 115 -3.31 -39.08 -2.29
C LEU F 115 -3.91 -39.15 -3.68
N HIS F 116 -4.39 -40.33 -4.10
CA HIS F 116 -5.21 -40.43 -5.30
C HIS F 116 -6.36 -39.43 -5.23
N GLY F 117 -7.02 -39.36 -4.08
CA GLY F 117 -8.14 -38.45 -3.92
C GLY F 117 -7.77 -37.06 -3.46
N VAL F 118 -6.77 -36.94 -2.58
CA VAL F 118 -6.49 -35.64 -1.98
C VAL F 118 -5.83 -34.70 -2.98
N MET F 119 -5.01 -35.23 -3.88
CA MET F 119 -4.23 -34.35 -4.74
C MET F 119 -4.20 -34.77 -6.21
N PHE F 120 -4.09 -36.07 -6.48
CA PHE F 120 -3.92 -36.54 -7.87
C PHE F 120 -5.10 -36.12 -8.72
N ILE F 121 -6.32 -36.49 -8.31
CA ILE F 121 -7.52 -36.13 -9.06
C ILE F 121 -7.70 -34.61 -9.07
N PRO F 122 -7.67 -33.90 -7.93
CA PRO F 122 -7.76 -32.43 -8.00
C PRO F 122 -6.75 -31.77 -8.93
N ALA F 123 -5.52 -32.30 -9.00
CA ALA F 123 -4.55 -31.74 -9.94
C ALA F 123 -5.03 -31.92 -11.38
N LEU F 124 -5.64 -33.07 -11.68
CA LEU F 124 -6.15 -33.33 -13.02
C LEU F 124 -7.35 -32.43 -13.32
N ASN F 125 -8.23 -32.23 -12.33
CA ASN F 125 -9.33 -31.30 -12.50
C ASN F 125 -8.83 -29.90 -12.83
N ALA F 126 -7.79 -29.44 -12.12
CA ALA F 126 -7.42 -28.05 -12.16
C ALA F 126 -6.42 -27.72 -13.26
N GLN F 127 -5.70 -28.72 -13.78
CA GLN F 127 -4.58 -28.42 -14.66
C GLN F 127 -4.57 -29.21 -15.97
N ALA F 128 -5.42 -30.21 -16.14
CA ALA F 128 -5.44 -30.97 -17.39
C ALA F 128 -6.49 -30.42 -18.33
N SER F 129 -6.18 -30.44 -19.63
CA SER F 129 -7.13 -29.99 -20.63
C SER F 129 -8.29 -30.96 -20.73
N ASP F 130 -9.30 -30.57 -21.53
CA ASP F 130 -10.47 -31.42 -21.68
C ASP F 130 -10.11 -32.76 -22.30
N GLU F 131 -9.20 -32.75 -23.29
CA GLU F 131 -8.80 -34.00 -23.92
C GLU F 131 -8.05 -34.89 -22.93
N GLN F 132 -7.17 -34.29 -22.12
CA GLN F 132 -6.36 -35.08 -21.20
C GLN F 132 -7.22 -35.66 -20.08
N GLN F 133 -8.20 -34.89 -19.60
CA GLN F 133 -9.11 -35.41 -18.58
C GLN F 133 -9.83 -36.66 -19.09
N ALA F 134 -10.18 -36.66 -20.38
CA ALA F 134 -10.84 -37.83 -20.96
C ALA F 134 -9.90 -39.04 -20.93
N LYS F 135 -8.60 -38.82 -21.13
CA LYS F 135 -7.67 -39.95 -21.18
C LYS F 135 -7.35 -40.44 -19.77
N TRP F 136 -7.12 -39.53 -18.84
CA TRP F 136 -6.57 -39.88 -17.54
C TRP F 136 -7.53 -39.73 -16.38
N LEU F 137 -8.37 -38.68 -16.37
CA LEU F 137 -9.22 -38.45 -15.20
C LEU F 137 -10.28 -39.54 -15.06
N ILE F 138 -10.80 -40.04 -16.19
CA ILE F 138 -11.78 -41.12 -16.13
C ILE F 138 -11.14 -42.38 -15.57
N ARG F 139 -9.97 -42.76 -16.08
CA ARG F 139 -9.27 -43.92 -15.55
C ARG F 139 -8.99 -43.77 -14.06
N ALA F 140 -8.69 -42.55 -13.62
CA ALA F 140 -8.41 -42.32 -12.20
C ALA F 140 -9.68 -42.50 -11.37
N LEU F 141 -10.79 -41.92 -11.83
CA LEU F 141 -12.04 -42.02 -11.09
C LEU F 141 -12.51 -43.46 -10.99
N ARG F 142 -12.33 -44.24 -12.07
CA ARG F 142 -12.71 -45.64 -12.08
C ARG F 142 -11.72 -46.52 -11.32
N ARG F 143 -10.63 -45.94 -10.82
CA ARG F 143 -9.61 -46.66 -10.07
C ARG F 143 -8.95 -47.76 -10.91
N GLU F 144 -8.85 -47.50 -12.23
CA GLU F 144 -8.01 -48.33 -13.11
C GLU F 144 -6.52 -48.10 -12.85
N ILE F 145 -6.15 -46.92 -12.33
CA ILE F 145 -4.77 -46.57 -12.02
C ILE F 145 -4.74 -46.00 -10.61
N ILE F 146 -3.54 -45.97 -10.04
CA ILE F 146 -3.31 -45.38 -8.73
C ILE F 146 -2.25 -44.28 -8.91
N GLY F 147 -2.55 -43.09 -8.42
CA GLY F 147 -1.73 -41.93 -8.69
C GLY F 147 -1.44 -41.12 -7.45
N THR F 148 -0.53 -40.16 -7.62
CA THR F 148 -0.16 -39.23 -6.58
C THR F 148 0.37 -37.95 -7.21
N TYR F 149 0.71 -36.99 -6.35
CA TYR F 149 1.19 -35.67 -6.76
C TYR F 149 2.61 -35.49 -6.24
N ALA F 150 3.58 -35.39 -7.14
CA ALA F 150 5.00 -35.40 -6.79
C ALA F 150 5.59 -34.02 -7.02
N GLN F 151 5.63 -33.22 -5.95
CA GLN F 151 6.21 -31.89 -5.97
C GLN F 151 7.53 -31.84 -5.20
N THR F 152 7.50 -32.19 -3.93
CA THR F 152 8.66 -32.03 -3.07
C THR F 152 9.82 -32.92 -3.49
N GLU F 153 11.04 -32.42 -3.31
CA GLU F 153 12.26 -33.16 -3.54
C GLU F 153 13.03 -33.25 -2.24
N MET F 154 14.02 -34.15 -2.20
CA MET F 154 14.83 -34.32 -0.99
C MET F 154 15.44 -33.00 -0.54
N GLY F 155 15.85 -32.15 -1.48
CA GLY F 155 16.47 -30.89 -1.15
C GLY F 155 15.59 -29.66 -1.18
N HIS F 156 14.33 -29.78 -1.59
CA HIS F 156 13.45 -28.62 -1.69
C HIS F 156 12.00 -29.04 -1.52
N GLY F 157 11.29 -28.33 -0.64
CA GLY F 157 9.86 -28.49 -0.49
C GLY F 157 9.19 -27.14 -0.44
N THR F 158 9.77 -26.21 0.33
CA THR F 158 9.22 -24.87 0.42
C THR F 158 9.50 -24.06 -0.84
N ASN F 159 10.75 -24.06 -1.31
CA ASN F 159 11.12 -23.03 -2.28
C ASN F 159 10.44 -23.15 -3.62
N LEU F 160 10.76 -24.22 -4.36
CA LEU F 160 10.16 -24.58 -5.66
C LEU F 160 10.81 -23.82 -6.82
N GLN F 161 11.12 -22.53 -6.65
CA GLN F 161 11.90 -21.85 -7.68
C GLN F 161 13.30 -22.44 -7.79
N ASN F 162 13.70 -23.32 -6.88
CA ASN F 162 14.99 -23.97 -6.92
C ASN F 162 14.86 -25.50 -6.89
N LEU F 163 13.76 -26.02 -7.42
CA LEU F 163 13.68 -27.45 -7.65
C LEU F 163 14.75 -27.86 -8.65
N GLU F 164 15.16 -29.13 -8.60
CA GLU F 164 16.28 -29.58 -9.42
C GLU F 164 15.90 -30.60 -10.49
N THR F 165 14.75 -31.25 -10.39
CA THR F 165 14.30 -32.14 -11.46
C THR F 165 13.96 -31.33 -12.71
N THR F 166 14.43 -31.79 -13.86
CA THR F 166 14.31 -31.07 -15.11
C THR F 166 13.49 -31.84 -16.13
N ALA F 167 12.76 -31.11 -16.96
CA ALA F 167 12.05 -31.65 -18.12
C ALA F 167 12.47 -30.83 -19.34
N THR F 168 13.43 -31.32 -20.10
CA THR F 168 13.88 -30.63 -21.30
C THR F 168 13.12 -31.14 -22.52
N TYR F 169 12.61 -30.22 -23.33
CA TYR F 169 11.82 -30.58 -24.49
C TYR F 169 12.72 -30.93 -25.66
N ASP F 170 12.64 -32.15 -26.16
CA ASP F 170 13.43 -32.47 -27.34
C ASP F 170 12.53 -32.11 -28.51
N ILE F 171 12.87 -31.06 -29.27
CA ILE F 171 12.08 -30.62 -30.45
C ILE F 171 11.75 -31.88 -31.22
N GLY F 172 12.68 -32.33 -32.04
CA GLY F 172 12.49 -33.62 -32.68
C GLY F 172 12.05 -34.65 -31.65
N THR F 173 11.44 -35.73 -32.14
CA THR F 173 10.84 -36.83 -31.34
C THR F 173 9.59 -36.42 -30.57
N GLN F 174 9.43 -35.13 -30.32
CA GLN F 174 8.26 -34.61 -29.62
C GLN F 174 8.05 -35.22 -28.25
N GLU F 175 9.08 -35.14 -27.41
CA GLU F 175 9.00 -35.66 -26.05
C GLU F 175 9.58 -34.67 -25.04
N PHE F 176 9.22 -34.87 -23.77
CA PHE F 176 9.87 -34.22 -22.65
C PHE F 176 10.80 -35.22 -21.98
N VAL F 177 12.04 -34.82 -21.72
CA VAL F 177 13.03 -35.68 -21.11
C VAL F 177 13.16 -35.28 -19.64
N LEU F 178 12.72 -36.16 -18.76
CA LEU F 178 12.83 -35.94 -17.32
C LEU F 178 14.16 -36.48 -16.82
N HIS F 179 14.82 -35.73 -15.95
CA HIS F 179 16.11 -36.16 -15.43
C HIS F 179 16.30 -35.66 -14.00
N THR F 180 16.98 -36.49 -13.20
CA THR F 180 17.23 -36.25 -11.79
C THR F 180 18.74 -36.11 -11.61
N PRO F 181 19.27 -34.89 -11.71
CA PRO F 181 20.73 -34.73 -11.83
C PRO F 181 21.52 -35.11 -10.60
N LYS F 182 20.94 -35.01 -9.41
CA LYS F 182 21.66 -35.38 -8.20
C LYS F 182 20.71 -36.08 -7.24
N ILE F 183 21.30 -36.53 -6.13
CA ILE F 183 20.56 -37.23 -5.08
C ILE F 183 19.53 -36.30 -4.44
N THR F 184 19.88 -35.03 -4.27
CA THR F 184 18.98 -34.06 -3.66
C THR F 184 17.85 -33.66 -4.59
N ALA F 185 17.89 -34.05 -5.86
CA ALA F 185 16.82 -33.73 -6.80
C ALA F 185 15.74 -34.78 -6.83
N LEU F 186 15.96 -35.91 -6.18
CA LEU F 186 14.95 -36.95 -6.05
C LEU F 186 13.65 -36.39 -5.52
N LYS F 187 12.56 -36.65 -6.21
CA LYS F 187 11.25 -36.47 -5.60
C LYS F 187 11.20 -37.25 -4.28
N TRP F 188 10.59 -36.65 -3.28
CA TRP F 188 10.71 -37.15 -1.92
C TRP F 188 9.58 -36.57 -1.10
N TRP F 189 8.79 -37.48 -0.48
CA TRP F 189 7.60 -37.27 0.36
C TRP F 189 6.24 -37.44 -0.32
N PRO F 190 6.09 -37.37 -1.65
CA PRO F 190 4.77 -37.65 -2.23
C PRO F 190 4.20 -38.96 -1.71
N GLY F 191 2.99 -38.88 -1.15
CA GLY F 191 2.41 -40.04 -0.52
C GLY F 191 1.98 -41.07 -1.56
N ASN F 192 2.07 -42.33 -1.18
CA ASN F 192 1.71 -43.45 -2.03
C ASN F 192 2.56 -43.53 -3.28
N LEU F 193 3.71 -42.83 -3.29
CA LEU F 193 4.63 -42.87 -4.41
C LEU F 193 5.60 -44.04 -4.32
N GLY F 194 5.91 -44.53 -3.11
CA GLY F 194 6.96 -45.52 -2.97
C GLY F 194 6.59 -46.86 -3.56
N LYS F 195 5.37 -47.33 -3.29
CA LYS F 195 5.00 -48.70 -3.64
C LYS F 195 3.64 -48.84 -4.31
N SER F 196 2.71 -47.91 -4.13
CA SER F 196 1.33 -48.10 -4.56
C SER F 196 1.02 -47.48 -5.93
N SER F 197 1.49 -46.26 -6.19
CA SER F 197 1.10 -45.56 -7.41
C SER F 197 1.86 -46.08 -8.63
N ASN F 198 1.15 -46.19 -9.76
CA ASN F 198 1.81 -46.47 -11.02
C ASN F 198 1.82 -45.27 -11.96
N TYR F 199 1.17 -44.17 -11.59
CA TYR F 199 1.27 -42.90 -12.29
C TYR F 199 1.47 -41.79 -11.27
N ALA F 200 2.00 -40.67 -11.74
CA ALA F 200 2.11 -39.48 -10.90
C ALA F 200 2.09 -38.22 -11.74
N VAL F 201 1.44 -37.18 -11.20
CA VAL F 201 1.68 -35.81 -11.64
C VAL F 201 2.97 -35.34 -11.00
N VAL F 202 3.86 -34.74 -11.79
CA VAL F 202 5.22 -34.47 -11.33
C VAL F 202 5.60 -33.03 -11.66
N VAL F 203 5.94 -32.26 -10.64
CA VAL F 203 6.40 -30.89 -10.82
C VAL F 203 7.89 -30.91 -11.19
N ALA F 204 8.23 -30.25 -12.29
CA ALA F 204 9.61 -30.17 -12.74
C ALA F 204 9.82 -28.83 -13.46
N HIS F 205 11.07 -28.35 -13.42
CA HIS F 205 11.45 -27.17 -14.18
C HIS F 205 11.53 -27.51 -15.66
N MET F 206 10.82 -26.74 -16.49
CA MET F 206 10.68 -27.06 -17.91
C MET F 206 11.69 -26.25 -18.73
N TYR F 207 12.49 -26.95 -19.54
CA TYR F 207 13.52 -26.34 -20.36
C TYR F 207 13.20 -26.51 -21.83
N ILE F 208 13.27 -25.41 -22.58
CA ILE F 208 13.11 -25.43 -24.04
C ILE F 208 14.14 -24.48 -24.63
N LYS F 209 14.99 -25.01 -25.52
CA LYS F 209 16.04 -24.23 -26.19
C LYS F 209 16.97 -23.55 -25.17
N GLY F 210 17.21 -24.23 -24.06
CA GLY F 210 18.09 -23.73 -23.03
C GLY F 210 17.43 -22.85 -21.98
N LYS F 211 16.24 -22.32 -22.28
CA LYS F 211 15.58 -21.40 -21.36
C LYS F 211 14.75 -22.17 -20.33
N ASN F 212 14.78 -21.69 -19.08
CA ASN F 212 14.07 -22.33 -17.98
C ASN F 212 12.74 -21.59 -17.76
N PHE F 213 11.64 -22.28 -17.99
CA PHE F 213 10.31 -21.70 -17.83
C PHE F 213 9.73 -21.92 -16.43
N GLY F 214 10.46 -22.58 -15.54
CA GLY F 214 10.00 -22.75 -14.17
C GLY F 214 9.17 -23.99 -13.97
N PRO F 215 8.62 -24.13 -12.76
CA PRO F 215 7.91 -25.38 -12.42
C PRO F 215 6.66 -25.57 -13.27
N HIS F 216 6.50 -26.80 -13.77
CA HIS F 216 5.33 -27.22 -14.54
C HIS F 216 5.04 -28.67 -14.22
N THR F 217 3.79 -29.08 -14.43
CA THR F 217 3.30 -30.39 -14.01
C THR F 217 3.09 -31.30 -15.21
N PHE F 218 3.37 -32.59 -15.01
CA PHE F 218 3.41 -33.58 -16.07
C PHE F 218 2.77 -34.87 -15.58
N MET F 219 2.02 -35.52 -16.45
CA MET F 219 1.59 -36.89 -16.20
C MET F 219 2.73 -37.84 -16.56
N VAL F 220 3.11 -38.70 -15.62
CA VAL F 220 4.29 -39.54 -15.77
C VAL F 220 3.93 -40.97 -15.38
N PRO F 221 3.98 -41.92 -16.32
CA PRO F 221 3.82 -43.33 -15.93
C PRO F 221 5.06 -43.82 -15.21
N LEU F 222 4.85 -44.50 -14.09
CA LEU F 222 5.93 -44.91 -13.21
C LEU F 222 6.17 -46.42 -13.21
N ARG F 223 5.11 -47.21 -13.21
CA ARG F 223 5.23 -48.66 -13.13
C ARG F 223 4.39 -49.31 -14.22
N ASP F 224 4.88 -50.46 -14.69
CA ASP F 224 4.15 -51.23 -15.69
C ASP F 224 2.75 -51.56 -15.20
N GLU F 225 1.75 -51.37 -16.06
CA GLU F 225 0.36 -51.54 -15.64
C GLU F 225 0.02 -53.00 -15.34
N LYS F 226 0.83 -53.95 -15.78
CA LYS F 226 0.52 -55.37 -15.58
C LYS F 226 1.45 -56.03 -14.57
N THR F 227 2.77 -55.81 -14.66
CA THR F 227 3.69 -56.42 -13.70
C THR F 227 3.95 -55.54 -12.48
N HIS F 228 3.72 -54.24 -12.60
CA HIS F 228 3.95 -53.23 -11.55
C HIS F 228 5.44 -52.98 -11.30
N LYS F 229 6.31 -53.47 -12.18
CA LYS F 229 7.73 -53.17 -12.07
C LYS F 229 7.97 -51.73 -12.48
N PRO F 230 9.02 -51.10 -11.96
CA PRO F 230 9.39 -49.76 -12.44
C PRO F 230 9.75 -49.80 -13.91
N LEU F 231 9.16 -48.87 -14.68
CA LEU F 231 9.49 -48.73 -16.08
C LEU F 231 10.95 -48.32 -16.22
N PRO F 232 11.55 -48.58 -17.38
CA PRO F 232 12.98 -48.29 -17.56
C PRO F 232 13.29 -46.80 -17.35
N GLY F 233 14.31 -46.55 -16.53
CA GLY F 233 14.73 -45.21 -16.22
C GLY F 233 14.22 -44.69 -14.89
N ILE F 234 13.45 -45.49 -14.16
CA ILE F 234 12.76 -45.06 -12.95
C ILE F 234 13.45 -45.68 -11.74
N THR F 235 13.80 -44.84 -10.77
CA THR F 235 14.22 -45.27 -9.43
C THR F 235 13.12 -44.87 -8.46
N ILE F 236 12.67 -45.81 -7.62
CA ILE F 236 11.45 -45.59 -6.85
C ILE F 236 11.43 -46.49 -5.62
N GLY F 237 10.95 -45.95 -4.50
CA GLY F 237 10.85 -46.73 -3.29
C GLY F 237 10.24 -45.92 -2.17
N ASP F 238 10.02 -46.61 -1.04
CA ASP F 238 9.51 -46.00 0.18
C ASP F 238 10.61 -45.18 0.84
N ILE F 239 10.21 -44.17 1.63
CA ILE F 239 11.19 -43.36 2.35
C ILE F 239 11.37 -43.81 3.80
N GLY F 240 10.75 -44.90 4.21
CA GLY F 240 10.95 -45.41 5.55
C GLY F 240 9.82 -45.10 6.50
N PRO F 241 9.88 -45.63 7.72
CA PRO F 241 8.83 -45.36 8.70
C PRO F 241 8.91 -43.94 9.23
N LYS F 242 7.82 -43.54 9.87
CA LYS F 242 7.62 -42.13 10.20
C LYS F 242 7.06 -42.03 11.61
N MET F 243 6.89 -40.77 12.03
CA MET F 243 6.25 -40.45 13.30
C MET F 243 4.88 -41.09 13.40
N ALA F 244 4.11 -40.99 12.34
CA ALA F 244 2.77 -41.54 12.26
C ALA F 244 2.42 -41.65 10.78
N TYR F 245 1.15 -41.95 10.50
CA TYR F 245 0.64 -41.99 9.13
C TYR F 245 1.37 -43.04 8.29
N ASN F 246 1.62 -44.20 8.90
CA ASN F 246 2.56 -45.16 8.33
C ASN F 246 1.92 -46.12 7.34
N ILE F 247 0.61 -46.04 7.14
CA ILE F 247 0.02 -46.88 6.10
C ILE F 247 0.29 -46.29 4.72
N VAL F 248 0.48 -44.97 4.64
CA VAL F 248 0.84 -44.36 3.38
C VAL F 248 2.32 -44.61 3.09
N ASP F 249 2.61 -45.08 1.88
CA ASP F 249 3.98 -45.37 1.44
C ASP F 249 4.54 -44.13 0.75
N ASN F 250 4.90 -43.14 1.57
CA ASN F 250 5.58 -41.97 1.06
C ASN F 250 6.89 -42.40 0.39
N GLY F 251 7.18 -41.81 -0.77
CA GLY F 251 8.14 -42.38 -1.68
C GLY F 251 9.19 -41.39 -2.15
N PHE F 252 10.26 -41.96 -2.73
CA PHE F 252 11.23 -41.22 -3.52
C PHE F 252 11.12 -41.64 -4.98
N LEU F 253 11.54 -40.76 -5.88
CA LEU F 253 11.41 -40.97 -7.31
C LEU F 253 12.54 -40.26 -8.05
N GLY F 254 13.25 -41.00 -8.90
CA GLY F 254 14.32 -40.43 -9.70
C GLY F 254 14.27 -40.90 -11.13
N PHE F 255 14.73 -40.04 -12.03
CA PHE F 255 14.65 -40.26 -13.48
C PHE F 255 16.04 -40.27 -14.09
N ASN F 256 16.30 -41.22 -14.98
CA ASN F 256 17.51 -41.23 -15.80
C ASN F 256 17.10 -41.02 -17.25
N ASN F 257 16.99 -39.75 -17.64
CA ASN F 257 16.58 -39.35 -19.00
C ASN F 257 15.33 -40.11 -19.45
N TYR F 258 14.28 -39.98 -18.64
CA TYR F 258 13.03 -40.70 -18.84
C TYR F 258 12.12 -39.87 -19.73
N ARG F 259 11.75 -40.44 -20.89
CA ARG F 259 11.05 -39.70 -21.92
C ARG F 259 9.55 -39.90 -21.81
N ILE F 260 8.80 -38.82 -21.86
CA ILE F 260 7.34 -38.84 -21.94
C ILE F 260 6.94 -38.01 -23.14
N PRO F 261 5.78 -38.28 -23.71
CA PRO F 261 5.32 -37.50 -24.85
C PRO F 261 5.03 -36.06 -24.44
N ARG F 262 4.86 -35.19 -25.46
CA ARG F 262 4.69 -33.75 -25.24
C ARG F 262 3.34 -33.41 -24.58
N THR F 263 2.26 -34.05 -25.05
CA THR F 263 0.90 -33.99 -24.49
C THR F 263 0.81 -34.51 -23.05
N ASN F 264 1.91 -34.98 -22.44
CA ASN F 264 1.85 -35.32 -21.02
C ASN F 264 2.05 -34.11 -20.14
N LEU F 265 2.54 -33.00 -20.70
CA LEU F 265 2.45 -31.72 -20.02
C LEU F 265 0.98 -31.36 -19.88
N LEU F 266 0.61 -30.84 -18.71
CA LEU F 266 -0.79 -30.58 -18.41
C LEU F 266 -1.16 -29.18 -18.90
N MET F 267 -2.10 -29.11 -19.84
CA MET F 267 -2.21 -27.97 -20.74
C MET F 267 -3.56 -27.27 -20.68
N ARG F 268 -4.24 -27.29 -19.54
CA ARG F 268 -5.45 -26.50 -19.42
C ARG F 268 -5.15 -25.00 -19.42
N HIS F 269 -3.95 -24.62 -18.98
CA HIS F 269 -3.60 -23.20 -18.85
C HIS F 269 -2.31 -22.83 -19.57
N THR F 270 -1.32 -23.71 -19.59
CA THR F 270 -0.10 -23.50 -20.34
C THR F 270 -0.10 -24.40 -21.57
N LYS F 271 0.57 -23.97 -22.62
CA LYS F 271 0.66 -24.75 -23.85
C LYS F 271 2.10 -24.77 -24.35
N VAL F 272 2.51 -25.92 -24.86
CA VAL F 272 3.76 -26.07 -25.61
C VAL F 272 3.41 -26.74 -26.92
N GLU F 273 3.48 -25.98 -28.01
CA GLU F 273 3.21 -26.52 -29.34
C GLU F 273 4.36 -27.40 -29.80
N ALA F 274 4.13 -28.14 -30.89
CA ALA F 274 5.08 -29.16 -31.31
C ALA F 274 6.42 -28.57 -31.73
N ASP F 275 6.43 -27.34 -32.24
CA ASP F 275 7.71 -26.76 -32.64
C ASP F 275 8.48 -26.19 -31.46
N GLY F 276 7.85 -26.02 -30.31
CA GLY F 276 8.51 -25.53 -29.12
C GLY F 276 7.97 -24.24 -28.59
N THR F 277 7.06 -23.58 -29.30
CA THR F 277 6.58 -22.30 -28.81
C THR F 277 5.87 -22.46 -27.47
N TYR F 278 6.01 -21.44 -26.63
CA TYR F 278 5.45 -21.45 -25.29
C TYR F 278 4.19 -20.60 -25.19
N ALA F 290 -1.35 -25.04 -6.61
CA ALA F 290 -2.58 -25.25 -5.87
C ALA F 290 -2.78 -26.74 -5.62
N MET F 291 -2.70 -27.27 -4.39
CA MET F 291 -2.20 -26.72 -3.10
C MET F 291 -3.13 -25.78 -2.30
N VAL F 292 -3.91 -24.93 -2.97
CA VAL F 292 -4.93 -24.17 -2.24
C VAL F 292 -6.15 -25.04 -1.94
N HIS F 293 -6.41 -26.05 -2.77
CA HIS F 293 -7.47 -27.01 -2.48
C HIS F 293 -7.19 -27.75 -1.16
N VAL F 294 -5.97 -28.25 -1.00
CA VAL F 294 -5.64 -29.03 0.21
C VAL F 294 -5.81 -28.16 1.45
N ARG F 295 -5.30 -26.94 1.42
CA ARG F 295 -5.39 -26.06 2.60
C ARG F 295 -6.84 -25.77 2.96
N SER F 296 -7.69 -25.55 1.95
CA SER F 296 -9.10 -25.24 2.21
C SER F 296 -9.80 -26.42 2.85
N TYR F 297 -9.55 -27.64 2.35
CA TYR F 297 -10.32 -28.79 2.77
C TYR F 297 -9.70 -29.55 3.95
N MET F 298 -8.45 -29.27 4.30
CA MET F 298 -7.83 -29.96 5.43
C MET F 298 -8.30 -29.44 6.77
N LEU F 299 -9.01 -28.30 6.81
CA LEU F 299 -9.40 -27.72 8.08
C LEU F 299 -10.47 -28.56 8.79
N THR F 300 -11.44 -29.11 8.03
CA THR F 300 -12.35 -30.09 8.61
C THR F 300 -11.61 -31.28 9.17
N GLY F 301 -10.62 -31.79 8.43
CA GLY F 301 -9.87 -32.93 8.90
C GLY F 301 -9.26 -32.71 10.26
N GLN F 302 -8.76 -31.49 10.51
CA GLN F 302 -8.20 -31.16 11.82
C GLN F 302 -9.30 -31.04 12.86
N ALA F 303 -10.36 -30.29 12.54
CA ALA F 303 -11.50 -30.18 13.44
C ALA F 303 -12.01 -31.56 13.85
N ILE F 304 -12.14 -32.46 12.88
CA ILE F 304 -12.65 -33.80 13.14
C ILE F 304 -11.68 -34.57 14.04
N MET F 305 -10.39 -34.52 13.74
CA MET F 305 -9.41 -35.23 14.55
C MET F 305 -9.33 -34.66 15.95
N LEU F 306 -9.45 -33.33 16.08
CA LEU F 306 -9.55 -32.74 17.41
C LEU F 306 -10.79 -33.26 18.14
N SER F 307 -11.90 -33.44 17.41
CA SER F 307 -13.12 -33.94 18.03
C SER F 307 -13.02 -35.43 18.37
N TYR F 308 -12.33 -36.21 17.54
CA TYR F 308 -11.97 -37.57 17.95
C TYR F 308 -11.39 -37.56 19.36
N ALA F 309 -10.32 -36.77 19.54
CA ALA F 309 -9.56 -36.76 20.79
C ALA F 309 -10.41 -36.27 21.96
N LEU F 310 -11.30 -35.31 21.70
CA LEU F 310 -12.10 -34.76 22.80
C LEU F 310 -13.24 -35.69 23.18
N ASN F 311 -13.91 -36.30 22.19
CA ASN F 311 -14.85 -37.38 22.46
C ASN F 311 -14.26 -38.39 23.44
N ILE F 312 -13.04 -38.85 23.15
CA ILE F 312 -12.39 -39.85 24.02
C ILE F 312 -12.13 -39.26 25.41
N ALA F 313 -11.40 -38.15 25.47
CA ALA F 313 -10.98 -37.60 26.76
C ALA F 313 -12.18 -37.20 27.61
N THR F 314 -13.26 -36.73 27.00
CA THR F 314 -14.41 -36.29 27.79
C THR F 314 -15.27 -37.48 28.21
N ARG F 315 -15.51 -38.42 27.29
CA ARG F 315 -16.20 -39.65 27.69
C ARG F 315 -15.47 -40.33 28.83
N TYR F 316 -14.15 -40.50 28.70
CA TYR F 316 -13.38 -41.14 29.76
C TYR F 316 -13.43 -40.33 31.05
N SER F 317 -13.50 -39.00 30.94
CA SER F 317 -13.58 -38.17 32.14
C SER F 317 -14.88 -38.37 32.90
N ALA F 318 -15.95 -38.79 32.21
CA ALA F 318 -17.20 -39.10 32.88
C ALA F 318 -17.13 -40.45 33.61
N VAL F 319 -16.41 -41.42 33.07
CA VAL F 319 -16.36 -42.71 33.74
C VAL F 319 -15.18 -42.83 34.71
N ARG F 320 -14.12 -42.04 34.53
CA ARG F 320 -12.98 -42.11 35.44
C ARG F 320 -13.28 -41.32 36.70
N ARG F 321 -13.33 -42.02 37.83
CA ARG F 321 -13.42 -41.41 39.14
C ARG F 321 -12.04 -41.43 39.81
N GLN F 322 -11.71 -40.36 40.52
CA GLN F 322 -10.40 -40.24 41.13
C GLN F 322 -10.38 -39.08 42.12
N GLY F 323 -10.33 -39.39 43.42
CA GLY F 323 -10.19 -38.40 44.45
C GLY F 323 -11.52 -37.87 44.96
N GLN F 324 -11.44 -37.20 46.10
CA GLN F 324 -12.62 -36.65 46.74
C GLN F 324 -12.57 -35.14 46.74
N ILE F 325 -13.73 -34.51 46.57
CA ILE F 325 -13.86 -33.08 46.83
C ILE F 325 -14.36 -32.95 48.26
N ASP F 326 -15.65 -33.19 48.48
CA ASP F 326 -16.17 -33.31 49.84
C ASP F 326 -15.68 -34.63 50.45
N LYS F 327 -15.16 -34.57 51.67
CA LYS F 327 -14.52 -35.74 52.27
C LYS F 327 -15.51 -36.84 52.64
N ASN F 328 -16.80 -36.52 52.74
CA ASN F 328 -17.82 -37.50 53.09
C ASN F 328 -18.58 -38.02 51.87
N GLU F 329 -18.25 -37.53 50.70
CA GLU F 329 -18.86 -38.04 49.48
C GLU F 329 -17.86 -38.95 48.78
N PRO F 330 -18.33 -39.88 47.95
CA PRO F 330 -17.41 -40.79 47.27
C PRO F 330 -16.53 -40.06 46.28
N GLU F 331 -15.57 -40.80 45.71
CA GLU F 331 -14.68 -40.24 44.70
C GLU F 331 -15.49 -39.65 43.55
N VAL F 332 -15.06 -38.47 43.07
CA VAL F 332 -15.77 -37.74 42.04
C VAL F 332 -15.27 -38.15 40.66
N LYS F 333 -16.15 -38.03 39.67
CA LYS F 333 -15.72 -38.01 38.28
C LYS F 333 -14.63 -36.96 38.11
N VAL F 334 -13.57 -37.30 37.37
CA VAL F 334 -12.54 -36.30 37.15
C VAL F 334 -13.09 -35.13 36.34
N LEU F 335 -14.17 -35.34 35.60
CA LEU F 335 -14.86 -34.25 34.91
C LEU F 335 -15.32 -33.15 35.87
N GLU F 336 -15.28 -33.42 37.19
CA GLU F 336 -15.74 -32.49 38.21
C GLU F 336 -14.76 -31.36 38.48
N TYR F 337 -13.47 -31.61 38.26
CA TYR F 337 -12.45 -30.64 38.62
C TYR F 337 -12.37 -29.53 37.59
N GLN F 338 -12.37 -28.28 38.06
CA GLN F 338 -12.25 -27.13 37.16
C GLN F 338 -11.02 -27.27 36.27
N THR F 339 -9.95 -27.83 36.83
CA THR F 339 -8.71 -28.04 36.09
C THR F 339 -8.91 -28.98 34.90
N GLN F 340 -9.82 -29.95 35.03
CA GLN F 340 -10.11 -30.89 33.95
C GLN F 340 -11.05 -30.28 32.91
N GLN F 341 -12.12 -29.61 33.36
CA GLN F 341 -12.99 -28.88 32.44
C GLN F 341 -12.21 -27.82 31.68
N HIS F 342 -11.28 -27.15 32.35
CA HIS F 342 -10.46 -26.12 31.72
C HIS F 342 -9.54 -26.70 30.64
N ARG F 343 -9.09 -27.95 30.79
CA ARG F 343 -8.15 -28.51 29.81
C ARG F 343 -8.85 -29.24 28.67
N LEU F 344 -10.18 -29.32 28.68
CA LEU F 344 -10.97 -29.94 27.62
C LEU F 344 -11.89 -28.95 26.92
N PHE F 345 -12.79 -28.32 27.68
CA PHE F 345 -13.89 -27.57 27.07
C PHE F 345 -13.42 -26.46 26.12
N PRO F 346 -12.38 -25.68 26.41
CA PRO F 346 -11.97 -24.67 25.41
C PRO F 346 -11.66 -25.27 24.05
N PHE F 347 -11.24 -26.53 24.02
CA PHE F 347 -10.91 -27.17 22.75
C PHE F 347 -12.14 -27.73 22.05
N ILE F 348 -13.20 -28.08 22.81
CA ILE F 348 -14.49 -28.33 22.17
C ILE F 348 -14.95 -27.09 21.43
N ALA F 349 -14.85 -25.94 22.10
CA ALA F 349 -15.14 -24.67 21.45
C ALA F 349 -14.32 -24.49 20.18
N ARG F 350 -13.02 -24.81 20.27
CA ARG F 350 -12.14 -24.68 19.12
C ARG F 350 -12.55 -25.60 17.98
N ALA F 351 -12.97 -26.83 18.29
CA ALA F 351 -13.31 -27.80 17.26
C ALA F 351 -14.54 -27.36 16.46
N TYR F 352 -15.55 -26.84 17.14
CA TYR F 352 -16.68 -26.24 16.44
C TYR F 352 -16.21 -25.04 15.62
N ALA F 353 -15.39 -24.18 16.23
CA ALA F 353 -14.95 -22.97 15.56
C ALA F 353 -14.15 -23.29 14.29
N PHE F 354 -13.27 -24.30 14.36
CA PHE F 354 -12.51 -24.69 13.18
C PHE F 354 -13.43 -25.20 12.09
N GLN F 355 -14.44 -26.01 12.47
CA GLN F 355 -15.39 -26.53 11.50
C GLN F 355 -16.13 -25.41 10.79
N PHE F 356 -16.69 -24.47 11.56
CA PHE F 356 -17.42 -23.35 10.96
C PHE F 356 -16.48 -22.49 10.12
N ALA F 357 -15.26 -22.24 10.61
CA ALA F 357 -14.29 -21.50 9.80
C ALA F 357 -13.97 -22.26 8.52
N GLY F 358 -13.92 -23.60 8.60
CA GLY F 358 -13.63 -24.38 7.41
C GLY F 358 -14.76 -24.34 6.40
N ALA F 359 -16.00 -24.26 6.88
CA ALA F 359 -17.14 -24.18 5.98
C ALA F 359 -17.11 -22.89 5.18
N GLU F 360 -16.78 -21.77 5.84
CA GLU F 360 -16.70 -20.50 5.13
C GLU F 360 -15.51 -20.45 4.20
N THR F 361 -14.43 -21.14 4.55
CA THR F 361 -13.28 -21.18 3.66
C THR F 361 -13.60 -21.97 2.39
N VAL F 362 -14.30 -23.10 2.55
CA VAL F 362 -14.63 -23.92 1.38
C VAL F 362 -15.63 -23.19 0.49
N LYS F 363 -16.52 -22.40 1.09
CA LYS F 363 -17.42 -21.57 0.30
C LYS F 363 -16.63 -20.56 -0.52
N LEU F 364 -15.61 -19.96 0.09
CA LEU F 364 -14.77 -19.00 -0.64
C LEU F 364 -13.92 -19.68 -1.70
N TYR F 365 -13.50 -20.92 -1.46
CA TYR F 365 -12.79 -21.66 -2.50
C TYR F 365 -13.70 -21.94 -3.68
N GLU F 366 -14.97 -22.26 -3.43
CA GLU F 366 -15.91 -22.49 -4.52
C GLU F 366 -16.29 -21.19 -5.20
N ARG F 367 -16.25 -20.06 -4.46
CA ARG F 367 -16.69 -18.79 -5.02
C ARG F 367 -15.64 -18.22 -5.97
N VAL F 368 -14.38 -18.21 -5.56
CA VAL F 368 -13.32 -18.18 -6.56
C VAL F 368 -13.40 -19.55 -7.20
N LEU F 369 -12.63 -19.80 -8.27
CA LEU F 369 -12.79 -21.01 -9.09
C LEU F 369 -14.03 -20.87 -9.96
N LYS F 370 -15.20 -20.64 -9.35
CA LYS F 370 -16.38 -20.28 -10.13
C LYS F 370 -16.16 -18.97 -10.87
N GLU F 371 -15.66 -17.96 -10.16
CA GLU F 371 -15.32 -16.69 -10.77
C GLU F 371 -14.06 -16.75 -11.62
N MET F 372 -13.36 -17.90 -11.62
CA MET F 372 -12.09 -18.05 -12.31
C MET F 372 -12.24 -18.68 -13.69
N LYS F 373 -13.34 -19.35 -13.98
CA LYS F 373 -13.60 -19.67 -15.37
C LYS F 373 -13.94 -18.41 -16.18
N SER F 374 -14.01 -17.25 -15.51
CA SER F 374 -13.84 -15.92 -16.08
C SER F 374 -12.59 -15.28 -15.46
N GLY F 375 -12.73 -14.18 -14.72
CA GLY F 375 -11.57 -13.41 -14.30
C GLY F 375 -11.30 -13.29 -12.82
N ASN F 376 -10.31 -14.04 -12.34
CA ASN F 376 -10.08 -14.18 -10.90
C ASN F 376 -8.60 -13.97 -10.58
N VAL F 377 -8.22 -12.70 -10.35
CA VAL F 377 -6.99 -12.37 -9.65
C VAL F 377 -7.29 -11.69 -8.32
N SER F 378 -8.28 -10.76 -8.31
CA SER F 378 -8.66 -9.93 -7.15
C SER F 378 -9.60 -10.64 -6.19
N LEU F 379 -9.39 -11.93 -5.99
CA LEU F 379 -10.04 -12.67 -4.92
C LEU F 379 -9.31 -13.98 -4.66
N MET F 380 -8.44 -14.40 -5.58
CA MET F 380 -7.51 -15.49 -5.27
C MET F 380 -6.52 -15.04 -4.21
N ALA F 381 -6.13 -13.76 -4.25
CA ALA F 381 -5.20 -13.23 -3.27
C ALA F 381 -5.79 -13.27 -1.87
N ASP F 382 -7.07 -12.90 -1.74
CA ASP F 382 -7.73 -12.97 -0.44
C ASP F 382 -7.83 -14.40 0.05
N LEU F 383 -8.13 -15.34 -0.85
CA LEU F 383 -8.26 -16.74 -0.44
C LEU F 383 -6.92 -17.33 -0.04
N HIS F 384 -5.87 -17.06 -0.84
CA HIS F 384 -4.55 -17.59 -0.52
C HIS F 384 -4.08 -17.12 0.85
N ALA F 385 -4.34 -15.86 1.18
CA ALA F 385 -3.90 -15.32 2.46
C ALA F 385 -4.70 -15.90 3.62
N LEU F 386 -6.00 -16.06 3.44
CA LEU F 386 -6.84 -16.65 4.49
C LEU F 386 -6.42 -18.09 4.76
N THR F 387 -6.28 -18.91 3.72
CA THR F 387 -5.91 -20.30 3.93
C THR F 387 -4.48 -20.44 4.44
N SER F 388 -3.60 -19.52 4.09
CA SER F 388 -2.23 -19.57 4.63
C SER F 388 -2.25 -19.46 6.15
N GLY F 389 -2.92 -18.42 6.69
CA GLY F 389 -2.96 -18.26 8.14
C GLY F 389 -3.80 -19.32 8.83
N LEU F 390 -4.98 -19.62 8.27
CA LEU F 390 -5.88 -20.58 8.88
C LEU F 390 -5.24 -21.95 8.99
N LYS F 391 -4.61 -22.42 7.91
CA LYS F 391 -3.96 -23.72 7.97
C LYS F 391 -2.90 -23.76 9.07
N SER F 392 -2.25 -22.62 9.34
CA SER F 392 -1.17 -22.59 10.32
C SER F 392 -1.71 -22.52 11.76
N VAL F 393 -2.72 -21.69 12.00
CA VAL F 393 -3.26 -21.56 13.36
C VAL F 393 -4.05 -22.81 13.74
N VAL F 394 -4.92 -23.28 12.84
CA VAL F 394 -5.77 -24.44 13.12
C VAL F 394 -4.90 -25.64 13.47
N THR F 395 -3.87 -25.90 12.68
CA THR F 395 -3.05 -27.09 12.85
C THR F 395 -2.26 -27.06 14.14
N HIS F 396 -1.83 -25.86 14.58
CA HIS F 396 -1.01 -25.66 15.78
C HIS F 396 -1.84 -25.73 17.05
N GLN F 397 -3.04 -25.12 17.03
CA GLN F 397 -3.94 -25.20 18.17
C GLN F 397 -4.60 -26.56 18.30
N THR F 398 -4.83 -27.24 17.17
CA THR F 398 -5.33 -28.61 17.23
C THR F 398 -4.35 -29.52 17.95
N GLY F 399 -3.05 -29.38 17.64
CA GLY F 399 -2.05 -30.20 18.32
C GLY F 399 -2.03 -29.96 19.82
N GLU F 400 -2.05 -28.69 20.23
CA GLU F 400 -2.19 -28.34 21.64
C GLU F 400 -3.37 -29.04 22.28
N GLY F 401 -4.52 -29.06 21.60
CA GLY F 401 -5.72 -29.61 22.20
C GLY F 401 -5.71 -31.13 22.23
N ILE F 402 -5.25 -31.76 21.15
CA ILE F 402 -5.19 -33.22 21.11
C ILE F 402 -4.32 -33.75 22.25
N GLU F 403 -3.20 -33.08 22.53
CA GLU F 403 -2.30 -33.55 23.57
C GLU F 403 -2.82 -33.27 24.97
N GLN F 404 -3.62 -32.21 25.14
CA GLN F 404 -4.30 -32.03 26.43
C GLN F 404 -5.34 -33.13 26.63
N ALA F 405 -6.04 -33.51 25.56
CA ALA F 405 -7.05 -34.57 25.66
C ALA F 405 -6.41 -35.88 26.07
N ARG F 406 -5.23 -36.20 25.50
CA ARG F 406 -4.57 -37.45 25.87
C ARG F 406 -4.17 -37.43 27.34
N MET F 407 -3.49 -36.36 27.78
CA MET F 407 -3.05 -36.28 29.16
C MET F 407 -4.20 -36.22 30.14
N ALA F 408 -5.38 -35.78 29.70
CA ALA F 408 -6.56 -35.77 30.57
C ALA F 408 -7.08 -37.17 30.85
N CYS F 409 -6.57 -38.19 30.18
CA CYS F 409 -6.92 -39.56 30.48
C CYS F 409 -5.94 -40.22 31.45
N GLY F 410 -5.01 -39.45 32.02
CA GLY F 410 -4.04 -40.03 32.90
C GLY F 410 -3.17 -41.05 32.19
N GLY F 411 -2.60 -41.95 33.00
CA GLY F 411 -1.77 -43.04 32.52
C GLY F 411 -2.30 -43.71 31.28
N HIS F 412 -3.57 -44.10 31.29
CA HIS F 412 -4.15 -44.86 30.19
C HIS F 412 -4.11 -44.12 28.86
N GLY F 413 -4.05 -42.78 28.87
CA GLY F 413 -3.99 -42.04 27.63
C GLY F 413 -2.73 -42.30 26.84
N TYR F 414 -1.64 -42.64 27.54
CA TYR F 414 -0.38 -43.00 26.89
C TYR F 414 -0.48 -44.35 26.19
N SER F 415 -1.41 -45.20 26.60
CA SER F 415 -1.63 -46.48 25.93
C SER F 415 -2.32 -46.24 24.59
N MET F 416 -2.05 -47.14 23.63
CA MET F 416 -2.80 -47.08 22.37
C MET F 416 -4.26 -47.46 22.56
N ALA F 417 -4.65 -47.93 23.74
CA ALA F 417 -6.06 -48.14 24.04
C ALA F 417 -6.84 -46.84 24.02
N SER F 418 -6.17 -45.71 24.25
CA SER F 418 -6.81 -44.41 24.06
C SER F 418 -6.88 -44.05 22.58
N TYR F 419 -5.81 -44.34 21.83
CA TYR F 419 -5.60 -44.03 20.41
C TYR F 419 -5.29 -42.56 20.18
N ILE F 420 -5.29 -41.72 21.23
CA ILE F 420 -5.11 -40.29 21.01
C ILE F 420 -3.70 -39.99 20.50
N SER F 421 -2.73 -40.84 20.87
CA SER F 421 -1.36 -40.58 20.43
C SER F 421 -1.23 -40.71 18.92
N GLU F 422 -1.98 -41.64 18.31
CA GLU F 422 -1.95 -41.74 16.85
C GLU F 422 -2.72 -40.58 16.21
N ILE F 423 -3.88 -40.24 16.76
CA ILE F 423 -4.59 -39.05 16.33
C ILE F 423 -3.66 -37.85 16.34
N TYR F 424 -2.79 -37.76 17.34
CA TYR F 424 -1.88 -36.63 17.42
C TYR F 424 -0.84 -36.64 16.30
N GLY F 425 -0.17 -37.78 16.11
CA GLY F 425 0.92 -37.84 15.13
C GLY F 425 0.46 -37.57 13.71
N VAL F 426 -0.76 -38.01 13.40
CA VAL F 426 -1.31 -37.79 12.06
C VAL F 426 -1.72 -36.32 11.90
N ALA F 427 -2.40 -35.77 12.90
CA ALA F 427 -2.91 -34.40 12.76
C ALA F 427 -1.77 -33.39 12.74
N ILE F 428 -0.76 -33.59 13.58
CA ILE F 428 0.33 -32.62 13.71
C ILE F 428 1.13 -32.52 12.42
N GLY F 429 1.17 -33.58 11.60
CA GLY F 429 1.91 -33.50 10.35
C GLY F 429 1.43 -32.37 9.46
N GLY F 430 0.20 -31.92 9.68
CA GLY F 430 -0.36 -30.79 8.96
C GLY F 430 0.26 -29.46 9.34
N CYS F 431 1.09 -29.42 10.38
CA CYS F 431 1.87 -28.21 10.63
C CYS F 431 2.98 -28.07 9.61
N THR F 432 3.38 -29.16 8.95
CA THR F 432 4.45 -29.09 7.96
C THR F 432 3.97 -29.35 6.54
N TYR F 433 3.10 -30.32 6.28
CA TYR F 433 2.67 -30.45 4.89
C TYR F 433 1.74 -29.31 4.48
N ALA F 434 1.52 -29.22 3.17
CA ALA F 434 0.76 -28.16 2.56
C ALA F 434 1.35 -26.79 2.86
N GLY F 435 2.64 -26.72 3.17
CA GLY F 435 3.31 -25.46 3.44
C GLY F 435 3.74 -25.31 4.89
N GLU F 436 5.04 -25.19 5.16
CA GLU F 436 5.52 -24.99 6.52
C GLU F 436 4.77 -23.85 7.22
N ASN F 437 4.41 -24.06 8.48
CA ASN F 437 3.57 -23.11 9.21
C ASN F 437 4.22 -21.73 9.30
N MET F 438 5.52 -21.69 9.61
CA MET F 438 6.23 -20.43 9.66
C MET F 438 6.18 -19.71 8.32
N VAL F 439 6.31 -20.46 7.22
CA VAL F 439 6.30 -19.87 5.89
C VAL F 439 4.90 -19.39 5.52
N MET F 440 3.87 -20.14 5.87
CA MET F 440 2.50 -19.74 5.51
C MET F 440 2.04 -18.55 6.33
N LEU F 441 2.50 -18.44 7.57
CA LEU F 441 2.17 -17.25 8.35
C LEU F 441 2.80 -16.01 7.73
N LEU F 442 4.03 -16.16 7.20
CA LEU F 442 4.67 -15.03 6.52
C LEU F 442 4.02 -14.76 5.16
N GLN F 443 3.51 -15.79 4.50
CA GLN F 443 2.73 -15.59 3.28
C GLN F 443 1.55 -14.68 3.56
N LEU F 444 0.82 -14.94 4.65
CA LEU F 444 -0.28 -14.06 5.02
C LEU F 444 0.23 -12.68 5.41
N ALA F 445 1.40 -12.62 6.05
CA ALA F 445 1.94 -11.34 6.50
C ALA F 445 2.24 -10.42 5.34
N ARG F 446 2.62 -10.97 4.17
CA ARG F 446 2.81 -10.15 2.99
C ARG F 446 1.50 -9.46 2.60
N TYR F 447 0.39 -10.20 2.64
CA TYR F 447 -0.93 -9.64 2.34
C TYR F 447 -1.32 -8.58 3.37
N LEU F 448 -0.97 -8.81 4.63
CA LEU F 448 -1.31 -7.84 5.67
C LEU F 448 -0.46 -6.58 5.56
N VAL F 449 0.79 -6.72 5.11
CA VAL F 449 1.65 -5.54 4.96
C VAL F 449 1.19 -4.70 3.76
N LYS F 450 0.83 -5.36 2.66
CA LYS F 450 0.23 -4.66 1.52
C LYS F 450 -1.04 -3.94 1.95
N SER F 451 -1.87 -4.60 2.77
CA SER F 451 -3.08 -3.95 3.28
C SER F 451 -2.73 -2.76 4.16
N ALA F 452 -1.65 -2.87 4.94
CA ALA F 452 -1.24 -1.77 5.80
C ALA F 452 -0.72 -0.60 4.99
N ALA F 453 -0.15 -0.86 3.81
CA ALA F 453 0.28 0.22 2.93
C ALA F 453 -0.90 0.94 2.31
N LEU F 454 -2.01 0.24 2.09
CA LEU F 454 -3.23 0.91 1.65
C LEU F 454 -3.71 1.89 2.72
N VAL F 455 -3.72 1.45 3.98
CA VAL F 455 -4.17 2.32 5.07
C VAL F 455 -3.24 3.52 5.22
N LYS F 456 -1.93 3.26 5.29
CA LYS F 456 -0.98 4.35 5.53
C LYS F 456 -1.00 5.38 4.41
N SER F 457 -1.35 4.97 3.20
CA SER F 457 -1.32 5.86 2.04
C SER F 457 -2.67 6.49 1.72
N GLY F 458 -3.69 6.24 2.54
CA GLY F 458 -4.98 6.85 2.34
C GLY F 458 -5.96 6.07 1.50
N LYS F 459 -5.58 4.89 1.03
CA LYS F 459 -6.45 4.04 0.21
C LYS F 459 -7.25 3.05 1.02
N ALA F 460 -7.62 3.40 2.25
CA ALA F 460 -8.29 2.46 3.14
C ALA F 460 -9.57 1.93 2.53
N SER F 461 -10.24 2.73 1.70
CA SER F 461 -11.49 2.32 1.10
C SER F 461 -11.32 1.19 0.11
N GLN F 462 -10.09 0.94 -0.36
CA GLN F 462 -9.83 -0.15 -1.28
C GLN F 462 -9.60 -1.48 -0.58
N LEU F 463 -9.72 -1.52 0.74
CA LEU F 463 -9.53 -2.78 1.46
C LEU F 463 -10.69 -3.73 1.20
N GLY F 464 -10.36 -4.97 0.88
CA GLY F 464 -11.35 -6.01 0.72
C GLY F 464 -12.08 -6.29 2.01
N PRO F 465 -13.20 -7.02 1.93
CA PRO F 465 -13.99 -7.29 3.15
C PRO F 465 -13.21 -7.95 4.27
N LEU F 466 -12.29 -8.87 3.96
CA LEU F 466 -11.65 -9.65 5.01
C LEU F 466 -10.66 -8.86 5.83
N VAL F 467 -10.37 -7.61 5.48
CA VAL F 467 -9.22 -6.92 6.04
C VAL F 467 -9.57 -5.44 6.17
N ALA F 468 -10.87 -5.16 6.11
CA ALA F 468 -11.37 -3.78 6.21
C ALA F 468 -11.20 -3.21 7.60
N TYR F 469 -11.16 -4.07 8.63
CA TYR F 469 -11.03 -3.56 9.99
C TYR F 469 -9.71 -2.83 10.17
N LEU F 470 -8.71 -3.15 9.37
CA LEU F 470 -7.44 -2.44 9.45
C LEU F 470 -7.63 -0.95 9.18
N GLY F 471 -8.69 -0.58 8.46
CA GLY F 471 -8.93 0.81 8.15
C GLY F 471 -9.90 1.47 9.11
N ALA F 472 -10.63 0.67 9.89
CA ALA F 472 -11.59 1.23 10.82
C ALA F 472 -10.88 1.95 11.97
N ARG F 473 -11.60 2.89 12.59
CA ARG F 473 -11.13 3.62 13.76
C ARG F 473 -11.51 2.87 15.03
N SER F 474 -10.58 2.79 15.97
CA SER F 474 -10.87 2.16 17.25
C SER F 474 -11.43 3.17 18.23
N GLU F 475 -12.40 2.73 19.03
CA GLU F 475 -12.84 3.50 20.17
C GLU F 475 -11.72 3.59 21.19
N PRO F 476 -11.81 4.50 22.16
CA PRO F 476 -10.69 4.60 23.09
C PRO F 476 -10.42 3.34 23.90
N THR F 477 -11.38 2.42 24.11
CA THR F 477 -11.15 1.62 25.31
C THR F 477 -11.71 0.20 25.38
N SER F 478 -12.42 -0.34 24.40
CA SER F 478 -13.08 -1.65 24.55
C SER F 478 -14.19 -1.64 25.61
N LEU F 479 -15.37 -2.16 25.25
CA LEU F 479 -16.56 -2.04 26.09
C LEU F 479 -17.01 -3.39 26.64
N ILE F 480 -16.07 -4.28 26.89
CA ILE F 480 -16.35 -5.50 27.64
C ILE F 480 -16.66 -5.14 29.07
N ASP F 481 -17.76 -5.69 29.59
CA ASP F 481 -18.17 -5.43 30.96
C ASP F 481 -18.87 -4.08 31.07
N ILE F 488 -21.11 -10.41 22.50
CA ILE F 488 -20.00 -10.85 21.67
C ILE F 488 -19.42 -9.70 20.85
N THR F 489 -20.24 -8.74 20.44
CA THR F 489 -19.73 -7.70 19.55
C THR F 489 -18.56 -6.96 20.17
N GLU F 490 -18.59 -6.74 21.48
CA GLU F 490 -17.48 -6.03 22.10
C GLU F 490 -16.24 -6.92 22.20
N TYR F 491 -16.39 -8.24 22.21
CA TYR F 491 -15.23 -9.11 22.14
C TYR F 491 -14.65 -9.09 20.73
N ILE F 492 -15.51 -9.19 19.72
CA ILE F 492 -15.06 -9.06 18.33
C ILE F 492 -14.32 -7.75 18.13
N LYS F 493 -14.87 -6.66 18.66
CA LYS F 493 -14.23 -5.37 18.46
C LYS F 493 -12.91 -5.28 19.22
N THR F 494 -12.76 -6.00 20.33
CA THR F 494 -11.46 -6.02 21.00
C THR F 494 -10.45 -6.83 20.20
N PHE F 495 -10.86 -7.99 19.66
CA PHE F 495 -9.96 -8.76 18.80
C PHE F 495 -9.55 -7.96 17.58
N GLN F 496 -10.47 -7.15 17.04
CA GLN F 496 -10.15 -6.35 15.87
C GLN F 496 -9.12 -5.28 16.19
N HIS F 497 -9.23 -4.67 17.38
CA HIS F 497 -8.29 -3.64 17.75
C HIS F 497 -6.87 -4.20 17.91
N ILE F 498 -6.72 -5.33 18.60
CA ILE F 498 -5.38 -5.82 18.86
C ILE F 498 -4.75 -6.38 17.60
N ALA F 499 -5.56 -6.94 16.69
CA ALA F 499 -5.01 -7.47 15.45
C ALA F 499 -4.62 -6.33 14.52
N LYS F 500 -5.44 -5.28 14.45
CA LYS F 500 -5.06 -4.11 13.66
C LYS F 500 -3.82 -3.45 14.21
N ARG F 501 -3.76 -3.27 15.54
CA ARG F 501 -2.65 -2.55 16.14
C ARG F 501 -1.34 -3.27 15.92
N GLN F 502 -1.34 -4.60 16.05
CA GLN F 502 -0.11 -5.36 15.82
C GLN F 502 0.24 -5.41 14.34
N THR F 503 -0.76 -5.45 13.46
CA THR F 503 -0.50 -5.45 12.02
C THR F 503 0.15 -4.14 11.58
N LEU F 504 -0.46 -3.02 11.95
CA LEU F 504 0.13 -1.72 11.63
C LEU F 504 1.46 -1.52 12.36
N LYS F 505 1.58 -2.04 13.58
CA LYS F 505 2.85 -1.91 14.31
C LYS F 505 3.95 -2.69 13.60
N ALA F 506 3.69 -3.96 13.27
CA ALA F 506 4.72 -4.78 12.65
C ALA F 506 5.06 -4.27 11.25
N ALA F 507 4.06 -3.84 10.50
CA ALA F 507 4.31 -3.28 9.17
C ALA F 507 5.20 -2.05 9.27
N ASN F 508 4.89 -1.16 10.21
CA ASN F 508 5.63 0.10 10.30
C ASN F 508 7.09 -0.14 10.70
N LYS F 509 7.34 -1.10 11.59
CA LYS F 509 8.71 -1.49 11.88
C LYS F 509 9.44 -1.87 10.61
N PHE F 510 8.77 -2.64 9.75
CA PHE F 510 9.35 -3.07 8.47
C PHE F 510 9.59 -1.88 7.56
N PHE F 511 8.56 -1.04 7.37
CA PHE F 511 8.74 0.15 6.54
C PHE F 511 9.84 1.05 7.09
N GLY F 512 9.97 1.12 8.42
CA GLY F 512 10.91 2.05 9.02
C GLY F 512 12.35 1.61 8.86
N LEU F 513 12.58 0.31 8.73
CA LEU F 513 13.94 -0.17 8.51
C LEU F 513 14.38 0.08 7.07
N MET F 514 13.46 0.00 6.11
CA MET F 514 13.80 0.35 4.73
C MET F 514 14.06 1.84 4.60
N GLU F 515 13.17 2.65 5.18
CA GLU F 515 13.36 4.10 5.17
C GLU F 515 14.72 4.48 5.71
N ASN F 516 15.24 3.71 6.67
CA ASN F 516 16.54 3.97 7.29
C ASN F 516 17.69 3.28 6.58
N GLY F 517 17.47 2.63 5.43
CA GLY F 517 18.56 2.16 4.60
C GLY F 517 18.69 0.67 4.41
N GLU F 518 18.01 -0.17 5.21
CA GLU F 518 18.15 -1.61 5.05
C GLU F 518 17.46 -2.10 3.78
N LYS F 519 18.03 -3.15 3.19
CA LYS F 519 17.41 -3.78 2.03
C LYS F 519 16.07 -4.39 2.41
N ARG F 520 15.17 -4.44 1.43
CA ARG F 520 13.82 -4.92 1.66
C ARG F 520 13.81 -6.30 2.34
N GLU F 521 14.62 -7.22 1.84
CA GLU F 521 14.56 -8.60 2.30
C GLU F 521 15.23 -8.79 3.66
N ILE F 522 16.24 -7.98 3.99
CA ILE F 522 16.85 -8.05 5.31
C ILE F 522 15.94 -7.39 6.35
N ALA F 523 15.30 -6.28 5.98
CA ALA F 523 14.32 -5.67 6.87
C ALA F 523 13.14 -6.61 7.10
N TRP F 524 12.77 -7.37 6.07
CA TRP F 524 11.71 -8.37 6.23
C TRP F 524 12.14 -9.44 7.22
N ASN F 525 13.31 -10.03 7.02
CA ASN F 525 13.80 -11.07 7.93
C ASN F 525 13.84 -10.56 9.36
N LYS F 526 14.32 -9.32 9.55
CA LYS F 526 14.45 -8.77 10.91
C LYS F 526 13.10 -8.52 11.55
N SER F 527 12.02 -8.42 10.77
CA SER F 527 10.69 -8.17 11.32
C SER F 527 9.79 -9.40 11.30
N SER F 528 10.31 -10.57 10.92
CA SER F 528 9.42 -11.66 10.53
C SER F 528 8.69 -12.27 11.72
N VAL F 529 9.36 -12.41 12.86
CA VAL F 529 8.67 -12.91 14.04
C VAL F 529 7.52 -12.00 14.41
N GLU F 530 7.78 -10.69 14.48
CA GLU F 530 6.72 -9.72 14.74
C GLU F 530 5.60 -9.83 13.71
N LEU F 531 5.96 -9.96 12.43
CA LEU F 531 4.94 -10.08 11.39
C LEU F 531 4.08 -11.32 11.57
N ASN F 532 4.67 -12.43 12.03
CA ASN F 532 3.87 -13.63 12.24
C ASN F 532 2.94 -13.46 13.44
N ARG F 533 3.30 -12.58 14.39
CA ARG F 533 2.37 -12.22 15.45
C ARG F 533 1.12 -11.59 14.88
N ALA F 534 1.27 -10.78 13.81
CA ALA F 534 0.10 -10.15 13.18
C ALA F 534 -0.75 -11.20 12.48
N SER F 535 -0.14 -12.02 11.62
CA SER F 535 -0.85 -13.08 10.92
C SER F 535 -1.71 -13.90 11.88
N ARG F 536 -1.11 -14.29 13.00
CA ARG F 536 -1.80 -15.14 13.98
C ARG F 536 -3.03 -14.44 14.54
N LEU F 537 -2.89 -13.17 14.93
CA LEU F 537 -4.01 -12.44 15.52
C LEU F 537 -5.10 -12.17 14.49
N HIS F 538 -4.71 -11.82 13.27
CA HIS F 538 -5.70 -11.65 12.20
C HIS F 538 -6.49 -12.94 11.99
N THR F 539 -5.80 -14.09 12.03
CA THR F 539 -6.46 -15.36 11.78
C THR F 539 -7.33 -15.78 12.96
N ARG F 540 -6.83 -15.60 14.19
CA ARG F 540 -7.64 -15.95 15.35
C ARG F 540 -8.88 -15.08 15.43
N LEU F 541 -8.79 -13.84 14.94
CA LEU F 541 -9.97 -13.00 14.81
C LEU F 541 -10.95 -13.62 13.82
N PHE F 542 -10.45 -14.13 12.69
CA PHE F 542 -11.36 -14.69 11.70
C PHE F 542 -12.16 -15.85 12.28
N ILE F 543 -11.49 -16.72 13.05
CA ILE F 543 -12.17 -17.87 13.63
C ILE F 543 -13.30 -17.41 14.55
N VAL F 544 -13.03 -16.41 15.38
CA VAL F 544 -14.07 -15.86 16.25
C VAL F 544 -15.27 -15.41 15.40
N GLU F 545 -14.98 -14.60 14.37
CA GLU F 545 -16.07 -14.00 13.60
C GLU F 545 -16.88 -15.05 12.86
N ALA F 546 -16.21 -16.08 12.33
CA ALA F 546 -16.94 -17.16 11.67
C ALA F 546 -17.84 -17.90 12.66
N PHE F 547 -17.33 -18.14 13.88
CA PHE F 547 -18.12 -18.75 14.93
C PHE F 547 -19.34 -17.92 15.27
N ALA F 548 -19.15 -16.60 15.42
CA ALA F 548 -20.25 -15.73 15.79
C ALA F 548 -21.26 -15.62 14.65
N ARG F 549 -20.78 -15.62 13.41
CA ARG F 549 -21.68 -15.56 12.26
C ARG F 549 -22.60 -16.78 12.24
N ARG F 550 -22.05 -17.97 12.49
CA ARG F 550 -22.89 -19.16 12.51
C ARG F 550 -23.91 -19.10 13.63
N VAL F 551 -23.50 -18.60 14.80
CA VAL F 551 -24.41 -18.56 15.94
C VAL F 551 -25.61 -17.69 15.63
N ASN F 552 -25.40 -16.64 14.82
CA ASN F 552 -26.50 -15.74 14.51
C ASN F 552 -27.35 -16.28 13.36
N GLU F 553 -26.81 -17.18 12.55
CA GLU F 553 -27.59 -17.74 11.44
C GLU F 553 -28.63 -18.74 11.92
N ILE F 554 -28.54 -19.20 13.16
CA ILE F 554 -29.33 -20.34 13.64
C ILE F 554 -30.63 -19.86 14.27
N GLY F 555 -31.74 -20.49 13.88
CA GLY F 555 -33.05 -20.18 14.42
C GLY F 555 -33.52 -21.05 15.57
N ASP F 556 -33.24 -22.36 15.50
CA ASP F 556 -33.56 -23.31 16.56
C ASP F 556 -32.94 -22.86 17.87
N ILE F 557 -33.79 -22.47 18.83
CA ILE F 557 -33.31 -21.69 19.97
C ILE F 557 -32.41 -22.52 20.89
N THR F 558 -32.69 -23.82 21.03
CA THR F 558 -31.88 -24.65 21.91
C THR F 558 -30.48 -24.84 21.34
N ILE F 559 -30.39 -25.07 20.04
CA ILE F 559 -29.08 -25.18 19.40
C ILE F 559 -28.33 -23.86 19.52
N LYS F 560 -29.03 -22.76 19.23
CA LYS F 560 -28.41 -21.44 19.28
C LYS F 560 -27.83 -21.15 20.66
N GLU F 561 -28.60 -21.45 21.71
CA GLU F 561 -28.14 -21.21 23.07
C GLU F 561 -26.94 -22.09 23.41
N ALA F 562 -26.95 -23.35 22.97
CA ALA F 562 -25.83 -24.26 23.25
C ALA F 562 -24.55 -23.75 22.59
N LEU F 563 -24.63 -23.42 21.29
CA LEU F 563 -23.45 -22.89 20.61
C LEU F 563 -23.10 -21.49 21.12
N SER F 564 -24.08 -20.73 21.60
CA SER F 564 -23.78 -19.40 22.13
C SER F 564 -22.98 -19.50 23.43
N ASP F 565 -23.34 -20.44 24.31
CA ASP F 565 -22.51 -20.70 25.49
C ASP F 565 -21.09 -21.03 25.08
N LEU F 566 -20.93 -21.90 24.08
CA LEU F 566 -19.62 -22.31 23.59
C LEU F 566 -18.84 -21.11 23.06
N LEU F 567 -19.50 -20.26 22.27
CA LEU F 567 -18.85 -19.07 21.74
C LEU F 567 -18.36 -18.17 22.87
N HIS F 568 -19.15 -18.03 23.94
CA HIS F 568 -18.76 -17.20 25.07
C HIS F 568 -17.53 -17.77 25.77
N LEU F 569 -17.47 -19.09 25.91
CA LEU F 569 -16.25 -19.71 26.42
C LEU F 569 -15.07 -19.43 25.50
N HIS F 570 -15.30 -19.58 24.18
CA HIS F 570 -14.25 -19.33 23.20
C HIS F 570 -13.68 -17.93 23.34
N VAL F 571 -14.53 -16.90 23.28
CA VAL F 571 -14.02 -15.53 23.24
C VAL F 571 -13.28 -15.18 24.53
N ASN F 572 -13.68 -15.76 25.67
CA ASN F 572 -13.01 -15.43 26.91
C ASN F 572 -11.69 -16.19 27.06
N TYR F 573 -11.65 -17.44 26.64
CA TYR F 573 -10.41 -18.20 26.70
C TYR F 573 -9.36 -17.61 25.77
N GLU F 574 -9.74 -17.35 24.52
CA GLU F 574 -8.80 -16.83 23.53
C GLU F 574 -8.32 -15.44 23.93
N LEU F 575 -9.25 -14.54 24.27
CA LEU F 575 -8.85 -13.19 24.65
C LEU F 575 -7.92 -13.20 25.84
N LEU F 576 -8.17 -14.08 26.82
CA LEU F 576 -7.24 -14.20 27.94
C LEU F 576 -5.86 -14.63 27.45
N ASP F 577 -5.82 -15.55 26.48
CA ASP F 577 -4.56 -16.04 25.93
C ASP F 577 -3.79 -14.96 25.18
N VAL F 578 -4.46 -13.91 24.73
CA VAL F 578 -3.82 -12.82 24.01
C VAL F 578 -3.93 -11.50 24.78
N ALA F 579 -4.24 -11.57 26.07
CA ALA F 579 -4.48 -10.35 26.85
C ALA F 579 -3.32 -9.37 26.78
N THR F 580 -2.09 -9.87 26.63
CA THR F 580 -0.92 -9.00 26.54
C THR F 580 -1.12 -7.88 25.50
N TYR F 581 -1.69 -8.23 24.35
CA TYR F 581 -1.90 -7.23 23.30
C TYR F 581 -3.01 -6.25 23.66
N ALA F 582 -3.97 -6.66 24.48
CA ALA F 582 -5.05 -5.75 24.85
C ALA F 582 -4.66 -4.81 25.97
N LEU F 583 -3.69 -5.20 26.80
CA LEU F 583 -3.29 -4.36 27.93
C LEU F 583 -2.26 -3.33 27.55
N GLU F 584 -1.46 -3.61 26.52
CA GLU F 584 -0.27 -2.83 26.21
C GLU F 584 -0.56 -1.35 26.08
N ASP F 585 -1.60 -1.00 25.33
CA ASP F 585 -1.96 0.39 25.10
C ASP F 585 -3.07 0.85 26.02
N GLY F 586 -3.35 0.09 27.07
CA GLY F 586 -4.42 0.42 27.99
C GLY F 586 -5.80 0.17 27.41
N PHE F 587 -5.87 -0.48 26.25
CA PHE F 587 -7.19 -0.75 25.66
C PHE F 587 -8.06 -1.54 26.64
N MET F 588 -7.48 -2.52 27.34
CA MET F 588 -8.17 -3.19 28.42
C MET F 588 -7.57 -2.82 29.77
N SER F 589 -8.41 -2.87 30.80
CA SER F 589 -8.01 -2.63 32.18
C SER F 589 -7.94 -3.96 32.94
N SER F 590 -7.19 -3.96 34.05
CA SER F 590 -7.14 -5.09 35.00
C SER F 590 -8.53 -5.64 35.27
N THR F 591 -9.45 -4.72 35.53
CA THR F 591 -10.79 -5.08 35.94
C THR F 591 -11.52 -5.84 34.85
N GLN F 592 -11.41 -5.36 33.60
CA GLN F 592 -12.00 -6.10 32.49
C GLN F 592 -11.34 -7.46 32.30
N LEU F 593 -10.05 -7.58 32.64
CA LEU F 593 -9.38 -8.86 32.47
C LEU F 593 -9.82 -9.85 33.53
N ASP F 594 -10.06 -9.38 34.76
CA ASP F 594 -10.66 -10.24 35.77
C ASP F 594 -12.07 -10.63 35.40
N TYR F 595 -12.81 -9.75 34.72
CA TYR F 595 -14.12 -10.12 34.20
C TYR F 595 -14.00 -11.26 33.21
N VAL F 596 -13.02 -11.19 32.31
CA VAL F 596 -12.79 -12.27 31.35
C VAL F 596 -12.43 -13.56 32.07
N ARG F 597 -11.66 -13.46 33.15
CA ARG F 597 -11.29 -14.66 33.89
C ARG F 597 -12.52 -15.28 34.56
N ASP F 598 -13.31 -14.47 35.26
CA ASP F 598 -14.52 -14.97 35.90
C ASP F 598 -15.52 -15.52 34.88
N GLN F 599 -15.59 -14.90 33.70
CA GLN F 599 -16.45 -15.40 32.64
C GLN F 599 -15.97 -16.76 32.15
N LEU F 600 -14.65 -16.93 32.00
CA LEU F 600 -14.10 -18.21 31.57
C LEU F 600 -14.54 -19.32 32.50
N TYR F 601 -14.32 -19.15 33.81
CA TYR F 601 -14.67 -20.18 34.77
C TYR F 601 -16.18 -20.35 34.90
N PHE F 602 -16.95 -19.28 34.65
CA PHE F 602 -18.40 -19.42 34.64
C PHE F 602 -18.86 -20.30 33.48
N TYR F 603 -18.32 -20.06 32.29
CA TYR F 603 -18.80 -20.78 31.12
C TYR F 603 -18.26 -22.20 31.05
N LEU F 604 -17.15 -22.49 31.74
CA LEU F 604 -16.76 -23.89 31.95
C LEU F 604 -17.89 -24.66 32.63
N GLN F 605 -18.37 -24.11 33.74
CA GLN F 605 -19.40 -24.76 34.55
C GLN F 605 -20.75 -24.76 33.82
N LYS F 606 -21.00 -23.71 33.03
CA LYS F 606 -22.23 -23.67 32.24
C LYS F 606 -22.23 -24.75 31.17
N ILE F 607 -21.09 -24.98 30.53
CA ILE F 607 -21.03 -25.88 29.38
C ILE F 607 -21.09 -27.34 29.82
N ARG F 608 -20.60 -27.65 31.02
CA ARG F 608 -20.39 -29.04 31.46
C ARG F 608 -21.57 -29.98 31.21
N PRO F 609 -22.81 -29.66 31.59
CA PRO F 609 -23.88 -30.63 31.33
C PRO F 609 -24.10 -30.92 29.85
N ASN F 610 -23.55 -30.10 28.96
CA ASN F 610 -23.66 -30.31 27.52
C ASN F 610 -22.39 -30.86 26.89
N ALA F 611 -21.30 -30.93 27.66
CA ALA F 611 -19.99 -31.26 27.08
C ALA F 611 -20.03 -32.58 26.31
N VAL F 612 -20.56 -33.63 26.94
CA VAL F 612 -20.59 -34.93 26.29
C VAL F 612 -21.54 -34.93 25.09
N SER F 613 -22.63 -34.17 25.17
CA SER F 613 -23.57 -34.15 24.05
C SER F 613 -23.00 -33.36 22.88
N LEU F 614 -22.29 -32.27 23.16
CA LEU F 614 -21.65 -31.49 22.08
C LEU F 614 -20.66 -32.34 21.30
N LEU F 615 -20.06 -33.35 21.94
CA LEU F 615 -19.12 -34.24 21.27
C LEU F 615 -19.82 -35.42 20.60
N ASP F 616 -20.85 -35.98 21.27
CA ASP F 616 -21.69 -36.99 20.63
C ASP F 616 -22.34 -36.47 19.36
N SER F 617 -22.54 -35.15 19.24
CA SER F 617 -23.18 -34.57 18.07
C SER F 617 -22.34 -34.74 16.81
N TRP F 618 -21.05 -35.03 16.95
CA TRP F 618 -20.22 -35.35 15.79
C TRP F 618 -20.50 -36.75 15.28
N GLU F 619 -21.07 -37.61 16.12
CA GLU F 619 -21.62 -38.91 15.73
C GLU F 619 -20.57 -39.78 15.06
N PHE F 620 -19.49 -40.03 15.80
CA PHE F 620 -18.44 -40.97 15.41
C PHE F 620 -18.74 -42.32 16.05
N SER F 621 -18.87 -43.35 15.22
CA SER F 621 -19.06 -44.69 15.75
C SER F 621 -17.75 -45.22 16.32
N ASP F 622 -17.86 -46.28 17.12
CA ASP F 622 -16.67 -46.92 17.68
C ASP F 622 -15.75 -47.41 16.58
N ARG F 623 -16.30 -47.95 15.49
CA ARG F 623 -15.47 -48.40 14.37
C ARG F 623 -14.71 -47.25 13.75
N GLU F 624 -15.29 -46.05 13.76
CA GLU F 624 -14.54 -44.89 13.26
C GLU F 624 -13.52 -44.43 14.29
N LEU F 625 -13.92 -44.35 15.57
CA LEU F 625 -13.14 -43.69 16.60
C LEU F 625 -11.96 -44.53 17.08
N ARG F 626 -12.12 -45.86 17.13
CA ARG F 626 -11.05 -46.81 17.37
C ARG F 626 -10.41 -46.67 18.76
N SER F 627 -11.17 -46.24 19.75
CA SER F 627 -10.64 -45.98 21.08
C SER F 627 -11.35 -46.84 22.12
N VAL F 628 -10.58 -47.55 22.94
CA VAL F 628 -11.17 -48.31 24.04
C VAL F 628 -11.63 -47.37 25.15
N LEU F 629 -10.81 -46.37 25.49
CA LEU F 629 -11.21 -45.41 26.52
C LEU F 629 -12.41 -44.58 26.08
N GLY F 630 -12.61 -44.45 24.77
CA GLY F 630 -13.66 -43.59 24.28
C GLY F 630 -14.90 -44.30 23.78
N ARG F 631 -15.09 -45.56 24.19
CA ARG F 631 -16.23 -46.36 23.74
C ARG F 631 -17.54 -45.61 23.94
N ARG F 632 -18.39 -45.64 22.92
CA ARG F 632 -19.71 -45.03 22.96
C ARG F 632 -20.46 -45.42 24.24
N ASP F 633 -20.31 -46.68 24.66
CA ASP F 633 -21.12 -47.19 25.76
C ASP F 633 -20.50 -46.95 27.14
N GLY F 634 -19.25 -46.51 27.21
CA GLY F 634 -18.65 -46.17 28.48
C GLY F 634 -18.13 -47.34 29.30
N HIS F 635 -18.15 -48.55 28.75
CA HIS F 635 -17.67 -49.75 29.46
C HIS F 635 -16.17 -49.90 29.19
N VAL F 636 -15.40 -49.03 29.85
CA VAL F 636 -13.96 -48.93 29.62
C VAL F 636 -13.22 -50.12 30.22
N TYR F 637 -13.32 -50.27 31.55
CA TYR F 637 -12.35 -51.09 32.29
C TYR F 637 -12.36 -52.54 31.81
N GLU F 638 -13.56 -53.13 31.67
CA GLU F 638 -13.63 -54.52 31.23
C GLU F 638 -13.02 -54.69 29.85
N ASN F 639 -13.30 -53.75 28.94
CA ASN F 639 -12.78 -53.85 27.58
C ASN F 639 -11.32 -53.42 27.49
N LEU F 640 -10.82 -52.71 28.50
CA LEU F 640 -9.39 -52.40 28.55
C LEU F 640 -8.59 -53.60 29.01
N PHE F 641 -9.13 -54.38 29.96
CA PHE F 641 -8.48 -55.61 30.37
C PHE F 641 -8.38 -56.61 29.21
N LYS F 642 -9.46 -56.75 28.44
CA LYS F 642 -9.44 -57.65 27.28
C LYS F 642 -8.43 -57.19 26.24
N TRP F 643 -8.43 -55.89 25.95
CA TRP F 643 -7.53 -55.34 24.94
C TRP F 643 -6.08 -55.62 25.30
N ALA F 644 -5.72 -55.46 26.58
CA ALA F 644 -4.37 -55.80 27.03
C ALA F 644 -4.12 -57.30 26.89
N LYS F 645 -5.06 -58.11 27.38
CA LYS F 645 -4.87 -59.56 27.39
C LYS F 645 -4.70 -60.10 25.98
N GLU F 646 -5.36 -59.51 24.99
CA GLU F 646 -5.33 -60.02 23.63
C GLU F 646 -4.23 -59.41 22.77
N SER F 647 -3.37 -58.57 23.34
CA SER F 647 -2.34 -57.87 22.58
C SER F 647 -1.14 -58.79 22.31
N PRO F 648 -0.34 -58.49 21.28
CA PRO F 648 0.59 -59.51 20.75
C PRO F 648 1.65 -59.98 21.72
N LEU F 649 2.08 -59.16 22.68
CA LEU F 649 3.16 -59.59 23.56
C LEU F 649 2.70 -60.62 24.57
N ASN F 650 1.40 -60.82 24.73
CA ASN F 650 0.85 -61.78 25.69
C ASN F 650 0.49 -63.12 25.04
N LYS F 651 0.88 -63.34 23.78
CA LYS F 651 0.68 -64.66 23.17
C LYS F 651 1.36 -65.74 23.98
N THR F 652 2.61 -65.52 24.36
CA THR F 652 3.36 -66.44 25.20
C THR F 652 3.58 -65.82 26.57
N ASP F 653 3.78 -66.71 27.56
CA ASP F 653 4.00 -66.31 28.94
C ASP F 653 5.46 -65.91 29.18
N VAL F 654 6.40 -66.71 28.70
CA VAL F 654 7.83 -66.43 28.84
C VAL F 654 8.34 -66.00 27.47
N LEU F 655 8.83 -64.77 27.39
CA LEU F 655 9.23 -64.19 26.12
C LEU F 655 10.51 -64.84 25.60
N PRO F 656 10.71 -64.88 24.27
CA PRO F 656 12.02 -65.30 23.74
C PRO F 656 13.17 -64.53 24.35
N SER F 657 12.99 -63.22 24.57
CA SER F 657 14.05 -62.43 25.18
C SER F 657 14.42 -62.97 26.55
N VAL F 658 13.51 -63.66 27.21
CA VAL F 658 13.83 -64.22 28.53
C VAL F 658 14.54 -65.56 28.40
N ASP F 659 14.16 -66.37 27.41
CA ASP F 659 14.82 -67.67 27.27
C ASP F 659 16.21 -67.50 26.69
N THR F 660 16.32 -66.75 25.59
CA THR F 660 17.62 -66.58 24.91
C THR F 660 18.60 -65.84 25.79
N TYR F 661 18.26 -64.61 26.12
CA TYR F 661 19.02 -63.75 27.02
C TYR F 661 18.35 -63.78 28.38
N LEU F 662 18.89 -63.01 29.33
CA LEU F 662 18.16 -62.64 30.54
C LEU F 662 18.05 -63.77 31.58
N LYS F 663 17.43 -64.90 31.24
CA LYS F 663 17.50 -66.02 32.17
C LYS F 663 18.91 -66.57 32.28
N PRO F 664 19.63 -66.85 31.17
CA PRO F 664 21.07 -67.11 31.30
C PRO F 664 21.81 -66.02 32.07
N MET F 665 21.47 -64.74 31.85
CA MET F 665 22.14 -63.67 32.58
C MET F 665 21.93 -63.80 34.08
N MET F 666 20.71 -64.15 34.50
CA MET F 666 20.43 -64.26 35.92
C MET F 666 21.16 -65.46 36.53
N GLU F 667 21.12 -66.61 35.83
CA GLU F 667 21.83 -67.80 36.30
C GLU F 667 23.29 -67.49 36.60
N LYS F 668 23.95 -66.75 35.71
CA LYS F 668 25.32 -66.31 35.91
C LYS F 668 25.33 -65.17 36.94
N ALA F 669 25.15 -65.57 38.19
CA ALA F 669 25.27 -64.69 39.37
C ALA F 669 24.79 -65.41 40.63
N VAL G 2 10.90 42.04 -59.60
CA VAL G 2 10.05 41.97 -58.43
C VAL G 2 10.52 40.80 -57.55
N HIS G 3 10.20 40.84 -56.26
CA HIS G 3 10.56 39.79 -55.32
C HIS G 3 9.42 38.80 -55.16
N LEU G 4 9.78 37.55 -54.86
CA LEU G 4 8.77 36.53 -54.57
C LEU G 4 7.91 36.94 -53.38
N ASN G 5 8.54 37.54 -52.36
CA ASN G 5 7.79 38.12 -51.25
C ASN G 5 7.31 39.51 -51.65
N LYS G 6 6.00 39.69 -51.69
CA LYS G 6 5.38 40.91 -52.17
C LYS G 6 5.24 41.99 -51.10
N THR G 7 5.72 41.74 -49.88
CA THR G 7 5.58 42.72 -48.81
C THR G 7 6.80 43.62 -48.65
N ILE G 8 7.95 43.21 -49.20
CA ILE G 8 9.14 44.06 -49.19
C ILE G 8 8.83 45.40 -49.83
N GLN G 9 9.21 46.47 -49.14
CA GLN G 9 9.26 47.80 -49.71
C GLN G 9 10.65 48.36 -49.48
N GLU G 10 11.13 49.17 -50.42
CA GLU G 10 12.45 49.77 -50.25
C GLU G 10 12.41 50.75 -49.08
N GLY G 11 13.50 50.76 -48.32
CA GLY G 11 13.53 51.50 -47.08
C GLY G 11 13.25 50.69 -45.84
N ASP G 12 12.68 49.49 -45.96
CA ASP G 12 12.42 48.68 -44.79
C ASP G 12 13.71 48.31 -44.08
N ASN G 13 13.57 47.93 -42.81
CA ASN G 13 14.70 47.46 -42.01
C ASN G 13 15.36 46.28 -42.70
N PRO G 14 16.64 46.37 -43.06
CA PRO G 14 17.27 45.27 -43.81
C PRO G 14 17.33 43.97 -43.03
N ASP G 15 17.40 44.01 -41.70
CA ASP G 15 17.40 42.77 -40.93
C ASP G 15 16.14 41.96 -41.18
N LEU G 16 15.02 42.65 -41.45
CA LEU G 16 13.76 41.99 -41.79
C LEU G 16 13.67 41.63 -43.26
N THR G 17 14.08 42.56 -44.14
CA THR G 17 14.08 42.28 -45.58
C THR G 17 14.88 41.03 -45.89
N ALA G 18 16.01 40.85 -45.20
CA ALA G 18 16.84 39.67 -45.39
C ALA G 18 16.03 38.38 -45.24
N GLU G 19 15.09 38.38 -44.30
CA GLU G 19 14.27 37.20 -44.06
C GLU G 19 13.16 37.03 -45.09
N ARG G 20 12.74 38.13 -45.74
CA ARG G 20 11.78 38.03 -46.83
C ARG G 20 12.46 37.62 -48.13
N LEU G 21 13.71 38.05 -48.32
CA LEU G 21 14.41 37.77 -49.56
C LEU G 21 14.65 36.28 -49.78
N THR G 22 14.56 35.46 -48.73
CA THR G 22 14.82 34.04 -48.86
C THR G 22 13.58 33.24 -49.25
N ALA G 23 12.47 33.91 -49.55
CA ALA G 23 11.23 33.20 -49.84
C ALA G 23 11.37 32.37 -51.11
N THR G 24 10.77 31.18 -51.09
CA THR G 24 10.76 30.27 -52.23
C THR G 24 9.46 30.30 -52.99
N PHE G 25 8.48 31.11 -52.56
CA PHE G 25 7.17 31.13 -53.17
C PHE G 25 6.66 32.57 -53.24
N ASP G 26 5.69 32.77 -54.12
CA ASP G 26 5.01 34.06 -54.29
C ASP G 26 3.99 34.22 -53.16
N THR G 27 4.09 35.32 -52.40
CA THR G 27 3.21 35.47 -51.25
C THR G 27 1.78 35.81 -51.63
N HIS G 28 1.56 36.38 -52.82
CA HIS G 28 0.19 36.53 -53.31
C HIS G 28 -0.46 35.17 -53.52
N ALA G 29 0.32 34.22 -54.06
CA ALA G 29 -0.23 32.90 -54.36
C ALA G 29 -0.55 32.14 -53.08
N MET G 30 0.23 32.36 -52.02
CA MET G 30 -0.04 31.71 -50.75
C MET G 30 -1.27 32.30 -50.07
N ALA G 31 -1.44 33.62 -50.21
CA ALA G 31 -2.66 34.30 -49.77
C ALA G 31 -3.90 33.65 -50.38
N ALA G 32 -3.87 33.42 -51.71
CA ALA G 32 -4.98 32.76 -52.38
C ALA G 32 -5.30 31.42 -51.74
N GLN G 33 -4.26 30.66 -51.37
CA GLN G 33 -4.46 29.41 -50.65
C GLN G 33 -5.11 29.66 -49.29
N ILE G 34 -4.64 30.69 -48.58
CA ILE G 34 -5.11 30.94 -47.22
C ILE G 34 -6.56 31.36 -47.22
N TYR G 35 -6.96 32.22 -48.17
CA TYR G 35 -8.27 32.83 -48.16
C TYR G 35 -9.23 32.22 -49.19
N GLY G 36 -8.88 31.09 -49.79
CA GLY G 36 -9.84 30.35 -50.60
C GLY G 36 -10.03 30.86 -52.02
N GLY G 37 -9.02 31.42 -52.64
CA GLY G 37 -9.12 31.84 -54.02
C GLY G 37 -8.30 33.10 -54.29
N GLU G 38 -7.78 33.18 -55.52
CA GLU G 38 -6.92 34.29 -55.88
C GLU G 38 -7.71 35.59 -55.91
N MET G 39 -8.94 35.56 -56.47
CA MET G 39 -9.95 36.60 -56.20
C MET G 39 -10.74 36.23 -54.95
N ARG G 40 -10.48 36.99 -53.87
CA ARG G 40 -10.80 36.80 -52.45
C ARG G 40 -9.62 37.45 -51.75
N ALA G 41 -8.43 36.88 -52.00
CA ALA G 41 -7.16 37.46 -51.55
C ALA G 41 -6.94 38.84 -52.16
N ARG G 42 -7.18 38.99 -53.47
CA ARG G 42 -6.95 40.28 -54.11
C ARG G 42 -7.92 41.32 -53.58
N ARG G 43 -9.16 40.92 -53.30
CA ARG G 43 -10.12 41.87 -52.76
C ARG G 43 -9.68 42.38 -51.40
N ARG G 44 -9.09 41.49 -50.58
CA ARG G 44 -8.53 41.92 -49.30
C ARG G 44 -7.55 43.06 -49.49
N ARG G 45 -6.63 42.92 -50.44
CA ARG G 45 -5.61 43.95 -50.66
C ARG G 45 -6.21 45.22 -51.27
N GLU G 46 -7.23 45.10 -52.11
CA GLU G 46 -7.87 46.28 -52.68
C GLU G 46 -8.65 47.04 -51.61
N ILE G 47 -9.29 46.31 -50.70
CA ILE G 47 -9.97 46.95 -49.57
C ILE G 47 -8.96 47.70 -48.71
N THR G 48 -7.82 47.07 -48.46
CA THR G 48 -6.79 47.69 -47.63
C THR G 48 -6.23 48.94 -48.30
N ALA G 49 -6.00 48.89 -49.62
CA ALA G 49 -5.53 50.05 -50.35
C ALA G 49 -6.60 51.14 -50.38
N LYS G 50 -7.87 50.74 -50.47
CA LYS G 50 -8.94 51.73 -50.50
C LYS G 50 -9.10 52.41 -49.14
N LEU G 51 -8.91 51.66 -48.04
CA LEU G 51 -9.04 52.24 -46.70
C LEU G 51 -7.88 53.14 -46.35
N ALA G 52 -6.80 53.10 -47.13
CA ALA G 52 -5.66 53.97 -46.88
C ALA G 52 -5.94 55.41 -47.28
N GLU G 53 -6.86 55.61 -48.23
CA GLU G 53 -7.22 56.94 -48.70
C GLU G 53 -8.38 57.56 -47.90
N ILE G 54 -8.92 56.83 -46.92
CA ILE G 54 -10.02 57.30 -46.07
C ILE G 54 -9.53 57.34 -44.62
N PRO G 55 -8.89 58.43 -44.19
CA PRO G 55 -8.38 58.48 -42.80
C PRO G 55 -9.46 58.54 -41.74
N GLU G 56 -10.70 58.91 -42.08
CA GLU G 56 -11.77 58.94 -41.09
C GLU G 56 -11.97 57.58 -40.44
N LEU G 57 -11.62 56.51 -41.16
CA LEU G 57 -11.79 55.15 -40.68
C LEU G 57 -10.54 54.58 -40.01
N HIS G 58 -9.56 55.42 -39.69
CA HIS G 58 -8.37 54.97 -38.99
C HIS G 58 -8.55 55.16 -37.49
N ASP G 59 -7.80 54.37 -36.71
CA ASP G 59 -7.75 54.58 -35.27
C ASP G 59 -7.36 56.03 -34.99
N SER G 60 -8.26 56.80 -34.38
CA SER G 60 -8.00 58.22 -34.17
C SER G 60 -6.77 58.42 -33.29
N MET G 61 -6.55 57.51 -32.35
CA MET G 61 -5.28 57.40 -31.65
C MET G 61 -5.07 55.93 -31.31
N PRO G 62 -3.83 55.54 -31.00
CA PRO G 62 -3.58 54.13 -30.64
C PRO G 62 -4.53 53.64 -29.57
N LEU G 63 -5.16 52.49 -29.83
CA LEU G 63 -6.21 52.00 -28.95
C LEU G 63 -5.75 51.68 -27.53
N PRO G 64 -4.54 51.19 -27.26
CA PRO G 64 -4.13 50.97 -25.86
C PRO G 64 -4.10 52.24 -25.03
N TYR G 65 -4.09 53.42 -25.65
CA TYR G 65 -4.09 54.69 -24.90
C TYR G 65 -5.43 54.98 -24.24
N MET G 66 -6.49 54.27 -24.62
CA MET G 66 -7.85 54.74 -24.34
C MET G 66 -8.46 54.04 -23.12
N THR G 67 -9.20 54.83 -22.34
CA THR G 67 -10.16 54.30 -21.39
C THR G 67 -11.24 53.51 -22.12
N ARG G 68 -11.97 52.69 -21.37
CA ARG G 68 -13.08 51.94 -21.96
C ARG G 68 -14.06 52.88 -22.65
N GLU G 69 -14.41 53.98 -21.98
CA GLU G 69 -15.34 54.96 -22.54
C GLU G 69 -14.82 55.51 -23.87
N GLU G 70 -13.52 55.83 -23.92
CA GLU G 70 -12.95 56.39 -25.14
C GLU G 70 -12.98 55.38 -26.28
N LYS G 71 -12.68 54.11 -25.99
CA LYS G 71 -12.73 53.07 -27.02
C LYS G 71 -14.13 52.93 -27.58
N ILE G 72 -15.14 52.91 -26.71
CA ILE G 72 -16.51 52.69 -27.15
C ILE G 72 -16.96 53.83 -28.05
N MET G 73 -16.62 55.07 -27.67
CA MET G 73 -16.89 56.21 -28.54
C MET G 73 -16.17 56.07 -29.87
N GLU G 74 -14.89 55.70 -29.84
CA GLU G 74 -14.13 55.55 -31.07
C GLU G 74 -14.75 54.49 -31.96
N SER G 75 -15.23 53.39 -31.38
CA SER G 75 -15.80 52.31 -32.18
C SER G 75 -17.09 52.74 -32.87
N ALA G 76 -17.98 53.42 -32.13
CA ALA G 76 -19.21 53.92 -32.73
C ALA G 76 -18.93 54.99 -33.78
N ARG G 77 -17.93 55.84 -33.53
CA ARG G 77 -17.53 56.82 -34.53
C ARG G 77 -17.18 56.14 -35.85
N LYS G 78 -16.30 55.15 -35.80
CA LYS G 78 -15.93 54.44 -37.02
C LYS G 78 -17.10 53.68 -37.60
N LEU G 79 -17.99 53.16 -36.75
CA LEU G 79 -19.09 52.33 -37.23
C LEU G 79 -20.09 53.14 -38.06
N THR G 80 -20.44 54.35 -37.60
CA THR G 80 -21.34 55.20 -38.37
C THR G 80 -20.74 55.54 -39.72
N VAL G 81 -19.49 56.00 -39.74
CA VAL G 81 -18.81 56.24 -41.00
C VAL G 81 -18.77 54.97 -41.83
N LEU G 82 -18.53 53.84 -41.19
CA LEU G 82 -18.44 52.57 -41.91
C LEU G 82 -19.75 52.25 -42.63
N THR G 83 -20.88 52.31 -41.91
CA THR G 83 -22.16 51.96 -42.51
C THR G 83 -22.52 52.89 -43.65
N GLN G 84 -22.11 54.16 -43.57
CA GLN G 84 -22.45 55.11 -44.63
C GLN G 84 -21.66 54.83 -45.89
N ARG G 85 -20.36 54.58 -45.76
CA ARG G 85 -19.47 54.49 -46.92
C ARG G 85 -19.19 53.06 -47.34
N MET G 86 -19.93 52.08 -46.79
CA MET G 86 -19.59 50.67 -46.98
C MET G 86 -19.56 50.29 -48.46
N SER G 87 -20.53 50.78 -49.23
CA SER G 87 -20.67 50.33 -50.62
C SER G 87 -19.52 50.83 -51.49
N GLU G 88 -18.86 51.92 -51.09
CA GLU G 88 -17.71 52.42 -51.85
C GLU G 88 -16.51 51.50 -51.75
N ILE G 89 -16.44 50.67 -50.72
CA ILE G 89 -15.30 49.83 -50.46
C ILE G 89 -15.57 48.36 -50.75
N ILE G 90 -16.82 47.93 -50.59
CA ILE G 90 -17.15 46.54 -50.32
C ILE G 90 -18.38 46.17 -51.14
N ASP G 91 -18.53 44.87 -51.41
CA ASP G 91 -19.83 44.37 -51.80
C ASP G 91 -20.54 43.92 -50.54
N PRO G 92 -21.53 44.68 -50.06
CA PRO G 92 -22.09 44.41 -48.72
C PRO G 92 -22.61 43.00 -48.54
N THR G 93 -23.05 42.35 -49.61
CA THR G 93 -23.60 41.00 -49.50
C THR G 93 -22.51 39.93 -49.46
N ASP G 94 -21.26 40.27 -49.73
CA ASP G 94 -20.22 39.24 -49.64
C ASP G 94 -19.02 39.81 -48.88
N ALA G 95 -18.71 39.26 -47.71
CA ALA G 95 -19.37 38.13 -47.04
C ALA G 95 -18.87 37.98 -45.57
N GLY G 96 -17.55 38.00 -45.31
CA GLY G 96 -16.49 37.88 -46.31
C GLY G 96 -15.58 39.07 -46.47
N GLU G 97 -15.95 39.97 -47.39
CA GLU G 97 -15.27 41.26 -47.46
C GLU G 97 -15.69 42.16 -46.30
N LEU G 98 -16.89 41.95 -45.76
CA LEU G 98 -17.31 42.65 -44.56
C LEU G 98 -16.49 42.23 -43.35
N TYR G 99 -16.16 40.94 -43.27
CA TYR G 99 -15.31 40.45 -42.18
C TYR G 99 -13.96 41.14 -42.18
N HIS G 100 -13.31 41.19 -43.36
CA HIS G 100 -12.01 41.85 -43.48
C HIS G 100 -12.11 43.34 -43.22
N LEU G 101 -13.13 44.00 -43.79
CA LEU G 101 -13.34 45.42 -43.54
C LEU G 101 -13.43 45.71 -42.05
N ASN G 102 -14.24 44.92 -41.33
CA ASN G 102 -14.36 45.10 -39.88
C ASN G 102 -13.02 44.90 -39.18
N ASN G 103 -12.24 43.92 -39.62
CA ASN G 103 -10.96 43.64 -38.97
C ASN G 103 -10.01 44.83 -39.06
N GLU G 104 -9.96 45.48 -40.22
CA GLU G 104 -9.13 46.67 -40.36
C GLU G 104 -9.72 47.84 -39.57
N VAL G 105 -11.00 48.13 -39.78
CA VAL G 105 -11.59 49.36 -39.24
C VAL G 105 -11.89 49.22 -37.76
N LEU G 106 -12.53 48.12 -37.36
CA LEU G 106 -13.02 47.98 -35.99
C LEU G 106 -12.12 47.15 -35.09
N GLY G 107 -11.36 46.20 -35.62
CA GLY G 107 -10.45 45.42 -34.82
C GLY G 107 -11.14 44.37 -33.99
N ILE G 108 -10.38 43.80 -33.07
CA ILE G 108 -10.80 42.62 -32.32
C ILE G 108 -11.44 42.94 -30.97
N GLU G 109 -11.33 44.19 -30.49
CA GLU G 109 -11.74 44.48 -29.13
C GLU G 109 -13.25 44.65 -28.99
N GLY G 110 -14.00 44.71 -30.08
CA GLY G 110 -15.45 44.81 -30.04
C GLY G 110 -15.98 45.99 -30.83
N ASN G 111 -17.29 46.00 -30.97
CA ASN G 111 -18.01 47.15 -31.53
C ASN G 111 -19.48 47.02 -31.16
N PRO G 112 -20.24 48.10 -31.25
CA PRO G 112 -21.65 48.05 -30.80
C PRO G 112 -22.51 47.06 -31.56
N MET G 113 -22.12 46.64 -32.77
CA MET G 113 -22.94 45.75 -33.58
C MET G 113 -22.22 44.45 -33.89
N ALA G 114 -21.33 44.01 -32.99
CA ALA G 114 -20.62 42.75 -33.18
C ALA G 114 -21.60 41.58 -33.22
N LEU G 115 -22.51 41.51 -32.25
CA LEU G 115 -23.44 40.39 -32.19
C LEU G 115 -24.65 40.58 -33.08
N HIS G 116 -24.89 41.80 -33.57
CA HIS G 116 -25.85 42.02 -34.63
C HIS G 116 -25.60 41.06 -35.79
N GLY G 117 -24.35 40.91 -36.19
CA GLY G 117 -23.99 40.05 -37.29
C GLY G 117 -23.69 38.62 -36.90
N VAL G 118 -23.05 38.42 -35.75
CA VAL G 118 -22.58 37.07 -35.40
C VAL G 118 -23.75 36.17 -35.05
N MET G 119 -24.80 36.72 -34.45
CA MET G 119 -25.88 35.86 -33.94
C MET G 119 -27.28 36.38 -34.20
N PHE G 120 -27.50 37.69 -34.08
CA PHE G 120 -28.86 38.24 -34.21
C PHE G 120 -29.45 37.92 -35.58
N ILE G 121 -28.74 38.29 -36.64
CA ILE G 121 -29.19 38.05 -38.00
C ILE G 121 -29.27 36.54 -38.26
N PRO G 122 -28.21 35.75 -38.00
CA PRO G 122 -28.33 34.29 -38.19
C PRO G 122 -29.50 33.67 -37.45
N ALA G 123 -29.85 34.13 -36.25
CA ALA G 123 -31.02 33.59 -35.57
C ALA G 123 -32.29 33.90 -36.34
N LEU G 124 -32.38 35.10 -36.93
CA LEU G 124 -33.55 35.46 -37.72
C LEU G 124 -33.59 34.66 -39.01
N ASN G 125 -32.44 34.42 -39.64
CA ASN G 125 -32.39 33.54 -40.81
C ASN G 125 -32.90 32.15 -40.47
N ALA G 126 -32.49 31.62 -39.32
CA ALA G 126 -32.72 30.19 -39.05
C ALA G 126 -34.05 29.92 -38.38
N GLN G 127 -34.66 30.91 -37.74
CA GLN G 127 -35.82 30.63 -36.88
C GLN G 127 -37.03 31.52 -37.13
N ALA G 128 -36.94 32.58 -37.93
CA ALA G 128 -38.10 33.43 -38.19
C ALA G 128 -38.80 32.99 -39.47
N SER G 129 -40.12 33.09 -39.47
CA SER G 129 -40.89 32.73 -40.64
C SER G 129 -40.66 33.74 -41.75
N ASP G 130 -41.21 33.46 -42.93
CA ASP G 130 -41.03 34.35 -44.06
C ASP G 130 -41.64 35.72 -43.78
N GLU G 131 -42.82 35.74 -43.15
CA GLU G 131 -43.43 37.02 -42.83
C GLU G 131 -42.62 37.80 -41.81
N GLN G 132 -42.06 37.10 -40.80
CA GLN G 132 -41.32 37.80 -39.76
C GLN G 132 -39.99 38.33 -40.27
N GLN G 133 -39.32 37.57 -41.15
CA GLN G 133 -38.10 38.07 -41.76
C GLN G 133 -38.36 39.37 -42.51
N ALA G 134 -39.53 39.47 -43.14
CA ALA G 134 -39.87 40.71 -43.84
C ALA G 134 -40.03 41.86 -42.87
N LYS G 135 -40.55 41.60 -41.67
CA LYS G 135 -40.74 42.68 -40.71
C LYS G 135 -39.43 43.05 -40.04
N TRP G 136 -38.63 42.06 -39.64
CA TRP G 136 -37.47 42.32 -38.81
C TRP G 136 -36.13 42.12 -39.50
N LEU G 137 -35.99 41.13 -40.39
CA LEU G 137 -34.66 40.84 -40.94
C LEU G 137 -34.20 41.96 -41.87
N ILE G 138 -35.13 42.57 -42.61
CA ILE G 138 -34.77 43.68 -43.49
C ILE G 138 -34.31 44.88 -42.66
N ARG G 139 -35.07 45.21 -41.61
CA ARG G 139 -34.67 46.33 -40.76
C ARG G 139 -33.30 46.07 -40.14
N ALA G 140 -33.01 44.81 -39.82
CA ALA G 140 -31.70 44.49 -39.24
C ALA G 140 -30.59 44.67 -40.27
N LEU G 141 -30.80 44.15 -41.48
CA LEU G 141 -29.78 44.26 -42.53
C LEU G 141 -29.50 45.71 -42.89
N ARG G 142 -30.55 46.54 -42.92
CA ARG G 142 -30.41 47.96 -43.20
C ARG G 142 -29.86 48.75 -42.01
N ARG G 143 -29.64 48.09 -40.88
CA ARG G 143 -29.10 48.72 -39.67
C ARG G 143 -30.02 49.82 -39.15
N GLU G 144 -31.34 49.63 -39.36
CA GLU G 144 -32.35 50.47 -38.72
C GLU G 144 -32.46 50.18 -37.23
N ILE G 145 -32.10 48.96 -36.80
CA ILE G 145 -32.17 48.54 -35.42
C ILE G 145 -30.83 47.88 -35.07
N ILE G 146 -30.58 47.76 -33.78
CA ILE G 146 -29.38 47.08 -33.28
C ILE G 146 -29.86 45.95 -32.38
N GLY G 147 -29.40 44.73 -32.66
CA GLY G 147 -29.91 43.56 -31.99
C GLY G 147 -28.83 42.63 -31.46
N THR G 148 -29.27 41.66 -30.68
CA THR G 148 -28.38 40.65 -30.14
C THR G 148 -29.19 39.39 -29.84
N TYR G 149 -28.48 38.36 -29.37
CA TYR G 149 -29.05 37.05 -29.08
C TYR G 149 -28.87 36.78 -27.59
N ALA G 150 -30.00 36.67 -26.87
CA ALA G 150 -30.00 36.61 -25.40
C ALA G 150 -30.44 35.22 -24.96
N GLN G 151 -29.45 34.36 -24.74
CA GLN G 151 -29.68 33.00 -24.26
C GLN G 151 -29.22 32.83 -22.82
N THR G 152 -27.95 33.11 -22.54
CA THR G 152 -27.38 32.84 -21.23
C THR G 152 -28.02 33.71 -20.15
N GLU G 153 -28.17 33.14 -18.96
CA GLU G 153 -28.63 33.85 -17.79
C GLU G 153 -27.54 33.79 -16.73
N MET G 154 -27.69 34.62 -15.69
CA MET G 154 -26.68 34.66 -14.63
C MET G 154 -26.42 33.28 -14.05
N GLY G 155 -27.46 32.46 -13.92
CA GLY G 155 -27.34 31.15 -13.31
C GLY G 155 -27.28 29.96 -14.24
N HIS G 156 -27.35 30.16 -15.56
CA HIS G 156 -27.33 29.05 -16.50
C HIS G 156 -26.82 29.52 -17.85
N GLY G 157 -25.84 28.80 -18.38
CA GLY G 157 -25.36 29.03 -19.73
C GLY G 157 -25.21 27.71 -20.46
N THR G 158 -24.62 26.74 -19.78
CA THR G 158 -24.47 25.42 -20.36
C THR G 158 -25.79 24.66 -20.41
N ASN G 159 -26.57 24.67 -19.31
CA ASN G 159 -27.64 23.67 -19.22
C ASN G 159 -28.79 23.93 -20.19
N LEU G 160 -29.53 25.02 -19.96
CA LEU G 160 -30.65 25.48 -20.80
C LEU G 160 -31.96 24.78 -20.48
N GLN G 161 -31.93 23.46 -20.25
CA GLN G 161 -33.12 22.77 -19.79
C GLN G 161 -33.52 23.23 -18.40
N ASN G 162 -32.71 24.08 -17.76
CA ASN G 162 -33.01 24.71 -16.48
C ASN G 162 -32.85 26.23 -16.51
N LEU G 163 -33.13 26.85 -17.67
CA LEU G 163 -33.25 28.30 -17.68
C LEU G 163 -34.45 28.72 -16.83
N GLU G 164 -34.45 29.99 -16.41
CA GLU G 164 -35.47 30.44 -15.46
C GLU G 164 -36.37 31.54 -16.00
N THR G 165 -36.00 32.23 -17.07
CA THR G 165 -36.89 33.23 -17.67
C THR G 165 -38.08 32.55 -18.33
N THR G 166 -39.28 33.08 -18.08
CA THR G 166 -40.52 32.47 -18.53
C THR G 166 -41.25 33.36 -19.51
N ALA G 167 -41.92 32.72 -20.48
CA ALA G 167 -42.82 33.39 -21.43
C ALA G 167 -44.16 32.67 -21.36
N THR G 168 -45.11 33.27 -20.65
CA THR G 168 -46.41 32.64 -20.38
C THR G 168 -47.44 33.21 -21.35
N TYR G 169 -48.17 32.33 -22.03
CA TYR G 169 -49.10 32.77 -23.07
C TYR G 169 -50.46 33.14 -22.46
N ASP G 170 -50.82 34.40 -22.61
CA ASP G 170 -52.16 34.90 -22.28
C ASP G 170 -53.06 34.59 -23.47
N ILE G 171 -54.09 33.76 -23.27
CA ILE G 171 -54.85 33.31 -24.44
C ILE G 171 -55.82 34.38 -24.87
N GLY G 172 -56.45 35.05 -23.91
CA GLY G 172 -56.96 36.38 -24.16
C GLY G 172 -55.80 37.36 -24.29
N THR G 173 -56.08 38.48 -24.95
CA THR G 173 -55.10 39.51 -25.31
C THR G 173 -54.11 39.02 -26.36
N GLN G 174 -53.82 37.71 -26.37
CA GLN G 174 -52.98 37.07 -27.39
C GLN G 174 -51.53 37.57 -27.33
N GLU G 175 -50.97 37.65 -26.13
CA GLU G 175 -49.61 38.10 -25.89
C GLU G 175 -48.80 37.02 -25.17
N PHE G 176 -47.49 37.14 -25.23
CA PHE G 176 -46.60 36.37 -24.36
C PHE G 176 -46.11 37.29 -23.24
N VAL G 177 -46.18 36.80 -22.01
CA VAL G 177 -45.76 37.56 -20.83
C VAL G 177 -44.40 37.06 -20.41
N LEU G 178 -43.38 37.89 -20.58
CA LEU G 178 -42.02 37.56 -20.16
C LEU G 178 -41.82 37.99 -18.72
N HIS G 179 -41.15 37.15 -17.93
CA HIS G 179 -40.91 37.47 -16.54
C HIS G 179 -39.60 36.85 -16.07
N THR G 180 -38.92 37.57 -15.16
CA THR G 180 -37.62 37.20 -14.60
C THR G 180 -37.80 36.96 -13.11
N PRO G 181 -38.03 35.72 -12.67
CA PRO G 181 -38.51 35.50 -11.29
C PRO G 181 -37.47 35.71 -10.20
N LYS G 182 -36.17 35.54 -10.45
CA LYS G 182 -35.12 35.79 -9.46
C LYS G 182 -33.98 36.52 -10.16
N ILE G 183 -32.98 36.95 -9.38
CA ILE G 183 -31.80 37.58 -9.98
C ILE G 183 -31.08 36.58 -10.88
N THR G 184 -30.99 35.31 -10.46
CA THR G 184 -30.27 34.33 -11.25
C THR G 184 -30.92 34.04 -12.60
N ALA G 185 -32.16 34.51 -12.80
CA ALA G 185 -32.84 34.33 -14.08
C ALA G 185 -32.53 35.46 -15.07
N LEU G 186 -31.87 36.52 -14.62
CA LEU G 186 -31.48 37.61 -15.49
C LEU G 186 -30.69 37.09 -16.67
N LYS G 187 -31.09 37.47 -17.88
CA LYS G 187 -30.22 37.29 -19.03
C LYS G 187 -28.90 37.99 -18.74
N TRP G 188 -27.81 37.37 -19.15
CA TRP G 188 -26.49 37.76 -18.67
C TRP G 188 -25.45 37.19 -19.60
N TRP G 189 -24.61 38.08 -20.17
CA TRP G 189 -23.53 37.89 -21.14
C TRP G 189 -23.87 38.16 -22.62
N PRO G 190 -25.13 38.19 -23.06
CA PRO G 190 -25.38 38.55 -24.47
C PRO G 190 -24.67 39.84 -24.86
N GLY G 191 -23.86 39.76 -25.90
CA GLY G 191 -23.05 40.89 -26.29
C GLY G 191 -23.91 42.02 -26.84
N ASN G 192 -23.48 43.24 -26.56
CA ASN G 192 -24.14 44.46 -27.02
C ASN G 192 -25.56 44.59 -26.48
N LEU G 193 -25.87 43.85 -25.41
CA LEU G 193 -27.17 43.93 -24.76
C LEU G 193 -27.26 45.05 -23.73
N GLY G 194 -26.14 45.42 -23.11
CA GLY G 194 -26.20 46.36 -22.01
C GLY G 194 -26.62 47.75 -22.42
N LYS G 195 -26.02 48.27 -23.50
CA LYS G 195 -26.19 49.68 -23.83
C LYS G 195 -26.53 49.95 -25.28
N SER G 196 -26.19 49.06 -26.22
CA SER G 196 -26.31 49.36 -27.64
C SER G 196 -27.60 48.86 -28.28
N SER G 197 -28.03 47.63 -27.97
CA SER G 197 -29.15 47.04 -28.69
C SER G 197 -30.48 47.62 -28.20
N ASN G 198 -31.41 47.78 -29.13
CA ASN G 198 -32.79 48.09 -28.78
C ASN G 198 -33.76 46.96 -29.07
N TYR G 199 -33.28 45.85 -29.67
CA TYR G 199 -34.06 44.63 -29.82
C TYR G 199 -33.17 43.44 -29.46
N ALA G 200 -33.83 42.33 -29.13
CA ALA G 200 -33.10 41.10 -28.92
C ALA G 200 -33.97 39.89 -29.20
N VAL G 201 -33.34 38.84 -29.73
CA VAL G 201 -33.91 37.50 -29.70
C VAL G 201 -33.60 36.91 -28.33
N VAL G 202 -34.62 36.34 -27.68
CA VAL G 202 -34.52 35.98 -26.27
C VAL G 202 -35.02 34.55 -26.07
N VAL G 203 -34.16 33.69 -25.55
CA VAL G 203 -34.52 32.30 -25.22
C VAL G 203 -35.21 32.30 -23.86
N ALA G 204 -36.39 31.68 -23.81
CA ALA G 204 -37.15 31.59 -22.58
C ALA G 204 -38.00 30.31 -22.61
N HIS G 205 -38.27 29.77 -21.42
CA HIS G 205 -39.17 28.63 -21.30
C HIS G 205 -40.61 29.08 -21.53
N MET G 206 -41.32 28.40 -22.44
CA MET G 206 -42.63 28.85 -22.88
C MET G 206 -43.73 28.06 -22.15
N TYR G 207 -44.65 28.79 -21.54
CA TYR G 207 -45.72 28.21 -20.74
C TYR G 207 -47.07 28.50 -21.38
N ILE G 208 -47.88 27.45 -21.54
CA ILE G 208 -49.25 27.59 -22.03
C ILE G 208 -50.14 26.66 -21.20
N LYS G 209 -51.15 27.24 -20.54
CA LYS G 209 -52.10 26.49 -19.71
C LYS G 209 -51.38 25.69 -18.63
N GLY G 210 -50.31 26.26 -18.09
CA GLY G 210 -49.55 25.64 -17.03
C GLY G 210 -48.43 24.73 -17.49
N LYS G 211 -48.47 24.27 -18.75
CA LYS G 211 -47.49 23.32 -19.24
C LYS G 211 -46.24 24.04 -19.76
N ASN G 212 -45.08 23.47 -19.47
CA ASN G 212 -43.80 24.04 -19.89
C ASN G 212 -43.32 23.33 -21.15
N PHE G 213 -43.22 24.09 -22.24
CA PHE G 213 -42.80 23.55 -23.53
C PHE G 213 -41.30 23.68 -23.77
N GLY G 214 -40.55 24.21 -22.82
CA GLY G 214 -39.11 24.29 -22.94
C GLY G 214 -38.64 25.56 -23.63
N PRO G 215 -37.33 25.64 -23.88
CA PRO G 215 -36.76 26.88 -24.44
C PRO G 215 -37.29 27.18 -25.84
N HIS G 216 -37.68 28.44 -26.04
CA HIS G 216 -38.14 28.96 -27.32
C HIS G 216 -37.65 30.41 -27.45
N THR G 217 -37.54 30.89 -28.69
CA THR G 217 -36.95 32.18 -28.98
C THR G 217 -38.00 33.19 -29.42
N PHE G 218 -37.80 34.44 -29.00
CA PHE G 218 -38.76 35.52 -29.14
C PHE G 218 -38.05 36.78 -29.59
N MET G 219 -38.69 37.54 -30.48
CA MET G 219 -38.26 38.90 -30.75
C MET G 219 -38.81 39.83 -29.68
N VAL G 220 -37.93 40.60 -29.04
CA VAL G 220 -38.29 41.39 -27.88
C VAL G 220 -37.76 42.82 -28.06
N PRO G 221 -38.62 43.83 -28.16
CA PRO G 221 -38.14 45.21 -28.13
C PRO G 221 -37.71 45.58 -26.73
N LEU G 222 -36.53 46.18 -26.61
CA LEU G 222 -35.90 46.50 -25.35
C LEU G 222 -35.90 47.98 -25.02
N ARG G 223 -35.62 48.82 -26.01
CA ARG G 223 -35.49 50.26 -25.79
C ARG G 223 -36.31 51.01 -26.82
N ASP G 224 -36.83 52.16 -26.40
CA ASP G 224 -37.60 53.03 -27.28
C ASP G 224 -36.78 53.41 -28.50
N GLU G 225 -37.40 53.34 -29.68
CA GLU G 225 -36.66 53.57 -30.92
C GLU G 225 -36.24 55.03 -31.10
N LYS G 226 -36.83 55.95 -30.34
CA LYS G 226 -36.50 57.37 -30.45
C LYS G 226 -35.60 57.86 -29.33
N THR G 227 -35.97 57.60 -28.07
CA THR G 227 -35.17 58.10 -26.96
C THR G 227 -34.15 57.09 -26.44
N HIS G 228 -34.27 55.81 -26.82
CA HIS G 228 -33.39 54.73 -26.39
C HIS G 228 -33.53 54.42 -24.91
N LYS G 229 -34.54 54.96 -24.23
CA LYS G 229 -34.82 54.58 -22.85
C LYS G 229 -35.32 53.15 -22.80
N PRO G 230 -35.10 52.44 -21.69
CA PRO G 230 -35.71 51.11 -21.54
C PRO G 230 -37.22 51.22 -21.52
N LEU G 231 -37.88 50.40 -22.31
CA LEU G 231 -39.33 50.34 -22.32
C LEU G 231 -39.82 49.87 -20.96
N PRO G 232 -41.07 50.19 -20.61
CA PRO G 232 -41.57 49.84 -19.27
C PRO G 232 -41.53 48.35 -19.03
N GLY G 233 -40.99 47.98 -17.87
CA GLY G 233 -40.87 46.60 -17.49
C GLY G 233 -39.49 46.02 -17.70
N ILE G 234 -38.56 46.78 -18.27
CA ILE G 234 -37.25 46.29 -18.68
C ILE G 234 -36.20 46.79 -17.70
N THR G 235 -35.40 45.87 -17.18
CA THR G 235 -34.19 46.17 -16.44
C THR G 235 -33.00 45.76 -17.30
N ILE G 236 -32.05 46.68 -17.51
CA ILE G 236 -31.02 46.48 -18.53
C ILE G 236 -29.78 47.28 -18.18
N GLY G 237 -28.61 46.70 -18.43
CA GLY G 237 -27.36 47.41 -18.18
C GLY G 237 -26.16 46.57 -18.59
N ASP G 238 -24.99 47.20 -18.51
CA ASP G 238 -23.72 46.53 -18.76
C ASP G 238 -23.38 45.61 -17.60
N ILE G 239 -22.56 44.59 -17.85
CA ILE G 239 -22.19 43.65 -16.78
C ILE G 239 -20.82 43.97 -16.20
N GLY G 240 -20.19 45.07 -16.57
CA GLY G 240 -18.92 45.45 -16.01
C GLY G 240 -17.75 45.16 -16.91
N PRO G 241 -16.55 45.62 -16.54
CA PRO G 241 -15.37 45.37 -17.36
C PRO G 241 -14.96 43.89 -17.30
N LYS G 242 -14.12 43.53 -18.25
CA LYS G 242 -13.80 42.13 -18.47
C LYS G 242 -12.30 41.97 -18.68
N MET G 243 -11.91 40.70 -18.80
CA MET G 243 -10.54 40.33 -19.14
C MET G 243 -10.06 41.05 -20.40
N ALA G 244 -10.91 41.08 -21.42
CA ALA G 244 -10.62 41.76 -22.67
C ALA G 244 -11.95 41.96 -23.39
N TYR G 245 -11.91 42.35 -24.66
CA TYR G 245 -13.10 42.46 -25.49
C TYR G 245 -14.06 43.51 -24.92
N ASN G 246 -13.50 44.62 -24.44
CA ASN G 246 -14.23 45.54 -23.60
C ASN G 246 -14.99 46.61 -24.40
N ILE G 247 -14.89 46.60 -25.72
CA ILE G 247 -15.70 47.52 -26.49
C ILE G 247 -17.13 47.00 -26.63
N VAL G 248 -17.31 45.68 -26.56
CA VAL G 248 -18.64 45.10 -26.53
C VAL G 248 -19.26 45.33 -25.16
N ASP G 249 -20.50 45.82 -25.14
CA ASP G 249 -21.23 46.07 -23.89
C ASP G 249 -22.09 44.86 -23.55
N ASN G 250 -21.42 43.79 -23.09
CA ASN G 250 -22.13 42.62 -22.61
C ASN G 250 -23.08 43.02 -21.51
N GLY G 251 -24.30 42.48 -21.55
CA GLY G 251 -25.33 43.02 -20.68
C GLY G 251 -26.14 42.04 -19.85
N PHE G 252 -26.90 42.59 -18.91
CA PHE G 252 -27.95 41.88 -18.21
C PHE G 252 -29.32 42.41 -18.63
N LEU G 253 -30.34 41.56 -18.49
CA LEU G 253 -31.69 41.90 -18.94
C LEU G 253 -32.71 41.19 -18.06
N GLY G 254 -33.66 41.95 -17.52
CA GLY G 254 -34.72 41.39 -16.70
C GLY G 254 -36.08 41.96 -17.03
N PHE G 255 -37.11 41.12 -16.85
CA PHE G 255 -38.48 41.45 -17.24
C PHE G 255 -39.40 41.45 -16.03
N ASN G 256 -40.27 42.46 -15.93
CA ASN G 256 -41.33 42.49 -14.93
C ASN G 256 -42.66 42.41 -15.66
N ASN G 257 -43.08 41.18 -15.95
CA ASN G 257 -44.33 40.90 -16.67
C ASN G 257 -44.43 41.75 -17.95
N TYR G 258 -43.42 41.59 -18.81
CA TYR G 258 -43.27 42.39 -20.02
C TYR G 258 -43.97 41.68 -21.18
N ARG G 259 -44.96 42.33 -21.77
CA ARG G 259 -45.86 41.69 -22.75
C ARG G 259 -45.40 41.96 -24.17
N ILE G 260 -45.41 40.92 -25.00
CA ILE G 260 -45.10 41.02 -26.41
C ILE G 260 -46.19 40.29 -27.18
N PRO G 261 -46.41 40.64 -28.44
CA PRO G 261 -47.41 39.94 -29.26
C PRO G 261 -47.07 38.46 -29.43
N ARG G 262 -48.12 37.68 -29.72
CA ARG G 262 -47.94 36.25 -30.00
C ARG G 262 -47.02 36.05 -31.19
N THR G 263 -47.14 36.90 -32.21
CA THR G 263 -46.34 36.80 -33.42
C THR G 263 -44.86 37.11 -33.20
N ASN G 264 -44.46 37.45 -31.97
CA ASN G 264 -43.04 37.67 -31.70
C ASN G 264 -42.31 36.38 -31.38
N LEU G 265 -43.03 35.32 -31.08
CA LEU G 265 -42.44 33.99 -31.10
C LEU G 265 -41.98 33.69 -32.52
N LEU G 266 -40.75 33.16 -32.65
CA LEU G 266 -40.17 32.89 -33.97
C LEU G 266 -40.69 31.56 -34.49
N MET G 267 -41.37 31.59 -35.64
CA MET G 267 -42.29 30.52 -36.01
C MET G 267 -41.96 29.86 -37.35
N ARG G 268 -40.68 29.81 -37.74
CA ARG G 268 -40.34 29.06 -38.94
C ARG G 268 -40.48 27.56 -38.73
N HIS G 269 -40.36 27.11 -37.49
CA HIS G 269 -40.41 25.68 -37.20
C HIS G 269 -41.43 25.30 -36.14
N THR G 270 -41.64 26.15 -35.14
CA THR G 270 -42.68 25.95 -34.13
C THR G 270 -43.80 26.94 -34.38
N LYS G 271 -45.02 26.56 -33.98
CA LYS G 271 -46.17 27.42 -34.13
C LYS G 271 -47.00 27.41 -32.86
N VAL G 272 -47.54 28.58 -32.51
CA VAL G 272 -48.55 28.71 -31.46
C VAL G 272 -49.70 29.50 -32.06
N GLU G 273 -50.84 28.82 -32.27
CA GLU G 273 -52.01 29.46 -32.81
C GLU G 273 -52.69 30.33 -31.74
N ALA G 274 -53.65 31.15 -32.18
CA ALA G 274 -54.21 32.16 -31.29
C ALA G 274 -54.95 31.56 -30.11
N ASP G 275 -55.52 30.37 -30.27
CA ASP G 275 -56.25 29.79 -29.15
C ASP G 275 -55.33 29.15 -28.11
N GLY G 276 -54.10 28.81 -28.50
CA GLY G 276 -53.15 28.25 -27.57
C GLY G 276 -52.49 26.99 -28.09
N THR G 277 -52.97 26.51 -29.25
CA THR G 277 -52.54 25.22 -29.78
C THR G 277 -51.05 25.23 -30.11
N TYR G 278 -50.39 24.10 -29.84
CA TYR G 278 -48.96 23.93 -30.04
C TYR G 278 -48.70 22.88 -31.12
N ILE G 279 -47.82 23.22 -32.06
CA ILE G 279 -47.45 22.35 -33.17
C ILE G 279 -45.94 22.21 -33.21
N LYS G 280 -45.45 20.98 -32.96
CA LYS G 280 -44.05 20.60 -32.83
C LYS G 280 -43.35 20.56 -34.18
N PRO G 281 -42.05 20.84 -34.21
CA PRO G 281 -41.29 20.92 -35.47
C PRO G 281 -40.66 19.60 -35.88
N ALA G 290 -28.57 26.47 -32.12
CA ALA G 290 -27.54 26.66 -33.15
C ALA G 290 -27.19 28.15 -33.23
N MET G 291 -25.99 28.63 -32.87
CA MET G 291 -24.87 28.07 -32.06
C MET G 291 -23.91 27.12 -32.79
N VAL G 292 -24.42 26.30 -33.71
CA VAL G 292 -23.50 25.58 -34.59
C VAL G 292 -22.92 26.52 -35.63
N HIS G 293 -23.65 27.58 -35.96
CA HIS G 293 -23.12 28.62 -36.84
C HIS G 293 -21.85 29.23 -36.25
N VAL G 294 -21.93 29.65 -34.99
CA VAL G 294 -20.83 30.34 -34.33
C VAL G 294 -19.59 29.45 -34.31
N ARG G 295 -19.76 28.19 -33.92
CA ARG G 295 -18.62 27.29 -33.78
C ARG G 295 -17.94 27.04 -35.12
N SER G 296 -18.73 26.89 -36.20
CA SER G 296 -18.15 26.65 -37.51
C SER G 296 -17.31 27.83 -37.98
N TYR G 297 -17.82 29.05 -37.79
CA TYR G 297 -17.17 30.22 -38.36
C TYR G 297 -16.13 30.86 -37.45
N MET G 298 -16.10 30.51 -36.15
CA MET G 298 -15.14 31.11 -35.24
C MET G 298 -13.74 30.53 -35.41
N LEU G 299 -13.61 29.40 -36.12
CA LEU G 299 -12.31 28.75 -36.24
C LEU G 299 -11.33 29.60 -37.05
N THR G 300 -11.80 30.22 -38.14
CA THR G 300 -10.92 31.10 -38.90
C THR G 300 -10.55 32.34 -38.09
N GLY G 301 -11.46 32.77 -37.21
CA GLY G 301 -11.16 33.88 -36.32
C GLY G 301 -9.98 33.59 -35.42
N GLN G 302 -9.89 32.34 -34.94
CA GLN G 302 -8.78 31.96 -34.07
C GLN G 302 -7.48 31.80 -34.85
N ALA G 303 -7.53 31.11 -35.98
CA ALA G 303 -6.38 31.04 -36.86
C ALA G 303 -5.83 32.42 -37.16
N ILE G 304 -6.72 33.35 -37.50
CA ILE G 304 -6.29 34.71 -37.83
C ILE G 304 -5.63 35.39 -36.64
N MET G 305 -6.27 35.26 -35.47
CA MET G 305 -5.72 35.85 -34.25
C MET G 305 -4.39 35.20 -33.94
N LEU G 306 -4.29 33.91 -34.24
CA LEU G 306 -3.07 33.17 -34.01
C LEU G 306 -2.02 33.70 -34.97
N SER G 307 -2.47 34.08 -36.17
CA SER G 307 -1.57 34.63 -37.17
C SER G 307 -1.08 35.98 -36.69
N TYR G 308 -2.01 36.85 -36.33
CA TYR G 308 -1.64 38.18 -35.81
C TYR G 308 -0.42 38.05 -34.89
N ALA G 309 -0.56 37.22 -33.85
CA ALA G 309 0.46 37.12 -32.81
C ALA G 309 1.79 36.60 -33.37
N LEU G 310 1.74 35.71 -34.35
CA LEU G 310 2.97 35.16 -34.91
C LEU G 310 3.63 36.13 -35.89
N ASN G 311 2.84 36.80 -36.72
CA ASN G 311 3.38 37.92 -37.51
C ASN G 311 4.22 38.85 -36.65
N ILE G 312 3.69 39.25 -35.50
CA ILE G 312 4.40 40.16 -34.61
C ILE G 312 5.66 39.49 -34.07
N ALA G 313 5.49 38.34 -33.42
CA ALA G 313 6.62 37.70 -32.74
C ALA G 313 7.73 37.31 -33.71
N THR G 314 7.37 36.91 -34.93
CA THR G 314 8.40 36.50 -35.88
C THR G 314 9.07 37.70 -36.55
N ARG G 315 8.29 38.70 -36.94
CA ARG G 315 8.89 39.94 -37.45
C ARG G 315 9.86 40.52 -36.43
N TYR G 316 9.41 40.65 -35.18
CA TYR G 316 10.27 41.19 -34.14
C TYR G 316 11.49 40.32 -33.91
N SER G 317 11.35 39.00 -34.09
CA SER G 317 12.49 38.11 -33.92
C SER G 317 13.55 38.35 -34.99
N ALA G 318 13.14 38.87 -36.15
CA ALA G 318 14.12 39.18 -37.19
C ALA G 318 14.86 40.49 -36.89
N VAL G 319 14.19 41.45 -36.26
CA VAL G 319 14.89 42.70 -35.99
C VAL G 319 15.55 42.69 -34.60
N ARG G 320 15.07 41.87 -33.66
CA ARG G 320 15.67 41.84 -32.33
C ARG G 320 16.93 40.99 -32.34
N ARG G 321 18.05 41.63 -32.07
CA ARG G 321 19.34 40.95 -31.88
C ARG G 321 19.64 40.88 -30.39
N GLN G 322 20.19 39.74 -29.96
CA GLN G 322 20.48 39.54 -28.56
C GLN G 322 21.39 38.33 -28.34
N GLY G 323 22.64 38.59 -27.99
CA GLY G 323 23.57 37.53 -27.65
C GLY G 323 24.37 37.04 -28.84
N GLN G 324 25.44 36.33 -28.53
CA GLN G 324 26.32 35.77 -29.56
C GLN G 324 26.23 34.25 -29.56
N ILE G 325 26.32 33.67 -30.75
CA ILE G 325 26.53 32.24 -30.90
C ILE G 325 28.03 32.03 -31.10
N ASP G 326 28.53 32.30 -32.30
CA ASP G 326 29.97 32.38 -32.51
C ASP G 326 30.51 33.65 -31.83
N LYS G 327 31.57 33.49 -31.03
CA LYS G 327 32.08 34.60 -30.22
C LYS G 327 32.73 35.70 -31.04
N ASN G 328 33.12 35.41 -32.28
CA ASN G 328 33.74 36.41 -33.15
C ASN G 328 32.75 37.05 -34.11
N GLU G 329 31.51 36.63 -34.11
CA GLU G 329 30.50 37.25 -34.92
C GLU G 329 29.64 38.18 -34.07
N PRO G 330 29.00 39.18 -34.67
CA PRO G 330 28.16 40.08 -33.88
C PRO G 330 26.97 39.36 -33.25
N GLU G 331 26.24 40.08 -32.42
CA GLU G 331 25.01 39.57 -31.83
C GLU G 331 24.06 39.09 -32.92
N VAL G 332 23.44 37.93 -32.68
CA VAL G 332 22.58 37.28 -33.66
C VAL G 332 21.13 37.72 -33.46
N LYS G 333 20.38 37.71 -34.57
CA LYS G 333 18.92 37.73 -34.48
C LYS G 333 18.46 36.63 -33.53
N VAL G 334 17.49 36.95 -32.67
CA VAL G 334 16.99 35.91 -31.78
C VAL G 334 16.33 34.81 -32.58
N LEU G 335 15.89 35.11 -33.80
CA LEU G 335 15.32 34.12 -34.72
C LEU G 335 16.32 32.98 -34.99
N GLU G 336 17.58 33.19 -34.60
CA GLU G 336 18.67 32.24 -34.83
C GLU G 336 18.65 31.06 -33.87
N TYR G 337 18.10 31.24 -32.68
CA TYR G 337 18.19 30.23 -31.63
C TYR G 337 17.13 29.16 -31.84
N GLN G 338 17.53 27.90 -31.64
CA GLN G 338 16.60 26.79 -31.80
C GLN G 338 15.43 26.89 -30.83
N THR G 339 15.65 27.37 -29.60
CA THR G 339 14.53 27.58 -28.69
C THR G 339 13.52 28.56 -29.26
N GLN G 340 13.98 29.56 -30.02
CA GLN G 340 13.09 30.59 -30.54
C GLN G 340 12.32 30.09 -31.74
N GLN G 341 13.00 29.46 -32.70
CA GLN G 341 12.32 28.79 -33.80
C GLN G 341 11.34 27.75 -33.28
N HIS G 342 11.73 27.03 -32.22
CA HIS G 342 10.87 25.98 -31.67
C HIS G 342 9.62 26.54 -31.01
N ARG G 343 9.69 27.75 -30.45
CA ARG G 343 8.54 28.32 -29.75
C ARG G 343 7.64 29.15 -30.67
N LEU G 344 8.00 29.27 -31.95
CA LEU G 344 7.20 29.99 -32.93
C LEU G 344 6.70 29.09 -34.05
N PHE G 345 7.61 28.47 -34.80
CA PHE G 345 7.25 27.81 -36.05
C PHE G 345 6.17 26.73 -35.91
N PRO G 346 6.14 25.88 -34.86
CA PRO G 346 5.05 24.90 -34.76
C PRO G 346 3.68 25.57 -34.75
N PHE G 347 3.59 26.82 -34.30
CA PHE G 347 2.32 27.51 -34.25
C PHE G 347 1.98 28.16 -35.58
N ILE G 348 2.99 28.53 -36.38
CA ILE G 348 2.71 28.87 -37.77
C ILE G 348 2.05 27.70 -38.48
N ALA G 349 2.61 26.50 -38.28
CA ALA G 349 2.00 25.29 -38.81
C ALA G 349 0.56 25.16 -38.34
N ARG G 350 0.33 25.42 -37.05
CA ARG G 350 -1.01 25.30 -36.48
C ARG G 350 -1.98 26.29 -37.10
N ALA G 351 -1.53 27.53 -37.33
CA ALA G 351 -2.41 28.56 -37.88
C ALA G 351 -2.89 28.21 -39.28
N TYR G 352 -1.98 27.71 -40.14
CA TYR G 352 -2.40 27.21 -41.44
C TYR G 352 -3.35 26.04 -41.27
N ALA G 353 -3.01 25.11 -40.38
CA ALA G 353 -3.82 23.92 -40.18
C ALA G 353 -5.22 24.28 -39.68
N PHE G 354 -5.33 25.24 -38.76
CA PHE G 354 -6.65 25.66 -38.27
C PHE G 354 -7.47 26.29 -39.41
N GLN G 355 -6.81 27.09 -40.25
CA GLN G 355 -7.50 27.71 -41.37
C GLN G 355 -8.04 26.65 -42.33
N PHE G 356 -7.17 25.72 -42.75
CA PHE G 356 -7.62 24.66 -43.65
C PHE G 356 -8.71 23.81 -43.00
N ALA G 357 -8.56 23.50 -41.71
CA ALA G 357 -9.61 22.76 -41.01
C ALA G 357 -10.90 23.56 -40.97
N GLY G 358 -10.81 24.88 -40.81
CA GLY G 358 -12.01 25.69 -40.77
C GLY G 358 -12.70 25.80 -42.12
N ALA G 359 -11.92 25.76 -43.21
CA ALA G 359 -12.52 25.78 -44.54
C ALA G 359 -13.36 24.53 -44.77
N GLU G 360 -12.85 23.36 -44.37
CA GLU G 360 -13.61 22.13 -44.53
C GLU G 360 -14.81 22.09 -43.60
N THR G 361 -14.71 22.70 -42.43
CA THR G 361 -15.85 22.72 -41.53
C THR G 361 -16.97 23.59 -42.08
N VAL G 362 -16.62 24.75 -42.65
CA VAL G 362 -17.62 25.64 -43.20
C VAL G 362 -18.28 25.03 -44.42
N LYS G 363 -17.51 24.26 -45.21
CA LYS G 363 -18.09 23.52 -46.32
C LYS G 363 -19.13 22.53 -45.82
N LEU G 364 -18.81 21.84 -44.71
CA LEU G 364 -19.76 20.88 -44.14
C LEU G 364 -20.98 21.59 -43.55
N TYR G 365 -20.79 22.78 -42.99
CA TYR G 365 -21.94 23.52 -42.50
C TYR G 365 -22.86 23.92 -43.64
N GLU G 366 -22.29 24.31 -44.79
CA GLU G 366 -23.10 24.65 -45.96
C GLU G 366 -23.71 23.41 -46.59
N ARG G 367 -23.05 22.26 -46.45
CA ARG G 367 -23.54 21.03 -47.07
C ARG G 367 -24.72 20.47 -46.29
N VAL G 368 -24.60 20.40 -44.97
CA VAL G 368 -25.77 20.43 -44.10
C VAL G 368 -26.42 21.78 -44.38
N LEU G 369 -27.63 22.03 -43.87
CA LEU G 369 -28.36 23.26 -44.14
C LEU G 369 -28.92 23.24 -45.56
N LYS G 370 -28.05 23.05 -46.56
CA LYS G 370 -28.53 22.77 -47.91
C LYS G 370 -29.34 21.49 -47.93
N GLU G 371 -28.79 20.43 -47.33
CA GLU G 371 -29.51 19.16 -47.25
C GLU G 371 -30.64 19.20 -46.22
N MET G 372 -30.79 20.29 -45.47
CA MET G 372 -31.80 20.41 -44.43
C MET G 372 -33.10 21.04 -44.93
N LYS G 373 -33.13 21.54 -46.17
CA LYS G 373 -34.39 21.89 -46.81
C LYS G 373 -35.22 20.64 -47.08
N SER G 374 -34.62 19.68 -47.81
CA SER G 374 -35.20 18.35 -47.90
C SER G 374 -35.33 17.71 -46.53
N GLY G 375 -34.20 17.50 -45.84
CA GLY G 375 -34.19 17.07 -44.44
C GLY G 375 -34.88 15.77 -44.06
N LEU G 379 -26.76 14.19 -40.89
CA LEU G 379 -25.38 14.61 -41.06
C LEU G 379 -25.13 15.80 -40.14
N MET G 380 -26.21 16.24 -39.48
CA MET G 380 -26.08 17.25 -38.43
C MET G 380 -25.32 16.68 -37.24
N ALA G 381 -25.49 15.38 -36.98
CA ALA G 381 -24.79 14.75 -35.86
C ALA G 381 -23.28 14.75 -36.11
N ASP G 382 -22.86 14.45 -37.34
CA ASP G 382 -21.44 14.48 -37.66
C ASP G 382 -20.89 15.89 -37.55
N LEU G 383 -21.67 16.88 -37.99
CA LEU G 383 -21.22 18.27 -37.92
C LEU G 383 -21.12 18.75 -36.47
N HIS G 384 -22.16 18.49 -35.66
CA HIS G 384 -22.15 18.92 -34.27
C HIS G 384 -20.95 18.36 -33.52
N ALA G 385 -20.56 17.12 -33.83
CA ALA G 385 -19.48 16.47 -33.10
C ALA G 385 -18.11 16.99 -33.54
N LEU G 386 -17.90 17.11 -34.85
CA LEU G 386 -16.67 17.70 -35.36
C LEU G 386 -16.48 19.09 -34.78
N THR G 387 -17.54 19.89 -34.85
CA THR G 387 -17.53 21.28 -34.41
C THR G 387 -17.35 21.41 -32.91
N SER G 388 -17.89 20.46 -32.13
CA SER G 388 -17.68 20.47 -30.69
C SER G 388 -16.20 20.29 -30.34
N GLY G 389 -15.56 19.29 -30.93
CA GLY G 389 -14.16 19.04 -30.60
C GLY G 389 -13.24 20.10 -31.18
N LEU G 390 -13.46 20.48 -32.44
CA LEU G 390 -12.59 21.45 -33.10
C LEU G 390 -12.60 22.78 -32.38
N LYS G 391 -13.77 23.27 -31.99
CA LYS G 391 -13.82 24.54 -31.28
C LYS G 391 -13.03 24.47 -29.99
N SER G 392 -12.94 23.28 -29.38
CA SER G 392 -12.27 23.16 -28.08
C SER G 392 -10.76 23.02 -28.24
N VAL G 393 -10.29 22.23 -29.21
CA VAL G 393 -8.86 22.07 -29.41
C VAL G 393 -8.25 23.33 -30.01
N VAL G 394 -8.87 23.86 -31.08
CA VAL G 394 -8.35 25.04 -31.75
C VAL G 394 -8.17 26.19 -30.76
N THR G 395 -9.17 26.40 -29.92
CA THR G 395 -9.17 27.55 -29.02
C THR G 395 -8.11 27.41 -27.93
N HIS G 396 -7.85 26.18 -27.48
CA HIS G 396 -6.89 25.90 -26.41
C HIS G 396 -5.46 25.91 -26.93
N GLN G 397 -5.24 25.39 -28.14
CA GLN G 397 -3.91 25.43 -28.74
C GLN G 397 -3.57 26.81 -29.27
N THR G 398 -4.58 27.57 -29.72
CA THR G 398 -4.34 28.96 -30.09
C THR G 398 -3.84 29.77 -28.90
N GLY G 399 -4.46 29.60 -27.74
CA GLY G 399 -4.04 30.34 -26.56
C GLY G 399 -2.61 30.03 -26.18
N GLU G 400 -2.27 28.73 -26.17
CA GLU G 400 -0.89 28.29 -26.01
C GLU G 400 0.06 29.05 -26.93
N GLY G 401 -0.30 29.13 -28.21
CA GLY G 401 0.62 29.70 -29.18
C GLY G 401 0.71 31.21 -29.11
N ILE G 402 -0.43 31.88 -28.91
CA ILE G 402 -0.42 33.33 -28.76
C ILE G 402 0.49 33.75 -27.63
N GLU G 403 0.45 33.00 -26.53
CA GLU G 403 1.23 33.39 -25.36
C GLU G 403 2.72 33.08 -25.53
N GLN G 404 3.07 32.01 -26.28
CA GLN G 404 4.47 31.81 -26.65
C GLN G 404 4.96 32.95 -27.54
N ALA G 405 4.11 33.40 -28.47
CA ALA G 405 4.46 34.50 -29.35
C ALA G 405 4.75 35.77 -28.55
N ARG G 406 3.94 36.05 -27.53
CA ARG G 406 4.20 37.25 -26.74
C ARG G 406 5.53 37.14 -25.99
N MET G 407 5.73 36.02 -25.28
CA MET G 407 6.95 35.84 -24.51
C MET G 407 8.20 35.77 -25.39
N ALA G 408 8.05 35.44 -26.67
CA ALA G 408 9.16 35.44 -27.61
C ALA G 408 9.63 36.85 -27.94
N CYS G 409 8.90 37.88 -27.53
CA CYS G 409 9.33 39.25 -27.74
C CYS G 409 10.08 39.81 -26.54
N GLY G 410 10.41 38.97 -25.56
CA GLY G 410 11.06 39.45 -24.35
C GLY G 410 10.18 40.47 -23.62
N GLY G 411 10.85 41.32 -22.84
CA GLY G 411 10.15 42.31 -22.05
C GLY G 411 9.10 43.07 -22.84
N HIS G 412 9.46 43.55 -24.03
CA HIS G 412 8.56 44.39 -24.82
C HIS G 412 7.24 43.72 -25.16
N GLY G 413 7.19 42.39 -25.22
CA GLY G 413 5.93 41.73 -25.49
C GLY G 413 4.87 41.97 -24.44
N TYR G 414 5.31 42.21 -23.20
CA TYR G 414 4.39 42.53 -22.11
C TYR G 414 3.79 43.91 -22.27
N SER G 415 4.44 44.78 -23.04
CA SER G 415 3.90 46.10 -23.37
C SER G 415 2.72 45.96 -24.32
N MET G 416 1.78 46.90 -24.22
CA MET G 416 0.74 46.98 -25.25
C MET G 416 1.32 47.42 -26.59
N ALA G 417 2.59 47.80 -26.63
CA ALA G 417 3.24 48.08 -27.90
C ALA G 417 3.34 46.83 -28.77
N SER G 418 3.34 45.64 -28.15
CA SER G 418 3.25 44.41 -28.90
C SER G 418 1.82 44.13 -29.34
N TYR G 419 0.83 44.40 -28.46
CA TYR G 419 -0.60 44.16 -28.63
C TYR G 419 -0.97 42.68 -28.49
N ILE G 420 0.00 41.79 -28.29
CA ILE G 420 -0.30 40.36 -28.24
C ILE G 420 -1.12 40.02 -27.01
N SER G 421 -0.97 40.79 -25.92
CA SER G 421 -1.74 40.49 -24.71
C SER G 421 -3.23 40.71 -24.95
N GLU G 422 -3.60 41.71 -25.75
CA GLU G 422 -5.01 41.90 -26.07
C GLU G 422 -5.50 40.82 -27.03
N ILE G 423 -4.69 40.50 -28.04
CA ILE G 423 -4.99 39.39 -28.93
C ILE G 423 -5.26 38.14 -28.12
N TYR G 424 -4.51 37.94 -27.03
CA TYR G 424 -4.72 36.75 -26.22
C TYR G 424 -6.05 36.78 -25.47
N GLY G 425 -6.35 37.90 -24.81
CA GLY G 425 -7.56 37.97 -23.99
C GLY G 425 -8.82 37.82 -24.81
N VAL G 426 -8.81 38.32 -26.04
CA VAL G 426 -9.98 38.20 -26.91
C VAL G 426 -10.11 36.78 -27.44
N ALA G 427 -9.00 36.21 -27.93
CA ALA G 427 -9.05 34.89 -28.52
C ALA G 427 -9.39 33.82 -27.48
N ILE G 428 -8.83 33.94 -26.27
CA ILE G 428 -9.00 32.90 -25.27
C ILE G 428 -10.44 32.83 -24.78
N GLY G 429 -11.20 33.92 -24.88
CA GLY G 429 -12.60 33.87 -24.48
C GLY G 429 -13.36 32.77 -25.19
N GLY G 430 -12.91 32.38 -26.39
CA GLY G 430 -13.49 31.30 -27.15
C GLY G 430 -13.34 29.93 -26.53
N CYS G 431 -12.51 29.80 -25.49
CA CYS G 431 -12.51 28.57 -24.73
C CYS G 431 -13.78 28.41 -23.91
N THR G 432 -14.48 29.50 -23.62
CA THR G 432 -15.71 29.44 -22.85
C THR G 432 -16.96 29.77 -23.64
N TYR G 433 -16.97 30.78 -24.51
CA TYR G 433 -18.21 31.03 -25.23
C TYR G 433 -18.42 29.97 -26.29
N ALA G 434 -19.68 29.89 -26.76
CA ALA G 434 -20.13 28.90 -27.74
C ALA G 434 -19.96 27.47 -27.22
N GLY G 435 -20.02 27.30 -25.91
CA GLY G 435 -19.91 25.99 -25.29
C GLY G 435 -18.62 25.82 -24.54
N GLU G 436 -18.71 25.60 -23.24
CA GLU G 436 -17.52 25.37 -22.43
C GLU G 436 -16.70 24.23 -23.01
N ASN G 437 -15.38 24.43 -23.07
CA ASN G 437 -14.50 23.49 -23.76
C ASN G 437 -14.64 22.08 -23.19
N MET G 438 -14.64 21.96 -21.86
CA MET G 438 -14.83 20.66 -21.23
C MET G 438 -16.15 20.02 -21.68
N VAL G 439 -17.20 20.84 -21.76
CA VAL G 439 -18.51 20.31 -22.13
C VAL G 439 -18.55 19.93 -23.61
N MET G 440 -17.95 20.76 -24.47
CA MET G 440 -17.94 20.46 -25.90
C MET G 440 -17.08 19.25 -26.22
N LEU G 441 -16.02 19.01 -25.44
CA LEU G 441 -15.22 17.80 -25.66
C LEU G 441 -16.01 16.55 -25.27
N LEU G 442 -16.82 16.65 -24.21
CA LEU G 442 -17.67 15.53 -23.82
C LEU G 442 -18.82 15.36 -24.80
N GLN G 443 -19.29 16.45 -25.41
CA GLN G 443 -20.30 16.34 -26.45
C GLN G 443 -19.79 15.48 -27.61
N LEU G 444 -18.57 15.74 -28.06
CA LEU G 444 -17.97 14.89 -29.08
C LEU G 444 -17.77 13.47 -28.57
N ALA G 445 -17.43 13.32 -27.29
CA ALA G 445 -17.16 11.99 -26.73
C ALA G 445 -18.40 11.11 -26.77
N ARG G 446 -19.59 11.70 -26.68
CA ARG G 446 -20.82 10.93 -26.83
C ARG G 446 -20.90 10.34 -28.24
N TYR G 447 -20.53 11.12 -29.25
CA TYR G 447 -20.53 10.66 -30.64
C TYR G 447 -19.47 9.60 -30.86
N LEU G 448 -18.30 9.75 -30.21
CA LEU G 448 -17.27 8.73 -30.34
C LEU G 448 -17.67 7.44 -29.63
N VAL G 449 -18.43 7.54 -28.53
CA VAL G 449 -18.85 6.33 -27.83
C VAL G 449 -19.93 5.60 -28.62
N LYS G 450 -20.88 6.35 -29.18
CA LYS G 450 -21.84 5.79 -30.14
C LYS G 450 -21.10 5.04 -31.25
N SER G 451 -20.09 5.69 -31.84
CA SER G 451 -19.31 5.09 -32.92
C SER G 451 -18.60 3.83 -32.43
N ALA G 452 -18.11 3.85 -31.19
CA ALA G 452 -17.44 2.67 -30.65
C ALA G 452 -18.42 1.51 -30.46
N ALA G 453 -19.69 1.81 -30.17
CA ALA G 453 -20.68 0.76 -30.06
C ALA G 453 -21.01 0.16 -31.41
N LEU G 454 -20.90 0.96 -32.49
CA LEU G 454 -21.05 0.40 -33.82
C LEU G 454 -19.96 -0.63 -34.11
N VAL G 455 -18.71 -0.28 -33.77
CA VAL G 455 -17.60 -1.21 -33.99
C VAL G 455 -17.77 -2.45 -33.15
N LYS G 456 -18.01 -2.27 -31.85
CA LYS G 456 -18.07 -3.41 -30.94
C LYS G 456 -19.17 -4.40 -31.34
N SER G 457 -20.24 -3.91 -31.98
CA SER G 457 -21.41 -4.72 -32.27
C SER G 457 -21.44 -5.24 -33.70
N GLY G 458 -20.40 -4.97 -34.49
CA GLY G 458 -20.32 -5.46 -35.85
C GLY G 458 -20.84 -4.53 -36.92
N LYS G 459 -21.30 -3.33 -36.57
CA LYS G 459 -21.85 -2.39 -37.54
C LYS G 459 -20.81 -1.41 -38.04
N ALA G 460 -19.54 -1.83 -38.11
CA ALA G 460 -18.48 -0.91 -38.47
C ALA G 460 -18.73 -0.27 -39.82
N SER G 461 -19.41 -0.97 -40.72
CA SER G 461 -19.62 -0.42 -42.06
C SER G 461 -20.59 0.77 -42.06
N GLN G 462 -21.35 0.95 -40.98
CA GLN G 462 -22.25 2.09 -40.85
C GLN G 462 -21.56 3.34 -40.36
N LEU G 463 -20.26 3.28 -40.10
CA LEU G 463 -19.53 4.45 -39.64
C LEU G 463 -19.47 5.49 -40.74
N GLY G 464 -19.77 6.75 -40.38
CA GLY G 464 -19.65 7.86 -41.29
C GLY G 464 -18.20 8.08 -41.70
N PRO G 465 -17.99 8.84 -42.77
CA PRO G 465 -16.61 9.08 -43.25
C PRO G 465 -15.68 9.65 -42.19
N LEU G 466 -16.16 10.51 -41.29
CA LEU G 466 -15.28 11.18 -40.34
C LEU G 466 -14.77 10.27 -39.25
N VAL G 467 -15.24 9.03 -39.17
CA VAL G 467 -15.01 8.24 -37.97
C VAL G 467 -14.84 6.77 -38.38
N ALA G 468 -14.62 6.57 -39.69
CA ALA G 468 -14.46 5.23 -40.25
C ALA G 468 -13.19 4.55 -39.77
N TYR G 469 -12.18 5.33 -39.38
CA TYR G 469 -10.91 4.75 -38.95
C TYR G 469 -11.07 3.94 -37.68
N LEU G 470 -12.11 4.23 -36.89
CA LEU G 470 -12.37 3.44 -35.70
C LEU G 470 -12.66 1.99 -36.05
N GLY G 471 -13.11 1.73 -37.27
CA GLY G 471 -13.39 0.38 -37.69
C GLY G 471 -12.25 -0.29 -38.44
N ALA G 472 -11.30 0.51 -38.91
CA ALA G 472 -10.15 -0.05 -39.63
C ALA G 472 -9.27 -0.86 -38.68
N ARG G 473 -8.52 -1.80 -39.25
CA ARG G 473 -7.58 -2.62 -38.51
C ARG G 473 -6.19 -1.99 -38.56
N SER G 474 -5.50 -2.02 -37.43
CA SER G 474 -4.17 -1.44 -37.34
C SER G 474 -3.12 -2.47 -37.73
N GLU G 475 -2.10 -2.01 -38.42
CA GLU G 475 -0.91 -2.82 -38.63
C GLU G 475 -0.22 -3.02 -37.29
N PRO G 476 0.71 -3.98 -37.20
CA PRO G 476 1.34 -4.19 -35.89
C PRO G 476 2.08 -2.98 -35.33
N THR G 477 2.57 -2.03 -36.15
CA THR G 477 3.71 -1.31 -35.60
C THR G 477 4.00 0.13 -36.04
N SER G 478 3.24 0.76 -36.95
CA SER G 478 3.62 2.09 -37.46
C SER G 478 4.91 2.07 -38.28
N LEU G 479 4.86 2.65 -39.47
CA LEU G 479 5.96 2.55 -40.43
C LEU G 479 6.65 3.89 -40.66
N ILE G 480 6.70 4.72 -39.61
CA ILE G 480 7.55 5.91 -39.62
C ILE G 480 9.01 5.47 -39.59
N ASP G 481 9.81 6.00 -40.52
CA ASP G 481 11.22 5.66 -40.68
C ASP G 481 11.42 4.22 -41.17
N ARG G 482 10.48 3.70 -41.95
CA ARG G 482 10.55 2.30 -42.36
C ARG G 482 10.37 2.10 -43.87
N GLY G 487 6.02 10.85 -46.91
CA GLY G 487 6.10 10.23 -45.59
C GLY G 487 4.85 10.39 -44.75
N ILE G 488 4.00 11.35 -45.12
CA ILE G 488 2.92 11.79 -44.24
C ILE G 488 1.93 10.65 -43.93
N THR G 489 1.69 9.75 -44.88
CA THR G 489 0.64 8.76 -44.69
C THR G 489 0.92 7.87 -43.49
N GLU G 490 2.20 7.58 -43.23
CA GLU G 490 2.52 6.78 -42.04
C GLU G 490 2.32 7.58 -40.76
N TYR G 491 2.44 8.91 -40.83
CA TYR G 491 2.09 9.73 -39.66
C TYR G 491 0.59 9.74 -39.45
N ILE G 492 -0.17 9.94 -40.53
CA ILE G 492 -1.63 9.88 -40.43
C ILE G 492 -2.07 8.54 -39.85
N LYS G 493 -1.45 7.45 -40.32
CA LYS G 493 -1.84 6.14 -39.81
C LYS G 493 -1.43 5.97 -38.34
N THR G 494 -0.37 6.66 -37.90
CA THR G 494 -0.03 6.59 -36.47
C THR G 494 -1.02 7.39 -35.63
N PHE G 495 -1.40 8.57 -36.10
CA PHE G 495 -2.42 9.35 -35.40
C PHE G 495 -3.74 8.59 -35.34
N GLN G 496 -4.09 7.89 -36.43
CA GLN G 496 -5.33 7.13 -36.45
C GLN G 496 -5.32 6.02 -35.42
N HIS G 497 -4.17 5.34 -35.28
CA HIS G 497 -4.09 4.22 -34.35
C HIS G 497 -4.28 4.68 -32.91
N ILE G 498 -3.59 5.75 -32.52
CA ILE G 498 -3.64 6.17 -31.12
C ILE G 498 -5.00 6.77 -30.79
N ALA G 499 -5.65 7.42 -31.76
CA ALA G 499 -6.97 7.99 -31.51
C ALA G 499 -8.03 6.89 -31.45
N LYS G 500 -7.92 5.88 -32.32
CA LYS G 500 -8.83 4.75 -32.23
C LYS G 500 -8.63 3.98 -30.93
N ARG G 501 -7.36 3.73 -30.56
CA ARG G 501 -7.07 2.91 -29.39
C ARG G 501 -7.58 3.58 -28.12
N GLN G 502 -7.41 4.90 -28.00
CA GLN G 502 -7.89 5.61 -26.81
C GLN G 502 -9.41 5.72 -26.83
N THR G 503 -10.01 5.80 -28.02
CA THR G 503 -11.46 5.88 -28.10
C THR G 503 -12.10 4.57 -27.67
N LEU G 504 -11.62 3.45 -28.23
CA LEU G 504 -12.16 2.15 -27.84
C LEU G 504 -11.83 1.83 -26.40
N LYS G 505 -10.63 2.23 -25.94
CA LYS G 505 -10.25 1.97 -24.54
C LYS G 505 -11.14 2.74 -23.58
N ALA G 506 -11.35 4.04 -23.83
CA ALA G 506 -12.17 4.85 -22.93
C ALA G 506 -13.64 4.42 -23.01
N ALA G 507 -14.12 4.09 -24.21
CA ALA G 507 -15.50 3.61 -24.34
C ALA G 507 -15.72 2.33 -23.56
N ASN G 508 -14.77 1.40 -23.64
CA ASN G 508 -14.93 0.11 -22.98
C ASN G 508 -14.89 0.24 -21.47
N LYS G 509 -14.05 1.14 -20.94
CA LYS G 509 -14.07 1.43 -19.51
C LYS G 509 -15.47 1.86 -19.09
N PHE G 510 -16.08 2.75 -19.88
CA PHE G 510 -17.44 3.21 -19.61
C PHE G 510 -18.44 2.06 -19.70
N PHE G 511 -18.41 1.30 -20.80
CA PHE G 511 -19.31 0.16 -20.94
C PHE G 511 -19.11 -0.84 -19.80
N GLY G 512 -17.86 -1.03 -19.36
CA GLY G 512 -17.59 -2.04 -18.35
C GLY G 512 -18.07 -1.66 -16.96
N LEU G 513 -18.21 -0.36 -16.69
CA LEU G 513 -18.72 0.03 -15.39
C LEU G 513 -20.23 -0.13 -15.32
N MET G 514 -20.93 0.06 -16.44
CA MET G 514 -22.37 -0.21 -16.49
C MET G 514 -22.63 -1.71 -16.40
N GLU G 515 -21.89 -2.50 -17.18
CA GLU G 515 -22.02 -3.95 -17.12
C GLU G 515 -21.87 -4.46 -15.69
N ASN G 516 -21.02 -3.82 -14.90
CA ASN G 516 -20.78 -4.19 -13.51
C ASN G 516 -21.74 -3.52 -12.53
N GLY G 517 -22.72 -2.76 -13.02
CA GLY G 517 -23.83 -2.33 -12.18
C GLY G 517 -23.97 -0.85 -11.94
N GLU G 518 -23.05 -0.03 -12.42
CA GLU G 518 -23.12 1.40 -12.10
C GLU G 518 -24.07 2.11 -13.06
N LYS G 519 -24.73 3.15 -12.56
CA LYS G 519 -25.67 3.91 -13.37
C LYS G 519 -24.93 4.56 -14.53
N ARG G 520 -25.66 4.73 -15.65
CA ARG G 520 -25.08 5.27 -16.87
C ARG G 520 -24.33 6.58 -16.61
N GLU G 521 -24.95 7.47 -15.86
CA GLU G 521 -24.42 8.82 -15.73
C GLU G 521 -23.28 8.91 -14.72
N ILE G 522 -23.26 8.02 -13.72
CA ILE G 522 -22.14 7.96 -12.79
C ILE G 522 -20.95 7.28 -13.45
N ALA G 523 -21.20 6.24 -14.24
CA ALA G 523 -20.13 5.65 -15.03
C ALA G 523 -19.57 6.65 -16.02
N TRP G 524 -20.44 7.50 -16.57
CA TRP G 524 -19.96 8.53 -17.48
C TRP G 524 -19.06 9.53 -16.77
N ASN G 525 -19.49 10.03 -15.60
CA ASN G 525 -18.68 10.96 -14.84
C ASN G 525 -17.33 10.35 -14.50
N LYS G 526 -17.32 9.08 -14.09
CA LYS G 526 -16.08 8.44 -13.68
C LYS G 526 -15.13 8.22 -14.85
N SER G 527 -15.63 8.27 -16.09
CA SER G 527 -14.81 8.05 -17.26
C SER G 527 -14.54 9.34 -18.05
N SER G 528 -14.98 10.49 -17.55
CA SER G 528 -15.10 11.65 -18.43
C SER G 528 -13.74 12.22 -18.81
N VAL G 529 -12.77 12.24 -17.89
CA VAL G 529 -11.44 12.71 -18.24
C VAL G 529 -10.85 11.85 -19.35
N GLU G 530 -10.92 10.53 -19.17
CA GLU G 530 -10.43 9.60 -20.19
C GLU G 530 -11.14 9.83 -21.52
N LEU G 531 -12.46 10.03 -21.46
CA LEU G 531 -13.22 10.26 -22.69
C LEU G 531 -12.79 11.54 -23.39
N ASN G 532 -12.45 12.60 -22.64
CA ASN G 532 -11.99 13.82 -23.27
C ASN G 532 -10.61 13.64 -23.89
N ARG G 533 -9.83 12.67 -23.39
CA ARG G 533 -8.57 12.34 -24.05
C ARG G 533 -8.83 11.81 -25.46
N ALA G 534 -9.93 11.06 -25.62
CA ALA G 534 -10.27 10.51 -26.93
C ALA G 534 -10.70 11.62 -27.89
N SER G 535 -11.68 12.43 -27.48
CA SER G 535 -12.14 13.58 -28.26
C SER G 535 -10.96 14.39 -28.79
N ARG G 536 -10.02 14.70 -27.90
CA ARG G 536 -8.84 15.50 -28.27
C ARG G 536 -8.05 14.84 -29.39
N LEU G 537 -7.71 13.56 -29.23
CA LEU G 537 -6.90 12.87 -30.23
C LEU G 537 -7.65 12.72 -31.54
N HIS G 538 -8.94 12.40 -31.48
CA HIS G 538 -9.73 12.35 -32.71
C HIS G 538 -9.72 13.69 -33.40
N THR G 539 -9.86 14.77 -32.63
CA THR G 539 -9.88 16.09 -33.22
C THR G 539 -8.50 16.48 -33.74
N ARG G 540 -7.43 16.18 -33.00
CA ARG G 540 -6.09 16.49 -33.48
C ARG G 540 -5.72 15.68 -34.71
N LEU G 541 -6.31 14.48 -34.84
CA LEU G 541 -6.18 13.75 -36.10
C LEU G 541 -6.87 14.48 -37.25
N PHE G 542 -8.02 15.12 -37.01
CA PHE G 542 -8.73 15.76 -38.11
C PHE G 542 -7.92 16.91 -38.71
N ILE G 543 -7.33 17.75 -37.86
CA ILE G 543 -6.54 18.89 -38.34
C ILE G 543 -5.39 18.39 -39.21
N VAL G 544 -4.69 17.34 -38.77
CA VAL G 544 -3.62 16.76 -39.59
C VAL G 544 -4.16 16.38 -40.96
N GLU G 545 -5.26 15.61 -40.98
CA GLU G 545 -5.78 15.10 -42.24
C GLU G 545 -6.26 16.24 -43.14
N ALA G 546 -6.92 17.26 -42.56
CA ALA G 546 -7.33 18.40 -43.37
C ALA G 546 -6.12 19.14 -43.94
N PHE G 547 -5.06 19.26 -43.14
CA PHE G 547 -3.82 19.88 -43.61
C PHE G 547 -3.22 19.10 -44.76
N ALA G 548 -3.15 17.77 -44.64
CA ALA G 548 -2.55 16.95 -45.69
C ALA G 548 -3.42 16.94 -46.94
N ARG G 549 -4.75 16.96 -46.75
CA ARG G 549 -5.66 17.04 -47.89
C ARG G 549 -5.41 18.29 -48.72
N ARG G 550 -5.20 19.44 -48.07
CA ARG G 550 -4.92 20.67 -48.83
C ARG G 550 -3.59 20.58 -49.55
N VAL G 551 -2.58 20.02 -48.88
CA VAL G 551 -1.24 19.93 -49.49
C VAL G 551 -1.30 19.12 -50.78
N ASN G 552 -2.18 18.13 -50.83
CA ASN G 552 -2.28 17.29 -52.02
C ASN G 552 -3.14 17.93 -53.10
N GLU G 553 -4.04 18.85 -52.73
CA GLU G 553 -4.89 19.50 -53.72
C GLU G 553 -4.14 20.54 -54.55
N ILE G 554 -2.92 20.90 -54.15
CA ILE G 554 -2.22 22.05 -54.72
C ILE G 554 -1.30 21.61 -55.86
N GLY G 555 -1.39 22.31 -57.00
CA GLY G 555 -0.55 22.02 -58.15
C GLY G 555 0.69 22.89 -58.31
N ASP G 556 0.60 24.16 -57.92
CA ASP G 556 1.73 25.08 -57.91
C ASP G 556 2.84 24.52 -57.01
N ILE G 557 3.98 24.15 -57.61
CA ILE G 557 4.93 23.28 -56.92
C ILE G 557 5.62 24.00 -55.78
N THR G 558 5.92 25.30 -55.96
CA THR G 558 6.59 26.05 -54.90
C THR G 558 5.70 26.20 -53.68
N ILE G 559 4.42 26.50 -53.90
CA ILE G 559 3.46 26.58 -52.80
C ILE G 559 3.36 25.22 -52.12
N LYS G 560 3.23 24.17 -52.91
CA LYS G 560 3.05 22.82 -52.38
C LYS G 560 4.23 22.42 -51.51
N GLU G 561 5.46 22.73 -51.95
CA GLU G 561 6.65 22.39 -51.19
C GLU G 561 6.73 23.19 -49.90
N ALA G 562 6.34 24.46 -49.94
CA ALA G 562 6.36 25.29 -48.74
C ALA G 562 5.38 24.75 -47.69
N LEU G 563 4.13 24.51 -48.09
CA LEU G 563 3.16 23.95 -47.16
C LEU G 563 3.49 22.52 -46.78
N SER G 564 4.20 21.79 -47.66
CA SER G 564 4.60 20.42 -47.32
C SER G 564 5.64 20.42 -46.21
N ASP G 565 6.61 21.34 -46.27
CA ASP G 565 7.56 21.50 -45.18
C ASP G 565 6.83 21.79 -43.86
N LEU G 566 5.88 22.72 -43.91
CA LEU G 566 5.08 23.05 -42.73
C LEU G 566 4.35 21.83 -42.20
N LEU G 567 3.73 21.05 -43.09
CA LEU G 567 2.99 19.87 -42.66
C LEU G 567 3.91 18.87 -41.97
N HIS G 568 5.14 18.72 -42.48
CA HIS G 568 6.10 17.81 -41.86
C HIS G 568 6.49 18.29 -40.47
N LEU G 569 6.66 19.61 -40.30
CA LEU G 569 6.89 20.15 -38.98
C LEU G 569 5.70 19.87 -38.07
N HIS G 570 4.49 20.07 -38.59
CA HIS G 570 3.28 19.83 -37.83
C HIS G 570 3.20 18.39 -37.32
N VAL G 571 3.35 17.41 -38.22
CA VAL G 571 3.11 16.03 -37.80
C VAL G 571 4.18 15.56 -36.80
N ASN G 572 5.40 16.10 -36.87
CA ASN G 572 6.40 15.66 -35.92
C ASN G 572 6.25 16.35 -34.57
N TYR G 573 5.86 17.63 -34.57
CA TYR G 573 5.66 18.33 -33.31
C TYR G 573 4.46 17.76 -32.56
N GLU G 574 3.32 17.60 -33.26
CA GLU G 574 2.14 17.05 -32.62
C GLU G 574 2.37 15.61 -32.16
N LEU G 575 2.92 14.77 -33.03
CA LEU G 575 3.14 13.39 -32.65
C LEU G 575 4.04 13.27 -31.43
N LEU G 576 5.09 14.09 -31.39
CA LEU G 576 5.94 14.10 -30.20
C LEU G 576 5.14 14.52 -28.97
N ASP G 577 4.22 15.48 -29.13
CA ASP G 577 3.41 15.94 -28.01
C ASP G 577 2.46 14.87 -27.49
N VAL G 578 2.11 13.89 -28.31
CA VAL G 578 1.21 12.81 -27.91
C VAL G 578 1.93 11.46 -27.90
N ALA G 579 3.27 11.47 -27.88
CA ALA G 579 4.05 10.24 -28.00
C ALA G 579 3.67 9.19 -26.97
N THR G 580 3.27 9.62 -25.77
CA THR G 580 2.85 8.68 -24.73
C THR G 580 1.85 7.65 -25.24
N TYR G 581 0.90 8.09 -26.07
CA TYR G 581 -0.11 7.18 -26.57
C TYR G 581 0.45 6.22 -27.62
N ALA G 582 1.50 6.63 -28.34
CA ALA G 582 2.07 5.76 -29.36
C ALA G 582 3.03 4.72 -28.76
N LEU G 583 3.60 5.01 -27.60
CA LEU G 583 4.56 4.12 -26.96
C LEU G 583 3.92 3.05 -26.11
N GLU G 584 2.74 3.34 -25.55
CA GLU G 584 2.10 2.50 -24.54
C GLU G 584 1.99 1.04 -24.97
N ASP G 585 1.49 0.80 -26.18
CA ASP G 585 1.30 -0.55 -26.70
C ASP G 585 2.44 -0.99 -27.59
N GLY G 586 3.57 -0.27 -27.55
CA GLY G 586 4.70 -0.62 -28.39
C GLY G 586 4.48 -0.29 -29.85
N PHE G 587 3.40 0.44 -30.16
CA PHE G 587 3.18 0.82 -31.55
C PHE G 587 4.38 1.60 -32.09
N MET G 588 4.91 2.53 -31.30
CA MET G 588 6.16 3.19 -31.65
C MET G 588 7.31 2.69 -30.78
N SER G 589 8.51 2.72 -31.34
CA SER G 589 9.74 2.39 -30.62
C SER G 589 10.49 3.67 -30.24
N SER G 590 11.35 3.55 -29.24
CA SER G 590 12.30 4.58 -28.84
C SER G 590 13.00 5.18 -30.06
N THR G 591 13.42 4.31 -30.98
CA THR G 591 14.18 4.74 -32.15
C THR G 591 13.34 5.60 -33.09
N GLN G 592 12.09 5.19 -33.31
CA GLN G 592 11.18 6.00 -34.14
C GLN G 592 10.89 7.34 -33.48
N LEU G 593 10.90 7.39 -32.15
CA LEU G 593 10.63 8.65 -31.47
C LEU G 593 11.80 9.60 -31.59
N ASP G 594 13.03 9.06 -31.53
CA ASP G 594 14.20 9.90 -31.81
C ASP G 594 14.22 10.38 -33.26
N TYR G 595 13.69 9.57 -34.19
CA TYR G 595 13.53 10.04 -35.57
C TYR G 595 12.59 11.24 -35.63
N VAL G 596 11.48 11.16 -34.91
CA VAL G 596 10.54 12.28 -34.85
C VAL G 596 11.20 13.51 -34.25
N ARG G 597 12.04 13.32 -33.25
CA ARG G 597 12.73 14.47 -32.64
C ARG G 597 13.69 15.10 -33.63
N ASP G 598 14.54 14.29 -34.28
CA ASP G 598 15.49 14.80 -35.26
C ASP G 598 14.76 15.45 -36.43
N GLN G 599 13.60 14.91 -36.81
CA GLN G 599 12.80 15.50 -37.88
C GLN G 599 12.24 16.86 -37.47
N LEU G 600 11.79 16.98 -36.21
CA LEU G 600 11.29 18.26 -35.71
C LEU G 600 12.35 19.33 -35.84
N TYR G 601 13.56 19.07 -35.33
CA TYR G 601 14.62 20.06 -35.36
C TYR G 601 15.11 20.31 -36.78
N PHE G 602 15.03 19.31 -37.66
CA PHE G 602 15.38 19.53 -39.06
C PHE G 602 14.40 20.48 -39.73
N TYR G 603 13.10 20.28 -39.50
CA TYR G 603 12.12 21.08 -40.21
C TYR G 603 11.97 22.48 -39.63
N LEU G 604 12.40 22.68 -38.39
CA LEU G 604 12.56 24.05 -37.87
C LEU G 604 13.52 24.83 -38.75
N GLN G 605 14.69 24.26 -38.98
CA GLN G 605 15.75 24.90 -39.76
C GLN G 605 15.38 25.01 -41.24
N LYS G 606 14.65 24.02 -41.76
CA LYS G 606 14.17 24.08 -43.14
C LYS G 606 13.17 25.21 -43.31
N ILE G 607 12.30 25.42 -42.32
CA ILE G 607 11.19 26.35 -42.49
C ILE G 607 11.67 27.79 -42.37
N ARG G 608 12.73 28.03 -41.58
CA ARG G 608 13.17 29.38 -41.21
C ARG G 608 13.24 30.37 -42.37
N PRO G 609 13.89 30.08 -43.50
CA PRO G 609 13.94 31.10 -44.57
C PRO G 609 12.57 31.46 -45.12
N ASN G 610 11.54 30.68 -44.85
CA ASN G 610 10.19 30.98 -45.28
C ASN G 610 9.31 31.52 -44.16
N ALA G 611 9.79 31.48 -42.92
CA ALA G 611 8.95 31.79 -41.77
C ALA G 611 8.24 33.13 -41.93
N VAL G 612 9.00 34.18 -42.25
CA VAL G 612 8.40 35.52 -42.32
C VAL G 612 7.47 35.62 -43.53
N SER G 613 7.78 34.91 -44.62
CA SER G 613 6.93 34.99 -45.81
C SER G 613 5.63 34.24 -45.60
N LEU G 614 5.68 33.09 -44.91
CA LEU G 614 4.46 32.35 -44.59
C LEU G 614 3.50 33.19 -43.78
N LEU G 615 4.02 34.12 -42.96
CA LEU G 615 3.17 35.00 -42.17
C LEU G 615 2.76 36.25 -42.92
N ASP G 616 3.65 36.81 -43.73
CA ASP G 616 3.29 37.89 -44.63
C ASP G 616 2.19 37.48 -45.60
N SER G 617 2.08 36.17 -45.90
CA SER G 617 1.07 35.68 -46.83
C SER G 617 -0.35 35.87 -46.30
N TRP G 618 -0.51 36.12 -45.00
CA TRP G 618 -1.82 36.47 -44.46
C TRP G 618 -2.21 37.90 -44.78
N GLU G 619 -1.21 38.73 -45.07
CA GLU G 619 -1.37 40.08 -45.61
C GLU G 619 -2.27 40.94 -44.70
N PHE G 620 -1.78 41.11 -43.48
CA PHE G 620 -2.37 42.01 -42.50
C PHE G 620 -1.63 43.34 -42.57
N SER G 621 -2.37 44.41 -42.82
CA SER G 621 -1.76 45.74 -42.79
C SER G 621 -1.53 46.17 -41.34
N ASP G 622 -0.72 47.21 -41.17
CA ASP G 622 -0.44 47.74 -39.83
C ASP G 622 -1.71 48.24 -39.17
N ARG G 623 -2.60 48.88 -39.95
CA ARG G 623 -3.87 49.35 -39.39
C ARG G 623 -4.71 48.19 -38.88
N GLU G 624 -4.58 47.02 -39.49
CA GLU G 624 -5.29 45.86 -38.96
C GLU G 624 -4.56 45.29 -37.76
N LEU G 625 -3.23 45.20 -37.83
CA LEU G 625 -2.43 44.44 -36.85
C LEU G 625 -2.22 45.19 -35.54
N ARG G 626 -2.11 46.53 -35.59
CA ARG G 626 -2.11 47.40 -34.41
C ARG G 626 -0.91 47.15 -33.49
N SER G 627 0.21 46.70 -34.04
CA SER G 627 1.37 46.35 -33.24
C SER G 627 2.57 47.19 -33.63
N VAL G 628 3.22 47.80 -32.64
CA VAL G 628 4.45 48.52 -32.90
C VAL G 628 5.59 47.55 -33.14
N LEU G 629 5.68 46.49 -32.33
CA LEU G 629 6.74 45.51 -32.53
C LEU G 629 6.57 44.77 -33.85
N GLY G 630 5.35 44.73 -34.39
CA GLY G 630 5.08 43.95 -35.59
C GLY G 630 4.93 44.75 -36.85
N ARG G 631 5.40 46.00 -36.85
CA ARG G 631 5.29 46.87 -38.02
C ARG G 631 5.79 46.18 -39.28
N ARG G 632 5.02 46.29 -40.36
CA ARG G 632 5.37 45.74 -41.66
C ARG G 632 6.80 46.08 -42.05
N ASP G 633 7.25 47.30 -41.72
CA ASP G 633 8.53 47.80 -42.20
C ASP G 633 9.70 47.48 -41.29
N GLY G 634 9.46 46.97 -40.08
CA GLY G 634 10.52 46.55 -39.18
C GLY G 634 11.23 47.66 -38.44
N HIS G 635 10.76 48.92 -38.53
CA HIS G 635 11.38 50.03 -37.81
C HIS G 635 10.78 50.11 -36.41
N VAL G 636 11.20 49.17 -35.57
CA VAL G 636 10.61 49.01 -34.24
C VAL G 636 11.05 50.12 -33.30
N TYR G 637 12.36 50.21 -33.06
CA TYR G 637 12.86 50.95 -31.90
C TYR G 637 12.45 52.42 -31.94
N GLU G 638 12.63 53.08 -33.09
CA GLU G 638 12.29 54.50 -33.15
C GLU G 638 10.80 54.71 -32.88
N ASN G 639 9.95 53.86 -33.44
CA ASN G 639 8.52 54.01 -33.25
C ASN G 639 8.06 53.49 -31.90
N LEU G 640 8.87 52.69 -31.22
CA LEU G 640 8.55 52.28 -29.85
C LEU G 640 8.84 53.41 -28.87
N PHE G 641 9.93 54.16 -29.10
CA PHE G 641 10.22 55.34 -28.29
C PHE G 641 9.11 56.37 -28.41
N LYS G 642 8.64 56.63 -29.64
CA LYS G 642 7.57 57.59 -29.86
C LYS G 642 6.29 57.14 -29.17
N TRP G 643 5.93 55.86 -29.35
CA TRP G 643 4.71 55.32 -28.78
C TRP G 643 4.70 55.49 -27.26
N ALA G 644 5.84 55.24 -26.62
CA ALA G 644 5.95 55.49 -25.18
C ALA G 644 5.82 56.97 -24.88
N LYS G 645 6.57 57.81 -25.60
CA LYS G 645 6.59 59.24 -25.31
C LYS G 645 5.21 59.87 -25.47
N GLU G 646 4.37 59.34 -26.36
CA GLU G 646 3.06 59.93 -26.63
C GLU G 646 1.93 59.29 -25.83
N SER G 647 2.25 58.35 -24.93
CA SER G 647 1.24 57.64 -24.15
C SER G 647 0.73 58.51 -22.99
N PRO G 648 -0.46 58.22 -22.45
CA PRO G 648 -1.16 59.22 -21.62
C PRO G 648 -0.46 59.57 -20.32
N LEU G 649 0.34 58.66 -19.75
CA LEU G 649 0.95 58.97 -18.46
C LEU G 649 2.10 59.96 -18.58
N ASN G 650 2.57 60.24 -19.80
CA ASN G 650 3.67 61.16 -20.05
C ASN G 650 3.18 62.55 -20.45
N LYS G 651 1.88 62.83 -20.35
CA LYS G 651 1.39 64.18 -20.59
C LYS G 651 2.08 65.18 -19.65
N THR G 652 2.16 64.84 -18.37
CA THR G 652 2.84 65.68 -17.40
C THR G 652 4.08 64.96 -16.87
N ASP G 653 5.01 65.77 -16.38
CA ASP G 653 6.28 65.27 -15.88
C ASP G 653 6.17 64.74 -14.45
N VAL G 654 5.53 65.51 -13.57
CA VAL G 654 5.32 65.11 -12.18
C VAL G 654 3.84 64.82 -11.99
N LEU G 655 3.53 63.58 -11.61
CA LEU G 655 2.16 63.11 -11.61
C LEU G 655 1.37 63.70 -10.45
N PRO G 656 0.03 63.80 -10.57
CA PRO G 656 -0.78 64.18 -9.41
C PRO G 656 -0.51 63.30 -8.21
N SER G 657 -0.29 62.00 -8.42
CA SER G 657 0.01 61.11 -7.31
C SER G 657 1.27 61.55 -6.58
N VAL G 658 2.20 62.23 -7.28
CA VAL G 658 3.42 62.69 -6.62
C VAL G 658 3.18 64.01 -5.88
N ASP G 659 2.35 64.89 -6.42
CA ASP G 659 2.13 66.16 -5.73
C ASP G 659 1.21 65.96 -4.53
N THR G 660 0.07 65.29 -4.73
CA THR G 660 -0.90 65.10 -3.64
C THR G 660 -0.30 64.26 -2.53
N TYR G 661 0.03 63.02 -2.84
CA TYR G 661 0.68 62.07 -1.94
C TYR G 661 2.16 62.06 -2.27
N LEU G 662 2.92 61.21 -1.57
CA LEU G 662 4.24 60.78 -2.03
C LEU G 662 5.33 61.84 -1.83
N LYS G 663 5.20 63.01 -2.46
CA LYS G 663 6.15 64.07 -2.12
C LYS G 663 5.95 64.54 -0.69
N PRO G 664 4.73 64.85 -0.24
CA PRO G 664 4.53 65.06 1.21
C PRO G 664 5.04 63.90 2.06
N MET G 665 4.81 62.65 1.63
CA MET G 665 5.30 61.50 2.38
C MET G 665 6.81 61.55 2.56
N MET G 666 7.54 61.91 1.50
CA MET G 666 9.00 61.95 1.59
C MET G 666 9.45 63.10 2.50
N GLU G 667 8.83 64.28 2.35
CA GLU G 667 9.15 65.41 3.21
C GLU G 667 9.07 65.03 4.69
N LYS G 668 8.01 64.29 5.06
CA LYS G 668 7.83 63.81 6.44
C LYS G 668 8.75 62.61 6.66
N ALA G 669 10.03 62.91 6.89
CA ALA G 669 11.07 61.95 7.24
C ALA G 669 12.46 62.59 7.15
N VAL H 2 -16.09 24.30 18.14
CA VAL H 2 -15.72 24.89 16.87
C VAL H 2 -15.71 23.84 15.77
N HIS H 3 -15.57 24.31 14.54
CA HIS H 3 -15.40 23.43 13.39
C HIS H 3 -13.92 23.31 13.07
N LEU H 4 -13.54 22.17 12.48
CA LEU H 4 -12.17 21.99 12.05
C LEU H 4 -11.76 23.06 11.04
N ASN H 5 -12.66 23.39 10.12
CA ASN H 5 -12.45 24.52 9.21
C ASN H 5 -12.80 25.81 9.94
N LYS H 6 -11.81 26.68 10.12
CA LYS H 6 -11.96 27.90 10.89
C LYS H 6 -12.53 29.06 10.07
N THR H 7 -12.89 28.84 8.80
CA THR H 7 -13.38 29.92 7.96
C THR H 7 -14.90 29.98 7.90
N ILE H 8 -15.59 28.91 8.27
CA ILE H 8 -17.05 28.91 8.35
C ILE H 8 -17.51 30.02 9.29
N GLN H 9 -18.50 30.79 8.85
CA GLN H 9 -19.22 31.74 9.68
C GLN H 9 -20.71 31.54 9.47
N GLU H 10 -21.51 31.94 10.47
CA GLU H 10 -22.95 31.82 10.37
C GLU H 10 -23.46 32.70 9.25
N GLY H 11 -24.46 32.21 8.51
CA GLY H 11 -25.03 32.93 7.40
C GLY H 11 -24.39 32.65 6.06
N ASP H 12 -23.23 32.01 6.03
CA ASP H 12 -22.58 31.67 4.77
C ASP H 12 -23.50 30.81 3.91
N ASN H 13 -23.23 30.85 2.60
CA ASN H 13 -23.94 30.01 1.63
C ASN H 13 -23.77 28.55 2.02
N PRO H 14 -24.85 27.80 2.27
CA PRO H 14 -24.71 26.41 2.71
C PRO H 14 -24.07 25.49 1.68
N ASP H 15 -24.23 25.77 0.38
CA ASP H 15 -23.54 24.96 -0.62
C ASP H 15 -22.03 25.00 -0.41
N LEU H 16 -21.50 26.11 0.07
CA LEU H 16 -20.07 26.23 0.35
C LEU H 16 -19.72 25.69 1.74
N THR H 17 -20.54 26.00 2.74
CA THR H 17 -20.31 25.49 4.09
C THR H 17 -20.23 23.96 4.09
N ALA H 18 -21.07 23.31 3.29
CA ALA H 18 -21.07 21.85 3.28
C ALA H 18 -19.73 21.30 2.80
N GLU H 19 -19.02 22.05 1.93
CA GLU H 19 -17.67 21.64 1.52
C GLU H 19 -16.64 21.89 2.62
N ARG H 20 -16.88 22.85 3.52
CA ARG H 20 -15.95 23.11 4.60
C ARG H 20 -16.17 22.14 5.76
N LEU H 21 -17.43 21.74 5.96
CA LEU H 21 -17.76 20.84 7.06
C LEU H 21 -17.09 19.48 6.92
N THR H 22 -16.64 19.11 5.72
CA THR H 22 -16.02 17.81 5.50
C THR H 22 -14.53 17.79 5.76
N ALA H 23 -13.97 18.88 6.29
CA ALA H 23 -12.53 18.95 6.51
C ALA H 23 -12.09 17.93 7.56
N THR H 24 -10.91 17.36 7.35
CA THR H 24 -10.35 16.41 8.29
C THR H 24 -9.23 16.99 9.13
N PHE H 25 -8.93 18.27 8.96
CA PHE H 25 -7.83 18.90 9.66
C PHE H 25 -8.22 20.32 10.04
N ASP H 26 -7.49 20.85 11.00
CA ASP H 26 -7.71 22.19 11.52
C ASP H 26 -6.99 23.19 10.61
N THR H 27 -7.71 24.22 10.11
CA THR H 27 -7.16 25.06 9.04
C THR H 27 -6.13 26.08 9.54
N HIS H 28 -6.14 26.46 10.82
CA HIS H 28 -5.04 27.28 11.34
C HIS H 28 -3.75 26.47 11.34
N ALA H 29 -3.86 25.17 11.60
CA ALA H 29 -2.68 24.30 11.68
C ALA H 29 -2.08 24.10 10.30
N MET H 30 -2.92 24.06 9.27
CA MET H 30 -2.40 23.99 7.91
C MET H 30 -1.78 25.32 7.51
N ALA H 31 -2.38 26.43 7.96
CA ALA H 31 -1.80 27.74 7.72
C ALA H 31 -0.37 27.81 8.27
N ALA H 32 -0.18 27.31 9.49
CA ALA H 32 1.15 27.28 10.09
C ALA H 32 2.14 26.53 9.18
N GLN H 33 1.69 25.42 8.59
CA GLN H 33 2.53 24.70 7.65
C GLN H 33 2.83 25.54 6.42
N ILE H 34 1.83 26.25 5.91
CA ILE H 34 1.97 27.00 4.66
C ILE H 34 2.94 28.16 4.84
N TYR H 35 2.85 28.86 5.97
CA TYR H 35 3.60 30.08 6.19
C TYR H 35 4.79 29.92 7.13
N GLY H 36 5.16 28.69 7.45
CA GLY H 36 6.40 28.44 8.13
C GLY H 36 6.39 28.66 9.64
N GLY H 37 5.27 28.43 10.29
CA GLY H 37 5.22 28.50 11.73
C GLY H 37 3.89 29.02 12.24
N GLU H 38 3.49 28.53 13.41
CA GLU H 38 2.22 28.91 14.00
C GLU H 38 2.16 30.40 14.27
N MET H 39 3.28 30.99 14.73
CA MET H 39 3.29 32.41 15.03
C MET H 39 3.19 33.25 13.76
N ARG H 40 3.93 32.87 12.72
CA ARG H 40 3.84 33.63 11.47
C ARG H 40 2.42 33.62 10.93
N ALA H 41 1.75 32.48 11.01
CA ALA H 41 0.37 32.40 10.51
C ALA H 41 -0.56 33.23 11.37
N ARG H 42 -0.40 33.18 12.70
CA ARG H 42 -1.29 33.95 13.56
C ARG H 42 -1.13 35.44 13.33
N ARG H 43 0.10 35.90 13.08
CA ARG H 43 0.29 37.32 12.79
C ARG H 43 -0.45 37.74 11.53
N ARG H 44 -0.48 36.88 10.51
CA ARG H 44 -1.26 37.18 9.31
C ARG H 44 -2.70 37.49 9.65
N ARG H 45 -3.31 36.66 10.51
CA ARG H 45 -4.71 36.87 10.85
C ARG H 45 -4.89 38.09 11.75
N GLU H 46 -3.92 38.36 12.63
CA GLU H 46 -4.00 39.54 13.48
C GLU H 46 -3.86 40.82 12.66
N ILE H 47 -2.98 40.80 11.66
CA ILE H 47 -2.86 41.92 10.74
C ILE H 47 -4.15 42.14 9.98
N THR H 48 -4.78 41.05 9.54
CA THR H 48 -6.03 41.13 8.80
C THR H 48 -7.16 41.68 9.67
N ALA H 49 -7.21 41.25 10.93
CA ALA H 49 -8.24 41.77 11.83
C ALA H 49 -7.98 43.23 12.18
N LYS H 50 -6.71 43.64 12.25
CA LYS H 50 -6.41 45.03 12.57
C LYS H 50 -6.77 45.95 11.41
N LEU H 51 -6.49 45.51 10.17
CA LEU H 51 -6.82 46.30 9.00
C LEU H 51 -8.33 46.42 8.78
N ALA H 52 -9.12 45.54 9.40
CA ALA H 52 -10.57 45.66 9.30
C ALA H 52 -11.07 46.88 10.05
N GLU H 53 -10.32 47.34 11.05
CA GLU H 53 -10.69 48.51 11.84
C GLU H 53 -10.16 49.82 11.26
N ILE H 54 -9.45 49.78 10.15
CA ILE H 54 -8.87 50.96 9.51
C ILE H 54 -9.40 51.06 8.09
N PRO H 55 -10.58 51.63 7.88
CA PRO H 55 -11.13 51.72 6.51
C PRO H 55 -10.33 52.62 5.57
N GLU H 56 -9.52 53.54 6.10
CA GLU H 56 -8.67 54.38 5.25
C GLU H 56 -7.82 53.54 4.31
N LEU H 57 -7.48 52.32 4.72
CA LEU H 57 -6.59 51.43 3.98
C LEU H 57 -7.35 50.40 3.13
N HIS H 58 -8.64 50.60 2.90
CA HIS H 58 -9.41 49.71 2.05
C HIS H 58 -9.48 50.28 0.64
N ASP H 59 -9.71 49.39 -0.32
CA ASP H 59 -9.97 49.85 -1.68
C ASP H 59 -11.11 50.85 -1.67
N SER H 60 -10.82 52.09 -2.05
CA SER H 60 -11.84 53.13 -1.98
C SER H 60 -13.02 52.79 -2.89
N MET H 61 -12.75 52.14 -4.02
CA MET H 61 -13.78 51.47 -4.80
C MET H 61 -13.14 50.27 -5.48
N PRO H 62 -13.94 49.31 -5.92
CA PRO H 62 -13.39 48.13 -6.59
C PRO H 62 -12.41 48.51 -7.69
N LEU H 63 -11.23 47.89 -7.65
CA LEU H 63 -10.14 48.28 -8.56
C LEU H 63 -10.46 48.09 -10.04
N PRO H 64 -11.18 47.05 -10.49
CA PRO H 64 -11.51 46.94 -11.92
C PRO H 64 -12.31 48.12 -12.46
N TYR H 65 -12.96 48.91 -11.60
CA TYR H 65 -13.70 50.08 -12.07
C TYR H 65 -12.81 51.21 -12.55
N MET H 66 -11.52 51.19 -12.25
CA MET H 66 -10.68 52.38 -12.32
C MET H 66 -9.87 52.43 -13.60
N THR H 67 -9.74 53.64 -14.14
CA THR H 67 -8.72 53.94 -15.13
C THR H 67 -7.33 53.76 -14.51
N ARG H 68 -6.31 53.70 -15.38
CA ARG H 68 -4.94 53.60 -14.91
C ARG H 68 -4.61 54.76 -13.97
N GLU H 69 -4.99 55.98 -14.36
CA GLU H 69 -4.74 57.16 -13.54
C GLU H 69 -5.39 57.01 -12.16
N GLU H 70 -6.64 56.55 -12.13
CA GLU H 70 -7.35 56.41 -10.85
C GLU H 70 -6.68 55.38 -9.95
N LYS H 71 -6.24 54.25 -10.53
CA LYS H 71 -5.54 53.23 -9.76
C LYS H 71 -4.26 53.77 -9.13
N ILE H 72 -3.47 54.50 -9.92
CA ILE H 72 -2.19 55.02 -9.44
C ILE H 72 -2.42 55.99 -8.29
N MET H 73 -3.44 56.86 -8.42
CA MET H 73 -3.80 57.74 -7.32
C MET H 73 -4.21 56.94 -6.09
N GLU H 74 -5.08 55.93 -6.28
CA GLU H 74 -5.53 55.12 -5.16
C GLU H 74 -4.37 54.43 -4.47
N SER H 75 -3.40 53.94 -5.24
CA SER H 75 -2.28 53.23 -4.65
C SER H 75 -1.41 54.16 -3.81
N ALA H 76 -1.13 55.36 -4.30
CA ALA H 76 -0.33 56.31 -3.53
C ALA H 76 -1.10 56.78 -2.30
N ARG H 77 -2.41 56.97 -2.42
CA ARG H 77 -3.22 57.31 -1.26
C ARG H 77 -3.03 56.29 -0.15
N LYS H 78 -3.20 55.01 -0.48
CA LYS H 78 -3.04 53.97 0.53
C LYS H 78 -1.59 53.89 1.00
N LEU H 79 -0.63 54.15 0.11
CA LEU H 79 0.78 53.99 0.48
C LEU H 79 1.20 55.02 1.53
N THR H 80 0.80 56.29 1.36
CA THR H 80 1.13 57.30 2.37
C THR H 80 0.53 56.93 3.72
N VAL H 81 -0.76 56.60 3.73
CA VAL H 81 -1.38 56.15 4.98
C VAL H 81 -0.66 54.92 5.52
N LEU H 82 -0.27 54.01 4.62
CA LEU H 82 0.43 52.80 5.04
C LEU H 82 1.73 53.14 5.76
N THR H 83 2.57 53.97 5.15
CA THR H 83 3.89 54.25 5.74
C THR H 83 3.75 54.97 7.07
N GLN H 84 2.68 55.76 7.24
CA GLN H 84 2.51 56.49 8.48
C GLN H 84 2.08 55.56 9.62
N ARG H 85 1.12 54.68 9.36
CA ARG H 85 0.51 53.86 10.41
C ARG H 85 1.12 52.46 10.48
N MET H 86 2.23 52.21 9.77
CA MET H 86 2.78 50.86 9.65
C MET H 86 3.06 50.24 11.02
N SER H 87 3.62 51.02 11.94
CA SER H 87 4.08 50.47 13.20
C SER H 87 2.92 50.05 14.10
N GLU H 88 1.73 50.61 13.88
CA GLU H 88 0.57 50.18 14.66
C GLU H 88 0.10 48.79 14.28
N ILE H 89 0.46 48.32 13.09
CA ILE H 89 -0.04 47.05 12.58
C ILE H 89 1.03 45.97 12.59
N ILE H 90 2.31 46.35 12.43
CA ILE H 90 3.34 45.50 11.87
C ILE H 90 4.62 45.72 12.67
N ASP H 91 5.49 44.70 12.65
CA ASP H 91 6.88 44.93 12.99
C ASP H 91 7.61 45.24 11.68
N PRO H 92 7.95 46.51 11.47
CA PRO H 92 8.63 46.93 10.25
C PRO H 92 9.91 46.14 9.98
N THR H 93 10.26 45.24 10.90
CA THR H 93 11.46 44.43 10.75
C THR H 93 11.11 42.98 10.43
N ASP H 94 10.08 42.80 9.62
CA ASP H 94 9.63 41.46 9.23
C ASP H 94 9.78 41.24 7.73
N ALA H 95 9.87 39.98 7.32
CA ALA H 95 10.02 39.64 5.91
C ALA H 95 8.79 39.99 5.06
N GLY H 96 7.75 39.16 5.07
CA GLY H 96 7.09 38.70 6.28
C GLY H 96 5.80 39.44 6.56
N GLU H 97 5.80 40.22 7.63
CA GLU H 97 4.63 41.01 8.01
C GLU H 97 4.34 42.10 7.00
N LEU H 98 5.40 42.65 6.41
CA LEU H 98 5.26 43.72 5.43
C LEU H 98 4.75 43.17 4.09
N TYR H 99 5.21 41.98 3.71
CA TYR H 99 4.72 41.34 2.50
C TYR H 99 3.20 41.14 2.57
N HIS H 100 2.72 40.60 3.69
CA HIS H 100 1.29 40.34 3.84
C HIS H 100 0.49 41.63 3.93
N LEU H 101 1.00 42.60 4.70
CA LEU H 101 0.35 43.92 4.76
C LEU H 101 0.16 44.48 3.36
N ASN H 102 1.22 44.49 2.56
CA ASN H 102 1.14 45.01 1.19
C ASN H 102 0.10 44.26 0.37
N ASN H 103 0.05 42.93 0.50
CA ASN H 103 -0.90 42.13 -0.27
C ASN H 103 -2.35 42.54 0.02
N GLU H 104 -2.67 42.75 1.30
CA GLU H 104 -4.01 43.21 1.65
C GLU H 104 -4.24 44.63 1.16
N VAL H 105 -3.34 45.55 1.51
CA VAL H 105 -3.59 46.98 1.29
C VAL H 105 -3.34 47.37 -0.16
N LEU H 106 -2.22 46.95 -0.73
CA LEU H 106 -1.81 47.41 -2.06
C LEU H 106 -2.14 46.42 -3.17
N GLY H 107 -2.15 45.12 -2.88
CA GLY H 107 -2.52 44.13 -3.87
C GLY H 107 -1.43 43.88 -4.88
N ILE H 108 -1.84 43.21 -5.96
CA ILE H 108 -0.88 42.67 -6.93
C ILE H 108 -0.65 43.58 -8.13
N GLU H 109 -1.52 44.55 -8.37
CA GLU H 109 -1.40 45.34 -9.60
C GLU H 109 -0.26 46.36 -9.57
N GLY H 110 0.39 46.58 -8.42
CA GLY H 110 1.54 47.45 -8.34
C GLY H 110 1.36 48.56 -7.32
N ASN H 111 2.45 49.29 -7.10
CA ASN H 111 2.44 50.48 -6.26
C ASN H 111 3.70 51.28 -6.54
N PRO H 112 3.72 52.56 -6.16
CA PRO H 112 4.88 53.40 -6.50
C PRO H 112 6.19 52.93 -5.90
N MET H 113 6.16 52.10 -4.85
CA MET H 113 7.40 51.66 -4.20
C MET H 113 7.56 50.15 -4.24
N ALA H 114 7.01 49.52 -5.28
CA ALA H 114 7.12 48.08 -5.43
C ALA H 114 8.58 47.67 -5.59
N LEU H 115 9.30 48.30 -6.52
CA LEU H 115 10.69 47.93 -6.74
C LEU H 115 11.63 48.54 -5.73
N HIS H 116 11.16 49.52 -4.96
CA HIS H 116 11.92 50.01 -3.82
C HIS H 116 12.31 48.86 -2.91
N GLY H 117 11.37 47.96 -2.63
CA GLY H 117 11.63 46.83 -1.78
C GLY H 117 12.18 45.62 -2.50
N VAL H 118 11.69 45.35 -3.71
CA VAL H 118 12.05 44.10 -4.39
C VAL H 118 13.51 44.12 -4.86
N MET H 119 14.03 45.28 -5.28
CA MET H 119 15.37 45.27 -5.85
C MET H 119 16.26 46.42 -5.38
N PHE H 120 15.69 47.61 -5.20
CA PHE H 120 16.51 48.78 -4.85
C PHE H 120 17.25 48.55 -3.54
N ILE H 121 16.50 48.28 -2.46
CA ILE H 121 17.11 47.98 -1.16
C ILE H 121 18.04 46.75 -1.26
N PRO H 122 17.58 45.59 -1.79
CA PRO H 122 18.52 44.46 -1.91
C PRO H 122 19.82 44.78 -2.65
N ALA H 123 19.76 45.61 -3.70
CA ALA H 123 20.99 45.99 -4.40
C ALA H 123 21.92 46.77 -3.47
N LEU H 124 21.35 47.66 -2.64
CA LEU H 124 22.16 48.40 -1.69
C LEU H 124 22.75 47.49 -0.63
N ASN H 125 21.96 46.51 -0.16
CA ASN H 125 22.48 45.54 0.80
C ASN H 125 23.66 44.77 0.22
N ALA H 126 23.54 44.35 -1.04
CA ALA H 126 24.49 43.40 -1.60
C ALA H 126 25.70 44.06 -2.24
N GLN H 127 25.62 45.35 -2.60
CA GLN H 127 26.67 45.95 -3.40
C GLN H 127 27.21 47.27 -2.88
N ALA H 128 26.60 47.88 -1.86
CA ALA H 128 27.09 49.14 -1.33
C ALA H 128 28.00 48.89 -0.13
N SER H 129 29.05 49.70 0.00
CA SER H 129 29.96 49.57 1.11
C SER H 129 29.25 50.02 2.40
N ASP H 130 29.94 49.84 3.52
CA ASP H 130 29.36 50.21 4.80
C ASP H 130 29.10 51.72 4.86
N GLU H 131 30.03 52.53 4.35
CA GLU H 131 29.82 53.97 4.37
C GLU H 131 28.65 54.37 3.48
N GLN H 132 28.52 53.73 2.32
CA GLN H 132 27.46 54.11 1.39
C GLN H 132 26.09 53.68 1.90
N GLN H 133 26.01 52.51 2.53
CA GLN H 133 24.76 52.09 3.15
C GLN H 133 24.30 53.11 4.17
N ALA H 134 25.24 53.70 4.90
CA ALA H 134 24.89 54.72 5.89
C ALA H 134 24.29 55.94 5.22
N LYS H 135 24.78 56.31 4.04
CA LYS H 135 24.27 57.48 3.36
C LYS H 135 22.92 57.20 2.70
N TRP H 136 22.79 56.06 2.03
CA TRP H 136 21.65 55.79 1.16
C TRP H 136 20.69 54.74 1.68
N LEU H 137 21.18 53.67 2.29
CA LEU H 137 20.28 52.59 2.70
C LEU H 137 19.34 53.04 3.80
N ILE H 138 19.84 53.89 4.71
CA ILE H 138 18.98 54.40 5.79
C ILE H 138 17.88 55.27 5.23
N ARG H 139 18.23 56.21 4.34
CA ARG H 139 17.22 57.06 3.72
C ARG H 139 16.19 56.22 2.96
N ALA H 140 16.63 55.12 2.37
CA ALA H 140 15.69 54.25 1.64
C ALA H 140 14.74 53.54 2.60
N LEU H 141 15.28 52.98 3.68
CA LEU H 141 14.45 52.27 4.65
C LEU H 141 13.42 53.21 5.27
N ARG H 142 13.83 54.44 5.57
CA ARG H 142 12.92 55.43 6.15
C ARG H 142 11.96 56.02 5.13
N ARG H 143 12.08 55.64 3.86
CA ARG H 143 11.21 56.11 2.77
C ARG H 143 11.32 57.63 2.60
N GLU H 144 12.51 58.17 2.86
CA GLU H 144 12.85 59.54 2.48
C GLU H 144 13.01 59.69 0.97
N ILE H 145 13.34 58.61 0.28
CA ILE H 145 13.54 58.61 -1.17
C ILE H 145 12.80 57.41 -1.75
N ILE H 146 12.58 57.45 -3.05
CA ILE H 146 11.95 56.35 -3.79
C ILE H 146 12.94 55.92 -4.86
N GLY H 147 13.19 54.61 -4.94
CA GLY H 147 14.24 54.12 -5.80
C GLY H 147 13.81 52.90 -6.58
N THR H 148 14.69 52.49 -7.50
CA THR H 148 14.48 51.31 -8.31
C THR H 148 15.83 50.81 -8.81
N TYR H 149 15.80 49.71 -9.56
CA TYR H 149 16.98 49.04 -10.09
C TYR H 149 16.90 49.06 -11.60
N ALA H 150 17.85 49.74 -12.25
CA ALA H 150 17.79 50.04 -13.67
C ALA H 150 18.89 49.26 -14.40
N GLN H 151 18.53 48.10 -14.93
CA GLN H 151 19.44 47.24 -15.67
C GLN H 151 19.07 47.16 -17.15
N THR H 152 17.82 46.79 -17.46
CA THR H 152 17.43 46.52 -18.82
C THR H 152 17.41 47.81 -19.65
N GLU H 153 17.79 47.69 -20.92
CA GLU H 153 17.73 48.78 -21.87
C GLU H 153 16.82 48.36 -23.01
N MET H 154 16.41 49.35 -23.83
CA MET H 154 15.50 49.07 -24.93
C MET H 154 16.04 47.97 -25.83
N GLY H 155 17.35 47.94 -26.03
CA GLY H 155 17.95 46.95 -26.92
C GLY H 155 18.59 45.75 -26.26
N HIS H 156 18.65 45.68 -24.94
CA HIS H 156 19.30 44.55 -24.26
C HIS H 156 18.70 44.33 -22.89
N GLY H 157 18.35 43.08 -22.62
CA GLY H 157 17.89 42.68 -21.31
C GLY H 157 18.53 41.38 -20.89
N THR H 158 18.57 40.42 -21.82
CA THR H 158 19.21 39.13 -21.53
C THR H 158 20.73 39.26 -21.53
N ASN H 159 21.31 39.89 -22.57
CA ASN H 159 22.75 39.74 -22.75
C ASN H 159 23.57 40.38 -21.65
N LEU H 160 23.56 41.72 -21.58
CA LEU H 160 24.25 42.54 -20.58
C LEU H 160 25.70 42.80 -20.92
N GLN H 161 26.43 41.79 -21.46
CA GLN H 161 27.77 42.07 -21.97
C GLN H 161 27.73 43.03 -23.15
N ASN H 162 26.55 43.33 -23.67
CA ASN H 162 26.38 44.25 -24.79
C ASN H 162 25.42 45.39 -24.44
N LEU H 163 25.34 45.73 -23.16
CA LEU H 163 24.66 46.96 -22.77
C LEU H 163 25.35 48.16 -23.41
N GLU H 164 24.61 49.23 -23.62
CA GLU H 164 25.15 50.37 -24.34
C GLU H 164 25.32 51.63 -23.49
N THR H 165 24.65 51.74 -22.34
CA THR H 165 24.87 52.87 -21.44
C THR H 165 26.28 52.81 -20.88
N THR H 166 26.97 53.95 -20.89
CA THR H 166 28.37 54.02 -20.48
C THR H 166 28.53 54.93 -19.27
N ALA H 167 29.49 54.54 -18.41
CA ALA H 167 29.94 55.36 -17.28
C ALA H 167 31.45 55.54 -17.42
N THR H 168 31.87 56.69 -17.92
CA THR H 168 33.27 56.97 -18.21
C THR H 168 33.87 57.80 -17.08
N TYR H 169 35.00 57.35 -16.54
CA TYR H 169 35.60 57.99 -15.38
C TYR H 169 36.46 59.17 -15.81
N ASP H 170 36.09 60.37 -15.34
CA ASP H 170 36.90 61.57 -15.46
C ASP H 170 37.89 61.58 -14.30
N ILE H 171 39.19 61.57 -14.59
CA ILE H 171 40.18 61.42 -13.53
C ILE H 171 40.34 62.73 -12.78
N GLY H 172 40.57 63.83 -13.48
CA GLY H 172 40.22 65.12 -12.95
C GLY H 172 38.73 65.18 -12.69
N THR H 173 38.34 66.10 -11.78
CA THR H 173 36.96 66.25 -11.31
C THR H 173 36.51 65.05 -10.48
N GLN H 174 37.00 63.86 -10.79
CA GLN H 174 36.74 62.65 -10.01
C GLN H 174 35.26 62.26 -10.04
N GLU H 175 34.68 62.26 -11.24
CA GLU H 175 33.27 61.92 -11.46
C GLU H 175 33.17 60.75 -12.43
N PHE H 176 31.99 60.12 -12.46
CA PHE H 176 31.62 59.20 -13.52
C PHE H 176 30.64 59.90 -14.46
N VAL H 177 30.89 59.81 -15.75
CA VAL H 177 30.05 60.47 -16.75
C VAL H 177 29.17 59.41 -17.40
N LEU H 178 27.88 59.46 -17.09
CA LEU H 178 26.91 58.55 -17.70
C LEU H 178 26.41 59.14 -19.01
N HIS H 179 26.30 58.28 -20.02
CA HIS H 179 25.84 58.73 -21.33
C HIS H 179 25.09 57.61 -22.03
N THR H 180 24.02 58.00 -22.74
CA THR H 180 23.13 57.12 -23.47
C THR H 180 23.31 57.36 -24.96
N PRO H 181 24.24 56.66 -25.61
CA PRO H 181 24.66 57.08 -26.96
C PRO H 181 23.61 56.96 -28.04
N LYS H 182 22.63 56.06 -27.89
CA LYS H 182 21.58 55.95 -28.88
C LYS H 182 20.25 55.67 -28.19
N ILE H 183 19.22 55.62 -29.02
CA ILE H 183 17.87 55.36 -28.52
C ILE H 183 17.79 53.97 -27.90
N THR H 184 18.47 52.99 -28.50
CA THR H 184 18.42 51.62 -28.00
C THR H 184 19.17 51.45 -26.69
N ALA H 185 19.94 52.45 -26.26
CA ALA H 185 20.69 52.37 -25.01
C ALA H 185 19.91 52.90 -23.83
N LEU H 186 18.76 53.54 -24.07
CA LEU H 186 17.87 53.96 -23.00
C LEU H 186 17.58 52.80 -22.06
N LYS H 187 17.77 53.05 -20.76
CA LYS H 187 17.20 52.14 -19.77
C LYS H 187 15.70 52.04 -20.00
N TRP H 188 15.17 50.83 -19.84
CA TRP H 188 13.83 50.53 -20.32
C TRP H 188 13.35 49.29 -19.60
N TRP H 189 12.20 49.42 -18.89
CA TRP H 189 11.47 48.43 -18.10
C TRP H 189 11.67 48.51 -16.58
N PRO H 190 12.76 49.13 -16.02
CA PRO H 190 12.84 49.25 -14.56
C PRO H 190 11.55 49.81 -13.98
N GLY H 191 10.96 49.08 -13.04
CA GLY H 191 9.68 49.49 -12.51
C GLY H 191 9.81 50.69 -11.60
N ASN H 192 8.76 51.52 -11.60
CA ASN H 192 8.68 52.74 -10.82
C ASN H 192 9.74 53.75 -11.24
N LEU H 193 10.33 53.58 -12.42
CA LEU H 193 11.33 54.50 -12.94
C LEU H 193 10.72 55.67 -13.71
N GLY H 194 9.55 55.50 -14.32
CA GLY H 194 9.02 56.53 -15.17
C GLY H 194 8.60 57.78 -14.43
N LYS H 195 7.94 57.62 -13.29
CA LYS H 195 7.31 58.77 -12.65
C LYS H 195 7.56 58.86 -11.15
N SER H 196 7.80 57.73 -10.48
CA SER H 196 7.79 57.73 -9.01
C SER H 196 9.18 57.89 -8.40
N SER H 197 10.18 57.18 -8.91
CA SER H 197 11.49 57.18 -8.26
C SER H 197 12.22 58.49 -8.50
N ASN H 198 12.96 58.93 -7.49
CA ASN H 198 13.90 60.04 -7.66
C ASN H 198 15.36 59.60 -7.55
N TYR H 199 15.61 58.33 -7.25
CA TYR H 199 16.95 57.73 -7.33
C TYR H 199 16.84 56.38 -8.02
N ALA H 200 17.98 55.90 -8.52
CA ALA H 200 18.03 54.57 -9.07
C ALA H 200 19.45 54.02 -8.99
N VAL H 201 19.54 52.71 -8.75
CA VAL H 201 20.77 51.96 -9.04
C VAL H 201 20.76 51.63 -10.52
N VAL H 202 21.87 51.88 -11.20
CA VAL H 202 21.91 51.84 -12.66
C VAL H 202 23.09 50.99 -13.12
N VAL H 203 22.82 49.93 -13.86
CA VAL H 203 23.86 49.12 -14.47
C VAL H 203 24.37 49.78 -15.73
N ALA H 204 25.67 49.99 -15.80
CA ALA H 204 26.30 50.59 -16.97
C ALA H 204 27.71 50.02 -17.15
N HIS H 205 28.16 49.97 -18.40
CA HIS H 205 29.54 49.58 -18.69
C HIS H 205 30.49 50.70 -18.25
N MET H 206 31.49 50.35 -17.46
CA MET H 206 32.39 51.33 -16.85
C MET H 206 33.67 51.44 -17.68
N TYR H 207 34.00 52.67 -18.08
CA TYR H 207 35.18 52.96 -18.89
C TYR H 207 36.18 53.78 -18.10
N ILE H 208 37.45 53.37 -18.14
CA ILE H 208 38.54 54.13 -17.55
C ILE H 208 39.73 54.04 -18.51
N LYS H 209 40.22 55.21 -18.96
CA LYS H 209 41.36 55.30 -19.88
C LYS H 209 41.12 54.49 -21.16
N GLY H 210 39.87 54.47 -21.60
CA GLY H 210 39.51 53.77 -22.82
C GLY H 210 39.15 52.31 -22.63
N LYS H 211 39.52 51.71 -21.52
CA LYS H 211 39.26 50.28 -21.28
C LYS H 211 37.87 50.07 -20.71
N ASN H 212 37.19 49.02 -21.18
CA ASN H 212 35.84 48.69 -20.75
C ASN H 212 35.91 47.58 -19.70
N PHE H 213 35.51 47.92 -18.48
CA PHE H 213 35.53 46.97 -17.36
C PHE H 213 34.23 46.22 -17.19
N GLY H 214 33.24 46.46 -18.04
CA GLY H 214 32.02 45.69 -18.02
C GLY H 214 30.97 46.29 -17.12
N PRO H 215 29.86 45.57 -16.95
CA PRO H 215 28.72 46.14 -16.20
C PRO H 215 29.05 46.37 -14.73
N HIS H 216 28.68 47.55 -14.25
CA HIS H 216 28.84 47.97 -12.87
C HIS H 216 27.66 48.81 -12.46
N THR H 217 27.40 48.89 -11.16
CA THR H 217 26.20 49.53 -10.63
C THR H 217 26.55 50.84 -9.93
N PHE H 218 25.64 51.81 -10.06
CA PHE H 218 25.89 53.17 -9.62
C PHE H 218 24.63 53.70 -8.94
N MET H 219 24.81 54.49 -7.88
CA MET H 219 23.71 55.28 -7.34
C MET H 219 23.59 56.56 -8.14
N VAL H 220 22.39 56.83 -8.66
CA VAL H 220 22.16 57.90 -9.60
C VAL H 220 20.96 58.72 -9.15
N PRO H 221 21.13 60.00 -8.78
CA PRO H 221 19.96 60.85 -8.53
C PRO H 221 19.29 61.20 -9.84
N LEU H 222 17.97 61.04 -9.90
CA LEU H 222 17.20 61.22 -11.11
C LEU H 222 16.36 62.48 -11.11
N ARG H 223 15.75 62.81 -9.98
CA ARG H 223 14.84 63.94 -9.89
C ARG H 223 15.17 64.77 -8.66
N ASP H 224 14.93 66.07 -8.79
CA ASP H 224 15.12 66.99 -7.69
C ASP H 224 14.29 66.55 -6.48
N GLU H 225 14.90 66.60 -5.30
CA GLU H 225 14.23 66.12 -4.09
C GLU H 225 13.10 67.05 -3.64
N LYS H 226 13.07 68.30 -4.10
CA LYS H 226 11.99 69.20 -3.71
C LYS H 226 10.91 69.33 -4.77
N THR H 227 11.27 69.57 -6.04
CA THR H 227 10.25 69.78 -7.06
C THR H 227 9.92 68.53 -7.86
N HIS H 228 10.76 67.49 -7.80
CA HIS H 228 10.60 66.23 -8.51
C HIS H 228 10.79 66.38 -10.02
N LYS H 229 11.31 67.53 -10.48
CA LYS H 229 11.65 67.67 -11.88
C LYS H 229 12.87 66.80 -12.19
N PRO H 230 13.02 66.34 -13.43
CA PRO H 230 14.26 65.65 -13.83
C PRO H 230 15.45 66.59 -13.72
N LEU H 231 16.52 66.10 -13.08
CA LEU H 231 17.75 66.87 -12.98
C LEU H 231 18.34 67.08 -14.37
N PRO H 232 19.17 68.10 -14.54
CA PRO H 232 19.71 68.40 -15.88
C PRO H 232 20.51 67.23 -16.44
N GLY H 233 20.19 66.90 -17.69
CA GLY H 233 20.81 65.78 -18.38
C GLY H 233 20.00 64.51 -18.37
N ILE H 234 18.84 64.51 -17.74
CA ILE H 234 18.05 63.32 -17.53
C ILE H 234 16.85 63.34 -18.48
N THR H 235 16.66 62.25 -19.23
CA THR H 235 15.43 62.01 -19.97
C THR H 235 14.72 60.81 -19.33
N ILE H 236 13.44 60.98 -19.02
CA ILE H 236 12.77 60.03 -18.13
C ILE H 236 11.26 60.08 -18.38
N GLY H 237 10.63 58.90 -18.38
CA GLY H 237 9.19 58.83 -18.55
C GLY H 237 8.68 57.41 -18.46
N ASP H 238 7.36 57.29 -18.50
CA ASP H 238 6.69 56.00 -18.47
C ASP H 238 6.84 55.33 -19.83
N ILE H 239 6.76 53.99 -19.86
CA ILE H 239 6.87 53.25 -21.12
C ILE H 239 5.51 52.87 -21.70
N GLY H 240 4.41 53.33 -21.10
CA GLY H 240 3.09 53.07 -21.63
C GLY H 240 2.37 51.96 -20.91
N PRO H 241 1.10 51.74 -21.27
CA PRO H 241 0.32 50.68 -20.61
C PRO H 241 0.79 49.32 -21.05
N LYS H 242 0.33 48.32 -20.30
CA LYS H 242 0.88 46.98 -20.41
C LYS H 242 -0.23 45.95 -20.32
N MET H 243 0.17 44.69 -20.50
CA MET H 243 -0.73 43.55 -20.34
C MET H 243 -1.42 43.56 -18.99
N ALA H 244 -0.65 43.80 -17.93
CA ALA H 244 -1.18 43.91 -16.57
C ALA H 244 -0.17 44.70 -15.75
N TYR H 245 -0.36 44.72 -14.43
CA TYR H 245 0.61 45.32 -13.52
C TYR H 245 0.75 46.82 -13.79
N ASN H 246 -0.39 47.48 -14.06
CA ASN H 246 -0.35 48.82 -14.63
C ASN H 246 -0.28 49.91 -13.56
N ILE H 247 -0.26 49.56 -12.28
CA ILE H 247 -0.04 50.58 -11.27
C ILE H 247 1.44 50.94 -11.18
N VAL H 248 2.32 50.00 -11.52
CA VAL H 248 3.75 50.31 -11.56
C VAL H 248 4.06 51.13 -12.80
N ASP H 249 4.81 52.22 -12.63
CA ASP H 249 5.20 53.10 -13.73
C ASP H 249 6.58 52.68 -14.25
N ASN H 250 6.59 51.57 -14.98
CA ASN H 250 7.79 51.12 -15.67
C ASN H 250 8.26 52.23 -16.60
N GLY H 251 9.58 52.48 -16.60
CA GLY H 251 10.11 53.72 -17.14
C GLY H 251 11.24 53.51 -18.13
N PHE H 252 11.51 54.59 -18.88
CA PHE H 252 12.73 54.75 -19.66
C PHE H 252 13.58 55.85 -19.05
N LEU H 253 14.88 55.79 -19.31
CA LEU H 253 15.86 56.69 -18.70
C LEU H 253 17.05 56.88 -19.62
N GLY H 254 17.39 58.14 -19.90
CA GLY H 254 18.52 58.46 -20.75
C GLY H 254 19.35 59.59 -20.18
N PHE H 255 20.65 59.54 -20.48
CA PHE H 255 21.63 60.46 -19.92
C PHE H 255 22.33 61.22 -21.04
N ASN H 256 22.49 62.53 -20.85
CA ASN H 256 23.31 63.36 -21.74
C ASN H 256 24.51 63.86 -20.94
N ASN H 257 25.56 63.04 -20.93
CA ASN H 257 26.80 63.32 -20.18
C ASN H 257 26.48 63.76 -18.75
N TYR H 258 25.78 62.89 -18.03
CA TYR H 258 25.29 63.18 -16.69
C TYR H 258 26.33 62.74 -15.67
N ARG H 259 26.83 63.68 -14.89
CA ARG H 259 27.97 63.44 -14.01
C ARG H 259 27.52 63.09 -12.60
N ILE H 260 28.13 62.07 -12.03
CA ILE H 260 27.92 61.67 -10.64
C ILE H 260 29.29 61.53 -9.99
N PRO H 261 29.35 61.67 -8.66
CA PRO H 261 30.62 61.48 -7.95
C PRO H 261 31.18 60.08 -8.15
N ARG H 262 32.51 59.98 -7.99
CA ARG H 262 33.17 58.67 -8.00
C ARG H 262 32.58 57.75 -6.95
N THR H 263 32.25 58.29 -5.77
CA THR H 263 31.73 57.49 -4.67
C THR H 263 30.31 56.98 -4.92
N ASN H 264 29.71 57.29 -6.07
CA ASN H 264 28.41 56.75 -6.38
C ASN H 264 28.49 55.37 -7.01
N LEU H 265 29.68 54.98 -7.48
CA LEU H 265 29.92 53.57 -7.79
C LEU H 265 29.78 52.76 -6.51
N LEU H 266 29.05 51.65 -6.59
CA LEU H 266 28.80 50.83 -5.41
C LEU H 266 30.01 49.93 -5.17
N MET H 267 30.65 50.08 -4.01
CA MET H 267 32.02 49.65 -3.81
C MET H 267 32.20 48.64 -2.67
N ARG H 268 31.21 47.80 -2.40
CA ARG H 268 31.42 46.75 -1.40
C ARG H 268 32.40 45.69 -1.91
N HIS H 269 32.50 45.54 -3.22
CA HIS H 269 33.32 44.48 -3.81
C HIS H 269 34.29 44.97 -4.86
N THR H 270 33.93 45.97 -5.64
CA THR H 270 34.80 46.61 -6.61
C THR H 270 35.20 47.97 -6.08
N LYS H 271 36.42 48.39 -6.41
CA LYS H 271 36.88 49.70 -6.00
C LYS H 271 37.40 50.44 -7.22
N VAL H 272 37.27 51.76 -7.22
CA VAL H 272 37.96 52.62 -8.17
C VAL H 272 38.53 53.76 -7.37
N GLU H 273 39.85 53.79 -7.24
CA GLU H 273 40.53 54.83 -6.49
C GLU H 273 40.52 56.14 -7.28
N ALA H 274 40.88 57.23 -6.61
CA ALA H 274 40.71 58.54 -7.23
C ALA H 274 41.58 58.73 -8.46
N ASP H 275 42.73 58.06 -8.53
CA ASP H 275 43.58 58.26 -9.70
C ASP H 275 43.09 57.48 -10.90
N GLY H 276 42.25 56.48 -10.71
CA GLY H 276 41.75 55.65 -11.80
C GLY H 276 41.99 54.18 -11.62
N THR H 277 42.76 53.80 -10.61
CA THR H 277 43.06 52.39 -10.33
C THR H 277 41.79 51.60 -10.05
N TYR H 278 41.73 50.39 -10.61
CA TYR H 278 40.55 49.57 -10.52
C TYR H 278 40.56 48.76 -9.23
N ILE H 279 40.92 47.47 -9.31
CA ILE H 279 40.96 46.47 -8.23
C ILE H 279 39.70 45.60 -8.29
N LYS H 280 39.86 44.34 -8.82
CA LYS H 280 38.79 43.36 -9.06
C LYS H 280 38.42 42.62 -7.78
N PRO H 281 37.17 42.14 -7.69
CA PRO H 281 36.75 41.39 -6.48
C PRO H 281 37.07 39.91 -6.56
N PRO H 282 36.91 39.18 -5.45
CA PRO H 282 37.04 37.72 -5.43
C PRO H 282 35.69 36.99 -5.46
N ALA H 290 22.88 40.00 -9.24
CA ALA H 290 21.93 39.31 -8.39
C ALA H 290 20.76 40.24 -8.04
N MET H 291 19.49 39.97 -8.39
CA MET H 291 18.90 39.02 -9.38
C MET H 291 18.71 37.56 -8.93
N VAL H 292 19.64 37.00 -8.16
CA VAL H 292 19.39 35.70 -7.54
C VAL H 292 18.44 35.86 -6.36
N HIS H 293 18.48 37.02 -5.71
CA HIS H 293 17.50 37.34 -4.67
C HIS H 293 16.08 37.29 -5.22
N VAL H 294 15.86 37.95 -6.37
CA VAL H 294 14.52 38.01 -6.95
C VAL H 294 14.00 36.62 -7.26
N ARG H 295 14.84 35.80 -7.88
CA ARG H 295 14.43 34.45 -8.28
C ARG H 295 14.07 33.60 -7.06
N SER H 296 14.85 33.72 -5.99
CA SER H 296 14.61 32.90 -4.80
C SER H 296 13.29 33.27 -4.14
N TYR H 297 12.97 34.56 -4.05
CA TYR H 297 11.83 35.00 -3.27
C TYR H 297 10.55 35.15 -4.10
N MET H 298 10.64 35.15 -5.43
CA MET H 298 9.45 35.26 -6.26
C MET H 298 8.64 33.97 -6.30
N LEU H 299 9.19 32.85 -5.80
CA LEU H 299 8.49 31.58 -5.90
C LEU H 299 7.26 31.53 -5.01
N THR H 300 7.34 32.07 -3.78
CA THR H 300 6.12 32.25 -2.98
C THR H 300 5.09 33.08 -3.72
N GLY H 301 5.52 34.20 -4.32
CA GLY H 301 4.60 35.08 -5.00
C GLY H 301 3.76 34.35 -6.03
N GLN H 302 4.36 33.41 -6.74
CA GLN H 302 3.63 32.62 -7.73
C GLN H 302 2.71 31.62 -7.06
N ALA H 303 3.22 30.87 -6.07
CA ALA H 303 2.38 29.94 -5.31
C ALA H 303 1.17 30.66 -4.76
N ILE H 304 1.37 31.84 -4.16
CA ILE H 304 0.26 32.58 -3.58
C ILE H 304 -0.73 33.01 -4.65
N MET H 305 -0.24 33.54 -5.78
CA MET H 305 -1.15 33.99 -6.83
C MET H 305 -1.90 32.81 -7.44
N LEU H 306 -1.22 31.68 -7.60
CA LEU H 306 -1.92 30.45 -7.98
C LEU H 306 -3.00 30.12 -6.95
N SER H 307 -2.71 30.32 -5.65
CA SER H 307 -3.69 29.98 -4.63
C SER H 307 -4.83 30.98 -4.60
N TYR H 308 -4.56 32.26 -4.88
CA TYR H 308 -5.65 33.21 -5.11
C TYR H 308 -6.62 32.61 -6.11
N ALA H 309 -6.11 32.25 -7.29
CA ALA H 309 -6.95 31.82 -8.40
C ALA H 309 -7.71 30.53 -8.06
N LEU H 310 -7.09 29.64 -7.29
CA LEU H 310 -7.75 28.38 -6.97
C LEU H 310 -8.79 28.55 -5.86
N ASN H 311 -8.48 29.36 -4.84
CA ASN H 311 -9.50 29.76 -3.87
C ASN H 311 -10.77 30.21 -4.57
N ILE H 312 -10.64 31.09 -5.58
CA ILE H 312 -11.80 31.59 -6.30
C ILE H 312 -12.50 30.47 -7.06
N ALA H 313 -11.75 29.77 -7.92
CA ALA H 313 -12.38 28.80 -8.80
C ALA H 313 -12.99 27.64 -8.03
N THR H 314 -12.41 27.28 -6.89
CA THR H 314 -12.95 26.15 -6.13
C THR H 314 -14.14 26.58 -5.28
N ARG H 315 -14.04 27.74 -4.61
CA ARG H 315 -15.20 28.28 -3.91
C ARG H 315 -16.37 28.41 -4.88
N TYR H 316 -16.14 29.06 -6.02
CA TYR H 316 -17.21 29.25 -6.99
C TYR H 316 -17.75 27.92 -7.51
N SER H 317 -16.88 26.91 -7.59
CA SER H 317 -17.34 25.58 -8.02
C SER H 317 -18.28 24.94 -7.02
N ALA H 318 -18.16 25.29 -5.73
CA ALA H 318 -19.09 24.76 -4.74
C ALA H 318 -20.45 25.43 -4.85
N VAL H 319 -20.49 26.72 -5.19
CA VAL H 319 -21.79 27.39 -5.26
C VAL H 319 -22.40 27.34 -6.66
N ARG H 320 -21.60 27.18 -7.72
CA ARG H 320 -22.16 27.11 -9.06
C ARG H 320 -22.74 25.72 -9.31
N ARG H 321 -24.05 25.65 -9.52
CA ARG H 321 -24.72 24.43 -9.91
C ARG H 321 -25.03 24.50 -11.41
N GLN H 322 -24.89 23.37 -12.10
CA GLN H 322 -25.09 23.35 -13.54
C GLN H 322 -25.17 21.93 -14.07
N GLY H 323 -26.35 21.52 -14.50
CA GLY H 323 -26.56 20.22 -15.13
C GLY H 323 -26.90 19.13 -14.12
N GLN H 324 -27.41 18.04 -14.65
CA GLN H 324 -27.75 16.88 -13.83
C GLN H 324 -26.84 15.71 -14.14
N ILE H 325 -26.49 14.97 -13.09
CA ILE H 325 -25.87 13.66 -13.23
C ILE H 325 -27.01 12.64 -13.25
N ASP H 326 -27.57 12.33 -12.09
CA ASP H 326 -28.81 11.55 -12.04
C ASP H 326 -29.96 12.43 -12.50
N LYS H 327 -30.78 11.90 -13.42
CA LYS H 327 -31.84 12.70 -14.04
C LYS H 327 -32.97 13.06 -13.08
N ASN H 328 -33.09 12.37 -11.97
CA ASN H 328 -34.15 12.63 -11.00
C ASN H 328 -33.67 13.42 -9.80
N GLU H 329 -32.40 13.75 -9.73
CA GLU H 329 -31.87 14.61 -8.69
C GLU H 329 -31.68 16.02 -9.24
N PRO H 330 -31.63 17.03 -8.38
CA PRO H 330 -31.46 18.41 -8.87
C PRO H 330 -30.09 18.61 -9.49
N GLU H 331 -29.93 19.79 -10.10
CA GLU H 331 -28.65 20.17 -10.68
C GLU H 331 -27.53 20.08 -9.67
N VAL H 332 -26.38 19.57 -10.11
CA VAL H 332 -25.24 19.30 -9.22
C VAL H 332 -24.33 20.51 -9.18
N LYS H 333 -23.62 20.67 -8.05
CA LYS H 333 -22.44 21.51 -8.03
C LYS H 333 -21.52 21.11 -9.17
N VAL H 334 -20.94 22.10 -9.86
CA VAL H 334 -19.99 21.72 -10.92
C VAL H 334 -18.75 21.07 -10.30
N LEU H 335 -18.48 21.29 -9.01
CA LEU H 335 -17.40 20.61 -8.31
C LEU H 335 -17.57 19.09 -8.35
N GLU H 336 -18.77 18.62 -8.69
CA GLU H 336 -19.04 17.18 -8.73
C GLU H 336 -18.56 16.44 -9.98
N TYR H 337 -18.20 17.17 -11.03
CA TYR H 337 -17.74 16.52 -12.25
C TYR H 337 -16.24 16.21 -12.18
N GLN H 338 -15.87 14.98 -12.54
CA GLN H 338 -14.47 14.58 -12.53
C GLN H 338 -13.64 15.53 -13.36
N THR H 339 -14.20 15.98 -14.48
CA THR H 339 -13.55 16.94 -15.37
C THR H 339 -13.21 18.24 -14.65
N GLN H 340 -14.07 18.66 -13.70
CA GLN H 340 -13.83 19.89 -12.95
C GLN H 340 -12.83 19.70 -11.83
N GLN H 341 -12.98 18.62 -11.04
CA GLN H 341 -11.96 18.28 -10.05
C GLN H 341 -10.58 18.11 -10.69
N HIS H 342 -10.55 17.54 -11.89
CA HIS H 342 -9.28 17.31 -12.58
C HIS H 342 -8.62 18.61 -13.03
N ARG H 343 -9.40 19.66 -13.30
CA ARG H 343 -8.81 20.91 -13.78
C ARG H 343 -8.48 21.89 -12.66
N LEU H 344 -8.78 21.54 -11.41
CA LEU H 344 -8.46 22.37 -10.26
C LEU H 344 -7.45 21.68 -9.34
N PHE H 345 -7.84 20.51 -8.79
CA PHE H 345 -7.09 19.88 -7.71
C PHE H 345 -5.61 19.65 -7.99
N PRO H 346 -5.18 19.22 -9.19
CA PRO H 346 -3.73 19.09 -9.42
C PRO H 346 -2.98 20.38 -9.20
N PHE H 347 -3.64 21.52 -9.40
CA PHE H 347 -2.97 22.80 -9.22
C PHE H 347 -2.95 23.22 -7.76
N ILE H 348 -3.93 22.79 -6.97
CA ILE H 348 -3.81 22.92 -5.51
C ILE H 348 -2.56 22.20 -5.04
N ALA H 349 -2.36 20.98 -5.52
CA ALA H 349 -1.14 20.23 -5.18
C ALA H 349 0.10 21.01 -5.61
N ARG H 350 0.06 21.61 -6.80
CA ARG H 350 1.20 22.40 -7.28
C ARG H 350 1.46 23.60 -6.38
N ALA H 351 0.39 24.29 -5.94
CA ALA H 351 0.55 25.50 -5.14
C ALA H 351 1.23 25.19 -3.81
N TYR H 352 0.82 24.12 -3.15
CA TYR H 352 1.54 23.67 -1.95
C TYR H 352 2.99 23.32 -2.31
N ALA H 353 3.17 22.57 -3.39
CA ALA H 353 4.51 22.13 -3.79
C ALA H 353 5.43 23.31 -4.06
N PHE H 354 4.93 24.33 -4.77
CA PHE H 354 5.76 25.51 -5.04
C PHE H 354 6.15 26.22 -3.75
N GLN H 355 5.20 26.32 -2.81
CA GLN H 355 5.47 26.97 -1.53
C GLN H 355 6.57 26.26 -0.77
N PHE H 356 6.46 24.93 -0.65
CA PHE H 356 7.47 24.14 0.05
C PHE H 356 8.80 24.19 -0.69
N ALA H 357 8.75 24.13 -2.02
CA ALA H 357 9.98 24.28 -2.79
C ALA H 357 10.60 25.66 -2.58
N GLY H 358 9.76 26.69 -2.47
CA GLY H 358 10.29 28.03 -2.26
C GLY H 358 10.91 28.20 -0.89
N ALA H 359 10.38 27.50 0.11
CA ALA H 359 10.96 27.56 1.45
C ALA H 359 12.36 26.99 1.47
N GLU H 360 12.57 25.85 0.81
CA GLU H 360 13.90 25.27 0.77
C GLU H 360 14.85 26.12 -0.06
N THR H 361 14.34 26.79 -1.10
CA THR H 361 15.19 27.66 -1.90
C THR H 361 15.67 28.85 -1.08
N VAL H 362 14.77 29.45 -0.30
CA VAL H 362 15.14 30.61 0.51
C VAL H 362 16.12 30.21 1.59
N LYS H 363 15.95 29.00 2.14
CA LYS H 363 16.94 28.48 3.09
C LYS H 363 18.31 28.37 2.44
N LEU H 364 18.37 27.90 1.19
CA LEU H 364 19.64 27.79 0.49
C LEU H 364 20.21 29.16 0.11
N TYR H 365 19.34 30.15 -0.15
CA TYR H 365 19.85 31.49 -0.38
C TYR H 365 20.44 32.06 0.89
N GLU H 366 19.82 31.80 2.04
CA GLU H 366 20.37 32.26 3.30
C GLU H 366 21.63 31.47 3.66
N ARG H 367 21.75 30.23 3.16
CA ARG H 367 22.88 29.38 3.56
C ARG H 367 24.15 29.75 2.81
N VAL H 368 24.07 29.90 1.48
CA VAL H 368 25.06 30.74 0.83
C VAL H 368 24.72 32.14 1.31
N LEU H 369 25.53 33.13 0.95
CA LEU H 369 25.42 34.48 1.54
C LEU H 369 26.00 34.44 2.94
N LYS H 370 25.47 33.58 3.83
CA LYS H 370 26.11 33.33 5.11
C LYS H 370 27.49 32.75 4.91
N GLU H 371 27.59 31.74 4.04
CA GLU H 371 28.88 31.16 3.73
C GLU H 371 29.71 32.06 2.81
N MET H 372 29.15 33.16 2.33
CA MET H 372 29.86 34.06 1.42
C MET H 372 30.63 35.15 2.15
N LYS H 373 30.40 35.34 3.44
CA LYS H 373 31.33 36.12 4.25
C LYS H 373 32.64 35.36 4.44
N SER H 374 32.57 34.16 5.03
CA SER H 374 33.70 33.25 5.01
C SER H 374 34.21 33.03 3.59
N GLY H 375 33.31 32.97 2.59
CA GLY H 375 33.63 32.75 1.17
C GLY H 375 34.89 31.95 0.83
N ASN H 376 34.84 30.63 0.58
CA ASN H 376 33.73 29.72 0.19
C ASN H 376 33.16 30.00 -1.19
N VAL H 377 31.87 30.32 -1.29
CA VAL H 377 31.24 30.70 -2.56
C VAL H 377 31.08 29.47 -3.47
N SER H 378 31.42 28.29 -2.95
CA SER H 378 31.37 27.07 -3.75
C SER H 378 30.02 26.38 -3.62
N LEU H 379 28.94 27.15 -3.80
CA LEU H 379 27.58 26.68 -3.59
C LEU H 379 26.64 27.69 -4.21
N MET H 380 27.23 28.81 -4.66
CA MET H 380 26.51 29.76 -5.48
C MET H 380 26.12 29.14 -6.82
N ALA H 381 26.98 28.26 -7.34
CA ALA H 381 26.69 27.58 -8.59
C ALA H 381 25.47 26.68 -8.43
N ASP H 382 25.41 25.93 -7.34
CA ASP H 382 24.24 25.08 -7.10
C ASP H 382 22.98 25.91 -6.96
N LEU H 383 23.08 27.06 -6.28
CA LEU H 383 21.90 27.90 -6.06
C LEU H 383 21.45 28.57 -7.35
N HIS H 384 22.40 29.10 -8.13
CA HIS H 384 22.04 29.75 -9.39
C HIS H 384 21.31 28.78 -10.32
N ALA H 385 21.76 27.52 -10.35
CA ALA H 385 21.16 26.56 -11.27
C ALA H 385 19.78 26.12 -10.78
N LEU H 386 19.62 25.95 -9.47
CA LEU H 386 18.32 25.60 -8.91
C LEU H 386 17.29 26.70 -9.17
N THR H 387 17.65 27.95 -8.83
CA THR H 387 16.70 29.04 -9.04
C THR H 387 16.47 29.32 -10.52
N SER H 388 17.44 29.01 -11.39
CA SER H 388 17.22 29.18 -12.82
C SER H 388 16.10 28.27 -13.32
N GLY H 389 16.16 26.98 -12.99
CA GLY H 389 15.12 26.07 -13.44
C GLY H 389 13.82 26.28 -12.72
N LEU H 390 13.88 26.46 -11.40
CA LEU H 390 12.67 26.60 -10.60
C LEU H 390 11.87 27.83 -11.02
N LYS H 391 12.53 28.96 -11.22
CA LYS H 391 11.81 30.16 -11.63
C LYS H 391 11.12 29.93 -12.97
N SER H 392 11.68 29.07 -13.82
CA SER H 392 11.10 28.87 -15.15
C SER H 392 9.94 27.88 -15.11
N VAL H 393 10.07 26.79 -14.35
CA VAL H 393 8.99 25.80 -14.30
C VAL H 393 7.82 26.32 -13.49
N VAL H 394 8.10 26.92 -12.33
CA VAL H 394 7.03 27.39 -11.46
C VAL H 394 6.19 28.44 -12.18
N THR H 395 6.84 29.36 -12.87
CA THR H 395 6.13 30.47 -13.50
C THR H 395 5.28 29.99 -14.67
N HIS H 396 5.75 28.96 -15.39
CA HIS H 396 5.05 28.41 -16.55
C HIS H 396 3.89 27.52 -16.13
N GLN H 397 4.07 26.70 -15.09
CA GLN H 397 2.98 25.86 -14.58
C GLN H 397 1.95 26.67 -13.79
N THR H 398 2.38 27.73 -13.11
CA THR H 398 1.41 28.62 -12.46
C THR H 398 0.47 29.23 -13.47
N GLY H 399 1.01 29.69 -14.61
CA GLY H 399 0.16 30.29 -15.62
C GLY H 399 -0.86 29.32 -16.18
N GLU H 400 -0.43 28.10 -16.46
CA GLU H 400 -1.34 27.02 -16.85
C GLU H 400 -2.47 26.86 -15.84
N GLY H 401 -2.13 26.87 -14.54
CA GLY H 401 -3.13 26.59 -13.53
C GLY H 401 -4.08 27.76 -13.29
N ILE H 402 -3.54 28.99 -13.25
CA ILE H 402 -4.40 30.16 -13.11
C ILE H 402 -5.44 30.20 -14.21
N GLU H 403 -5.04 29.86 -15.44
CA GLU H 403 -5.98 29.99 -16.56
C GLU H 403 -6.99 28.85 -16.56
N GLN H 404 -6.63 27.67 -16.06
CA GLN H 404 -7.64 26.62 -15.83
C GLN H 404 -8.63 27.06 -14.77
N ALA H 405 -8.13 27.70 -13.70
CA ALA H 405 -9.00 28.18 -12.65
C ALA H 405 -10.01 29.21 -13.20
N ARG H 406 -9.54 30.12 -14.05
CA ARG H 406 -10.48 31.11 -14.60
C ARG H 406 -11.55 30.43 -15.44
N MET H 407 -11.16 29.57 -16.37
CA MET H 407 -12.14 28.90 -17.23
C MET H 407 -13.06 27.97 -16.45
N ALA H 408 -12.63 27.51 -15.26
CA ALA H 408 -13.50 26.69 -14.43
C ALA H 408 -14.66 27.47 -13.83
N CYS H 409 -14.66 28.80 -13.98
CA CYS H 409 -15.77 29.63 -13.53
C CYS H 409 -16.78 29.88 -14.64
N GLY H 410 -16.62 29.25 -15.80
CA GLY H 410 -17.57 29.51 -16.86
C GLY H 410 -17.48 30.96 -17.31
N GLY H 411 -18.55 31.39 -17.96
CA GLY H 411 -18.70 32.74 -18.45
C GLY H 411 -18.19 33.80 -17.49
N HIS H 412 -18.62 33.71 -16.22
CA HIS H 412 -18.31 34.73 -15.22
C HIS H 412 -16.81 34.90 -14.95
N GLY H 413 -16.00 33.86 -15.19
CA GLY H 413 -14.57 33.99 -14.99
C GLY H 413 -13.93 35.03 -15.89
N TYR H 414 -14.50 35.23 -17.09
CA TYR H 414 -14.04 36.24 -18.03
C TYR H 414 -14.34 37.65 -17.54
N SER H 415 -15.28 37.81 -16.61
CA SER H 415 -15.53 39.10 -15.97
C SER H 415 -14.42 39.41 -14.98
N MET H 416 -14.17 40.71 -14.77
CA MET H 416 -13.27 41.12 -13.70
C MET H 416 -13.88 40.86 -12.32
N ALA H 417 -15.16 40.50 -12.26
CA ALA H 417 -15.75 40.09 -10.99
C ALA H 417 -15.10 38.82 -10.47
N SER H 418 -14.48 38.04 -11.35
CA SER H 418 -13.67 36.91 -10.89
C SER H 418 -12.30 37.36 -10.42
N TYR H 419 -11.69 38.30 -11.13
CA TYR H 419 -10.36 38.88 -10.91
C TYR H 419 -9.24 37.94 -11.34
N ILE H 420 -9.56 36.74 -11.82
CA ILE H 420 -8.51 35.79 -12.15
C ILE H 420 -7.72 36.27 -13.35
N SER H 421 -8.36 37.02 -14.26
CA SER H 421 -7.64 37.48 -15.44
C SER H 421 -6.50 38.41 -15.06
N GLU H 422 -6.71 39.27 -14.05
CA GLU H 422 -5.62 40.14 -13.59
C GLU H 422 -4.55 39.34 -12.86
N ILE H 423 -4.97 38.39 -12.00
CA ILE H 423 -4.03 37.49 -11.35
C ILE H 423 -3.14 36.82 -12.39
N TYR H 424 -3.72 36.48 -13.55
CA TYR H 424 -2.94 35.82 -14.58
C TYR H 424 -1.92 36.78 -15.20
N GLY H 425 -2.36 37.98 -15.61
CA GLY H 425 -1.45 38.90 -16.29
C GLY H 425 -0.26 39.28 -15.44
N VAL H 426 -0.46 39.42 -14.13
CA VAL H 426 0.62 39.81 -13.23
C VAL H 426 1.58 38.65 -13.00
N ALA H 427 1.03 37.47 -12.74
CA ALA H 427 1.88 36.31 -12.44
C ALA H 427 2.69 35.90 -13.67
N ILE H 428 2.08 35.90 -14.84
CA ILE H 428 2.73 35.39 -16.04
C ILE H 428 3.92 36.24 -16.43
N GLY H 429 3.94 37.53 -16.05
CA GLY H 429 5.07 38.37 -16.39
C GLY H 429 6.38 37.82 -15.84
N GLY H 430 6.29 36.98 -14.81
CA GLY H 430 7.42 36.27 -14.24
C GLY H 430 8.03 35.23 -15.16
N CYS H 431 7.36 34.90 -16.27
CA CYS H 431 8.00 34.08 -17.28
C CYS H 431 9.07 34.86 -18.04
N THR H 432 9.00 36.19 -18.03
CA THR H 432 10.00 37.00 -18.72
C THR H 432 10.88 37.81 -17.80
N TYR H 433 10.38 38.41 -16.72
CA TYR H 433 11.30 39.13 -15.86
C TYR H 433 12.15 38.16 -15.03
N ALA H 434 13.25 38.69 -14.49
CA ALA H 434 14.23 37.93 -13.72
C ALA H 434 14.87 36.82 -14.54
N GLY H 435 14.94 37.00 -15.85
CA GLY H 435 15.54 36.02 -16.75
C GLY H 435 14.53 35.32 -17.62
N GLU H 436 14.63 35.51 -18.93
CA GLU H 436 13.72 34.84 -19.85
C GLU H 436 13.73 33.34 -19.58
N ASN H 437 12.54 32.74 -19.57
CA ASN H 437 12.39 31.35 -19.16
C ASN H 437 13.26 30.42 -19.99
N MET H 438 13.25 30.59 -21.32
CA MET H 438 14.11 29.78 -22.19
C MET H 438 15.57 29.94 -21.80
N VAL H 439 15.99 31.16 -21.47
CA VAL H 439 17.39 31.41 -21.15
C VAL H 439 17.74 30.82 -19.80
N MET H 440 16.83 30.92 -18.82
CA MET H 440 17.11 30.39 -17.49
C MET H 440 17.11 28.86 -17.48
N LEU H 441 16.31 28.23 -18.35
CA LEU H 441 16.36 26.77 -18.45
C LEU H 441 17.69 26.32 -19.04
N LEU H 442 18.22 27.09 -19.99
CA LEU H 442 19.54 26.76 -20.55
C LEU H 442 20.65 27.08 -19.56
N GLN H 443 20.46 28.07 -18.70
CA GLN H 443 21.43 28.34 -17.64
C GLN H 443 21.57 27.12 -16.74
N LEU H 444 20.46 26.50 -16.36
CA LEU H 444 20.51 25.26 -15.60
C LEU H 444 21.12 24.13 -16.42
N ALA H 445 20.84 24.10 -17.72
CA ALA H 445 21.35 23.03 -18.57
C ALA H 445 22.87 23.02 -18.63
N ARG H 446 23.50 24.19 -18.52
CA ARG H 446 24.97 24.24 -18.47
C ARG H 446 25.47 23.51 -17.23
N TYR H 447 24.82 23.72 -16.09
CA TYR H 447 25.17 23.03 -14.86
C TYR H 447 24.93 21.52 -14.97
N LEU H 448 23.85 21.13 -15.66
CA LEU H 448 23.55 19.71 -15.80
C LEU H 448 24.54 19.05 -16.76
N VAL H 449 25.02 19.78 -17.77
CA VAL H 449 25.98 19.19 -18.71
C VAL H 449 27.34 19.04 -18.04
N LYS H 450 27.77 20.05 -17.28
CA LYS H 450 28.99 19.91 -16.49
C LYS H 450 28.89 18.73 -15.54
N SER H 451 27.73 18.57 -14.90
CA SER H 451 27.51 17.42 -14.02
C SER H 451 27.57 16.12 -14.81
N ALA H 452 27.06 16.13 -16.05
CA ALA H 452 27.10 14.91 -16.85
C ALA H 452 28.52 14.57 -17.27
N ALA H 453 29.38 15.57 -17.40
CA ALA H 453 30.78 15.30 -17.74
C ALA H 453 31.52 14.71 -16.56
N LEU H 454 31.11 15.03 -15.33
CA LEU H 454 31.68 14.36 -14.16
C LEU H 454 31.35 12.88 -14.20
N VAL H 455 30.08 12.54 -14.50
CA VAL H 455 29.67 11.14 -14.54
C VAL H 455 30.40 10.40 -15.66
N LYS H 456 30.40 10.97 -16.86
CA LYS H 456 31.01 10.29 -18.01
C LYS H 456 32.50 10.05 -17.80
N SER H 457 33.16 10.90 -17.02
CA SER H 457 34.61 10.80 -16.84
C SER H 457 35.01 10.08 -15.56
N GLY H 458 34.06 9.53 -14.81
CA GLY H 458 34.38 8.78 -13.62
C GLY H 458 34.44 9.58 -12.34
N LYS H 459 34.16 10.88 -12.38
CA LYS H 459 34.19 11.73 -11.20
C LYS H 459 32.83 11.83 -10.52
N ALA H 460 32.01 10.78 -10.59
CA ALA H 460 30.64 10.85 -10.07
C ALA H 460 30.62 11.24 -8.60
N SER H 461 31.65 10.85 -7.85
CA SER H 461 31.66 11.13 -6.42
C SER H 461 31.80 12.61 -6.12
N GLN H 462 32.20 13.42 -7.10
CA GLN H 462 32.34 14.86 -6.92
C GLN H 462 31.03 15.60 -7.14
N LEU H 463 29.94 14.89 -7.42
CA LEU H 463 28.65 15.53 -7.63
C LEU H 463 28.11 16.09 -6.32
N GLY H 464 27.63 17.33 -6.37
CA GLY H 464 26.99 17.95 -5.23
C GLY H 464 25.70 17.24 -4.87
N PRO H 465 25.16 17.51 -3.69
CA PRO H 465 23.93 16.84 -3.25
C PRO H 465 22.75 16.97 -4.21
N LEU H 466 22.59 18.14 -4.84
CA LEU H 466 21.39 18.38 -5.64
C LEU H 466 21.39 17.61 -6.96
N VAL H 467 22.46 16.90 -7.28
CA VAL H 467 22.62 16.39 -8.64
C VAL H 467 23.34 15.06 -8.57
N ALA H 468 23.39 14.49 -7.37
CA ALA H 468 24.05 13.20 -7.17
C ALA H 468 23.31 12.06 -7.86
N TYR H 469 22.00 12.20 -8.08
CA TYR H 469 21.23 11.11 -8.68
C TYR H 469 21.70 10.83 -10.09
N LEU H 470 22.31 11.81 -10.75
CA LEU H 470 22.87 11.58 -12.08
C LEU H 470 23.94 10.49 -12.04
N GLY H 471 24.56 10.29 -10.88
CA GLY H 471 25.60 9.28 -10.75
C GLY H 471 25.10 7.95 -10.23
N ALA H 472 23.88 7.94 -9.67
CA ALA H 472 23.34 6.70 -9.13
C ALA H 472 22.99 5.73 -10.24
N ARG H 473 22.93 4.45 -9.89
CA ARG H 473 22.55 3.39 -10.81
C ARG H 473 21.06 3.10 -10.68
N SER H 474 20.39 2.99 -11.83
CA SER H 474 18.96 2.70 -11.84
C SER H 474 18.72 1.20 -11.79
N GLU H 475 17.65 0.82 -11.09
CA GLU H 475 17.14 -0.53 -11.16
C GLU H 475 16.58 -0.79 -12.55
N PRO H 476 16.31 -2.05 -12.90
CA PRO H 476 15.83 -2.30 -14.28
C PRO H 476 14.49 -1.65 -14.63
N THR H 477 13.59 -1.35 -13.68
CA THR H 477 12.21 -1.26 -14.17
C THR H 477 11.20 -0.38 -13.44
N SER H 478 11.55 0.36 -12.39
CA SER H 478 10.54 1.11 -11.60
C SER H 478 9.56 0.18 -10.88
N LEU H 479 9.32 0.42 -9.59
CA LEU H 479 8.55 -0.49 -8.76
C LEU H 479 7.22 0.12 -8.29
N ILE H 480 6.65 1.01 -9.11
CA ILE H 480 5.29 1.48 -8.89
C ILE H 480 4.33 0.34 -9.13
N ASP H 481 3.44 0.08 -8.15
CA ASP H 481 2.46 -1.00 -8.18
C ASP H 481 3.13 -2.38 -8.08
N ARG H 482 4.25 -2.46 -7.36
CA ARG H 482 5.03 -3.71 -7.33
C ARG H 482 5.41 -4.13 -5.92
N VAL H 483 5.59 -3.16 -5.04
CA VAL H 483 6.38 -3.34 -3.83
C VAL H 483 5.84 -2.36 -2.79
N PRO H 484 5.30 -2.85 -1.67
CA PRO H 484 4.57 -1.96 -0.75
C PRO H 484 5.54 -1.13 0.10
N ASN H 485 5.14 0.11 0.34
CA ASN H 485 6.05 1.11 0.88
C ASN H 485 5.36 1.98 1.91
N GLY H 486 6.18 2.84 2.53
CA GLY H 486 5.70 4.01 3.22
C GLY H 486 5.36 5.10 2.24
N GLY H 487 5.13 4.73 0.98
CA GLY H 487 4.52 5.61 0.01
C GLY H 487 5.41 6.61 -0.71
N ILE H 488 5.48 6.44 -2.04
CA ILE H 488 5.96 7.36 -3.09
C ILE H 488 7.47 7.34 -3.33
N THR H 489 8.26 6.60 -2.53
CA THR H 489 9.69 6.55 -2.88
C THR H 489 9.89 5.93 -4.25
N GLU H 490 9.01 5.03 -4.68
CA GLU H 490 9.14 4.49 -6.03
C GLU H 490 8.76 5.51 -7.08
N TYR H 491 7.92 6.49 -6.74
CA TYR H 491 7.66 7.59 -7.66
C TYR H 491 8.86 8.51 -7.75
N ILE H 492 9.47 8.83 -6.61
CA ILE H 492 10.70 9.63 -6.60
C ILE H 492 11.77 8.95 -7.44
N LYS H 493 11.92 7.63 -7.27
CA LYS H 493 12.96 6.91 -8.00
C LYS H 493 12.65 6.88 -9.50
N THR H 494 11.36 6.88 -9.86
CA THR H 494 11.02 6.94 -11.28
C THR H 494 11.33 8.32 -11.86
N PHE H 495 10.97 9.39 -11.13
CA PHE H 495 11.32 10.73 -11.58
C PHE H 495 12.82 10.88 -11.72
N GLN H 496 13.58 10.29 -10.79
CA GLN H 496 15.04 10.38 -10.86
C GLN H 496 15.58 9.69 -12.09
N HIS H 497 15.03 8.53 -12.44
CA HIS H 497 15.51 7.79 -13.60
C HIS H 497 15.28 8.58 -14.89
N ILE H 498 14.07 9.14 -15.06
CA ILE H 498 13.78 9.80 -16.33
C ILE H 498 14.54 11.12 -16.45
N ALA H 499 14.78 11.79 -15.31
CA ALA H 499 15.53 13.04 -15.39
C ALA H 499 17.01 12.78 -15.66
N LYS H 500 17.57 11.72 -15.05
CA LYS H 500 18.96 11.36 -15.33
C LYS H 500 19.13 10.92 -16.77
N ARG H 501 18.18 10.12 -17.28
CA ARG H 501 18.31 9.58 -18.63
C ARG H 501 18.26 10.68 -19.68
N GLN H 502 17.34 11.64 -19.52
CA GLN H 502 17.27 12.74 -20.46
C GLN H 502 18.47 13.66 -20.31
N THR H 503 18.98 13.82 -19.08
CA THR H 503 20.15 14.66 -18.88
C THR H 503 21.37 14.06 -19.56
N LEU H 504 21.66 12.79 -19.30
CA LEU H 504 22.79 12.13 -19.94
C LEU H 504 22.58 12.01 -21.44
N LYS H 505 21.33 11.77 -21.88
CA LYS H 505 21.07 11.66 -23.31
C LYS H 505 21.31 12.99 -24.02
N ALA H 506 20.75 14.07 -23.48
CA ALA H 506 20.91 15.39 -24.11
C ALA H 506 22.36 15.83 -24.07
N ALA H 507 23.05 15.58 -22.96
CA ALA H 507 24.47 15.95 -22.87
C ALA H 507 25.29 15.22 -23.92
N ASN H 508 25.04 13.92 -24.07
CA ASN H 508 25.84 13.12 -25.00
C ASN H 508 25.61 13.54 -26.45
N LYS H 509 24.38 13.93 -26.80
CA LYS H 509 24.12 14.50 -28.11
C LYS H 509 25.01 15.71 -28.34
N PHE H 510 25.11 16.57 -27.32
CA PHE H 510 25.95 17.76 -27.40
C PHE H 510 27.42 17.39 -27.52
N PHE H 511 27.91 16.53 -26.63
CA PHE H 511 29.30 16.08 -26.73
C PHE H 511 29.58 15.43 -28.08
N GLY H 512 28.61 14.70 -28.63
CA GLY H 512 28.85 13.95 -29.85
C GLY H 512 28.93 14.82 -31.08
N LEU H 513 28.29 15.99 -31.06
CA LEU H 513 28.41 16.89 -32.19
C LEU H 513 29.74 17.61 -32.18
N MET H 514 30.30 17.90 -30.99
CA MET H 514 31.64 18.47 -30.93
C MET H 514 32.67 17.45 -31.35
N GLU H 515 32.57 16.23 -30.83
CA GLU H 515 33.48 15.16 -31.23
C GLU H 515 33.50 15.00 -32.75
N ASN H 516 32.36 15.23 -33.40
CA ASN H 516 32.25 15.11 -34.85
C ASN H 516 32.58 16.39 -35.60
N GLY H 517 33.04 17.44 -34.92
CA GLY H 517 33.61 18.58 -35.60
C GLY H 517 32.91 19.91 -35.41
N GLU H 518 31.69 19.94 -34.88
CA GLU H 518 30.96 21.21 -34.75
C GLU H 518 31.53 22.06 -33.62
N LYS H 519 31.47 23.38 -33.82
CA LYS H 519 31.88 24.33 -32.80
C LYS H 519 31.00 24.19 -31.56
N ARG H 520 31.59 24.47 -30.39
CA ARG H 520 30.90 24.29 -29.11
C ARG H 520 29.54 24.99 -29.10
N GLU H 521 29.49 26.23 -29.60
CA GLU H 521 28.29 27.05 -29.46
C GLU H 521 27.23 26.69 -30.48
N ILE H 522 27.63 26.19 -31.67
CA ILE H 522 26.66 25.72 -32.65
C ILE H 522 26.09 24.38 -32.24
N ALA H 523 26.94 23.50 -31.70
CA ALA H 523 26.44 22.25 -31.15
C ALA H 523 25.50 22.52 -29.97
N TRP H 524 25.77 23.56 -29.20
CA TRP H 524 24.89 23.92 -28.09
C TRP H 524 23.53 24.38 -28.61
N ASN H 525 23.52 25.28 -29.59
CA ASN H 525 22.25 25.73 -30.16
C ASN H 525 21.47 24.55 -30.72
N LYS H 526 22.16 23.65 -31.43
CA LYS H 526 21.46 22.53 -32.06
C LYS H 526 20.90 21.54 -31.05
N SER H 527 21.40 21.57 -29.82
CA SER H 527 20.92 20.67 -28.79
C SER H 527 20.01 21.35 -27.77
N SER H 528 19.69 22.64 -27.96
CA SER H 528 19.20 23.44 -26.85
C SER H 528 17.78 23.04 -26.42
N VAL H 529 16.90 22.74 -27.37
CA VAL H 529 15.56 22.28 -27.01
C VAL H 529 15.66 21.00 -26.17
N GLU H 530 16.41 20.02 -26.65
CA GLU H 530 16.62 18.79 -25.88
C GLU H 530 17.15 19.09 -24.50
N LEU H 531 18.13 19.99 -24.41
CA LEU H 531 18.73 20.31 -23.12
C LEU H 531 17.72 20.95 -22.16
N ASN H 532 16.78 21.75 -22.68
CA ASN H 532 15.77 22.31 -21.78
C ASN H 532 14.78 21.25 -21.32
N ARG H 533 14.64 20.15 -22.07
CA ARG H 533 13.85 19.02 -21.60
C ARG H 533 14.48 18.44 -20.34
N ALA H 534 15.82 18.41 -20.29
CA ALA H 534 16.52 17.88 -19.11
C ALA H 534 16.32 18.81 -17.91
N SER H 535 16.60 20.11 -18.10
CA SER H 535 16.40 21.11 -17.05
C SER H 535 15.02 20.99 -16.44
N ARG H 536 13.99 20.95 -17.30
CA ARG H 536 12.60 20.86 -16.86
C ARG H 536 12.38 19.64 -15.96
N LEU H 537 12.83 18.47 -16.42
CA LEU H 537 12.62 17.25 -15.65
C LEU H 537 13.40 17.27 -14.34
N HIS H 538 14.65 17.76 -14.37
CA HIS H 538 15.42 17.88 -13.14
C HIS H 538 14.71 18.78 -12.13
N THR H 539 14.09 19.85 -12.61
CA THR H 539 13.41 20.79 -11.72
C THR H 539 12.10 20.21 -11.20
N ARG H 540 11.33 19.57 -12.07
CA ARG H 540 10.08 18.96 -11.62
C ARG H 540 10.34 17.84 -10.62
N LEU H 541 11.49 17.17 -10.74
CA LEU H 541 11.89 16.22 -9.71
C LEU H 541 12.15 16.93 -8.39
N PHE H 542 12.82 18.09 -8.44
CA PHE H 542 13.11 18.78 -7.19
C PHE H 542 11.83 19.13 -6.45
N ILE H 543 10.82 19.59 -7.18
CA ILE H 543 9.56 19.98 -6.53
C ILE H 543 8.93 18.78 -5.83
N VAL H 544 8.91 17.63 -6.50
CA VAL H 544 8.39 16.41 -5.87
C VAL H 544 9.11 16.14 -4.57
N GLU H 545 10.46 16.13 -4.62
CA GLU H 545 11.24 15.76 -3.44
C GLU H 545 11.06 16.74 -2.31
N ALA H 546 10.98 18.04 -2.63
CA ALA H 546 10.72 19.04 -1.59
C ALA H 546 9.35 18.82 -0.96
N PHE H 547 8.33 18.53 -1.78
CA PHE H 547 7.01 18.20 -1.27
C PHE H 547 7.06 17.00 -0.33
N ALA H 548 7.74 15.93 -0.74
CA ALA H 548 7.78 14.71 0.06
C ALA H 548 8.58 14.92 1.34
N ARG H 549 9.62 15.75 1.27
CA ARG H 549 10.41 16.05 2.46
C ARG H 549 9.56 16.73 3.53
N ARG H 550 8.72 17.68 3.13
CA ARG H 550 7.85 18.35 4.09
C ARG H 550 6.84 17.39 4.68
N VAL H 551 6.27 16.51 3.85
CA VAL H 551 5.26 15.59 4.33
C VAL H 551 5.83 14.70 5.42
N ASN H 552 7.11 14.36 5.32
CA ASN H 552 7.72 13.49 6.31
C ASN H 552 8.15 14.26 7.55
N GLU H 553 8.32 15.58 7.45
CA GLU H 553 8.72 16.37 8.61
C GLU H 553 7.56 16.61 9.58
N ILE H 554 6.33 16.32 9.18
CA ILE H 554 5.14 16.72 9.93
C ILE H 554 4.71 15.61 10.90
N GLY H 555 4.46 15.99 12.15
CA GLY H 555 4.04 15.05 13.17
C GLY H 555 2.54 14.98 13.41
N ASP H 556 1.85 16.12 13.29
CA ASP H 556 0.39 16.19 13.40
C ASP H 556 -0.25 15.30 12.35
N ILE H 557 -0.93 14.24 12.77
CA ILE H 557 -1.25 13.15 11.86
C ILE H 557 -2.32 13.59 10.85
N THR H 558 -3.28 14.42 11.28
CA THR H 558 -4.32 14.85 10.35
C THR H 558 -3.74 15.72 9.25
N ILE H 559 -2.84 16.63 9.61
CA ILE H 559 -2.19 17.47 8.61
C ILE H 559 -1.37 16.60 7.66
N LYS H 560 -0.60 15.67 8.23
CA LYS H 560 0.25 14.80 7.42
C LYS H 560 -0.56 14.01 6.42
N GLU H 561 -1.68 13.45 6.87
CA GLU H 561 -2.54 12.67 5.97
C GLU H 561 -3.14 13.56 4.88
N ALA H 562 -3.53 14.79 5.23
CA ALA H 562 -4.10 15.69 4.24
C ALA H 562 -3.08 16.02 3.15
N LEU H 563 -1.87 16.44 3.55
CA LEU H 563 -0.84 16.75 2.58
C LEU H 563 -0.33 15.50 1.89
N SER H 564 -0.39 14.34 2.57
CA SER H 564 0.03 13.10 1.92
C SER H 564 -0.90 12.74 0.77
N ASP H 565 -2.22 12.89 0.97
CA ASP H 565 -3.16 12.71 -0.13
C ASP H 565 -2.81 13.61 -1.29
N LEU H 566 -2.55 14.89 -0.99
CA LEU H 566 -2.17 15.85 -2.02
C LEU H 566 -0.91 15.43 -2.76
N LEU H 567 0.10 14.98 -2.02
CA LEU H 567 1.35 14.55 -2.64
C LEU H 567 1.11 13.37 -3.59
N HIS H 568 0.23 12.45 -3.20
CA HIS H 568 -0.08 11.32 -4.07
C HIS H 568 -0.78 11.78 -5.35
N LEU H 569 -1.69 12.74 -5.23
CA LEU H 569 -2.26 13.35 -6.42
C LEU H 569 -1.17 13.97 -7.27
N HIS H 570 -0.24 14.69 -6.63
CA HIS H 570 0.82 15.37 -7.35
C HIS H 570 1.68 14.38 -8.15
N VAL H 571 2.21 13.34 -7.50
CA VAL H 571 3.15 12.45 -8.19
C VAL H 571 2.46 11.70 -9.33
N ASN H 572 1.15 11.44 -9.22
CA ASN H 572 0.50 10.72 -10.31
C ASN H 572 0.14 11.64 -11.47
N TYR H 573 -0.27 12.87 -11.16
CA TYR H 573 -0.58 13.82 -12.24
C TYR H 573 0.69 14.17 -13.01
N GLU H 574 1.77 14.47 -12.29
CA GLU H 574 3.01 14.89 -12.96
C GLU H 574 3.62 13.73 -13.74
N LEU H 575 3.74 12.56 -13.10
CA LEU H 575 4.30 11.40 -13.79
C LEU H 575 3.51 11.08 -15.05
N LEU H 576 2.19 11.15 -14.98
CA LEU H 576 1.40 10.93 -16.19
C LEU H 576 1.75 11.97 -17.26
N ASP H 577 1.94 13.22 -16.84
CA ASP H 577 2.27 14.29 -17.78
C ASP H 577 3.62 14.09 -18.45
N VAL H 578 4.51 13.31 -17.84
CA VAL H 578 5.83 13.05 -18.38
C VAL H 578 6.01 11.57 -18.74
N ALA H 579 4.90 10.83 -18.88
CA ALA H 579 4.98 9.38 -19.04
C ALA H 579 5.81 8.98 -20.26
N THR H 580 5.83 9.82 -21.31
CA THR H 580 6.63 9.52 -22.50
C THR H 580 8.06 9.14 -22.14
N TYR H 581 8.66 9.87 -21.19
CA TYR H 581 10.04 9.58 -20.80
C TYR H 581 10.16 8.28 -20.02
N ALA H 582 9.10 7.87 -19.32
CA ALA H 582 9.16 6.63 -18.54
C ALA H 582 8.92 5.39 -19.40
N LEU H 583 8.22 5.54 -20.53
CA LEU H 583 7.89 4.42 -21.40
C LEU H 583 8.98 4.13 -22.41
N GLU H 584 9.76 5.14 -22.77
CA GLU H 584 10.67 5.05 -23.91
C GLU H 584 11.60 3.85 -23.80
N ASP H 585 12.24 3.69 -22.65
CA ASP H 585 13.19 2.62 -22.42
C ASP H 585 12.56 1.41 -21.74
N GLY H 586 11.24 1.36 -21.67
CA GLY H 586 10.56 0.26 -21.02
C GLY H 586 10.62 0.34 -19.51
N PHE H 587 11.14 1.46 -18.98
CA PHE H 587 11.21 1.60 -17.54
C PHE H 587 9.82 1.45 -16.93
N MET H 588 8.80 2.03 -17.55
CA MET H 588 7.43 1.79 -17.14
C MET H 588 6.69 0.95 -18.18
N SER H 589 5.71 0.17 -17.69
CA SER H 589 4.85 -0.61 -18.54
C SER H 589 3.48 0.05 -18.67
N SER H 590 2.78 -0.31 -19.75
CA SER H 590 1.38 0.04 -19.95
C SER H 590 0.57 -0.12 -18.66
N THR H 591 0.74 -1.25 -17.98
CA THR H 591 -0.08 -1.57 -16.82
C THR H 591 0.21 -0.64 -15.66
N GLN H 592 1.48 -0.30 -15.45
CA GLN H 592 1.82 0.68 -14.42
C GLN H 592 1.26 2.04 -14.75
N LEU H 593 1.20 2.38 -16.05
CA LEU H 593 0.67 3.69 -16.44
C LEU H 593 -0.84 3.75 -16.21
N ASP H 594 -1.56 2.66 -16.45
CA ASP H 594 -2.97 2.59 -16.09
C ASP H 594 -3.14 2.66 -14.58
N TYR H 595 -2.20 2.11 -13.80
CA TYR H 595 -2.26 2.28 -12.36
C TYR H 595 -2.15 3.76 -12.00
N VAL H 596 -1.23 4.48 -12.65
CA VAL H 596 -1.08 5.90 -12.37
C VAL H 596 -2.34 6.67 -12.74
N ARG H 597 -3.01 6.27 -13.82
CA ARG H 597 -4.25 6.94 -14.20
C ARG H 597 -5.34 6.69 -13.15
N ASP H 598 -5.55 5.42 -12.80
CA ASP H 598 -6.56 5.09 -11.79
C ASP H 598 -6.25 5.77 -10.46
N GLN H 599 -4.96 5.87 -10.12
CA GLN H 599 -4.56 6.58 -8.92
C GLN H 599 -4.91 8.06 -8.99
N LEU H 600 -4.65 8.68 -10.15
CA LEU H 600 -5.01 10.08 -10.36
C LEU H 600 -6.50 10.29 -10.06
N TYR H 601 -7.35 9.50 -10.70
CA TYR H 601 -8.79 9.69 -10.52
C TYR H 601 -9.24 9.31 -9.13
N PHE H 602 -8.53 8.39 -8.46
CA PHE H 602 -8.87 8.06 -7.07
C PHE H 602 -8.56 9.23 -6.15
N TYR H 603 -7.38 9.84 -6.31
CA TYR H 603 -7.00 10.89 -5.38
C TYR H 603 -7.72 12.20 -5.67
N LEU H 604 -8.25 12.39 -6.88
CA LEU H 604 -9.17 13.50 -7.11
C LEU H 604 -10.35 13.40 -6.15
N GLN H 605 -10.96 12.23 -6.12
CA GLN H 605 -12.15 11.98 -5.30
C GLN H 605 -11.80 11.94 -3.81
N LYS H 606 -10.60 11.48 -3.47
CA LYS H 606 -10.15 11.50 -2.08
C LYS H 606 -9.98 12.93 -1.59
N ILE H 607 -9.43 13.81 -2.44
CA ILE H 607 -9.07 15.15 -2.02
C ILE H 607 -10.30 16.04 -1.88
N ARG H 608 -11.30 15.77 -2.73
CA ARG H 608 -12.56 16.50 -2.79
C ARG H 608 -13.06 17.14 -1.49
N PRO H 609 -13.38 16.33 -0.49
CA PRO H 609 -13.93 16.88 0.76
C PRO H 609 -12.98 17.82 1.48
N ASN H 610 -11.70 17.84 1.13
CA ASN H 610 -10.74 18.77 1.74
C ASN H 610 -10.36 19.93 0.82
N ALA H 611 -10.75 19.89 -0.46
CA ALA H 611 -10.31 20.88 -1.43
C ALA H 611 -10.50 22.31 -0.95
N VAL H 612 -11.71 22.64 -0.47
CA VAL H 612 -12.00 24.01 -0.06
C VAL H 612 -11.25 24.37 1.22
N SER H 613 -11.02 23.39 2.10
CA SER H 613 -10.30 23.68 3.33
C SER H 613 -8.81 23.85 3.06
N LEU H 614 -8.25 23.07 2.14
CA LEU H 614 -6.85 23.24 1.77
C LEU H 614 -6.58 24.63 1.22
N LEU H 615 -7.58 25.24 0.60
CA LEU H 615 -7.43 26.58 0.05
C LEU H 615 -7.75 27.66 1.08
N ASP H 616 -8.77 27.43 1.92
CA ASP H 616 -9.02 28.31 3.06
C ASP H 616 -7.83 28.39 3.99
N SER H 617 -6.97 27.38 4.01
CA SER H 617 -5.81 27.37 4.89
C SER H 617 -4.78 28.43 4.50
N TRP H 618 -4.86 28.96 3.29
CA TRP H 618 -4.00 30.09 2.94
C TRP H 618 -4.49 31.38 3.59
N GLU H 619 -5.76 31.42 4.00
CA GLU H 619 -6.32 32.47 4.84
C GLU H 619 -6.14 33.85 4.18
N PHE H 620 -6.72 33.96 2.98
CA PHE H 620 -6.82 35.22 2.24
C PHE H 620 -8.16 35.86 2.53
N SER H 621 -8.15 37.07 3.05
CA SER H 621 -9.41 37.79 3.27
C SER H 621 -9.94 38.31 1.94
N ASP H 622 -11.22 38.70 1.94
CA ASP H 622 -11.84 39.27 0.74
C ASP H 622 -11.12 40.54 0.30
N ARG H 623 -10.69 41.36 1.26
CA ARG H 623 -9.96 42.59 0.91
C ARG H 623 -8.64 42.26 0.22
N GLU H 624 -8.03 41.14 0.55
CA GLU H 624 -6.82 40.73 -0.16
C GLU H 624 -7.19 40.10 -1.51
N LEU H 625 -8.21 39.25 -1.53
CA LEU H 625 -8.50 38.42 -2.69
C LEU H 625 -9.17 39.20 -3.82
N ARG H 626 -10.02 40.17 -3.50
CA ARG H 626 -10.60 41.10 -4.46
C ARG H 626 -11.48 40.42 -5.49
N SER H 627 -12.04 39.27 -5.16
CA SER H 627 -12.84 38.49 -6.09
C SER H 627 -14.29 38.42 -5.60
N VAL H 628 -15.23 38.76 -6.49
CA VAL H 628 -16.64 38.59 -6.19
C VAL H 628 -17.02 37.11 -6.22
N LEU H 629 -16.59 36.40 -7.27
CA LEU H 629 -16.91 34.97 -7.36
C LEU H 629 -16.25 34.18 -6.23
N GLY H 630 -15.21 34.72 -5.61
CA GLY H 630 -14.48 33.99 -4.58
C GLY H 630 -14.72 34.46 -3.17
N ARG H 631 -15.84 35.14 -2.94
CA ARG H 631 -16.17 35.68 -1.62
C ARG H 631 -16.11 34.60 -0.56
N ARG H 632 -15.43 34.90 0.54
CA ARG H 632 -15.34 34.00 1.69
C ARG H 632 -16.69 33.40 2.04
N ASP H 633 -17.75 34.19 1.93
CA ASP H 633 -19.05 33.74 2.41
C ASP H 633 -19.87 33.01 1.36
N GLY H 634 -19.44 32.98 0.09
CA GLY H 634 -20.13 32.24 -0.95
C GLY H 634 -21.38 32.90 -1.51
N HIS H 635 -21.67 34.14 -1.13
CA HIS H 635 -22.87 34.84 -1.62
C HIS H 635 -22.53 35.54 -2.92
N VAL H 636 -22.41 34.73 -3.98
CA VAL H 636 -21.93 35.23 -5.26
C VAL H 636 -22.99 36.08 -5.94
N TYR H 637 -24.15 35.48 -6.26
CA TYR H 637 -25.05 36.04 -7.27
C TYR H 637 -25.53 37.44 -6.90
N GLU H 638 -25.97 37.64 -5.65
CA GLU H 638 -26.46 38.95 -5.26
C GLU H 638 -25.37 40.00 -5.35
N ASN H 639 -24.16 39.66 -4.91
CA ASN H 639 -23.07 40.62 -4.95
C ASN H 639 -22.49 40.78 -6.36
N LEU H 640 -22.73 39.80 -7.24
CA LEU H 640 -22.36 39.96 -8.64
C LEU H 640 -23.31 40.92 -9.36
N PHE H 641 -24.60 40.84 -9.04
CA PHE H 641 -25.56 41.79 -9.59
C PHE H 641 -25.22 43.22 -9.18
N LYS H 642 -24.92 43.43 -7.89
CA LYS H 642 -24.56 44.75 -7.39
C LYS H 642 -23.30 45.26 -8.08
N TRP H 643 -22.28 44.41 -8.18
CA TRP H 643 -21.02 44.81 -8.80
C TRP H 643 -21.22 45.28 -10.22
N ALA H 644 -22.06 44.56 -10.99
CA ALA H 644 -22.39 45.00 -12.33
C ALA H 644 -23.14 46.32 -12.30
N LYS H 645 -24.17 46.41 -11.43
CA LYS H 645 -25.01 47.61 -11.40
C LYS H 645 -24.20 48.84 -11.03
N GLU H 646 -23.17 48.68 -10.22
CA GLU H 646 -22.39 49.82 -9.73
C GLU H 646 -21.15 50.12 -10.57
N SER H 647 -20.96 49.42 -11.68
CA SER H 647 -19.77 49.61 -12.51
C SER H 647 -19.93 50.86 -13.38
N PRO H 648 -18.81 51.40 -13.91
CA PRO H 648 -18.85 52.77 -14.46
C PRO H 648 -19.75 52.93 -15.69
N LEU H 649 -19.95 51.90 -16.49
CA LEU H 649 -20.72 52.09 -17.71
C LEU H 649 -22.21 52.23 -17.44
N ASN H 650 -22.68 51.90 -16.24
CA ASN H 650 -24.08 52.00 -15.88
C ASN H 650 -24.41 53.27 -15.11
N LYS H 651 -23.50 54.26 -15.10
CA LYS H 651 -23.81 55.55 -14.51
C LYS H 651 -24.99 56.20 -15.21
N THR H 652 -24.99 56.17 -16.54
CA THR H 652 -26.07 56.68 -17.34
C THR H 652 -26.76 55.53 -18.07
N ASP H 653 -28.01 55.78 -18.45
CA ASP H 653 -28.82 54.77 -19.11
C ASP H 653 -28.54 54.74 -20.62
N VAL H 654 -28.47 55.91 -21.24
CA VAL H 654 -28.19 56.03 -22.66
C VAL H 654 -26.77 56.58 -22.80
N LEU H 655 -25.90 55.80 -23.44
CA LEU H 655 -24.49 56.15 -23.52
C LEU H 655 -24.27 57.32 -24.47
N PRO H 656 -23.21 58.10 -24.25
CA PRO H 656 -22.82 59.11 -25.26
C PRO H 656 -22.63 58.54 -26.65
N SER H 657 -22.07 57.33 -26.77
CA SER H 657 -21.92 56.73 -28.10
C SER H 657 -23.28 56.54 -28.77
N VAL H 658 -24.36 56.44 -27.98
CA VAL H 658 -25.68 56.27 -28.59
C VAL H 658 -26.26 57.62 -28.99
N ASP H 659 -26.01 58.67 -28.21
CA ASP H 659 -26.57 59.96 -28.56
C ASP H 659 -25.79 60.59 -29.71
N THR H 660 -24.46 60.65 -29.58
CA THR H 660 -23.63 61.29 -30.61
C THR H 660 -23.71 60.53 -31.92
N TYR H 661 -23.28 59.27 -31.91
CA TYR H 661 -23.36 58.35 -33.03
C TYR H 661 -24.55 57.43 -32.82
N LEU H 662 -24.73 56.49 -33.74
CA LEU H 662 -25.56 55.31 -33.49
C LEU H 662 -27.07 55.59 -33.54
N LYS H 663 -27.58 56.47 -32.67
CA LYS H 663 -28.98 56.87 -32.85
C LYS H 663 -29.16 57.68 -34.12
N PRO H 664 -28.35 58.71 -34.42
CA PRO H 664 -28.38 59.29 -35.77
C PRO H 664 -28.24 58.26 -36.87
N MET H 665 -27.33 57.29 -36.71
CA MET H 665 -27.14 56.27 -37.73
C MET H 665 -28.43 55.49 -37.99
N MET H 666 -29.16 55.14 -36.93
CA MET H 666 -30.39 54.38 -37.11
C MET H 666 -31.46 55.23 -37.78
N GLU H 667 -31.62 56.48 -37.32
CA GLU H 667 -32.60 57.39 -37.93
C GLU H 667 -32.42 57.46 -39.44
N LYS H 668 -31.17 57.60 -39.89
CA LYS H 668 -30.84 57.60 -41.32
C LYS H 668 -30.97 56.17 -41.86
N ALA H 669 -32.23 55.77 -42.06
CA ALA H 669 -32.61 54.52 -42.73
C ALA H 669 -34.13 54.33 -42.65
PA FAD I . -55.47 -34.20 -26.91
O1A FAD I . -55.38 -33.64 -25.51
O2A FAD I . -56.47 -35.35 -26.93
O5B FAD I . -55.95 -32.98 -27.90
C5B FAD I . -55.17 -31.82 -27.74
C4B FAD I . -56.10 -30.66 -28.18
O4B FAD I . -56.97 -30.43 -27.26
C3B FAD I . -55.14 -29.47 -28.28
O3B FAD I . -55.51 -28.68 -29.32
C2B FAD I . -55.27 -28.74 -26.93
O2B FAD I . -55.45 -27.29 -27.24
C1B FAD I . -56.38 -29.18 -26.40
N9A FAD I . -56.33 -29.55 -25.00
C8A FAD I . -56.25 -30.77 -24.45
N7A FAD I . -56.26 -30.63 -23.14
C5A FAD I . -56.37 -29.30 -22.86
C6A FAD I . -56.42 -28.56 -21.69
N6A FAD I . -56.40 -28.81 -20.28
N1A FAD I . -56.54 -27.23 -21.75
C2A FAD I . -56.60 -26.59 -22.95
N3A FAD I . -56.54 -27.31 -24.08
C4A FAD I . -56.43 -28.65 -24.03
N1 FAD I . -47.17 -41.31 -26.07
C2 FAD I . -46.50 -42.27 -25.17
O2 FAD I . -47.01 -42.55 -24.12
N3 FAD I . -45.20 -42.84 -25.63
C4 FAD I . -44.64 -42.45 -26.92
O4 FAD I . -43.63 -42.89 -27.29
C4X FAD I . -45.35 -41.48 -27.82
N5 FAD I . -44.82 -41.08 -29.10
C5X FAD I . -45.55 -40.11 -29.94
C6 FAD I . -45.00 -39.75 -31.18
C7 FAD I . -45.70 -38.82 -31.98
C7M FAD I . -44.85 -38.63 -33.25
C8 FAD I . -46.93 -38.27 -31.55
C8M FAD I . -47.68 -37.29 -32.44
C9 FAD I . -47.47 -38.65 -30.31
C9A FAD I . -46.76 -39.57 -29.51
N10 FAD I . -47.32 -39.99 -28.18
C10 FAD I . -46.59 -40.93 -27.36
C1' FAD I . -48.57 -39.45 -27.69
C2' FAD I . -48.36 -38.03 -27.10
O2' FAD I . -47.76 -38.09 -25.85
C3' FAD I . -49.75 -37.42 -27.01
O3' FAD I . -50.28 -37.51 -28.29
C4' FAD I . -49.56 -35.96 -26.59
O4' FAD I . -49.34 -35.93 -25.21
C5' FAD I . -50.81 -35.15 -26.89
O5' FAD I . -51.84 -35.50 -25.98
P FAD I . -53.24 -35.99 -26.69
O1P FAD I . -52.93 -36.99 -27.80
O2P FAD I . -54.19 -36.63 -25.72
O3P FAD I . -53.98 -34.69 -27.41
PG ATP J . -48.81 -13.13 -30.95
O1G ATP J . -49.15 -12.90 -29.50
O2G ATP J . -47.60 -12.46 -31.57
O3G ATP J . -50.03 -13.10 -31.83
PB ATP J . -48.89 -15.74 -32.01
O1B ATP J . -49.52 -15.03 -33.19
O2B ATP J . -47.74 -16.66 -32.33
O3B ATP J . -48.36 -14.67 -30.92
PA ATP J . -51.60 -16.38 -31.26
O1A ATP J . -51.93 -15.17 -32.07
O2A ATP J . -52.13 -16.37 -29.85
O3A ATP J . -49.99 -16.64 -31.24
O5' ATP J . -52.12 -17.65 -32.11
C5' ATP J . -51.88 -17.71 -33.53
C4' ATP J . -52.02 -19.14 -34.02
O4' ATP J . -50.75 -19.82 -33.97
C3' ATP J . -52.96 -19.91 -33.11
O3' ATP J . -53.73 -20.77 -33.93
C2' ATP J . -52.08 -20.79 -32.26
O2' ATP J . -52.70 -22.04 -32.05
C1' ATP J . -50.84 -20.98 -33.12
N9 ATP J . -49.69 -21.18 -32.20
C8 ATP J . -49.14 -20.23 -31.44
N7 ATP J . -48.13 -20.75 -30.69
C5 ATP J . -48.03 -22.06 -30.97
C6 ATP J . -47.18 -23.19 -30.54
N6 ATP J . -46.20 -23.00 -29.63
N1 ATP J . -47.41 -24.41 -31.09
C2 ATP J . -48.38 -24.61 -32.00
N3 ATP J . -49.19 -23.63 -32.43
C4 ATP J . -49.08 -22.35 -31.97
MG MG K . -43.15 -10.67 -39.18
MG MG L . -51.31 -13.46 -33.83
PA FAD M . -36.88 -20.80 -57.72
O1A FAD M . -36.67 -19.57 -58.55
O2A FAD M . -35.76 -21.75 -58.09
O5B FAD M . -36.86 -20.42 -56.11
C5B FAD M . -35.75 -20.69 -55.28
C4B FAD M . -35.70 -19.45 -54.36
O4B FAD M . -35.28 -18.41 -55.06
C3B FAD M . -37.14 -19.09 -53.94
O3B FAD M . -37.15 -18.78 -52.61
C2B FAD M . -37.54 -17.82 -54.72
O2B FAD M . -38.48 -16.95 -53.94
C1B FAD M . -36.39 -17.24 -54.88
N9A FAD M . -36.42 -16.39 -56.05
C8A FAD M . -36.46 -16.80 -57.33
N7A FAD M . -36.50 -15.72 -58.10
C5A FAD M . -36.51 -14.62 -57.29
C6A FAD M . -36.55 -13.27 -57.56
N6A FAD M . -36.61 -12.42 -58.73
N1A FAD M . -36.54 -12.39 -56.56
C2A FAD M . -36.50 -12.84 -55.29
N3A FAD M . -36.45 -14.17 -55.01
C4A FAD M . -36.46 -15.05 -56.01
N1 FAD M . -44.15 -26.62 -63.97
C2 FAD M . -44.96 -26.80 -65.20
O2 FAD M . -44.56 -26.29 -66.22
N3 FAD M . -46.20 -27.61 -65.19
C4 FAD M . -46.60 -28.20 -63.93
O4 FAD M . -47.55 -28.84 -63.81
C4X FAD M . -45.78 -27.99 -62.70
N5 FAD M . -46.27 -28.60 -61.51
C5X FAD M . -45.52 -28.44 -60.26
C6 FAD M . -46.04 -29.07 -59.12
C7 FAD M . -45.36 -28.94 -57.92
C7M FAD M . -46.21 -29.75 -56.90
C8 FAD M . -44.18 -28.20 -57.83
C8M FAD M . -43.44 -28.06 -56.52
C9 FAD M . -43.66 -27.57 -58.98
C9A FAD M . -44.34 -27.70 -60.21
N10 FAD M . -43.82 -27.04 -61.47
C10 FAD M . -44.58 -27.20 -62.70
C1' FAD M . -42.59 -26.25 -61.39
C2' FAD M . -43.01 -24.88 -60.83
O2' FAD M . -43.67 -24.16 -61.84
C3' FAD M . -41.80 -24.11 -60.29
O3' FAD M . -41.21 -24.91 -59.34
C4' FAD M . -42.40 -22.85 -59.65
O4' FAD M . -42.93 -22.05 -60.66
C5' FAD M . -41.30 -22.07 -58.92
O5' FAD M . -40.28 -21.78 -59.85
P FAD M . -38.75 -22.27 -59.40
O1P FAD M . -38.77 -23.75 -59.10
O2P FAD M . -37.70 -22.06 -60.46
O3P FAD M . -38.36 -21.48 -58.01
PG ATP N . -45.70 -9.01 -41.28
O1G ATP N . -45.76 -7.75 -42.10
O2G ATP N . -46.94 -9.31 -40.48
O3G ATP N . -44.41 -9.19 -40.51
PB ATP N . -45.27 -11.70 -41.98
O1B ATP N . -44.80 -11.71 -40.56
O2B ATP N . -46.41 -12.60 -42.39
O3B ATP N . -45.66 -10.18 -42.38
PA ATP N . -42.59 -11.30 -42.72
O1A ATP N . -42.55 -10.75 -41.32
O2A ATP N . -42.32 -10.40 -43.89
O3A ATP N . -44.02 -12.01 -42.94
O5' ATP N . -41.59 -12.55 -42.79
C5' ATP N . -41.73 -13.66 -41.91
C4' ATP N . -41.52 -14.98 -42.66
O4' ATP N . -42.76 -15.43 -43.20
C3' ATP N . -40.54 -14.84 -43.80
O3' ATP N . -39.37 -15.63 -43.56
C2' ATP N . -41.25 -15.34 -45.03
O2' ATP N . -40.47 -16.36 -45.67
C1' ATP N . -42.56 -15.92 -44.53
N9 ATP N . -43.68 -15.49 -45.42
C8 ATP N . -44.27 -14.28 -45.42
N7 ATP N . -45.24 -14.22 -46.36
C5 ATP N . -45.28 -15.40 -46.98
C6 ATP N . -46.09 -16.01 -48.08
N6 ATP N . -47.06 -15.32 -48.70
N1 ATP N . -45.80 -17.29 -48.43
C2 ATP N . -44.84 -18.00 -47.81
N3 ATP N . -44.08 -17.50 -46.81
C4 ATP N . -44.25 -16.24 -46.37
PA FAD O . 28.28 22.29 46.45
O1A FAD O . 27.40 21.15 46.04
O2A FAD O . 27.66 22.84 47.71
O5B FAD O . 29.86 21.84 46.68
C5B FAD O . 30.41 21.64 47.96
C4B FAD O . 30.93 20.18 47.87
O4B FAD O . 29.93 19.33 47.83
C3B FAD O . 31.61 20.02 46.48
O3B FAD O . 32.88 19.55 46.65
C2B FAD O . 30.75 19.02 45.70
O2B FAD O . 31.56 18.21 44.72
C1B FAD O . 30.30 18.27 46.67
N9A FAD O . 29.11 17.60 46.26
C8A FAD O . 27.92 18.24 46.19
N7A FAD O . 27.01 17.37 45.77
C5A FAD O . 27.62 16.17 45.57
C6A FAD O . 27.14 14.96 45.14
N6A FAD O . 25.87 14.42 44.73
N1A FAD O . 27.97 13.91 45.02
C2A FAD O . 29.28 14.06 45.34
N3A FAD O . 29.76 15.25 45.77
C4A FAD O . 28.94 16.32 45.88
N1 FAD O . 24.64 30.28 39.82
C2 FAD O . 23.54 30.77 38.95
O2 FAD O . 22.42 30.34 39.11
N3 FAD O . 23.87 31.76 37.90
C4 FAD O . 25.25 32.22 37.77
O4 FAD O . 25.57 33.01 36.98
C4X FAD O . 26.33 31.71 38.66
N5 FAD O . 27.67 32.21 38.49
C5X FAD O . 28.76 31.72 39.36
C6 FAD O . 30.05 32.22 39.15
C7 FAD O . 31.09 31.77 39.98
C7M FAD O . 32.37 32.50 39.51
C8 FAD O . 30.84 30.82 40.98
C8M FAD O . 31.98 30.33 41.87
C9 FAD O . 29.54 30.33 41.16
C9A FAD O . 28.49 30.78 40.35
N10 FAD O . 27.09 30.25 40.55
C10 FAD O . 26.02 30.75 39.68
C1' FAD O . 26.86 29.25 41.59
C2' FAD O . 27.36 27.89 41.03
O2' FAD O . 26.54 27.49 39.98
C3' FAD O . 27.40 26.82 42.10
O3' FAD O . 28.23 27.23 43.14
C4' FAD O . 28.03 25.60 41.45
O4' FAD O . 27.06 25.05 40.62
C5' FAD O . 28.36 24.62 42.58
O5' FAD O . 27.13 24.29 43.17
P FAD O . 27.09 24.38 44.83
O1P FAD O . 27.29 25.80 45.32
O2P FAD O . 25.81 23.84 45.41
O3P FAD O . 28.38 23.48 45.30
MG MG P . 54.07 13.70 36.32
PG ATP Q . 44.58 9.71 38.94
O1G ATP Q . 43.46 8.84 38.45
O2G ATP Q . 45.80 9.82 38.04
O3G ATP Q . 44.96 9.53 40.39
PB ATP Q . 44.35 12.34 39.94
O1B ATP Q . 45.49 11.86 40.81
O2B ATP Q . 44.50 13.66 39.21
O3B ATP Q . 43.91 11.18 38.88
PA ATP Q . 42.78 11.62 42.21
O1A ATP Q . 43.99 10.79 42.53
O2A ATP Q . 41.45 10.91 42.12
O3A ATP Q . 43.01 12.45 40.83
O5' ATP Q . 42.66 12.82 43.26
C5' ATP Q . 43.78 13.64 43.64
C4' ATP Q . 43.24 15.04 43.94
O4' ATP Q . 43.01 15.83 42.76
C3' ATP Q . 41.90 14.91 44.63
O3' ATP Q . 41.87 15.82 45.72
C2' ATP Q . 40.88 15.40 43.65
O2' ATP Q . 39.87 16.13 44.34
C1' ATP Q . 41.68 16.36 42.79
N9 ATP Q . 41.06 16.38 41.44
C8 ATP Q . 41.17 15.38 40.56
N7 ATP Q . 40.50 15.66 39.42
C5 ATP Q . 39.94 16.89 39.58
C6 ATP Q . 39.10 17.78 38.75
N6 ATP Q . 38.73 17.40 37.50
N1 ATP Q . 38.72 18.96 39.27
C2 ATP Q . 39.09 19.33 40.50
N3 ATP Q . 39.85 18.57 41.31
C4 ATP Q . 40.30 17.36 40.92
PG ATP R . 56.11 12.65 39.39
O1G ATP R . 57.58 12.38 39.45
O2G ATP R . 55.24 11.85 40.34
O3G ATP R . 55.59 12.71 37.97
PB ATP R . 55.19 15.35 39.30
O1B ATP R . 54.17 14.84 38.31
O2B ATP R . 54.69 16.24 40.42
O3B ATP R . 55.98 14.13 40.00
PA ATP R . 56.62 16.24 36.94
O1A ATP R . 55.67 15.35 36.19
O2A ATP R . 58.08 16.17 36.59
O3A ATP R . 56.46 16.05 38.54
O5' ATP R . 56.07 17.72 36.74
C5' ATP R . 54.68 17.97 36.57
C4' ATP R . 54.52 19.47 36.81
O4' ATP R . 54.49 19.76 38.21
C3' ATP R . 55.72 20.19 36.24
O3' ATP R . 55.26 21.25 35.44
C2' ATP R . 56.44 20.81 37.43
O2' ATP R . 56.87 22.13 37.11
C1' ATP R . 55.35 20.87 38.48
N9 ATP R . 55.98 20.70 39.80
C8 ATP R . 56.40 19.52 40.28
N7 ATP R . 56.95 19.68 41.51
C5 ATP R . 56.89 20.99 41.82
C6 ATP R . 57.30 21.82 42.96
N6 ATP R . 57.89 21.28 44.05
N1 ATP R . 57.05 23.15 42.88
C2 ATP R . 56.46 23.71 41.81
N3 ATP R . 56.06 23.00 40.74
C4 ATP R . 56.25 21.66 40.68
MG MG S . 46.19 10.08 42.20
PA FAD T . 64.06 33.40 38.22
O1A FAD T . 65.53 33.06 38.15
O2A FAD T . 63.78 34.63 37.36
O5B FAD T . 63.16 32.12 37.66
C5B FAD T . 62.57 32.21 36.38
C4B FAD T . 62.38 30.76 35.82
O4B FAD T . 63.53 30.30 35.38
C3B FAD T . 61.94 29.81 36.96
O3B FAD T . 61.06 28.89 36.48
C2B FAD T . 63.25 29.14 37.41
O2B FAD T . 62.96 27.77 37.95
C1B FAD T . 63.95 29.04 36.31
N9A FAD T . 65.35 29.10 36.62
C8A FAD T . 66.00 30.20 37.01
N7A FAD T . 67.28 29.87 37.20
C5A FAD T . 67.43 28.56 36.93
C6A FAD T . 68.53 27.74 36.98
N6A FAD T . 69.92 27.90 37.30
N1A FAD T . 68.40 26.45 36.65
C2A FAD T . 67.18 25.98 36.28
N3A FAD T . 66.09 26.79 36.25
C4A FAD T . 66.22 28.09 36.57
N1 FAD T . 63.63 39.05 47.95
C2 FAD T . 64.39 39.71 49.04
O2 FAD T . 65.54 39.96 48.90
N3 FAD T . 63.70 40.03 50.32
C4 FAD T . 62.30 39.71 50.49
O4 FAD T . 61.74 39.96 51.50
C4X FAD T . 61.54 39.04 49.36
N5 FAD T . 60.14 38.71 49.53
C5X FAD T . 59.39 38.05 48.41
C6 FAD T . 58.03 37.73 48.57
C7 FAD T . 57.34 37.11 47.54
C7M FAD T . 55.89 36.90 48.00
C8 FAD T . 58.00 36.81 46.33
C8M FAD T . 57.25 36.14 45.20
C9 FAD T . 59.35 37.12 46.17
C9A FAD T . 60.04 37.75 47.21
N10 FAD T . 61.50 38.08 47.04
C10 FAD T . 62.22 38.72 48.12
C1' FAD T . 62.18 37.75 45.78
C2' FAD T . 62.51 36.25 45.76
O2' FAD T . 63.61 36.00 46.56
C3' FAD T . 62.83 35.83 44.32
O3' FAD T . 61.74 36.12 43.51
C4' FAD T . 63.12 34.33 44.29
O4' FAD T . 64.23 34.05 45.06
C5' FAD T . 63.38 33.88 42.84
O5' FAD T . 64.17 34.85 42.19
P FAD T . 63.90 35.16 40.58
O1P FAD T . 62.69 36.05 40.43
O2P FAD T . 65.11 35.83 39.97
O3P FAD T . 63.63 33.71 39.79
PA FAD U . -5.78 -39.88 36.78
O1A FAD U . -5.59 -39.63 38.25
O2A FAD U . -6.58 -41.17 36.62
O5B FAD U . -6.64 -38.62 36.12
C5B FAD U . -6.42 -38.21 34.79
C4B FAD U . -6.99 -36.76 34.76
O4B FAD U . -7.61 -36.54 35.89
C3B FAD U . -5.79 -35.79 34.72
O3B FAD U . -6.06 -34.77 33.86
C2B FAD U . -5.68 -35.24 36.15
O2B FAD U . -5.23 -33.81 36.08
C1B FAD U . -6.90 -35.25 36.59
N9A FAD U . -6.98 -35.37 38.02
C8A FAD U . -6.90 -36.51 38.72
N7A FAD U . -7.00 -36.24 40.01
C5A FAD U . -7.16 -34.89 40.13
C6A FAD U . -7.31 -34.07 41.25
N6A FAD U . -7.37 -34.21 42.67
N1A FAD U . -7.45 -32.75 41.09
C2A FAD U . -7.45 -32.22 39.85
N3A FAD U . -7.30 -33.01 38.77
C4A FAD U . -7.15 -34.35 38.91
N1 FAD U . 2.97 -46.64 37.80
C2 FAD U . 3.77 -47.47 38.72
O2 FAD U . 3.27 -47.78 39.78
N3 FAD U . 5.13 -47.89 38.31
C4 FAD U . 5.65 -47.47 37.02
O4 FAD U . 6.72 -47.76 36.63
C4X FAD U . 4.82 -46.63 36.10
N5 FAD U . 5.36 -46.24 34.83
C5X FAD U . 4.56 -45.41 33.91
C6 FAD U . 5.11 -45.03 32.67
C7 FAD U . 4.37 -44.24 31.78
C7M FAD U . 5.25 -44.02 30.54
C8 FAD U . 3.08 -43.83 32.13
C8M FAD U . 2.25 -42.96 31.19
C9 FAD U . 2.54 -44.20 33.37
C9A FAD U . 3.28 -44.99 34.28
N10 FAD U . 2.70 -45.40 35.60
C10 FAD U . 3.49 -46.22 36.51
C1' FAD U . 1.36 -44.95 35.95
C2' FAD U . 1.40 -43.49 36.47
O2' FAD U . 1.96 -43.46 37.74
C3' FAD U . -0.02 -42.92 36.48
O3' FAD U . -0.59 -43.25 35.25
C4' FAD U . 0.19 -41.43 36.65
O4' FAD U . 0.51 -41.20 37.97
C5' FAD U . -1.10 -40.65 36.38
O5' FAD U . -2.03 -41.03 37.38
P FAD U . -3.48 -41.47 36.74
O1P FAD U . -3.25 -42.50 35.66
O2P FAD U . -4.30 -42.13 37.82
O3P FAD U . -4.29 -40.15 36.15
MG MG V . 4.39 -15.93 22.90
PG ATP W . -0.51 -18.63 31.56
O1G ATP W . -0.75 -18.24 33.00
O2G ATP W . 0.59 -17.87 30.82
O3G ATP W . -1.76 -18.78 30.73
PB ATP W . -0.54 -21.27 30.65
O1B ATP W . -1.22 -20.56 29.50
O2B ATP W . 0.59 -22.22 30.35
O3B ATP W . 0.03 -20.15 31.67
PA ATP W . -3.19 -22.02 31.42
O1A ATP W . -3.57 -20.83 30.59
O2A ATP W . -3.78 -22.07 32.82
O3A ATP W . -1.59 -22.10 31.57
O5' ATP W . -3.58 -23.33 30.58
C5' ATP W . -3.72 -23.33 29.15
C4' ATP W . -3.51 -24.78 28.73
O4' ATP W . -2.16 -25.21 28.96
C3' ATP W . -4.37 -25.66 29.62
O3' ATP W . -4.97 -26.65 28.80
C2' ATP W . -3.44 -26.39 30.56
O2' ATP W . -3.90 -27.72 30.81
C1' ATP W . -2.17 -26.42 29.73
N9 ATP W . -1.05 -26.55 30.68
C8 ATP W . -0.57 -25.57 31.46
N7 ATP W . 0.44 -26.03 32.24
C5 ATP W . 0.61 -27.33 31.95
C6 ATP W . 1.50 -28.43 32.40
N6 ATP W . 2.46 -28.22 33.34
N1 ATP W . 1.35 -29.65 31.85
C2 ATP W . 0.41 -29.89 30.91
N3 ATP W . -0.43 -28.95 30.46
C4 ATP W . -0.38 -27.67 30.93
PA FAD X . 11.95 -26.56 4.59
O1A FAD X . 11.65 -25.21 3.97
O2A FAD X . 12.99 -27.31 3.77
O5B FAD X . 12.63 -26.36 6.08
C5B FAD X . 11.78 -26.34 7.19
C4B FAD X . 12.50 -25.30 8.07
O4B FAD X . 12.99 -24.37 7.27
C3B FAD X . 11.30 -24.70 8.81
O3B FAD X . 11.68 -24.36 10.06
C2B FAD X . 10.94 -23.48 7.95
O2B FAD X . 10.23 -22.50 8.81
C1B FAD X . 12.11 -23.03 7.58
N9A FAD X . 12.02 -22.18 6.42
C8A FAD X . 12.06 -22.59 5.14
N7A FAD X . 11.92 -21.52 4.34
C5A FAD X . 11.78 -20.44 5.14
C6A FAD X . 11.60 -19.08 4.86
N6A FAD X . 11.49 -18.25 3.70
N1A FAD X . 11.50 -18.19 5.85
C2A FAD X . 11.56 -18.62 7.14
N3A FAD X . 11.73 -19.94 7.42
C4A FAD X . 11.85 -20.84 6.43
N1 FAD X . 5.10 -33.14 -0.73
C2 FAD X . 4.40 -33.28 -2.03
O2 FAD X . 4.87 -32.76 -3.00
N3 FAD X . 3.14 -34.05 -2.07
C4 FAD X . 2.64 -34.64 -0.83
O4 FAD X . 1.66 -35.26 -0.83
C4X FAD X . 3.36 -34.50 0.48
N5 FAD X . 2.85 -35.10 1.69
C5X FAD X . 3.57 -34.95 2.97
C6 FAD X . 3.07 -35.53 4.15
C7 FAD X . 3.77 -35.37 5.35
C7M FAD X . 2.98 -36.11 6.44
C8 FAD X . 4.96 -34.63 5.37
C8M FAD X . 5.75 -34.43 6.66
C9 FAD X . 5.45 -34.06 4.20
C9A FAD X . 4.76 -34.22 3.00
N10 FAD X . 5.30 -33.61 1.73
C10 FAD X . 4.57 -33.76 0.49
C1' FAD X . 6.51 -32.80 1.80
C2' FAD X . 5.99 -31.45 2.35
O2' FAD X . 5.14 -30.82 1.42
C3' FAD X . 7.11 -30.55 2.84
O3' FAD X . 7.80 -31.22 3.84
C4' FAD X . 6.49 -29.33 3.49
O4' FAD X . 5.87 -28.55 2.52
C5' FAD X . 7.59 -28.50 4.13
O5' FAD X . 8.48 -28.09 3.11
P FAD X . 10.07 -28.35 3.48
O1P FAD X . 10.27 -29.81 3.84
O2P FAD X . 10.96 -28.05 2.32
O3P FAD X . 10.56 -27.42 4.74
PG ATP Y . 1.92 -14.64 20.84
O1G ATP Y . 2.00 -13.50 19.87
O2G ATP Y . 0.56 -14.79 21.49
O3G ATP Y . 3.11 -14.74 21.75
PB ATP Y . 2.71 -17.35 20.30
O1B ATP Y . 3.28 -17.27 21.69
O2B ATP Y . 1.67 -18.39 19.99
O3B ATP Y . 2.07 -15.93 19.87
PA ATP Y . 5.33 -16.81 19.46
O1A ATP Y . 5.31 -16.14 20.81
O2A ATP Y . 5.64 -15.96 18.26
O3A ATP Y . 3.91 -17.55 19.22
O5' ATP Y . 6.30 -18.08 19.52
C5' ATP Y . 6.28 -19.04 20.58
C4' ATP Y . 6.50 -20.39 19.89
O4' ATP Y . 5.30 -20.82 19.25
C3' ATP Y . 7.54 -20.28 18.80
O3' ATP Y . 8.45 -21.36 18.89
C2' ATP Y . 6.79 -20.46 17.50
O2' ATP Y . 7.59 -21.19 16.57
C1' ATP Y . 5.64 -21.33 17.96
N9 ATP Y . 4.53 -21.20 16.97
C8 ATP Y . 3.76 -20.10 16.80
N7 ATP Y . 2.85 -20.30 15.81
C5 ATP Y . 3.03 -21.56 15.34
C6 ATP Y . 2.41 -22.42 14.30
N6 ATP Y . 1.38 -21.97 13.54
N1 ATP Y . 2.91 -23.67 14.13
C2 ATP Y . 3.94 -24.12 14.87
N3 ATP Y . 4.54 -23.40 15.83
C4 ATP Y . 4.14 -22.14 16.11
MG MG Z . -2.82 -19.14 28.82
PA FAD AA . -20.42 26.78 -16.62
O1A FAD AA . -21.32 25.73 -17.22
O2A FAD AA . -21.01 27.21 -15.30
O5B FAD AA . -18.91 26.15 -16.43
C5B FAD AA . -18.27 26.24 -15.17
C4B FAD AA . -17.54 24.87 -14.94
O4B FAD AA . -18.41 23.90 -14.87
C3B FAD AA . -16.73 24.58 -16.22
O3B FAD AA . -15.55 23.98 -15.90
C2B FAD AA . -17.61 23.60 -17.01
O2B FAD AA . -16.79 22.79 -17.98
C1B FAD AA . -18.01 22.86 -16.04
N9A FAD AA . -19.17 22.09 -16.39
C8A FAD AA . -20.40 22.60 -16.50
N7A FAD AA . -21.22 21.62 -16.85
C5A FAD AA . -20.50 20.47 -16.95
C6A FAD AA . -20.85 19.18 -17.28
N6A FAD AA . -22.05 18.48 -17.64
N1A FAD AA . -19.91 18.22 -17.29
C2A FAD AA . -18.63 18.54 -16.99
N3A FAD AA . -18.28 19.81 -16.67
C4A FAD AA . -19.22 20.77 -16.65
N1 FAD AA . -24.21 34.12 -24.11
C2 FAD AA . -25.27 34.54 -25.06
O2 FAD AA . -26.39 34.09 -24.93
N3 FAD AA . -24.92 35.52 -26.12
C4 FAD AA . -23.57 36.03 -26.20
O4 FAD AA . -23.22 36.80 -27.00
C4X FAD AA . -22.52 35.58 -25.26
N5 FAD AA . -21.20 36.12 -25.42
C5X FAD AA . -20.13 35.72 -24.50
C6 FAD AA . -18.86 36.27 -24.68
C7 FAD AA . -17.82 35.89 -23.81
C7M FAD AA . -16.57 36.66 -24.27
C8 FAD AA . -18.07 34.97 -22.77
C8M FAD AA . -16.94 34.54 -21.83
C9 FAD AA . -19.35 34.42 -22.61
C9A FAD AA . -20.39 34.80 -23.48
N10 FAD AA . -21.76 34.22 -23.31
C10 FAD AA . -22.83 34.63 -24.22
C1' FAD AA . -21.95 33.27 -22.23
C2' FAD AA . -21.59 31.86 -22.75
O2' FAD AA . -22.59 31.41 -23.62
C3' FAD AA . -21.40 30.94 -21.55
O3' FAD AA . -20.48 31.56 -20.70
C4' FAD AA . -20.78 29.63 -22.03
O4' FAD AA . -21.73 28.83 -22.62
C5' FAD AA . -20.23 28.92 -20.79
O5' FAD AA . -21.35 28.33 -20.13
P FAD AA . -21.53 28.73 -18.52
O1P FAD AA . -21.41 30.24 -18.38
O2P FAD AA . -22.84 28.27 -17.96
O3P FAD AA . -20.29 28.07 -17.67
MG MG BA . 5.88 18.68 -25.74
PG ATP CA . -3.13 14.38 -22.89
O1G ATP CA . -4.24 13.37 -23.00
O2G ATP CA . -2.12 14.40 -24.01
O3G ATP CA . -2.54 14.44 -21.50
PB ATP CA . -3.74 17.03 -22.10
O1B ATP CA . -2.58 16.78 -21.18
O2B ATP CA . -3.70 18.27 -22.95
O3B ATP CA . -3.90 15.78 -23.09
PA ATP CA . -5.25 16.39 -19.83
O1A ATP CA . -3.89 15.87 -19.47
O2A ATP CA . -6.43 15.47 -19.79
O3A ATP CA . -5.16 17.00 -21.31
O5' ATP CA . -5.53 17.75 -18.99
C5' ATP CA . -4.47 18.58 -18.50
C4' ATP CA . -5.07 19.97 -18.37
O4' ATP CA . -5.30 20.56 -19.65
C3' ATP CA . -6.45 19.85 -17.72
O3' ATP CA . -6.46 20.70 -16.57
C2' ATP CA . -7.43 20.40 -18.70
O2' ATP CA . -8.35 21.27 -18.04
C1' ATP CA . -6.58 21.20 -19.68
N9 ATP CA . -7.20 21.06 -21.01
C8 ATP CA . -7.12 19.94 -21.72
N7 ATP CA . -7.78 20.05 -22.89
C5 ATP CA . -8.29 21.29 -22.94
C6 ATP CA . -9.12 22.04 -23.93
N6 ATP CA . -9.49 21.46 -25.09
N1 ATP CA . -9.45 23.31 -23.61
C2 ATP CA . -9.06 23.87 -22.45
N3 ATP CA . -8.32 23.24 -21.50
C4 ATP CA . -7.91 21.96 -21.69
PA FAD DA . 15.00 39.11 -25.33
O1A FAD DA . 16.28 38.38 -24.96
O2A FAD DA . 15.44 40.40 -25.96
O5B FAD DA . 14.11 38.26 -26.44
C5B FAD DA . 13.27 37.20 -26.03
C4B FAD DA . 13.45 36.00 -27.00
O4B FAD DA . 14.69 35.83 -27.36
C3B FAD DA . 13.13 34.87 -26.01
O3B FAD DA . 12.68 33.79 -26.67
C2B FAD DA . 14.51 34.60 -25.40
O2B FAD DA . 14.47 33.28 -24.72
C1B FAD DA . 15.17 34.53 -26.51
N9A FAD DA . 16.58 34.55 -26.30
C8A FAD DA . 17.33 35.63 -25.98
N7A FAD DA . 18.60 35.26 -25.83
C5A FAD DA . 18.65 33.92 -26.05
C6A FAD DA . 19.70 33.00 -26.02
N6A FAD DA . 21.12 33.00 -25.79
N1A FAD DA . 19.45 31.71 -26.28
C2A FAD DA . 18.19 31.29 -26.57
N3A FAD DA . 17.17 32.18 -26.60
C4A FAD DA . 17.41 33.48 -26.33
N1 FAD DA . 14.28 45.12 -16.10
C2 FAD DA . 15.07 45.88 -15.10
O2 FAD DA . 16.22 46.12 -15.35
N3 FAD DA . 14.39 46.31 -13.86
C4 FAD DA . 13.00 45.98 -13.64
O4 FAD DA . 12.44 46.31 -12.67
C4X FAD DA . 12.21 45.21 -14.66
N5 FAD DA . 10.82 44.87 -14.45
C5X FAD DA . 10.06 44.11 -15.47
C6 FAD DA . 8.71 43.78 -15.27
C7 FAD DA . 8.01 43.06 -16.26
C7M FAD DA . 6.57 42.85 -15.76
C8 FAD DA . 8.66 42.65 -17.44
C8M FAD DA . 7.95 41.87 -18.52
C9 FAD DA . 10.01 42.98 -17.62
C9A FAD DA . 10.70 43.71 -16.64
N10 FAD DA . 12.15 44.04 -16.87
C10 FAD DA . 12.88 44.80 -15.87
C1' FAD DA . 12.79 43.61 -18.09
C2' FAD DA . 13.32 42.16 -17.95
O2' FAD DA . 14.40 42.13 -17.07
C3' FAD DA . 13.67 41.68 -19.36
O3' FAD DA . 12.55 41.90 -20.14
C4' FAD DA . 13.95 40.18 -19.31
O4' FAD DA . 15.20 39.97 -18.75
C5' FAD DA . 13.95 39.60 -20.74
O5' FAD DA . 15.08 40.07 -21.43
P FAD DA . 14.70 40.69 -22.91
O1P FAD DA . 13.61 41.72 -22.69
O2P FAD DA . 15.92 41.37 -23.47
O3P FAD DA . 14.16 39.50 -23.96
PG ATP EA . 7.99 17.78 -22.64
O1G ATP EA . 9.42 17.29 -22.58
O2G ATP EA . 7.04 17.16 -21.64
O3G ATP EA . 7.45 17.85 -24.05
PB ATP EA . 7.14 20.48 -22.71
O1B ATP EA . 6.18 19.96 -23.74
O2B ATP EA . 6.60 21.17 -21.46
O3B ATP EA . 8.12 19.30 -22.17
PA ATP EA . 8.57 21.37 -24.99
O1A ATP EA . 7.79 20.22 -25.59
O2A ATP EA . 10.07 21.31 -25.15
O3A ATP EA . 8.21 21.47 -23.41
O5' ATP EA . 7.98 22.75 -25.54
C5' ATP EA . 6.61 22.91 -25.96
C4' ATP EA . 6.20 24.38 -25.86
O4' ATP EA . 6.07 24.79 -24.49
C3' ATP EA . 7.25 25.28 -26.47
O3' ATP EA . 6.61 26.28 -27.26
C2' ATP EA . 7.92 25.97 -25.31
O2' ATP EA . 8.25 27.32 -25.65
C1' ATP EA . 6.85 25.97 -24.23
N9 ATP EA . 7.47 25.95 -22.88
C8 ATP EA . 7.97 24.84 -22.31
N7 ATP EA . 8.49 25.11 -21.08
C5 ATP EA . 8.33 26.43 -20.85
C6 ATP EA . 8.65 27.37 -19.75
N6 ATP EA . 9.26 26.96 -18.61
N1 ATP EA . 8.31 28.68 -19.91
C2 ATP EA . 7.71 29.11 -21.02
N3 ATP EA . 7.38 28.31 -22.06
C4 ATP EA . 7.66 26.98 -22.04
MG MG FA . -1.45 15.43 -19.67
#